data_7Z48
#
_entry.id   7Z48
#
_cell.length_a   1.00
_cell.length_b   1.00
_cell.length_c   1.00
_cell.angle_alpha   90.00
_cell.angle_beta   90.00
_cell.angle_gamma   90.00
#
_symmetry.space_group_name_H-M   'P 1'
#
_entity_poly.entity_id   1
_entity_poly.type   'polypeptide(L)'
_entity_poly.pdbx_seq_one_letter_code
;MANPTLFVSYDQNGKKLSFANWISVLSPQDTPFVSMTGKESINQTIFSWQTDALASVDGNNAHVEGSRAEDGEMKPTVIK
SNVTQILRKVVRVSDTANTTANYGRGRELMYQLEKKGKEIKRDLEKILLSGQARTDVLADQYLTNSAADPAVAGLNDTHA
ARKTGAFQFLCAHGGLAGGVVDKTKNGPADPDTGAVTVKVAQNASNPTTNIGFDEADIFDMTLQLYTAGSEADIIMINPA
HAKIFAGLQENTQGSRKRIFENTKQFIYEVNSITDPLGQSYKIIVNRWMPTDAVYFFRSADWTQMVLRAPKRTELAKDGS
YEKWMIEMEVGLRHRNPYASGVLFTAAGKAAA
;
_entity_poly.pdbx_strand_id   B,C,D,E,F,G,H,I,L,M,P,Q,T,U,X,Y,b
#
# COMPACT_ATOMS: atom_id res chain seq x y z
N PRO A 4 -116.54 23.80 19.02
CA PRO A 4 -115.97 23.96 17.69
C PRO A 4 -116.53 22.97 16.67
N THR A 5 -116.61 21.70 17.05
CA THR A 5 -117.13 20.67 16.16
C THR A 5 -117.55 19.46 17.00
N LEU A 6 -118.37 18.61 16.39
CA LEU A 6 -118.81 17.39 17.08
C LEU A 6 -117.61 16.58 17.56
N PHE A 7 -116.61 16.41 16.71
CA PHE A 7 -115.38 15.72 17.07
C PHE A 7 -114.20 16.41 16.42
N VAL A 8 -113.12 16.56 17.17
CA VAL A 8 -111.89 17.15 16.68
C VAL A 8 -110.98 16.01 16.23
N SER A 9 -110.69 15.96 14.93
CA SER A 9 -109.95 14.86 14.33
C SER A 9 -108.52 15.26 13.96
N TYR A 10 -108.36 16.34 13.22
CA TYR A 10 -107.04 16.84 12.85
C TYR A 10 -106.92 18.35 13.00
N ASP A 11 -107.94 19.01 13.53
CA ASP A 11 -107.93 20.46 13.70
C ASP A 11 -107.08 20.91 14.88
N GLN A 12 -106.38 20.01 15.55
CA GLN A 12 -105.54 20.39 16.67
C GLN A 12 -104.52 21.44 16.24
N ASN A 13 -104.33 22.46 17.07
CA ASN A 13 -103.38 23.53 16.81
C ASN A 13 -102.23 23.40 17.79
N GLY A 14 -101.00 23.41 17.26
CA GLY A 14 -99.83 23.21 18.09
C GLY A 14 -99.41 21.75 18.11
N LYS A 15 -99.36 21.14 16.94
CA LYS A 15 -99.03 19.71 16.85
C LYS A 15 -97.61 19.47 17.35
N LYS A 16 -97.28 18.18 17.51
CA LYS A 16 -95.99 17.81 18.09
C LYS A 16 -94.85 17.99 17.10
N LEU A 17 -95.11 17.79 15.80
CA LEU A 17 -94.09 17.99 14.77
C LEU A 17 -92.87 17.11 15.04
N SER A 18 -93.12 15.80 14.98
CA SER A 18 -92.18 14.78 15.43
C SER A 18 -90.73 15.11 15.10
N PHE A 19 -90.39 15.11 13.81
CA PHE A 19 -89.05 15.48 13.35
C PHE A 19 -87.97 14.75 14.15
N ALA A 20 -87.88 13.45 13.89
CA ALA A 20 -86.93 12.56 14.56
C ALA A 20 -85.53 13.17 14.64
N ASN A 21 -85.20 14.08 13.72
CA ASN A 21 -83.95 14.82 13.76
C ASN A 21 -82.73 13.92 13.57
N TRP A 22 -82.69 13.21 12.45
CA TRP A 22 -81.48 12.52 12.01
C TRP A 22 -81.35 12.70 10.51
N ILE A 23 -80.11 12.81 10.05
CA ILE A 23 -79.80 13.04 8.63
C ILE A 23 -78.79 12.00 8.20
N SER A 24 -79.07 11.33 7.08
CA SER A 24 -78.21 10.29 6.55
C SER A 24 -77.72 10.74 5.17
N VAL A 25 -76.49 11.27 5.15
CA VAL A 25 -75.95 11.82 3.90
C VAL A 25 -75.70 10.71 2.89
N LEU A 26 -75.11 9.60 3.34
CA LEU A 26 -74.74 8.50 2.44
C LEU A 26 -73.85 9.01 1.31
N SER A 27 -72.87 9.84 1.66
CA SER A 27 -71.90 10.34 0.70
C SER A 27 -70.65 9.48 0.81
N PRO A 28 -70.32 8.65 -0.19
CA PRO A 28 -69.17 7.75 -0.05
C PRO A 28 -67.88 8.46 0.33
N GLN A 29 -67.14 7.89 1.27
CA GLN A 29 -65.85 8.45 1.70
C GLN A 29 -64.88 7.28 1.81
N ASP A 30 -64.05 7.08 0.78
CA ASP A 30 -63.08 5.99 0.75
C ASP A 30 -61.65 6.50 0.78
N THR A 31 -61.26 7.35 -0.17
CA THR A 31 -59.93 7.92 -0.24
C THR A 31 -58.84 6.89 0.04
N PRO A 32 -58.79 5.79 -0.72
CA PRO A 32 -57.72 4.81 -0.50
C PRO A 32 -56.38 5.28 -1.00
N PHE A 33 -56.33 5.90 -2.18
CA PHE A 33 -55.07 6.34 -2.75
C PHE A 33 -54.42 7.41 -1.88
N VAL A 34 -55.19 8.43 -1.51
CA VAL A 34 -54.65 9.49 -0.66
C VAL A 34 -54.21 8.93 0.68
N SER A 35 -54.88 7.87 1.14
CA SER A 35 -54.52 7.27 2.42
C SER A 35 -53.21 6.49 2.32
N MET A 36 -52.98 5.80 1.21
CA MET A 36 -51.81 4.93 1.09
C MET A 36 -50.57 5.64 0.55
N THR A 37 -50.73 6.73 -0.20
CA THR A 37 -49.59 7.37 -0.83
C THR A 37 -48.58 7.86 0.22
N GLY A 38 -48.98 8.81 1.05
CA GLY A 38 -48.11 9.40 2.04
C GLY A 38 -48.34 10.90 2.10
N LYS A 39 -47.31 11.61 2.57
CA LYS A 39 -47.40 13.06 2.71
C LYS A 39 -46.00 13.65 2.63
N GLU A 40 -45.94 14.88 2.13
CA GLU A 40 -44.67 15.59 1.99
C GLU A 40 -44.95 17.04 1.66
N SER A 41 -43.97 17.89 1.93
CA SER A 41 -44.09 19.33 1.73
C SER A 41 -43.11 19.79 0.66
N ILE A 42 -43.46 20.90 0.01
CA ILE A 42 -42.61 21.52 -1.00
C ILE A 42 -42.83 23.03 -0.96
N ASN A 43 -41.75 23.77 -0.79
CA ASN A 43 -41.80 25.23 -0.81
C ASN A 43 -41.52 25.77 -2.21
N GLN A 44 -42.28 25.31 -3.19
CA GLN A 44 -42.14 25.75 -4.57
C GLN A 44 -43.30 25.19 -5.38
N THR A 45 -43.72 25.96 -6.39
CA THR A 45 -44.85 25.55 -7.22
C THR A 45 -44.55 24.36 -8.12
N ILE A 46 -43.29 23.96 -8.24
CA ILE A 46 -42.91 22.82 -9.06
C ILE A 46 -41.99 21.92 -8.25
N PHE A 47 -42.16 20.62 -8.39
CA PHE A 47 -41.38 19.64 -7.64
C PHE A 47 -40.86 18.59 -8.62
N SER A 48 -39.54 18.46 -8.69
CA SER A 48 -38.88 17.57 -9.63
C SER A 48 -38.07 16.51 -8.90
N TRP A 49 -37.98 15.34 -9.51
CA TRP A 49 -37.16 14.24 -9.00
C TRP A 49 -36.21 13.77 -10.09
N GLN A 50 -35.15 13.08 -9.67
CA GLN A 50 -34.09 12.64 -10.55
C GLN A 50 -34.05 11.12 -10.61
N THR A 51 -34.00 10.57 -11.82
CA THR A 51 -34.02 9.13 -12.03
C THR A 51 -32.60 8.62 -12.27
N ASP A 52 -32.49 7.33 -12.63
CA ASP A 52 -31.20 6.72 -12.92
C ASP A 52 -31.43 5.52 -13.84
N ALA A 53 -30.79 5.54 -15.01
CA ALA A 53 -30.91 4.47 -15.99
C ALA A 53 -29.54 3.85 -16.17
N LEU A 54 -29.37 2.63 -15.65
CA LEU A 54 -28.12 1.92 -15.80
C LEU A 54 -27.85 1.59 -17.27
N ALA A 55 -26.64 1.10 -17.53
CA ALA A 55 -26.23 0.73 -18.88
C ALA A 55 -26.97 -0.50 -19.36
N SER A 56 -26.67 -0.94 -20.57
CA SER A 56 -27.33 -2.10 -21.16
C SER A 56 -26.82 -3.37 -20.47
N VAL A 57 -27.25 -4.53 -20.97
CA VAL A 57 -26.84 -5.80 -20.37
C VAL A 57 -25.33 -5.90 -20.29
N ASP A 58 -24.61 -5.25 -21.21
CA ASP A 58 -23.15 -5.22 -21.19
C ASP A 58 -22.58 -6.64 -21.22
N GLY A 59 -22.77 -7.28 -22.36
CA GLY A 59 -22.37 -8.66 -22.55
C GLY A 59 -20.86 -8.81 -22.63
N ASN A 60 -20.39 -9.56 -23.63
CA ASN A 60 -18.97 -9.89 -23.77
C ASN A 60 -18.09 -8.74 -23.34
N ASN A 61 -17.24 -9.00 -22.34
CA ASN A 61 -16.40 -7.95 -21.77
C ASN A 61 -15.14 -8.63 -21.22
N ALA A 62 -14.04 -8.50 -21.95
CA ALA A 62 -12.76 -9.09 -21.53
C ALA A 62 -11.64 -8.16 -21.96
N HIS A 63 -10.95 -7.57 -20.99
CA HIS A 63 -9.87 -6.63 -21.25
C HIS A 63 -8.54 -7.30 -20.92
N VAL A 64 -7.54 -7.05 -21.76
CA VAL A 64 -6.22 -7.66 -21.61
C VAL A 64 -5.53 -7.08 -20.39
N GLU A 65 -4.43 -7.71 -19.98
CA GLU A 65 -3.71 -7.29 -18.77
C GLU A 65 -3.38 -5.79 -18.78
N GLY A 66 -3.18 -5.22 -19.96
CA GLY A 66 -2.81 -3.82 -20.06
C GLY A 66 -3.88 -2.94 -20.69
N SER A 67 -3.60 -2.45 -21.90
CA SER A 67 -4.54 -1.63 -22.67
C SER A 67 -4.69 -0.24 -22.08
N ARG A 68 -3.97 0.05 -20.99
CA ARG A 68 -4.03 1.37 -20.35
C ARG A 68 -5.43 1.72 -19.87
N ALA A 69 -6.32 0.73 -19.82
CA ALA A 69 -7.66 0.88 -19.27
C ALA A 69 -8.33 2.15 -19.80
N GLU A 70 -8.43 2.22 -21.12
CA GLU A 70 -9.05 3.35 -21.79
C GLU A 70 -10.44 2.96 -22.30
N ASP A 71 -11.17 3.95 -22.81
CA ASP A 71 -12.49 3.76 -23.40
C ASP A 71 -13.49 3.23 -22.36
N GLY A 72 -13.66 4.04 -21.31
CA GLY A 72 -14.72 3.82 -20.37
C GLY A 72 -16.06 4.31 -20.91
N GLU A 73 -17.10 4.10 -20.11
CA GLU A 73 -18.45 4.52 -20.49
C GLU A 73 -19.23 4.85 -19.23
N MET A 74 -20.21 5.74 -19.38
CA MET A 74 -21.08 6.13 -18.28
C MET A 74 -22.44 6.52 -18.85
N LYS A 75 -23.38 6.77 -17.95
CA LYS A 75 -24.74 7.12 -18.31
C LYS A 75 -25.23 8.28 -17.45
N PRO A 76 -25.94 9.24 -18.05
CA PRO A 76 -26.48 10.35 -17.24
C PRO A 76 -27.84 10.03 -16.65
N THR A 77 -28.43 11.00 -15.96
CA THR A 77 -29.74 10.86 -15.34
C THR A 77 -30.78 11.66 -16.11
N VAL A 78 -32.04 11.45 -15.76
CA VAL A 78 -33.16 12.14 -16.37
C VAL A 78 -33.90 12.91 -15.28
N ILE A 79 -34.55 13.99 -15.67
CA ILE A 79 -35.25 14.88 -14.74
C ILE A 79 -36.71 14.96 -15.13
N LYS A 80 -37.57 15.06 -14.13
CA LYS A 80 -39.01 15.18 -14.32
C LYS A 80 -39.49 16.49 -13.70
N SER A 81 -40.81 16.70 -13.74
CA SER A 81 -41.42 17.88 -13.15
C SER A 81 -42.92 17.68 -13.11
N ASN A 82 -43.58 18.43 -12.23
CA ASN A 82 -45.03 18.37 -12.12
C ASN A 82 -45.49 19.57 -11.29
N VAL A 83 -46.44 20.33 -11.82
CA VAL A 83 -46.94 21.53 -11.16
C VAL A 83 -48.01 21.16 -10.14
N THR A 84 -48.36 22.10 -9.28
CA THR A 84 -49.37 21.87 -8.25
C THR A 84 -50.75 22.28 -8.75
N GLN A 85 -51.75 22.10 -7.89
CA GLN A 85 -53.14 22.35 -8.25
C GLN A 85 -53.85 23.01 -7.08
N ILE A 86 -54.79 23.89 -7.39
CA ILE A 86 -55.63 24.56 -6.39
C ILE A 86 -56.96 23.85 -6.32
N LEU A 87 -57.49 23.70 -5.12
CA LEU A 87 -58.76 23.01 -4.87
C LEU A 87 -59.60 23.76 -3.85
N ARG A 88 -59.66 25.09 -4.01
CA ARG A 88 -60.38 25.91 -3.05
C ARG A 88 -61.89 25.74 -3.21
N LYS A 89 -62.62 26.12 -2.17
CA LYS A 89 -64.07 26.17 -2.18
C LYS A 89 -64.50 27.43 -1.43
N VAL A 90 -65.79 27.72 -1.49
CA VAL A 90 -66.34 28.91 -0.85
C VAL A 90 -67.72 28.58 -0.30
N VAL A 91 -68.17 29.39 0.65
CA VAL A 91 -69.45 29.15 1.32
C VAL A 91 -70.26 30.43 1.26
N ARG A 92 -71.58 30.27 1.18
CA ARG A 92 -72.52 31.38 1.31
C ARG A 92 -73.46 31.02 2.44
N VAL A 93 -73.39 31.75 3.55
CA VAL A 93 -74.20 31.46 4.74
C VAL A 93 -75.66 31.54 4.32
N SER A 94 -76.38 30.43 4.50
CA SER A 94 -77.76 30.35 4.05
C SER A 94 -78.60 31.40 4.77
N ASP A 95 -79.29 32.22 3.99
CA ASP A 95 -80.13 33.26 4.55
C ASP A 95 -81.12 32.66 5.56
N THR A 96 -81.66 33.53 6.42
CA THR A 96 -82.54 33.20 7.53
C THR A 96 -81.76 32.73 8.76
N ALA A 97 -80.44 32.67 8.71
CA ALA A 97 -79.64 32.27 9.86
C ALA A 97 -79.00 33.45 10.59
N ASN A 98 -78.59 34.49 9.87
CA ASN A 98 -77.92 35.63 10.48
C ASN A 98 -78.92 36.68 10.95
N THR A 99 -79.89 36.27 11.76
CA THR A 99 -80.83 37.18 12.37
C THR A 99 -80.74 37.17 13.89
N THR A 100 -80.84 36.01 14.51
CA THR A 100 -80.66 35.84 15.95
C THR A 100 -80.70 34.34 16.25
N ALA A 101 -80.14 33.97 17.39
CA ALA A 101 -80.16 32.59 17.84
C ALA A 101 -81.31 32.37 18.81
N ASN A 102 -82.36 31.71 18.32
CA ASN A 102 -83.56 31.53 19.12
C ASN A 102 -83.34 30.43 20.16
N TYR A 103 -82.58 30.76 21.21
CA TYR A 103 -82.38 29.86 22.35
C TYR A 103 -81.99 28.46 21.89
N GLY A 104 -81.22 28.38 20.80
CA GLY A 104 -80.76 27.09 20.31
C GLY A 104 -79.41 26.69 20.91
N ARG A 105 -79.18 25.38 20.96
CA ARG A 105 -77.94 24.83 21.49
C ARG A 105 -77.02 24.51 20.30
N GLY A 106 -76.36 25.55 19.82
CA GLY A 106 -75.43 25.42 18.71
C GLY A 106 -76.03 25.76 17.36
N ARG A 107 -75.44 26.73 16.69
CA ARG A 107 -75.85 27.09 15.32
C ARG A 107 -74.62 27.73 14.66
N GLU A 108 -73.88 26.93 13.92
CA GLU A 108 -72.60 27.36 13.36
C GLU A 108 -72.52 26.91 11.91
N LEU A 109 -71.53 27.44 11.20
CA LEU A 109 -71.34 27.08 9.79
C LEU A 109 -70.60 25.76 9.65
N MET A 110 -70.19 25.16 10.77
CA MET A 110 -69.44 23.91 10.69
C MET A 110 -70.20 22.85 9.92
N TYR A 111 -71.53 22.87 10.01
CA TYR A 111 -72.35 21.89 9.29
C TYR A 111 -72.06 21.95 7.79
N GLN A 112 -71.87 23.14 7.26
CA GLN A 112 -71.55 23.29 5.84
C GLN A 112 -70.05 23.15 5.57
N LEU A 113 -69.20 23.57 6.52
CA LEU A 113 -67.77 23.51 6.29
C LEU A 113 -67.27 22.07 6.25
N GLU A 114 -67.83 21.20 7.09
CA GLU A 114 -67.43 19.78 7.03
C GLU A 114 -67.89 19.13 5.74
N LYS A 115 -69.09 19.50 5.27
CA LYS A 115 -69.57 19.02 3.98
C LYS A 115 -68.62 19.49 2.87
N LYS A 116 -68.18 20.74 2.93
CA LYS A 116 -67.26 21.25 1.92
C LYS A 116 -65.92 20.52 1.98
N GLY A 117 -65.45 20.19 3.18
CA GLY A 117 -64.21 19.44 3.29
C GLY A 117 -64.33 18.05 2.71
N LYS A 118 -65.45 17.37 2.98
CA LYS A 118 -65.70 16.07 2.38
C LYS A 118 -65.73 16.17 0.86
N GLU A 119 -66.43 17.18 0.33
CA GLU A 119 -66.50 17.35 -1.10
C GLU A 119 -65.13 17.65 -1.69
N ILE A 120 -64.29 18.38 -0.95
CA ILE A 120 -62.94 18.66 -1.43
C ILE A 120 -62.10 17.41 -1.47
N LYS A 121 -62.23 16.54 -0.46
CA LYS A 121 -61.50 15.28 -0.49
C LYS A 121 -61.95 14.42 -1.67
N ARG A 122 -63.27 14.39 -1.93
CA ARG A 122 -63.78 13.64 -3.07
C ARG A 122 -63.25 14.21 -4.38
N ASP A 123 -63.22 15.53 -4.50
CA ASP A 123 -62.70 16.16 -5.71
C ASP A 123 -61.21 15.86 -5.88
N LEU A 124 -60.46 15.84 -4.78
CA LEU A 124 -59.04 15.50 -4.85
C LEU A 124 -58.86 14.07 -5.33
N GLU A 125 -59.71 13.16 -4.85
CA GLU A 125 -59.64 11.78 -5.31
C GLU A 125 -59.94 11.67 -6.80
N LYS A 126 -60.98 12.36 -7.27
CA LYS A 126 -61.37 12.26 -8.66
C LYS A 126 -60.41 12.98 -9.60
N ILE A 127 -59.71 14.00 -9.12
CA ILE A 127 -58.95 14.88 -10.01
C ILE A 127 -57.54 14.35 -10.24
N LEU A 128 -56.98 13.66 -9.26
CA LEU A 128 -55.60 13.17 -9.39
C LEU A 128 -55.46 12.05 -10.39
N LEU A 129 -56.53 11.53 -10.98
CA LEU A 129 -56.43 10.31 -11.77
C LEU A 129 -57.14 10.42 -13.12
N SER A 130 -58.09 11.33 -13.25
CA SER A 130 -59.03 11.24 -14.37
C SER A 130 -58.46 11.79 -15.67
N GLY A 131 -58.22 13.10 -15.73
CA GLY A 131 -57.82 13.70 -17.00
C GLY A 131 -56.84 14.85 -16.96
N GLN A 132 -56.39 15.27 -15.77
CA GLN A 132 -55.47 16.40 -15.69
C GLN A 132 -54.05 15.91 -15.89
N ALA A 133 -53.40 16.38 -16.95
CA ALA A 133 -52.02 15.98 -17.28
C ALA A 133 -51.20 17.23 -17.56
N ARG A 134 -50.68 17.85 -16.49
CA ARG A 134 -49.73 18.95 -16.58
C ARG A 134 -50.15 19.96 -17.65
N THR A 135 -51.28 20.60 -17.39
CA THR A 135 -51.83 21.59 -18.32
C THR A 135 -50.73 22.49 -18.85
N ASP A 136 -50.83 22.82 -20.15
CA ASP A 136 -49.80 23.58 -20.84
C ASP A 136 -49.82 25.02 -20.35
N VAL A 137 -49.22 25.24 -19.19
CA VAL A 137 -49.07 26.57 -18.61
C VAL A 137 -47.71 27.17 -18.93
N LEU A 138 -46.69 26.33 -19.07
CA LEU A 138 -45.33 26.76 -19.44
C LEU A 138 -44.81 25.90 -20.58
N ALA A 139 -45.64 25.69 -21.60
CA ALA A 139 -45.28 24.87 -22.75
C ALA A 139 -44.38 25.68 -23.68
N ASP A 140 -44.17 25.18 -24.90
CA ASP A 140 -43.27 25.81 -25.86
C ASP A 140 -41.84 25.88 -25.30
N GLN A 141 -41.26 24.70 -25.15
CA GLN A 141 -39.92 24.53 -24.58
C GLN A 141 -39.93 24.86 -23.08
N TYR A 142 -40.74 24.11 -22.34
CA TYR A 142 -40.78 24.25 -20.90
C TYR A 142 -39.39 24.32 -20.28
N LEU A 143 -38.44 23.54 -20.79
CA LEU A 143 -37.06 23.61 -20.32
C LEU A 143 -36.45 24.98 -20.51
N THR A 144 -37.09 25.85 -21.30
CA THR A 144 -36.58 27.20 -21.57
C THR A 144 -37.30 28.24 -20.73
N ASN A 145 -37.64 27.88 -19.49
CA ASN A 145 -38.23 28.84 -18.56
C ASN A 145 -37.51 30.18 -18.62
N SER A 146 -36.18 30.15 -18.59
CA SER A 146 -35.36 31.36 -18.65
C SER A 146 -35.76 32.34 -17.54
N ALA A 147 -35.55 31.89 -16.29
CA ALA A 147 -35.83 32.70 -15.11
C ALA A 147 -37.31 33.08 -15.06
N ALA A 148 -38.16 32.06 -14.92
CA ALA A 148 -39.59 32.18 -14.68
C ALA A 148 -40.38 32.60 -15.92
N ASP A 149 -39.87 32.36 -17.12
CA ASP A 149 -40.62 32.65 -18.34
C ASP A 149 -41.12 34.10 -18.33
N PRO A 150 -40.22 35.07 -18.51
CA PRO A 150 -40.65 36.48 -18.45
C PRO A 150 -41.70 36.85 -19.48
N ALA A 151 -42.06 35.94 -20.39
CA ALA A 151 -43.14 36.21 -21.33
C ALA A 151 -44.43 36.59 -20.61
N VAL A 152 -44.57 36.18 -19.34
CA VAL A 152 -45.75 36.52 -18.53
C VAL A 152 -45.22 37.19 -17.27
N ALA A 153 -45.00 38.51 -17.34
CA ALA A 153 -44.48 39.27 -16.22
C ALA A 153 -45.43 40.37 -15.78
N GLY A 154 -45.85 41.25 -16.68
CA GLY A 154 -46.74 42.33 -16.33
C GLY A 154 -48.20 41.95 -16.47
N LEU A 155 -48.57 40.79 -15.93
CA LEU A 155 -49.90 40.23 -16.09
C LEU A 155 -50.57 40.10 -14.73
N ASN A 156 -51.89 40.26 -14.72
CA ASN A 156 -52.68 40.21 -13.50
C ASN A 156 -53.09 38.77 -13.22
N ASP A 157 -53.99 38.59 -12.24
CA ASP A 157 -54.44 37.25 -11.89
C ASP A 157 -55.04 36.51 -13.08
N THR A 158 -55.64 37.25 -14.01
CA THR A 158 -56.32 36.65 -15.16
C THR A 158 -55.26 36.09 -16.12
N HIS A 159 -54.71 34.94 -15.75
CA HIS A 159 -53.63 34.32 -16.51
C HIS A 159 -54.07 33.03 -17.19
N ALA A 160 -54.47 32.02 -16.43
CA ALA A 160 -54.82 30.72 -16.98
C ALA A 160 -55.27 29.81 -15.84
N ALA A 161 -55.70 28.61 -16.21
CA ALA A 161 -56.10 27.58 -15.26
C ALA A 161 -54.95 26.60 -15.08
N ARG A 162 -54.52 26.41 -13.84
CA ARG A 162 -53.41 25.52 -13.52
C ARG A 162 -53.92 24.16 -13.08
N LYS A 163 -53.24 23.11 -13.55
CA LYS A 163 -53.61 21.74 -13.23
C LYS A 163 -52.35 20.90 -13.11
N THR A 164 -52.37 19.94 -12.19
CA THR A 164 -51.22 19.11 -11.92
C THR A 164 -51.23 17.89 -12.84
N GLY A 165 -50.35 16.93 -12.57
CA GLY A 165 -50.24 15.74 -13.38
C GLY A 165 -50.91 14.53 -12.75
N ALA A 166 -51.80 13.88 -13.51
CA ALA A 166 -52.52 12.74 -13.01
C ALA A 166 -51.62 11.50 -13.01
N PHE A 167 -52.19 10.39 -12.54
CA PHE A 167 -51.48 9.11 -12.54
C PHE A 167 -50.97 8.76 -13.93
N GLN A 168 -51.76 9.06 -14.95
CA GLN A 168 -51.44 8.60 -16.30
C GLN A 168 -50.21 9.34 -16.85
N PHE A 169 -50.16 10.65 -16.68
CA PHE A 169 -49.06 11.43 -17.24
C PHE A 169 -47.74 11.03 -16.62
N LEU A 170 -47.69 10.93 -15.29
CA LEU A 170 -46.46 10.57 -14.61
C LEU A 170 -45.93 9.21 -15.05
N CYS A 171 -46.79 8.34 -15.56
CA CYS A 171 -46.35 7.04 -16.06
C CYS A 171 -45.76 7.23 -17.47
N ALA A 172 -45.19 6.17 -18.02
CA ALA A 172 -44.56 6.23 -19.34
C ALA A 172 -45.62 6.12 -20.44
N HIS A 173 -46.47 7.14 -20.50
CA HIS A 173 -47.50 7.17 -21.53
C HIS A 173 -46.86 7.24 -22.92
N GLY A 174 -47.66 6.92 -23.93
CA GLY A 174 -47.17 6.88 -25.29
C GLY A 174 -47.32 8.20 -26.01
N GLY A 175 -48.22 9.05 -25.55
CA GLY A 175 -48.43 10.31 -26.21
C GLY A 175 -49.37 11.20 -25.42
N LEU A 176 -49.88 12.22 -26.11
CA LEU A 176 -50.80 13.19 -25.52
C LEU A 176 -51.59 13.85 -26.63
N ALA A 177 -52.89 14.03 -26.40
CA ALA A 177 -53.79 14.64 -27.39
C ALA A 177 -54.37 15.92 -26.80
N GLY A 178 -53.60 17.00 -26.88
CA GLY A 178 -54.09 18.31 -26.51
C GLY A 178 -54.32 18.46 -25.02
N GLY A 179 -55.24 17.66 -24.49
CA GLY A 179 -55.57 17.68 -23.08
C GLY A 179 -55.30 16.34 -22.42
N VAL A 180 -56.37 15.65 -22.03
CA VAL A 180 -56.27 14.34 -21.41
C VAL A 180 -55.40 13.45 -22.29
N VAL A 181 -54.62 12.57 -21.65
CA VAL A 181 -53.73 11.66 -22.37
C VAL A 181 -54.54 10.79 -23.32
N ASP A 182 -53.92 10.37 -24.42
CA ASP A 182 -54.60 9.54 -25.40
C ASP A 182 -54.61 8.08 -24.96
N LYS A 183 -55.59 7.34 -25.47
CA LYS A 183 -55.80 5.94 -25.10
C LYS A 183 -55.78 5.02 -26.32
N THR A 184 -55.09 5.42 -27.38
CA THR A 184 -55.08 4.66 -28.63
C THR A 184 -53.65 4.29 -29.06
N LYS A 185 -52.72 4.20 -28.11
CA LYS A 185 -51.35 3.86 -28.45
C LYS A 185 -50.62 3.41 -27.19
N ASN A 186 -49.79 2.38 -27.35
CA ASN A 186 -49.04 1.83 -26.24
C ASN A 186 -47.92 2.79 -25.82
N GLY A 187 -47.23 2.41 -24.76
CA GLY A 187 -46.14 3.22 -24.25
C GLY A 187 -44.87 3.04 -25.06
N PRO A 188 -43.89 3.89 -24.83
CA PRO A 188 -42.64 3.80 -25.58
C PRO A 188 -41.71 2.75 -25.00
N ALA A 189 -40.67 2.43 -25.76
CA ALA A 189 -39.68 1.46 -25.33
C ALA A 189 -38.70 2.09 -24.36
N ASP A 190 -38.55 1.46 -23.20
CA ASP A 190 -37.62 1.94 -22.20
C ASP A 190 -36.20 1.92 -22.74
N PRO A 191 -35.36 2.91 -22.41
CA PRO A 191 -33.99 2.91 -22.95
C PRO A 191 -33.19 1.69 -22.52
N ASP A 192 -33.47 1.16 -21.33
CA ASP A 192 -32.72 0.02 -20.83
C ASP A 192 -33.22 -1.28 -21.46
N THR A 193 -34.48 -1.61 -21.22
CA THR A 193 -35.09 -2.84 -21.74
C THR A 193 -36.30 -2.49 -22.60
N GLY A 194 -36.94 -3.51 -23.14
CA GLY A 194 -38.12 -3.33 -23.96
C GLY A 194 -39.39 -3.32 -23.13
N ALA A 195 -39.45 -2.43 -22.16
CA ALA A 195 -40.58 -2.35 -21.24
C ALA A 195 -41.71 -1.51 -21.82
N VAL A 196 -42.93 -1.85 -21.43
CA VAL A 196 -44.13 -1.14 -21.87
C VAL A 196 -45.10 -1.14 -20.69
N THR A 197 -45.57 0.05 -20.30
CA THR A 197 -46.39 0.21 -19.12
C THR A 197 -47.83 0.61 -19.44
N VAL A 198 -48.08 1.22 -20.60
CA VAL A 198 -49.40 1.74 -20.92
C VAL A 198 -49.93 1.03 -22.16
N LYS A 199 -49.57 -0.24 -22.30
CA LYS A 199 -50.04 -1.02 -23.44
C LYS A 199 -51.56 -1.00 -23.51
N VAL A 200 -52.08 -0.84 -24.71
CA VAL A 200 -53.51 -0.74 -24.93
C VAL A 200 -54.07 -2.12 -25.20
N ALA A 201 -55.31 -2.36 -24.76
CA ALA A 201 -55.94 -3.65 -24.96
C ALA A 201 -56.29 -3.85 -26.43
N GLN A 202 -56.12 -5.08 -26.91
CA GLN A 202 -56.41 -5.37 -28.31
C GLN A 202 -57.90 -5.54 -28.55
N ASN A 203 -58.60 -6.19 -27.61
CA ASN A 203 -60.06 -6.34 -27.69
C ASN A 203 -60.49 -6.97 -29.01
N ALA A 204 -59.62 -7.84 -29.56
CA ALA A 204 -59.95 -8.52 -30.81
C ALA A 204 -60.70 -9.82 -30.55
N SER A 205 -60.35 -10.52 -29.47
CA SER A 205 -61.05 -11.74 -29.11
C SER A 205 -62.55 -11.48 -28.99
N ASN A 206 -62.93 -10.63 -28.04
CA ASN A 206 -64.32 -10.23 -27.91
C ASN A 206 -64.73 -9.42 -29.13
N PRO A 207 -66.04 -9.26 -29.36
CA PRO A 207 -66.48 -8.44 -30.50
C PRO A 207 -66.13 -6.98 -30.30
N THR A 208 -66.47 -6.14 -31.28
CA THR A 208 -66.25 -4.70 -31.15
C THR A 208 -67.28 -4.02 -30.26
N THR A 209 -68.18 -4.77 -29.64
CA THR A 209 -69.23 -4.21 -28.79
C THR A 209 -68.75 -3.97 -27.37
N ASN A 210 -68.02 -4.91 -26.80
CA ASN A 210 -67.50 -4.74 -25.45
C ASN A 210 -66.19 -3.95 -25.48
N ILE A 211 -65.82 -3.44 -24.30
CA ILE A 211 -64.58 -2.69 -24.12
C ILE A 211 -63.94 -3.21 -22.84
N GLY A 212 -62.72 -3.71 -22.93
CA GLY A 212 -62.03 -4.22 -21.77
C GLY A 212 -60.85 -5.10 -22.08
N PHE A 213 -60.77 -6.24 -21.42
CA PHE A 213 -59.59 -7.10 -21.50
C PHE A 213 -59.79 -8.19 -22.56
N ASP A 214 -58.76 -9.04 -22.68
CA ASP A 214 -58.79 -10.18 -23.59
C ASP A 214 -58.25 -11.44 -22.93
N GLU A 215 -58.13 -11.47 -21.60
CA GLU A 215 -57.67 -12.60 -20.80
C GLU A 215 -56.17 -12.80 -20.88
N ALA A 216 -55.44 -12.01 -21.68
CA ALA A 216 -54.00 -12.13 -21.80
C ALA A 216 -53.27 -10.82 -21.61
N ASP A 217 -53.94 -9.68 -21.81
CA ASP A 217 -53.30 -8.39 -21.65
C ASP A 217 -52.84 -8.13 -20.22
N ILE A 218 -53.59 -8.59 -19.23
CA ILE A 218 -53.20 -8.41 -17.83
C ILE A 218 -51.88 -9.11 -17.56
N PHE A 219 -51.78 -10.37 -17.98
CA PHE A 219 -50.54 -11.11 -17.76
C PHE A 219 -49.39 -10.51 -18.54
N ASP A 220 -49.66 -9.94 -19.72
CA ASP A 220 -48.60 -9.30 -20.48
C ASP A 220 -48.11 -8.05 -19.78
N MET A 221 -49.02 -7.26 -19.20
CA MET A 221 -48.58 -6.09 -18.43
C MET A 221 -47.81 -6.51 -17.19
N THR A 222 -48.22 -7.62 -16.56
CA THR A 222 -47.45 -8.12 -15.42
C THR A 222 -46.04 -8.51 -15.84
N LEU A 223 -45.91 -9.18 -16.99
CA LEU A 223 -44.59 -9.52 -17.51
C LEU A 223 -43.77 -8.27 -17.79
N GLN A 224 -44.41 -7.24 -18.35
CA GLN A 224 -43.69 -6.01 -18.67
C GLN A 224 -43.22 -5.31 -17.41
N LEU A 225 -44.08 -5.23 -16.40
CA LEU A 225 -43.66 -4.63 -15.13
C LEU A 225 -42.52 -5.42 -14.51
N TYR A 226 -42.59 -6.75 -14.55
CA TYR A 226 -41.55 -7.58 -13.97
C TYR A 226 -40.22 -7.34 -14.68
N THR A 227 -40.21 -7.47 -16.00
CA THR A 227 -38.97 -7.27 -16.76
C THR A 227 -38.49 -5.82 -16.68
N ALA A 228 -39.37 -4.89 -16.30
CA ALA A 228 -38.95 -3.51 -16.10
C ALA A 228 -38.26 -3.30 -14.76
N GLY A 229 -38.52 -4.17 -13.78
CA GLY A 229 -37.90 -4.08 -12.48
C GLY A 229 -38.82 -3.64 -11.36
N SER A 230 -40.08 -3.35 -11.65
CA SER A 230 -41.01 -2.90 -10.63
C SER A 230 -41.51 -4.08 -9.79
N GLU A 231 -42.05 -3.76 -8.63
CA GLU A 231 -42.63 -4.73 -7.70
C GLU A 231 -44.05 -4.35 -7.36
N ALA A 232 -44.77 -3.80 -8.33
CA ALA A 232 -46.16 -3.39 -8.10
C ALA A 232 -47.01 -4.61 -7.78
N ASP A 233 -47.76 -4.54 -6.68
CA ASP A 233 -48.61 -5.65 -6.24
C ASP A 233 -50.01 -5.18 -5.87
N ILE A 234 -50.46 -4.05 -6.43
CA ILE A 234 -51.77 -3.48 -6.12
C ILE A 234 -52.42 -3.05 -7.43
N ILE A 235 -53.74 -3.23 -7.51
CA ILE A 235 -54.51 -2.88 -8.69
C ILE A 235 -55.67 -2.00 -8.26
N MET A 236 -55.94 -0.97 -9.06
CA MET A 236 -57.05 -0.05 -8.83
C MET A 236 -57.93 -0.02 -10.06
N ILE A 237 -59.19 -0.42 -9.91
CA ILE A 237 -60.12 -0.54 -11.02
C ILE A 237 -61.47 0.01 -10.62
N ASN A 238 -62.19 0.54 -11.61
CA ASN A 238 -63.54 1.03 -11.41
C ASN A 238 -64.50 -0.14 -11.25
N PRO A 239 -65.50 -0.04 -10.37
CA PRO A 239 -66.39 -1.19 -10.13
C PRO A 239 -67.06 -1.71 -11.40
N ALA A 240 -67.33 -0.86 -12.39
CA ALA A 240 -67.98 -1.32 -13.60
C ALA A 240 -67.18 -2.43 -14.26
N HIS A 241 -65.86 -2.32 -14.23
CA HIS A 241 -64.98 -3.33 -14.82
C HIS A 241 -64.73 -4.51 -13.90
N ALA A 242 -65.26 -4.51 -12.68
CA ALA A 242 -65.02 -5.63 -11.77
C ALA A 242 -65.62 -6.91 -12.33
N LYS A 243 -66.84 -6.84 -12.85
CA LYS A 243 -67.50 -8.03 -13.37
C LYS A 243 -66.73 -8.65 -14.53
N ILE A 244 -65.82 -7.90 -15.16
CA ILE A 244 -65.03 -8.46 -16.25
C ILE A 244 -64.13 -9.57 -15.74
N PHE A 245 -63.59 -9.40 -14.53
CA PHE A 245 -62.74 -10.44 -13.94
C PHE A 245 -63.52 -11.72 -13.74
N ALA A 246 -64.68 -11.64 -13.09
CA ALA A 246 -65.48 -12.83 -12.85
C ALA A 246 -65.97 -13.45 -14.14
N GLY A 247 -66.25 -12.62 -15.15
CA GLY A 247 -66.73 -13.15 -16.42
C GLY A 247 -65.64 -13.91 -17.16
N LEU A 248 -64.48 -13.28 -17.34
CA LEU A 248 -63.39 -13.95 -18.03
C LEU A 248 -62.79 -15.06 -17.18
N GLN A 249 -63.07 -15.06 -15.87
CA GLN A 249 -62.60 -16.14 -15.01
C GLN A 249 -62.97 -17.51 -15.56
N GLU A 250 -64.12 -17.61 -16.23
CA GLU A 250 -64.56 -18.87 -16.81
C GLU A 250 -65.08 -18.74 -18.23
N ASN A 251 -65.31 -17.54 -18.74
CA ASN A 251 -65.76 -17.36 -20.12
C ASN A 251 -64.63 -17.77 -21.05
N THR A 252 -64.70 -19.01 -21.54
CA THR A 252 -63.66 -19.59 -22.35
C THR A 252 -64.26 -20.66 -23.25
N GLN A 253 -63.41 -21.42 -23.92
CA GLN A 253 -63.83 -22.53 -24.78
C GLN A 253 -63.85 -23.87 -24.05
N GLY A 254 -64.03 -23.84 -22.73
CA GLY A 254 -64.12 -25.08 -21.97
C GLY A 254 -62.81 -25.50 -21.33
N SER A 255 -62.13 -24.55 -20.68
CA SER A 255 -60.84 -24.82 -20.05
C SER A 255 -60.73 -24.32 -18.61
N ARG A 256 -61.55 -23.35 -18.19
CA ARG A 256 -61.50 -22.80 -16.84
C ARG A 256 -62.88 -22.85 -16.19
N LYS A 257 -63.49 -24.04 -16.21
CA LYS A 257 -64.83 -24.20 -15.68
C LYS A 257 -64.89 -23.83 -14.20
N ARG A 258 -66.11 -23.70 -13.70
CA ARG A 258 -66.39 -23.58 -12.28
C ARG A 258 -67.21 -24.77 -11.81
N ILE A 259 -67.04 -25.12 -10.54
CA ILE A 259 -67.81 -26.20 -9.92
C ILE A 259 -68.63 -25.62 -8.79
N PHE A 260 -69.91 -25.95 -8.78
CA PHE A 260 -70.83 -25.54 -7.71
C PHE A 260 -71.59 -26.80 -7.29
N GLU A 261 -71.01 -27.55 -6.35
CA GLU A 261 -71.64 -28.75 -5.83
C GLU A 261 -72.73 -28.34 -4.84
N ASN A 262 -73.22 -29.30 -4.05
CA ASN A 262 -74.28 -29.00 -3.10
C ASN A 262 -73.84 -27.91 -2.15
N THR A 263 -74.33 -26.68 -2.37
CA THR A 263 -73.93 -25.54 -1.57
C THR A 263 -74.96 -24.43 -1.78
N LYS A 264 -75.38 -23.80 -0.68
CA LYS A 264 -76.36 -22.73 -0.73
C LYS A 264 -75.63 -21.38 -0.78
N GLN A 265 -74.76 -21.26 -1.77
CA GLN A 265 -73.95 -20.06 -1.91
C GLN A 265 -73.27 -20.06 -3.27
N PHE A 266 -73.31 -18.92 -3.95
CA PHE A 266 -72.68 -18.77 -5.26
C PHE A 266 -71.85 -17.49 -5.23
N ILE A 267 -70.53 -17.65 -5.11
CA ILE A 267 -69.60 -16.53 -5.11
C ILE A 267 -69.25 -16.19 -6.55
N TYR A 268 -69.23 -14.89 -6.85
CA TYR A 268 -68.94 -14.40 -8.18
C TYR A 268 -67.94 -13.24 -8.11
N GLU A 269 -66.89 -13.41 -7.30
CA GLU A 269 -65.93 -12.37 -7.03
C GLU A 269 -64.53 -12.85 -7.35
N VAL A 270 -63.67 -11.90 -7.74
CA VAL A 270 -62.26 -12.16 -7.99
C VAL A 270 -61.45 -11.09 -7.30
N ASN A 271 -60.96 -11.38 -6.09
CA ASN A 271 -60.27 -10.38 -5.29
C ASN A 271 -58.75 -10.44 -5.48
N SER A 272 -58.19 -11.63 -5.58
CA SER A 272 -56.76 -11.82 -5.73
C SER A 272 -56.45 -12.48 -7.07
N ILE A 273 -55.17 -12.46 -7.43
CA ILE A 273 -54.71 -13.09 -8.66
C ILE A 273 -53.20 -13.26 -8.54
N THR A 274 -52.67 -14.23 -9.29
CA THR A 274 -51.23 -14.47 -9.32
C THR A 274 -50.82 -14.75 -10.76
N ASP A 275 -49.68 -14.20 -11.14
CA ASP A 275 -49.13 -14.33 -12.49
C ASP A 275 -48.03 -15.38 -12.51
N PRO A 276 -47.68 -15.89 -13.69
CA PRO A 276 -46.60 -16.89 -13.77
C PRO A 276 -45.31 -16.41 -13.15
N LEU A 277 -45.07 -15.11 -13.10
CA LEU A 277 -43.81 -14.56 -12.58
C LEU A 277 -43.93 -14.26 -11.08
N GLY A 278 -44.42 -15.24 -10.33
CA GLY A 278 -44.47 -15.18 -8.88
C GLY A 278 -44.80 -13.82 -8.28
N GLN A 279 -45.77 -13.11 -8.84
CA GLN A 279 -46.23 -11.83 -8.29
C GLN A 279 -47.68 -12.00 -7.86
N SER A 280 -47.96 -11.68 -6.60
CA SER A 280 -49.31 -11.79 -6.05
C SER A 280 -49.91 -10.40 -5.97
N TYR A 281 -50.82 -10.11 -6.89
CA TYR A 281 -51.47 -8.80 -6.96
C TYR A 281 -52.75 -8.80 -6.13
N LYS A 282 -53.13 -7.61 -5.66
CA LYS A 282 -54.38 -7.40 -4.95
C LYS A 282 -55.24 -6.42 -5.73
N ILE A 283 -56.50 -6.77 -5.91
CA ILE A 283 -57.45 -5.90 -6.60
C ILE A 283 -58.13 -5.00 -5.58
N ILE A 284 -58.34 -3.74 -5.98
CA ILE A 284 -58.99 -2.75 -5.14
C ILE A 284 -59.92 -1.93 -6.01
N VAL A 285 -61.08 -1.60 -5.47
CA VAL A 285 -62.13 -0.90 -6.22
C VAL A 285 -62.17 0.55 -5.79
N ASN A 286 -62.42 1.44 -6.75
CA ASN A 286 -62.51 2.86 -6.50
C ASN A 286 -63.62 3.44 -7.36
N ARG A 287 -64.62 4.05 -6.71
CA ARG A 287 -65.75 4.61 -7.43
C ARG A 287 -65.40 5.88 -8.20
N TRP A 288 -64.21 6.43 -7.96
CA TRP A 288 -63.77 7.63 -8.67
C TRP A 288 -62.96 7.32 -9.92
N MET A 289 -62.43 6.11 -10.06
CA MET A 289 -61.64 5.75 -11.21
C MET A 289 -62.48 5.89 -12.48
N PRO A 290 -61.86 6.30 -13.59
CA PRO A 290 -62.59 6.32 -14.87
C PRO A 290 -62.90 4.90 -15.33
N THR A 291 -63.53 4.83 -16.50
CA THR A 291 -63.91 3.57 -17.11
C THR A 291 -62.87 3.07 -18.10
N ASP A 292 -61.63 3.55 -18.00
CA ASP A 292 -60.56 3.11 -18.89
C ASP A 292 -59.22 3.04 -18.18
N ALA A 293 -59.23 2.70 -16.89
CA ALA A 293 -58.01 2.73 -16.09
C ALA A 293 -57.91 1.47 -15.24
N VAL A 294 -56.78 0.79 -15.35
CA VAL A 294 -56.50 -0.40 -14.55
C VAL A 294 -55.18 -0.19 -13.81
N TYR A 295 -54.94 1.06 -13.38
CA TYR A 295 -53.65 1.49 -12.86
C TYR A 295 -53.01 0.43 -11.96
N PHE A 296 -51.80 0.02 -12.33
CA PHE A 296 -50.94 -0.82 -11.52
C PHE A 296 -49.89 0.05 -10.85
N PHE A 297 -49.64 -0.19 -9.57
CA PHE A 297 -48.66 0.63 -8.85
C PHE A 297 -48.36 -0.02 -7.50
N ARG A 298 -47.52 0.64 -6.73
CA ARG A 298 -47.21 0.27 -5.36
C ARG A 298 -47.40 1.48 -4.45
N SER A 299 -47.59 1.21 -3.16
CA SER A 299 -47.92 2.28 -2.23
C SER A 299 -46.78 3.29 -2.11
N ALA A 300 -45.56 2.81 -1.95
CA ALA A 300 -44.43 3.69 -1.68
C ALA A 300 -43.98 4.47 -2.91
N ASP A 301 -44.15 3.90 -4.11
CA ASP A 301 -43.68 4.57 -5.32
C ASP A 301 -44.46 5.83 -5.65
N TRP A 302 -45.56 6.10 -4.95
CA TRP A 302 -46.37 7.28 -5.20
C TRP A 302 -46.57 8.06 -3.90
N THR A 303 -46.52 9.38 -4.02
CA THR A 303 -46.66 10.26 -2.87
C THR A 303 -47.52 11.46 -3.24
N GLN A 304 -48.00 12.15 -2.21
CA GLN A 304 -48.81 13.36 -2.36
C GLN A 304 -48.01 14.54 -1.84
N MET A 305 -47.72 15.50 -2.71
CA MET A 305 -46.91 16.66 -2.36
C MET A 305 -47.84 17.81 -2.01
N VAL A 306 -47.67 18.37 -0.81
CA VAL A 306 -48.43 19.51 -0.35
C VAL A 306 -47.56 20.76 -0.45
N LEU A 307 -48.17 21.87 -0.84
CA LEU A 307 -47.50 23.16 -0.88
C LEU A 307 -48.06 24.14 0.15
N ARG A 308 -49.38 24.34 0.15
CA ARG A 308 -50.06 25.16 1.15
C ARG A 308 -51.15 24.32 1.78
N ALA A 309 -50.98 23.98 3.05
CA ALA A 309 -51.90 23.07 3.71
C ALA A 309 -53.31 23.66 3.74
N PRO A 310 -54.32 22.83 4.02
CA PRO A 310 -55.68 23.34 4.11
C PRO A 310 -55.80 24.41 5.19
N LYS A 311 -56.50 25.49 4.85
CA LYS A 311 -56.66 26.62 5.76
C LYS A 311 -58.06 27.21 5.56
N ARG A 312 -58.36 28.24 6.35
CA ARG A 312 -59.63 28.96 6.23
C ARG A 312 -59.49 30.32 6.88
N THR A 313 -60.24 31.29 6.35
CA THR A 313 -60.17 32.67 6.81
C THR A 313 -61.58 33.26 6.79
N GLU A 314 -61.66 34.58 6.97
CA GLU A 314 -62.93 35.29 6.92
C GLU A 314 -62.65 36.79 6.98
N LEU A 315 -63.54 37.56 6.37
CA LEU A 315 -63.44 39.02 6.32
C LEU A 315 -64.77 39.66 6.71
N ALA A 316 -65.31 39.26 7.86
CA ALA A 316 -66.64 39.68 8.29
C ALA A 316 -66.63 41.16 8.66
N LYS A 317 -66.68 42.01 7.64
CA LYS A 317 -66.91 43.44 7.81
C LYS A 317 -68.09 43.95 7.00
N ASP A 318 -68.66 43.14 6.10
CA ASP A 318 -69.87 43.56 5.40
C ASP A 318 -70.98 43.87 6.37
N GLY A 319 -71.09 43.08 7.44
CA GLY A 319 -72.01 43.36 8.53
C GLY A 319 -72.77 42.15 9.01
N SER A 320 -73.12 41.23 8.09
CA SER A 320 -73.77 40.00 8.48
C SER A 320 -73.27 38.79 7.69
N TYR A 321 -72.22 38.94 6.90
CA TYR A 321 -71.73 37.89 6.03
C TYR A 321 -70.30 37.52 6.42
N GLU A 322 -70.00 36.22 6.32
CA GLU A 322 -68.69 35.69 6.69
C GLU A 322 -67.92 35.17 5.50
N LYS A 323 -68.50 34.25 4.73
CA LYS A 323 -67.90 33.74 3.49
C LYS A 323 -66.52 33.13 3.76
N TRP A 324 -66.53 32.02 4.50
CA TRP A 324 -65.32 31.26 4.80
C TRP A 324 -64.86 30.57 3.53
N MET A 325 -63.55 30.60 3.29
CA MET A 325 -62.96 29.99 2.10
C MET A 325 -61.96 28.92 2.51
N ILE A 326 -62.12 27.72 1.96
CA ILE A 326 -61.14 26.65 2.11
C ILE A 326 -60.24 26.64 0.88
N GLU A 327 -59.01 26.17 1.07
CA GLU A 327 -58.06 26.11 -0.04
C GLU A 327 -56.87 25.25 0.37
N MET A 328 -56.38 24.47 -0.59
CA MET A 328 -55.19 23.66 -0.39
C MET A 328 -54.55 23.40 -1.74
N GLU A 329 -53.22 23.46 -1.77
CA GLU A 329 -52.45 23.27 -2.99
C GLU A 329 -51.55 22.06 -2.82
N VAL A 330 -51.73 21.07 -3.69
CA VAL A 330 -51.02 19.81 -3.60
C VAL A 330 -50.59 19.37 -4.99
N GLY A 331 -49.66 18.42 -5.04
CA GLY A 331 -49.21 17.86 -6.29
C GLY A 331 -48.92 16.38 -6.16
N LEU A 332 -49.09 15.67 -7.27
CA LEU A 332 -48.85 14.24 -7.33
C LEU A 332 -47.45 13.96 -7.86
N ARG A 333 -46.85 12.88 -7.37
CA ARG A 333 -45.48 12.54 -7.72
C ARG A 333 -45.37 11.04 -7.97
N HIS A 334 -44.38 10.67 -8.78
CA HIS A 334 -44.14 9.29 -9.16
C HIS A 334 -42.64 9.10 -9.30
N ARG A 335 -42.10 8.08 -8.64
CA ARG A 335 -40.65 7.86 -8.66
C ARG A 335 -40.14 7.70 -10.09
N ASN A 336 -40.57 6.64 -10.77
CA ASN A 336 -40.12 6.34 -12.10
C ASN A 336 -41.32 6.12 -13.02
N PRO A 337 -41.31 6.65 -14.25
CA PRO A 337 -42.43 6.35 -15.17
C PRO A 337 -42.59 4.88 -15.46
N TYR A 338 -41.48 4.15 -15.61
CA TYR A 338 -41.53 2.73 -15.93
C TYR A 338 -41.61 1.87 -14.67
N ALA A 339 -42.55 2.23 -13.78
CA ALA A 339 -42.80 1.48 -12.56
C ALA A 339 -44.27 1.13 -12.40
N SER A 340 -45.18 1.95 -12.89
CA SER A 340 -46.60 1.70 -12.86
C SER A 340 -47.06 1.07 -14.16
N GLY A 341 -48.30 0.58 -14.15
CA GLY A 341 -48.87 -0.04 -15.33
C GLY A 341 -50.28 0.46 -15.59
N VAL A 342 -50.64 0.50 -16.87
CA VAL A 342 -51.94 0.98 -17.29
C VAL A 342 -52.42 0.14 -18.46
N LEU A 343 -53.73 -0.07 -18.52
CA LEU A 343 -54.37 -0.93 -19.51
C LEU A 343 -55.55 -0.22 -20.16
N PHE A 344 -55.31 0.98 -20.68
CA PHE A 344 -56.34 1.76 -21.35
C PHE A 344 -57.15 0.86 -22.28
N THR A 345 -58.45 0.80 -22.02
CA THR A 345 -59.35 -0.12 -22.71
C THR A 345 -60.02 0.57 -23.89
N ALA A 346 -60.13 -0.17 -24.99
CA ALA A 346 -60.73 0.33 -26.21
C ALA A 346 -60.84 -0.82 -27.20
N ALA A 347 -61.64 -0.61 -28.24
CA ALA A 347 -61.85 -1.64 -29.24
C ALA A 347 -60.72 -1.61 -30.26
N GLY A 348 -60.65 -2.68 -31.06
CA GLY A 348 -59.61 -2.82 -32.06
C GLY A 348 -60.01 -2.17 -33.37
N LYS A 349 -59.20 -2.46 -34.39
CA LYS A 349 -59.42 -1.93 -35.74
C LYS A 349 -59.25 -0.42 -35.78
N SER B 18 -90.60 -88.00 -1.97
CA SER B 18 -90.33 -87.01 -0.93
C SER B 18 -90.16 -85.63 -1.56
N PHE B 19 -90.80 -84.64 -0.96
CA PHE B 19 -90.75 -83.26 -1.44
C PHE B 19 -90.04 -82.41 -0.38
N ALA B 20 -89.89 -81.12 -0.68
CA ALA B 20 -89.25 -80.18 0.22
C ALA B 20 -90.31 -79.51 1.09
N ASN B 21 -89.95 -79.30 2.36
CA ASN B 21 -90.91 -78.84 3.35
C ASN B 21 -90.96 -77.32 3.44
N TRP B 22 -91.26 -76.66 2.32
CA TRP B 22 -91.47 -75.21 2.32
C TRP B 22 -92.02 -74.82 0.95
N ILE B 23 -92.48 -73.58 0.87
CA ILE B 23 -93.01 -73.02 -0.37
C ILE B 23 -92.35 -71.66 -0.60
N SER B 24 -92.23 -71.28 -1.87
CA SER B 24 -91.68 -69.98 -2.22
C SER B 24 -92.81 -69.06 -2.65
N VAL B 25 -92.80 -67.83 -2.13
CA VAL B 25 -93.82 -66.84 -2.44
C VAL B 25 -93.14 -65.50 -2.61
N LEU B 26 -93.37 -64.85 -3.76
CA LEU B 26 -92.79 -63.53 -4.00
C LEU B 26 -93.20 -62.54 -2.92
N SER B 27 -94.51 -62.38 -2.74
CA SER B 27 -95.07 -61.54 -1.69
C SER B 27 -94.57 -60.11 -1.79
N PRO B 28 -94.85 -59.41 -2.90
CA PRO B 28 -94.55 -57.97 -2.95
C PRO B 28 -95.40 -57.21 -1.95
N GLN B 29 -94.77 -56.70 -0.89
CA GLN B 29 -95.49 -56.09 0.22
C GLN B 29 -94.81 -54.80 0.67
N ASP B 30 -94.55 -53.90 -0.29
CA ASP B 30 -93.93 -52.62 0.06
C ASP B 30 -94.77 -51.87 1.08
N THR B 31 -95.99 -51.50 0.71
CA THR B 31 -96.95 -50.83 1.58
C THR B 31 -96.28 -49.73 2.40
N PRO B 32 -95.73 -48.70 1.76
CA PRO B 32 -95.17 -47.58 2.52
C PRO B 32 -96.24 -46.59 2.96
N PHE B 33 -97.25 -46.40 2.12
CA PHE B 33 -98.29 -45.43 2.40
C PHE B 33 -99.07 -45.78 3.65
N VAL B 34 -99.47 -47.05 3.78
CA VAL B 34 -100.26 -47.47 4.93
C VAL B 34 -99.52 -47.22 6.23
N SER B 35 -98.20 -47.45 6.24
CA SER B 35 -97.41 -47.22 7.44
C SER B 35 -97.02 -45.76 7.61
N MET B 36 -97.16 -44.94 6.57
CA MET B 36 -96.81 -43.53 6.63
C MET B 36 -98.00 -42.65 6.99
N THR B 37 -99.21 -43.18 7.02
CA THR B 37 -100.40 -42.40 7.30
C THR B 37 -101.07 -42.77 8.62
N GLY B 38 -100.62 -43.83 9.28
CA GLY B 38 -101.24 -44.21 10.52
C GLY B 38 -102.71 -44.59 10.31
N LYS B 39 -103.46 -44.51 11.41
CA LYS B 39 -104.87 -44.87 11.38
C LYS B 39 -105.55 -44.31 12.62
N GLU B 40 -106.89 -44.25 12.55
CA GLU B 40 -107.69 -43.68 13.63
C GLU B 40 -109.06 -44.32 13.57
N SER B 41 -109.53 -44.83 14.71
CA SER B 41 -110.83 -45.49 14.77
C SER B 41 -111.95 -44.47 14.79
N ILE B 42 -113.11 -44.89 14.28
CA ILE B 42 -114.32 -44.07 14.26
C ILE B 42 -115.47 -44.90 14.82
N ASN B 43 -116.66 -44.31 14.85
CA ASN B 43 -117.85 -44.95 15.40
C ASN B 43 -119.04 -44.75 14.48
N GLN B 44 -118.78 -44.57 13.18
CA GLN B 44 -119.85 -44.39 12.22
C GLN B 44 -119.30 -44.64 10.81
N THR B 45 -120.16 -45.14 9.94
CA THR B 45 -119.78 -45.46 8.57
C THR B 45 -119.51 -44.23 7.72
N ILE B 46 -119.77 -43.04 8.24
CA ILE B 46 -119.59 -41.79 7.51
C ILE B 46 -119.04 -40.75 8.49
N PHE B 47 -117.80 -40.33 8.28
CA PHE B 47 -117.17 -39.31 9.12
C PHE B 47 -117.07 -38.01 8.35
N SER B 48 -116.80 -36.93 9.08
CA SER B 48 -116.78 -35.61 8.48
C SER B 48 -115.88 -34.68 9.29
N TRP B 49 -115.26 -33.75 8.59
CA TRP B 49 -114.50 -32.66 9.19
C TRP B 49 -114.92 -31.36 8.50
N GLN B 50 -114.37 -30.24 8.98
CA GLN B 50 -114.76 -28.94 8.44
C GLN B 50 -113.54 -28.02 8.48
N THR B 51 -113.07 -27.61 7.31
CA THR B 51 -112.00 -26.63 7.19
C THR B 51 -111.94 -26.17 5.74
N ASP B 52 -112.10 -24.87 5.50
CA ASP B 52 -112.05 -24.33 4.14
C ASP B 52 -110.85 -23.43 3.93
N ALA B 53 -110.71 -22.36 4.72
CA ALA B 53 -109.60 -21.43 4.56
C ALA B 53 -109.69 -20.29 5.57
N LEU B 54 -108.67 -19.44 5.60
CA LEU B 54 -108.73 -18.17 6.31
C LEU B 54 -109.26 -17.09 5.37
N ALA B 55 -109.61 -15.95 5.93
CA ALA B 55 -110.15 -14.85 5.14
C ALA B 55 -109.07 -14.26 4.23
N SER B 56 -109.50 -13.67 3.12
CA SER B 56 -108.57 -13.10 2.18
C SER B 56 -107.88 -11.87 2.79
N VAL B 57 -106.97 -11.28 2.01
CA VAL B 57 -106.26 -10.10 2.48
C VAL B 57 -107.07 -8.84 2.22
N ASP B 58 -107.77 -8.76 1.09
CA ASP B 58 -108.61 -7.63 0.70
C ASP B 58 -107.80 -6.39 0.35
N GLY B 59 -106.47 -6.45 0.46
CA GLY B 59 -105.65 -5.30 0.15
C GLY B 59 -105.88 -4.13 1.07
N ASN B 60 -106.36 -3.02 0.52
CA ASN B 60 -106.61 -1.83 1.32
C ASN B 60 -107.62 -2.11 2.41
N ASN B 61 -107.35 -1.57 3.60
CA ASN B 61 -108.27 -1.66 4.74
C ASN B 61 -108.28 -0.33 5.48
N ALA B 62 -108.12 0.78 4.76
CA ALA B 62 -108.18 2.09 5.36
C ALA B 62 -109.60 2.37 5.88
N HIS B 63 -109.70 3.33 6.79
CA HIS B 63 -110.97 3.67 7.40
C HIS B 63 -111.02 5.16 7.67
N VAL B 64 -112.23 5.65 7.97
CA VAL B 64 -112.50 7.07 8.14
C VAL B 64 -113.10 7.34 9.51
N GLU B 65 -112.67 6.56 10.52
CA GLU B 65 -113.20 6.67 11.89
C GLU B 65 -114.68 6.30 11.94
N GLY B 66 -114.96 5.06 11.58
CA GLY B 66 -116.31 4.53 11.60
C GLY B 66 -116.38 3.12 11.03
N SER B 67 -117.12 2.24 11.69
CA SER B 67 -117.21 0.84 11.28
C SER B 67 -118.38 0.57 10.33
N ARG B 68 -119.61 0.76 10.82
CA ARG B 68 -120.82 0.52 10.03
C ARG B 68 -120.68 -0.76 9.20
N ALA B 69 -120.47 -1.87 9.90
CA ALA B 69 -120.18 -3.15 9.25
C ALA B 69 -121.45 -3.75 8.68
N GLU B 70 -121.33 -4.92 8.06
CA GLU B 70 -122.44 -5.64 7.46
C GLU B 70 -122.56 -7.04 8.05
N ASP B 71 -122.46 -7.14 9.38
CA ASP B 71 -122.54 -8.42 10.09
C ASP B 71 -121.34 -9.30 9.80
N GLY B 72 -120.23 -8.70 9.38
CA GLY B 72 -119.02 -9.43 9.10
C GLY B 72 -119.11 -10.27 7.84
N GLU B 73 -117.93 -10.59 7.30
CA GLU B 73 -117.84 -11.44 6.12
C GLU B 73 -117.23 -12.79 6.51
N MET B 74 -117.65 -13.32 7.65
CA MET B 74 -117.07 -14.57 8.16
C MET B 74 -117.11 -15.66 7.10
N LYS B 75 -118.28 -15.95 6.55
CA LYS B 75 -118.43 -17.02 5.57
C LYS B 75 -117.83 -18.30 6.15
N PRO B 76 -118.48 -18.92 7.13
CA PRO B 76 -117.83 -19.99 7.90
C PRO B 76 -117.39 -21.18 7.06
N THR B 77 -116.70 -22.11 7.70
CA THR B 77 -116.12 -23.25 7.00
C THR B 77 -117.18 -24.09 6.31
N VAL B 78 -116.72 -24.92 5.37
CA VAL B 78 -117.57 -25.89 4.68
C VAL B 78 -117.35 -27.25 5.32
N ILE B 79 -118.39 -28.07 5.34
CA ILE B 79 -118.38 -29.37 5.99
C ILE B 79 -118.14 -30.44 4.94
N LYS B 80 -117.04 -31.17 5.07
CA LYS B 80 -116.67 -32.22 4.14
C LYS B 80 -116.77 -33.58 4.81
N SER B 81 -117.07 -34.60 4.01
CA SER B 81 -117.28 -35.95 4.51
C SER B 81 -116.71 -36.96 3.52
N ASN B 82 -116.72 -38.22 3.95
CA ASN B 82 -116.26 -39.32 3.10
C ASN B 82 -116.96 -40.60 3.57
N VAL B 83 -116.99 -41.58 2.67
CA VAL B 83 -117.67 -42.84 2.92
C VAL B 83 -116.64 -43.95 3.01
N THR B 84 -117.03 -45.05 3.66
CA THR B 84 -116.21 -46.23 3.82
C THR B 84 -116.82 -47.39 3.05
N GLN B 85 -115.95 -48.24 2.50
CA GLN B 85 -116.35 -49.36 1.67
C GLN B 85 -116.07 -50.68 2.39
N ILE B 86 -116.32 -51.78 1.68
CA ILE B 86 -116.17 -53.13 2.23
C ILE B 86 -115.30 -53.97 1.31
N LEU B 87 -114.51 -54.84 1.92
CA LEU B 87 -113.69 -55.80 1.19
C LEU B 87 -113.92 -57.17 1.78
N ARG B 88 -114.26 -58.15 0.92
CA ARG B 88 -114.63 -59.48 1.39
C ARG B 88 -113.51 -60.49 1.27
N LYS B 89 -113.04 -60.76 0.05
CA LYS B 89 -111.98 -61.74 -0.19
C LYS B 89 -112.32 -63.08 0.47
N VAL B 90 -113.41 -63.67 -0.02
CA VAL B 90 -113.93 -64.90 0.56
C VAL B 90 -112.90 -66.02 0.47
N VAL B 91 -113.04 -67.00 1.35
CA VAL B 91 -112.21 -68.21 1.36
C VAL B 91 -113.13 -69.41 1.24
N ARG B 92 -112.77 -70.34 0.36
CA ARG B 92 -113.62 -71.49 0.05
C ARG B 92 -112.75 -72.73 0.02
N VAL B 93 -112.93 -73.61 1.02
CA VAL B 93 -112.24 -74.88 1.07
C VAL B 93 -113.26 -76.00 0.84
N SER B 94 -112.93 -76.90 -0.08
CA SER B 94 -113.84 -77.99 -0.42
C SER B 94 -113.30 -79.32 0.12
N ASN B 102 -101.43 -83.69 -0.93
CA ASN B 102 -101.13 -82.79 0.18
C ASN B 102 -99.69 -83.02 0.67
N TYR B 103 -98.75 -82.73 -0.23
CA TYR B 103 -97.36 -83.07 0.00
C TYR B 103 -96.81 -82.40 1.26
N GLY B 104 -96.67 -81.08 1.23
CA GLY B 104 -96.05 -80.36 2.33
C GLY B 104 -96.94 -79.31 2.97
N ARG B 105 -97.90 -78.79 2.21
CA ARG B 105 -98.73 -77.70 2.72
C ARG B 105 -99.49 -78.08 3.98
N GLY B 106 -99.89 -79.35 4.11
CA GLY B 106 -100.63 -79.76 5.29
C GLY B 106 -101.89 -78.94 5.47
N ARG B 107 -101.92 -78.14 6.52
CA ARG B 107 -103.08 -77.29 6.79
C ARG B 107 -103.10 -76.12 5.83
N GLU B 108 -103.82 -76.29 4.71
CA GLU B 108 -103.86 -75.24 3.69
C GLU B 108 -104.72 -74.07 4.14
N LEU B 109 -105.54 -74.28 5.17
CA LEU B 109 -106.44 -73.22 5.61
C LEU B 109 -105.67 -71.96 6.02
N MET B 110 -104.73 -72.11 6.95
CA MET B 110 -103.98 -70.94 7.42
C MET B 110 -103.15 -70.33 6.29
N TYR B 111 -102.60 -71.17 5.43
CA TYR B 111 -101.80 -70.67 4.30
C TYR B 111 -102.65 -69.79 3.39
N GLN B 112 -103.79 -70.29 2.94
CA GLN B 112 -104.66 -69.49 2.08
C GLN B 112 -105.19 -68.27 2.82
N LEU B 113 -105.37 -68.37 4.14
CA LEU B 113 -105.87 -67.24 4.90
C LEU B 113 -104.84 -66.11 4.92
N GLU B 114 -103.57 -66.44 5.21
CA GLU B 114 -102.53 -65.42 5.19
C GLU B 114 -102.32 -64.88 3.78
N LYS B 115 -102.41 -65.74 2.77
CA LYS B 115 -102.28 -65.29 1.39
C LYS B 115 -103.37 -64.27 1.04
N LYS B 116 -104.62 -64.57 1.41
CA LYS B 116 -105.71 -63.65 1.15
C LYS B 116 -105.58 -62.38 1.96
N GLY B 117 -105.04 -62.46 3.18
CA GLY B 117 -104.77 -61.26 3.94
C GLY B 117 -103.79 -60.34 3.26
N LYS B 118 -102.67 -60.91 2.78
CA LYS B 118 -101.72 -60.12 2.03
C LYS B 118 -102.35 -59.55 0.76
N GLU B 119 -103.21 -60.33 0.10
CA GLU B 119 -103.84 -59.85 -1.12
C GLU B 119 -104.79 -58.68 -0.83
N ILE B 120 -105.54 -58.74 0.27
CA ILE B 120 -106.44 -57.64 0.59
C ILE B 120 -105.66 -56.41 1.01
N LYS B 121 -104.51 -56.61 1.67
CA LYS B 121 -103.67 -55.46 1.99
C LYS B 121 -103.15 -54.80 0.72
N ARG B 122 -102.71 -55.60 -0.24
CA ARG B 122 -102.27 -55.06 -1.53
C ARG B 122 -103.41 -54.33 -2.23
N ASP B 123 -104.61 -54.90 -2.19
CA ASP B 123 -105.76 -54.27 -2.83
C ASP B 123 -106.08 -52.93 -2.17
N LEU B 124 -105.95 -52.86 -0.84
CA LEU B 124 -106.17 -51.59 -0.15
C LEU B 124 -105.13 -50.56 -0.55
N GLU B 125 -103.86 -50.97 -0.63
CA GLU B 125 -102.81 -50.06 -1.04
C GLU B 125 -103.04 -49.58 -2.47
N LYS B 126 -103.62 -50.44 -3.32
CA LYS B 126 -103.88 -50.05 -4.71
C LYS B 126 -105.08 -49.12 -4.81
N ILE B 127 -106.11 -49.35 -3.98
CA ILE B 127 -107.32 -48.56 -4.07
C ILE B 127 -107.10 -47.17 -3.48
N LEU B 128 -106.58 -47.10 -2.25
CA LEU B 128 -106.48 -45.82 -1.57
C LEU B 128 -105.68 -44.80 -2.36
N LEU B 129 -104.86 -45.25 -3.31
CA LEU B 129 -104.09 -44.35 -4.16
C LEU B 129 -104.68 -44.23 -5.57
N SER B 130 -105.89 -44.72 -5.78
CA SER B 130 -106.52 -44.66 -7.09
C SER B 130 -107.18 -43.29 -7.26
N GLY B 131 -107.98 -43.14 -8.31
CA GLY B 131 -108.67 -41.89 -8.56
C GLY B 131 -110.17 -42.02 -8.39
N GLN B 132 -110.61 -42.97 -7.56
CA GLN B 132 -112.02 -43.17 -7.34
C GLN B 132 -112.65 -41.94 -6.69
N ALA B 133 -113.96 -41.82 -6.84
CA ALA B 133 -114.73 -40.75 -6.24
C ALA B 133 -115.92 -41.37 -5.52
N ARG B 134 -116.14 -40.97 -4.27
CA ARG B 134 -117.22 -41.52 -3.47
C ARG B 134 -118.55 -41.31 -4.18
N THR B 135 -119.30 -42.38 -4.40
CA THR B 135 -120.60 -42.31 -5.06
C THR B 135 -121.60 -43.07 -4.21
N ASP B 136 -122.69 -42.39 -3.84
CA ASP B 136 -123.75 -42.99 -3.04
C ASP B 136 -124.99 -42.15 -3.21
N VAL B 137 -126.14 -42.73 -2.83
CA VAL B 137 -127.42 -42.03 -2.98
C VAL B 137 -127.39 -40.65 -2.33
N LEU B 138 -126.59 -40.48 -1.27
CA LEU B 138 -126.49 -39.21 -0.57
C LEU B 138 -125.24 -38.46 -1.03
N ALA B 139 -125.40 -37.16 -1.30
CA ALA B 139 -124.30 -36.33 -1.78
C ALA B 139 -123.87 -35.30 -0.76
N ASP B 140 -124.79 -34.44 -0.31
CA ASP B 140 -124.48 -33.43 0.69
C ASP B 140 -125.45 -33.43 1.87
N GLN B 141 -126.60 -34.10 1.75
CA GLN B 141 -127.57 -34.23 2.83
C GLN B 141 -127.47 -35.58 3.51
N TYR B 142 -126.23 -36.02 3.76
CA TYR B 142 -125.98 -37.37 4.26
C TYR B 142 -126.97 -37.77 5.35
N LEU B 143 -127.39 -36.79 6.17
CA LEU B 143 -128.24 -37.11 7.31
C LEU B 143 -129.60 -37.65 6.85
N THR B 144 -130.41 -36.80 6.22
CA THR B 144 -131.75 -37.17 5.77
C THR B 144 -132.41 -38.13 6.74
N ASN B 145 -132.34 -37.83 8.04
CA ASN B 145 -132.92 -38.74 9.04
C ASN B 145 -134.42 -38.92 8.80
N SER B 146 -135.06 -37.92 8.20
CA SER B 146 -136.48 -38.04 7.88
C SER B 146 -136.72 -39.14 6.86
N ALA B 147 -136.10 -39.03 5.68
CA ALA B 147 -136.27 -40.05 4.66
C ALA B 147 -135.31 -41.21 4.87
N ALA B 148 -134.01 -40.99 4.65
CA ALA B 148 -132.99 -42.01 4.84
C ALA B 148 -133.37 -43.33 4.15
N ASP B 149 -133.76 -43.22 2.88
CA ASP B 149 -134.17 -44.38 2.10
C ASP B 149 -135.33 -45.10 2.79
N PRO B 150 -136.51 -44.48 2.86
CA PRO B 150 -137.63 -45.13 3.57
C PRO B 150 -137.97 -46.52 3.06
N ALA B 151 -137.81 -46.77 1.76
CA ALA B 151 -138.13 -48.08 1.18
C ALA B 151 -136.97 -49.06 1.33
N VAL B 152 -136.62 -49.34 2.58
CA VAL B 152 -135.50 -50.23 2.88
C VAL B 152 -135.98 -51.39 3.76
N ALA B 153 -136.81 -51.09 4.75
CA ALA B 153 -137.24 -52.12 5.68
C ALA B 153 -138.46 -52.87 5.13
N GLY B 154 -138.49 -54.17 5.39
CA GLY B 154 -139.54 -55.03 4.89
C GLY B 154 -139.08 -55.92 3.77
N LEU B 155 -138.21 -55.39 2.90
CA LEU B 155 -137.66 -56.13 1.78
C LEU B 155 -136.15 -56.31 1.85
N ASN B 156 -135.44 -55.34 2.41
CA ASN B 156 -134.01 -55.44 2.71
C ASN B 156 -133.16 -55.79 1.49
N ASP B 157 -133.71 -55.65 0.28
CA ASP B 157 -132.95 -55.96 -0.94
C ASP B 157 -132.62 -54.72 -1.75
N THR B 158 -132.68 -53.53 -1.16
CA THR B 158 -132.32 -52.28 -1.84
C THR B 158 -130.84 -51.95 -1.66
N HIS B 159 -130.00 -52.96 -1.45
CA HIS B 159 -128.60 -52.74 -1.10
C HIS B 159 -127.87 -52.02 -2.23
N ALA B 160 -127.33 -50.85 -1.91
CA ALA B 160 -126.46 -50.12 -2.81
C ALA B 160 -125.01 -50.44 -2.48
N ALA B 161 -124.07 -49.89 -3.24
CA ALA B 161 -122.65 -50.22 -3.13
C ALA B 161 -121.90 -49.02 -2.58
N ARG B 162 -121.39 -49.15 -1.36
CA ARG B 162 -120.62 -48.09 -0.73
C ARG B 162 -119.26 -47.96 -1.41
N LYS B 163 -118.97 -46.76 -1.93
CA LYS B 163 -117.70 -46.46 -2.58
C LYS B 163 -117.07 -45.26 -1.88
N THR B 164 -115.80 -45.41 -1.47
CA THR B 164 -115.13 -44.38 -0.70
C THR B 164 -114.38 -43.42 -1.62
N GLY B 165 -113.92 -42.33 -1.03
CA GLY B 165 -113.14 -41.34 -1.76
C GLY B 165 -111.68 -41.75 -1.82
N ALA B 166 -111.05 -41.54 -2.96
CA ALA B 166 -109.68 -41.95 -3.20
C ALA B 166 -108.73 -40.77 -2.96
N PHE B 167 -107.45 -41.01 -3.22
CA PHE B 167 -106.43 -39.98 -3.04
C PHE B 167 -106.65 -38.81 -4.00
N GLN B 168 -106.66 -39.08 -5.30
CA GLN B 168 -106.72 -38.00 -6.28
C GLN B 168 -108.04 -37.23 -6.20
N PHE B 169 -109.04 -37.77 -5.51
CA PHE B 169 -110.32 -37.07 -5.41
C PHE B 169 -110.29 -36.01 -4.32
N LEU B 170 -109.55 -36.26 -3.24
CA LEU B 170 -109.50 -35.35 -2.11
C LEU B 170 -108.44 -34.27 -2.24
N CYS B 171 -107.54 -34.38 -3.21
CA CYS B 171 -106.44 -33.43 -3.36
C CYS B 171 -106.83 -32.24 -4.25
N ALA B 172 -107.92 -31.59 -3.90
CA ALA B 172 -108.39 -30.39 -4.62
C ALA B 172 -108.49 -30.68 -6.12
N HIS B 173 -109.29 -31.69 -6.45
CA HIS B 173 -109.48 -32.07 -7.84
C HIS B 173 -110.22 -30.98 -8.60
N GLY B 174 -110.31 -31.11 -9.92
CA GLY B 174 -111.01 -30.15 -10.74
C GLY B 174 -112.01 -30.81 -11.67
N GLY B 175 -112.44 -32.00 -11.32
CA GLY B 175 -113.39 -32.74 -12.12
C GLY B 175 -113.26 -34.23 -11.84
N LEU B 176 -114.06 -35.00 -12.56
CA LEU B 176 -114.03 -36.46 -12.43
C LEU B 176 -114.81 -37.06 -13.59
N ALA B 177 -114.23 -38.04 -14.27
CA ALA B 177 -114.87 -38.72 -15.39
C ALA B 177 -115.87 -39.75 -14.86
N GLY B 178 -116.97 -39.24 -14.30
CA GLY B 178 -118.00 -40.10 -13.77
C GLY B 178 -117.67 -40.62 -12.39
N GLY B 179 -116.71 -41.53 -12.32
CA GLY B 179 -116.28 -42.10 -11.05
C GLY B 179 -114.78 -42.04 -10.86
N VAL B 180 -114.07 -41.51 -11.85
CA VAL B 180 -112.62 -41.40 -11.80
C VAL B 180 -112.25 -39.94 -12.00
N VAL B 181 -111.18 -39.51 -11.31
CA VAL B 181 -110.71 -38.14 -11.47
C VAL B 181 -110.19 -37.94 -12.89
N ASP B 182 -110.48 -36.78 -13.46
CA ASP B 182 -110.01 -36.45 -14.79
C ASP B 182 -108.51 -36.14 -14.74
N LYS B 183 -107.76 -36.76 -15.65
CA LYS B 183 -106.31 -36.63 -15.68
C LYS B 183 -105.83 -35.63 -16.72
N THR B 184 -106.69 -34.67 -17.09
CA THR B 184 -106.33 -33.66 -18.08
C THR B 184 -106.87 -32.29 -17.73
N LYS B 185 -107.22 -32.05 -16.46
CA LYS B 185 -107.79 -30.77 -16.04
C LYS B 185 -107.18 -30.36 -14.71
N ASN B 186 -106.64 -29.16 -14.66
CA ASN B 186 -106.04 -28.64 -13.45
C ASN B 186 -107.12 -28.22 -12.45
N GLY B 187 -106.74 -28.17 -11.18
CA GLY B 187 -107.66 -27.85 -10.13
C GLY B 187 -107.90 -26.35 -10.03
N PRO B 188 -108.87 -25.97 -9.20
CA PRO B 188 -109.17 -24.56 -8.99
C PRO B 188 -108.17 -23.92 -8.03
N ALA B 189 -108.43 -22.66 -7.70
CA ALA B 189 -107.56 -21.89 -6.82
C ALA B 189 -108.25 -21.64 -5.48
N ASP B 190 -107.47 -21.71 -4.41
CA ASP B 190 -108.01 -21.47 -3.07
C ASP B 190 -108.13 -19.97 -2.84
N PRO B 191 -109.21 -19.50 -2.23
CA PRO B 191 -109.37 -18.05 -2.06
C PRO B 191 -108.35 -17.41 -1.14
N ASP B 192 -107.83 -18.17 -0.16
CA ASP B 192 -106.84 -17.61 0.75
C ASP B 192 -105.66 -17.01 -0.02
N THR B 193 -104.97 -17.85 -0.79
CA THR B 193 -103.88 -17.41 -1.64
C THR B 193 -103.93 -18.19 -2.93
N GLY B 194 -103.76 -17.47 -4.05
CA GLY B 194 -103.80 -18.10 -5.35
C GLY B 194 -102.82 -19.23 -5.48
N ALA B 195 -103.33 -20.46 -5.50
CA ALA B 195 -102.48 -21.64 -5.62
C ALA B 195 -103.26 -22.73 -6.34
N VAL B 196 -102.62 -23.37 -7.31
CA VAL B 196 -103.23 -24.43 -8.10
C VAL B 196 -102.46 -25.71 -7.76
N THR B 197 -102.96 -26.46 -6.79
CA THR B 197 -102.27 -27.64 -6.29
C THR B 197 -102.44 -28.85 -7.20
N VAL B 198 -103.25 -28.76 -8.25
CA VAL B 198 -103.43 -29.83 -9.21
C VAL B 198 -103.30 -29.21 -10.59
N LYS B 199 -102.23 -29.56 -11.31
CA LYS B 199 -101.94 -28.98 -12.61
C LYS B 199 -101.64 -30.09 -13.61
N VAL B 200 -101.94 -29.82 -14.88
CA VAL B 200 -101.62 -30.75 -15.95
C VAL B 200 -100.18 -30.51 -16.38
N ALA B 201 -99.35 -31.54 -16.22
CA ALA B 201 -97.94 -31.42 -16.54
C ALA B 201 -97.75 -30.97 -17.98
N GLN B 202 -96.70 -30.19 -18.20
CA GLN B 202 -96.34 -29.67 -19.52
C GLN B 202 -94.84 -29.84 -19.70
N ASN B 203 -94.43 -30.96 -20.27
CA ASN B 203 -93.01 -31.23 -20.52
C ASN B 203 -92.57 -30.40 -21.71
N ALA B 204 -92.04 -29.21 -21.41
CA ALA B 204 -91.61 -28.27 -22.43
C ALA B 204 -90.24 -28.62 -23.02
N SER B 205 -89.66 -29.75 -22.64
CA SER B 205 -88.38 -30.18 -23.19
C SER B 205 -88.52 -30.91 -24.52
N ASN B 206 -89.44 -31.86 -24.62
CA ASN B 206 -89.71 -32.57 -25.85
C ASN B 206 -90.94 -31.99 -26.54
N PRO B 207 -91.05 -32.16 -27.86
CA PRO B 207 -92.23 -31.68 -28.60
C PRO B 207 -93.46 -32.59 -28.42
N THR B 208 -93.81 -32.84 -27.16
CA THR B 208 -94.96 -33.67 -26.82
C THR B 208 -94.84 -35.07 -27.44
N THR B 209 -93.70 -35.71 -27.23
CA THR B 209 -93.48 -37.07 -27.70
C THR B 209 -93.21 -38.01 -26.53
N ASN B 210 -92.42 -37.55 -25.57
CA ASN B 210 -92.07 -38.36 -24.42
C ASN B 210 -92.98 -38.06 -23.25
N ILE B 211 -93.41 -39.12 -22.55
CA ILE B 211 -94.32 -38.99 -21.41
C ILE B 211 -93.44 -38.99 -20.16
N GLY B 212 -93.00 -37.79 -19.77
CA GLY B 212 -92.12 -37.65 -18.63
C GLY B 212 -92.21 -36.30 -17.97
N PHE B 213 -91.87 -36.23 -16.67
CA PHE B 213 -91.85 -34.96 -15.97
C PHE B 213 -90.85 -34.01 -16.61
N ASP B 214 -91.23 -32.74 -16.71
CA ASP B 214 -90.26 -31.73 -17.11
C ASP B 214 -89.21 -31.57 -16.01
N GLU B 215 -88.14 -30.85 -16.33
CA GLU B 215 -87.11 -30.59 -15.33
C GLU B 215 -87.60 -29.60 -14.28
N ALA B 216 -88.58 -28.76 -14.62
CA ALA B 216 -89.09 -27.72 -13.74
C ALA B 216 -90.60 -27.82 -13.61
N ASP B 217 -91.13 -29.05 -13.57
CA ASP B 217 -92.55 -29.25 -13.34
C ASP B 217 -92.87 -29.67 -11.91
N ILE B 218 -91.93 -30.28 -11.19
CA ILE B 218 -92.14 -30.57 -9.79
C ILE B 218 -91.85 -29.34 -8.94
N PHE B 219 -90.88 -28.53 -9.36
CA PHE B 219 -90.60 -27.28 -8.66
C PHE B 219 -91.79 -26.34 -8.69
N ASP B 220 -92.58 -26.38 -9.77
CA ASP B 220 -93.82 -25.60 -9.80
C ASP B 220 -94.78 -26.08 -8.72
N MET B 221 -94.87 -27.39 -8.54
CA MET B 221 -95.70 -27.93 -7.46
C MET B 221 -95.19 -27.48 -6.10
N THR B 222 -93.86 -27.48 -5.92
CA THR B 222 -93.30 -27.01 -4.66
C THR B 222 -93.66 -25.54 -4.42
N LEU B 223 -93.58 -24.73 -5.47
CA LEU B 223 -93.95 -23.32 -5.34
C LEU B 223 -95.41 -23.18 -4.94
N GLN B 224 -96.29 -23.93 -5.60
CA GLN B 224 -97.71 -23.83 -5.28
C GLN B 224 -97.98 -24.27 -3.85
N LEU B 225 -97.35 -25.35 -3.41
CA LEU B 225 -97.55 -25.82 -2.04
C LEU B 225 -97.04 -24.79 -1.04
N TYR B 226 -95.85 -24.23 -1.28
CA TYR B 226 -95.32 -23.19 -0.40
C TYR B 226 -96.28 -22.01 -0.32
N THR B 227 -96.87 -21.63 -1.45
CA THR B 227 -97.85 -20.55 -1.43
C THR B 227 -99.09 -20.93 -0.63
N ALA B 228 -99.52 -22.19 -0.71
CA ALA B 228 -100.64 -22.67 0.07
C ALA B 228 -100.26 -23.12 1.46
N GLY B 229 -98.97 -23.40 1.71
CA GLY B 229 -98.52 -23.78 3.03
C GLY B 229 -98.90 -25.19 3.42
N SER B 230 -98.39 -26.18 2.68
CA SER B 230 -98.69 -27.58 2.96
C SER B 230 -97.65 -28.21 3.88
N GLU B 231 -96.37 -27.91 3.66
CA GLU B 231 -95.24 -28.46 4.40
C GLU B 231 -94.97 -29.92 4.08
N ALA B 232 -95.55 -30.46 3.01
CA ALA B 232 -95.27 -31.84 2.62
C ALA B 232 -93.79 -32.01 2.35
N ASP B 233 -93.29 -33.23 2.63
CA ASP B 233 -91.88 -33.54 2.40
C ASP B 233 -91.68 -34.94 1.82
N ILE B 234 -92.72 -35.57 1.29
CA ILE B 234 -92.62 -36.92 0.74
C ILE B 234 -93.24 -36.93 -0.64
N ILE B 235 -92.71 -37.81 -1.50
CA ILE B 235 -93.17 -37.95 -2.88
C ILE B 235 -93.12 -39.44 -3.22
N MET B 236 -94.28 -40.03 -3.46
CA MET B 236 -94.35 -41.40 -3.95
C MET B 236 -94.32 -41.39 -5.47
N ILE B 237 -93.71 -42.42 -6.05
CA ILE B 237 -93.49 -42.47 -7.49
C ILE B 237 -93.50 -43.93 -7.94
N ASN B 238 -94.05 -44.16 -9.13
CA ASN B 238 -94.05 -45.47 -9.76
C ASN B 238 -92.68 -45.73 -10.39
N PRO B 239 -92.11 -46.92 -10.18
CA PRO B 239 -90.78 -47.19 -10.77
C PRO B 239 -90.70 -46.93 -12.27
N ALA B 240 -91.83 -46.79 -12.95
CA ALA B 240 -91.81 -46.43 -14.37
C ALA B 240 -91.53 -44.95 -14.60
N HIS B 241 -91.12 -44.23 -13.56
CA HIS B 241 -90.78 -42.82 -13.69
C HIS B 241 -89.50 -42.43 -12.96
N ALA B 242 -88.89 -43.33 -12.19
CA ALA B 242 -87.67 -42.99 -11.45
C ALA B 242 -86.51 -42.69 -12.38
N LYS B 243 -86.51 -43.25 -13.59
CA LYS B 243 -85.46 -42.96 -14.55
C LYS B 243 -85.39 -41.46 -14.82
N ILE B 244 -86.52 -40.76 -14.74
CA ILE B 244 -86.54 -39.33 -15.00
C ILE B 244 -85.70 -38.59 -13.96
N PHE B 245 -86.02 -38.80 -12.67
CA PHE B 245 -85.23 -38.16 -11.63
C PHE B 245 -83.78 -38.64 -11.64
N ALA B 246 -83.55 -39.89 -12.05
CA ALA B 246 -82.18 -40.38 -12.13
C ALA B 246 -81.38 -39.61 -13.16
N GLY B 247 -81.92 -39.45 -14.37
CA GLY B 247 -81.25 -38.67 -15.40
C GLY B 247 -81.24 -37.18 -15.12
N LEU B 248 -82.13 -36.71 -14.25
CA LEU B 248 -82.17 -35.29 -13.93
C LEU B 248 -80.84 -34.80 -13.37
N GLN B 249 -80.11 -35.68 -12.69
CA GLN B 249 -78.80 -35.31 -12.18
C GLN B 249 -77.80 -35.03 -13.29
N GLU B 250 -78.13 -35.39 -14.53
CA GLU B 250 -77.29 -35.14 -15.69
C GLU B 250 -78.08 -34.32 -16.71
N ASN B 251 -77.41 -33.97 -17.80
CA ASN B 251 -78.03 -33.20 -18.87
C ASN B 251 -77.15 -33.30 -20.10
N THR B 252 -77.57 -32.63 -21.17
CA THR B 252 -76.83 -32.59 -22.42
C THR B 252 -76.16 -31.23 -22.66
N GLN B 253 -76.75 -30.15 -22.15
CA GLN B 253 -76.16 -28.83 -22.34
C GLN B 253 -74.77 -28.71 -21.73
N GLY B 254 -74.44 -29.57 -20.77
CA GLY B 254 -73.13 -29.58 -20.17
C GLY B 254 -73.00 -28.86 -18.84
N SER B 255 -74.11 -28.49 -18.22
CA SER B 255 -74.09 -27.78 -16.94
C SER B 255 -74.22 -28.70 -15.75
N ARG B 256 -74.46 -29.99 -15.97
CA ARG B 256 -74.63 -30.96 -14.88
C ARG B 256 -74.02 -32.28 -15.30
N LYS B 257 -73.06 -32.77 -14.52
CA LYS B 257 -72.36 -34.00 -14.87
C LYS B 257 -71.75 -34.59 -13.61
N ARG B 258 -71.73 -35.92 -13.54
CA ARG B 258 -71.16 -36.63 -12.41
C ARG B 258 -69.64 -36.65 -12.51
N ILE B 259 -69.01 -37.10 -11.43
CA ILE B 259 -67.55 -37.25 -11.38
C ILE B 259 -67.22 -38.48 -10.58
N PHE B 260 -66.04 -39.05 -10.84
CA PHE B 260 -65.56 -40.23 -10.14
C PHE B 260 -64.05 -40.07 -9.95
N GLU B 261 -63.65 -39.72 -8.73
CA GLU B 261 -62.24 -39.49 -8.40
C GLU B 261 -61.68 -40.79 -7.81
N ASN B 262 -61.30 -41.70 -8.70
CA ASN B 262 -60.81 -43.02 -8.30
C ASN B 262 -61.79 -43.68 -7.33
N THR B 263 -63.02 -43.86 -7.80
CA THR B 263 -64.09 -44.42 -7.00
C THR B 263 -64.63 -45.66 -7.69
N LYS B 264 -64.73 -46.75 -6.93
CA LYS B 264 -65.27 -48.01 -7.45
C LYS B 264 -66.77 -48.10 -7.23
N GLN B 265 -67.50 -47.07 -7.64
CA GLN B 265 -68.94 -47.03 -7.47
C GLN B 265 -69.57 -46.28 -8.64
N PHE B 266 -70.82 -46.63 -8.93
CA PHE B 266 -71.59 -46.04 -10.03
C PHE B 266 -73.00 -45.70 -9.54
N ILE B 267 -73.08 -45.04 -8.39
CA ILE B 267 -74.37 -44.70 -7.80
C ILE B 267 -75.20 -43.93 -8.82
N TYR B 268 -76.37 -44.48 -9.16
CA TYR B 268 -77.31 -43.86 -10.10
C TYR B 268 -78.67 -43.84 -9.40
N GLU B 269 -78.91 -42.81 -8.61
CA GLU B 269 -80.12 -42.75 -7.80
C GLU B 269 -80.22 -41.37 -7.16
N VAL B 270 -81.45 -40.96 -6.89
CA VAL B 270 -81.74 -39.70 -6.22
C VAL B 270 -82.84 -39.94 -5.19
N ASN B 271 -82.63 -39.46 -3.96
CA ASN B 271 -83.60 -39.67 -2.90
C ASN B 271 -83.87 -38.40 -2.09
N SER B 272 -83.58 -37.22 -2.64
CA SER B 272 -83.80 -35.98 -1.91
C SER B 272 -83.77 -34.81 -2.89
N ILE B 273 -84.67 -33.86 -2.68
CA ILE B 273 -84.75 -32.66 -3.52
C ILE B 273 -85.01 -31.46 -2.62
N THR B 274 -84.49 -30.31 -3.03
CA THR B 274 -84.69 -29.06 -2.31
C THR B 274 -84.95 -27.95 -3.33
N ASP B 275 -86.18 -27.49 -3.41
CA ASP B 275 -86.52 -26.40 -4.31
C ASP B 275 -85.83 -25.12 -3.85
N PRO B 276 -85.74 -24.12 -4.74
CA PRO B 276 -85.14 -22.85 -4.33
C PRO B 276 -85.80 -22.23 -3.11
N LEU B 277 -87.03 -22.61 -2.80
CA LEU B 277 -87.72 -22.06 -1.64
C LEU B 277 -87.23 -22.65 -0.32
N GLY B 278 -86.36 -23.65 -0.36
CA GLY B 278 -85.86 -24.27 0.84
C GLY B 278 -86.72 -25.38 1.42
N GLN B 279 -87.55 -26.02 0.60
CA GLN B 279 -88.42 -27.10 1.05
C GLN B 279 -87.80 -28.43 0.63
N SER B 280 -87.40 -29.22 1.62
CA SER B 280 -86.86 -30.54 1.34
C SER B 280 -87.99 -31.50 0.95
N TYR B 281 -87.62 -32.53 0.19
CA TYR B 281 -88.59 -33.51 -0.29
C TYR B 281 -87.90 -34.86 -0.42
N LYS B 282 -88.38 -35.84 0.32
CA LYS B 282 -87.84 -37.19 0.27
C LYS B 282 -88.64 -38.03 -0.70
N ILE B 283 -87.95 -38.77 -1.55
CA ILE B 283 -88.60 -39.58 -2.58
C ILE B 283 -88.65 -41.02 -2.13
N ILE B 284 -89.78 -41.68 -2.41
CA ILE B 284 -89.96 -43.09 -2.14
C ILE B 284 -90.71 -43.71 -3.29
N VAL B 285 -90.43 -44.99 -3.55
CA VAL B 285 -90.96 -45.71 -4.69
C VAL B 285 -92.04 -46.68 -4.21
N ASN B 286 -93.13 -46.77 -4.97
CA ASN B 286 -94.23 -47.68 -4.65
C ASN B 286 -94.81 -48.21 -5.96
N ARG B 287 -94.82 -49.53 -6.11
CA ARG B 287 -95.27 -50.16 -7.34
C ARG B 287 -96.78 -50.19 -7.48
N TRP B 288 -97.54 -49.80 -6.46
CA TRP B 288 -98.99 -49.89 -6.47
C TRP B 288 -99.66 -48.59 -6.88
N MET B 289 -98.93 -47.69 -7.54
CA MET B 289 -99.48 -46.44 -8.01
C MET B 289 -99.76 -46.51 -9.51
N PRO B 290 -100.71 -45.71 -10.00
CA PRO B 290 -100.94 -45.66 -11.44
C PRO B 290 -99.77 -45.00 -12.15
N THR B 291 -99.38 -45.58 -13.29
CA THR B 291 -98.21 -45.07 -14.01
C THR B 291 -98.40 -43.63 -14.45
N ASP B 292 -99.62 -43.24 -14.78
CA ASP B 292 -99.88 -41.90 -15.31
C ASP B 292 -100.28 -40.94 -14.19
N ALA B 293 -99.45 -40.88 -13.16
CA ALA B 293 -99.68 -39.97 -12.06
C ALA B 293 -98.50 -40.02 -11.09
N VAL B 294 -98.35 -38.93 -10.33
CA VAL B 294 -97.37 -38.86 -9.26
C VAL B 294 -98.01 -38.09 -8.10
N TYR B 295 -97.63 -38.44 -6.87
CA TYR B 295 -98.30 -37.95 -5.68
C TYR B 295 -97.31 -37.22 -4.77
N PHE B 296 -97.84 -36.24 -4.04
CA PHE B 296 -97.09 -35.48 -3.03
C PHE B 296 -97.77 -35.70 -1.69
N PHE B 297 -97.25 -36.63 -0.90
CA PHE B 297 -97.88 -37.03 0.36
C PHE B 297 -97.32 -36.24 1.54
N ARG B 298 -97.90 -36.49 2.71
CA ARG B 298 -97.43 -35.92 3.96
C ARG B 298 -98.04 -36.74 5.09
N SER B 299 -97.24 -37.00 6.13
CA SER B 299 -97.64 -37.95 7.17
C SER B 299 -98.98 -37.55 7.81
N ALA B 300 -99.00 -36.41 8.50
CA ALA B 300 -100.15 -36.06 9.31
C ALA B 300 -101.37 -35.66 8.48
N ASP B 301 -101.16 -35.12 7.27
CA ASP B 301 -102.27 -34.61 6.49
C ASP B 301 -103.21 -35.73 6.02
N TRP B 302 -102.76 -36.98 6.10
CA TRP B 302 -103.57 -38.12 5.68
C TRP B 302 -103.71 -39.10 6.84
N THR B 303 -104.93 -39.61 7.01
CA THR B 303 -105.23 -40.53 8.09
C THR B 303 -106.17 -41.60 7.57
N GLN B 304 -106.02 -42.81 8.10
CA GLN B 304 -106.77 -43.98 7.64
C GLN B 304 -107.83 -44.31 8.68
N MET B 305 -109.09 -44.06 8.35
CA MET B 305 -110.20 -44.32 9.26
C MET B 305 -110.71 -45.73 9.04
N VAL B 306 -110.90 -46.45 10.14
CA VAL B 306 -111.32 -47.85 10.11
C VAL B 306 -112.50 -48.03 11.07
N LEU B 307 -113.47 -48.83 10.66
CA LEU B 307 -114.65 -49.13 11.46
C LEU B 307 -114.70 -50.59 11.87
N ARG B 308 -114.50 -51.51 10.93
CA ARG B 308 -114.52 -52.94 11.20
C ARG B 308 -113.14 -53.51 10.87
N ALA B 309 -112.49 -54.08 11.88
CA ALA B 309 -111.18 -54.65 11.70
C ALA B 309 -111.27 -56.00 11.00
N PRO B 310 -110.19 -56.45 10.37
CA PRO B 310 -110.23 -57.75 9.68
C PRO B 310 -110.57 -58.87 10.65
N LYS B 311 -111.70 -59.53 10.40
CA LYS B 311 -112.20 -60.60 11.24
C LYS B 311 -112.38 -61.87 10.41
N ARG B 312 -111.83 -62.97 10.91
CA ARG B 312 -112.01 -64.29 10.31
C ARG B 312 -113.27 -64.93 10.89
N THR B 313 -114.25 -65.19 10.02
CA THR B 313 -115.56 -65.64 10.48
C THR B 313 -116.28 -66.32 9.31
N GLU B 314 -117.57 -66.57 9.51
CA GLU B 314 -118.40 -67.28 8.54
C GLU B 314 -119.75 -66.59 8.44
N LEU B 315 -120.51 -66.92 7.40
CA LEU B 315 -121.81 -66.28 7.15
C LEU B 315 -122.84 -66.79 8.15
N ALA B 316 -124.12 -66.59 7.83
CA ALA B 316 -125.23 -66.88 8.74
C ALA B 316 -125.40 -68.40 8.90
N LYS B 317 -126.44 -68.79 9.62
CA LYS B 317 -126.70 -70.19 9.93
C LYS B 317 -127.44 -70.80 8.75
N LYS B 323 -117.46 -72.38 5.12
CA LYS B 323 -116.57 -71.40 4.51
C LYS B 323 -115.99 -70.45 5.55
N TRP B 324 -114.94 -69.75 5.14
CA TRP B 324 -114.33 -68.69 5.94
C TRP B 324 -114.30 -67.43 5.10
N MET B 325 -114.16 -66.29 5.75
CA MET B 325 -114.22 -65.02 5.04
C MET B 325 -113.56 -63.93 5.88
N ILE B 326 -113.29 -62.81 5.22
CA ILE B 326 -112.76 -61.61 5.85
C ILE B 326 -113.66 -60.43 5.47
N GLU B 327 -113.74 -59.46 6.37
CA GLU B 327 -114.54 -58.26 6.12
C GLU B 327 -113.86 -57.09 6.81
N MET B 328 -113.46 -56.09 6.04
CA MET B 328 -112.71 -54.95 6.56
C MET B 328 -113.36 -53.67 6.05
N GLU B 329 -113.99 -52.94 6.97
CA GLU B 329 -114.57 -51.63 6.68
C GLU B 329 -113.50 -50.57 6.91
N VAL B 330 -113.20 -49.78 5.88
CA VAL B 330 -112.15 -48.78 5.95
C VAL B 330 -112.59 -47.57 5.14
N GLY B 331 -112.10 -46.40 5.53
CA GLY B 331 -112.37 -45.17 4.82
C GLY B 331 -111.13 -44.32 4.78
N LEU B 332 -111.17 -43.30 3.93
CA LEU B 332 -110.05 -42.39 3.73
C LEU B 332 -110.40 -41.00 4.21
N ARG B 333 -109.46 -40.39 4.93
CA ARG B 333 -109.62 -39.03 5.45
C ARG B 333 -108.42 -38.19 5.05
N HIS B 334 -108.69 -36.92 4.76
CA HIS B 334 -107.67 -35.97 4.37
C HIS B 334 -107.90 -34.65 5.07
N ARG B 335 -106.87 -34.16 5.74
CA ARG B 335 -107.00 -32.95 6.56
C ARG B 335 -107.49 -31.77 5.71
N ASN B 336 -106.81 -31.49 4.60
CA ASN B 336 -107.16 -30.36 3.76
C ASN B 336 -106.79 -30.64 2.31
N PRO B 337 -107.69 -30.37 1.35
CA PRO B 337 -107.37 -30.73 -0.04
C PRO B 337 -106.16 -30.00 -0.61
N TYR B 338 -106.03 -28.71 -0.35
CA TYR B 338 -104.95 -27.92 -0.92
C TYR B 338 -103.62 -28.14 -0.22
N ALA B 339 -103.51 -29.14 0.65
CA ALA B 339 -102.25 -29.46 1.30
C ALA B 339 -101.42 -30.43 0.45
N SER B 340 -101.98 -31.62 0.17
CA SER B 340 -101.28 -32.57 -0.68
C SER B 340 -101.42 -32.16 -2.14
N GLY B 341 -100.55 -32.71 -2.97
CA GLY B 341 -100.50 -32.35 -4.37
C GLY B 341 -100.40 -33.57 -5.26
N VAL B 342 -101.01 -33.45 -6.45
CA VAL B 342 -100.98 -34.49 -7.47
C VAL B 342 -100.61 -33.83 -8.78
N LEU B 343 -100.01 -34.63 -9.67
CA LEU B 343 -99.56 -34.15 -10.97
C LEU B 343 -99.72 -35.27 -11.99
N PHE B 344 -100.50 -35.02 -13.03
CA PHE B 344 -100.72 -36.00 -14.08
C PHE B 344 -99.66 -35.86 -15.17
N THR B 345 -99.25 -37.00 -15.71
CA THR B 345 -98.24 -37.05 -16.75
C THR B 345 -98.87 -37.45 -18.08
N ALA B 346 -98.85 -36.52 -19.02
CA ALA B 346 -99.35 -36.78 -20.37
C ALA B 346 -98.96 -35.59 -21.25
N ALA B 347 -99.36 -35.66 -22.51
CA ALA B 347 -99.19 -34.56 -23.44
C ALA B 347 -100.53 -33.85 -23.66
N GLY B 348 -100.48 -32.53 -23.77
CA GLY B 348 -101.69 -31.77 -23.98
C GLY B 348 -102.28 -32.02 -25.35
N LYS B 349 -103.61 -32.09 -25.40
CA LYS B 349 -104.31 -32.32 -26.66
C LYS B 349 -105.80 -32.02 -26.50
N THR C 5 -1.13 -93.72 -6.47
CA THR C 5 -0.58 -92.56 -7.24
C THR C 5 -1.70 -91.78 -7.92
N LEU C 6 -1.47 -90.48 -8.11
CA LEU C 6 -2.39 -89.61 -8.85
C LEU C 6 -3.77 -89.62 -8.21
N PHE C 7 -3.83 -89.11 -6.97
CA PHE C 7 -5.08 -88.99 -6.24
C PHE C 7 -5.59 -87.56 -6.42
N VAL C 8 -6.76 -87.42 -7.05
CA VAL C 8 -7.37 -86.11 -7.25
C VAL C 8 -8.58 -85.98 -6.35
N SER C 9 -9.48 -86.96 -6.39
CA SER C 9 -10.64 -87.01 -5.50
C SER C 9 -11.44 -85.71 -5.56
N TYR C 10 -11.74 -85.27 -6.79
CA TYR C 10 -12.56 -84.09 -7.01
C TYR C 10 -13.79 -84.37 -7.87
N ASP C 11 -14.00 -85.61 -8.32
CA ASP C 11 -15.08 -85.94 -9.23
C ASP C 11 -15.98 -87.05 -8.70
N GLN C 12 -16.32 -87.04 -7.42
CA GLN C 12 -17.19 -88.08 -6.88
C GLN C 12 -18.61 -87.94 -7.43
N ASN C 13 -19.27 -86.82 -7.14
CA ASN C 13 -20.60 -86.51 -7.66
C ASN C 13 -21.52 -87.73 -7.65
N GLY C 14 -21.48 -88.47 -6.54
CA GLY C 14 -22.39 -89.58 -6.33
C GLY C 14 -23.76 -89.17 -5.82
N LYS C 15 -24.30 -88.05 -6.32
CA LYS C 15 -25.52 -87.48 -5.75
C LYS C 15 -26.62 -88.52 -5.62
N LYS C 16 -26.94 -89.23 -6.70
CA LYS C 16 -28.00 -90.23 -6.72
C LYS C 16 -29.27 -89.71 -6.02
N LEU C 17 -29.70 -88.52 -6.45
CA LEU C 17 -30.90 -87.92 -5.88
C LEU C 17 -32.12 -88.24 -6.74
N SER C 18 -33.30 -88.14 -6.12
CA SER C 18 -34.56 -88.40 -6.79
C SER C 18 -35.32 -87.09 -7.06
N PHE C 19 -36.50 -87.23 -7.65
CA PHE C 19 -37.32 -86.07 -7.96
C PHE C 19 -37.90 -85.46 -6.68
N ALA C 20 -38.38 -84.23 -6.80
CA ALA C 20 -38.84 -83.46 -5.65
C ALA C 20 -40.30 -83.05 -5.73
N ASN C 21 -40.96 -83.23 -6.88
CA ASN C 21 -42.37 -82.87 -7.04
C ASN C 21 -42.58 -81.36 -6.81
N TRP C 22 -42.03 -80.55 -7.71
CA TRP C 22 -42.16 -79.10 -7.66
C TRP C 22 -43.26 -78.60 -8.60
N ILE C 23 -44.33 -79.37 -8.77
CA ILE C 23 -45.37 -78.99 -9.73
C ILE C 23 -46.13 -77.77 -9.21
N SER C 24 -46.96 -77.20 -10.08
CA SER C 24 -47.70 -75.99 -9.77
C SER C 24 -49.18 -76.34 -9.57
N VAL C 25 -49.85 -75.54 -8.73
CA VAL C 25 -51.25 -75.76 -8.39
C VAL C 25 -52.06 -74.54 -8.83
N LEU C 26 -53.29 -74.79 -9.27
CA LEU C 26 -54.22 -73.75 -9.72
C LEU C 26 -55.60 -73.99 -9.11
N SER C 27 -55.63 -74.19 -7.79
CA SER C 27 -56.84 -74.62 -7.10
C SER C 27 -57.53 -73.41 -6.46
N PRO C 28 -58.65 -72.94 -7.01
CA PRO C 28 -59.45 -71.96 -6.27
C PRO C 28 -60.23 -72.62 -5.14
N GLN C 29 -60.20 -71.99 -3.97
CA GLN C 29 -60.74 -72.58 -2.75
C GLN C 29 -61.66 -71.59 -2.05
N ASP C 30 -62.57 -70.97 -2.80
CA ASP C 30 -63.54 -70.06 -2.21
C ASP C 30 -64.50 -70.81 -1.29
N THR C 31 -65.28 -71.73 -1.85
CA THR C 31 -66.22 -72.54 -1.09
C THR C 31 -67.20 -71.66 -0.33
N PRO C 32 -68.14 -71.01 -1.03
CA PRO C 32 -69.09 -70.14 -0.31
C PRO C 32 -70.07 -70.91 0.55
N PHE C 33 -70.78 -71.89 -0.03
CA PHE C 33 -71.81 -72.61 0.72
C PHE C 33 -71.18 -73.46 1.82
N VAL C 34 -70.15 -74.23 1.49
CA VAL C 34 -69.50 -75.08 2.48
C VAL C 34 -68.97 -74.24 3.64
N SER C 35 -68.63 -72.98 3.38
CA SER C 35 -68.07 -72.13 4.43
C SER C 35 -69.16 -71.49 5.27
N MET C 36 -70.27 -71.09 4.65
CA MET C 36 -71.29 -70.32 5.37
C MET C 36 -72.40 -71.18 5.96
N THR C 37 -72.96 -72.10 5.18
CA THR C 37 -74.10 -72.89 5.67
C THR C 37 -73.61 -74.11 6.45
N GLY C 38 -72.88 -75.00 5.79
CA GLY C 38 -72.43 -76.23 6.40
C GLY C 38 -72.52 -77.38 5.41
N LYS C 39 -73.22 -78.43 5.81
CA LYS C 39 -73.40 -79.61 4.97
C LYS C 39 -74.89 -79.93 4.88
N GLU C 40 -75.31 -80.30 3.67
CA GLU C 40 -76.68 -80.76 3.44
C GLU C 40 -76.64 -81.79 2.31
N SER C 41 -77.40 -82.86 2.48
CA SER C 41 -77.39 -84.00 1.56
C SER C 41 -78.80 -84.54 1.40
N ILE C 42 -79.21 -84.72 0.15
CA ILE C 42 -80.47 -85.38 -0.16
C ILE C 42 -80.24 -86.88 -0.20
N ASN C 43 -81.33 -87.64 -0.16
CA ASN C 43 -81.29 -89.10 -0.15
C ASN C 43 -81.68 -89.68 -1.50
N GLN C 44 -82.79 -89.25 -2.07
CA GLN C 44 -83.27 -89.81 -3.33
C GLN C 44 -82.49 -89.23 -4.50
N THR C 45 -82.79 -89.74 -5.70
CA THR C 45 -82.11 -89.27 -6.89
C THR C 45 -82.75 -88.02 -7.47
N ILE C 46 -84.05 -87.82 -7.23
CA ILE C 46 -84.79 -86.67 -7.74
C ILE C 46 -85.30 -85.86 -6.55
N PHE C 47 -85.27 -84.54 -6.69
CA PHE C 47 -85.75 -83.62 -5.66
C PHE C 47 -86.63 -82.56 -6.31
N SER C 48 -87.62 -82.09 -5.56
CA SER C 48 -88.57 -81.12 -6.07
C SER C 48 -88.81 -80.04 -5.01
N TRP C 49 -89.35 -78.92 -5.47
CA TRP C 49 -89.75 -77.84 -4.58
C TRP C 49 -91.01 -77.20 -5.12
N GLN C 50 -91.71 -76.49 -4.23
CA GLN C 50 -92.99 -75.88 -4.55
C GLN C 50 -92.81 -74.38 -4.70
N THR C 51 -93.56 -73.80 -5.64
CA THR C 51 -93.55 -72.36 -5.87
C THR C 51 -94.95 -71.91 -6.23
N ASP C 52 -95.42 -70.87 -5.55
CA ASP C 52 -96.72 -70.28 -5.82
C ASP C 52 -96.56 -68.79 -6.13
N ALA C 53 -97.61 -68.22 -6.71
CA ALA C 53 -97.63 -66.80 -7.04
C ALA C 53 -99.00 -66.24 -6.70
N LEU C 54 -99.01 -65.12 -5.97
CA LEU C 54 -100.26 -64.49 -5.60
C LEU C 54 -101.05 -64.08 -6.85
N ALA C 55 -102.29 -63.67 -6.61
CA ALA C 55 -103.18 -63.30 -7.71
C ALA C 55 -103.10 -61.80 -7.96
N SER C 56 -103.64 -61.40 -9.11
CA SER C 56 -103.67 -59.98 -9.46
C SER C 56 -104.49 -59.20 -8.44
N VAL C 57 -104.11 -57.95 -8.22
CA VAL C 57 -104.77 -57.11 -7.22
C VAL C 57 -106.05 -56.53 -7.83
N ASP C 58 -107.13 -56.56 -7.06
CA ASP C 58 -108.40 -56.01 -7.51
C ASP C 58 -108.54 -54.56 -7.06
N GLY C 59 -109.26 -53.78 -7.87
CA GLY C 59 -109.45 -52.37 -7.59
C GLY C 59 -110.91 -51.97 -7.64
N ASN C 60 -111.81 -52.94 -7.46
CA ASN C 60 -113.24 -52.67 -7.50
C ASN C 60 -113.98 -53.35 -6.35
N ASN C 61 -113.33 -53.55 -5.20
CA ASN C 61 -113.97 -54.17 -4.05
C ASN C 61 -114.93 -53.18 -3.42
N ALA C 62 -116.19 -53.23 -3.83
CA ALA C 62 -117.24 -52.37 -3.31
C ALA C 62 -118.48 -53.19 -3.01
N HIS C 63 -118.29 -54.33 -2.37
CA HIS C 63 -119.39 -55.25 -2.12
C HIS C 63 -120.46 -54.59 -1.26
N VAL C 64 -121.66 -55.12 -1.34
CA VAL C 64 -122.81 -54.58 -0.65
C VAL C 64 -122.92 -55.26 0.72
N GLU C 65 -123.65 -54.61 1.62
CA GLU C 65 -123.76 -55.07 3.00
C GLU C 65 -124.86 -56.10 3.13
N GLY C 66 -124.63 -57.07 4.02
CA GLY C 66 -125.60 -58.11 4.30
C GLY C 66 -125.92 -58.96 3.08
N SER C 67 -124.87 -59.46 2.41
CA SER C 67 -125.02 -60.24 1.19
C SER C 67 -124.33 -61.58 1.36
N ARG C 68 -124.22 -62.31 0.26
CA ARG C 68 -123.68 -63.66 0.24
C ARG C 68 -122.17 -63.63 -0.01
N ALA C 69 -121.48 -64.64 0.51
CA ALA C 69 -120.04 -64.77 0.32
C ALA C 69 -119.77 -65.38 -1.05
N GLU C 70 -119.36 -64.55 -2.00
CA GLU C 70 -119.08 -65.01 -3.35
C GLU C 70 -117.87 -65.93 -3.37
N ASP C 71 -117.93 -66.93 -4.25
CA ASP C 71 -116.79 -67.81 -4.44
C ASP C 71 -115.56 -67.01 -4.83
N GLY C 72 -114.42 -67.39 -4.25
CA GLY C 72 -113.16 -66.69 -4.46
C GLY C 72 -112.25 -67.41 -5.45
N GLU C 73 -111.16 -66.73 -5.77
CA GLU C 73 -110.15 -67.26 -6.68
C GLU C 73 -109.11 -68.04 -5.89
N MET C 74 -108.98 -69.33 -6.18
CA MET C 74 -108.00 -70.19 -5.56
C MET C 74 -107.29 -70.99 -6.64
N LYS C 75 -105.97 -71.05 -6.54
CA LYS C 75 -105.15 -71.68 -7.56
C LYS C 75 -104.18 -72.67 -6.93
N PRO C 76 -103.71 -73.65 -7.68
CA PRO C 76 -102.77 -74.63 -7.15
C PRO C 76 -101.37 -74.04 -7.07
N THR C 77 -100.47 -74.78 -6.42
CA THR C 77 -99.08 -74.39 -6.26
C THR C 77 -98.23 -75.14 -7.28
N VAL C 78 -97.54 -74.38 -8.13
CA VAL C 78 -96.67 -75.01 -9.12
C VAL C 78 -95.48 -75.65 -8.41
N ILE C 79 -95.01 -76.76 -8.99
CA ILE C 79 -93.89 -77.51 -8.43
C ILE C 79 -92.83 -77.65 -9.52
N LYS C 80 -91.58 -77.79 -9.09
CA LYS C 80 -90.45 -77.94 -9.99
C LYS C 80 -89.62 -79.12 -9.52
N SER C 81 -88.89 -79.71 -10.46
CA SER C 81 -88.06 -80.87 -10.17
C SER C 81 -86.79 -80.78 -11.01
N ASN C 82 -85.81 -81.60 -10.64
CA ASN C 82 -84.55 -81.66 -11.35
C ASN C 82 -83.98 -83.07 -11.21
N VAL C 83 -82.74 -83.24 -11.64
CA VAL C 83 -82.04 -84.52 -11.55
C VAL C 83 -80.55 -84.24 -11.43
N THR C 84 -79.82 -85.22 -10.92
CA THR C 84 -78.39 -85.08 -10.69
C THR C 84 -77.61 -85.49 -11.93
N GLN C 85 -76.29 -85.48 -11.81
CA GLN C 85 -75.40 -85.83 -12.91
C GLN C 85 -74.28 -86.70 -12.36
N ILE C 86 -73.67 -87.50 -13.23
CA ILE C 86 -72.60 -88.41 -12.87
C ILE C 86 -71.28 -87.82 -13.31
N LEU C 87 -70.25 -87.96 -12.46
CA LEU C 87 -68.92 -87.47 -12.76
C LEU C 87 -67.89 -88.55 -12.44
N ARG C 88 -67.10 -88.91 -13.43
CA ARG C 88 -66.04 -89.90 -13.26
C ARG C 88 -64.81 -89.42 -14.00
N LYS C 89 -63.68 -90.08 -13.73
CA LYS C 89 -62.42 -89.75 -14.38
C LYS C 89 -61.65 -91.05 -14.63
N VAL C 90 -60.58 -90.94 -15.39
CA VAL C 90 -59.77 -92.09 -15.79
C VAL C 90 -58.39 -91.95 -15.16
N VAL C 91 -57.87 -93.05 -14.62
CA VAL C 91 -56.64 -93.03 -13.84
C VAL C 91 -55.57 -93.85 -14.56
N ARG C 92 -55.63 -93.87 -15.89
CA ARG C 92 -54.68 -94.64 -16.69
C ARG C 92 -53.24 -94.31 -16.30
N VAL C 93 -52.49 -95.35 -15.95
CA VAL C 93 -51.08 -95.22 -15.60
C VAL C 93 -50.41 -96.57 -15.85
N SER C 94 -49.10 -96.62 -15.63
CA SER C 94 -48.36 -97.86 -15.76
C SER C 94 -48.62 -98.83 -14.62
N ASP C 95 -48.40 -98.41 -13.38
CA ASP C 95 -48.67 -99.15 -12.15
C ASP C 95 -47.87 -100.44 -12.02
N THR C 96 -47.05 -100.81 -13.01
CA THR C 96 -46.17 -101.95 -12.83
C THR C 96 -45.10 -101.66 -11.78
N ALA C 97 -44.77 -100.39 -11.57
CA ALA C 97 -43.82 -99.97 -10.56
C ALA C 97 -44.57 -99.66 -9.26
N ASN C 98 -43.91 -98.93 -8.36
CA ASN C 98 -44.41 -98.48 -7.06
C ASN C 98 -44.45 -99.61 -6.04
N THR C 99 -44.05 -100.83 -6.40
CA THR C 99 -43.96 -101.93 -5.43
C THR C 99 -42.60 -101.97 -4.76
N THR C 100 -41.53 -101.71 -5.50
CA THR C 100 -40.20 -101.55 -4.94
C THR C 100 -39.86 -100.06 -4.90
N ALA C 101 -38.62 -99.72 -4.52
CA ALA C 101 -38.21 -98.32 -4.38
C ALA C 101 -38.35 -97.63 -5.72
N ASN C 102 -39.30 -96.69 -5.80
CA ASN C 102 -39.48 -95.92 -7.01
C ASN C 102 -38.20 -95.16 -7.37
N TYR C 103 -38.06 -94.83 -8.65
CA TYR C 103 -36.84 -94.22 -9.15
C TYR C 103 -36.91 -92.69 -9.12
N GLY C 104 -37.90 -92.11 -9.80
CA GLY C 104 -37.97 -90.67 -9.90
C GLY C 104 -38.58 -89.97 -8.71
N ARG C 105 -39.87 -90.19 -8.46
CA ARG C 105 -40.56 -89.56 -7.33
C ARG C 105 -41.22 -90.56 -6.40
N GLY C 106 -42.01 -91.49 -6.94
CA GLY C 106 -42.79 -92.40 -6.11
C GLY C 106 -44.07 -91.76 -5.60
N ARG C 107 -45.08 -92.60 -5.33
CA ARG C 107 -46.35 -92.14 -4.77
C ARG C 107 -47.04 -91.15 -5.71
N GLU C 108 -47.35 -91.62 -6.92
CA GLU C 108 -48.00 -90.76 -7.90
C GLU C 108 -49.52 -90.85 -7.80
N LEU C 109 -50.03 -91.86 -7.11
CA LEU C 109 -51.47 -92.10 -7.06
C LEU C 109 -52.20 -90.92 -6.43
N MET C 110 -51.73 -90.47 -5.26
CA MET C 110 -52.41 -89.38 -4.57
C MET C 110 -52.28 -88.08 -5.35
N TYR C 111 -51.13 -87.87 -6.00
CA TYR C 111 -50.97 -86.69 -6.85
C TYR C 111 -52.01 -86.68 -7.95
N GLN C 112 -52.13 -87.78 -8.70
CA GLN C 112 -53.12 -87.87 -9.75
C GLN C 112 -54.54 -87.73 -9.21
N LEU C 113 -54.80 -88.28 -8.02
CA LEU C 113 -56.14 -88.22 -7.47
C LEU C 113 -56.53 -86.79 -7.09
N GLU C 114 -55.61 -86.05 -6.47
CA GLU C 114 -55.87 -84.65 -6.17
C GLU C 114 -56.07 -83.85 -7.46
N LYS C 115 -55.25 -84.14 -8.48
CA LYS C 115 -55.41 -83.47 -9.76
C LYS C 115 -56.81 -83.70 -10.33
N LYS C 116 -57.26 -84.94 -10.31
CA LYS C 116 -58.59 -85.26 -10.85
C LYS C 116 -59.69 -84.64 -10.01
N GLY C 117 -59.51 -84.57 -8.69
CA GLY C 117 -60.50 -83.92 -7.86
C GLY C 117 -60.66 -82.45 -8.21
N LYS C 118 -59.54 -81.74 -8.31
CA LYS C 118 -59.61 -80.33 -8.70
C LYS C 118 -60.17 -80.18 -10.11
N GLU C 119 -59.85 -81.13 -11.00
CA GLU C 119 -60.37 -81.08 -12.36
C GLU C 119 -61.89 -81.19 -12.37
N ILE C 120 -62.44 -82.14 -11.61
CA ILE C 120 -63.89 -82.30 -11.60
C ILE C 120 -64.53 -81.12 -10.90
N LYS C 121 -63.86 -80.51 -9.92
CA LYS C 121 -64.39 -79.30 -9.31
C LYS C 121 -64.53 -78.18 -10.34
N ARG C 122 -63.46 -77.93 -11.09
CA ARG C 122 -63.50 -76.88 -12.11
C ARG C 122 -64.56 -77.20 -13.16
N ASP C 123 -64.66 -78.48 -13.56
CA ASP C 123 -65.64 -78.89 -14.55
C ASP C 123 -67.06 -78.66 -14.05
N LEU C 124 -67.33 -79.02 -12.80
CA LEU C 124 -68.64 -78.78 -12.23
C LEU C 124 -68.97 -77.31 -12.21
N GLU C 125 -68.04 -76.47 -11.76
CA GLU C 125 -68.28 -75.03 -11.77
C GLU C 125 -68.66 -74.55 -13.17
N LYS C 126 -67.84 -74.90 -14.16
CA LYS C 126 -68.07 -74.40 -15.52
C LYS C 126 -69.39 -74.89 -16.08
N ILE C 127 -69.70 -76.17 -15.90
CA ILE C 127 -70.89 -76.73 -16.52
C ILE C 127 -72.15 -76.24 -15.80
N LEU C 128 -72.04 -75.99 -14.49
CA LEU C 128 -73.17 -75.49 -13.74
C LEU C 128 -73.47 -74.05 -14.11
N LEU C 129 -72.43 -73.24 -14.29
CA LEU C 129 -72.63 -71.88 -14.76
C LEU C 129 -72.95 -71.80 -16.24
N SER C 130 -72.91 -72.94 -16.94
CA SER C 130 -73.27 -73.01 -18.35
C SER C 130 -74.70 -73.49 -18.50
N GLY C 131 -75.32 -73.12 -19.63
CA GLY C 131 -76.69 -73.47 -19.91
C GLY C 131 -76.84 -74.69 -20.78
N GLN C 132 -77.61 -75.68 -20.31
CA GLN C 132 -77.95 -76.84 -21.12
C GLN C 132 -79.25 -77.44 -20.61
N ALA C 133 -80.13 -77.80 -21.54
CA ALA C 133 -81.43 -78.35 -21.20
C ALA C 133 -81.29 -79.75 -20.61
N ARG C 134 -82.38 -80.22 -20.01
CA ARG C 134 -82.46 -81.58 -19.48
C ARG C 134 -83.05 -82.53 -20.53
N THR C 135 -82.34 -82.63 -21.65
CA THR C 135 -82.79 -83.52 -22.72
C THR C 135 -82.68 -84.97 -22.28
N ASP C 136 -83.81 -85.67 -22.27
CA ASP C 136 -83.84 -87.05 -21.80
C ASP C 136 -84.82 -87.84 -22.67
N VAL C 137 -84.94 -89.13 -22.35
CA VAL C 137 -85.82 -90.02 -23.12
C VAL C 137 -87.22 -90.10 -22.55
N LEU C 138 -87.44 -89.55 -21.35
CA LEU C 138 -88.78 -89.61 -20.74
C LEU C 138 -89.83 -89.01 -21.65
N ALA C 139 -89.56 -87.85 -22.25
CA ALA C 139 -90.49 -87.19 -23.17
C ALA C 139 -91.80 -86.87 -22.45
N ASP C 140 -91.68 -86.10 -21.38
CA ASP C 140 -92.79 -85.59 -20.57
C ASP C 140 -93.41 -86.70 -19.73
N ALA C 160 -81.13 -91.63 -22.44
CA ALA C 160 -80.13 -90.61 -22.17
C ALA C 160 -79.66 -90.67 -20.72
N ALA C 161 -78.41 -90.29 -20.50
CA ALA C 161 -77.87 -90.23 -19.15
C ALA C 161 -78.65 -89.19 -18.33
N ARG C 162 -78.43 -89.22 -17.02
CA ARG C 162 -79.06 -88.27 -16.11
C ARG C 162 -78.45 -86.90 -16.35
N LYS C 163 -79.18 -86.05 -17.06
CA LYS C 163 -78.72 -84.70 -17.40
C LYS C 163 -79.30 -83.71 -16.39
N THR C 164 -78.43 -83.13 -15.57
CA THR C 164 -78.87 -82.20 -14.55
C THR C 164 -79.25 -80.85 -15.17
N GLY C 165 -80.15 -80.16 -14.50
CA GLY C 165 -80.51 -78.82 -14.92
C GLY C 165 -79.42 -77.82 -14.58
N ALA C 166 -79.45 -76.68 -15.28
CA ALA C 166 -78.43 -75.66 -15.12
C ALA C 166 -79.08 -74.34 -14.68
N PHE C 167 -78.21 -73.37 -14.35
CA PHE C 167 -78.68 -72.03 -14.02
C PHE C 167 -79.49 -71.43 -15.15
N GLN C 168 -78.96 -71.51 -16.38
CA GLN C 168 -79.61 -70.91 -17.53
C GLN C 168 -81.00 -71.45 -17.77
N PHE C 169 -81.29 -72.67 -17.30
CA PHE C 169 -82.57 -73.31 -17.54
C PHE C 169 -83.63 -72.88 -16.54
N LEU C 170 -83.26 -72.73 -15.28
CA LEU C 170 -84.22 -72.42 -14.22
C LEU C 170 -84.34 -70.91 -13.98
N CYS C 171 -84.49 -70.15 -15.07
CA CYS C 171 -84.66 -68.71 -14.98
C CYS C 171 -85.68 -68.19 -15.99
N ALA C 172 -86.68 -69.01 -16.33
CA ALA C 172 -87.68 -68.65 -17.33
C ALA C 172 -87.01 -68.41 -18.69
N HIS C 173 -86.35 -69.45 -19.18
CA HIS C 173 -85.60 -69.35 -20.43
C HIS C 173 -86.46 -68.78 -21.55
N GLY C 174 -87.71 -69.24 -21.64
CA GLY C 174 -88.61 -68.75 -22.67
C GLY C 174 -88.12 -69.00 -24.07
N GLY C 175 -88.00 -70.27 -24.45
CA GLY C 175 -87.56 -70.63 -25.79
C GLY C 175 -86.26 -71.41 -25.78
N LEU C 176 -86.31 -72.67 -26.24
CA LEU C 176 -85.14 -73.52 -26.27
C LEU C 176 -84.52 -73.51 -27.67
N ALA C 177 -83.49 -74.34 -27.85
CA ALA C 177 -82.82 -74.49 -29.13
C ALA C 177 -82.63 -75.98 -29.37
N GLY C 178 -81.75 -76.32 -30.33
CA GLY C 178 -81.50 -77.70 -30.69
C GLY C 178 -81.34 -78.61 -29.49
N GLY C 179 -80.38 -78.30 -28.63
CA GLY C 179 -80.15 -79.08 -27.42
C GLY C 179 -79.76 -78.22 -26.24
N VAL C 180 -79.82 -76.90 -26.41
CA VAL C 180 -79.38 -75.96 -25.40
C VAL C 180 -80.41 -74.85 -25.29
N VAL C 181 -80.32 -74.08 -24.22
CA VAL C 181 -81.21 -72.95 -24.00
C VAL C 181 -80.91 -71.86 -25.01
N ASP C 182 -81.94 -71.43 -25.74
CA ASP C 182 -81.75 -70.37 -26.72
C ASP C 182 -81.43 -69.04 -26.04
N LYS C 183 -80.49 -68.31 -26.63
CA LYS C 183 -80.07 -67.01 -26.11
C LYS C 183 -80.45 -65.86 -27.03
N THR C 184 -81.37 -66.09 -27.97
CA THR C 184 -81.78 -65.05 -28.91
C THR C 184 -83.29 -64.89 -28.98
N LYS C 185 -84.03 -65.47 -28.04
CA LYS C 185 -85.49 -65.38 -28.00
C LYS C 185 -85.90 -64.83 -26.64
N ASN C 186 -86.54 -63.66 -26.65
CA ASN C 186 -86.94 -63.01 -25.41
C ASN C 186 -87.86 -63.91 -24.59
N GLY C 187 -87.85 -63.69 -23.28
CA GLY C 187 -88.63 -64.49 -22.37
C GLY C 187 -90.04 -63.96 -22.22
N PRO C 188 -90.85 -64.72 -21.49
CA PRO C 188 -92.25 -64.34 -21.29
C PRO C 188 -92.41 -63.34 -20.14
N ALA C 189 -93.64 -62.85 -20.01
CA ALA C 189 -94.01 -61.98 -18.91
C ALA C 189 -94.54 -62.80 -17.74
N ASP C 190 -93.96 -62.61 -16.57
CA ASP C 190 -94.43 -63.33 -15.39
C ASP C 190 -95.86 -62.92 -15.08
N PRO C 191 -96.79 -63.87 -14.93
CA PRO C 191 -98.20 -63.49 -14.75
C PRO C 191 -98.48 -62.77 -13.45
N ASP C 192 -97.64 -62.91 -12.43
CA ASP C 192 -97.90 -62.24 -11.15
C ASP C 192 -97.90 -60.73 -11.31
N THR C 193 -96.88 -60.19 -11.97
CA THR C 193 -96.77 -58.75 -12.18
C THR C 193 -96.58 -58.43 -13.66
N GLY C 194 -95.82 -59.28 -14.36
CA GLY C 194 -95.48 -59.03 -15.74
C GLY C 194 -93.98 -58.94 -15.94
N ALA C 195 -93.22 -59.58 -15.06
CA ALA C 195 -91.77 -59.53 -15.16
C ALA C 195 -91.29 -60.28 -16.39
N VAL C 196 -90.33 -59.70 -17.09
CA VAL C 196 -89.79 -60.26 -18.32
C VAL C 196 -88.31 -60.52 -18.13
N THR C 197 -87.95 -60.98 -16.93
CA THR C 197 -86.56 -61.07 -16.48
C THR C 197 -85.58 -61.39 -17.59
N VAL C 198 -85.87 -62.42 -18.39
CA VAL C 198 -85.01 -62.76 -19.51
C VAL C 198 -85.15 -61.71 -20.59
N LYS C 199 -84.04 -61.07 -20.94
CA LYS C 199 -84.05 -59.99 -21.92
C LYS C 199 -82.89 -60.19 -22.90
N VAL C 200 -82.80 -59.27 -23.85
CA VAL C 200 -81.71 -59.25 -24.81
C VAL C 200 -81.32 -57.80 -25.07
N ALA C 201 -80.03 -57.60 -25.34
CA ALA C 201 -79.51 -56.27 -25.64
C ALA C 201 -79.77 -55.96 -27.11
N GLN C 202 -80.21 -54.73 -27.39
CA GLN C 202 -80.52 -54.36 -28.77
C GLN C 202 -79.26 -54.24 -29.61
N ASN C 203 -78.17 -53.74 -29.02
CA ASN C 203 -76.90 -53.57 -29.71
C ASN C 203 -77.06 -52.63 -30.91
N ALA C 204 -77.84 -51.57 -30.68
CA ALA C 204 -78.06 -50.56 -31.71
C ALA C 204 -77.29 -49.28 -31.40
N SER C 205 -77.25 -48.90 -30.11
CA SER C 205 -76.48 -47.73 -29.72
C SER C 205 -75.02 -47.87 -30.10
N ASN C 206 -74.35 -48.88 -29.56
CA ASN C 206 -72.99 -49.21 -29.94
C ASN C 206 -73.00 -49.75 -31.36
N PRO C 207 -71.88 -49.70 -32.09
CA PRO C 207 -71.91 -50.13 -33.49
C PRO C 207 -72.13 -51.62 -33.63
N THR C 208 -72.17 -52.11 -34.88
CA THR C 208 -72.38 -53.51 -35.15
C THR C 208 -71.08 -54.31 -35.12
N THR C 209 -69.97 -53.66 -34.77
CA THR C 209 -68.68 -54.34 -34.67
C THR C 209 -68.56 -55.14 -33.38
N ASN C 210 -68.70 -54.48 -32.24
CA ASN C 210 -68.73 -55.19 -30.97
C ASN C 210 -69.96 -56.10 -30.91
N ILE C 211 -69.85 -57.18 -30.15
CA ILE C 211 -70.94 -58.15 -30.07
C ILE C 211 -72.24 -57.44 -29.72
N GLY C 212 -72.31 -56.85 -28.53
CA GLY C 212 -73.46 -56.08 -28.13
C GLY C 212 -73.61 -56.00 -26.63
N PHE C 213 -73.97 -54.82 -26.12
CA PHE C 213 -74.12 -54.61 -24.69
C PHE C 213 -74.65 -53.20 -24.49
N ASP C 214 -75.29 -52.98 -23.35
CA ASP C 214 -75.82 -51.67 -23.00
C ASP C 214 -75.08 -51.11 -21.79
N GLU C 215 -75.33 -49.84 -21.50
CA GLU C 215 -74.67 -49.16 -20.39
C GLU C 215 -75.70 -48.55 -19.45
N ALA C 216 -76.83 -48.13 -20.01
CA ALA C 216 -77.92 -47.56 -19.23
C ALA C 216 -79.26 -48.19 -19.57
N ASP C 217 -79.29 -49.13 -20.52
CA ASP C 217 -80.51 -49.82 -20.88
C ASP C 217 -80.66 -51.15 -20.14
N ILE C 218 -79.65 -51.56 -19.37
CA ILE C 218 -79.77 -52.77 -18.57
C ILE C 218 -80.50 -52.51 -17.26
N PHE C 219 -80.52 -51.26 -16.79
CA PHE C 219 -81.25 -50.95 -15.57
C PHE C 219 -82.72 -51.38 -15.64
N ASP C 220 -83.24 -51.57 -16.85
CA ASP C 220 -84.55 -52.21 -16.98
C ASP C 220 -84.52 -53.59 -16.35
N MET C 221 -83.35 -54.24 -16.33
CA MET C 221 -83.23 -55.53 -15.66
C MET C 221 -83.48 -55.40 -14.16
N THR C 222 -82.82 -54.44 -13.52
CA THR C 222 -83.07 -54.22 -12.10
C THR C 222 -84.51 -53.80 -11.85
N LEU C 223 -85.07 -53.01 -12.77
CA LEU C 223 -86.47 -52.61 -12.64
C LEU C 223 -87.39 -53.82 -12.66
N GLN C 224 -87.14 -54.75 -13.59
CA GLN C 224 -87.97 -55.96 -13.67
C GLN C 224 -87.78 -56.82 -12.44
N LEU C 225 -86.55 -56.95 -11.96
CA LEU C 225 -86.31 -57.73 -10.74
C LEU C 225 -87.07 -57.13 -9.57
N TYR C 226 -87.07 -55.80 -9.47
CA TYR C 226 -87.78 -55.14 -8.38
C TYR C 226 -89.29 -55.34 -8.51
N THR C 227 -89.82 -55.22 -9.73
CA THR C 227 -91.25 -55.42 -9.94
C THR C 227 -91.67 -56.85 -9.70
N ALA C 228 -90.77 -57.81 -9.85
CA ALA C 228 -91.11 -59.20 -9.61
C ALA C 228 -91.18 -59.51 -8.12
N GLY C 229 -90.14 -59.11 -7.37
CA GLY C 229 -90.09 -59.37 -5.95
C GLY C 229 -88.72 -59.81 -5.49
N SER C 230 -87.78 -59.90 -6.44
CA SER C 230 -86.44 -60.37 -6.11
C SER C 230 -85.73 -59.38 -5.19
N GLU C 231 -84.86 -59.92 -4.34
CA GLU C 231 -84.05 -59.13 -3.43
C GLU C 231 -82.57 -59.41 -3.68
N ALA C 232 -82.18 -59.55 -4.94
CA ALA C 232 -80.84 -59.95 -5.32
C ALA C 232 -79.95 -58.73 -5.53
N ASP C 233 -78.77 -58.75 -4.91
CA ASP C 233 -77.72 -57.74 -5.16
C ASP C 233 -76.41 -58.47 -5.44
N ILE C 234 -76.24 -58.89 -6.70
CA ILE C 234 -74.97 -59.42 -7.18
C ILE C 234 -75.06 -59.58 -8.68
N ILE C 235 -73.93 -59.40 -9.37
CA ILE C 235 -73.87 -59.55 -10.82
C ILE C 235 -72.59 -60.31 -11.15
N MET C 236 -72.74 -61.49 -11.74
CA MET C 236 -71.61 -62.27 -12.20
C MET C 236 -71.27 -61.91 -13.64
N ILE C 237 -69.98 -61.92 -13.96
CA ILE C 237 -69.51 -61.52 -15.29
C ILE C 237 -68.21 -62.25 -15.58
N ASN C 238 -68.02 -62.62 -16.84
CA ASN C 238 -66.78 -63.23 -17.24
C ASN C 238 -65.72 -62.16 -17.53
N PRO C 239 -64.44 -62.52 -17.51
CA PRO C 239 -63.40 -61.49 -17.62
C PRO C 239 -63.49 -60.64 -18.87
N ALA C 240 -63.96 -61.22 -19.99
CA ALA C 240 -63.95 -60.49 -21.24
C ALA C 240 -64.84 -59.26 -21.18
N HIS C 241 -66.13 -59.46 -20.90
CA HIS C 241 -67.11 -58.36 -20.86
C HIS C 241 -67.14 -57.70 -19.48
N ALA C 242 -65.97 -57.24 -19.02
CA ALA C 242 -65.84 -56.55 -17.74
C ALA C 242 -65.48 -55.08 -17.89
N LYS C 243 -64.83 -54.70 -18.99
CA LYS C 243 -64.46 -53.29 -19.19
C LYS C 243 -65.69 -52.40 -19.27
N ILE C 244 -66.87 -52.99 -19.49
CA ILE C 244 -68.08 -52.19 -19.65
C ILE C 244 -68.37 -51.41 -18.37
N PHE C 245 -68.21 -52.05 -17.22
CA PHE C 245 -68.47 -51.37 -15.96
C PHE C 245 -67.47 -50.25 -15.73
N ALA C 246 -66.20 -50.46 -16.12
CA ALA C 246 -65.23 -49.39 -16.02
C ALA C 246 -65.57 -48.22 -16.93
N GLY C 247 -66.10 -48.52 -18.13
CA GLY C 247 -66.52 -47.46 -19.04
C GLY C 247 -67.79 -46.75 -18.60
N LEU C 248 -68.62 -47.40 -17.78
CA LEU C 248 -69.83 -46.74 -17.28
C LEU C 248 -69.53 -45.37 -16.69
N GLN C 249 -68.36 -45.18 -16.10
CA GLN C 249 -67.99 -43.91 -15.49
C GLN C 249 -67.55 -42.86 -16.50
N GLU C 250 -67.74 -43.12 -17.80
CA GLU C 250 -67.30 -42.17 -18.81
C GLU C 250 -67.99 -42.43 -20.14
N ASN C 251 -68.53 -41.38 -20.76
CA ASN C 251 -69.14 -41.46 -22.06
C ASN C 251 -68.70 -40.27 -22.91
N THR C 252 -68.76 -40.47 -24.23
CA THR C 252 -68.46 -39.37 -25.14
C THR C 252 -69.37 -38.17 -24.87
N GLN C 253 -70.64 -38.45 -24.53
CA GLN C 253 -71.55 -37.38 -24.15
C GLN C 253 -71.03 -36.63 -22.94
N GLY C 254 -71.18 -35.31 -22.96
CA GLY C 254 -70.72 -34.49 -21.87
C GLY C 254 -71.63 -34.55 -20.66
N SER C 255 -71.72 -35.71 -20.04
CA SER C 255 -72.58 -35.90 -18.88
C SER C 255 -71.90 -36.56 -17.70
N ARG C 256 -70.74 -37.17 -17.88
CA ARG C 256 -70.03 -37.83 -16.78
C ARG C 256 -68.61 -38.12 -17.23
N LYS C 257 -67.64 -37.84 -16.37
CA LYS C 257 -66.24 -38.08 -16.69
C LYS C 257 -65.44 -38.12 -15.40
N ARG C 258 -64.18 -38.53 -15.53
CA ARG C 258 -63.28 -38.73 -14.40
C ARG C 258 -62.49 -37.45 -14.11
N ILE C 259 -61.82 -37.46 -12.96
CA ILE C 259 -61.00 -36.33 -12.55
C ILE C 259 -59.82 -36.85 -11.74
N PHE C 260 -58.64 -36.29 -11.98
CA PHE C 260 -57.42 -36.63 -11.24
C PHE C 260 -56.80 -35.34 -10.72
N GLU C 261 -56.83 -35.14 -9.41
CA GLU C 261 -56.25 -33.95 -8.78
C GLU C 261 -54.84 -34.28 -8.28
N ASN C 262 -53.92 -34.36 -9.23
CA ASN C 262 -52.53 -34.71 -8.95
C ASN C 262 -52.45 -36.03 -8.19
N THR C 263 -53.07 -37.06 -8.77
CA THR C 263 -53.13 -38.38 -8.17
C THR C 263 -52.31 -39.34 -9.03
N LYS C 264 -51.31 -39.96 -8.40
CA LYS C 264 -50.44 -40.92 -9.08
C LYS C 264 -51.01 -42.34 -8.92
N GLN C 265 -52.26 -42.50 -9.37
CA GLN C 265 -52.97 -43.76 -9.17
C GLN C 265 -54.09 -43.84 -10.21
N PHE C 266 -53.96 -44.78 -11.14
CA PHE C 266 -54.98 -45.05 -12.15
C PHE C 266 -55.80 -46.26 -11.72
N ILE C 267 -57.10 -46.08 -11.62
CA ILE C 267 -58.02 -47.12 -11.14
C ILE C 267 -59.18 -47.18 -12.13
N TYR C 268 -59.09 -48.10 -13.09
CA TYR C 268 -60.13 -48.29 -14.10
C TYR C 268 -61.01 -49.49 -13.76
N GLU C 269 -61.67 -49.41 -12.61
CA GLU C 269 -62.50 -50.50 -12.12
C GLU C 269 -63.76 -49.95 -11.47
N VAL C 270 -64.84 -50.71 -11.60
CA VAL C 270 -66.11 -50.41 -10.94
C VAL C 270 -66.80 -51.74 -10.65
N ASN C 271 -67.11 -51.98 -9.38
CA ASN C 271 -67.66 -53.26 -8.94
C ASN C 271 -68.85 -53.08 -8.01
N SER C 272 -69.61 -51.99 -8.18
CA SER C 272 -70.79 -51.76 -7.37
C SER C 272 -71.69 -50.77 -8.10
N ILE C 273 -72.97 -51.09 -8.16
CA ILE C 273 -73.95 -50.29 -8.87
C ILE C 273 -75.16 -50.07 -7.98
N THR C 274 -75.79 -48.91 -8.12
CA THR C 274 -77.01 -48.58 -7.40
C THR C 274 -77.99 -47.98 -8.40
N ASP C 275 -79.10 -48.66 -8.60
CA ASP C 275 -80.11 -48.23 -9.55
C ASP C 275 -81.02 -47.20 -8.93
N PRO C 276 -81.83 -46.50 -9.73
CA PRO C 276 -82.72 -45.47 -9.18
C PRO C 276 -83.66 -45.98 -8.10
N LEU C 277 -83.88 -47.29 -8.02
CA LEU C 277 -84.76 -47.83 -6.99
C LEU C 277 -84.05 -48.02 -5.66
N GLY C 278 -82.72 -48.07 -5.65
CA GLY C 278 -81.95 -48.22 -4.44
C GLY C 278 -81.35 -49.59 -4.24
N GLN C 279 -81.61 -50.55 -5.13
CA GLN C 279 -81.09 -51.89 -4.97
C GLN C 279 -79.64 -51.92 -5.42
N SER C 280 -78.72 -52.08 -4.46
CA SER C 280 -77.31 -52.20 -4.79
C SER C 280 -77.04 -53.48 -5.55
N TYR C 281 -75.84 -53.60 -6.09
CA TYR C 281 -75.48 -54.76 -6.91
C TYR C 281 -73.96 -54.95 -6.83
N LYS C 282 -73.55 -56.04 -6.20
CA LYS C 282 -72.15 -56.44 -6.17
C LYS C 282 -71.77 -57.11 -7.48
N ILE C 283 -70.48 -57.08 -7.79
CA ILE C 283 -69.95 -57.66 -9.02
C ILE C 283 -68.84 -58.64 -8.68
N ILE C 284 -68.86 -59.79 -9.35
CA ILE C 284 -67.84 -60.83 -9.16
C ILE C 284 -67.44 -61.34 -10.53
N VAL C 285 -66.16 -61.68 -10.67
CA VAL C 285 -65.58 -62.10 -11.94
C VAL C 285 -65.26 -63.59 -11.83
N ASN C 286 -65.96 -64.40 -12.63
CA ASN C 286 -65.74 -65.84 -12.67
C ASN C 286 -65.37 -66.24 -14.10
N ARG C 287 -64.21 -66.87 -14.25
CA ARG C 287 -63.73 -67.24 -15.58
C ARG C 287 -64.54 -68.41 -16.16
N TRP C 288 -65.26 -69.14 -15.31
CA TRP C 288 -65.96 -70.35 -15.71
C TRP C 288 -67.32 -70.06 -16.36
N MET C 289 -67.54 -68.84 -16.81
CA MET C 289 -68.80 -68.47 -17.43
C MET C 289 -68.66 -68.44 -18.95
N PRO C 290 -69.76 -68.55 -19.68
CA PRO C 290 -69.71 -68.37 -21.13
C PRO C 290 -69.60 -66.89 -21.50
N THR C 291 -68.95 -66.64 -22.63
CA THR C 291 -68.65 -65.26 -23.02
C THR C 291 -69.91 -64.40 -23.08
N ASP C 292 -70.93 -64.85 -23.80
CA ASP C 292 -72.12 -64.03 -24.04
C ASP C 292 -73.23 -64.37 -23.06
N ALA C 293 -73.01 -64.00 -21.79
CA ALA C 293 -74.03 -64.17 -20.77
C ALA C 293 -73.64 -63.47 -19.47
N VAL C 294 -74.62 -62.87 -18.81
CA VAL C 294 -74.44 -62.29 -17.49
C VAL C 294 -75.66 -62.66 -16.64
N TYR C 295 -75.42 -63.02 -15.38
CA TYR C 295 -76.46 -63.58 -14.52
C TYR C 295 -76.75 -62.64 -13.37
N PHE C 296 -78.03 -62.26 -13.23
CA PHE C 296 -78.51 -61.50 -12.08
C PHE C 296 -79.24 -62.47 -11.16
N PHE C 297 -78.64 -62.77 -10.02
CA PHE C 297 -79.21 -63.74 -9.09
C PHE C 297 -78.81 -63.34 -7.67
N ARG C 298 -79.13 -64.24 -6.73
CA ARG C 298 -78.79 -64.04 -5.32
C ARG C 298 -78.15 -65.32 -4.79
N SER C 299 -77.30 -65.16 -3.78
CA SER C 299 -76.58 -66.29 -3.23
C SER C 299 -77.53 -67.26 -2.53
N ALA C 300 -78.41 -66.74 -1.68
CA ALA C 300 -79.31 -67.62 -0.93
C ALA C 300 -80.37 -68.24 -1.82
N ASP C 301 -80.91 -67.49 -2.78
CA ASP C 301 -81.96 -68.01 -3.63
C ASP C 301 -81.52 -69.27 -4.36
N TRP C 302 -80.23 -69.41 -4.64
CA TRP C 302 -79.67 -70.58 -5.29
C TRP C 302 -78.92 -71.43 -4.29
N THR C 303 -78.99 -72.74 -4.46
CA THR C 303 -78.29 -73.68 -3.60
C THR C 303 -77.84 -74.86 -4.43
N GLN C 304 -76.73 -75.46 -3.99
CA GLN C 304 -76.14 -76.61 -4.67
C GLN C 304 -76.51 -77.87 -3.88
N MET C 305 -77.46 -78.62 -4.41
CA MET C 305 -77.94 -79.84 -3.76
C MET C 305 -77.00 -80.98 -4.13
N VAL C 306 -76.27 -81.48 -3.15
CA VAL C 306 -75.30 -82.55 -3.35
C VAL C 306 -75.94 -83.86 -2.94
N LEU C 307 -75.59 -84.93 -3.65
CA LEU C 307 -76.06 -86.27 -3.34
C LEU C 307 -75.02 -87.09 -2.59
N ARG C 308 -73.79 -87.14 -3.10
CA ARG C 308 -72.69 -87.83 -2.45
C ARG C 308 -71.39 -87.10 -2.76
N ALA C 309 -70.58 -86.87 -1.72
CA ALA C 309 -69.26 -86.28 -1.86
C ALA C 309 -68.42 -87.16 -2.76
N PRO C 310 -67.24 -86.69 -3.22
CA PRO C 310 -66.43 -87.49 -4.15
C PRO C 310 -66.33 -88.96 -3.75
N LYS C 311 -66.09 -89.22 -2.46
CA LYS C 311 -66.09 -90.58 -1.92
C LYS C 311 -65.11 -91.47 -2.69
N ARG C 312 -63.84 -91.16 -2.51
CA ARG C 312 -62.76 -91.99 -3.04
C ARG C 312 -63.12 -93.47 -2.92
N THR C 313 -63.04 -94.17 -4.05
CA THR C 313 -63.45 -95.57 -4.10
C THR C 313 -62.71 -96.28 -5.23
N GLU C 314 -62.80 -97.61 -5.22
CA GLU C 314 -62.12 -98.46 -6.18
C GLU C 314 -63.15 -99.24 -6.97
N LEU C 315 -62.76 -99.65 -8.18
CA LEU C 315 -63.62 -100.42 -9.06
C LEU C 315 -63.34 -101.91 -8.97
N ALA C 316 -62.11 -102.33 -9.21
CA ALA C 316 -61.75 -103.74 -9.26
C ALA C 316 -60.24 -103.85 -9.16
N LYS C 317 -59.73 -105.08 -9.27
CA LYS C 317 -58.29 -105.34 -9.22
C LYS C 317 -58.00 -106.54 -10.11
N ASP C 318 -57.13 -106.34 -11.11
CA ASP C 318 -56.66 -107.40 -11.98
C ASP C 318 -55.23 -107.83 -11.67
N GLY C 319 -54.71 -107.43 -10.50
CA GLY C 319 -53.33 -107.67 -10.16
C GLY C 319 -52.63 -106.37 -9.83
N SER C 320 -51.65 -105.99 -10.65
CA SER C 320 -50.97 -104.72 -10.52
C SER C 320 -51.71 -103.59 -11.22
N TYR C 321 -52.82 -103.89 -11.90
CA TYR C 321 -53.50 -102.93 -12.76
C TYR C 321 -54.59 -102.23 -11.95
N GLU C 322 -54.15 -101.36 -11.05
CA GLU C 322 -55.06 -100.72 -10.11
C GLU C 322 -55.95 -99.70 -10.81
N LYS C 323 -57.14 -99.49 -10.24
CA LYS C 323 -58.10 -98.52 -10.73
C LYS C 323 -58.71 -97.78 -9.55
N TRP C 324 -59.37 -96.66 -9.85
CA TRP C 324 -60.06 -95.88 -8.82
C TRP C 324 -61.26 -95.20 -9.46
N MET C 325 -62.27 -94.92 -8.64
CA MET C 325 -63.52 -94.35 -9.12
C MET C 325 -63.95 -93.23 -8.18
N ILE C 326 -64.77 -92.33 -8.69
CA ILE C 326 -65.39 -91.27 -7.92
C ILE C 326 -66.90 -91.31 -8.17
N GLU C 327 -67.66 -90.86 -7.18
CA GLU C 327 -69.12 -90.93 -7.22
C GLU C 327 -69.72 -89.56 -6.91
N MET C 328 -69.18 -88.53 -7.54
CA MET C 328 -69.71 -87.19 -7.37
C MET C 328 -71.09 -87.06 -8.03
N GLU C 329 -72.04 -86.56 -7.25
CA GLU C 329 -73.41 -86.40 -7.72
C GLU C 329 -74.04 -85.21 -7.02
N VAL C 330 -74.54 -84.25 -7.79
CA VAL C 330 -75.11 -83.02 -7.26
C VAL C 330 -76.33 -82.65 -8.09
N GLY C 331 -77.01 -81.59 -7.64
CA GLY C 331 -78.17 -81.08 -8.34
C GLY C 331 -78.42 -79.65 -7.97
N LEU C 332 -79.02 -78.91 -8.90
CA LEU C 332 -79.25 -77.49 -8.75
C LEU C 332 -80.74 -77.20 -8.65
N ARG C 333 -81.09 -76.26 -7.78
CA ARG C 333 -82.46 -75.81 -7.62
C ARG C 333 -82.50 -74.29 -7.60
N HIS C 334 -83.66 -73.75 -7.94
CA HIS C 334 -83.89 -72.31 -7.88
C HIS C 334 -85.22 -72.06 -7.19
N ARG C 335 -85.22 -71.10 -6.27
CA ARG C 335 -86.42 -70.82 -5.49
C ARG C 335 -87.59 -70.44 -6.40
N ASN C 336 -87.42 -69.35 -7.16
CA ASN C 336 -88.43 -68.88 -8.11
C ASN C 336 -87.76 -68.71 -9.46
N PRO C 337 -88.29 -69.29 -10.54
CA PRO C 337 -87.69 -69.02 -11.86
C PRO C 337 -87.67 -67.55 -12.23
N TYR C 338 -88.75 -66.83 -11.92
CA TYR C 338 -88.86 -65.41 -12.25
C TYR C 338 -88.33 -64.53 -11.12
N ALA C 339 -87.13 -64.85 -10.64
CA ALA C 339 -86.47 -64.07 -9.61
C ALA C 339 -85.01 -63.76 -9.90
N SER C 340 -84.39 -64.44 -10.87
CA SER C 340 -83.01 -64.17 -11.26
C SER C 340 -83.02 -63.83 -12.75
N GLY C 341 -82.53 -62.63 -13.08
CA GLY C 341 -82.59 -62.13 -14.43
C GLY C 341 -81.32 -62.38 -15.22
N VAL C 342 -81.49 -62.47 -16.54
CA VAL C 342 -80.39 -62.67 -17.47
C VAL C 342 -80.71 -61.90 -18.74
N LEU C 343 -79.67 -61.32 -19.36
CA LEU C 343 -79.82 -60.62 -20.63
C LEU C 343 -78.67 -61.02 -21.55
N PHE C 344 -79.00 -61.34 -22.80
CA PHE C 344 -78.02 -61.73 -23.80
C PHE C 344 -77.85 -60.64 -24.85
N THR C 345 -76.99 -60.92 -25.82
CA THR C 345 -76.82 -60.10 -27.00
C THR C 345 -77.37 -60.87 -28.19
N ALA C 346 -78.33 -60.29 -28.90
CA ALA C 346 -78.94 -60.91 -30.06
C ALA C 346 -79.36 -59.81 -31.03
N ALA C 347 -80.15 -60.18 -32.02
CA ALA C 347 -80.66 -59.23 -33.01
C ALA C 347 -79.56 -58.72 -33.92
N GLY C 348 -78.53 -59.54 -34.13
CA GLY C 348 -77.47 -59.15 -35.04
C GLY C 348 -77.90 -59.30 -36.48
N LYS C 349 -77.39 -58.42 -37.34
CA LYS C 349 -77.76 -58.41 -38.75
C LYS C 349 -79.26 -58.19 -38.92
N PRO D 4 10.07 -11.81 -22.31
CA PRO D 4 10.85 -11.24 -21.21
C PRO D 4 10.18 -10.03 -20.57
N THR D 5 9.79 -9.05 -21.38
CA THR D 5 9.09 -7.88 -20.88
C THR D 5 7.64 -8.26 -20.59
N LEU D 6 6.97 -7.47 -19.75
CA LEU D 6 5.58 -7.72 -19.38
C LEU D 6 5.41 -9.14 -18.83
N PHE D 7 6.10 -9.44 -17.73
CA PHE D 7 6.02 -10.76 -17.12
C PHE D 7 4.57 -11.08 -16.76
N VAL D 8 4.01 -12.10 -17.40
CA VAL D 8 2.63 -12.52 -17.20
C VAL D 8 2.61 -14.04 -17.06
N SER D 9 1.40 -14.58 -16.87
CA SER D 9 1.24 -16.02 -16.69
C SER D 9 1.80 -16.79 -17.87
N TYR D 10 1.69 -16.25 -19.09
CA TYR D 10 2.22 -16.94 -20.25
C TYR D 10 3.73 -17.15 -20.14
N ASP D 11 4.42 -16.27 -19.42
CA ASP D 11 5.87 -16.40 -19.26
C ASP D 11 6.26 -17.23 -18.06
N GLN D 12 5.34 -17.47 -17.13
CA GLN D 12 5.64 -18.30 -15.97
C GLN D 12 5.89 -19.74 -16.40
N ASN D 13 6.63 -20.46 -15.56
CA ASN D 13 6.90 -21.87 -15.77
C ASN D 13 7.11 -22.53 -14.41
N GLY D 14 7.03 -23.86 -14.40
CA GLY D 14 7.11 -24.59 -13.15
C GLY D 14 5.95 -24.21 -12.24
N LYS D 15 4.77 -24.10 -12.83
CA LYS D 15 3.60 -23.62 -12.12
C LYS D 15 3.10 -24.68 -11.14
N LYS D 16 2.18 -24.27 -10.26
CA LYS D 16 1.53 -25.16 -9.31
C LYS D 16 0.08 -25.29 -9.71
N LEU D 17 -0.31 -26.48 -10.17
CA LEU D 17 -1.64 -26.69 -10.71
C LEU D 17 -2.70 -26.47 -9.64
N SER D 18 -3.95 -26.49 -10.07
CA SER D 18 -5.11 -26.34 -9.21
C SER D 18 -6.13 -27.42 -9.51
N PHE D 19 -5.64 -28.65 -9.69
CA PHE D 19 -6.51 -29.77 -9.97
C PHE D 19 -7.52 -29.96 -8.83
N ALA D 20 -8.56 -30.72 -9.12
CA ALA D 20 -9.58 -31.06 -8.14
C ALA D 20 -9.34 -32.47 -7.62
N ASN D 21 -9.48 -32.63 -6.31
CA ASN D 21 -9.22 -33.93 -5.66
C ASN D 21 -10.46 -34.80 -5.61
N TRP D 22 -11.09 -35.01 -6.76
CA TRP D 22 -12.24 -35.89 -6.85
C TRP D 22 -12.41 -36.31 -8.31
N ILE D 23 -13.30 -37.27 -8.52
CA ILE D 23 -13.63 -37.77 -9.85
C ILE D 23 -15.14 -37.81 -9.99
N SER D 24 -15.63 -37.42 -11.17
CA SER D 24 -17.05 -37.43 -11.44
C SER D 24 -17.43 -38.71 -12.17
N VAL D 25 -18.45 -39.40 -11.67
CA VAL D 25 -18.92 -40.65 -12.24
C VAL D 25 -20.44 -40.69 -12.10
N LEU D 26 -21.13 -40.90 -13.22
CA LEU D 26 -22.58 -40.94 -13.24
C LEU D 26 -23.14 -42.27 -13.72
N SER D 27 -22.30 -43.24 -14.06
CA SER D 27 -22.76 -44.53 -14.53
C SER D 27 -23.70 -45.16 -13.50
N PRO D 28 -24.97 -45.38 -13.82
CA PRO D 28 -25.89 -45.95 -12.84
C PRO D 28 -25.43 -47.31 -12.34
N GLN D 29 -25.84 -47.64 -11.11
CA GLN D 29 -25.59 -48.95 -10.52
C GLN D 29 -26.84 -49.45 -9.81
N ASP D 30 -28.01 -49.21 -10.39
CA ASP D 30 -29.27 -49.52 -9.70
C ASP D 30 -29.38 -51.01 -9.41
N THR D 31 -29.31 -51.84 -10.46
CA THR D 31 -29.53 -53.28 -10.34
C THR D 31 -30.83 -53.56 -9.61
N PRO D 32 -31.98 -53.22 -10.20
CA PRO D 32 -33.25 -53.43 -9.52
C PRO D 32 -33.73 -54.87 -9.58
N PHE D 33 -33.49 -55.53 -10.71
CA PHE D 33 -34.03 -56.86 -10.92
C PHE D 33 -33.42 -57.86 -9.95
N VAL D 34 -32.09 -57.86 -9.83
CA VAL D 34 -31.42 -58.79 -8.93
C VAL D 34 -31.92 -58.59 -7.50
N SER D 35 -32.25 -57.35 -7.15
CA SER D 35 -32.85 -57.09 -5.83
C SER D 35 -34.31 -57.49 -5.79
N MET D 36 -34.99 -57.53 -6.94
CA MET D 36 -36.38 -57.99 -7.02
C MET D 36 -36.45 -59.42 -7.51
N THR D 37 -35.32 -60.13 -7.53
CA THR D 37 -35.27 -61.54 -7.87
C THR D 37 -34.91 -62.39 -6.66
N GLY D 38 -33.73 -62.17 -6.09
CA GLY D 38 -33.36 -62.85 -4.88
C GLY D 38 -33.08 -64.32 -5.07
N LYS D 39 -32.12 -64.85 -4.33
CA LYS D 39 -31.86 -66.28 -4.28
C LYS D 39 -32.88 -66.92 -3.35
N GLU D 40 -33.34 -68.12 -3.72
CA GLU D 40 -34.53 -68.69 -3.12
C GLU D 40 -34.23 -69.89 -2.23
N SER D 41 -33.57 -70.93 -2.74
CA SER D 41 -33.44 -72.16 -1.96
C SER D 41 -32.55 -73.15 -2.71
N ILE D 42 -32.42 -74.33 -2.10
CA ILE D 42 -31.63 -75.45 -2.57
C ILE D 42 -32.23 -76.03 -3.84
N ASN D 43 -31.56 -77.04 -4.41
CA ASN D 43 -31.95 -77.65 -5.69
C ASN D 43 -31.68 -76.73 -6.86
N GLN D 44 -30.39 -76.50 -7.13
CA GLN D 44 -29.94 -75.78 -8.32
C GLN D 44 -30.20 -76.64 -9.55
N THR D 45 -29.78 -76.19 -10.73
CA THR D 45 -30.19 -76.81 -11.98
C THR D 45 -29.71 -78.25 -12.14
N ILE D 46 -29.03 -78.80 -11.14
CA ILE D 46 -28.79 -80.25 -11.12
C ILE D 46 -30.09 -80.99 -11.42
N PHE D 47 -31.22 -80.50 -10.90
CA PHE D 47 -32.54 -80.89 -11.35
C PHE D 47 -33.14 -79.77 -12.20
N SER D 48 -34.43 -79.88 -12.46
CA SER D 48 -35.13 -78.86 -13.24
C SER D 48 -36.48 -78.60 -12.57
N TRP D 49 -37.35 -77.89 -13.29
CA TRP D 49 -38.59 -77.41 -12.71
C TRP D 49 -39.53 -78.56 -12.36
N GLN D 50 -39.57 -79.59 -13.20
CA GLN D 50 -40.37 -80.80 -13.00
C GLN D 50 -41.83 -80.62 -13.38
N THR D 51 -42.21 -79.47 -13.92
CA THR D 51 -43.60 -79.26 -14.30
C THR D 51 -43.97 -80.14 -15.49
N ASP D 52 -45.15 -80.74 -15.40
CA ASP D 52 -45.70 -81.60 -16.45
C ASP D 52 -47.07 -81.07 -16.84
N ALA D 53 -47.78 -81.85 -17.66
CA ALA D 53 -49.11 -81.47 -18.10
C ALA D 53 -50.07 -81.46 -16.92
N LEU D 54 -51.09 -80.59 -17.00
CA LEU D 54 -52.11 -80.48 -15.95
C LEU D 54 -53.47 -80.97 -16.43
N ALA D 55 -53.94 -80.42 -17.54
CA ALA D 55 -55.25 -80.79 -18.09
C ALA D 55 -55.29 -80.34 -19.55
N SER D 56 -56.32 -80.81 -20.26
CA SER D 56 -56.51 -80.46 -21.67
C SER D 56 -57.83 -79.73 -21.89
N VAL D 57 -58.95 -80.30 -21.44
CA VAL D 57 -60.27 -79.73 -21.69
C VAL D 57 -61.20 -80.18 -20.58
N ASP D 58 -62.27 -79.42 -20.38
CA ASP D 58 -63.28 -79.74 -19.37
C ASP D 58 -64.55 -80.33 -19.98
N GLY D 59 -65.16 -79.64 -20.93
CA GLY D 59 -66.30 -80.16 -21.67
C GLY D 59 -67.34 -80.88 -20.85
N ASN D 60 -67.82 -82.01 -21.37
CA ASN D 60 -68.90 -82.76 -20.76
C ASN D 60 -68.31 -83.78 -19.78
N ASN D 61 -69.06 -84.09 -18.71
CA ASN D 61 -68.58 -84.99 -17.68
C ASN D 61 -69.40 -86.28 -17.59
N ALA D 62 -70.37 -86.47 -18.49
CA ALA D 62 -71.12 -87.73 -18.51
C ALA D 62 -70.18 -88.89 -18.77
N HIS D 63 -70.41 -90.00 -18.08
CA HIS D 63 -69.53 -91.16 -18.17
C HIS D 63 -70.36 -92.42 -18.16
N VAL D 64 -69.72 -93.53 -18.56
CA VAL D 64 -70.32 -94.85 -18.53
C VAL D 64 -69.45 -95.72 -17.63
N GLU D 65 -70.00 -96.87 -17.23
CA GLU D 65 -69.29 -97.80 -16.37
C GLU D 65 -68.12 -98.50 -17.07
N GLY D 66 -67.93 -98.26 -18.37
CA GLY D 66 -66.84 -98.88 -19.10
C GLY D 66 -66.19 -98.01 -20.15
N SER D 67 -66.44 -96.69 -20.10
CA SER D 67 -65.87 -95.77 -21.08
C SER D 67 -64.56 -95.20 -20.56
N ARG D 68 -63.65 -96.11 -20.21
CA ARG D 68 -62.35 -95.76 -19.69
C ARG D 68 -61.25 -96.61 -20.34
N ALA D 69 -61.32 -96.74 -21.66
CA ALA D 69 -60.40 -97.64 -22.36
C ALA D 69 -58.94 -97.27 -22.13
N GLU D 70 -58.50 -96.13 -22.66
CA GLU D 70 -57.11 -95.73 -22.55
C GLU D 70 -56.94 -94.34 -23.14
N ASP D 71 -55.98 -93.59 -22.60
CA ASP D 71 -55.58 -92.31 -23.16
C ASP D 71 -54.24 -91.92 -22.57
N GLY D 72 -53.28 -91.62 -23.45
CA GLY D 72 -51.98 -91.16 -23.01
C GLY D 72 -50.83 -92.03 -23.51
N GLU D 73 -49.61 -91.59 -23.24
CA GLU D 73 -48.41 -92.37 -23.51
C GLU D 73 -47.33 -91.93 -22.55
N MET D 74 -46.17 -92.59 -22.61
CA MET D 74 -45.13 -92.33 -21.63
C MET D 74 -43.79 -92.18 -22.34
N LYS D 75 -43.06 -91.13 -21.97
CA LYS D 75 -41.70 -90.83 -22.42
C LYS D 75 -41.05 -89.95 -21.36
N PRO D 76 -39.77 -90.14 -21.06
CA PRO D 76 -39.13 -89.34 -20.00
C PRO D 76 -39.35 -87.85 -20.25
N THR D 77 -39.33 -87.09 -19.15
CA THR D 77 -39.67 -85.67 -19.22
C THR D 77 -38.76 -84.94 -20.20
N VAL D 78 -39.27 -83.83 -20.72
CA VAL D 78 -38.60 -83.09 -21.78
C VAL D 78 -37.86 -81.88 -21.20
N ILE D 79 -38.06 -81.62 -19.91
CA ILE D 79 -37.28 -80.60 -19.23
C ILE D 79 -35.80 -80.97 -19.29
N LYS D 80 -35.00 -80.11 -19.92
CA LYS D 80 -33.63 -80.51 -20.24
C LYS D 80 -32.63 -80.07 -19.17
N SER D 81 -32.41 -78.76 -19.02
CA SER D 81 -31.39 -78.29 -18.09
C SER D 81 -31.28 -76.76 -18.19
N ASN D 82 -30.42 -76.20 -17.34
CA ASN D 82 -29.96 -74.83 -17.46
C ASN D 82 -28.43 -74.85 -17.34
N VAL D 83 -27.77 -74.03 -18.14
CA VAL D 83 -26.33 -74.13 -18.35
C VAL D 83 -25.54 -73.26 -17.38
N THR D 84 -26.18 -72.25 -16.79
CA THR D 84 -25.56 -71.42 -15.75
C THR D 84 -24.31 -70.73 -16.28
N GLN D 85 -24.54 -69.80 -17.22
CA GLN D 85 -23.44 -69.09 -17.85
C GLN D 85 -22.55 -68.42 -16.81
N ILE D 86 -21.33 -68.09 -17.22
CA ILE D 86 -20.32 -67.52 -16.34
C ILE D 86 -19.90 -66.16 -16.89
N LEU D 87 -19.40 -65.31 -16.00
CA LEU D 87 -18.92 -63.98 -16.33
C LEU D 87 -17.42 -63.90 -16.06
N ARG D 88 -16.82 -62.77 -16.42
CA ARG D 88 -15.37 -62.65 -16.39
C ARG D 88 -14.99 -61.17 -16.42
N LYS D 89 -14.10 -60.77 -15.51
CA LYS D 89 -13.52 -59.43 -15.54
C LYS D 89 -12.13 -59.53 -14.92
N VAL D 90 -11.12 -59.05 -15.65
CA VAL D 90 -9.73 -59.17 -15.21
C VAL D 90 -9.00 -57.86 -15.49
N VAL D 91 -7.87 -57.69 -14.80
CA VAL D 91 -6.97 -56.57 -15.01
C VAL D 91 -5.54 -57.10 -15.02
N ARG D 92 -4.63 -56.37 -15.65
CA ARG D 92 -3.23 -56.74 -15.73
C ARG D 92 -2.35 -55.55 -15.41
N VAL D 93 -2.68 -54.84 -14.32
CA VAL D 93 -1.90 -53.68 -13.91
C VAL D 93 -0.47 -54.12 -13.61
N SER D 94 0.46 -53.22 -13.87
CA SER D 94 1.88 -53.46 -13.60
C SER D 94 2.19 -53.00 -12.18
N ASP D 95 3.48 -53.00 -11.83
CA ASP D 95 3.90 -52.55 -10.50
C ASP D 95 4.15 -51.05 -10.46
N THR D 96 4.78 -50.50 -11.49
CA THR D 96 4.98 -49.06 -11.56
C THR D 96 3.65 -48.32 -11.49
N ALA D 97 2.61 -48.88 -12.11
CA ALA D 97 1.30 -48.26 -12.07
C ALA D 97 0.73 -48.25 -10.66
N ASN D 98 0.76 -49.41 -10.00
CA ASN D 98 0.22 -49.48 -8.64
C ASN D 98 1.02 -48.61 -7.68
N THR D 99 2.30 -48.38 -7.96
CA THR D 99 3.13 -47.57 -7.09
C THR D 99 2.98 -46.08 -7.34
N THR D 100 2.65 -45.69 -8.57
CA THR D 100 2.49 -44.28 -8.89
C THR D 100 1.26 -43.71 -8.19
N ALA D 101 1.24 -42.39 -8.03
CA ALA D 101 0.14 -41.68 -7.40
C ALA D 101 -0.50 -40.75 -8.40
N ASN D 102 -1.66 -40.20 -8.02
CA ASN D 102 -2.43 -39.33 -8.91
C ASN D 102 -3.57 -38.73 -8.10
N TYR D 103 -4.22 -37.74 -8.69
CA TYR D 103 -5.30 -37.02 -8.02
C TYR D 103 -6.58 -37.84 -8.04
N GLY D 104 -7.40 -37.67 -7.01
CA GLY D 104 -8.70 -38.30 -6.95
C GLY D 104 -8.69 -39.72 -6.41
N ARG D 105 -7.64 -40.47 -6.67
CA ARG D 105 -7.56 -41.87 -6.31
C ARG D 105 -6.14 -42.20 -5.85
N GLY D 106 -6.00 -43.37 -5.26
CA GLY D 106 -4.70 -43.82 -4.79
C GLY D 106 -4.08 -44.84 -5.72
N ARG D 107 -4.09 -46.11 -5.33
CA ARG D 107 -3.51 -47.17 -6.13
C ARG D 107 -4.43 -47.48 -7.31
N GLU D 108 -3.96 -47.23 -8.53
CA GLU D 108 -4.77 -47.46 -9.72
C GLU D 108 -5.34 -48.87 -9.76
N LEU D 109 -4.61 -49.84 -9.20
CA LEU D 109 -5.05 -51.23 -9.27
C LEU D 109 -6.40 -51.42 -8.60
N MET D 110 -6.53 -50.97 -7.35
CA MET D 110 -7.80 -51.14 -6.64
C MET D 110 -8.90 -50.35 -7.30
N TYR D 111 -8.59 -49.17 -7.82
CA TYR D 111 -9.59 -48.37 -8.54
C TYR D 111 -10.16 -49.15 -9.71
N GLN D 112 -9.28 -49.67 -10.57
CA GLN D 112 -9.75 -50.44 -11.72
C GLN D 112 -10.46 -51.71 -11.29
N LEU D 113 -10.02 -52.33 -10.19
CA LEU D 113 -10.68 -53.54 -9.71
C LEU D 113 -12.11 -53.26 -9.28
N GLU D 114 -12.32 -52.16 -8.55
CA GLU D 114 -13.67 -51.80 -8.13
C GLU D 114 -14.52 -51.41 -9.33
N LYS D 115 -13.94 -50.67 -10.28
CA LYS D 115 -14.67 -50.36 -11.50
C LYS D 115 -15.12 -51.63 -12.21
N LYS D 116 -14.24 -52.64 -12.26
CA LYS D 116 -14.57 -53.88 -12.94
C LYS D 116 -15.63 -54.67 -12.17
N GLY D 117 -15.59 -54.62 -10.85
CA GLY D 117 -16.66 -55.24 -10.08
C GLY D 117 -18.02 -54.62 -10.39
N LYS D 118 -18.09 -53.29 -10.37
CA LYS D 118 -19.33 -52.62 -10.73
C LYS D 118 -19.74 -52.97 -12.15
N GLU D 119 -18.77 -53.06 -13.07
CA GLU D 119 -19.08 -53.35 -14.46
C GLU D 119 -19.66 -54.75 -14.62
N ILE D 120 -19.10 -55.73 -13.91
CA ILE D 120 -19.64 -57.09 -14.00
C ILE D 120 -21.03 -57.15 -13.38
N LYS D 121 -21.25 -56.39 -12.30
CA LYS D 121 -22.59 -56.34 -11.73
C LYS D 121 -23.59 -55.80 -12.75
N ARG D 122 -23.23 -54.70 -13.42
CA ARG D 122 -24.09 -54.15 -14.45
C ARG D 122 -24.32 -55.14 -15.59
N ASP D 123 -23.26 -55.81 -16.03
CA ASP D 123 -23.39 -56.79 -17.10
C ASP D 123 -24.36 -57.90 -16.72
N LEU D 124 -24.23 -58.42 -15.50
CA LEU D 124 -25.16 -59.45 -15.04
C LEU D 124 -26.59 -58.92 -15.04
N GLU D 125 -26.80 -57.73 -14.47
CA GLU D 125 -28.15 -57.18 -14.42
C GLU D 125 -28.73 -57.04 -15.82
N LYS D 126 -27.90 -56.69 -16.80
CA LYS D 126 -28.42 -56.52 -18.16
C LYS D 126 -28.69 -57.86 -18.83
N ILE D 127 -27.83 -58.85 -18.59
CA ILE D 127 -27.95 -60.13 -19.28
C ILE D 127 -29.28 -60.80 -18.93
N LEU D 128 -29.64 -60.80 -17.65
CA LEU D 128 -30.86 -61.48 -17.23
C LEU D 128 -32.11 -60.91 -17.91
N LEU D 129 -32.02 -59.71 -18.48
CA LEU D 129 -33.16 -59.07 -19.11
C LEU D 129 -33.15 -59.16 -20.62
N SER D 130 -32.00 -59.45 -21.24
CA SER D 130 -31.93 -59.51 -22.69
C SER D 130 -32.46 -60.85 -23.18
N GLY D 131 -32.38 -61.04 -24.50
CA GLY D 131 -32.82 -62.28 -25.12
C GLY D 131 -31.69 -63.25 -25.33
N GLN D 132 -31.69 -64.35 -24.56
CA GLN D 132 -30.67 -65.39 -24.66
C GLN D 132 -31.36 -66.74 -24.71
N ALA D 133 -30.73 -67.69 -25.39
CA ALA D 133 -31.22 -69.06 -25.49
C ALA D 133 -30.07 -70.04 -25.34
N ARG D 134 -30.25 -71.03 -24.48
CA ARG D 134 -29.19 -71.98 -24.19
C ARG D 134 -29.11 -73.05 -25.27
N THR D 135 -27.89 -73.28 -25.78
CA THR D 135 -27.64 -74.30 -26.78
C THR D 135 -26.35 -75.06 -26.49
N ASP D 136 -25.94 -75.14 -25.22
CA ASP D 136 -24.67 -75.75 -24.88
C ASP D 136 -24.58 -77.17 -25.43
N VAL D 137 -23.34 -77.65 -25.57
CA VAL D 137 -23.07 -78.97 -26.10
C VAL D 137 -23.04 -80.03 -25.01
N LEU D 138 -23.42 -79.68 -23.79
CA LEU D 138 -23.43 -80.60 -22.65
C LEU D 138 -24.86 -81.04 -22.34
N ALA D 139 -25.65 -81.31 -23.38
CA ALA D 139 -27.04 -81.72 -23.22
C ALA D 139 -27.21 -82.68 -22.05
N ASP D 140 -28.10 -82.33 -21.13
CA ASP D 140 -28.33 -83.13 -19.93
C ASP D 140 -28.77 -84.55 -20.28
N GLN D 141 -29.95 -84.68 -20.87
CA GLN D 141 -30.49 -85.96 -21.33
C GLN D 141 -30.24 -87.06 -20.30
N TYR D 142 -30.89 -86.91 -19.14
CA TYR D 142 -30.86 -87.92 -18.09
C TYR D 142 -31.77 -89.09 -18.48
N LEU D 143 -32.11 -89.94 -17.51
CA LEU D 143 -33.26 -90.84 -17.70
C LEU D 143 -33.09 -91.86 -18.83
N THR D 144 -32.32 -92.93 -18.60
CA THR D 144 -32.28 -94.00 -19.60
C THR D 144 -31.57 -93.58 -20.87
N ASN D 145 -30.23 -93.69 -20.86
CA ASN D 145 -29.32 -92.85 -21.64
C ASN D 145 -29.11 -91.54 -20.89
N SER D 146 -28.91 -91.68 -19.58
CA SER D 146 -28.62 -90.56 -18.70
C SER D 146 -27.13 -90.22 -18.73
N ALA D 147 -26.81 -89.05 -18.16
CA ALA D 147 -25.44 -88.56 -18.04
C ALA D 147 -24.88 -88.06 -19.37
N ALA D 148 -25.57 -88.35 -20.47
CA ALA D 148 -25.27 -87.79 -21.79
C ALA D 148 -23.77 -87.60 -22.01
N ASP D 149 -23.04 -88.71 -21.93
CA ASP D 149 -21.60 -88.69 -22.21
C ASP D 149 -21.22 -89.60 -23.37
N PRO D 150 -21.93 -89.56 -24.51
CA PRO D 150 -21.46 -90.30 -25.68
C PRO D 150 -20.56 -89.48 -26.59
N ALA D 151 -20.44 -88.18 -26.36
CA ALA D 151 -19.71 -87.29 -27.25
C ALA D 151 -18.22 -87.33 -26.91
N VAL D 152 -17.48 -86.36 -27.42
CA VAL D 152 -16.05 -86.31 -27.15
C VAL D 152 -15.81 -85.98 -25.68
N ALA D 153 -14.56 -86.19 -25.25
CA ALA D 153 -14.18 -85.97 -23.87
C ALA D 153 -14.19 -84.47 -23.57
N GLY D 154 -13.84 -84.12 -22.34
CA GLY D 154 -13.86 -82.73 -21.90
C GLY D 154 -13.23 -81.76 -22.90
N LEU D 155 -11.99 -82.01 -23.28
CA LEU D 155 -11.25 -81.12 -24.15
C LEU D 155 -11.24 -79.71 -23.57
N ASN D 156 -10.81 -79.63 -22.31
CA ASN D 156 -10.90 -78.39 -21.55
C ASN D 156 -10.17 -77.26 -22.28
N ASP D 157 -10.68 -76.05 -22.09
CA ASP D 157 -10.16 -74.84 -22.72
C ASP D 157 -10.52 -74.76 -24.21
N THR D 158 -11.50 -75.54 -24.66
CA THR D 158 -11.91 -75.51 -26.06
C THR D 158 -13.42 -75.64 -26.24
N HIS D 159 -14.20 -75.61 -25.17
CA HIS D 159 -15.65 -75.78 -25.27
C HIS D 159 -16.30 -74.52 -25.84
N ALA D 160 -17.62 -74.53 -25.90
CA ALA D 160 -18.40 -73.47 -26.49
C ALA D 160 -18.98 -72.55 -25.41
N ALA D 161 -19.83 -71.63 -25.81
CA ALA D 161 -20.41 -70.64 -24.90
C ALA D 161 -21.51 -71.30 -24.06
N ARG D 162 -22.22 -70.49 -23.29
CA ARG D 162 -23.24 -70.96 -22.36
C ARG D 162 -24.65 -70.49 -22.72
N LYS D 163 -24.89 -69.18 -22.78
CA LYS D 163 -26.17 -68.63 -23.20
C LYS D 163 -27.32 -69.14 -22.31
N THR D 164 -27.23 -68.74 -21.04
CA THR D 164 -28.05 -69.31 -19.98
C THR D 164 -29.54 -69.40 -20.30
N GLY D 165 -30.03 -68.76 -21.35
CA GLY D 165 -31.45 -68.80 -21.63
C GLY D 165 -32.21 -67.86 -20.71
N ALA D 166 -32.07 -66.57 -20.95
CA ALA D 166 -32.49 -65.54 -20.00
C ALA D 166 -34.01 -65.39 -20.03
N PHE D 167 -34.49 -64.28 -19.45
CA PHE D 167 -35.91 -64.02 -19.22
C PHE D 167 -36.78 -64.42 -20.40
N GLN D 168 -36.53 -63.84 -21.57
CA GLN D 168 -37.38 -64.07 -22.72
C GLN D 168 -37.49 -65.55 -23.08
N PHE D 169 -36.50 -66.35 -22.67
CA PHE D 169 -36.53 -67.77 -22.99
C PHE D 169 -37.54 -68.51 -22.11
N LEU D 170 -37.55 -68.24 -20.82
CA LEU D 170 -38.43 -68.93 -19.87
C LEU D 170 -39.74 -68.16 -19.68
N CYS D 171 -40.40 -67.81 -20.78
CA CYS D 171 -41.71 -67.19 -20.72
C CYS D 171 -42.63 -67.72 -21.83
N ALA D 172 -42.42 -68.97 -22.25
CA ALA D 172 -43.24 -69.60 -23.28
C ALA D 172 -43.17 -68.81 -24.58
N HIS D 173 -41.94 -68.52 -25.00
CA HIS D 173 -41.73 -67.82 -26.27
C HIS D 173 -42.34 -68.62 -27.42
N GLY D 174 -42.73 -67.90 -28.47
CA GLY D 174 -43.38 -68.51 -29.61
C GLY D 174 -42.41 -68.93 -30.69
N GLY D 175 -41.23 -68.29 -30.73
CA GLY D 175 -40.27 -68.57 -31.77
C GLY D 175 -38.89 -68.03 -31.48
N LEU D 176 -37.87 -68.61 -32.11
CA LEU D 176 -36.49 -68.19 -31.92
C LEU D 176 -36.01 -67.43 -33.14
N ALA D 177 -35.26 -66.35 -32.88
CA ALA D 177 -34.70 -65.51 -33.94
C ALA D 177 -33.32 -65.99 -34.39
N GLY D 178 -32.94 -67.22 -34.05
CA GLY D 178 -31.65 -67.77 -34.40
C GLY D 178 -30.59 -67.53 -33.33
N GLY D 179 -30.56 -66.32 -32.78
CA GLY D 179 -29.64 -66.00 -31.70
C GLY D 179 -30.36 -65.53 -30.46
N VAL D 180 -31.58 -65.00 -30.63
CA VAL D 180 -32.39 -64.52 -29.53
C VAL D 180 -33.84 -64.89 -29.78
N VAL D 181 -34.74 -64.45 -28.91
CA VAL D 181 -36.15 -64.77 -29.02
C VAL D 181 -36.82 -63.75 -29.94
N ASP D 182 -37.69 -64.23 -30.81
CA ASP D 182 -38.41 -63.35 -31.71
C ASP D 182 -39.27 -62.37 -30.92
N LYS D 183 -39.56 -61.22 -31.55
CA LYS D 183 -40.39 -60.19 -30.94
C LYS D 183 -41.56 -59.80 -31.84
N THR D 184 -41.92 -60.64 -32.80
CA THR D 184 -43.06 -60.38 -33.68
C THR D 184 -43.90 -61.64 -33.83
N LYS D 185 -44.00 -62.42 -32.76
CA LYS D 185 -44.71 -63.69 -32.80
C LYS D 185 -45.38 -63.92 -31.45
N ASN D 186 -46.71 -63.83 -31.42
CA ASN D 186 -47.44 -64.12 -30.20
C ASN D 186 -47.35 -65.60 -29.87
N GLY D 187 -46.99 -65.90 -28.62
CA GLY D 187 -46.80 -67.26 -28.19
C GLY D 187 -48.08 -68.08 -28.29
N PRO D 188 -47.97 -69.39 -28.05
CA PRO D 188 -49.14 -70.25 -28.17
C PRO D 188 -50.13 -70.02 -27.02
N ALA D 189 -51.21 -70.78 -27.07
CA ALA D 189 -52.24 -70.74 -26.03
C ALA D 189 -52.09 -71.97 -25.14
N ASP D 190 -51.86 -71.72 -23.85
CA ASP D 190 -51.73 -72.82 -22.90
C ASP D 190 -52.99 -73.67 -22.90
N PRO D 191 -52.92 -74.96 -23.22
CA PRO D 191 -54.14 -75.78 -23.26
C PRO D 191 -54.87 -75.83 -21.94
N ASP D 192 -54.16 -75.67 -20.82
CA ASP D 192 -54.81 -75.72 -19.52
C ASP D 192 -55.87 -74.64 -19.38
N THR D 193 -55.56 -73.43 -19.85
CA THR D 193 -56.47 -72.29 -19.71
C THR D 193 -56.55 -71.44 -20.97
N GLY D 194 -55.98 -71.90 -22.08
CA GLY D 194 -56.05 -71.15 -23.31
C GLY D 194 -55.49 -69.75 -23.24
N ALA D 195 -54.65 -69.47 -22.25
CA ALA D 195 -54.11 -68.13 -22.08
C ALA D 195 -52.81 -67.97 -22.85
N VAL D 196 -52.37 -66.71 -22.98
CA VAL D 196 -51.11 -66.38 -23.63
C VAL D 196 -50.33 -65.46 -22.69
N THR D 197 -49.09 -65.84 -22.40
CA THR D 197 -48.23 -65.06 -21.51
C THR D 197 -47.20 -64.24 -22.27
N VAL D 198 -47.24 -64.27 -23.60
CA VAL D 198 -46.33 -63.47 -24.43
C VAL D 198 -47.09 -63.10 -25.70
N LYS D 199 -47.15 -61.80 -25.97
CA LYS D 199 -48.01 -61.28 -27.04
C LYS D 199 -47.29 -60.12 -27.72
N VAL D 200 -47.77 -59.75 -28.90
CA VAL D 200 -47.25 -58.63 -29.67
C VAL D 200 -48.39 -57.63 -29.86
N ALA D 201 -48.12 -56.37 -29.57
CA ALA D 201 -49.12 -55.33 -29.72
C ALA D 201 -49.29 -54.98 -31.20
N GLN D 202 -50.29 -54.16 -31.48
CA GLN D 202 -50.60 -53.71 -32.84
C GLN D 202 -50.84 -52.21 -32.79
N ASN D 203 -49.86 -51.44 -33.24
CA ASN D 203 -49.92 -49.98 -33.23
C ASN D 203 -50.30 -49.41 -34.59
N ALA D 204 -51.18 -50.09 -35.31
CA ALA D 204 -51.57 -49.62 -36.64
C ALA D 204 -52.48 -48.41 -36.54
N SER D 205 -53.47 -48.46 -35.67
CA SER D 205 -54.40 -47.35 -35.51
C SER D 205 -53.67 -46.04 -35.20
N ASN D 206 -52.79 -46.04 -34.20
CA ASN D 206 -52.03 -44.85 -33.88
C ASN D 206 -51.11 -44.50 -35.05
N PRO D 207 -50.51 -43.31 -35.03
CA PRO D 207 -49.62 -42.91 -36.13
C PRO D 207 -48.58 -43.98 -36.44
N THR D 208 -48.50 -44.40 -37.70
CA THR D 208 -47.59 -45.47 -38.09
C THR D 208 -46.19 -44.92 -38.30
N THR D 209 -45.66 -44.24 -37.29
CA THR D 209 -44.32 -43.66 -37.35
C THR D 209 -43.53 -44.02 -36.11
N ASN D 210 -44.22 -44.18 -34.99
CA ASN D 210 -43.57 -44.50 -33.72
C ASN D 210 -43.72 -45.98 -33.40
N ILE D 211 -42.76 -46.52 -32.67
CA ILE D 211 -42.76 -47.91 -32.25
C ILE D 211 -43.00 -47.91 -30.75
N GLY D 212 -44.24 -48.14 -30.34
CA GLY D 212 -44.57 -48.09 -28.93
C GLY D 212 -45.90 -48.74 -28.67
N PHE D 213 -46.44 -48.45 -27.49
CA PHE D 213 -47.71 -49.01 -27.08
C PHE D 213 -48.85 -48.44 -27.93
N ASP D 214 -50.05 -48.91 -27.63
CA ASP D 214 -51.27 -48.45 -28.31
C ASP D 214 -52.24 -48.02 -27.22
N GLU D 215 -53.50 -47.82 -27.59
CA GLU D 215 -54.54 -47.54 -26.61
C GLU D 215 -54.49 -48.62 -25.53
N ALA D 216 -55.15 -48.39 -24.41
CA ALA D 216 -54.87 -49.17 -23.20
C ALA D 216 -55.33 -50.61 -23.43
N ASP D 217 -54.52 -51.35 -24.19
CA ASP D 217 -54.69 -52.76 -24.42
C ASP D 217 -53.98 -53.61 -23.36
N ILE D 218 -53.18 -52.99 -22.49
CA ILE D 218 -52.57 -53.70 -21.38
C ILE D 218 -53.61 -54.51 -20.63
N PHE D 219 -54.87 -54.05 -20.63
CA PHE D 219 -55.93 -54.82 -20.01
C PHE D 219 -56.07 -56.18 -20.65
N ASP D 220 -55.78 -56.27 -21.95
CA ASP D 220 -55.80 -57.58 -22.62
C ASP D 220 -54.75 -58.51 -22.02
N MET D 221 -53.53 -58.01 -21.82
CA MET D 221 -52.48 -58.81 -21.22
C MET D 221 -52.85 -59.21 -19.80
N THR D 222 -53.43 -58.28 -19.04
CA THR D 222 -53.81 -58.60 -17.66
C THR D 222 -54.91 -59.65 -17.62
N LEU D 223 -55.84 -59.60 -18.58
CA LEU D 223 -56.88 -60.62 -18.66
C LEU D 223 -56.28 -61.97 -19.04
N GLN D 224 -55.34 -61.98 -19.99
CA GLN D 224 -54.66 -63.22 -20.32
C GLN D 224 -53.94 -63.80 -19.10
N LEU D 225 -53.34 -62.94 -18.29
CA LEU D 225 -52.68 -63.40 -17.08
C LEU D 225 -53.70 -63.98 -16.09
N TYR D 226 -54.78 -63.24 -15.84
CA TYR D 226 -55.81 -63.71 -14.91
C TYR D 226 -56.39 -65.03 -15.37
N THR D 227 -56.41 -65.28 -16.68
CA THR D 227 -56.84 -66.57 -17.20
C THR D 227 -55.82 -67.67 -16.96
N ALA D 228 -54.64 -67.34 -16.43
CA ALA D 228 -53.59 -68.33 -16.21
C ALA D 228 -53.15 -68.35 -14.75
N GLY D 229 -53.92 -67.71 -13.88
CA GLY D 229 -53.59 -67.73 -12.45
C GLY D 229 -52.19 -67.26 -12.15
N SER D 230 -51.66 -66.33 -12.96
CA SER D 230 -50.34 -65.78 -12.68
C SER D 230 -50.30 -65.09 -11.33
N GLU D 231 -51.36 -64.34 -11.01
CA GLU D 231 -51.45 -63.60 -9.75
C GLU D 231 -50.23 -62.69 -9.58
N ALA D 232 -50.01 -61.86 -10.59
CA ALA D 232 -48.87 -60.96 -10.65
C ALA D 232 -49.32 -59.55 -10.27
N ASP D 233 -48.44 -58.83 -9.56
CA ASP D 233 -48.75 -57.47 -9.11
C ASP D 233 -47.55 -56.54 -9.29
N ILE D 234 -46.74 -56.78 -10.32
CA ILE D 234 -45.61 -55.90 -10.62
C ILE D 234 -45.47 -55.80 -12.14
N ILE D 235 -45.16 -54.59 -12.61
CA ILE D 235 -45.04 -54.31 -14.03
C ILE D 235 -43.76 -53.53 -14.26
N MET D 236 -43.52 -53.18 -15.52
CA MET D 236 -42.32 -52.46 -15.94
C MET D 236 -42.67 -51.04 -16.34
N ILE D 237 -41.64 -50.19 -16.42
CA ILE D 237 -41.84 -48.80 -16.80
C ILE D 237 -41.62 -48.58 -18.29
N ASN D 238 -40.62 -49.25 -18.88
CA ASN D 238 -40.20 -48.93 -20.24
C ASN D 238 -39.94 -47.43 -20.33
N PRO D 239 -38.81 -46.95 -19.78
CA PRO D 239 -38.62 -45.50 -19.63
C PRO D 239 -38.86 -44.73 -20.92
N ALA D 240 -38.31 -45.22 -22.02
CA ALA D 240 -38.51 -44.57 -23.31
C ALA D 240 -39.98 -44.48 -23.69
N HIS D 241 -40.82 -45.37 -23.16
CA HIS D 241 -42.24 -45.40 -23.49
C HIS D 241 -43.13 -45.24 -22.25
N ALA D 242 -42.61 -44.61 -21.19
CA ALA D 242 -43.46 -44.28 -20.06
C ALA D 242 -44.38 -43.11 -20.37
N LYS D 243 -44.17 -42.44 -21.50
CA LYS D 243 -45.03 -41.33 -21.89
C LYS D 243 -46.49 -41.75 -21.95
N ILE D 244 -46.80 -42.82 -22.69
CA ILE D 244 -48.18 -43.27 -22.81
C ILE D 244 -48.65 -43.91 -21.51
N PHE D 245 -47.76 -44.67 -20.87
CA PHE D 245 -48.11 -45.30 -19.60
C PHE D 245 -48.52 -44.26 -18.58
N ALA D 246 -48.07 -43.02 -18.74
CA ALA D 246 -48.51 -41.95 -17.84
C ALA D 246 -49.73 -41.23 -18.40
N GLY D 247 -49.72 -40.91 -19.69
CA GLY D 247 -50.79 -40.14 -20.30
C GLY D 247 -52.09 -40.90 -20.49
N LEU D 248 -52.11 -42.20 -20.22
CA LEU D 248 -53.36 -42.95 -20.34
C LEU D 248 -54.50 -42.31 -19.55
N GLN D 249 -54.18 -41.46 -18.58
CA GLN D 249 -55.17 -40.66 -17.87
C GLN D 249 -55.85 -39.65 -18.77
N GLU D 250 -55.48 -39.57 -20.04
CA GLU D 250 -56.04 -38.59 -20.97
C GLU D 250 -56.05 -39.21 -22.35
N ASN D 251 -56.15 -38.37 -23.39
CA ASN D 251 -56.25 -38.73 -24.80
C ASN D 251 -57.66 -39.21 -25.14
N THR D 252 -58.54 -39.36 -24.15
CA THR D 252 -59.94 -39.69 -24.38
C THR D 252 -60.74 -38.39 -24.29
N GLN D 253 -61.17 -37.88 -25.45
CA GLN D 253 -61.76 -36.56 -25.51
C GLN D 253 -63.01 -36.49 -24.65
N GLY D 254 -62.91 -35.78 -23.52
CA GLY D 254 -64.04 -35.61 -22.63
C GLY D 254 -64.23 -36.75 -21.65
N SER D 255 -63.99 -37.98 -22.11
CA SER D 255 -64.24 -39.15 -21.27
C SER D 255 -63.45 -39.11 -19.96
N ARG D 256 -62.24 -38.56 -20.00
CA ARG D 256 -61.40 -38.44 -18.82
C ARG D 256 -60.86 -37.03 -18.74
N LYS D 257 -60.50 -36.62 -17.53
CA LYS D 257 -60.01 -35.28 -17.29
C LYS D 257 -58.91 -35.32 -16.24
N ARG D 258 -58.06 -34.28 -16.27
CA ARG D 258 -57.08 -34.05 -15.23
C ARG D 258 -57.20 -32.59 -14.82
N ILE D 259 -57.49 -32.35 -13.55
CA ILE D 259 -57.88 -31.02 -13.08
C ILE D 259 -56.77 -30.46 -12.19
N PHE D 260 -56.77 -29.13 -12.07
CA PHE D 260 -55.85 -28.43 -11.19
C PHE D 260 -56.62 -27.28 -10.55
N GLU D 261 -56.78 -27.34 -9.22
CA GLU D 261 -57.60 -26.38 -8.49
C GLU D 261 -56.65 -25.39 -7.82
N ASN D 262 -56.27 -24.36 -8.58
CA ASN D 262 -55.36 -23.32 -8.09
C ASN D 262 -54.14 -23.95 -7.40
N THR D 263 -53.48 -24.85 -8.13
CA THR D 263 -52.32 -25.57 -7.62
C THR D 263 -51.11 -25.22 -8.45
N LYS D 264 -49.98 -24.98 -7.78
CA LYS D 264 -48.73 -24.61 -8.43
C LYS D 264 -47.85 -25.83 -8.70
N GLN D 265 -48.45 -27.00 -8.86
CA GLN D 265 -47.71 -28.24 -9.09
C GLN D 265 -48.29 -28.97 -10.30
N PHE D 266 -47.40 -29.56 -11.10
CA PHE D 266 -47.79 -30.36 -12.25
C PHE D 266 -47.11 -31.71 -12.15
N ILE D 267 -47.90 -32.77 -12.21
CA ILE D 267 -47.41 -34.14 -12.01
C ILE D 267 -47.96 -34.98 -13.15
N TYR D 268 -47.13 -35.20 -14.17
CA TYR D 268 -47.49 -36.06 -15.30
C TYR D 268 -46.89 -37.45 -15.07
N GLU D 269 -47.36 -38.09 -14.00
CA GLU D 269 -46.79 -39.36 -13.56
C GLU D 269 -47.88 -40.23 -12.94
N VAL D 270 -47.73 -41.53 -13.14
CA VAL D 270 -48.56 -42.54 -12.48
C VAL D 270 -47.69 -43.77 -12.22
N ASN D 271 -47.77 -44.31 -11.00
CA ASN D 271 -46.98 -45.47 -10.63
C ASN D 271 -47.85 -46.54 -9.98
N SER D 272 -49.09 -46.66 -10.42
CA SER D 272 -50.01 -47.65 -9.86
C SER D 272 -51.18 -47.83 -10.80
N ILE D 273 -51.65 -49.06 -10.91
CA ILE D 273 -52.77 -49.40 -11.79
C ILE D 273 -53.67 -50.39 -11.05
N THR D 274 -54.96 -50.35 -11.40
CA THR D 274 -55.95 -51.26 -10.82
C THR D 274 -56.97 -51.56 -11.93
N ASP D 275 -56.78 -52.69 -12.60
CA ASP D 275 -57.59 -53.05 -13.74
C ASP D 275 -59.03 -53.35 -13.31
N PRO D 276 -59.97 -53.38 -14.26
CA PRO D 276 -61.34 -53.76 -13.90
C PRO D 276 -61.44 -55.13 -13.25
N LEU D 277 -60.47 -56.01 -13.49
CA LEU D 277 -60.42 -57.32 -12.86
C LEU D 277 -59.64 -57.31 -11.55
N GLY D 278 -59.56 -56.15 -10.90
CA GLY D 278 -58.68 -56.00 -9.76
C GLY D 278 -57.24 -56.04 -10.21
N GLN D 279 -56.48 -57.01 -9.72
CA GLN D 279 -55.10 -57.25 -10.17
C GLN D 279 -54.28 -55.96 -10.12
N SER D 280 -54.25 -55.36 -8.94
CA SER D 280 -53.43 -54.17 -8.73
C SER D 280 -51.97 -54.48 -9.03
N TYR D 281 -51.30 -53.55 -9.69
CA TYR D 281 -49.92 -53.72 -10.10
C TYR D 281 -49.04 -52.65 -9.48
N LYS D 282 -47.73 -52.80 -9.71
CA LYS D 282 -46.74 -51.84 -9.22
C LYS D 282 -45.65 -51.73 -10.27
N ILE D 283 -45.23 -50.51 -10.55
CA ILE D 283 -44.27 -50.24 -11.61
C ILE D 283 -42.85 -50.34 -11.06
N ILE D 284 -41.93 -50.75 -11.94
CA ILE D 284 -40.52 -50.89 -11.58
C ILE D 284 -39.69 -50.42 -12.78
N VAL D 285 -38.57 -49.76 -12.49
CA VAL D 285 -37.70 -49.23 -13.52
C VAL D 285 -36.47 -50.12 -13.66
N ASN D 286 -36.17 -50.51 -14.89
CA ASN D 286 -35.08 -51.42 -15.22
C ASN D 286 -34.32 -50.93 -16.44
N ARG D 287 -33.85 -49.68 -16.37
CA ARG D 287 -33.16 -49.03 -17.48
C ARG D 287 -32.32 -50.01 -18.29
N TRP D 288 -31.56 -50.88 -17.61
CA TRP D 288 -30.78 -51.89 -18.30
C TRP D 288 -31.62 -52.74 -19.24
N MET D 289 -32.92 -52.87 -18.99
CA MET D 289 -33.82 -53.62 -19.85
C MET D 289 -33.87 -52.97 -21.23
N PRO D 290 -34.06 -53.74 -22.29
CA PRO D 290 -34.23 -53.13 -23.62
C PRO D 290 -35.39 -52.16 -23.66
N THR D 291 -35.49 -51.40 -24.76
CA THR D 291 -36.53 -50.40 -24.92
C THR D 291 -37.60 -50.82 -25.93
N ASP D 292 -37.70 -52.13 -26.21
CA ASP D 292 -38.68 -52.62 -27.17
C ASP D 292 -39.46 -53.82 -26.61
N ALA D 293 -39.79 -53.78 -25.33
CA ALA D 293 -40.54 -54.86 -24.71
C ALA D 293 -40.94 -54.46 -23.29
N VAL D 294 -41.81 -55.26 -22.69
CA VAL D 294 -42.28 -55.04 -21.34
C VAL D 294 -42.38 -56.40 -20.65
N TYR D 295 -42.05 -56.42 -19.36
CA TYR D 295 -42.01 -57.65 -18.58
C TYR D 295 -42.93 -57.53 -17.36
N PHE D 296 -43.88 -58.44 -17.25
CA PHE D 296 -44.72 -58.58 -16.07
C PHE D 296 -44.32 -59.86 -15.35
N PHE D 297 -44.15 -59.77 -14.04
CA PHE D 297 -43.63 -60.90 -13.28
C PHE D 297 -43.97 -60.72 -11.81
N ARG D 298 -43.44 -61.62 -10.98
CA ARG D 298 -43.51 -61.52 -9.53
C ARG D 298 -42.13 -61.81 -8.97
N SER D 299 -41.90 -61.34 -7.74
CA SER D 299 -40.59 -61.46 -7.11
C SER D 299 -40.32 -62.85 -6.54
N ALA D 300 -41.26 -63.78 -6.63
CA ALA D 300 -41.10 -65.12 -6.10
C ALA D 300 -40.83 -66.16 -7.16
N ASP D 301 -41.45 -66.02 -8.33
CA ASP D 301 -41.29 -67.02 -9.38
C ASP D 301 -39.83 -67.14 -9.83
N TRP D 302 -39.12 -66.01 -9.86
CA TRP D 302 -37.76 -65.98 -10.38
C TRP D 302 -36.75 -66.04 -9.26
N THR D 303 -35.60 -66.67 -9.55
CA THR D 303 -34.53 -66.79 -8.58
C THR D 303 -33.24 -67.12 -9.32
N GLN D 304 -32.12 -66.83 -8.69
CA GLN D 304 -30.81 -66.99 -9.30
C GLN D 304 -30.24 -68.39 -9.01
N MET D 305 -29.12 -68.69 -9.66
CA MET D 305 -28.46 -69.99 -9.57
C MET D 305 -26.95 -69.81 -9.43
N VAL D 306 -26.53 -68.95 -8.49
CA VAL D 306 -25.11 -68.78 -8.24
C VAL D 306 -24.48 -70.13 -7.96
N LEU D 307 -23.35 -70.40 -8.61
CA LEU D 307 -22.74 -71.73 -8.49
C LEU D 307 -21.94 -71.85 -7.19
N ARG D 308 -20.86 -71.09 -7.07
CA ARG D 308 -20.15 -71.03 -5.79
C ARG D 308 -20.27 -69.66 -5.16
N ALA D 309 -19.76 -68.62 -5.83
CA ALA D 309 -19.86 -67.25 -5.35
C ALA D 309 -19.19 -66.30 -6.33
N PRO D 310 -19.48 -64.99 -6.27
CA PRO D 310 -18.61 -64.00 -6.90
C PRO D 310 -17.45 -63.64 -5.98
N LYS D 311 -16.24 -64.00 -6.39
CA LYS D 311 -15.06 -63.75 -5.57
C LYS D 311 -13.91 -63.30 -6.47
N ARG D 312 -13.05 -62.48 -5.92
CA ARG D 312 -11.87 -61.99 -6.62
C ARG D 312 -10.62 -62.66 -6.09
N THR D 313 -9.72 -62.99 -7.01
CA THR D 313 -8.47 -63.67 -6.66
C THR D 313 -7.47 -63.50 -7.78
N GLU D 314 -6.20 -63.66 -7.45
CA GLU D 314 -5.10 -63.49 -8.38
C GLU D 314 -4.58 -64.84 -8.86
N LEU D 315 -4.15 -64.88 -10.11
CA LEU D 315 -3.53 -66.06 -10.70
C LEU D 315 -2.03 -65.81 -10.88
N ALA D 316 -1.32 -66.84 -11.33
CA ALA D 316 0.12 -66.74 -11.52
C ALA D 316 0.49 -65.46 -12.26
N LYS D 317 1.49 -64.76 -11.74
CA LYS D 317 1.91 -63.48 -12.29
C LYS D 317 2.87 -63.71 -13.46
N ASP D 318 3.55 -62.64 -13.86
CA ASP D 318 4.46 -62.66 -15.01
C ASP D 318 5.59 -61.68 -14.70
N GLY D 319 6.29 -61.22 -15.73
CA GLY D 319 7.44 -60.37 -15.55
C GLY D 319 7.06 -58.97 -15.11
N SER D 320 6.66 -58.86 -13.83
CA SER D 320 6.21 -57.59 -13.25
C SER D 320 4.83 -57.19 -13.77
N TYR D 321 3.94 -58.16 -13.87
CA TYR D 321 2.52 -57.93 -14.11
C TYR D 321 1.74 -58.30 -12.85
N GLU D 322 0.46 -57.97 -12.85
CA GLU D 322 -0.42 -58.34 -11.74
C GLU D 322 -1.82 -58.62 -12.28
N LYS D 323 -2.24 -59.88 -12.22
CA LYS D 323 -3.51 -60.30 -12.81
C LYS D 323 -4.52 -60.63 -11.72
N TRP D 324 -5.79 -60.45 -12.06
CA TRP D 324 -6.89 -60.72 -11.14
C TRP D 324 -8.08 -61.20 -11.95
N MET D 325 -8.93 -62.00 -11.30
CA MET D 325 -10.12 -62.54 -11.95
C MET D 325 -11.27 -62.52 -10.96
N ILE D 326 -12.48 -62.69 -11.50
CA ILE D 326 -13.70 -62.66 -10.71
C ILE D 326 -14.41 -64.00 -10.83
N GLU D 327 -14.71 -64.41 -12.06
CA GLU D 327 -15.32 -65.71 -12.33
C GLU D 327 -16.66 -65.84 -11.61
N MET D 328 -17.61 -64.99 -12.01
CA MET D 328 -18.96 -65.06 -11.49
C MET D 328 -19.82 -65.93 -12.38
N GLU D 329 -20.47 -66.93 -11.78
CA GLU D 329 -21.29 -67.89 -12.51
C GLU D 329 -22.67 -67.95 -11.86
N VAL D 330 -23.69 -67.64 -12.66
CA VAL D 330 -25.07 -67.61 -12.17
C VAL D 330 -25.99 -68.21 -13.21
N GLY D 331 -27.29 -68.22 -12.91
CA GLY D 331 -28.30 -68.70 -13.83
C GLY D 331 -29.69 -68.38 -13.34
N LEU D 332 -30.65 -68.31 -14.25
CA LEU D 332 -32.01 -67.95 -13.92
C LEU D 332 -32.84 -69.21 -13.68
N ARG D 333 -34.02 -69.01 -13.10
CA ARG D 333 -34.93 -70.11 -12.83
C ARG D 333 -36.35 -69.57 -12.83
N HIS D 334 -37.07 -69.78 -13.93
CA HIS D 334 -38.48 -69.44 -13.99
C HIS D 334 -39.34 -70.67 -13.72
N ARG D 335 -40.49 -70.42 -13.11
CA ARG D 335 -41.41 -71.48 -12.73
C ARG D 335 -42.71 -71.25 -13.48
N ASN D 336 -43.26 -72.31 -14.07
CA ASN D 336 -44.47 -72.20 -14.88
C ASN D 336 -44.26 -71.16 -15.98
N PRO D 337 -43.51 -71.49 -17.03
CA PRO D 337 -43.27 -70.52 -18.12
C PRO D 337 -44.49 -69.68 -18.47
N TYR D 338 -45.68 -70.28 -18.41
CA TYR D 338 -46.92 -69.55 -18.65
C TYR D 338 -47.36 -68.83 -17.39
N ALA D 339 -46.46 -68.03 -16.79
CA ALA D 339 -46.78 -67.32 -15.57
C ALA D 339 -46.32 -65.86 -15.57
N SER D 340 -45.49 -65.44 -16.50
CA SER D 340 -44.99 -64.07 -16.57
C SER D 340 -45.36 -63.47 -17.92
N GLY D 341 -45.77 -62.20 -17.90
CA GLY D 341 -46.25 -61.54 -19.09
C GLY D 341 -45.16 -60.80 -19.84
N VAL D 342 -45.27 -60.81 -21.17
CA VAL D 342 -44.35 -60.09 -22.04
C VAL D 342 -45.16 -59.37 -23.11
N LEU D 343 -44.77 -58.14 -23.41
CA LEU D 343 -45.53 -57.30 -24.34
C LEU D 343 -44.53 -56.50 -25.17
N PHE D 344 -44.35 -56.92 -26.42
CA PHE D 344 -43.47 -56.19 -27.34
C PHE D 344 -44.19 -54.98 -27.91
N THR D 345 -43.41 -54.06 -28.46
CA THR D 345 -43.93 -52.87 -29.12
C THR D 345 -43.63 -52.96 -30.61
N ALA D 346 -44.68 -52.84 -31.42
CA ALA D 346 -44.56 -52.93 -32.87
C ALA D 346 -45.42 -51.86 -33.53
N ALA D 347 -44.92 -51.30 -34.63
CA ALA D 347 -45.73 -50.38 -35.43
C ALA D 347 -46.68 -51.14 -36.35
N GLY D 348 -46.32 -52.35 -36.73
CA GLY D 348 -47.18 -53.17 -37.56
C GLY D 348 -46.59 -54.56 -37.71
N LYS D 349 -47.13 -55.30 -38.67
CA LYS D 349 -46.62 -56.64 -38.96
C LYS D 349 -46.50 -56.84 -40.47
N ASN E 3 -44.58 45.66 -14.99
CA ASN E 3 -45.27 46.46 -13.95
C ASN E 3 -46.54 45.78 -13.47
N PRO E 4 -46.43 44.55 -12.97
CA PRO E 4 -47.62 43.83 -12.54
C PRO E 4 -48.20 44.43 -11.27
N THR E 5 -49.53 44.43 -11.19
CA THR E 5 -50.26 44.89 -10.01
C THR E 5 -50.56 43.74 -9.06
N LEU E 6 -50.06 42.54 -9.35
CA LEU E 6 -50.26 41.39 -8.47
C LEU E 6 -49.11 40.42 -8.76
N PHE E 7 -48.23 40.23 -7.78
CA PHE E 7 -47.01 39.45 -7.99
C PHE E 7 -47.33 37.97 -7.76
N VAL E 8 -47.85 37.35 -8.82
CA VAL E 8 -48.19 35.92 -8.78
C VAL E 8 -46.92 35.10 -8.88
N SER E 9 -47.04 33.80 -8.60
CA SER E 9 -45.86 32.93 -8.57
C SER E 9 -45.10 32.95 -9.89
N TYR E 10 -45.78 33.19 -11.02
CA TYR E 10 -45.09 33.17 -12.30
C TYR E 10 -44.06 34.29 -12.41
N ASP E 11 -44.22 35.35 -11.62
CA ASP E 11 -43.30 36.48 -11.66
C ASP E 11 -42.11 36.31 -10.73
N GLN E 12 -41.86 35.10 -10.24
CA GLN E 12 -40.78 34.81 -9.32
C GLN E 12 -39.56 34.38 -10.14
N ASN E 13 -38.77 35.37 -10.58
CA ASN E 13 -37.62 35.08 -11.41
C ASN E 13 -36.61 34.21 -10.64
N GLY E 14 -36.07 34.75 -9.55
CA GLY E 14 -35.17 33.98 -8.71
C GLY E 14 -35.97 33.07 -7.79
N LYS E 15 -35.89 31.76 -8.01
CA LYS E 15 -36.66 30.80 -7.24
C LYS E 15 -35.78 29.62 -6.86
N LYS E 16 -35.87 29.20 -5.60
CA LYS E 16 -35.13 28.04 -5.11
C LYS E 16 -35.95 26.79 -5.41
N LEU E 17 -35.39 25.90 -6.22
CA LEU E 17 -36.12 24.70 -6.61
C LEU E 17 -36.28 23.76 -5.42
N SER E 18 -37.11 22.73 -5.63
CA SER E 18 -37.46 21.76 -4.59
C SER E 18 -37.14 20.34 -5.03
N PHE E 19 -35.95 20.15 -5.60
CA PHE E 19 -35.56 18.81 -6.05
C PHE E 19 -35.56 17.84 -4.88
N ALA E 20 -35.78 16.57 -5.20
CA ALA E 20 -35.81 15.52 -4.18
C ALA E 20 -34.41 14.99 -3.90
N ASN E 21 -34.16 14.66 -2.64
CA ASN E 21 -32.85 14.18 -2.20
C ASN E 21 -32.74 12.66 -2.31
N TRP E 22 -32.96 12.15 -3.51
CA TRP E 22 -32.79 10.73 -3.78
C TRP E 22 -32.94 10.53 -5.29
N ILE E 23 -32.70 9.29 -5.72
CA ILE E 23 -32.74 8.93 -7.14
C ILE E 23 -33.48 7.61 -7.28
N SER E 24 -34.30 7.52 -8.32
CA SER E 24 -35.11 6.34 -8.58
C SER E 24 -34.34 5.39 -9.49
N VAL E 25 -34.40 4.10 -9.17
CA VAL E 25 -33.72 3.07 -9.96
C VAL E 25 -34.65 1.87 -10.10
N LEU E 26 -34.86 1.45 -11.35
CA LEU E 26 -35.65 0.26 -11.65
C LEU E 26 -34.79 -0.84 -12.26
N SER E 27 -33.48 -0.64 -12.31
CA SER E 27 -32.58 -1.63 -12.89
C SER E 27 -32.67 -2.93 -12.08
N PRO E 28 -33.08 -4.04 -12.68
CA PRO E 28 -33.27 -5.27 -11.90
C PRO E 28 -31.95 -5.82 -11.39
N GLN E 29 -31.99 -6.35 -10.17
CA GLN E 29 -30.83 -6.96 -9.52
C GLN E 29 -31.31 -8.23 -8.82
N ASP E 30 -31.20 -9.37 -9.51
CA ASP E 30 -31.59 -10.65 -8.96
C ASP E 30 -30.39 -11.56 -8.73
N THR E 31 -29.58 -11.79 -9.76
CA THR E 31 -28.42 -12.66 -9.67
C THR E 31 -28.82 -14.01 -9.06
N PRO E 32 -29.78 -14.71 -9.66
CA PRO E 32 -30.20 -16.00 -9.07
C PRO E 32 -29.17 -17.09 -9.27
N PHE E 33 -28.53 -17.15 -10.43
CA PHE E 33 -27.54 -18.20 -10.69
C PHE E 33 -26.37 -18.10 -9.72
N VAL E 34 -25.82 -16.90 -9.54
CA VAL E 34 -24.66 -16.75 -8.67
C VAL E 34 -25.00 -17.12 -7.23
N SER E 35 -26.24 -16.89 -6.81
CA SER E 35 -26.63 -17.12 -5.43
C SER E 35 -26.82 -18.59 -5.09
N MET E 36 -26.57 -19.50 -6.03
CA MET E 36 -26.77 -20.92 -5.79
C MET E 36 -25.63 -21.80 -6.28
N THR E 37 -24.60 -21.24 -6.91
CA THR E 37 -23.51 -22.06 -7.44
C THR E 37 -22.44 -22.32 -6.39
N GLY E 38 -22.05 -21.29 -5.64
CA GLY E 38 -20.91 -21.38 -4.75
C GLY E 38 -19.62 -21.08 -5.47
N LYS E 39 -18.59 -20.80 -4.68
CA LYS E 39 -17.30 -20.42 -5.22
C LYS E 39 -16.18 -21.05 -4.41
N GLU E 40 -15.04 -21.27 -5.08
CA GLU E 40 -13.86 -21.85 -4.46
C GLU E 40 -12.64 -21.14 -5.02
N SER E 41 -11.84 -20.54 -4.14
CA SER E 41 -10.68 -19.77 -4.59
C SER E 41 -9.62 -20.69 -5.16
N ILE E 42 -8.88 -20.18 -6.15
CA ILE E 42 -7.77 -20.89 -6.77
C ILE E 42 -6.57 -19.95 -6.78
N ASN E 43 -5.43 -20.50 -7.19
CA ASN E 43 -4.17 -19.75 -7.26
C ASN E 43 -3.49 -20.01 -8.60
N GLN E 44 -4.27 -19.98 -9.67
CA GLN E 44 -3.72 -20.24 -11.00
C GLN E 44 -4.71 -19.75 -12.05
N THR E 45 -4.18 -19.41 -13.22
CA THR E 45 -5.00 -18.95 -14.34
C THR E 45 -5.65 -20.09 -15.11
N ILE E 46 -5.19 -21.33 -14.89
CA ILE E 46 -5.75 -22.49 -15.57
C ILE E 46 -6.02 -23.57 -14.54
N PHE E 47 -7.09 -24.33 -14.76
CA PHE E 47 -7.50 -25.38 -13.84
C PHE E 47 -8.20 -26.48 -14.64
N SER E 48 -8.50 -27.58 -13.97
CA SER E 48 -9.15 -28.71 -14.60
C SER E 48 -9.75 -29.61 -13.54
N TRP E 49 -10.38 -30.69 -14.01
CA TRP E 49 -11.02 -31.64 -13.12
C TRP E 49 -11.07 -33.00 -13.82
N GLN E 50 -11.22 -34.05 -13.02
CA GLN E 50 -11.27 -35.41 -13.53
C GLN E 50 -12.66 -35.76 -14.02
N THR E 51 -12.73 -36.70 -14.96
CA THR E 51 -13.98 -37.23 -15.47
C THR E 51 -13.75 -38.67 -15.90
N ASP E 52 -14.39 -39.61 -15.21
CA ASP E 52 -14.29 -41.03 -15.53
C ASP E 52 -15.68 -41.64 -15.58
N ALA E 53 -15.81 -42.70 -16.37
CA ALA E 53 -17.08 -43.39 -16.53
C ALA E 53 -16.83 -44.87 -16.74
N LEU E 54 -17.63 -45.70 -16.07
CA LEU E 54 -17.50 -47.14 -16.22
C LEU E 54 -17.64 -47.55 -17.68
N ALA E 55 -16.92 -48.59 -18.06
CA ALA E 55 -16.99 -49.08 -19.43
C ALA E 55 -18.40 -49.57 -19.76
N SER E 56 -18.78 -49.39 -21.02
CA SER E 56 -20.10 -49.79 -21.47
C SER E 56 -20.31 -51.28 -21.27
N VAL E 57 -21.56 -51.66 -21.03
CA VAL E 57 -21.89 -53.08 -20.90
C VAL E 57 -21.55 -53.79 -22.20
N ASP E 58 -20.57 -54.70 -22.14
CA ASP E 58 -20.12 -55.37 -23.34
C ASP E 58 -21.09 -56.47 -23.76
N GLY E 59 -21.66 -57.18 -22.78
CA GLY E 59 -22.51 -58.30 -23.10
C GLY E 59 -21.72 -59.45 -23.72
N ASN E 60 -22.35 -60.61 -23.84
CA ASN E 60 -21.69 -61.78 -24.41
C ASN E 60 -20.42 -62.12 -23.65
N ASN E 61 -20.43 -61.85 -22.35
CA ASN E 61 -19.29 -62.18 -21.50
C ASN E 61 -19.21 -63.66 -21.17
N ALA E 62 -20.14 -64.47 -21.67
CA ALA E 62 -20.07 -65.91 -21.45
C ALA E 62 -18.72 -66.44 -21.93
N HIS E 63 -17.89 -66.89 -21.00
CA HIS E 63 -16.56 -67.38 -21.30
C HIS E 63 -16.44 -68.86 -20.95
N VAL E 64 -15.36 -69.46 -21.43
CA VAL E 64 -15.07 -70.87 -21.16
C VAL E 64 -14.59 -70.99 -19.72
N GLU E 65 -14.53 -72.22 -19.20
CA GLU E 65 -14.11 -72.45 -17.82
C GLU E 65 -12.87 -71.65 -17.44
N GLY E 66 -12.02 -71.30 -18.40
CA GLY E 66 -10.87 -70.46 -18.13
C GLY E 66 -9.64 -70.86 -18.93
N SER E 67 -9.07 -69.91 -19.67
CA SER E 67 -7.91 -70.19 -20.49
C SER E 67 -7.09 -68.91 -20.61
N ARG E 68 -6.05 -68.78 -19.78
CA ARG E 68 -5.02 -67.76 -19.80
C ARG E 68 -5.50 -66.40 -19.28
N ALA E 69 -6.81 -66.17 -19.16
CA ALA E 69 -7.33 -64.90 -18.66
C ALA E 69 -6.61 -63.72 -19.32
N GLU E 70 -6.85 -63.60 -20.63
CA GLU E 70 -6.01 -62.76 -21.48
C GLU E 70 -6.25 -61.26 -21.27
N ASP E 71 -5.89 -60.76 -20.09
CA ASP E 71 -5.71 -59.35 -19.78
C ASP E 71 -7.00 -58.53 -19.81
N GLY E 72 -8.13 -59.11 -20.20
CA GLY E 72 -9.34 -58.31 -20.31
C GLY E 72 -9.09 -57.03 -21.06
N GLU E 73 -9.51 -55.92 -20.47
CA GLU E 73 -9.29 -54.59 -21.03
C GLU E 73 -9.82 -53.55 -20.06
N MET E 74 -9.26 -52.35 -20.14
CA MET E 74 -9.69 -51.22 -19.32
C MET E 74 -9.55 -49.94 -20.13
N LYS E 75 -10.01 -48.83 -19.55
CA LYS E 75 -10.00 -47.54 -20.21
C LYS E 75 -9.57 -46.48 -19.18
N PRO E 76 -8.79 -45.49 -19.56
CA PRO E 76 -8.32 -44.49 -18.61
C PRO E 76 -9.36 -43.41 -18.35
N THR E 77 -9.05 -42.56 -17.38
CA THR E 77 -9.90 -41.44 -17.03
C THR E 77 -9.79 -40.36 -18.10
N VAL E 78 -10.47 -39.23 -17.87
CA VAL E 78 -10.54 -38.14 -18.82
C VAL E 78 -10.26 -36.83 -18.10
N ILE E 79 -9.59 -35.92 -18.81
CA ILE E 79 -9.23 -34.60 -18.30
C ILE E 79 -9.97 -33.55 -19.12
N LYS E 80 -10.53 -32.56 -18.44
CA LYS E 80 -11.21 -31.43 -19.07
C LYS E 80 -10.86 -30.17 -18.30
N SER E 81 -10.12 -29.28 -18.95
CA SER E 81 -9.64 -28.06 -18.33
C SER E 81 -10.45 -26.86 -18.80
N ASN E 82 -10.32 -25.76 -18.07
CA ASN E 82 -11.00 -24.51 -18.38
C ASN E 82 -10.05 -23.36 -18.15
N VAL E 83 -10.51 -22.14 -18.45
CA VAL E 83 -9.70 -20.94 -18.35
C VAL E 83 -10.50 -19.86 -17.63
N THR E 84 -9.77 -18.92 -17.03
CA THR E 84 -10.38 -17.87 -16.24
C THR E 84 -10.89 -16.73 -17.13
N GLN E 85 -11.55 -15.77 -16.49
CA GLN E 85 -12.09 -14.60 -17.17
C GLN E 85 -11.83 -13.37 -16.31
N ILE E 86 -11.36 -12.30 -16.95
CA ILE E 86 -11.04 -11.05 -16.27
C ILE E 86 -12.00 -9.98 -16.76
N LEU E 87 -12.78 -9.42 -15.85
CA LEU E 87 -13.72 -8.35 -16.15
C LEU E 87 -13.15 -7.04 -15.61
N ARG E 88 -13.30 -5.96 -16.38
CA ARG E 88 -12.74 -4.67 -16.04
C ARG E 88 -13.72 -3.57 -16.43
N LYS E 89 -13.69 -2.48 -15.66
CA LYS E 89 -14.52 -1.31 -15.94
C LYS E 89 -13.73 -0.07 -15.56
N VAL E 90 -13.90 0.99 -16.33
CA VAL E 90 -13.17 2.24 -16.14
C VAL E 90 -14.15 3.36 -15.88
N VAL E 91 -13.80 4.24 -14.95
CA VAL E 91 -14.56 5.45 -14.66
C VAL E 91 -13.56 6.60 -14.59
N ARG E 92 -13.70 7.57 -15.49
CA ARG E 92 -12.72 8.61 -15.71
C ARG E 92 -13.27 9.98 -15.36
N VAL E 93 -13.98 10.07 -14.24
CA VAL E 93 -14.59 11.33 -13.83
C VAL E 93 -13.51 12.38 -13.64
N SER E 94 -13.75 13.58 -14.13
CA SER E 94 -12.81 14.67 -13.97
C SER E 94 -12.77 15.13 -12.51
N ASP E 95 -11.76 15.93 -12.20
CA ASP E 95 -11.61 16.44 -10.84
C ASP E 95 -12.14 17.86 -10.74
N THR E 96 -13.17 18.17 -11.54
CA THR E 96 -13.89 19.42 -11.43
C THR E 96 -15.37 19.14 -11.25
N ALA E 97 -15.81 17.96 -11.70
CA ALA E 97 -17.18 17.51 -11.52
C ALA E 97 -17.40 16.85 -10.16
N ASN E 98 -16.32 16.60 -9.41
CA ASN E 98 -16.42 16.04 -8.06
C ASN E 98 -16.40 17.11 -6.99
N THR E 99 -16.44 18.38 -7.37
CA THR E 99 -16.52 19.50 -6.42
C THR E 99 -17.87 20.19 -6.52
N THR E 100 -18.89 19.47 -6.98
CA THR E 100 -20.21 20.00 -7.20
C THR E 100 -21.13 19.64 -6.03
N ALA E 101 -22.38 20.08 -6.14
CA ALA E 101 -23.40 19.87 -5.11
C ALA E 101 -24.71 19.44 -5.75
N ASN E 102 -24.63 18.46 -6.66
CA ASN E 102 -25.82 18.01 -7.37
C ASN E 102 -26.82 17.41 -6.40
N TYR E 103 -28.10 17.52 -6.75
CA TYR E 103 -29.15 17.00 -5.89
C TYR E 103 -29.11 15.47 -5.87
N GLY E 104 -29.44 14.90 -4.72
CA GLY E 104 -29.44 13.46 -4.56
C GLY E 104 -28.05 12.87 -4.47
N ARG E 105 -27.23 13.12 -5.49
CA ARG E 105 -25.87 12.61 -5.50
C ARG E 105 -25.07 13.20 -4.35
N GLY E 106 -23.93 12.58 -4.07
CA GLY E 106 -22.93 13.15 -3.19
C GLY E 106 -21.76 13.65 -4.00
N ARG E 107 -20.71 12.86 -4.09
CA ARG E 107 -19.61 13.08 -5.03
C ARG E 107 -19.82 12.12 -6.20
N GLU E 108 -19.96 12.66 -7.41
CA GLU E 108 -20.37 11.86 -8.54
C GLU E 108 -19.36 10.79 -8.92
N LEU E 109 -18.22 10.71 -8.24
CA LEU E 109 -17.28 9.63 -8.49
C LEU E 109 -17.79 8.31 -7.92
N MET E 110 -18.20 8.32 -6.66
CA MET E 110 -18.66 7.08 -6.03
C MET E 110 -20.01 6.65 -6.60
N TYR E 111 -20.85 7.61 -6.97
CA TYR E 111 -22.15 7.25 -7.55
C TYR E 111 -21.97 6.45 -8.84
N GLN E 112 -20.92 6.75 -9.61
CA GLN E 112 -20.60 5.96 -10.79
C GLN E 112 -19.81 4.71 -10.45
N LEU E 113 -18.98 4.76 -9.40
CA LEU E 113 -18.19 3.59 -9.02
C LEU E 113 -19.10 2.44 -8.59
N GLU E 114 -20.10 2.72 -7.76
CA GLU E 114 -21.02 1.69 -7.31
C GLU E 114 -21.81 1.13 -8.48
N LYS E 115 -22.28 2.01 -9.37
CA LYS E 115 -23.00 1.56 -10.55
C LYS E 115 -22.12 0.65 -11.41
N LYS E 116 -20.83 0.97 -11.51
CA LYS E 116 -19.92 0.14 -12.30
C LYS E 116 -19.71 -1.22 -11.64
N GLY E 117 -19.64 -1.25 -10.30
CA GLY E 117 -19.56 -2.53 -9.62
C GLY E 117 -20.79 -3.40 -9.90
N LYS E 118 -21.97 -2.79 -9.77
CA LYS E 118 -23.20 -3.54 -10.06
C LYS E 118 -23.23 -4.01 -11.50
N GLU E 119 -22.76 -3.17 -12.43
CA GLU E 119 -22.74 -3.56 -13.83
C GLU E 119 -21.77 -4.70 -14.07
N ILE E 120 -20.62 -4.69 -13.38
CA ILE E 120 -19.68 -5.80 -13.46
C ILE E 120 -20.35 -7.09 -12.99
N LYS E 121 -21.09 -7.02 -11.89
CA LYS E 121 -21.77 -8.21 -11.39
C LYS E 121 -22.81 -8.72 -12.39
N ARG E 122 -23.59 -7.80 -12.95
CA ARG E 122 -24.60 -8.20 -13.93
C ARG E 122 -23.95 -8.81 -15.17
N ASP E 123 -22.81 -8.26 -15.60
CA ASP E 123 -22.11 -8.80 -16.75
C ASP E 123 -21.57 -10.20 -16.45
N LEU E 124 -21.08 -10.41 -15.24
CA LEU E 124 -20.69 -11.76 -14.83
C LEU E 124 -21.87 -12.72 -14.93
N GLU E 125 -23.02 -12.31 -14.38
CA GLU E 125 -24.20 -13.16 -14.41
C GLU E 125 -24.62 -13.48 -15.84
N LYS E 126 -24.49 -12.50 -16.74
CA LYS E 126 -24.87 -12.73 -18.13
C LYS E 126 -23.88 -13.65 -18.83
N ILE E 127 -22.59 -13.43 -18.62
CA ILE E 127 -21.57 -14.20 -19.33
C ILE E 127 -21.56 -15.64 -18.85
N LEU E 128 -21.88 -15.88 -17.57
CA LEU E 128 -21.90 -17.24 -17.08
C LEU E 128 -23.00 -18.08 -17.73
N LEU E 129 -23.91 -17.45 -18.47
CA LEU E 129 -24.99 -18.16 -19.14
C LEU E 129 -25.11 -17.79 -20.61
N SER E 130 -24.12 -17.10 -21.17
CA SER E 130 -24.20 -16.67 -22.57
C SER E 130 -24.10 -17.87 -23.50
N GLY E 131 -23.00 -18.61 -23.42
CA GLY E 131 -22.78 -19.76 -24.29
C GLY E 131 -21.56 -19.58 -25.16
N GLN E 132 -20.61 -18.77 -24.70
CA GLN E 132 -19.39 -18.51 -25.45
C GLN E 132 -18.47 -19.72 -25.37
N ALA E 133 -17.29 -19.61 -25.95
CA ALA E 133 -16.36 -20.73 -26.05
C ALA E 133 -15.20 -20.55 -25.06
N ARG E 134 -14.39 -21.59 -24.97
CA ARG E 134 -13.20 -21.59 -24.10
C ARG E 134 -12.03 -21.12 -24.93
N THR E 135 -12.09 -19.85 -25.33
CA THR E 135 -11.06 -19.27 -26.18
C THR E 135 -9.79 -19.04 -25.37
N ASP E 136 -8.66 -19.46 -25.93
CA ASP E 136 -7.37 -19.31 -25.27
C ASP E 136 -6.28 -19.47 -26.31
N VAL E 137 -5.11 -18.90 -25.99
CA VAL E 137 -3.98 -18.94 -26.91
C VAL E 137 -3.16 -20.22 -26.76
N LEU E 138 -3.21 -20.88 -25.61
CA LEU E 138 -2.43 -22.10 -25.41
C LEU E 138 -2.99 -23.26 -26.22
N ALA E 139 -4.31 -23.34 -26.35
CA ALA E 139 -4.97 -24.43 -27.06
C ALA E 139 -4.60 -25.78 -26.46
N ASP E 140 -5.01 -25.97 -25.20
CA ASP E 140 -4.83 -27.22 -24.48
C ASP E 140 -3.36 -27.55 -24.25
N GLN E 141 -2.55 -26.54 -23.95
CA GLN E 141 -1.13 -26.71 -23.64
C GLN E 141 -0.82 -26.24 -22.23
N TYR E 142 -1.65 -26.69 -21.29
CA TYR E 142 -1.47 -26.41 -19.86
C TYR E 142 -0.38 -27.33 -19.33
N LEU E 143 -0.32 -27.52 -18.00
CA LEU E 143 0.74 -28.33 -17.40
C LEU E 143 2.11 -27.71 -17.62
N THR E 144 2.35 -26.59 -16.95
CA THR E 144 3.65 -25.92 -16.94
C THR E 144 4.03 -25.31 -18.29
N ASN E 145 3.22 -24.33 -18.73
CA ASN E 145 3.65 -23.27 -19.64
C ASN E 145 3.84 -23.75 -21.09
N SER E 146 3.10 -24.77 -21.49
CA SER E 146 2.98 -25.10 -22.92
C SER E 146 4.36 -25.34 -23.54
N ALA E 147 4.96 -26.47 -23.14
CA ALA E 147 6.37 -26.76 -23.39
C ALA E 147 6.87 -26.19 -24.72
N ALA E 148 6.03 -26.20 -25.76
CA ALA E 148 6.38 -25.50 -26.99
C ALA E 148 6.85 -24.08 -26.70
N ASP E 149 6.25 -23.43 -25.71
CA ASP E 149 6.70 -22.15 -25.16
C ASP E 149 6.63 -21.02 -26.19
N PRO E 150 5.44 -20.69 -26.71
CA PRO E 150 5.25 -19.47 -27.49
C PRO E 150 4.90 -18.26 -26.62
N ALA E 151 5.64 -18.10 -25.52
CA ALA E 151 5.30 -17.07 -24.54
C ALA E 151 5.95 -15.73 -24.85
N VAL E 152 6.85 -15.67 -25.82
CA VAL E 152 7.48 -14.41 -26.19
C VAL E 152 6.39 -13.42 -26.62
N ALA E 153 6.29 -12.32 -25.90
CA ALA E 153 5.26 -11.32 -26.14
C ALA E 153 5.62 -10.47 -27.35
N GLY E 154 4.68 -9.60 -27.73
CA GLY E 154 4.82 -8.75 -28.90
C GLY E 154 3.87 -9.10 -30.03
N LEU E 155 3.16 -10.24 -29.94
CA LEU E 155 2.20 -10.63 -30.96
C LEU E 155 0.80 -10.34 -30.44
N ASN E 156 -0.03 -9.72 -31.27
CA ASN E 156 -1.40 -9.42 -30.87
C ASN E 156 -2.16 -10.71 -30.54
N ASP E 157 -1.85 -11.80 -31.24
CA ASP E 157 -2.55 -13.05 -30.99
C ASP E 157 -2.26 -13.57 -29.59
N THR E 158 -1.05 -13.32 -29.08
CA THR E 158 -0.71 -13.76 -27.73
C THR E 158 -1.47 -12.98 -26.68
N HIS E 159 -1.71 -11.69 -26.91
CA HIS E 159 -2.44 -10.85 -25.96
C HIS E 159 -3.93 -10.91 -26.30
N ALA E 160 -4.43 -12.14 -26.39
CA ALA E 160 -5.82 -12.36 -26.76
C ALA E 160 -6.70 -12.43 -25.52
N ALA E 161 -7.83 -11.73 -25.57
CA ALA E 161 -8.75 -11.71 -24.45
C ALA E 161 -9.21 -13.11 -24.09
N ARG E 162 -8.90 -13.54 -22.86
CA ARG E 162 -9.31 -14.85 -22.41
C ARG E 162 -10.83 -14.91 -22.27
N LYS E 163 -11.40 -16.04 -22.67
CA LYS E 163 -12.84 -16.25 -22.61
C LYS E 163 -13.12 -17.60 -21.97
N THR E 164 -13.78 -17.58 -20.81
CA THR E 164 -14.12 -18.82 -20.13
C THR E 164 -15.22 -19.57 -20.88
N GLY E 165 -15.26 -20.88 -20.65
CA GLY E 165 -16.28 -21.70 -21.27
C GLY E 165 -17.60 -21.60 -20.54
N ALA E 166 -18.56 -20.90 -21.14
CA ALA E 166 -19.84 -20.66 -20.50
C ALA E 166 -20.62 -21.97 -20.36
N PHE E 167 -21.83 -21.83 -19.83
CA PHE E 167 -22.67 -23.00 -19.58
C PHE E 167 -22.74 -23.92 -20.80
N GLN E 168 -23.14 -23.36 -21.94
CA GLN E 168 -23.40 -24.18 -23.12
C GLN E 168 -22.15 -24.95 -23.55
N PHE E 169 -20.99 -24.31 -23.47
CA PHE E 169 -19.76 -24.95 -23.95
C PHE E 169 -19.41 -26.16 -23.09
N LEU E 170 -19.34 -25.98 -21.78
CA LEU E 170 -18.92 -27.05 -20.89
C LEU E 170 -19.82 -28.27 -20.98
N CYS E 171 -21.06 -28.11 -21.44
CA CYS E 171 -21.95 -29.24 -21.61
C CYS E 171 -21.61 -29.99 -22.90
N ALA E 172 -22.49 -30.92 -23.28
CA ALA E 172 -22.26 -31.76 -24.45
C ALA E 172 -22.40 -30.90 -25.71
N HIS E 173 -21.38 -30.08 -25.95
CA HIS E 173 -21.33 -29.25 -27.14
C HIS E 173 -20.86 -30.09 -28.32
N GLY E 174 -20.50 -29.43 -29.41
CA GLY E 174 -20.02 -30.12 -30.60
C GLY E 174 -20.43 -29.42 -31.87
N GLY E 175 -21.38 -28.50 -31.77
CA GLY E 175 -21.73 -27.65 -32.89
C GLY E 175 -21.53 -26.19 -32.55
N LEU E 176 -20.59 -25.54 -33.22
CA LEU E 176 -20.22 -24.16 -32.94
C LEU E 176 -20.57 -23.27 -34.14
N ALA E 177 -20.83 -22.00 -33.86
CA ALA E 177 -21.12 -21.00 -34.88
C ALA E 177 -19.92 -20.10 -35.13
N GLY E 178 -18.72 -20.68 -35.10
CA GLY E 178 -17.50 -19.92 -35.22
C GLY E 178 -16.95 -19.52 -33.86
N GLY E 179 -17.75 -18.82 -33.07
CA GLY E 179 -17.33 -18.39 -31.75
C GLY E 179 -18.30 -18.77 -30.65
N VAL E 180 -19.53 -19.11 -31.02
CA VAL E 180 -20.59 -19.41 -30.06
C VAL E 180 -21.18 -20.78 -30.39
N VAL E 181 -21.68 -21.45 -29.36
CA VAL E 181 -22.29 -22.76 -29.56
C VAL E 181 -23.47 -22.65 -30.51
N ASP E 182 -23.68 -23.70 -31.29
CA ASP E 182 -24.80 -23.73 -32.23
C ASP E 182 -26.08 -24.13 -31.51
N LYS E 183 -27.20 -23.56 -31.97
CA LYS E 183 -28.50 -23.78 -31.37
C LYS E 183 -29.48 -24.42 -32.36
N THR E 184 -28.94 -25.14 -33.35
CA THR E 184 -29.78 -25.79 -34.36
C THR E 184 -29.29 -27.19 -34.67
N LYS E 185 -28.49 -27.79 -33.80
CA LYS E 185 -27.96 -29.13 -34.02
C LYS E 185 -27.93 -29.87 -32.69
N ASN E 186 -28.56 -31.04 -32.65
CA ASN E 186 -28.61 -31.82 -31.43
C ASN E 186 -27.21 -32.25 -31.02
N GLY E 187 -26.97 -32.26 -29.71
CA GLY E 187 -25.68 -32.62 -29.19
C GLY E 187 -25.27 -34.03 -29.58
N PRO E 188 -24.01 -34.37 -29.34
CA PRO E 188 -23.53 -35.71 -29.69
C PRO E 188 -24.02 -36.77 -28.73
N ALA E 189 -23.90 -38.02 -29.15
CA ALA E 189 -24.33 -39.14 -28.33
C ALA E 189 -23.26 -39.45 -27.29
N ASP E 190 -23.70 -39.65 -26.06
CA ASP E 190 -22.78 -39.97 -24.98
C ASP E 190 -22.07 -41.29 -25.29
N PRO E 191 -20.75 -41.38 -25.08
CA PRO E 191 -20.06 -42.64 -25.40
C PRO E 191 -20.50 -43.80 -24.54
N ASP E 192 -20.72 -43.59 -23.24
CA ASP E 192 -21.14 -44.68 -22.37
C ASP E 192 -22.50 -45.21 -22.78
N THR E 193 -23.52 -44.34 -22.75
CA THR E 193 -24.88 -44.71 -23.11
C THR E 193 -25.36 -43.83 -24.25
N GLY E 194 -26.35 -44.32 -24.98
CA GLY E 194 -26.91 -43.55 -26.07
C GLY E 194 -27.74 -42.38 -25.57
N ALA E 195 -27.12 -41.51 -24.78
CA ALA E 195 -27.80 -40.37 -24.17
C ALA E 195 -27.36 -39.08 -24.84
N VAL E 196 -28.26 -38.09 -24.83
CA VAL E 196 -27.98 -36.77 -25.39
C VAL E 196 -28.50 -35.70 -24.45
N THR E 197 -27.59 -35.02 -23.76
CA THR E 197 -27.98 -33.99 -22.80
C THR E 197 -28.32 -32.67 -23.46
N VAL E 198 -27.86 -32.44 -24.68
CA VAL E 198 -28.11 -31.20 -25.41
C VAL E 198 -29.01 -31.54 -26.59
N LYS E 199 -30.28 -31.17 -26.52
CA LYS E 199 -31.23 -31.36 -27.59
C LYS E 199 -31.86 -30.03 -27.97
N VAL E 200 -32.23 -29.92 -29.25
CA VAL E 200 -32.93 -28.75 -29.77
C VAL E 200 -34.37 -29.15 -30.03
N ALA E 201 -35.30 -28.38 -29.49
CA ALA E 201 -36.72 -28.69 -29.65
C ALA E 201 -37.11 -28.69 -31.12
N GLN E 202 -38.28 -29.27 -31.41
CA GLN E 202 -38.77 -29.37 -32.79
C GLN E 202 -39.73 -28.25 -33.13
N ASN E 203 -40.84 -28.16 -32.40
CA ASN E 203 -41.90 -27.19 -32.71
C ASN E 203 -42.29 -27.29 -34.18
N ALA E 204 -42.34 -28.52 -34.71
CA ALA E 204 -42.74 -28.76 -36.08
C ALA E 204 -44.21 -29.12 -36.22
N SER E 205 -44.82 -29.64 -35.16
CA SER E 205 -46.23 -29.99 -35.22
C SER E 205 -47.08 -28.79 -35.62
N ASN E 206 -47.05 -27.73 -34.82
CA ASN E 206 -47.74 -26.50 -35.16
C ASN E 206 -46.91 -25.73 -36.18
N PRO E 207 -47.55 -24.87 -36.98
CA PRO E 207 -46.79 -23.96 -37.85
C PRO E 207 -46.13 -22.86 -37.03
N THR E 208 -45.51 -21.89 -37.69
CA THR E 208 -44.86 -20.80 -36.97
C THR E 208 -45.87 -19.73 -36.56
N THR E 209 -46.94 -20.16 -35.89
CA THR E 209 -47.93 -19.23 -35.34
C THR E 209 -48.23 -19.49 -33.87
N ASN E 210 -48.09 -20.72 -33.39
CA ASN E 210 -48.18 -21.02 -31.96
C ASN E 210 -46.80 -21.51 -31.52
N ILE E 211 -45.98 -20.58 -31.02
CA ILE E 211 -44.57 -20.86 -30.74
C ILE E 211 -44.50 -21.46 -29.35
N GLY E 212 -44.74 -22.76 -29.26
CA GLY E 212 -44.40 -23.53 -28.08
C GLY E 212 -43.39 -24.57 -28.46
N PHE E 213 -42.40 -24.78 -27.59
CA PHE E 213 -41.25 -25.58 -27.98
C PHE E 213 -41.70 -26.98 -28.37
N ASP E 214 -42.14 -27.78 -27.42
CA ASP E 214 -42.90 -28.99 -27.72
C ASP E 214 -44.05 -29.25 -26.77
N GLU E 215 -44.01 -28.74 -25.54
CA GLU E 215 -44.97 -29.08 -24.48
C GLU E 215 -44.73 -30.51 -23.99
N ALA E 216 -43.81 -31.24 -24.65
CA ALA E 216 -43.53 -32.62 -24.27
C ALA E 216 -42.04 -32.95 -24.36
N ASP E 217 -41.18 -31.99 -24.67
CA ASP E 217 -39.76 -32.26 -24.81
C ASP E 217 -38.99 -32.05 -23.52
N ILE E 218 -39.57 -31.35 -22.54
CA ILE E 218 -38.97 -31.31 -21.21
C ILE E 218 -38.89 -32.72 -20.64
N PHE E 219 -39.94 -33.52 -20.85
CA PHE E 219 -39.92 -34.90 -20.40
C PHE E 219 -38.84 -35.70 -21.12
N ASP E 220 -38.64 -35.43 -22.42
CA ASP E 220 -37.60 -36.13 -23.16
C ASP E 220 -36.21 -35.76 -22.62
N MET E 221 -36.00 -34.49 -22.29
CA MET E 221 -34.71 -34.08 -21.74
C MET E 221 -34.48 -34.68 -20.36
N THR E 222 -35.53 -34.73 -19.53
CA THR E 222 -35.41 -35.38 -18.24
C THR E 222 -35.10 -36.87 -18.40
N LEU E 223 -35.69 -37.49 -19.42
CA LEU E 223 -35.38 -38.90 -19.69
C LEU E 223 -33.94 -39.07 -20.12
N GLN E 224 -33.44 -38.17 -20.97
CA GLN E 224 -32.03 -38.23 -21.35
C GLN E 224 -31.13 -38.07 -20.15
N LEU E 225 -31.45 -37.12 -19.26
CA LEU E 225 -30.68 -36.94 -18.04
C LEU E 225 -30.68 -38.21 -17.20
N TYR E 226 -31.87 -38.79 -17.00
CA TYR E 226 -31.99 -40.02 -16.22
C TYR E 226 -31.12 -41.12 -16.84
N THR E 227 -31.15 -41.24 -18.17
CA THR E 227 -30.28 -42.19 -18.84
C THR E 227 -28.82 -41.90 -18.53
N ALA E 228 -28.46 -40.62 -18.47
CA ALA E 228 -27.09 -40.24 -18.11
C ALA E 228 -26.79 -40.51 -16.64
N GLY E 229 -27.82 -40.64 -15.81
CA GLY E 229 -27.61 -40.88 -14.39
C GLY E 229 -27.23 -39.61 -13.65
N SER E 230 -28.01 -38.56 -13.83
CA SER E 230 -27.75 -37.26 -13.23
C SER E 230 -28.76 -36.96 -12.13
N GLU E 231 -28.42 -35.98 -11.31
CA GLU E 231 -29.28 -35.53 -10.21
C GLU E 231 -29.81 -34.12 -10.46
N ALA E 232 -29.91 -33.71 -11.72
CA ALA E 232 -30.42 -32.39 -12.04
C ALA E 232 -31.89 -32.29 -11.68
N ASP E 233 -32.24 -31.27 -10.90
CA ASP E 233 -33.61 -31.09 -10.42
C ASP E 233 -34.04 -29.62 -10.46
N ILE E 234 -33.43 -28.81 -11.33
CA ILE E 234 -33.76 -27.41 -11.46
C ILE E 234 -33.90 -27.07 -12.93
N ILE E 235 -34.83 -26.17 -13.24
CA ILE E 235 -35.07 -25.71 -14.59
C ILE E 235 -35.07 -24.19 -14.60
N MET E 236 -34.41 -23.61 -15.59
CA MET E 236 -34.32 -22.16 -15.74
C MET E 236 -34.92 -21.74 -17.08
N ILE E 237 -35.68 -20.65 -17.04
CA ILE E 237 -36.41 -20.20 -18.22
C ILE E 237 -36.51 -18.68 -18.18
N ASN E 238 -36.44 -18.07 -19.35
CA ASN E 238 -36.54 -16.63 -19.45
C ASN E 238 -37.97 -16.18 -19.16
N PRO E 239 -38.16 -15.01 -18.56
CA PRO E 239 -39.53 -14.52 -18.29
C PRO E 239 -40.41 -14.54 -19.52
N ALA E 240 -39.82 -14.35 -20.70
CA ALA E 240 -40.61 -14.30 -21.92
C ALA E 240 -41.30 -15.62 -22.21
N HIS E 241 -40.54 -16.72 -22.21
CA HIS E 241 -41.11 -18.03 -22.49
C HIS E 241 -41.54 -18.75 -21.22
N ALA E 242 -42.37 -18.05 -20.43
CA ALA E 242 -42.96 -18.62 -19.22
C ALA E 242 -44.44 -18.90 -19.35
N LYS E 243 -45.13 -18.24 -20.28
CA LYS E 243 -46.55 -18.51 -20.47
C LYS E 243 -46.79 -19.97 -20.85
N ILE E 244 -45.78 -20.63 -21.42
CA ILE E 244 -45.94 -22.03 -21.82
C ILE E 244 -46.23 -22.89 -20.60
N PHE E 245 -45.38 -22.81 -19.57
CA PHE E 245 -45.58 -23.61 -18.37
C PHE E 245 -46.90 -23.28 -17.69
N ALA E 246 -47.26 -22.00 -17.62
CA ALA E 246 -48.52 -21.61 -17.01
C ALA E 246 -49.70 -22.23 -17.75
N GLY E 247 -49.68 -22.18 -19.08
CA GLY E 247 -50.73 -22.78 -19.88
C GLY E 247 -50.64 -24.29 -20.02
N LEU E 248 -49.67 -24.91 -19.33
CA LEU E 248 -49.54 -26.36 -19.40
C LEU E 248 -50.74 -27.06 -18.79
N GLN E 249 -51.27 -26.53 -17.69
CA GLN E 249 -52.40 -27.16 -17.03
C GLN E 249 -53.72 -26.95 -17.78
N GLU E 250 -53.72 -26.13 -18.82
CA GLU E 250 -54.94 -25.79 -19.52
C GLU E 250 -54.60 -25.60 -21.00
N ASN E 251 -55.48 -24.91 -21.73
CA ASN E 251 -55.38 -24.72 -23.18
C ASN E 251 -55.54 -26.01 -23.95
N THR E 252 -55.87 -27.11 -23.28
CA THR E 252 -56.11 -28.39 -23.91
C THR E 252 -57.60 -28.63 -24.03
N GLN E 253 -58.09 -28.75 -25.27
CA GLN E 253 -59.49 -29.11 -25.52
C GLN E 253 -59.64 -30.58 -25.22
N GLY E 254 -59.63 -30.89 -23.92
CA GLY E 254 -59.63 -32.27 -23.47
C GLY E 254 -59.42 -32.41 -21.99
N SER E 255 -58.45 -33.23 -21.59
CA SER E 255 -58.27 -33.58 -20.19
C SER E 255 -57.85 -32.37 -19.36
N ARG E 256 -56.66 -31.86 -19.62
CA ARG E 256 -56.09 -30.83 -18.77
C ARG E 256 -56.94 -29.56 -18.80
N LYS E 257 -57.31 -29.08 -17.62
CA LYS E 257 -58.12 -27.87 -17.50
C LYS E 257 -58.19 -27.47 -16.03
N ARG E 258 -58.45 -26.20 -15.79
CA ARG E 258 -58.54 -25.63 -14.46
C ARG E 258 -59.99 -25.58 -13.99
N ILE E 259 -60.17 -25.46 -12.68
CA ILE E 259 -61.48 -25.36 -12.07
C ILE E 259 -61.42 -24.37 -10.91
N PHE E 260 -62.60 -23.91 -10.47
CA PHE E 260 -62.69 -22.94 -9.39
C PHE E 260 -63.94 -23.23 -8.59
N GLU E 261 -63.77 -23.66 -7.33
CA GLU E 261 -64.88 -23.84 -6.41
C GLU E 261 -65.29 -22.47 -5.89
N ASN E 262 -66.13 -22.45 -4.84
CA ASN E 262 -66.49 -21.18 -4.23
C ASN E 262 -65.26 -20.57 -3.58
N THR E 263 -64.70 -19.53 -4.20
CA THR E 263 -63.48 -18.89 -3.71
C THR E 263 -63.34 -17.56 -4.43
N LYS E 264 -62.18 -16.92 -4.23
CA LYS E 264 -61.90 -15.63 -4.85
C LYS E 264 -60.48 -15.53 -5.38
N GLN E 265 -59.71 -16.61 -5.38
CA GLN E 265 -58.32 -16.59 -5.82
C GLN E 265 -58.22 -17.05 -7.27
N PHE E 266 -57.06 -16.76 -7.86
CA PHE E 266 -56.76 -17.17 -9.23
C PHE E 266 -55.26 -17.31 -9.37
N ILE E 267 -54.79 -18.52 -9.62
CA ILE E 267 -53.36 -18.83 -9.67
C ILE E 267 -53.04 -19.30 -11.08
N TYR E 268 -52.59 -18.38 -11.93
CA TYR E 268 -52.18 -18.70 -13.29
C TYR E 268 -50.67 -18.94 -13.34
N GLU E 269 -50.21 -19.80 -12.44
CA GLU E 269 -48.78 -20.03 -12.25
C GLU E 269 -48.52 -21.44 -11.79
N VAL E 270 -47.34 -21.94 -12.13
CA VAL E 270 -46.87 -23.26 -11.69
C VAL E 270 -45.36 -23.26 -11.76
N ASN E 271 -44.72 -23.88 -10.76
CA ASN E 271 -43.26 -23.82 -10.64
C ASN E 271 -42.64 -25.20 -10.58
N SER E 272 -43.39 -26.18 -10.06
CA SER E 272 -42.88 -27.53 -9.87
C SER E 272 -43.39 -28.46 -10.96
N ILE E 273 -42.57 -29.45 -11.31
CA ILE E 273 -42.92 -30.45 -12.29
C ILE E 273 -42.36 -31.80 -11.83
N THR E 274 -43.04 -32.87 -12.24
CA THR E 274 -42.59 -34.23 -11.94
C THR E 274 -42.80 -35.07 -13.19
N ASP E 275 -41.70 -35.37 -13.88
CA ASP E 275 -41.78 -36.22 -15.05
C ASP E 275 -42.26 -37.62 -14.65
N PRO E 276 -42.76 -38.43 -15.59
CA PRO E 276 -43.23 -39.77 -15.24
C PRO E 276 -42.18 -40.61 -14.53
N LEU E 277 -40.90 -40.29 -14.74
CA LEU E 277 -39.83 -41.04 -14.09
C LEU E 277 -39.81 -40.84 -12.58
N GLY E 278 -40.46 -39.80 -12.07
CA GLY E 278 -40.49 -39.52 -10.66
C GLY E 278 -39.44 -38.54 -10.17
N GLN E 279 -38.68 -37.93 -11.08
CA GLN E 279 -37.66 -36.95 -10.71
C GLN E 279 -38.28 -35.56 -10.70
N SER E 280 -38.26 -34.92 -9.53
CA SER E 280 -38.84 -33.59 -9.39
C SER E 280 -37.94 -32.53 -10.01
N TYR E 281 -38.54 -31.40 -10.32
CA TYR E 281 -37.83 -30.29 -10.93
C TYR E 281 -38.46 -28.98 -10.47
N LYS E 282 -37.62 -28.03 -10.10
CA LYS E 282 -38.05 -26.71 -9.66
C LYS E 282 -37.67 -25.67 -10.71
N ILE E 283 -38.60 -24.79 -11.04
CA ILE E 283 -38.39 -23.78 -12.07
C ILE E 283 -37.93 -22.49 -11.41
N ILE E 284 -37.01 -21.81 -12.07
CA ILE E 284 -36.50 -20.53 -11.61
C ILE E 284 -36.46 -19.57 -12.79
N VAL E 285 -36.85 -18.32 -12.53
CA VAL E 285 -36.93 -17.29 -13.56
C VAL E 285 -35.73 -16.37 -13.44
N ASN E 286 -35.11 -16.05 -14.58
CA ASN E 286 -34.02 -15.09 -14.62
C ASN E 286 -34.09 -14.36 -15.95
N ARG E 287 -33.99 -13.03 -15.90
CA ARG E 287 -34.08 -12.20 -17.10
C ARG E 287 -32.76 -12.09 -17.86
N TRP E 288 -31.71 -12.79 -17.43
CA TRP E 288 -30.42 -12.73 -18.08
C TRP E 288 -30.16 -13.92 -19.00
N MET E 289 -30.92 -14.99 -18.87
CA MET E 289 -30.72 -16.16 -19.71
C MET E 289 -31.14 -15.84 -21.15
N PRO E 290 -30.42 -16.36 -22.14
CA PRO E 290 -30.83 -16.14 -23.54
C PRO E 290 -32.24 -16.64 -23.77
N THR E 291 -33.01 -15.84 -24.53
CA THR E 291 -34.41 -16.13 -24.80
C THR E 291 -34.60 -17.37 -25.66
N ASP E 292 -33.54 -17.98 -26.17
CA ASP E 292 -33.65 -19.16 -27.01
C ASP E 292 -32.88 -20.32 -26.42
N ALA E 293 -33.04 -20.56 -25.12
CA ALA E 293 -32.34 -21.66 -24.48
C ALA E 293 -32.96 -21.91 -23.11
N VAL E 294 -32.90 -23.17 -22.68
CA VAL E 294 -33.35 -23.59 -21.37
C VAL E 294 -32.29 -24.51 -20.78
N TYR E 295 -31.86 -24.20 -19.57
CA TYR E 295 -30.75 -24.91 -18.93
C TYR E 295 -31.29 -25.78 -17.81
N PHE E 296 -31.13 -27.10 -17.96
CA PHE E 296 -31.48 -28.06 -16.94
C PHE E 296 -30.20 -28.48 -16.23
N PHE E 297 -30.06 -28.07 -14.96
CA PHE E 297 -28.79 -28.21 -14.28
C PHE E 297 -29.04 -28.44 -12.80
N ARG E 298 -27.96 -28.40 -12.01
CA ARG E 298 -27.98 -28.61 -10.58
C ARG E 298 -27.14 -27.53 -9.91
N SER E 299 -27.42 -27.29 -8.62
CA SER E 299 -26.69 -26.26 -7.89
C SER E 299 -25.26 -26.71 -7.59
N ALA E 300 -25.10 -27.97 -7.19
CA ALA E 300 -23.78 -28.44 -6.79
C ALA E 300 -22.91 -28.80 -7.99
N ASP E 301 -23.53 -29.26 -9.09
CA ASP E 301 -22.74 -29.66 -10.26
C ASP E 301 -21.94 -28.50 -10.81
N TRP E 302 -22.42 -27.28 -10.63
CA TRP E 302 -21.73 -26.07 -11.10
C TRP E 302 -21.08 -25.35 -9.93
N THR E 303 -19.94 -24.72 -10.20
CA THR E 303 -19.20 -23.99 -9.20
C THR E 303 -18.49 -22.83 -9.87
N GLN E 304 -18.24 -21.79 -9.08
CA GLN E 304 -17.48 -20.62 -9.54
C GLN E 304 -16.04 -20.73 -9.07
N MET E 305 -15.14 -20.20 -9.88
CA MET E 305 -13.72 -20.16 -9.57
C MET E 305 -13.25 -18.72 -9.64
N VAL E 306 -12.62 -18.25 -8.56
CA VAL E 306 -12.21 -16.86 -8.43
C VAL E 306 -10.73 -16.84 -8.05
N LEU E 307 -9.88 -16.39 -8.98
CA LEU E 307 -8.47 -16.22 -8.67
C LEU E 307 -8.25 -14.92 -7.91
N ARG E 308 -8.67 -13.80 -8.49
CA ARG E 308 -8.64 -12.51 -7.83
C ARG E 308 -10.05 -12.19 -7.30
N ALA E 309 -10.23 -10.97 -6.82
CA ALA E 309 -11.49 -10.54 -6.24
C ALA E 309 -11.71 -9.08 -6.60
N PRO E 310 -12.97 -8.62 -6.60
CA PRO E 310 -13.24 -7.22 -6.93
C PRO E 310 -12.49 -6.26 -6.00
N LYS E 311 -11.63 -5.43 -6.58
CA LYS E 311 -10.80 -4.49 -5.83
C LYS E 311 -10.76 -3.17 -6.59
N ARG E 312 -11.29 -2.12 -5.98
CA ARG E 312 -11.32 -0.80 -6.60
C ARG E 312 -9.95 -0.14 -6.47
N THR E 313 -9.23 -0.04 -7.59
CA THR E 313 -7.90 0.54 -7.57
C THR E 313 -7.97 2.04 -7.88
N GLU E 314 -6.85 2.72 -7.61
CA GLU E 314 -6.69 4.16 -7.87
C GLU E 314 -5.61 4.31 -8.93
N LEU E 315 -6.03 4.51 -10.17
CA LEU E 315 -5.09 4.64 -11.27
C LEU E 315 -4.30 5.94 -11.15
N ALA E 316 -3.35 6.13 -12.07
CA ALA E 316 -2.55 7.34 -12.08
C ALA E 316 -3.39 8.53 -12.51
N LYS E 317 -3.01 9.71 -12.02
CA LYS E 317 -3.80 10.91 -12.30
C LYS E 317 -3.43 11.50 -13.65
N ASP E 318 -2.19 11.94 -13.81
CA ASP E 318 -1.69 12.51 -15.06
C ASP E 318 -2.74 13.39 -15.73
N GLY E 319 -3.22 14.38 -15.00
CA GLY E 319 -4.22 15.31 -15.46
C GLY E 319 -5.28 15.53 -14.41
N SER E 320 -6.45 15.99 -14.87
CA SER E 320 -7.57 16.30 -13.99
C SER E 320 -8.57 15.17 -13.89
N TYR E 321 -8.11 13.92 -14.01
CA TYR E 321 -8.97 12.75 -13.89
C TYR E 321 -8.35 11.76 -12.91
N GLU E 322 -9.11 10.72 -12.58
CA GLU E 322 -8.66 9.69 -11.64
C GLU E 322 -8.60 8.31 -12.27
N LYS E 323 -9.62 7.93 -13.05
CA LYS E 323 -9.62 6.68 -13.81
C LYS E 323 -9.63 5.47 -12.87
N TRP E 324 -10.55 5.51 -11.92
CA TRP E 324 -10.73 4.37 -11.04
C TRP E 324 -11.17 3.15 -11.85
N MET E 325 -10.98 1.97 -11.26
CA MET E 325 -11.25 0.73 -11.97
C MET E 325 -11.87 -0.29 -11.01
N ILE E 326 -12.65 -1.20 -11.60
CA ILE E 326 -13.17 -2.37 -10.91
C ILE E 326 -12.67 -3.60 -11.66
N GLU E 327 -11.77 -4.35 -11.03
CA GLU E 327 -11.14 -5.50 -11.65
C GLU E 327 -11.59 -6.76 -10.95
N MET E 328 -11.83 -7.80 -11.74
CA MET E 328 -12.30 -9.08 -11.21
C MET E 328 -11.82 -10.19 -12.13
N GLU E 329 -11.44 -11.31 -11.52
CA GLU E 329 -10.99 -12.49 -12.24
C GLU E 329 -11.75 -13.69 -11.71
N VAL E 330 -12.55 -14.33 -12.57
CA VAL E 330 -13.39 -15.44 -12.18
C VAL E 330 -13.10 -16.61 -13.11
N GLY E 331 -13.86 -17.68 -12.91
CA GLY E 331 -13.76 -18.85 -13.76
C GLY E 331 -14.92 -19.79 -13.49
N LEU E 332 -15.18 -20.66 -14.45
CA LEU E 332 -16.27 -21.61 -14.37
C LEU E 332 -15.73 -23.03 -14.38
N ARG E 333 -16.48 -23.93 -13.75
CA ARG E 333 -16.09 -25.33 -13.67
C ARG E 333 -17.36 -26.17 -13.54
N HIS E 334 -17.41 -27.26 -14.28
CA HIS E 334 -18.56 -28.14 -14.31
C HIS E 334 -18.14 -29.55 -13.91
N ARG E 335 -18.94 -30.19 -13.07
CA ARG E 335 -18.58 -31.50 -12.54
C ARG E 335 -18.39 -32.51 -13.66
N ASN E 336 -19.41 -32.72 -14.49
CA ASN E 336 -19.35 -33.68 -15.57
C ASN E 336 -20.23 -33.16 -16.70
N PRO E 337 -19.72 -33.09 -17.93
CA PRO E 337 -20.53 -32.48 -19.00
C PRO E 337 -21.92 -33.09 -19.12
N TYR E 338 -22.04 -34.41 -18.92
CA TYR E 338 -23.33 -35.07 -19.06
C TYR E 338 -24.15 -35.04 -17.76
N ALA E 339 -23.63 -34.44 -16.69
CA ALA E 339 -24.41 -34.33 -15.47
C ALA E 339 -25.57 -33.35 -15.64
N SER E 340 -25.36 -32.30 -16.42
CA SER E 340 -26.36 -31.28 -16.67
C SER E 340 -27.01 -31.53 -18.02
N GLY E 341 -27.86 -30.58 -18.42
CA GLY E 341 -28.56 -30.68 -19.69
C GLY E 341 -28.94 -29.31 -20.20
N VAL E 342 -29.21 -29.25 -21.50
CA VAL E 342 -29.59 -28.02 -22.16
C VAL E 342 -30.68 -28.31 -23.18
N LEU E 343 -31.56 -27.34 -23.39
CA LEU E 343 -32.67 -27.46 -24.32
C LEU E 343 -32.78 -26.18 -25.11
N PHE E 344 -32.59 -26.27 -26.42
CA PHE E 344 -32.66 -25.10 -27.29
C PHE E 344 -34.05 -25.02 -27.92
N THR E 345 -34.32 -23.89 -28.57
CA THR E 345 -35.60 -23.63 -29.20
C THR E 345 -35.50 -23.82 -30.71
N ALA E 346 -36.66 -23.86 -31.35
CA ALA E 346 -36.76 -23.97 -32.80
C ALA E 346 -38.21 -23.74 -33.19
N ALA E 347 -38.45 -23.65 -34.50
CA ALA E 347 -39.79 -23.42 -35.01
C ALA E 347 -39.78 -23.67 -36.51
N GLY E 348 -40.69 -24.51 -36.99
CA GLY E 348 -40.79 -24.81 -38.40
C GLY E 348 -42.21 -24.64 -38.92
N ASN F 3 -133.30 -54.87 18.69
CA ASN F 3 -133.83 -55.72 17.59
C ASN F 3 -132.85 -56.86 17.31
N PRO F 4 -132.88 -57.90 18.14
CA PRO F 4 -131.85 -58.95 18.06
C PRO F 4 -131.99 -59.88 16.86
N THR F 5 -133.01 -59.70 16.01
CA THR F 5 -133.22 -60.64 14.92
C THR F 5 -132.27 -60.37 13.76
N LEU F 6 -132.40 -59.20 13.13
CA LEU F 6 -131.49 -58.78 12.07
C LEU F 6 -131.11 -57.33 12.28
N PHE F 7 -129.81 -57.05 12.19
CA PHE F 7 -129.29 -55.70 12.35
C PHE F 7 -129.10 -55.08 10.96
N VAL F 8 -129.85 -54.01 10.70
CA VAL F 8 -129.83 -53.31 9.42
C VAL F 8 -129.16 -51.95 9.61
N SER F 9 -128.62 -51.41 8.52
CA SER F 9 -127.77 -50.23 8.59
C SER F 9 -128.34 -49.01 7.87
N TYR F 10 -128.99 -49.17 6.73
CA TYR F 10 -129.47 -48.01 5.99
C TYR F 10 -130.54 -47.25 6.77
N ASP F 11 -131.38 -47.96 7.51
CA ASP F 11 -132.47 -47.35 8.26
C ASP F 11 -132.06 -46.94 9.67
N GLN F 12 -130.76 -46.93 9.95
CA GLN F 12 -130.29 -46.60 11.29
C GLN F 12 -130.65 -45.17 11.63
N ASN F 13 -131.53 -45.00 12.62
CA ASN F 13 -131.98 -43.68 13.05
C ASN F 13 -131.17 -43.24 14.26
N GLY F 14 -131.09 -41.93 14.46
CA GLY F 14 -130.31 -41.39 15.56
C GLY F 14 -128.85 -41.76 15.46
N LYS F 15 -128.20 -41.35 14.38
CA LYS F 15 -126.80 -41.66 14.15
C LYS F 15 -125.91 -40.65 14.86
N LYS F 16 -124.61 -40.92 14.85
CA LYS F 16 -123.60 -40.04 15.39
C LYS F 16 -122.64 -39.65 14.27
N LEU F 17 -122.66 -38.37 13.90
CA LEU F 17 -121.91 -37.93 12.73
C LEU F 17 -120.42 -38.24 12.85
N SER F 18 -119.90 -38.30 14.08
CA SER F 18 -118.48 -38.57 14.32
C SER F 18 -117.61 -37.51 13.66
N PHE F 19 -117.81 -36.27 14.12
CA PHE F 19 -117.01 -35.15 13.66
C PHE F 19 -115.62 -35.23 14.26
N ALA F 20 -114.73 -34.35 13.80
CA ALA F 20 -113.34 -34.32 14.22
C ALA F 20 -113.07 -33.06 15.01
N ASN F 21 -112.54 -33.22 16.23
CA ASN F 21 -112.25 -32.10 17.12
C ASN F 21 -110.92 -31.47 16.73
N TRP F 22 -110.89 -30.92 15.51
CA TRP F 22 -109.76 -30.15 15.02
C TRP F 22 -110.15 -29.46 13.73
N ILE F 23 -109.54 -28.31 13.49
CA ILE F 23 -109.85 -27.46 12.34
C ILE F 23 -108.52 -27.07 11.70
N SER F 24 -108.31 -27.51 10.45
CA SER F 24 -107.11 -27.16 9.69
C SER F 24 -107.27 -25.73 9.17
N VAL F 25 -106.60 -24.81 9.85
CA VAL F 25 -106.73 -23.39 9.53
C VAL F 25 -105.49 -22.93 8.79
N LEU F 26 -104.86 -23.86 8.05
CA LEU F 26 -103.64 -23.53 7.32
C LEU F 26 -103.83 -22.23 6.54
N SER F 27 -102.92 -21.29 6.77
CA SER F 27 -102.91 -20.03 6.05
C SER F 27 -101.48 -19.53 6.00
N PRO F 28 -101.04 -18.95 4.88
CA PRO F 28 -99.67 -18.44 4.81
C PRO F 28 -99.52 -17.18 5.65
N GLN F 29 -98.78 -17.31 6.75
CA GLN F 29 -98.49 -16.16 7.62
C GLN F 29 -97.19 -16.47 8.35
N ASP F 30 -96.08 -15.93 7.83
CA ASP F 30 -94.76 -16.15 8.39
C ASP F 30 -94.15 -14.87 8.93
N THR F 31 -94.09 -13.82 8.11
CA THR F 31 -93.52 -12.55 8.53
C THR F 31 -92.07 -12.73 8.96
N PRO F 32 -91.19 -13.14 8.03
CA PRO F 32 -89.82 -13.47 8.44
C PRO F 32 -89.05 -12.30 9.01
N PHE F 33 -88.94 -11.18 8.28
CA PHE F 33 -88.10 -10.08 8.74
C PHE F 33 -88.95 -8.91 9.20
N VAL F 34 -90.01 -8.57 8.46
CA VAL F 34 -90.80 -7.39 8.76
C VAL F 34 -91.32 -7.40 10.18
N SER F 35 -91.46 -8.58 10.79
CA SER F 35 -91.92 -8.66 12.17
C SER F 35 -90.79 -8.42 13.17
N MET F 36 -89.54 -8.39 12.70
CA MET F 36 -88.36 -8.26 13.55
C MET F 36 -87.55 -7.03 13.19
N THR F 37 -88.20 -5.89 13.01
CA THR F 37 -87.53 -4.64 12.64
C THR F 37 -87.45 -3.68 13.82
N GLY F 38 -88.54 -3.48 14.53
CA GLY F 38 -88.59 -2.59 15.68
C GLY F 38 -89.75 -1.63 15.61
N LYS F 39 -89.76 -0.67 16.53
CA LYS F 39 -90.81 0.34 16.59
C LYS F 39 -90.20 1.67 16.99
N GLU F 40 -90.82 2.76 16.53
CA GLU F 40 -90.41 4.12 16.84
C GLU F 40 -91.64 4.95 17.20
N SER F 41 -92.45 4.41 18.11
CA SER F 41 -93.75 4.99 18.46
C SER F 41 -93.68 6.51 18.52
N ILE F 42 -94.71 7.15 18.00
CA ILE F 42 -94.82 8.59 17.91
C ILE F 42 -96.19 9.01 18.46
N ASN F 43 -96.48 10.30 18.37
CA ASN F 43 -97.75 10.86 18.82
C ASN F 43 -98.61 11.33 17.67
N GLN F 44 -98.05 12.08 16.73
CA GLN F 44 -98.80 12.62 15.60
C GLN F 44 -98.67 11.68 14.40
N THR F 45 -99.14 12.16 13.24
CA THR F 45 -99.17 11.35 12.03
C THR F 45 -98.61 12.09 10.83
N ILE F 46 -97.73 13.06 11.05
CA ILE F 46 -97.17 13.87 9.97
C ILE F 46 -95.66 13.90 10.10
N PHE F 47 -95.07 12.83 10.63
CA PHE F 47 -93.64 12.79 10.90
C PHE F 47 -92.85 12.89 9.60
N SER F 48 -91.53 13.02 9.73
CA SER F 48 -90.64 13.11 8.58
C SER F 48 -89.27 12.62 9.02
N TRP F 49 -88.26 12.77 8.16
CA TRP F 49 -86.91 12.32 8.50
C TRP F 49 -85.80 13.26 8.08
N GLN F 50 -86.12 14.43 7.51
CA GLN F 50 -85.10 15.42 7.16
C GLN F 50 -84.05 14.83 6.22
N THR F 51 -84.50 14.49 5.02
CA THR F 51 -83.61 13.94 4.01
C THR F 51 -82.35 14.81 3.91
N ASP F 52 -81.25 14.17 3.50
CA ASP F 52 -79.94 14.81 3.52
C ASP F 52 -79.83 15.81 2.36
N ALA F 53 -78.66 16.42 2.23
CA ALA F 53 -78.42 17.45 1.23
C ALA F 53 -77.83 16.83 -0.03
N LEU F 54 -77.47 17.66 -1.00
CA LEU F 54 -76.97 17.17 -2.28
C LEU F 54 -75.60 16.51 -2.12
N ALA F 55 -74.59 17.27 -1.70
CA ALA F 55 -73.22 16.79 -1.61
C ALA F 55 -72.73 16.30 -2.97
N SER F 56 -72.70 17.22 -3.92
CA SER F 56 -72.32 16.92 -5.29
C SER F 56 -70.81 16.75 -5.41
N VAL F 57 -70.39 16.33 -6.60
CA VAL F 57 -68.97 16.12 -6.91
C VAL F 57 -68.54 17.15 -7.94
N ASP F 58 -67.24 17.42 -7.96
CA ASP F 58 -66.65 18.38 -8.91
C ASP F 58 -65.32 17.85 -9.38
N GLY F 59 -65.04 18.01 -10.66
CA GLY F 59 -63.79 17.56 -11.23
C GLY F 59 -63.05 18.64 -12.00
N ASN F 60 -63.44 19.89 -11.79
CA ASN F 60 -62.82 21.05 -12.44
C ASN F 60 -62.31 22.06 -11.41
N ASN F 61 -61.86 21.56 -10.25
CA ASN F 61 -61.31 22.43 -9.21
C ASN F 61 -59.91 22.87 -9.63
N ALA F 62 -59.87 23.91 -10.46
CA ALA F 62 -58.64 24.51 -10.93
C ALA F 62 -58.70 26.03 -10.79
N HIS F 63 -59.14 26.47 -9.61
CA HIS F 63 -59.36 27.89 -9.38
C HIS F 63 -58.06 28.67 -9.53
N VAL F 64 -58.19 29.92 -9.97
CA VAL F 64 -57.02 30.74 -10.23
C VAL F 64 -56.41 31.24 -8.93
N GLU F 65 -55.14 31.66 -9.00
CA GLU F 65 -54.41 32.07 -7.82
C GLU F 65 -54.92 33.37 -7.21
N GLY F 66 -55.66 34.18 -7.98
CA GLY F 66 -56.13 35.46 -7.48
C GLY F 66 -57.64 35.55 -7.41
N SER F 67 -58.35 34.68 -8.12
CA SER F 67 -59.80 34.74 -8.14
C SER F 67 -60.37 34.53 -6.74
N ARG F 68 -61.37 35.33 -6.39
CA ARG F 68 -61.99 35.26 -5.07
C ARG F 68 -63.01 34.12 -5.00
N ALA F 69 -64.01 34.17 -5.87
CA ALA F 69 -65.07 33.16 -5.92
C ALA F 69 -65.88 33.37 -7.18
N GLU F 70 -66.38 32.29 -7.78
CA GLU F 70 -67.12 32.43 -9.03
C GLU F 70 -68.56 32.85 -8.79
N ASP F 71 -69.33 32.01 -8.12
CA ASP F 71 -70.69 32.38 -7.73
C ASP F 71 -71.00 32.08 -6.27
N GLY F 72 -70.52 30.95 -5.74
CA GLY F 72 -70.93 30.50 -4.43
C GLY F 72 -72.25 29.76 -4.53
N GLU F 73 -72.25 28.46 -4.24
CA GLU F 73 -73.44 27.63 -4.45
C GLU F 73 -73.73 26.83 -3.19
N MET F 74 -74.96 26.95 -2.70
CA MET F 74 -75.44 26.15 -1.58
C MET F 74 -76.95 26.04 -1.69
N LYS F 75 -77.47 24.86 -1.34
CA LYS F 75 -78.89 24.62 -1.31
C LYS F 75 -79.22 23.80 -0.08
N PRO F 76 -80.38 24.04 0.54
CA PRO F 76 -80.67 23.39 1.82
C PRO F 76 -81.01 21.91 1.62
N THR F 77 -81.14 21.22 2.74
CA THR F 77 -81.51 19.82 2.72
C THR F 77 -82.97 19.65 2.32
N VAL F 78 -83.33 18.41 1.99
CA VAL F 78 -84.69 18.07 1.60
C VAL F 78 -85.45 17.59 2.83
N ILE F 79 -86.74 17.93 2.89
CA ILE F 79 -87.60 17.61 4.01
C ILE F 79 -88.78 16.81 3.49
N LYS F 80 -88.89 15.56 3.91
CA LYS F 80 -89.95 14.68 3.48
C LYS F 80 -91.11 14.72 4.48
N SER F 81 -92.07 13.82 4.30
CA SER F 81 -93.21 13.73 5.21
C SER F 81 -93.97 12.45 4.91
N ASN F 82 -94.46 11.79 5.94
CA ASN F 82 -95.20 10.55 5.82
C ASN F 82 -96.54 10.68 6.52
N VAL F 83 -97.37 9.64 6.39
CA VAL F 83 -98.71 9.64 6.96
C VAL F 83 -98.98 8.26 7.55
N THR F 84 -99.93 8.20 8.47
CA THR F 84 -100.34 6.95 9.10
C THR F 84 -101.70 6.54 8.56
N GLN F 85 -102.01 5.24 8.68
CA GLN F 85 -103.25 4.68 8.17
C GLN F 85 -103.99 3.97 9.29
N ILE F 86 -105.29 3.76 9.07
CA ILE F 86 -106.16 3.10 10.03
C ILE F 86 -106.56 1.75 9.46
N LEU F 87 -106.71 0.77 10.34
CA LEU F 87 -106.99 -0.61 9.94
C LEU F 87 -108.08 -1.22 10.81
N ARG F 88 -109.19 -0.48 10.96
CA ARG F 88 -110.32 -0.94 11.76
C ARG F 88 -110.83 -2.29 11.25
N LYS F 89 -111.31 -3.14 12.16
CA LYS F 89 -111.88 -4.42 11.80
C LYS F 89 -112.81 -4.87 12.91
N VAL F 90 -114.03 -5.28 12.54
CA VAL F 90 -115.06 -5.65 13.49
C VAL F 90 -115.65 -7.00 13.09
N VAL F 91 -116.53 -7.52 13.96
CA VAL F 91 -117.22 -8.78 13.72
C VAL F 91 -118.44 -8.83 14.62
N ARG F 92 -119.57 -9.27 14.07
CA ARG F 92 -120.81 -9.35 14.84
C ARG F 92 -121.81 -10.19 14.08
N VAL F 93 -122.46 -11.12 14.77
CA VAL F 93 -123.57 -11.90 14.20
C VAL F 93 -124.77 -11.80 15.13
N SER F 94 -124.62 -12.28 16.35
CA SER F 94 -125.69 -12.26 17.34
C SER F 94 -125.11 -12.75 18.67
N ASP F 95 -125.93 -12.65 19.72
CA ASP F 95 -125.54 -13.03 21.06
C ASP F 95 -125.99 -14.44 21.45
N THR F 96 -126.76 -15.11 20.59
CA THR F 96 -127.26 -16.45 20.90
C THR F 96 -126.38 -17.55 20.32
N ALA F 97 -125.81 -17.34 19.14
CA ALA F 97 -125.00 -18.37 18.51
C ALA F 97 -123.69 -18.59 19.25
N ASN F 98 -123.18 -17.56 19.93
CA ASN F 98 -121.91 -17.70 20.63
C ASN F 98 -122.01 -18.70 21.79
N THR F 99 -123.23 -19.03 22.22
CA THR F 99 -123.43 -19.90 23.38
C THR F 99 -123.59 -21.36 23.00
N THR F 100 -123.87 -21.67 21.74
CA THR F 100 -124.16 -23.04 21.35
C THR F 100 -123.01 -23.96 21.73
N ALA F 101 -123.36 -25.20 22.07
CA ALA F 101 -122.38 -26.25 22.34
C ALA F 101 -122.07 -26.92 21.00
N ASN F 102 -120.97 -26.51 20.38
CA ASN F 102 -120.67 -26.91 19.02
C ASN F 102 -119.96 -28.26 19.00
N TYR F 103 -119.51 -28.67 17.81
CA TYR F 103 -118.85 -29.94 17.58
C TYR F 103 -117.42 -29.81 17.11
N GLY F 104 -117.07 -28.70 16.46
CA GLY F 104 -115.68 -28.45 16.09
C GLY F 104 -115.23 -27.05 16.44
N ARG F 105 -116.18 -26.16 16.75
CA ARG F 105 -115.91 -24.78 17.07
C ARG F 105 -116.02 -24.58 18.58
N GLY F 106 -115.19 -23.68 19.11
CA GLY F 106 -115.18 -23.41 20.53
C GLY F 106 -116.08 -22.26 20.92
N ARG F 107 -115.86 -21.10 20.31
CA ARG F 107 -116.68 -19.93 20.55
C ARG F 107 -116.74 -19.11 19.26
N GLU F 108 -117.67 -18.17 19.22
CA GLU F 108 -117.88 -17.32 18.05
C GLU F 108 -117.27 -15.93 18.23
N LEU F 109 -116.56 -15.68 19.32
CA LEU F 109 -115.94 -14.39 19.57
C LEU F 109 -114.41 -14.48 19.62
N MET F 110 -113.86 -15.31 20.50
CA MET F 110 -112.41 -15.43 20.59
C MET F 110 -111.84 -16.02 19.31
N TYR F 111 -112.53 -17.02 18.75
CA TYR F 111 -112.12 -17.57 17.46
C TYR F 111 -112.10 -16.49 16.39
N GLN F 112 -113.21 -15.75 16.26
CA GLN F 112 -113.29 -14.71 15.24
C GLN F 112 -112.30 -13.58 15.54
N LEU F 113 -112.03 -13.33 16.83
CA LEU F 113 -111.08 -12.28 17.17
C LEU F 113 -109.66 -12.65 16.74
N GLU F 114 -109.24 -13.88 17.02
CA GLU F 114 -107.93 -14.34 16.53
C GLU F 114 -107.90 -14.33 15.01
N LYS F 115 -109.01 -14.72 14.39
CA LYS F 115 -109.12 -14.66 12.93
C LYS F 115 -108.83 -13.25 12.44
N LYS F 116 -109.49 -12.24 13.02
CA LYS F 116 -109.33 -10.87 12.56
C LYS F 116 -107.93 -10.36 12.85
N GLY F 117 -107.32 -10.81 13.96
CA GLY F 117 -105.94 -10.43 14.23
C GLY F 117 -104.99 -10.95 13.18
N LYS F 118 -105.08 -12.25 12.87
CA LYS F 118 -104.27 -12.81 11.80
C LYS F 118 -104.50 -12.06 10.49
N GLU F 119 -105.76 -11.75 10.19
CA GLU F 119 -106.07 -11.05 8.95
C GLU F 119 -105.45 -9.66 8.93
N ILE F 120 -105.48 -8.95 10.06
CA ILE F 120 -104.95 -7.58 10.08
C ILE F 120 -103.44 -7.62 9.94
N LYS F 121 -102.80 -8.64 10.53
CA LYS F 121 -101.35 -8.78 10.35
C LYS F 121 -101.00 -9.06 8.90
N ARG F 122 -101.74 -9.97 8.25
CA ARG F 122 -101.51 -10.24 6.83
C ARG F 122 -101.71 -8.98 6.00
N ASP F 123 -102.76 -8.22 6.32
CA ASP F 123 -103.04 -6.98 5.60
C ASP F 123 -101.88 -5.99 5.73
N LEU F 124 -101.37 -5.81 6.94
CA LEU F 124 -100.23 -4.93 7.14
C LEU F 124 -99.03 -5.41 6.32
N GLU F 125 -98.73 -6.71 6.40
CA GLU F 125 -97.60 -7.26 5.67
C GLU F 125 -97.73 -6.98 4.18
N LYS F 126 -98.94 -7.11 3.63
CA LYS F 126 -99.11 -6.84 2.21
C LYS F 126 -99.02 -5.35 1.91
N ILE F 127 -99.57 -4.52 2.78
CA ILE F 127 -99.63 -3.08 2.50
C ILE F 127 -98.24 -2.47 2.52
N LEU F 128 -97.40 -2.86 3.47
CA LEU F 128 -96.07 -2.28 3.55
C LEU F 128 -95.28 -2.57 2.28
N LEU F 129 -95.22 -3.83 1.86
CA LEU F 129 -94.49 -4.24 0.65
C LEU F 129 -95.47 -4.37 -0.51
N SER F 130 -95.88 -3.22 -1.04
CA SER F 130 -96.83 -3.19 -2.15
C SER F 130 -96.83 -1.78 -2.74
N GLY F 131 -97.76 -1.53 -3.65
CA GLY F 131 -97.86 -0.26 -4.33
C GLY F 131 -98.96 0.62 -3.75
N GLN F 132 -99.07 0.65 -2.42
CA GLN F 132 -100.13 1.40 -1.76
C GLN F 132 -99.80 2.89 -1.83
N ALA F 133 -100.13 3.48 -2.98
CA ALA F 133 -99.84 4.88 -3.22
C ALA F 133 -100.37 5.76 -2.09
N ARG F 134 -99.61 6.80 -1.76
CA ARG F 134 -100.01 7.73 -0.72
C ARG F 134 -101.04 8.72 -1.23
N THR F 135 -102.05 8.97 -0.41
CA THR F 135 -103.13 9.90 -0.76
C THR F 135 -103.48 10.70 0.50
N ASP F 136 -103.05 11.96 0.53
CA ASP F 136 -103.30 12.86 1.63
C ASP F 136 -103.95 14.13 1.11
N VAL F 137 -104.63 14.85 2.02
CA VAL F 137 -105.36 16.06 1.66
C VAL F 137 -104.64 17.28 2.22
N LEU F 138 -103.77 17.06 3.20
CA LEU F 138 -103.05 18.16 3.85
C LEU F 138 -101.89 18.62 2.96
N ALA F 139 -102.10 19.73 2.26
CA ALA F 139 -101.03 20.38 1.51
C ALA F 139 -100.44 21.52 2.32
N ASP F 140 -99.89 21.15 3.48
CA ASP F 140 -99.35 22.11 4.44
C ASP F 140 -98.25 22.98 3.82
N GLN F 141 -98.31 24.29 4.05
CA GLN F 141 -97.33 25.23 3.54
C GLN F 141 -96.51 25.93 4.61
N TYR F 142 -97.06 26.12 5.81
CA TYR F 142 -96.39 26.85 6.89
C TYR F 142 -95.73 25.92 7.91
N LEU F 143 -95.20 24.79 7.48
CA LEU F 143 -94.59 23.82 8.37
C LEU F 143 -93.23 24.36 8.84
N THR F 144 -92.39 23.48 9.40
CA THR F 144 -91.11 23.88 9.95
C THR F 144 -91.25 24.81 11.14
N ASN F 145 -91.84 24.30 12.23
CA ASN F 145 -91.99 24.99 13.50
C ASN F 145 -93.17 25.96 13.53
N SER F 146 -94.08 25.85 12.57
CA SER F 146 -95.38 26.52 12.62
C SER F 146 -96.42 25.45 12.29
N ALA F 147 -96.84 24.70 13.31
CA ALA F 147 -97.73 23.56 13.12
C ALA F 147 -99.17 24.03 13.23
N ALA F 148 -99.87 24.07 12.09
CA ALA F 148 -101.27 24.46 12.08
C ALA F 148 -101.93 23.86 10.85
N ASP F 149 -103.26 23.73 10.93
CA ASP F 149 -104.06 23.22 9.83
C ASP F 149 -104.69 24.40 9.09
N PRO F 150 -104.48 24.54 7.77
CA PRO F 150 -105.09 25.69 7.06
C PRO F 150 -106.59 25.79 7.29
N ALA F 151 -107.17 26.92 6.87
CA ALA F 151 -108.60 27.15 7.11
C ALA F 151 -109.44 25.99 6.59
N VAL F 152 -109.01 25.37 5.49
CA VAL F 152 -109.74 24.22 4.98
C VAL F 152 -109.69 23.09 6.00
N ALA F 153 -110.62 22.15 5.85
CA ALA F 153 -110.75 21.02 6.79
C ALA F 153 -111.10 21.52 8.19
N GLY F 154 -111.88 22.59 8.25
CA GLY F 154 -112.23 23.19 9.52
C GLY F 154 -113.29 22.44 10.30
N LEU F 155 -114.52 22.39 9.76
CA LEU F 155 -115.62 21.75 10.45
C LEU F 155 -115.97 20.38 9.88
N ASN F 156 -115.69 20.13 8.60
CA ASN F 156 -115.99 18.84 8.02
C ASN F 156 -115.26 17.73 8.77
N ASP F 157 -115.86 16.53 8.79
CA ASP F 157 -115.36 15.42 9.58
C ASP F 157 -115.30 14.11 8.79
N THR F 158 -115.23 14.18 7.47
CA THR F 158 -115.16 12.96 6.66
C THR F 158 -113.74 12.43 6.60
N HIS F 159 -112.82 13.23 6.07
CA HIS F 159 -111.40 12.86 5.97
C HIS F 159 -111.23 11.47 5.36
N ALA F 160 -111.64 11.37 4.09
CA ALA F 160 -111.59 10.09 3.41
C ALA F 160 -110.15 9.67 3.11
N ALA F 161 -109.43 10.45 2.31
CA ALA F 161 -108.12 10.03 1.85
C ALA F 161 -107.14 9.89 3.02
N ARG F 162 -106.67 8.67 3.22
CA ARG F 162 -105.64 8.41 4.22
C ARG F 162 -104.87 7.16 3.82
N LYS F 163 -103.68 7.36 3.25
CA LYS F 163 -102.80 6.25 2.88
C LYS F 163 -101.36 6.71 3.07
N THR F 164 -100.42 5.81 2.79
CA THR F 164 -99.02 6.10 2.98
C THR F 164 -98.18 5.04 2.28
N GLY F 165 -96.91 5.35 2.10
CA GLY F 165 -95.96 4.39 1.56
C GLY F 165 -96.07 4.17 0.07
N ALA F 166 -95.10 3.47 -0.50
CA ALA F 166 -95.20 2.93 -1.85
C ALA F 166 -95.39 3.95 -2.97
N PHE F 167 -94.35 4.72 -3.30
CA PHE F 167 -94.26 5.23 -4.67
C PHE F 167 -95.42 6.16 -5.01
N GLN F 168 -95.33 7.45 -4.67
CA GLN F 168 -96.42 8.13 -3.96
C GLN F 168 -96.18 7.74 -2.51
N PHE F 169 -95.21 8.44 -1.92
CA PHE F 169 -94.04 7.86 -1.28
C PHE F 169 -93.14 7.37 -2.39
N LEU F 170 -92.82 8.28 -3.31
CA LEU F 170 -92.01 8.02 -4.50
C LEU F 170 -90.89 7.02 -4.24
N CYS F 171 -90.22 7.14 -3.10
CA CYS F 171 -89.14 6.23 -2.73
C CYS F 171 -88.08 6.12 -3.82
N ALA F 172 -87.74 7.25 -4.45
CA ALA F 172 -86.72 7.31 -5.50
C ALA F 172 -87.17 6.50 -6.73
N HIS F 173 -88.37 6.78 -7.20
CA HIS F 173 -88.88 6.19 -8.43
C HIS F 173 -88.93 7.23 -9.54
N GLY F 174 -89.20 6.75 -10.75
CA GLY F 174 -89.22 7.62 -11.91
C GLY F 174 -90.50 8.42 -12.05
N GLY F 175 -91.62 7.73 -12.14
CA GLY F 175 -92.91 8.39 -12.26
C GLY F 175 -94.04 7.39 -12.23
N LEU F 176 -95.17 7.81 -11.69
CA LEU F 176 -96.38 7.00 -11.62
C LEU F 176 -97.46 7.63 -12.49
N ALA F 177 -98.38 6.79 -12.97
CA ALA F 177 -99.47 7.23 -13.84
C ALA F 177 -100.74 7.34 -12.99
N GLY F 178 -100.98 8.53 -12.46
CA GLY F 178 -102.17 8.78 -11.67
C GLY F 178 -102.18 8.04 -10.35
N GLY F 179 -103.25 7.32 -10.08
CA GLY F 179 -103.41 6.56 -8.85
C GLY F 179 -102.83 5.15 -8.90
N VAL F 180 -101.98 4.85 -9.88
CA VAL F 180 -101.35 3.55 -9.99
C VAL F 180 -99.86 3.76 -10.24
N VAL F 181 -99.04 2.92 -9.62
CA VAL F 181 -97.60 3.03 -9.78
C VAL F 181 -97.19 2.43 -11.11
N ASP F 182 -96.46 3.21 -11.89
CA ASP F 182 -95.98 2.75 -13.19
C ASP F 182 -94.69 1.95 -13.00
N LYS F 183 -94.76 0.64 -13.24
CA LYS F 183 -93.59 -0.21 -13.14
C LYS F 183 -92.84 -0.25 -14.46
N THR F 184 -92.63 0.93 -15.04
CA THR F 184 -91.92 1.05 -16.31
C THR F 184 -91.05 2.30 -16.37
N LYS F 185 -90.89 3.01 -15.27
CA LYS F 185 -90.20 4.30 -15.25
C LYS F 185 -88.88 4.13 -14.51
N ASN F 186 -87.78 4.37 -15.22
CA ASN F 186 -86.47 4.34 -14.58
C ASN F 186 -86.30 5.54 -13.65
N GLY F 187 -85.70 5.30 -12.50
CA GLY F 187 -85.52 6.33 -11.51
C GLY F 187 -84.62 7.45 -11.99
N PRO F 188 -84.59 8.55 -11.24
CA PRO F 188 -83.70 9.66 -11.58
C PRO F 188 -82.26 9.36 -11.16
N ALA F 189 -81.36 10.25 -11.57
CA ALA F 189 -79.95 10.12 -11.24
C ALA F 189 -79.63 10.96 -10.01
N ASP F 190 -79.14 10.30 -8.97
CA ASP F 190 -78.73 11.00 -7.76
C ASP F 190 -77.55 11.93 -8.08
N PRO F 191 -77.69 13.24 -7.89
CA PRO F 191 -76.59 14.15 -8.27
C PRO F 191 -75.31 13.92 -7.48
N ASP F 192 -75.38 13.23 -6.34
CA ASP F 192 -74.19 13.03 -5.52
C ASP F 192 -73.08 12.37 -6.33
N THR F 193 -73.36 11.19 -6.89
CA THR F 193 -72.38 10.46 -7.66
C THR F 193 -72.95 10.06 -9.02
N GLY F 194 -74.27 9.95 -9.10
CA GLY F 194 -74.93 9.50 -10.31
C GLY F 194 -75.25 8.02 -10.23
N ALA F 195 -76.49 7.70 -9.92
CA ALA F 195 -76.89 6.31 -9.74
C ALA F 195 -78.41 6.21 -9.75
N VAL F 196 -78.94 5.27 -10.52
CA VAL F 196 -80.37 4.99 -10.57
C VAL F 196 -80.62 3.71 -9.79
N THR F 197 -81.44 3.81 -8.75
CA THR F 197 -81.72 2.68 -7.88
C THR F 197 -82.92 1.86 -8.33
N VAL F 198 -83.66 2.32 -9.32
CA VAL F 198 -84.84 1.60 -9.82
C VAL F 198 -84.82 1.68 -11.34
N LYS F 199 -84.92 0.52 -11.99
CA LYS F 199 -84.97 0.45 -13.45
C LYS F 199 -85.74 -0.80 -13.84
N VAL F 200 -85.91 -0.99 -15.15
CA VAL F 200 -86.64 -2.11 -15.70
C VAL F 200 -85.84 -2.70 -16.84
N ALA F 201 -85.20 -3.85 -16.58
CA ALA F 201 -84.53 -4.58 -17.64
C ALA F 201 -85.56 -5.17 -18.61
N GLN F 202 -85.11 -5.42 -19.83
CA GLN F 202 -85.97 -5.95 -20.88
C GLN F 202 -85.86 -7.47 -20.93
N ASN F 203 -86.86 -8.08 -21.55
CA ASN F 203 -86.92 -9.53 -21.74
C ASN F 203 -86.54 -9.91 -23.17
N ALA F 204 -85.59 -9.19 -23.77
CA ALA F 204 -85.09 -9.50 -25.09
C ALA F 204 -83.97 -10.53 -25.07
N SER F 205 -83.10 -10.50 -24.07
CA SER F 205 -82.10 -11.53 -23.90
C SER F 205 -82.70 -12.92 -23.72
N ASN F 206 -83.97 -12.99 -23.33
CA ASN F 206 -84.71 -14.23 -23.14
C ASN F 206 -85.96 -14.17 -24.01
N PRO F 207 -86.69 -15.29 -24.11
CA PRO F 207 -87.93 -15.26 -24.92
C PRO F 207 -88.88 -14.17 -24.47
N THR F 208 -89.83 -13.80 -25.34
CA THR F 208 -90.77 -12.73 -25.06
C THR F 208 -91.93 -13.17 -24.18
N THR F 209 -91.85 -14.38 -23.60
CA THR F 209 -92.87 -14.86 -22.68
C THR F 209 -92.29 -15.28 -21.33
N ASN F 210 -90.96 -15.31 -21.20
CA ASN F 210 -90.32 -15.71 -19.94
C ASN F 210 -90.02 -14.45 -19.13
N ILE F 211 -91.07 -13.95 -18.47
CA ILE F 211 -90.92 -12.79 -17.61
C ILE F 211 -89.92 -13.12 -16.51
N GLY F 212 -88.95 -12.25 -16.33
CA GLY F 212 -87.94 -12.46 -15.30
C GLY F 212 -86.70 -11.63 -15.59
N PHE F 213 -85.64 -11.95 -14.87
CA PHE F 213 -84.39 -11.20 -14.94
C PHE F 213 -83.46 -11.85 -15.95
N ASP F 214 -82.19 -11.40 -15.95
CA ASP F 214 -81.20 -11.91 -16.89
C ASP F 214 -79.86 -12.19 -16.22
N GLU F 215 -79.81 -12.25 -14.89
CA GLU F 215 -78.62 -12.58 -14.11
C GLU F 215 -77.59 -11.45 -14.11
N ALA F 216 -77.85 -10.36 -14.83
CA ALA F 216 -76.91 -9.25 -14.88
C ALA F 216 -77.49 -8.04 -14.16
N ASP F 217 -78.82 -8.02 -14.01
CA ASP F 217 -79.48 -6.90 -13.36
C ASP F 217 -79.20 -6.87 -11.86
N ILE F 218 -78.96 -8.02 -11.24
CA ILE F 218 -78.63 -8.06 -9.83
C ILE F 218 -77.31 -7.33 -9.58
N PHE F 219 -76.29 -7.63 -10.38
CA PHE F 219 -74.99 -6.99 -10.19
C PHE F 219 -75.05 -5.51 -10.54
N ASP F 220 -75.87 -5.14 -11.53
CA ASP F 220 -76.07 -3.73 -11.83
C ASP F 220 -76.68 -3.00 -10.65
N MET F 221 -77.72 -3.60 -10.03
CA MET F 221 -78.33 -2.99 -8.86
C MET F 221 -77.32 -2.88 -7.71
N THR F 222 -76.50 -3.92 -7.53
CA THR F 222 -75.49 -3.87 -6.48
C THR F 222 -74.49 -2.75 -6.73
N LEU F 223 -74.06 -2.57 -7.98
CA LEU F 223 -73.13 -1.49 -8.27
C LEU F 223 -73.77 -0.12 -8.08
N GLN F 224 -75.04 0.01 -8.45
CA GLN F 224 -75.75 1.26 -8.19
C GLN F 224 -75.79 1.57 -6.70
N LEU F 225 -76.12 0.56 -5.89
CA LEU F 225 -76.13 0.75 -4.44
C LEU F 225 -74.73 1.13 -3.94
N TYR F 226 -73.70 0.47 -4.45
CA TYR F 226 -72.34 0.79 -4.05
C TYR F 226 -71.99 2.24 -4.35
N THR F 227 -72.36 2.72 -5.53
CA THR F 227 -72.14 4.12 -5.86
C THR F 227 -72.98 5.04 -4.98
N ALA F 228 -74.15 4.56 -4.55
CA ALA F 228 -75.01 5.36 -3.67
C ALA F 228 -74.58 5.28 -2.21
N GLY F 229 -73.96 4.18 -1.80
CA GLY F 229 -73.48 4.05 -0.44
C GLY F 229 -74.54 3.62 0.53
N SER F 230 -75.34 2.62 0.15
CA SER F 230 -76.39 2.11 1.03
C SER F 230 -75.86 1.01 1.93
N GLU F 231 -75.04 0.11 1.38
CA GLU F 231 -74.48 -1.05 2.05
C GLU F 231 -75.53 -2.12 2.30
N ALA F 232 -76.62 -2.12 1.53
CA ALA F 232 -77.63 -3.15 1.67
C ALA F 232 -77.02 -4.53 1.43
N ASP F 233 -77.54 -5.52 2.15
CA ASP F 233 -77.03 -6.88 2.06
C ASP F 233 -78.15 -7.91 2.09
N ILE F 234 -79.39 -7.53 1.80
CA ILE F 234 -80.54 -8.40 1.95
C ILE F 234 -81.44 -8.26 0.72
N ILE F 235 -82.16 -9.33 0.41
CA ILE F 235 -83.09 -9.38 -0.71
C ILE F 235 -84.39 -9.99 -0.22
N MET F 236 -85.51 -9.34 -0.56
CA MET F 236 -86.84 -9.88 -0.32
C MET F 236 -87.50 -10.10 -1.67
N ILE F 237 -87.59 -11.37 -2.08
CA ILE F 237 -88.07 -11.73 -3.41
C ILE F 237 -89.21 -12.73 -3.25
N ASN F 238 -90.16 -12.65 -4.18
CA ASN F 238 -91.29 -13.57 -4.16
C ASN F 238 -90.98 -14.80 -5.01
N PRO F 239 -91.79 -15.86 -4.88
CA PRO F 239 -91.57 -17.04 -5.71
C PRO F 239 -91.70 -16.71 -7.19
N ALA F 240 -91.35 -17.69 -8.02
CA ALA F 240 -91.33 -17.63 -9.47
C ALA F 240 -90.11 -16.87 -9.96
N HIS F 241 -89.26 -16.36 -9.06
CA HIS F 241 -88.02 -15.70 -9.44
C HIS F 241 -86.79 -16.32 -8.81
N ALA F 242 -86.94 -17.13 -7.77
CA ALA F 242 -85.78 -17.80 -7.17
C ALA F 242 -85.19 -18.84 -8.11
N LYS F 243 -86.02 -19.41 -8.98
CA LYS F 243 -85.50 -20.36 -9.96
C LYS F 243 -84.43 -19.73 -10.83
N ILE F 244 -84.50 -18.40 -11.02
CA ILE F 244 -83.42 -17.70 -11.72
C ILE F 244 -82.15 -17.76 -10.89
N PHE F 245 -82.26 -17.42 -9.60
CA PHE F 245 -81.10 -17.49 -8.71
C PHE F 245 -80.48 -18.88 -8.73
N ALA F 246 -81.30 -19.92 -8.92
CA ALA F 246 -80.77 -21.28 -8.93
C ALA F 246 -80.11 -21.60 -10.26
N GLY F 247 -80.85 -21.47 -11.36
CA GLY F 247 -80.39 -21.84 -12.67
C GLY F 247 -79.47 -20.86 -13.36
N LEU F 248 -79.06 -19.80 -12.69
CA LEU F 248 -78.02 -18.93 -13.25
C LEU F 248 -76.82 -19.75 -13.72
N GLN F 249 -76.54 -20.86 -13.02
CA GLN F 249 -75.47 -21.77 -13.38
C GLN F 249 -75.97 -22.94 -14.22
N GLU F 250 -77.11 -22.80 -14.86
CA GLU F 250 -77.68 -23.81 -15.74
C GLU F 250 -77.90 -23.32 -17.16
N ASN F 251 -78.41 -22.09 -17.32
CA ASN F 251 -78.64 -21.51 -18.65
C ASN F 251 -77.35 -20.86 -19.14
N THR F 252 -76.35 -21.71 -19.36
CA THR F 252 -75.05 -21.28 -19.85
C THR F 252 -74.66 -22.16 -21.02
N GLN F 253 -73.43 -22.00 -21.50
CA GLN F 253 -72.89 -22.81 -22.59
C GLN F 253 -72.08 -23.99 -22.09
N GLY F 254 -71.75 -24.03 -20.81
CA GLY F 254 -70.90 -25.07 -20.26
C GLY F 254 -69.90 -24.50 -19.28
N SER F 255 -69.75 -23.18 -19.29
CA SER F 255 -68.80 -22.52 -18.40
C SER F 255 -69.05 -22.91 -16.96
N ARG F 256 -70.22 -22.57 -16.44
CA ARG F 256 -70.61 -22.98 -15.10
C ARG F 256 -71.26 -24.36 -15.15
N LYS F 257 -71.10 -25.10 -14.05
CA LYS F 257 -71.65 -26.45 -13.97
C LYS F 257 -71.68 -26.87 -12.51
N ARG F 258 -72.62 -27.76 -12.20
CA ARG F 258 -72.70 -28.37 -10.88
C ARG F 258 -71.90 -29.66 -10.87
N ILE F 259 -71.81 -30.26 -9.67
CA ILE F 259 -71.07 -31.50 -9.48
C ILE F 259 -71.84 -32.37 -8.50
N PHE F 260 -71.82 -33.67 -8.75
CA PHE F 260 -72.48 -34.65 -7.89
C PHE F 260 -71.56 -35.86 -7.78
N GLU F 261 -70.85 -35.96 -6.65
CA GLU F 261 -69.82 -36.99 -6.46
C GLU F 261 -70.45 -38.17 -5.74
N ASN F 262 -71.15 -39.00 -6.50
CA ASN F 262 -71.81 -40.19 -5.96
C ASN F 262 -72.75 -39.81 -4.82
N THR F 263 -73.41 -38.67 -4.98
CA THR F 263 -74.33 -38.15 -3.97
C THR F 263 -75.76 -38.27 -4.48
N LYS F 264 -76.63 -38.86 -3.65
CA LYS F 264 -78.01 -39.08 -4.04
C LYS F 264 -78.88 -37.83 -3.91
N GLN F 265 -78.34 -36.72 -3.41
CA GLN F 265 -79.10 -35.50 -3.23
C GLN F 265 -79.00 -34.61 -4.46
N PHE F 266 -80.10 -33.92 -4.77
CA PHE F 266 -80.14 -32.92 -5.82
C PHE F 266 -80.65 -31.62 -5.22
N ILE F 267 -80.08 -30.49 -5.65
CA ILE F 267 -80.35 -29.21 -5.03
C ILE F 267 -80.35 -28.10 -6.07
N TYR F 268 -81.40 -27.28 -6.04
CA TYR F 268 -81.48 -26.01 -6.76
C TYR F 268 -81.85 -24.89 -5.79
N GLU F 269 -81.13 -24.81 -4.67
CA GLU F 269 -81.39 -23.79 -3.67
C GLU F 269 -80.18 -22.87 -3.56
N VAL F 270 -80.46 -21.56 -3.55
CA VAL F 270 -79.44 -20.53 -3.45
C VAL F 270 -79.98 -19.44 -2.52
N ASN F 271 -79.34 -19.26 -1.37
CA ASN F 271 -79.80 -18.29 -0.38
C ASN F 271 -78.70 -17.27 -0.06
N SER F 272 -77.71 -17.14 -0.93
CA SER F 272 -76.64 -16.18 -0.71
C SER F 272 -75.81 -16.05 -1.98
N ILE F 273 -75.35 -14.83 -2.23
CA ILE F 273 -74.46 -14.54 -3.35
C ILE F 273 -73.45 -13.50 -2.90
N THR F 274 -72.31 -13.46 -3.57
CA THR F 274 -71.21 -12.55 -3.23
C THR F 274 -70.92 -11.67 -4.45
N ASP F 275 -71.28 -10.39 -4.34
CA ASP F 275 -71.04 -9.46 -5.42
C ASP F 275 -69.55 -9.37 -5.73
N PRO F 276 -69.17 -9.15 -6.99
CA PRO F 276 -67.74 -8.97 -7.31
C PRO F 276 -67.09 -7.86 -6.52
N LEU F 277 -67.90 -6.89 -6.05
CA LEU F 277 -67.39 -5.81 -5.23
C LEU F 277 -67.16 -6.23 -3.78
N GLY F 278 -67.32 -7.51 -3.46
CA GLY F 278 -67.15 -7.97 -2.10
C GLY F 278 -68.38 -7.83 -1.24
N GLN F 279 -69.53 -7.52 -1.83
CA GLN F 279 -70.77 -7.31 -1.09
C GLN F 279 -71.56 -8.62 -1.08
N SER F 280 -71.73 -9.20 0.11
CA SER F 280 -72.48 -10.43 0.27
C SER F 280 -73.96 -10.11 0.46
N TYR F 281 -74.81 -10.82 -0.28
CA TYR F 281 -76.25 -10.61 -0.23
C TYR F 281 -76.94 -11.94 0.06
N LYS F 282 -77.94 -11.89 0.93
CA LYS F 282 -78.74 -13.06 1.28
C LYS F 282 -80.16 -12.91 0.74
N ILE F 283 -80.76 -14.04 0.38
CA ILE F 283 -82.07 -14.08 -0.23
C ILE F 283 -83.08 -14.58 0.79
N ILE F 284 -84.23 -13.91 0.84
CA ILE F 284 -85.32 -14.26 1.75
C ILE F 284 -86.62 -14.14 0.97
N VAL F 285 -87.46 -15.16 1.06
CA VAL F 285 -88.66 -15.25 0.24
C VAL F 285 -89.84 -14.71 1.01
N ASN F 286 -90.56 -13.77 0.41
CA ASN F 286 -91.82 -13.24 0.94
C ASN F 286 -92.91 -13.40 -0.11
N ARG F 287 -94.13 -13.62 0.36
CA ARG F 287 -95.24 -13.96 -0.53
C ARG F 287 -96.21 -12.82 -0.77
N TRP F 288 -96.04 -11.68 -0.10
CA TRP F 288 -96.95 -10.54 -0.21
C TRP F 288 -96.39 -9.48 -1.15
N MET F 289 -95.74 -9.90 -2.22
CA MET F 289 -95.15 -9.01 -3.20
C MET F 289 -95.99 -8.97 -4.46
N PRO F 290 -95.72 -8.01 -5.36
CA PRO F 290 -96.49 -7.92 -6.61
C PRO F 290 -96.17 -8.99 -7.64
N THR F 291 -95.42 -10.03 -7.27
CA THR F 291 -95.02 -11.10 -8.17
C THR F 291 -94.51 -10.55 -9.50
N ASP F 292 -93.95 -9.35 -9.47
CA ASP F 292 -93.34 -8.76 -10.66
C ASP F 292 -92.10 -7.92 -10.36
N ALA F 293 -91.62 -7.91 -9.12
CA ALA F 293 -90.53 -7.03 -8.75
C ALA F 293 -89.74 -7.66 -7.61
N VAL F 294 -88.57 -7.10 -7.35
CA VAL F 294 -87.71 -7.53 -6.25
C VAL F 294 -87.29 -6.29 -5.47
N TYR F 295 -87.08 -6.46 -4.17
CA TYR F 295 -86.74 -5.36 -3.27
C TYR F 295 -85.36 -5.59 -2.67
N PHE F 296 -84.44 -4.67 -2.94
CA PHE F 296 -83.12 -4.66 -2.31
C PHE F 296 -83.14 -3.81 -1.05
N PHE F 297 -84.04 -4.17 -0.13
CA PHE F 297 -84.24 -3.39 1.08
C PHE F 297 -83.04 -3.54 2.01
N ARG F 298 -83.04 -2.78 3.10
CA ARG F 298 -81.94 -2.83 4.05
C ARG F 298 -82.37 -3.53 5.34
N SER F 299 -81.52 -3.46 6.37
CA SER F 299 -81.74 -4.17 7.61
C SER F 299 -82.76 -3.41 8.47
N ALA F 300 -82.85 -3.81 9.74
CA ALA F 300 -83.85 -3.23 10.64
C ALA F 300 -83.70 -1.71 10.79
N ASP F 301 -82.59 -1.13 10.36
CA ASP F 301 -82.41 0.32 10.44
C ASP F 301 -83.62 1.05 9.89
N TRP F 302 -84.24 0.49 8.85
CA TRP F 302 -85.44 1.06 8.25
C TRP F 302 -86.65 0.48 8.97
N THR F 303 -87.19 1.21 9.93
CA THR F 303 -88.20 0.70 10.84
C THR F 303 -89.48 1.50 10.71
N GLN F 304 -90.58 0.91 11.18
CA GLN F 304 -91.88 1.53 11.17
C GLN F 304 -92.19 2.11 12.56
N MET F 305 -93.39 2.66 12.71
CA MET F 305 -93.81 3.26 13.96
C MET F 305 -95.33 3.17 14.06
N VAL F 306 -95.83 2.85 15.25
CA VAL F 306 -97.25 2.66 15.49
C VAL F 306 -97.76 3.79 16.36
N LEU F 307 -98.88 4.38 15.96
CA LEU F 307 -99.54 5.42 16.75
C LEU F 307 -100.50 4.81 17.78
N ARG F 308 -101.48 4.04 17.32
CA ARG F 308 -102.41 3.33 18.19
C ARG F 308 -102.12 1.85 18.06
N ALA F 309 -101.53 1.26 19.10
CA ALA F 309 -101.21 -0.16 19.09
C ALA F 309 -102.47 -0.98 18.94
N PRO F 310 -102.36 -2.22 18.46
CA PRO F 310 -103.54 -3.08 18.31
C PRO F 310 -104.26 -3.26 19.64
N LYS F 311 -105.49 -2.77 19.69
CA LYS F 311 -106.27 -2.75 20.92
C LYS F 311 -107.74 -2.91 20.58
N ARG F 312 -108.49 -3.50 21.51
CA ARG F 312 -109.90 -3.81 21.30
C ARG F 312 -110.79 -2.74 21.92
N THR F 313 -111.88 -2.43 21.23
CA THR F 313 -112.93 -1.55 21.74
C THR F 313 -114.27 -2.15 21.33
N GLU F 314 -115.36 -1.53 21.77
CA GLU F 314 -116.68 -2.05 21.46
C GLU F 314 -117.74 -1.06 21.93
N LEU F 315 -118.87 -1.03 21.22
CA LEU F 315 -120.07 -0.34 21.67
C LEU F 315 -120.91 -1.30 22.51
N ALA F 316 -121.82 -0.73 23.30
CA ALA F 316 -122.52 -1.51 24.32
C ALA F 316 -123.66 -2.34 23.73
N LYS F 317 -124.66 -1.68 23.16
CA LYS F 317 -125.82 -2.39 22.64
C LYS F 317 -126.73 -1.40 21.92
N ASP F 318 -127.43 -1.90 20.90
CA ASP F 318 -128.54 -1.15 20.32
C ASP F 318 -129.87 -1.86 20.56
N GLY F 319 -130.03 -3.08 20.04
CA GLY F 319 -131.02 -3.99 20.59
C GLY F 319 -130.38 -5.30 21.02
N SER F 320 -129.41 -5.76 20.23
CA SER F 320 -128.65 -6.97 20.55
C SER F 320 -127.51 -7.14 19.54
N TYR F 321 -126.29 -7.38 20.02
CA TYR F 321 -125.19 -7.74 19.13
C TYR F 321 -123.97 -8.03 19.98
N GLU F 322 -122.90 -8.46 19.31
CA GLU F 322 -121.65 -8.85 19.95
C GLU F 322 -120.49 -8.12 19.30
N LYS F 323 -120.65 -6.81 19.07
CA LYS F 323 -119.68 -6.03 18.32
C LYS F 323 -118.32 -5.98 19.01
N TRP F 324 -117.26 -5.85 18.22
CA TRP F 324 -115.91 -5.66 18.71
C TRP F 324 -115.14 -4.86 17.67
N MET F 325 -113.93 -4.43 18.04
CA MET F 325 -113.14 -3.58 17.16
C MET F 325 -111.66 -3.92 17.30
N ILE F 326 -110.93 -3.71 16.21
CA ILE F 326 -109.48 -3.77 16.20
C ILE F 326 -109.00 -2.67 15.27
N GLU F 327 -108.39 -1.62 15.82
CA GLU F 327 -108.17 -0.37 15.12
C GLU F 327 -106.72 0.08 15.25
N MET F 328 -105.79 -0.83 15.00
CA MET F 328 -104.38 -0.46 14.98
C MET F 328 -104.14 0.62 13.92
N GLU F 329 -103.14 1.46 14.16
CA GLU F 329 -102.86 2.63 13.36
C GLU F 329 -101.39 2.71 13.01
N VAL F 330 -100.85 1.60 12.50
CA VAL F 330 -99.41 1.54 12.18
C VAL F 330 -99.11 2.45 10.99
N GLY F 331 -97.83 2.84 10.89
CA GLY F 331 -97.35 3.60 9.75
C GLY F 331 -95.91 3.24 9.44
N LEU F 332 -95.51 3.52 8.21
CA LEU F 332 -94.21 3.12 7.70
C LEU F 332 -93.28 4.33 7.57
N ARG F 333 -91.98 4.03 7.43
CA ARG F 333 -90.97 5.05 7.24
C ARG F 333 -89.75 4.42 6.60
N HIS F 334 -89.18 5.12 5.62
CA HIS F 334 -87.93 4.75 4.99
C HIS F 334 -86.84 5.73 5.41
N ARG F 335 -85.66 5.58 4.84
CA ARG F 335 -84.50 6.39 5.25
C ARG F 335 -83.62 6.63 4.02
N ASN F 336 -83.54 7.87 3.58
CA ASN F 336 -82.75 8.21 2.42
C ASN F 336 -83.17 7.33 1.25
N PRO F 337 -84.36 7.57 0.67
CA PRO F 337 -84.91 6.66 -0.34
C PRO F 337 -83.92 6.28 -1.43
N TYR F 338 -83.00 7.19 -1.77
CA TYR F 338 -81.97 6.88 -2.75
C TYR F 338 -80.99 5.83 -2.26
N ALA F 339 -81.12 5.35 -1.03
CA ALA F 339 -80.22 4.33 -0.52
C ALA F 339 -80.61 2.94 -1.04
N SER F 340 -81.78 2.46 -0.64
CA SER F 340 -82.26 1.19 -1.13
C SER F 340 -82.83 1.34 -2.53
N GLY F 341 -83.16 0.22 -3.16
CA GLY F 341 -83.67 0.23 -4.51
C GLY F 341 -84.49 -1.00 -4.80
N VAL F 342 -85.16 -0.97 -5.95
CA VAL F 342 -86.02 -2.07 -6.39
C VAL F 342 -85.74 -2.31 -7.86
N LEU F 343 -86.20 -3.47 -8.35
CA LEU F 343 -86.01 -3.83 -9.75
C LEU F 343 -87.27 -4.54 -10.22
N PHE F 344 -88.03 -3.88 -11.08
CA PHE F 344 -89.21 -4.50 -11.68
C PHE F 344 -88.77 -5.52 -12.71
N THR F 345 -89.72 -6.31 -13.20
CA THR F 345 -89.44 -7.34 -14.19
C THR F 345 -89.82 -6.83 -15.57
N ALA F 346 -89.46 -7.61 -16.59
CA ALA F 346 -89.64 -7.22 -17.98
C ALA F 346 -91.04 -7.60 -18.45
N ALA F 347 -91.85 -6.59 -18.73
CA ALA F 347 -93.20 -6.77 -19.26
C ALA F 347 -93.36 -6.26 -20.68
N GLY F 348 -92.77 -5.10 -21.00
CA GLY F 348 -92.91 -4.49 -22.29
C GLY F 348 -93.91 -3.34 -22.28
N LYS F 349 -93.93 -2.60 -23.39
CA LYS F 349 -94.83 -1.46 -23.53
C LYS F 349 -95.20 -1.25 -24.99
N PRO G 4 128.36 -8.27 53.39
CA PRO G 4 127.25 -7.31 53.28
C PRO G 4 127.58 -6.13 52.39
N THR G 5 128.04 -6.42 51.17
CA THR G 5 128.37 -5.40 50.19
C THR G 5 128.06 -5.94 48.81
N LEU G 6 127.57 -5.06 47.93
CA LEU G 6 127.16 -5.44 46.58
C LEU G 6 126.11 -6.56 46.62
N PHE G 7 124.96 -6.24 47.20
CA PHE G 7 123.86 -7.19 47.22
C PHE G 7 123.55 -7.65 45.80
N VAL G 8 123.18 -8.94 45.68
CA VAL G 8 122.97 -9.58 44.38
C VAL G 8 121.74 -10.47 44.48
N SER G 9 120.92 -10.44 43.43
CA SER G 9 119.73 -11.29 43.36
C SER G 9 119.84 -12.39 42.31
N TYR G 10 120.75 -12.25 41.35
CA TYR G 10 120.87 -13.25 40.29
C TYR G 10 122.00 -14.24 40.54
N ASP G 11 123.00 -13.85 41.33
CA ASP G 11 124.19 -14.65 41.53
C ASP G 11 124.03 -15.72 42.59
N GLN G 12 122.81 -15.96 43.07
CA GLN G 12 122.59 -16.93 44.13
C GLN G 12 123.09 -18.32 43.72
N ASN G 13 123.49 -19.10 44.70
CA ASN G 13 123.96 -20.47 44.50
C ASN G 13 123.14 -21.41 45.37
N GLY G 14 123.43 -22.70 45.24
CA GLY G 14 122.69 -23.71 45.98
C GLY G 14 121.21 -23.69 45.71
N LYS G 15 120.80 -23.23 44.52
CA LYS G 15 119.39 -23.17 44.18
C LYS G 15 118.77 -24.56 44.17
N LYS G 16 117.45 -24.60 44.22
CA LYS G 16 116.70 -25.84 44.14
C LYS G 16 116.51 -26.26 42.69
N LEU G 17 115.92 -27.43 42.50
CA LEU G 17 115.73 -28.01 41.18
C LEU G 17 114.39 -27.65 40.54
N SER G 18 113.33 -27.54 41.35
CA SER G 18 112.02 -27.10 40.88
C SER G 18 111.42 -28.05 39.83
N PHE G 19 111.87 -29.29 39.79
CA PHE G 19 111.29 -30.26 38.87
C PHE G 19 109.83 -30.52 39.23
N ALA G 20 109.01 -30.73 38.21
CA ALA G 20 107.63 -31.12 38.43
C ALA G 20 107.55 -32.62 38.71
N ASN G 21 106.65 -33.01 39.62
CA ASN G 21 106.55 -34.40 40.03
C ASN G 21 105.57 -35.16 39.12
N TRP G 22 105.90 -35.19 37.84
CA TRP G 22 105.11 -35.93 36.86
C TRP G 22 105.89 -36.01 35.57
N ILE G 23 105.49 -36.97 34.72
CA ILE G 23 106.05 -37.13 33.39
C ILE G 23 104.90 -37.42 32.44
N SER G 24 104.88 -36.71 31.30
CA SER G 24 103.83 -36.85 30.31
C SER G 24 104.31 -37.80 29.22
N VAL G 25 103.52 -38.85 28.97
CA VAL G 25 103.82 -39.84 27.95
C VAL G 25 102.74 -39.71 26.87
N LEU G 26 103.09 -39.03 25.78
CA LEU G 26 102.13 -38.72 24.72
C LEU G 26 102.27 -39.77 23.62
N SER G 27 101.65 -40.92 23.84
CA SER G 27 101.67 -42.01 22.87
C SER G 27 100.36 -42.80 22.95
N PRO G 28 99.52 -42.74 21.91
CA PRO G 28 98.23 -43.45 22.00
C PRO G 28 98.40 -44.95 21.91
N GLN G 29 97.65 -45.67 22.74
CA GLN G 29 97.70 -47.12 22.80
C GLN G 29 96.30 -47.69 22.98
N ASP G 30 95.34 -47.21 22.19
CA ASP G 30 93.95 -47.63 22.35
C ASP G 30 93.79 -49.13 22.13
N THR G 31 94.20 -49.61 20.96
CA THR G 31 94.13 -51.02 20.62
C THR G 31 92.70 -51.57 20.68
N PRO G 32 91.83 -51.14 19.77
CA PRO G 32 90.46 -51.70 19.77
C PRO G 32 90.41 -53.15 19.32
N PHE G 33 91.19 -53.51 18.28
CA PHE G 33 91.15 -54.87 17.76
C PHE G 33 91.60 -55.88 18.81
N VAL G 34 92.59 -55.50 19.62
CA VAL G 34 93.13 -56.44 20.60
C VAL G 34 92.21 -56.55 21.81
N SER G 35 91.08 -55.85 21.79
CA SER G 35 90.13 -55.91 22.90
C SER G 35 89.51 -57.29 23.08
N MET G 36 89.78 -58.23 22.17
CA MET G 36 89.29 -59.60 22.32
C MET G 36 90.39 -60.64 22.32
N THR G 37 91.51 -60.40 23.02
CA THR G 37 92.59 -61.38 23.04
C THR G 37 92.10 -62.74 23.54
N GLY G 38 91.25 -62.76 24.55
CA GLY G 38 90.70 -63.99 25.08
C GLY G 38 91.74 -64.84 25.80
N LYS G 39 91.30 -66.04 26.17
CA LYS G 39 92.13 -67.00 26.88
C LYS G 39 92.06 -68.34 26.15
N GLU G 40 93.23 -68.85 25.79
CA GLU G 40 93.33 -70.13 25.08
C GLU G 40 94.78 -70.60 25.14
N SER G 41 95.03 -71.79 24.59
CA SER G 41 96.34 -72.38 24.55
C SER G 41 96.45 -73.32 23.36
N ILE G 42 97.62 -73.32 22.72
CA ILE G 42 97.91 -74.19 21.60
C ILE G 42 99.30 -74.79 21.79
N ASN G 43 99.56 -75.89 21.09
CA ASN G 43 100.77 -76.67 21.27
C ASN G 43 101.75 -76.57 20.11
N GLN G 44 101.26 -76.46 18.88
CA GLN G 44 102.11 -76.49 17.70
C GLN G 44 102.14 -75.12 17.05
N THR G 45 103.29 -74.80 16.45
CA THR G 45 103.42 -73.52 15.75
C THR G 45 102.59 -73.50 14.48
N ILE G 46 102.27 -74.65 13.91
CA ILE G 46 101.44 -74.77 12.72
C ILE G 46 100.09 -75.32 13.15
N PHE G 47 99.05 -74.49 13.00
CA PHE G 47 97.71 -74.84 13.41
C PHE G 47 96.76 -74.63 12.24
N SER G 48 95.54 -75.16 12.40
CA SER G 48 94.56 -75.13 11.32
C SER G 48 93.16 -75.14 11.92
N TRP G 49 92.20 -74.77 11.09
CA TRP G 49 90.79 -74.76 11.47
C TRP G 49 89.98 -75.31 10.31
N GLN G 50 88.90 -76.02 10.63
CA GLN G 50 88.08 -76.69 9.64
C GLN G 50 87.05 -75.72 9.09
N THR G 51 87.06 -75.55 7.77
CA THR G 51 86.10 -74.72 7.07
C THR G 51 85.29 -75.57 6.11
N ASP G 52 84.11 -75.06 5.76
CA ASP G 52 83.21 -75.80 4.89
C ASP G 52 82.25 -74.85 4.21
N ALA G 53 81.78 -75.27 3.04
CA ALA G 53 80.75 -74.56 2.31
C ALA G 53 79.90 -75.61 1.60
N LEU G 54 78.59 -75.38 1.58
CA LEU G 54 77.68 -76.34 0.99
C LEU G 54 78.02 -76.56 -0.48
N ALA G 55 77.75 -77.78 -0.96
CA ALA G 55 78.08 -78.16 -2.32
C ALA G 55 77.41 -77.23 -3.32
N SER G 56 76.08 -77.22 -3.33
CA SER G 56 75.32 -76.39 -4.26
C SER G 56 73.83 -76.58 -3.96
N VAL G 57 73.01 -75.80 -4.66
CA VAL G 57 71.56 -75.95 -4.62
C VAL G 57 71.12 -76.58 -5.93
N ASP G 58 70.15 -77.48 -5.86
CA ASP G 58 69.67 -78.20 -7.03
C ASP G 58 68.47 -77.53 -7.69
N GLY G 59 67.38 -77.34 -6.95
CA GLY G 59 66.18 -76.74 -7.49
C GLY G 59 65.36 -77.64 -8.39
N ASN G 60 65.93 -78.72 -8.89
CA ASN G 60 65.24 -79.66 -9.76
C ASN G 60 64.88 -80.96 -9.05
N ASN G 61 64.93 -80.97 -7.71
CA ASN G 61 64.64 -82.18 -6.96
C ASN G 61 63.17 -82.57 -7.13
N ALA G 62 62.92 -83.61 -7.92
CA ALA G 62 61.57 -84.11 -8.14
C ALA G 62 61.68 -85.60 -8.47
N HIS G 63 61.40 -86.44 -7.49
CA HIS G 63 61.54 -87.88 -7.62
C HIS G 63 60.17 -88.52 -7.82
N VAL G 64 60.20 -89.79 -8.25
CA VAL G 64 58.98 -90.55 -8.51
C VAL G 64 58.45 -91.10 -7.20
N GLU G 65 57.26 -91.71 -7.25
CA GLU G 65 56.57 -92.11 -6.04
C GLU G 65 57.29 -93.25 -5.33
N GLY G 66 57.40 -94.41 -5.99
CA GLY G 66 57.85 -95.60 -5.32
C GLY G 66 59.07 -96.28 -5.92
N SER G 67 60.05 -95.49 -6.36
CA SER G 67 61.29 -96.04 -6.87
C SER G 67 62.37 -95.98 -5.80
N ARG G 68 63.55 -96.49 -6.14
CA ARG G 68 64.68 -96.49 -5.22
C ARG G 68 65.38 -95.13 -5.26
N ALA G 69 66.52 -95.03 -4.60
CA ALA G 69 67.33 -93.82 -4.58
C ALA G 69 68.58 -94.02 -5.43
N GLU G 70 69.30 -92.93 -5.65
CA GLU G 70 70.51 -92.93 -6.45
C GLU G 70 71.74 -92.90 -5.56
N ASP G 71 72.91 -93.10 -6.18
CA ASP G 71 74.16 -93.15 -5.43
C ASP G 71 74.49 -91.83 -4.75
N GLY G 72 73.98 -90.71 -5.26
CA GLY G 72 74.26 -89.42 -4.67
C GLY G 72 75.74 -89.07 -4.71
N GLU G 73 76.04 -87.87 -4.22
CA GLU G 73 77.40 -87.35 -4.16
C GLU G 73 77.48 -86.34 -3.03
N MET G 74 78.63 -86.28 -2.37
CA MET G 74 78.83 -85.41 -1.22
C MET G 74 80.18 -84.71 -1.36
N LYS G 75 80.43 -83.79 -0.42
CA LYS G 75 81.67 -83.04 -0.38
C LYS G 75 82.29 -83.17 1.00
N PRO G 76 83.61 -83.23 1.09
CA PRO G 76 84.28 -83.30 2.39
C PRO G 76 84.38 -81.91 3.01
N THR G 77 85.10 -81.85 4.13
CA THR G 77 85.34 -80.60 4.83
C THR G 77 86.71 -80.05 4.45
N VAL G 78 86.75 -78.76 4.12
CA VAL G 78 87.97 -78.13 3.68
C VAL G 78 88.80 -77.73 4.89
N ILE G 79 90.12 -77.77 4.73
CA ILE G 79 91.06 -77.42 5.80
C ILE G 79 91.82 -76.17 5.39
N LYS G 80 92.31 -75.47 6.40
CA LYS G 80 93.16 -74.30 6.23
C LYS G 80 94.43 -74.49 7.06
N SER G 81 95.23 -73.44 7.14
CA SER G 81 96.45 -73.49 7.93
C SER G 81 97.02 -72.09 8.07
N ASN G 82 97.73 -71.86 9.17
CA ASN G 82 98.36 -70.58 9.43
C ASN G 82 99.51 -70.80 10.39
N VAL G 83 100.46 -69.86 10.38
CA VAL G 83 101.68 -69.98 11.15
C VAL G 83 101.67 -68.97 12.29
N THR G 84 102.55 -69.18 13.25
CA THR G 84 102.69 -68.32 14.41
C THR G 84 103.91 -67.41 14.26
N GLN G 85 103.82 -66.23 14.87
CA GLN G 85 104.88 -65.25 14.86
C GLN G 85 105.33 -64.97 16.29
N ILE G 86 106.61 -64.61 16.44
CA ILE G 86 107.21 -64.35 17.73
C ILE G 86 107.55 -62.88 17.83
N LEU G 87 107.70 -62.40 19.06
CA LEU G 87 108.09 -61.03 19.35
C LEU G 87 109.23 -61.01 20.34
N ARG G 88 109.87 -59.85 20.48
CA ARG G 88 111.04 -59.68 21.32
C ARG G 88 110.75 -58.61 22.38
N LYS G 89 111.47 -58.70 23.51
CA LYS G 89 111.30 -57.76 24.60
C LYS G 89 112.62 -57.29 25.21
N VAL G 90 113.64 -56.97 24.39
CA VAL G 90 114.91 -56.53 24.92
C VAL G 90 114.72 -55.32 25.82
N VAL G 91 115.55 -55.20 26.84
CA VAL G 91 115.47 -54.08 27.78
C VAL G 91 116.79 -53.31 27.76
N ARG G 92 117.90 -54.02 27.90
CA ARG G 92 119.23 -53.42 27.89
C ARG G 92 119.35 -52.33 28.94
N VAL G 93 119.23 -52.75 30.20
CA VAL G 93 119.33 -51.84 31.34
C VAL G 93 120.80 -51.49 31.56
N SER G 94 121.04 -50.24 31.94
CA SER G 94 122.39 -49.77 32.24
C SER G 94 122.75 -50.18 33.66
N ASP G 95 123.87 -49.65 34.17
CA ASP G 95 124.35 -49.98 35.50
C ASP G 95 123.46 -49.29 36.54
N THR G 96 122.38 -49.97 36.90
CA THR G 96 121.41 -49.48 37.87
C THR G 96 121.63 -50.04 39.26
N ALA G 97 122.78 -50.64 39.53
CA ALA G 97 123.01 -51.28 40.83
C ALA G 97 123.53 -50.29 41.86
N ASN G 98 123.53 -50.69 43.13
CA ASN G 98 124.06 -49.89 44.23
C ASN G 98 123.39 -48.51 44.28
N THR G 99 122.09 -48.54 44.54
CA THR G 99 121.32 -47.32 44.81
C THR G 99 121.38 -46.35 43.63
N THR G 100 120.82 -46.77 42.49
CA THR G 100 120.80 -45.96 41.28
C THR G 100 119.40 -45.43 41.07
N ALA G 101 119.19 -44.15 41.34
CA ALA G 101 117.90 -43.50 41.19
C ALA G 101 118.09 -41.99 41.16
N ASN G 102 117.25 -41.31 40.39
CA ASN G 102 117.33 -39.86 40.25
C ASN G 102 116.40 -39.19 41.27
N TYR G 103 116.35 -37.86 41.26
CA TYR G 103 115.50 -37.14 42.20
C TYR G 103 114.03 -37.33 41.84
N GLY G 104 113.65 -36.96 40.62
CA GLY G 104 112.27 -37.02 40.20
C GLY G 104 111.97 -38.16 39.25
N ARG G 105 112.69 -39.27 39.40
CA ARG G 105 112.49 -40.43 38.55
C ARG G 105 112.63 -41.69 39.39
N GLY G 106 111.92 -42.74 38.99
CA GLY G 106 111.95 -43.99 39.70
C GLY G 106 113.06 -44.91 39.24
N ARG G 107 112.88 -46.22 39.38
CA ARG G 107 113.87 -47.17 38.91
C ARG G 107 113.82 -47.24 37.39
N GLU G 108 115.01 -47.17 36.77
CA GLU G 108 115.08 -47.25 35.32
C GLU G 108 115.17 -48.70 34.87
N LEU G 109 114.31 -49.55 35.42
CA LEU G 109 114.18 -50.94 35.02
C LEU G 109 112.73 -51.35 34.79
N MET G 110 111.80 -50.84 35.60
CA MET G 110 110.40 -51.16 35.41
C MET G 110 109.75 -50.18 34.44
N TYR G 111 110.19 -48.92 34.46
CA TYR G 111 109.73 -47.95 33.48
C TYR G 111 110.01 -48.45 32.07
N GLN G 112 111.25 -48.84 31.80
CA GLN G 112 111.59 -49.37 30.48
C GLN G 112 110.84 -50.64 30.17
N LEU G 113 110.61 -51.48 31.18
CA LEU G 113 109.88 -52.73 30.94
C LEU G 113 108.45 -52.45 30.49
N GLU G 114 107.75 -51.56 31.19
CA GLU G 114 106.39 -51.23 30.80
C GLU G 114 106.35 -50.54 29.44
N LYS G 115 107.32 -49.64 29.20
CA LYS G 115 107.40 -48.99 27.89
C LYS G 115 107.55 -50.03 26.78
N LYS G 116 108.43 -51.01 26.99
CA LYS G 116 108.66 -52.03 25.97
C LYS G 116 107.44 -52.92 25.81
N GLY G 117 106.74 -53.22 26.90
CA GLY G 117 105.53 -54.01 26.80
C GLY G 117 104.47 -53.32 25.94
N LYS G 118 104.21 -52.05 26.24
CA LYS G 118 103.27 -51.30 25.43
C LYS G 118 103.75 -51.16 23.99
N GLU G 119 105.07 -51.03 23.80
CA GLU G 119 105.62 -50.96 22.46
C GLU G 119 105.33 -52.23 21.67
N ILE G 120 105.56 -53.39 22.28
CA ILE G 120 105.34 -54.64 21.58
C ILE G 120 103.85 -54.87 21.35
N LYS G 121 103.00 -54.39 22.26
CA LYS G 121 101.56 -54.47 22.01
C LYS G 121 101.17 -53.64 20.79
N ARG G 122 101.70 -52.41 20.71
CA ARG G 122 101.43 -51.59 19.53
C ARG G 122 101.93 -52.24 18.25
N ASP G 123 103.14 -52.82 18.31
CA ASP G 123 103.68 -53.51 17.15
C ASP G 123 102.81 -54.68 16.75
N LEU G 124 102.31 -55.44 17.74
CA LEU G 124 101.42 -56.56 17.45
C LEU G 124 100.16 -56.09 16.75
N GLU G 125 99.53 -55.05 17.28
CA GLU G 125 98.32 -54.53 16.64
C GLU G 125 98.60 -54.10 15.21
N LYS G 126 99.67 -53.34 15.01
CA LYS G 126 100.00 -52.85 13.67
C LYS G 126 100.25 -54.00 12.72
N ILE G 127 100.96 -55.03 13.17
CA ILE G 127 101.34 -56.12 12.27
C ILE G 127 100.13 -57.00 11.98
N LEU G 128 99.21 -57.11 12.93
CA LEU G 128 97.99 -57.87 12.68
C LEU G 128 97.08 -57.12 11.71
N LEU G 129 97.01 -55.80 11.82
CA LEU G 129 96.24 -54.99 10.90
C LEU G 129 96.96 -54.77 9.57
N SER G 130 98.13 -55.39 9.38
CA SER G 130 98.89 -55.21 8.16
C SER G 130 98.26 -56.02 7.03
N GLY G 131 98.98 -56.14 5.92
CA GLY G 131 98.53 -56.92 4.79
C GLY G 131 99.55 -57.95 4.35
N GLN G 132 100.56 -58.20 5.20
CA GLN G 132 101.62 -59.13 4.86
C GLN G 132 101.12 -60.57 4.87
N ALA G 133 101.41 -61.31 3.81
CA ALA G 133 100.98 -62.70 3.72
C ALA G 133 101.85 -63.60 4.59
N ARG G 134 101.39 -64.83 4.78
CA ARG G 134 102.12 -65.78 5.60
C ARG G 134 103.47 -66.09 5.00
N THR G 135 104.50 -66.16 5.85
CA THR G 135 105.83 -66.57 5.44
C THR G 135 106.07 -67.99 5.93
N ASP G 136 105.93 -68.96 5.02
CA ASP G 136 106.11 -70.37 5.34
C ASP G 136 107.18 -70.94 4.41
N VAL G 137 108.27 -71.47 4.98
CA VAL G 137 109.29 -72.15 4.21
C VAL G 137 108.88 -73.57 3.84
N LEU G 138 107.66 -73.97 4.15
CA LEU G 138 107.14 -75.29 3.83
C LEU G 138 106.21 -75.18 2.64
N ALA G 139 105.93 -76.31 2.00
CA ALA G 139 105.07 -76.36 0.83
C ALA G 139 103.70 -76.94 1.15
N ASP G 140 103.64 -78.15 1.70
CA ASP G 140 102.37 -78.77 2.06
C ASP G 140 102.50 -79.68 3.28
N GLN G 141 103.50 -79.47 4.12
CA GLN G 141 103.75 -80.33 5.28
C GLN G 141 103.01 -79.86 6.52
N TYR G 142 101.86 -79.20 6.34
CA TYR G 142 101.07 -78.74 7.48
C TYR G 142 100.20 -79.88 8.03
N LEU G 143 99.41 -80.50 7.16
CA LEU G 143 98.63 -81.66 7.59
C LEU G 143 99.53 -82.77 8.09
N THR G 144 100.53 -83.14 7.30
CA THR G 144 101.44 -84.21 7.70
C THR G 144 102.24 -83.80 8.92
N ASN G 145 102.78 -84.80 9.62
CA ASN G 145 103.59 -84.58 10.81
C ASN G 145 105.00 -85.05 10.49
N SER G 146 105.78 -84.16 9.89
CA SER G 146 107.15 -84.44 9.49
C SER G 146 107.78 -83.13 9.05
N ALA G 147 109.04 -83.20 8.61
CA ALA G 147 109.74 -82.02 8.11
C ALA G 147 110.99 -82.47 7.38
N ALA G 148 111.36 -81.72 6.35
CA ALA G 148 112.55 -82.03 5.56
C ALA G 148 112.87 -80.88 4.61
N VAL G 152 118.83 -79.42 5.97
CA VAL G 152 117.53 -78.92 5.52
C VAL G 152 116.49 -79.13 6.61
N ALA G 153 116.59 -80.26 7.31
CA ALA G 153 115.67 -80.54 8.41
C ALA G 153 115.84 -79.50 9.52
N GLY G 154 117.05 -79.41 10.06
CA GLY G 154 117.33 -78.47 11.14
C GLY G 154 118.44 -77.51 10.80
N LEU G 155 118.12 -76.21 10.77
CA LEU G 155 119.09 -75.15 10.46
C LEU G 155 119.13 -74.21 11.65
N ASN G 156 120.06 -74.47 12.58
CA ASN G 156 120.17 -73.64 13.76
C ASN G 156 120.77 -72.28 13.42
N ASP G 157 120.13 -71.23 13.90
CA ASP G 157 120.60 -69.86 13.70
C ASP G 157 120.71 -69.52 12.21
N THR G 158 119.79 -70.07 11.43
CA THR G 158 119.78 -69.83 9.98
C THR G 158 118.39 -69.54 9.41
N HIS G 159 117.32 -69.98 10.07
CA HIS G 159 115.98 -69.77 9.53
C HIS G 159 115.71 -68.29 9.32
N ALA G 160 115.09 -67.97 8.19
CA ALA G 160 114.81 -66.57 7.86
C ALA G 160 113.91 -65.92 8.90
N ALA G 161 112.67 -66.39 9.00
CA ALA G 161 111.71 -65.84 9.95
C ALA G 161 110.42 -66.64 9.85
N ARG G 162 109.49 -66.33 10.75
CA ARG G 162 108.16 -66.97 10.78
C ARG G 162 107.13 -65.85 10.96
N LYS G 163 106.68 -65.29 9.85
CA LYS G 163 105.72 -64.19 9.87
C LYS G 163 104.29 -64.75 9.77
N THR G 164 103.40 -64.24 10.60
CA THR G 164 102.01 -64.67 10.59
C THR G 164 101.23 -63.95 9.50
N GLY G 165 100.31 -64.68 8.88
CA GLY G 165 99.49 -64.14 7.82
C GLY G 165 98.60 -63.00 8.29
N ALA G 166 98.72 -61.85 7.64
CA ALA G 166 97.92 -60.68 7.99
C ALA G 166 96.45 -60.93 7.70
N PHE G 167 95.61 -59.96 8.07
CA PHE G 167 94.18 -60.11 7.85
C PHE G 167 93.83 -60.10 6.37
N GLN G 168 94.48 -59.22 5.60
CA GLN G 168 94.18 -59.14 4.18
C GLN G 168 94.45 -60.46 3.48
N PHE G 169 95.46 -61.21 3.94
CA PHE G 169 95.78 -62.49 3.33
C PHE G 169 94.82 -63.58 3.77
N LEU G 170 94.53 -63.64 5.07
CA LEU G 170 93.69 -64.72 5.59
C LEU G 170 92.32 -64.73 4.94
N CYS G 171 91.79 -63.56 4.59
CA CYS G 171 90.53 -63.51 3.87
C CYS G 171 90.72 -64.06 2.46
N ALA G 172 89.64 -64.05 1.68
CA ALA G 172 89.65 -64.61 0.33
C ALA G 172 90.42 -63.67 -0.61
N HIS G 173 91.73 -63.64 -0.39
CA HIS G 173 92.60 -62.83 -1.23
C HIS G 173 92.69 -63.44 -2.63
N GLY G 174 93.30 -62.69 -3.55
CA GLY G 174 93.44 -63.11 -4.92
C GLY G 174 94.81 -62.82 -5.49
N GLY G 175 95.73 -62.34 -4.64
CA GLY G 175 97.07 -62.03 -5.08
C GLY G 175 98.07 -62.34 -3.99
N LEU G 176 99.35 -62.37 -4.40
CA LEU G 176 100.43 -62.62 -3.45
C LEU G 176 101.68 -61.95 -4.00
N ALA G 177 102.05 -60.81 -3.42
CA ALA G 177 103.25 -60.08 -3.82
C ALA G 177 104.46 -60.57 -3.02
N GLY G 178 104.68 -61.88 -3.10
CA GLY G 178 105.78 -62.51 -2.40
C GLY G 178 105.48 -62.73 -0.93
N GLY G 179 105.41 -61.64 -0.17
CA GLY G 179 105.08 -61.70 1.23
C GLY G 179 103.88 -60.83 1.58
N VAL G 180 103.44 -60.02 0.63
CA VAL G 180 102.35 -59.07 0.85
C VAL G 180 101.26 -59.31 -0.18
N VAL G 181 100.02 -58.98 0.21
CA VAL G 181 98.89 -59.14 -0.69
C VAL G 181 98.89 -58.00 -1.72
N ASP G 182 98.46 -58.34 -2.93
CA ASP G 182 98.37 -57.35 -4.01
C ASP G 182 97.00 -56.70 -4.01
N LYS G 183 96.97 -55.36 -4.09
CA LYS G 183 95.74 -54.59 -4.05
C LYS G 183 95.24 -54.23 -5.46
N THR G 184 95.59 -55.04 -6.46
CA THR G 184 95.18 -54.76 -7.83
C THR G 184 94.55 -56.00 -8.47
N LYS G 185 93.96 -56.87 -7.67
CA LYS G 185 93.26 -58.05 -8.17
C LYS G 185 92.13 -58.39 -7.20
N ASN G 186 90.91 -58.49 -7.73
CA ASN G 186 89.80 -58.90 -6.90
C ASN G 186 89.99 -60.33 -6.41
N GLY G 187 89.16 -60.73 -5.45
CA GLY G 187 89.26 -62.03 -4.86
C GLY G 187 88.50 -63.08 -5.64
N PRO G 188 88.76 -64.35 -5.36
CA PRO G 188 88.06 -65.43 -6.07
C PRO G 188 86.63 -65.58 -5.58
N ALA G 189 85.76 -65.98 -6.50
CA ALA G 189 84.35 -66.12 -6.19
C ALA G 189 84.13 -67.21 -5.14
N ASP G 190 82.93 -67.20 -4.57
CA ASP G 190 82.56 -68.19 -3.56
C ASP G 190 81.90 -69.37 -4.25
N PRO G 191 82.42 -70.59 -4.13
CA PRO G 191 81.80 -71.73 -4.82
C PRO G 191 80.37 -72.01 -4.37
N ASP G 192 79.97 -71.54 -3.19
CA ASP G 192 78.61 -71.81 -2.72
C ASP G 192 77.61 -70.85 -3.34
N THR G 193 77.87 -69.54 -3.23
CA THR G 193 76.97 -68.53 -3.75
C THR G 193 77.55 -67.72 -4.90
N GLY G 194 78.85 -67.84 -5.17
CA GLY G 194 79.47 -67.04 -6.21
C GLY G 194 79.74 -65.61 -5.81
N ALA G 195 79.81 -65.33 -4.52
CA ALA G 195 80.05 -63.98 -4.04
C ALA G 195 81.54 -63.66 -4.03
N VAL G 196 81.83 -62.37 -3.94
CA VAL G 196 83.21 -61.86 -3.90
C VAL G 196 83.30 -60.89 -2.73
N THR G 197 84.18 -61.20 -1.76
CA THR G 197 84.35 -60.36 -0.59
C THR G 197 85.58 -59.48 -0.66
N VAL G 198 86.54 -59.79 -1.51
CA VAL G 198 87.76 -59.01 -1.67
C VAL G 198 87.75 -58.43 -3.08
N LYS G 199 87.70 -57.11 -3.18
CA LYS G 199 87.69 -56.41 -4.44
C LYS G 199 88.66 -55.23 -4.39
N VAL G 200 88.78 -54.53 -5.52
CA VAL G 200 89.62 -53.35 -5.63
C VAL G 200 88.71 -52.16 -5.89
N ALA G 201 89.02 -51.04 -5.25
CA ALA G 201 88.19 -49.85 -5.36
C ALA G 201 88.07 -49.41 -6.80
N GLN G 202 86.86 -49.55 -7.37
CA GLN G 202 86.62 -49.10 -8.74
C GLN G 202 86.64 -47.57 -8.81
N ASN G 203 85.84 -46.93 -7.97
CA ASN G 203 85.80 -45.47 -7.87
C ASN G 203 85.48 -44.84 -9.22
N ALA G 204 84.29 -45.15 -9.71
CA ALA G 204 83.80 -44.60 -10.97
C ALA G 204 83.16 -43.24 -10.81
N SER G 205 83.25 -42.63 -9.63
CA SER G 205 82.62 -41.34 -9.37
C SER G 205 83.65 -40.21 -9.34
N ASN G 206 84.70 -40.36 -8.52
CA ASN G 206 85.68 -39.30 -8.32
C ASN G 206 86.80 -39.40 -9.35
N PRO G 207 87.55 -38.31 -9.57
CA PRO G 207 88.65 -38.35 -10.53
C PRO G 207 89.86 -39.12 -10.00
N THR G 208 90.94 -39.13 -10.77
CA THR G 208 92.10 -39.94 -10.41
C THR G 208 92.88 -39.33 -9.25
N THR G 209 93.22 -38.04 -9.35
CA THR G 209 94.06 -37.41 -8.34
C THR G 209 93.29 -37.06 -7.06
N ASN G 210 92.04 -37.52 -6.93
CA ASN G 210 91.21 -37.30 -5.76
C ASN G 210 90.74 -38.63 -5.20
N ILE G 211 91.70 -39.50 -4.89
CA ILE G 211 91.45 -40.90 -4.55
C ILE G 211 90.22 -41.02 -3.67
N GLY G 212 89.29 -41.88 -4.08
CA GLY G 212 88.08 -42.13 -3.34
C GLY G 212 87.62 -43.56 -3.54
N PHE G 213 86.76 -44.01 -2.63
CA PHE G 213 86.32 -45.40 -2.65
C PHE G 213 84.89 -45.61 -2.18
N ASP G 214 84.05 -44.58 -2.12
CA ASP G 214 82.70 -44.75 -1.57
C ASP G 214 81.63 -44.61 -2.64
N GLU G 215 80.42 -45.06 -2.33
CA GLU G 215 79.25 -44.84 -3.16
C GLU G 215 79.26 -45.68 -4.43
N ALA G 216 80.35 -46.42 -4.67
CA ALA G 216 80.42 -47.29 -5.83
C ALA G 216 81.06 -48.64 -5.53
N ASP G 217 81.47 -48.90 -4.29
CA ASP G 217 82.01 -50.20 -3.92
C ASP G 217 81.53 -50.71 -2.57
N ILE G 218 80.90 -49.87 -1.74
CA ILE G 218 80.46 -50.30 -0.42
C ILE G 218 79.16 -51.07 -0.51
N PHE G 219 78.20 -50.58 -1.30
CA PHE G 219 76.94 -51.28 -1.45
C PHE G 219 77.14 -52.67 -2.05
N ASP G 220 77.98 -52.77 -3.09
CA ASP G 220 78.23 -54.08 -3.70
C ASP G 220 78.94 -55.00 -2.71
N MET G 221 79.86 -54.46 -1.92
CA MET G 221 80.56 -55.28 -0.94
C MET G 221 79.59 -55.83 0.10
N THR G 222 78.70 -54.97 0.62
CA THR G 222 77.71 -55.43 1.58
C THR G 222 76.75 -56.43 0.95
N LEU G 223 76.43 -56.23 -0.34
CA LEU G 223 75.60 -57.18 -1.05
C LEU G 223 76.25 -58.55 -1.13
N GLN G 224 77.53 -58.59 -1.47
CA GLN G 224 78.25 -59.87 -1.54
C GLN G 224 78.33 -60.51 -0.17
N LEU G 225 78.56 -59.71 0.87
CA LEU G 225 78.58 -60.24 2.23
C LEU G 225 77.24 -60.87 2.58
N TYR G 226 76.14 -60.18 2.29
CA TYR G 226 74.82 -60.72 2.57
C TYR G 226 74.57 -62.00 1.80
N THR G 227 75.02 -62.05 0.53
CA THR G 227 74.89 -63.27 -0.25
C THR G 227 75.69 -64.40 0.39
N ALA G 228 76.81 -64.06 1.03
CA ALA G 228 77.64 -65.06 1.69
C ALA G 228 77.18 -65.38 3.10
N GLY G 229 76.32 -64.56 3.69
CA GLY G 229 75.84 -64.81 5.03
C GLY G 229 76.92 -64.66 6.08
N SER G 230 77.46 -63.44 6.20
CA SER G 230 78.52 -63.15 7.17
C SER G 230 77.99 -62.43 8.40
N GLU G 231 77.01 -61.55 8.25
CA GLU G 231 76.39 -60.79 9.33
C GLU G 231 77.33 -59.76 9.93
N ALA G 232 78.33 -59.29 9.18
CA ALA G 232 79.24 -58.28 9.70
C ALA G 232 78.47 -57.04 10.12
N ASP G 233 79.00 -56.36 11.14
CA ASP G 233 78.36 -55.15 11.66
C ASP G 233 79.35 -54.02 11.94
N ILE G 234 80.61 -54.17 11.54
CA ILE G 234 81.63 -53.17 11.83
C ILE G 234 82.43 -52.91 10.56
N ILE G 235 82.80 -51.65 10.37
CA ILE G 235 83.68 -51.22 9.28
C ILE G 235 84.84 -50.45 9.89
N MET G 236 86.05 -50.74 9.41
CA MET G 236 87.26 -50.11 9.91
C MET G 236 87.77 -49.14 8.86
N ILE G 237 88.36 -48.03 9.31
CA ILE G 237 88.82 -46.99 8.40
C ILE G 237 90.03 -46.33 9.02
N ASN G 238 91.10 -46.22 8.24
CA ASN G 238 92.32 -45.54 8.68
C ASN G 238 92.05 -44.04 8.75
N PRO G 239 92.87 -43.28 9.46
CA PRO G 239 92.73 -41.82 9.42
C PRO G 239 92.98 -41.28 8.03
N ALA G 240 92.55 -40.05 7.77
CA ALA G 240 92.63 -39.38 6.47
C ALA G 240 91.68 -39.99 5.46
N HIS G 241 90.88 -40.99 5.85
CA HIS G 241 89.88 -41.57 4.98
C HIS G 241 88.48 -41.54 5.60
N ALA G 242 88.36 -41.27 6.90
CA ALA G 242 87.05 -41.12 7.52
C ALA G 242 86.28 -39.94 6.96
N LYS G 243 86.99 -38.92 6.45
CA LYS G 243 86.31 -37.81 5.80
C LYS G 243 85.47 -38.30 4.63
N ILE G 244 85.86 -39.42 4.02
CA ILE G 244 85.06 -40.00 2.95
C ILE G 244 83.68 -40.37 3.46
N PHE G 245 83.63 -41.22 4.50
CA PHE G 245 82.35 -41.61 5.08
C PHE G 245 81.60 -40.39 5.58
N ALA G 246 82.32 -39.40 6.12
CA ALA G 246 81.67 -38.20 6.62
C ALA G 246 80.93 -37.46 5.52
N GLY G 247 81.64 -37.06 4.47
CA GLY G 247 81.06 -36.38 3.33
C GLY G 247 80.19 -37.25 2.45
N LEU G 248 80.10 -38.54 2.77
CA LEU G 248 79.28 -39.46 1.98
C LEU G 248 77.93 -38.86 1.64
N GLN G 249 77.32 -38.11 2.56
CA GLN G 249 76.01 -37.52 2.34
C GLN G 249 76.07 -36.10 1.77
N GLU G 250 77.26 -35.64 1.34
CA GLU G 250 77.35 -34.36 0.66
C GLU G 250 78.20 -34.39 -0.60
N ASN G 251 79.10 -35.36 -0.77
CA ASN G 251 79.95 -35.43 -1.96
C ASN G 251 79.16 -36.10 -3.08
N THR G 252 78.31 -35.31 -3.71
CA THR G 252 77.48 -35.80 -4.81
C THR G 252 77.30 -34.65 -5.81
N GLN G 253 76.37 -34.84 -6.75
CA GLN G 253 76.07 -33.85 -7.76
C GLN G 253 74.98 -32.89 -7.34
N GLY G 254 74.37 -33.10 -6.17
CA GLY G 254 73.28 -32.27 -5.71
C GLY G 254 72.18 -33.09 -5.07
N SER G 255 72.23 -34.41 -5.23
CA SER G 255 71.19 -35.28 -4.68
C SER G 255 71.23 -35.26 -3.15
N ARG G 256 72.37 -35.58 -2.57
CA ARG G 256 72.55 -35.55 -1.12
C ARG G 256 73.12 -34.20 -0.72
N LYS G 257 72.49 -33.55 0.26
CA LYS G 257 72.87 -32.20 0.63
C LYS G 257 72.70 -32.03 2.14
N ARG G 258 73.40 -31.04 2.70
CA ARG G 258 73.32 -30.74 4.12
C ARG G 258 72.25 -29.69 4.39
N ILE G 259 71.98 -29.48 5.67
CA ILE G 259 70.97 -28.52 6.12
C ILE G 259 71.47 -27.79 7.35
N PHE G 260 71.20 -26.49 7.42
CA PHE G 260 71.58 -25.67 8.57
C PHE G 260 70.49 -24.59 8.72
N GLU G 261 69.56 -24.81 9.63
CA GLU G 261 68.47 -23.89 9.89
C GLU G 261 68.89 -22.96 11.03
N ASN G 262 69.62 -21.91 10.68
CA ASN G 262 70.14 -20.95 11.66
C ASN G 262 70.74 -21.67 12.86
N THR G 263 71.74 -22.49 12.57
CA THR G 263 72.40 -23.33 13.58
C THR G 263 73.85 -22.91 13.69
N LYS G 264 74.35 -22.86 14.92
CA LYS G 264 75.73 -22.50 15.20
C LYS G 264 76.64 -23.72 15.35
N GLN G 265 76.28 -24.84 14.74
CA GLN G 265 77.04 -26.08 14.85
C GLN G 265 77.29 -26.67 13.48
N PHE G 266 78.47 -27.25 13.30
CA PHE G 266 78.87 -27.87 12.04
C PHE G 266 79.47 -29.23 12.37
N ILE G 267 78.82 -30.30 11.89
CA ILE G 267 79.26 -31.67 12.11
C ILE G 267 79.64 -32.27 10.76
N TYR G 268 80.82 -32.90 10.72
CA TYR G 268 81.33 -33.56 9.52
C TYR G 268 81.78 -34.97 9.89
N GLU G 269 80.91 -35.70 10.57
CA GLU G 269 81.21 -37.04 11.05
C GLU G 269 80.07 -37.99 10.72
N VAL G 270 80.43 -39.24 10.45
CA VAL G 270 79.47 -40.32 10.21
C VAL G 270 80.02 -41.58 10.87
N ASN G 271 79.20 -42.21 11.71
CA ASN G 271 79.60 -43.42 12.43
C ASN G 271 78.48 -44.46 12.43
N SER G 272 77.58 -44.42 11.46
CA SER G 272 76.47 -45.34 11.39
C SER G 272 75.93 -45.37 9.96
N ILE G 273 75.66 -46.57 9.46
CA ILE G 273 75.23 -46.77 8.08
C ILE G 273 74.09 -47.78 8.08
N THR G 274 73.08 -47.53 7.25
CA THR G 274 71.97 -48.44 7.04
C THR G 274 71.92 -48.81 5.57
N ASP G 275 72.30 -50.05 5.25
CA ASP G 275 72.28 -50.50 3.88
C ASP G 275 70.91 -51.05 3.49
N PRO G 276 70.64 -51.20 2.19
CA PRO G 276 69.29 -51.60 1.77
C PRO G 276 68.87 -52.97 2.30
N LEU G 277 69.82 -53.85 2.58
CA LEU G 277 69.50 -55.21 3.02
C LEU G 277 69.28 -55.31 4.51
N GLY G 278 69.32 -54.20 5.24
CA GLY G 278 69.16 -54.21 6.67
C GLY G 278 70.44 -54.28 7.47
N GLN G 279 71.59 -54.35 6.80
CA GLN G 279 72.87 -54.42 7.48
C GLN G 279 73.15 -53.10 8.18
N SER G 280 73.08 -53.10 9.51
CA SER G 280 73.33 -51.90 10.30
C SER G 280 74.79 -51.90 10.71
N TYR G 281 75.62 -51.19 9.96
CA TYR G 281 77.04 -51.15 10.21
C TYR G 281 77.39 -50.00 11.16
N LYS G 282 78.55 -50.13 11.82
CA LYS G 282 79.05 -49.11 12.73
C LYS G 282 80.54 -48.93 12.48
N ILE G 283 80.95 -47.70 12.22
CA ILE G 283 82.34 -47.39 11.90
C ILE G 283 83.11 -47.13 13.18
N ILE G 284 84.38 -47.52 13.17
CA ILE G 284 85.30 -47.28 14.28
C ILE G 284 86.69 -47.03 13.71
N VAL G 285 87.42 -46.11 14.32
CA VAL G 285 88.69 -45.63 13.80
C VAL G 285 89.82 -46.45 14.41
N ASN G 286 90.83 -46.76 13.59
CA ASN G 286 92.02 -47.47 14.03
C ASN G 286 93.25 -46.71 13.57
N ARG G 287 94.17 -46.45 14.50
CA ARG G 287 95.37 -45.68 14.20
C ARG G 287 96.49 -46.52 13.60
N TRP G 288 96.31 -47.83 13.47
CA TRP G 288 97.38 -48.75 13.05
C TRP G 288 96.95 -49.54 11.84
N MET G 289 96.42 -48.85 10.84
CA MET G 289 95.99 -49.44 9.58
C MET G 289 97.04 -49.24 8.50
N PRO G 290 96.95 -49.99 7.40
CA PRO G 290 97.91 -49.82 6.29
C PRO G 290 97.61 -48.61 5.41
N THR G 291 96.66 -47.76 5.78
CA THR G 291 96.29 -46.56 5.02
C THR G 291 96.04 -46.86 3.55
N ASP G 292 95.73 -48.13 3.21
CA ASP G 292 95.42 -48.49 1.83
C ASP G 292 94.30 -49.52 1.74
N ALA G 293 93.47 -49.65 2.77
CA ALA G 293 92.46 -50.69 2.76
C ALA G 293 91.37 -50.38 3.77
N VAL G 294 90.25 -51.06 3.62
CA VAL G 294 89.10 -50.96 4.51
C VAL G 294 88.52 -52.35 4.71
N TYR G 295 88.17 -52.68 5.95
CA TYR G 295 87.75 -54.02 6.31
C TYR G 295 86.33 -54.00 6.88
N PHE G 296 85.66 -55.15 6.75
CA PHE G 296 84.34 -55.36 7.31
C PHE G 296 84.42 -56.47 8.35
N PHE G 297 84.10 -56.15 9.61
CA PHE G 297 84.22 -57.07 10.71
C PHE G 297 82.85 -57.46 11.24
N ARG G 298 82.80 -58.63 11.85
CA ARG G 298 81.65 -59.09 12.62
C ARG G 298 81.84 -58.94 14.12
N SER G 299 83.07 -58.80 14.57
CA SER G 299 83.51 -58.58 15.94
C SER G 299 83.43 -59.85 16.79
N ALA G 300 82.81 -60.92 16.31
CA ALA G 300 82.87 -62.22 16.98
C ALA G 300 83.05 -63.29 15.90
N ASP G 301 84.30 -63.54 15.53
CA ASP G 301 84.61 -64.64 14.61
C ASP G 301 85.87 -65.41 14.96
N TRP G 302 86.75 -64.89 15.81
CA TRP G 302 87.99 -65.56 16.16
C TRP G 302 88.49 -65.04 17.50
N THR G 303 89.66 -65.53 17.89
CA THR G 303 90.33 -65.07 19.10
C THR G 303 91.83 -65.11 18.84
N GLN G 304 92.58 -64.30 19.58
CA GLN G 304 94.01 -64.13 19.35
C GLN G 304 94.74 -65.37 19.84
N MET G 305 94.87 -66.34 18.93
CA MET G 305 95.56 -67.58 19.26
C MET G 305 96.99 -67.27 19.71
N VAL G 306 97.31 -67.69 20.93
CA VAL G 306 98.62 -67.43 21.53
C VAL G 306 99.20 -68.75 22.01
N LEU G 307 100.50 -68.93 21.80
CA LEU G 307 101.21 -70.14 22.20
C LEU G 307 102.17 -69.89 23.36
N ARG G 308 102.96 -68.83 23.30
CA ARG G 308 103.83 -68.40 24.38
C ARG G 308 103.37 -66.99 24.78
N ALA G 309 102.38 -66.93 25.67
CA ALA G 309 101.89 -65.65 26.13
C ALA G 309 102.88 -65.04 27.12
N PRO G 310 102.77 -63.73 27.39
CA PRO G 310 103.68 -63.11 28.36
C PRO G 310 103.52 -63.71 29.74
N LYS G 311 104.52 -64.49 30.16
CA LYS G 311 104.46 -65.20 31.43
C LYS G 311 105.85 -65.29 32.04
N ARG G 312 106.00 -66.09 33.09
CA ARG G 312 107.29 -66.28 33.70
C ARG G 312 108.17 -67.11 32.78
N THR G 313 109.32 -66.56 32.40
CA THR G 313 110.23 -67.21 31.45
C THR G 313 111.66 -66.98 31.90
N GLU G 314 112.60 -67.57 31.16
CA GLU G 314 114.02 -67.49 31.45
C GLU G 314 114.54 -66.16 30.91
N LEU G 315 115.18 -65.39 31.77
CA LEU G 315 115.80 -64.13 31.38
C LEU G 315 117.25 -64.37 30.95
N ALA G 316 117.92 -63.33 30.48
CA ALA G 316 119.31 -63.45 30.07
C ALA G 316 120.20 -63.58 31.30
N LYS G 317 121.49 -63.85 31.06
CA LYS G 317 122.42 -64.04 32.16
C LYS G 317 122.52 -62.78 33.01
N ASP G 318 122.79 -62.98 34.31
CA ASP G 318 122.99 -61.86 35.23
C ASP G 318 124.18 -61.01 34.80
N GLY G 319 125.36 -61.61 34.75
CA GLY G 319 126.56 -60.85 34.46
C GLY G 319 126.67 -59.62 35.33
N SER G 320 127.13 -58.53 34.74
CA SER G 320 127.17 -57.23 35.40
C SER G 320 126.16 -56.25 34.83
N TYR G 321 125.38 -56.67 33.84
CA TYR G 321 124.39 -55.82 33.19
C TYR G 321 122.98 -56.09 33.69
N GLU G 322 122.66 -57.35 33.95
CA GLU G 322 121.34 -57.74 34.47
C GLU G 322 120.24 -57.39 33.48
N LYS G 323 120.35 -57.96 32.29
CA LYS G 323 119.36 -57.72 31.24
C LYS G 323 118.06 -58.44 31.55
N TRP G 324 117.01 -58.07 30.82
CA TRP G 324 115.68 -58.62 31.03
C TRP G 324 115.01 -58.86 29.69
N MET G 325 114.14 -59.87 29.64
CA MET G 325 113.42 -60.20 28.42
C MET G 325 112.34 -61.22 28.72
N ILE G 326 111.18 -61.04 28.11
CA ILE G 326 110.08 -62.00 28.21
C ILE G 326 109.46 -62.13 26.81
N GLU G 327 109.51 -63.34 26.25
CA GLU G 327 109.08 -63.56 24.89
C GLU G 327 107.55 -63.56 24.79
N MET G 328 107.06 -63.38 23.57
CA MET G 328 105.63 -63.46 23.27
C MET G 328 105.46 -63.98 21.85
N GLU G 329 104.75 -65.09 21.70
CA GLU G 329 104.45 -65.67 20.40
C GLU G 329 102.95 -65.59 20.16
N VAL G 330 102.56 -64.94 19.07
CA VAL G 330 101.15 -64.72 18.75
C VAL G 330 100.93 -65.00 17.27
N GLY G 331 99.73 -65.46 16.95
CA GLY G 331 99.28 -65.65 15.59
C GLY G 331 97.93 -65.00 15.38
N LEU G 332 97.15 -65.59 14.47
CA LEU G 332 95.80 -65.11 14.23
C LEU G 332 95.05 -66.14 13.40
N ARG G 333 93.75 -66.25 13.68
CA ARG G 333 92.87 -67.19 13.00
C ARG G 333 91.65 -66.45 12.48
N HIS G 334 91.08 -66.97 11.40
CA HIS G 334 89.87 -66.40 10.81
C HIS G 334 88.88 -67.54 10.57
N ARG G 335 87.63 -67.33 11.00
CA ARG G 335 86.66 -68.41 10.97
C ARG G 335 86.45 -68.92 9.55
N ASN G 336 85.96 -68.05 8.66
CA ASN G 336 85.69 -68.41 7.27
C ASN G 336 86.21 -67.29 6.39
N PRO G 337 87.02 -67.60 5.36
CA PRO G 337 87.60 -66.53 4.54
C PRO G 337 86.56 -65.63 3.89
N TYR G 338 85.35 -66.13 3.66
CA TYR G 338 84.30 -65.37 2.98
C TYR G 338 83.34 -64.71 3.97
N ALA G 339 83.83 -64.33 5.14
CA ALA G 339 83.01 -63.68 6.16
C ALA G 339 83.34 -62.20 6.31
N SER G 340 84.60 -61.86 6.51
CA SER G 340 85.01 -60.47 6.67
C SER G 340 85.51 -59.96 5.32
N GLY G 341 84.82 -58.95 4.79
CA GLY G 341 85.19 -58.40 3.51
C GLY G 341 86.34 -57.41 3.60
N VAL G 342 87.10 -57.35 2.52
CA VAL G 342 88.25 -56.45 2.43
C VAL G 342 88.02 -55.52 1.25
N LEU G 343 88.46 -54.27 1.42
CA LEU G 343 88.25 -53.25 0.39
C LEU G 343 89.53 -52.43 0.27
N PHE G 344 90.25 -52.64 -0.83
CA PHE G 344 91.47 -51.89 -1.09
C PHE G 344 91.12 -50.54 -1.70
N THR G 345 92.13 -49.78 -2.08
CA THR G 345 91.95 -48.46 -2.67
C THR G 345 92.71 -48.36 -4.00
N ALA G 346 92.33 -47.38 -4.80
CA ALA G 346 92.94 -47.15 -6.10
C ALA G 346 92.44 -45.79 -6.61
N ALA G 347 92.95 -45.39 -7.77
CA ALA G 347 92.59 -44.11 -8.37
C ALA G 347 91.26 -44.22 -9.09
N GLY G 348 90.53 -43.10 -9.13
CA GLY G 348 89.21 -43.06 -9.71
C GLY G 348 89.24 -43.05 -11.22
N LYS G 349 88.06 -42.79 -11.80
CA LYS G 349 87.91 -42.73 -13.24
C LYS G 349 88.29 -44.06 -13.87
N ASN H 3 -29.34 116.93 46.18
CA ASN H 3 -29.24 115.67 46.97
C ASN H 3 -30.32 114.67 46.54
N PRO H 4 -29.95 113.40 46.36
CA PRO H 4 -30.94 112.38 45.97
C PRO H 4 -31.87 112.06 47.13
N THR H 5 -32.77 111.10 46.89
CA THR H 5 -33.72 110.66 47.90
C THR H 5 -33.71 109.13 48.03
N LEU H 6 -32.64 108.48 47.56
CA LEU H 6 -32.49 107.05 47.71
C LEU H 6 -31.15 106.65 48.31
N PHE H 7 -30.14 107.51 48.26
CA PHE H 7 -28.82 107.21 48.80
C PHE H 7 -28.29 105.89 48.25
N VAL H 8 -28.09 105.88 46.92
CA VAL H 8 -27.64 104.69 46.20
C VAL H 8 -26.18 104.93 45.84
N SER H 9 -25.28 104.59 46.77
CA SER H 9 -23.84 104.54 46.56
C SER H 9 -23.28 105.76 45.84
N TYR H 10 -23.89 106.94 46.02
CA TYR H 10 -23.36 108.16 45.40
C TYR H 10 -23.18 109.33 46.35
N ASP H 11 -23.97 109.44 47.44
CA ASP H 11 -23.83 110.58 48.33
C ASP H 11 -22.55 110.53 49.15
N GLN H 12 -21.71 109.52 48.95
CA GLN H 12 -20.46 109.35 49.69
C GLN H 12 -19.44 110.34 49.17
N ASN H 13 -18.98 111.24 50.04
CA ASN H 13 -17.87 112.13 49.72
C ASN H 13 -16.58 111.54 50.29
N GLY H 14 -15.47 111.80 49.61
CA GLY H 14 -14.20 111.23 50.00
C GLY H 14 -14.10 109.78 49.60
N LYS H 15 -14.38 109.48 48.34
CA LYS H 15 -14.35 108.10 47.85
C LYS H 15 -12.90 107.67 47.63
N LYS H 16 -12.73 106.45 47.11
CA LYS H 16 -11.44 105.79 47.06
C LYS H 16 -10.88 105.62 45.65
N LEU H 17 -11.64 105.95 44.62
CA LEU H 17 -11.26 105.96 43.21
C LEU H 17 -11.13 104.54 42.63
N SER H 18 -11.22 103.49 43.42
CA SER H 18 -11.16 102.10 42.95
C SER H 18 -10.12 101.93 41.85
N PHE H 19 -8.87 102.22 42.22
CA PHE H 19 -7.77 102.08 41.27
C PHE H 19 -7.60 100.62 40.87
N ALA H 20 -6.78 100.42 39.84
CA ALA H 20 -6.46 99.08 39.38
C ALA H 20 -5.45 98.43 40.32
N ASN H 21 -4.99 97.23 39.96
CA ASN H 21 -4.01 96.51 40.78
C ASN H 21 -2.94 95.89 39.89
N TRP H 22 -2.49 96.63 38.89
CA TRP H 22 -1.38 96.21 38.05
C TRP H 22 -0.99 97.35 37.12
N ILE H 23 0.21 97.25 36.55
CA ILE H 23 0.73 98.22 35.60
C ILE H 23 1.30 97.46 34.42
N SER H 24 0.92 97.89 33.21
CA SER H 24 1.27 97.19 31.98
C SER H 24 2.26 98.05 31.19
N VAL H 25 3.47 97.55 31.04
CA VAL H 25 4.52 98.25 30.29
C VAL H 25 4.52 97.67 28.89
N LEU H 26 3.91 98.40 27.95
CA LEU H 26 3.81 97.96 26.57
C LEU H 26 5.14 97.98 25.84
N SER H 27 6.20 98.49 26.46
CA SER H 27 7.49 98.54 25.79
C SER H 27 7.90 97.13 25.37
N PRO H 28 8.60 96.99 24.23
CA PRO H 28 8.97 95.64 23.76
C PRO H 28 10.10 95.01 24.56
N GLN H 29 9.83 93.89 25.22
CA GLN H 29 10.83 93.14 25.95
C GLN H 29 11.25 91.85 25.26
N ASP H 30 10.60 91.50 24.15
CA ASP H 30 10.85 90.22 23.50
C ASP H 30 12.31 90.11 23.10
N THR H 31 12.92 88.99 23.47
CA THR H 31 14.33 88.71 23.15
C THR H 31 14.48 87.23 22.82
N PRO H 32 14.03 86.81 21.63
CA PRO H 32 14.17 85.39 21.28
C PRO H 32 15.61 84.91 21.24
N PHE H 33 16.55 85.76 20.83
CA PHE H 33 17.94 85.36 20.76
C PHE H 33 18.46 84.98 22.15
N VAL H 34 18.24 85.84 23.13
CA VAL H 34 18.71 85.57 24.48
C VAL H 34 17.96 84.39 25.09
N SER H 35 16.65 84.32 24.84
CA SER H 35 15.86 83.21 25.37
C SER H 35 16.29 81.87 24.80
N MET H 36 16.79 81.83 23.56
CA MET H 36 17.27 80.60 22.96
C MET H 36 18.74 80.36 23.26
N THR H 37 19.52 81.43 23.38
CA THR H 37 20.94 81.29 23.65
C THR H 37 21.15 80.66 25.02
N GLY H 38 22.00 79.63 25.06
CA GLY H 38 22.25 78.92 26.30
C GLY H 38 23.04 79.77 27.28
N LYS H 39 23.30 79.16 28.44
CA LYS H 39 24.00 79.84 29.52
C LYS H 39 24.80 78.83 30.31
N GLU H 40 26.02 79.20 30.66
CA GLU H 40 26.91 78.34 31.43
C GLU H 40 27.74 79.22 32.37
N SER H 41 27.88 78.78 33.61
CA SER H 41 28.61 79.54 34.61
C SER H 41 30.09 79.58 34.26
N ILE H 42 30.64 80.80 34.16
CA ILE H 42 32.06 80.99 33.89
C ILE H 42 32.72 81.56 35.14
N ASN H 43 33.96 81.15 35.37
CA ASN H 43 34.72 81.57 36.55
C ASN H 43 35.60 82.77 36.23
N GLN H 44 36.51 82.63 35.27
CA GLN H 44 37.42 83.70 34.91
C GLN H 44 36.74 84.69 33.96
N THR H 45 37.34 85.86 33.85
CA THR H 45 36.79 86.93 33.02
C THR H 45 37.06 86.73 31.53
N ILE H 46 37.91 85.77 31.17
CA ILE H 46 38.21 85.47 29.77
C ILE H 46 38.14 83.97 29.57
N PHE H 47 37.58 83.56 28.44
CA PHE H 47 37.34 82.15 28.16
C PHE H 47 37.93 81.81 26.80
N SER H 48 37.80 80.53 26.43
CA SER H 48 38.31 80.04 25.16
C SER H 48 37.63 78.71 24.85
N TRP H 49 37.61 78.37 23.57
CA TRP H 49 37.05 77.11 23.10
C TRP H 49 37.78 76.69 21.84
N GLN H 50 38.09 75.40 21.77
CA GLN H 50 38.90 74.85 20.68
C GLN H 50 38.02 74.17 19.64
N THR H 51 38.45 74.27 18.39
CA THR H 51 37.73 73.70 17.26
C THR H 51 38.73 73.14 16.27
N ASP H 52 38.33 72.07 15.57
CA ASP H 52 39.19 71.41 14.61
C ASP H 52 38.34 70.90 13.45
N ALA H 53 39.01 70.57 12.35
CA ALA H 53 38.34 70.06 11.15
C ALA H 53 39.20 68.97 10.53
N LEU H 54 38.74 68.45 9.40
CA LEU H 54 39.46 67.43 8.66
C LEU H 54 40.10 68.03 7.41
N ALA H 55 41.18 67.40 6.97
CA ALA H 55 42.04 67.96 5.92
C ALA H 55 41.70 67.36 4.56
N SER H 56 40.48 67.65 4.10
CA SER H 56 40.05 67.35 2.74
C SER H 56 40.42 65.93 2.34
N VAL H 57 39.72 64.97 2.94
CA VAL H 57 39.96 63.56 2.69
C VAL H 57 39.87 63.26 1.20
N ASP H 58 40.56 62.22 0.76
CA ASP H 58 40.61 61.84 -0.64
C ASP H 58 39.84 60.54 -0.85
N GLY H 59 39.40 60.33 -2.09
CA GLY H 59 38.60 59.17 -2.44
C GLY H 59 39.38 58.12 -3.19
N ASN H 60 40.64 57.90 -2.80
CA ASN H 60 41.49 56.88 -3.41
C ASN H 60 42.20 56.04 -2.35
N ASN H 61 41.64 55.97 -1.14
CA ASN H 61 42.26 55.25 -0.03
C ASN H 61 41.99 53.76 -0.21
N ALA H 62 42.99 53.04 -0.72
CA ALA H 62 42.91 51.59 -0.92
C ALA H 62 44.30 51.02 -0.67
N HIS H 63 44.51 50.51 0.54
CA HIS H 63 45.80 49.96 0.94
C HIS H 63 45.82 48.45 0.74
N VAL H 64 46.97 47.95 0.31
CA VAL H 64 47.20 46.51 0.22
C VAL H 64 47.48 46.00 1.63
N GLU H 65 47.37 44.69 1.82
CA GLU H 65 47.51 44.09 3.14
C GLU H 65 48.99 43.95 3.48
N GLY H 66 49.51 44.96 4.19
CA GLY H 66 50.89 44.94 4.64
C GLY H 66 51.76 45.95 3.91
N SER H 67 52.04 47.07 4.55
CA SER H 67 52.87 48.12 3.97
C SER H 67 53.31 49.06 5.09
N ARG H 68 54.00 50.13 4.71
CA ARG H 68 54.49 51.11 5.67
C ARG H 68 53.38 52.12 5.98
N ALA H 69 53.61 52.95 7.00
CA ALA H 69 52.62 53.95 7.41
C ALA H 69 52.92 55.36 6.92
N GLU H 70 54.13 55.62 6.44
CA GLU H 70 54.53 56.94 5.97
C GLU H 70 54.33 58.02 7.02
N ASP H 71 54.40 57.64 8.31
CA ASP H 71 54.26 58.59 9.40
C ASP H 71 52.82 59.06 9.55
N GLY H 72 51.90 58.48 8.78
CA GLY H 72 50.50 58.86 8.87
C GLY H 72 50.28 60.34 8.65
N GLU H 73 49.21 60.88 9.23
CA GLU H 73 48.90 62.30 9.10
C GLU H 73 48.36 62.80 10.42
N MET H 74 48.52 64.11 10.64
CA MET H 74 48.15 64.75 11.90
C MET H 74 47.35 66.00 11.62
N LYS H 75 46.57 66.43 12.61
CA LYS H 75 45.78 67.64 12.52
C LYS H 75 45.79 68.37 13.86
N PRO H 76 46.56 69.43 14.01
CA PRO H 76 46.54 70.21 15.24
C PRO H 76 45.23 70.97 15.38
N THR H 77 45.06 71.60 16.55
CA THR H 77 43.88 72.40 16.84
C THR H 77 44.22 73.88 16.83
N VAL H 78 43.18 74.71 16.89
CA VAL H 78 43.33 76.16 16.93
C VAL H 78 42.41 76.70 18.01
N ILE H 79 42.91 77.68 18.76
CA ILE H 79 42.19 78.27 19.88
C ILE H 79 41.57 79.59 19.43
N LYS H 80 40.34 79.84 19.86
CA LYS H 80 39.66 81.09 19.58
C LYS H 80 38.93 81.53 20.84
N SER H 81 39.26 82.72 21.33
CA SER H 81 38.74 83.23 22.59
C SER H 81 38.03 84.56 22.37
N ASN H 82 37.28 84.97 23.39
CA ASN H 82 36.58 86.24 23.38
C ASN H 82 36.59 86.84 24.78
N VAL H 83 36.58 88.17 24.82
CA VAL H 83 36.55 88.92 26.07
C VAL H 83 35.11 89.27 26.40
N THR H 84 34.83 89.36 27.69
CA THR H 84 33.49 89.67 28.15
C THR H 84 33.28 91.19 28.23
N GLN H 85 32.12 91.59 28.73
CA GLN H 85 31.75 93.00 28.81
C GLN H 85 31.10 93.27 30.16
N ILE H 86 31.27 94.50 30.65
CA ILE H 86 30.70 94.94 31.91
C ILE H 86 29.47 95.77 31.60
N LEU H 87 28.33 95.37 32.16
CA LEU H 87 27.07 96.04 31.90
C LEU H 87 26.30 96.13 33.22
N ARG H 88 25.96 97.35 33.61
CA ARG H 88 25.26 97.60 34.87
C ARG H 88 24.35 98.82 34.74
N LYS H 89 23.43 98.95 35.68
CA LYS H 89 22.53 100.08 35.77
C LYS H 89 22.38 100.52 37.22
N VAL H 90 22.05 101.80 37.41
CA VAL H 90 21.91 102.38 38.73
C VAL H 90 20.56 103.07 38.84
N VAL H 91 20.09 103.23 40.08
CA VAL H 91 18.80 103.85 40.35
C VAL H 91 18.76 104.24 41.82
N ARG H 92 17.97 105.26 42.15
CA ARG H 92 17.80 105.71 43.52
C ARG H 92 16.32 106.01 43.76
N VAL H 93 15.95 106.06 45.03
CA VAL H 93 14.57 106.32 45.42
C VAL H 93 14.57 107.20 46.67
N SER H 94 13.63 108.13 46.72
CA SER H 94 13.45 108.97 47.90
C SER H 94 12.70 108.18 48.96
N ASP H 95 13.32 108.07 50.14
CA ASP H 95 12.79 107.22 51.20
C ASP H 95 11.50 107.76 51.81
N THR H 96 11.08 108.97 51.46
CA THR H 96 9.86 109.56 52.01
C THR H 96 8.59 108.94 51.44
N ALA H 97 8.70 107.94 50.57
CA ALA H 97 7.55 107.34 49.91
C ALA H 97 7.04 106.09 50.62
N ASN H 98 7.21 106.00 51.93
CA ASN H 98 6.84 104.81 52.69
C ASN H 98 5.86 105.08 53.82
N THR H 99 5.79 106.31 54.33
CA THR H 99 4.83 106.61 55.39
C THR H 99 3.40 106.47 54.88
N THR H 100 3.10 107.09 53.75
CA THR H 100 1.79 106.94 53.12
C THR H 100 1.74 105.58 52.41
N ALA H 101 0.66 105.33 51.68
CA ALA H 101 0.43 104.07 51.00
C ALA H 101 0.50 104.26 49.50
N ASN H 102 1.15 103.32 48.82
CA ASN H 102 1.23 103.34 47.36
C ASN H 102 -0.13 102.97 46.76
N TYR H 103 -0.22 103.01 45.43
CA TYR H 103 -1.46 102.78 44.73
C TYR H 103 -1.44 101.46 43.96
N GLY H 104 -0.48 101.28 43.05
CA GLY H 104 -0.38 100.05 42.30
C GLY H 104 1.03 99.50 42.21
N ARG H 105 2.02 100.29 42.61
CA ARG H 105 3.42 99.87 42.46
C ARG H 105 3.84 98.88 43.53
N GLY H 106 3.14 98.84 44.67
CA GLY H 106 3.56 97.98 45.76
C GLY H 106 4.77 98.52 46.48
N ARG H 107 5.90 98.63 45.78
CA ARG H 107 7.08 99.29 46.32
C ARG H 107 7.88 99.85 45.15
N GLU H 108 8.43 101.05 45.33
CA GLU H 108 9.14 101.70 44.24
C GLU H 108 10.50 101.05 44.01
N LEU H 109 11.18 100.65 45.08
CA LEU H 109 12.52 100.11 44.94
C LEU H 109 12.52 98.84 44.07
N MET H 110 11.78 97.82 44.49
CA MET H 110 11.78 96.55 43.75
C MET H 110 11.17 96.73 42.36
N TYR H 111 10.17 97.59 42.24
CA TYR H 111 9.54 97.80 40.93
C TYR H 111 10.54 98.40 39.95
N GLN H 112 11.24 99.46 40.37
CA GLN H 112 12.27 100.04 39.52
C GLN H 112 13.41 99.06 39.27
N LEU H 113 13.69 98.19 40.25
CA LEU H 113 14.72 97.17 40.04
C LEU H 113 14.33 96.22 38.92
N GLU H 114 13.10 95.72 38.95
CA GLU H 114 12.62 94.85 37.88
C GLU H 114 12.59 95.58 36.53
N LYS H 115 12.19 96.85 36.54
CA LYS H 115 12.16 97.63 35.32
C LYS H 115 13.55 97.76 34.72
N LYS H 116 14.54 98.11 35.55
CA LYS H 116 15.90 98.23 35.06
C LYS H 116 16.48 96.87 34.67
N GLY H 117 16.00 95.79 35.29
CA GLY H 117 16.43 94.46 34.87
C GLY H 117 15.95 94.12 33.47
N LYS H 118 14.69 94.41 33.19
CA LYS H 118 14.19 94.23 31.82
C LYS H 118 14.95 95.13 30.85
N GLU H 119 15.23 96.36 31.28
CA GLU H 119 16.02 97.27 30.46
C GLU H 119 17.39 96.68 30.13
N ILE H 120 18.07 96.12 31.14
CA ILE H 120 19.40 95.57 30.91
C ILE H 120 19.31 94.33 30.04
N LYS H 121 18.23 93.56 30.16
CA LYS H 121 18.04 92.40 29.29
C LYS H 121 17.97 92.84 27.83
N ARG H 122 17.05 93.77 27.52
CA ARG H 122 16.92 94.21 26.13
C ARG H 122 18.18 94.93 25.65
N ASP H 123 18.87 95.65 26.53
CA ASP H 123 20.10 96.31 26.14
C ASP H 123 21.19 95.29 25.81
N LEU H 124 21.28 94.21 26.59
CA LEU H 124 22.23 93.15 26.27
C LEU H 124 21.89 92.49 24.94
N GLU H 125 20.60 92.26 24.69
CA GLU H 125 20.19 91.72 23.41
C GLU H 125 20.66 92.61 22.27
N LYS H 126 20.43 93.92 22.39
CA LYS H 126 20.85 94.84 21.35
C LYS H 126 22.36 94.85 21.19
N ILE H 127 23.09 94.79 22.31
CA ILE H 127 24.55 94.92 22.25
C ILE H 127 25.17 93.68 21.61
N LEU H 128 24.62 92.50 21.90
CA LEU H 128 25.16 91.29 21.31
C LEU H 128 25.13 91.33 19.80
N LEU H 129 24.21 92.10 19.21
CA LEU H 129 24.05 92.18 17.77
C LEU H 129 24.36 93.57 17.22
N SER H 130 24.84 94.49 18.05
CA SER H 130 25.15 95.83 17.58
C SER H 130 26.35 95.86 16.64
N GLY H 131 27.02 94.74 16.41
CA GLY H 131 28.15 94.69 15.51
C GLY H 131 29.47 95.07 16.13
N GLN H 132 29.52 95.36 17.42
CA GLN H 132 30.77 95.73 18.06
C GLN H 132 31.76 94.58 17.98
N ALA H 133 33.04 94.92 18.12
CA ALA H 133 34.13 93.95 18.02
C ALA H 133 34.73 93.68 19.40
N ARG H 134 35.60 92.68 19.44
CA ARG H 134 36.31 92.32 20.66
C ARG H 134 37.37 93.35 20.99
N THR H 135 37.02 94.32 21.82
CA THR H 135 37.92 95.40 22.21
C THR H 135 38.53 95.08 23.57
N ASP H 136 39.86 94.95 23.60
CA ASP H 136 40.58 94.69 24.84
C ASP H 136 41.99 95.25 24.72
N VAL H 137 42.48 95.80 25.84
CA VAL H 137 43.83 96.36 25.85
C VAL H 137 44.87 95.27 25.67
N LEU H 138 44.53 94.03 26.01
CA LEU H 138 45.46 92.91 25.89
C LEU H 138 45.65 92.54 24.42
N ALA H 139 46.46 91.52 24.16
CA ALA H 139 46.76 91.04 22.83
C ALA H 139 46.15 89.66 22.63
N ASP H 140 46.41 89.08 21.46
CA ASP H 140 45.90 87.76 21.11
C ASP H 140 46.85 86.63 21.50
N GLN H 141 47.72 86.86 22.48
CA GLN H 141 48.71 85.87 22.93
C GLN H 141 48.25 85.13 24.17
N TYR H 142 46.97 84.80 24.25
CA TYR H 142 46.42 84.12 25.43
C TYR H 142 47.04 82.75 25.61
N LEU H 143 46.67 82.07 26.69
CA LEU H 143 47.32 80.83 27.11
C LEU H 143 48.78 81.11 27.47
N THR H 144 48.98 82.21 28.20
CA THR H 144 50.29 82.61 28.67
C THR H 144 50.34 82.96 30.15
N ASN H 145 49.25 83.51 30.71
CA ASN H 145 49.17 83.82 32.14
C ASN H 145 50.31 84.72 32.59
N SER H 146 50.88 85.51 31.69
CA SER H 146 52.00 86.39 31.99
C SER H 146 51.70 87.80 31.49
N ALA H 147 50.50 88.29 31.80
CA ALA H 147 50.11 89.63 31.38
C ALA H 147 51.22 90.63 31.60
N ALA H 148 51.47 91.45 30.59
CA ALA H 148 52.58 92.41 30.63
C ALA H 148 52.45 93.33 31.82
N ASP H 149 53.43 93.25 32.73
CA ASP H 149 53.41 94.11 33.92
C ASP H 149 53.49 95.58 33.53
N PRO H 150 54.53 96.05 32.83
CA PRO H 150 54.64 97.50 32.56
C PRO H 150 53.60 98.03 31.59
N ALA H 151 52.71 97.21 31.07
CA ALA H 151 51.72 97.66 30.10
C ALA H 151 50.37 97.96 30.76
N VAL H 152 49.80 96.97 31.45
CA VAL H 152 48.45 97.10 32.00
C VAL H 152 48.50 97.32 33.50
N ALA H 153 49.42 96.63 34.18
CA ALA H 153 49.46 96.72 35.64
C ALA H 153 49.77 98.13 36.10
N GLY H 154 50.64 98.85 35.37
CA GLY H 154 50.95 100.21 35.70
C GLY H 154 49.75 101.15 35.63
N LEU H 155 48.70 100.76 34.92
CA LEU H 155 47.51 101.58 34.71
C LEU H 155 46.61 101.40 35.92
N ASN H 156 46.59 102.40 36.80
CA ASN H 156 45.78 102.31 38.01
C ASN H 156 44.29 102.25 37.69
N ASP H 157 43.82 103.09 36.78
CA ASP H 157 42.42 103.10 36.37
C ASP H 157 42.35 103.49 34.89
N THR H 158 41.14 103.77 34.41
CA THR H 158 40.88 104.18 33.04
C THR H 158 41.19 103.09 32.03
N HIS H 159 41.23 101.83 32.45
CA HIS H 159 41.46 100.74 31.52
C HIS H 159 40.42 100.78 30.40
N ALA H 160 40.86 100.39 29.22
CA ALA H 160 39.97 100.40 28.06
C ALA H 160 38.73 99.55 28.34
N ALA H 161 37.57 100.16 28.13
CA ALA H 161 36.30 99.46 28.37
C ALA H 161 36.27 98.16 27.59
N ARG H 162 35.81 97.10 28.24
CA ARG H 162 35.76 95.77 27.64
C ARG H 162 34.44 95.60 26.92
N LYS H 163 34.48 95.57 25.59
CA LYS H 163 33.30 95.33 24.77
C LYS H 163 33.49 94.00 24.05
N THR H 164 32.63 93.04 24.35
CA THR H 164 32.77 91.71 23.78
C THR H 164 32.45 91.72 22.30
N GLY H 165 32.99 90.72 21.60
CA GLY H 165 32.78 90.60 20.18
C GLY H 165 31.34 90.26 19.84
N ALA H 166 30.73 91.08 18.99
CA ALA H 166 29.34 90.87 18.62
C ALA H 166 29.20 89.60 17.78
N PHE H 167 27.95 89.31 17.40
CA PHE H 167 27.68 88.16 16.55
C PHE H 167 28.53 88.20 15.28
N GLN H 168 28.70 89.39 14.71
CA GLN H 168 29.44 89.50 13.45
C GLN H 168 30.94 89.24 13.67
N PHE H 169 31.45 89.47 14.88
CA PHE H 169 32.87 89.27 15.12
C PHE H 169 33.22 87.79 15.19
N LEU H 170 32.40 87.00 15.88
CA LEU H 170 32.67 85.57 16.00
C LEU H 170 32.71 84.89 14.64
N CYS H 171 31.91 85.37 13.68
CA CYS H 171 31.89 84.78 12.36
C CYS H 171 33.21 85.06 11.65
N ALA H 172 33.36 84.51 10.45
CA ALA H 172 34.58 84.68 9.65
C ALA H 172 34.58 86.06 9.02
N HIS H 173 34.68 87.07 9.89
CA HIS H 173 34.66 88.46 9.44
C HIS H 173 35.70 88.70 8.36
N GLY H 174 36.94 88.24 8.58
CA GLY H 174 38.02 88.48 7.66
C GLY H 174 38.63 89.85 7.74
N GLY H 175 38.02 90.78 8.48
CA GLY H 175 38.53 92.13 8.58
C GLY H 175 37.80 92.89 9.66
N LEU H 176 38.31 94.08 9.95
CA LEU H 176 37.73 94.95 10.97
C LEU H 176 37.86 96.39 10.52
N ALA H 177 37.00 97.25 11.07
CA ALA H 177 36.98 98.67 10.70
C ALA H 177 36.39 99.47 11.85
N GLY H 178 37.17 100.39 12.39
CA GLY H 178 36.68 101.26 13.45
C GLY H 178 36.07 100.49 14.61
N GLY H 179 36.71 99.39 15.02
CA GLY H 179 36.15 98.56 16.06
C GLY H 179 34.91 97.79 15.67
N VAL H 180 34.55 97.81 14.38
CA VAL H 180 33.36 97.11 13.89
C VAL H 180 33.78 96.28 12.68
N VAL H 181 33.12 95.13 12.53
CA VAL H 181 33.35 94.30 11.35
C VAL H 181 32.96 95.08 10.10
N ASP H 182 33.74 94.91 9.04
CA ASP H 182 33.51 95.65 7.82
C ASP H 182 32.10 95.41 7.28
N LYS H 183 31.66 96.32 6.42
CA LYS H 183 30.34 96.24 5.81
C LYS H 183 30.42 96.01 4.31
N THR H 184 31.62 95.93 3.73
CA THR H 184 31.79 95.63 2.32
C THR H 184 32.77 94.50 2.05
N LYS H 185 33.53 94.07 3.05
CA LYS H 185 34.54 93.03 2.91
C LYS H 185 33.91 91.68 3.23
N ASN H 186 33.90 90.78 2.26
CA ASN H 186 33.41 89.43 2.50
C ASN H 186 34.45 88.63 3.30
N GLY H 187 34.03 87.45 3.76
CA GLY H 187 34.87 86.62 4.57
C GLY H 187 35.80 85.73 3.76
N PRO H 188 36.80 85.16 4.41
CA PRO H 188 37.74 84.28 3.71
C PRO H 188 37.21 82.86 3.59
N ALA H 189 37.96 82.04 2.88
CA ALA H 189 37.61 80.65 2.68
C ALA H 189 38.12 79.80 3.83
N ASP H 190 37.51 78.62 3.98
CA ASP H 190 37.89 77.72 5.08
C ASP H 190 39.01 76.79 4.64
N PRO H 191 39.95 76.47 5.53
CA PRO H 191 40.99 75.49 5.16
C PRO H 191 40.44 74.16 4.70
N ASP H 192 39.31 73.73 5.26
CA ASP H 192 38.72 72.44 4.93
C ASP H 192 37.88 72.51 3.66
N THR H 193 37.03 73.51 3.54
CA THR H 193 36.15 73.67 2.39
C THR H 193 36.36 75.04 1.76
N GLY H 194 36.18 75.11 0.45
CA GLY H 194 36.33 76.35 -0.27
C GLY H 194 35.08 77.20 -0.21
N ALA H 195 34.51 77.34 0.98
CA ALA H 195 33.28 78.09 1.18
C ALA H 195 33.53 79.28 2.11
N VAL H 196 32.66 80.28 2.01
CA VAL H 196 32.72 81.47 2.84
C VAL H 196 31.34 81.68 3.45
N THR H 197 31.31 81.92 4.76
CA THR H 197 30.04 82.08 5.46
C THR H 197 29.50 83.50 5.34
N VAL H 198 30.26 84.49 5.78
CA VAL H 198 29.86 85.89 5.67
C VAL H 198 30.23 86.39 4.29
N LYS H 199 29.34 87.17 3.68
CA LYS H 199 29.56 87.68 2.33
C LYS H 199 28.80 88.97 2.16
N VAL H 200 29.24 89.77 1.21
CA VAL H 200 28.64 91.06 0.89
C VAL H 200 27.46 90.83 -0.05
N ALA H 201 26.36 91.54 0.19
CA ALA H 201 25.18 91.46 -0.65
C ALA H 201 25.33 92.41 -1.83
N GLN H 202 25.28 91.85 -3.04
CA GLN H 202 25.46 92.63 -4.25
C GLN H 202 24.11 93.01 -4.84
N ASN H 203 23.92 94.32 -5.09
CA ASN H 203 22.73 94.83 -5.76
C ASN H 203 22.98 95.13 -7.22
N ALA H 204 23.96 94.46 -7.84
CA ALA H 204 24.22 94.65 -9.26
C ALA H 204 23.01 94.23 -10.09
N SER H 205 22.46 93.05 -9.79
CA SER H 205 21.27 92.55 -10.49
C SER H 205 20.02 93.01 -9.75
N ASN H 206 19.99 94.29 -9.43
CA ASN H 206 18.87 94.90 -8.71
C ASN H 206 19.06 96.42 -8.74
N PRO H 207 18.03 97.18 -8.38
CA PRO H 207 18.18 98.64 -8.35
C PRO H 207 19.27 99.07 -7.38
N THR H 208 19.69 100.33 -7.54
CA THR H 208 20.78 100.89 -6.76
C THR H 208 20.30 101.82 -5.64
N THR H 209 19.02 101.73 -5.26
CA THR H 209 18.50 102.59 -4.21
C THR H 209 17.84 101.80 -3.08
N ASN H 210 17.77 100.47 -3.18
CA ASN H 210 17.29 99.61 -2.12
C ASN H 210 18.33 98.54 -1.87
N ILE H 211 18.89 98.51 -0.67
CA ILE H 211 19.96 97.58 -0.32
C ILE H 211 19.31 96.27 0.10
N GLY H 212 19.27 95.31 -0.80
CA GLY H 212 18.65 94.04 -0.54
C GLY H 212 19.08 92.98 -1.52
N PHE H 213 18.12 92.15 -1.94
CA PHE H 213 18.39 91.00 -2.78
C PHE H 213 17.07 90.33 -3.11
N ASP H 214 17.06 89.49 -4.14
CA ASP H 214 15.88 88.74 -4.51
C ASP H 214 16.05 87.24 -4.35
N GLU H 215 17.00 86.63 -5.06
CA GLU H 215 17.16 85.17 -5.02
C GLU H 215 18.61 84.69 -4.96
N ALA H 216 19.58 85.47 -5.45
CA ALA H 216 20.93 84.95 -5.58
C ALA H 216 21.62 84.84 -4.22
N ASP H 217 21.61 85.92 -3.44
CA ASP H 217 22.38 85.95 -2.21
C ASP H 217 21.94 84.85 -1.26
N ILE H 218 20.64 84.69 -1.05
CA ILE H 218 20.15 83.76 -0.04
C ILE H 218 20.53 82.33 -0.40
N PHE H 219 20.19 81.91 -1.63
CA PHE H 219 20.45 80.53 -2.02
C PHE H 219 21.95 80.26 -2.13
N ASP H 220 22.72 81.23 -2.60
CA ASP H 220 24.17 81.04 -2.68
C ASP H 220 24.78 80.89 -1.29
N MET H 221 24.33 81.72 -0.34
CA MET H 221 24.81 81.60 1.03
C MET H 221 24.39 80.27 1.64
N THR H 222 23.18 79.81 1.34
CA THR H 222 22.74 78.53 1.87
C THR H 222 23.58 77.38 1.32
N LEU H 223 23.92 77.44 0.03
CA LEU H 223 24.81 76.44 -0.56
C LEU H 223 26.18 76.48 0.11
N GLN H 224 26.73 77.69 0.28
CA GLN H 224 28.02 77.81 0.95
C GLN H 224 27.97 77.25 2.37
N LEU H 225 26.89 77.51 3.10
CA LEU H 225 26.76 76.98 4.46
C LEU H 225 26.68 75.46 4.45
N TYR H 226 25.87 74.89 3.55
CA TYR H 226 25.79 73.45 3.45
C TYR H 226 27.15 72.85 3.13
N THR H 227 27.93 73.49 2.26
CA THR H 227 29.27 73.00 1.96
C THR H 227 30.22 73.18 3.13
N ALA H 228 29.99 74.17 3.98
CA ALA H 228 30.84 74.44 5.14
C ALA H 228 30.44 73.61 6.36
N GLY H 229 29.67 72.55 6.15
CA GLY H 229 29.28 71.67 7.25
C GLY H 229 28.31 72.30 8.23
N SER H 230 27.75 73.45 7.87
CA SER H 230 26.80 74.12 8.73
C SER H 230 25.41 73.50 8.58
N GLU H 231 24.67 73.48 9.69
CA GLU H 231 23.29 73.00 9.72
C GLU H 231 22.48 73.97 10.57
N ALA H 232 21.96 75.01 9.93
CA ALA H 232 21.17 76.03 10.59
C ALA H 232 19.71 75.90 10.18
N ASP H 233 18.80 76.32 11.07
CA ASP H 233 17.38 76.29 10.76
C ASP H 233 16.66 77.53 11.28
N ILE H 234 17.37 78.65 11.44
CA ILE H 234 16.80 79.89 11.97
C ILE H 234 17.34 81.05 11.16
N ILE H 235 16.50 82.06 10.95
CA ILE H 235 16.87 83.29 10.28
C ILE H 235 16.34 84.46 11.09
N MET H 236 17.21 85.45 11.35
CA MET H 236 16.86 86.62 12.12
C MET H 236 17.11 87.85 11.27
N ILE H 237 16.10 88.72 11.17
CA ILE H 237 16.15 89.91 10.34
C ILE H 237 15.43 91.04 11.05
N ASN H 238 15.43 92.21 10.42
CA ASN H 238 14.74 93.39 10.91
C ASN H 238 13.34 93.49 10.31
N PRO H 239 12.44 94.24 10.94
CA PRO H 239 11.08 94.37 10.37
C PRO H 239 11.06 94.98 8.98
N ALA H 240 11.94 95.95 8.70
CA ALA H 240 11.93 96.61 7.40
C ALA H 240 12.19 95.65 6.25
N HIS H 241 12.84 94.52 6.52
CA HIS H 241 13.17 93.55 5.48
C HIS H 241 12.23 92.34 5.45
N ALA H 242 11.33 92.22 6.43
CA ALA H 242 10.41 91.10 6.44
C ALA H 242 9.51 91.11 5.21
N LYS H 243 9.23 92.30 4.67
CA LYS H 243 8.41 92.38 3.45
C LYS H 243 9.11 91.68 2.29
N ILE H 244 10.43 91.65 2.28
CA ILE H 244 11.16 90.96 1.22
C ILE H 244 10.87 89.47 1.28
N PHE H 245 11.02 88.86 2.46
CA PHE H 245 10.69 87.45 2.62
C PHE H 245 9.22 87.18 2.33
N ALA H 246 8.35 88.11 2.69
CA ALA H 246 6.93 87.96 2.39
C ALA H 246 6.71 87.85 0.88
N GLY H 247 7.24 88.80 0.13
CA GLY H 247 7.11 88.76 -1.32
C GLY H 247 7.78 87.54 -1.93
N LEU H 248 8.87 87.08 -1.33
CA LEU H 248 9.58 85.92 -1.85
C LEU H 248 8.76 84.65 -1.68
N GLN H 249 8.15 84.47 -0.51
CA GLN H 249 7.31 83.30 -0.29
C GLN H 249 6.25 83.13 -1.37
N GLU H 250 5.82 84.23 -2.00
CA GLU H 250 4.90 84.13 -3.12
C GLU H 250 5.60 83.64 -4.38
N ASN H 251 6.93 83.58 -4.38
CA ASN H 251 7.68 83.11 -5.54
C ASN H 251 7.85 81.61 -5.56
N THR H 252 7.79 80.95 -4.40
CA THR H 252 7.91 79.50 -4.32
C THR H 252 6.79 78.92 -3.46
N GLN H 253 5.63 79.58 -3.47
CA GLN H 253 4.50 79.12 -2.66
C GLN H 253 4.16 77.66 -2.94
N GLY H 254 4.31 77.23 -4.20
CA GLY H 254 4.04 75.85 -4.54
C GLY H 254 5.06 74.88 -4.01
N SER H 255 6.30 75.33 -3.81
CA SER H 255 7.36 74.51 -3.22
C SER H 255 7.73 74.96 -1.82
N ARG H 256 7.13 76.05 -1.32
CA ARG H 256 7.43 76.54 0.02
C ARG H 256 7.11 75.45 1.04
N LYS H 257 8.14 74.94 1.71
CA LYS H 257 7.98 73.86 2.67
C LYS H 257 7.17 74.33 3.88
N ARG H 258 5.97 73.77 4.05
CA ARG H 258 5.06 74.19 5.12
C ARG H 258 5.20 73.22 6.29
N ILE H 259 5.70 73.73 7.42
CA ILE H 259 5.76 72.98 8.67
C ILE H 259 4.86 73.67 9.69
N PHE H 260 4.13 72.88 10.46
CA PHE H 260 3.17 73.38 11.43
C PHE H 260 3.58 72.97 12.84
N GLU H 261 2.78 73.41 13.80
CA GLU H 261 2.95 73.06 15.20
C GLU H 261 1.64 72.51 15.75
N ASN H 262 1.74 71.65 16.75
CA ASN H 262 0.59 70.97 17.34
C ASN H 262 0.45 71.36 18.80
N THR H 263 -0.80 71.55 19.22
CA THR H 263 -1.10 71.97 20.59
C THR H 263 -2.27 71.21 21.20
N LYS H 264 -2.82 70.20 20.51
CA LYS H 264 -3.95 69.42 21.00
C LYS H 264 -5.26 70.19 20.88
N GLN H 265 -5.18 71.47 20.49
CA GLN H 265 -6.38 72.25 20.21
C GLN H 265 -6.22 73.20 19.03
N PHE H 266 -5.01 73.41 18.53
CA PHE H 266 -4.78 74.34 17.45
C PHE H 266 -3.53 73.92 16.69
N ILE H 267 -3.49 74.27 15.41
CA ILE H 267 -2.34 73.95 14.55
C ILE H 267 -1.93 75.27 13.89
N TYR H 268 -0.96 75.95 14.49
CA TYR H 268 -0.44 77.19 13.95
C TYR H 268 0.67 76.88 12.96
N GLU H 269 0.63 77.54 11.80
CA GLU H 269 1.70 77.46 10.83
C GLU H 269 2.75 78.53 11.12
N VAL H 270 4.00 78.18 10.91
CA VAL H 270 5.12 79.09 11.16
C VAL H 270 5.60 79.65 9.84
N ASN H 271 6.12 80.88 9.88
CA ASN H 271 6.54 81.60 8.69
C ASN H 271 7.93 81.11 8.24
N SER H 272 7.95 79.88 7.72
CA SER H 272 9.18 79.27 7.25
C SER H 272 9.39 79.54 5.76
N ILE H 273 10.64 79.43 5.34
CA ILE H 273 11.03 79.59 3.95
C ILE H 273 12.00 78.47 3.60
N THR H 274 11.83 77.89 2.42
CA THR H 274 12.61 76.74 1.99
C THR H 274 13.66 77.15 0.96
N ASP H 275 14.72 76.37 0.90
CA ASP H 275 15.81 76.55 -0.05
C ASP H 275 15.92 75.34 -0.97
N PRO H 276 16.68 75.46 -2.06
CA PRO H 276 16.82 74.31 -2.97
C PRO H 276 17.33 73.05 -2.29
N LEU H 277 18.15 73.18 -1.25
CA LEU H 277 18.72 72.01 -0.59
C LEU H 277 17.73 71.30 0.31
N GLY H 278 16.62 71.94 0.67
CA GLY H 278 15.60 71.31 1.48
C GLY H 278 15.63 71.65 2.95
N GLN H 279 16.52 72.54 3.39
CA GLN H 279 16.59 72.91 4.79
C GLN H 279 15.43 73.84 5.13
N SER H 280 14.79 73.58 6.27
CA SER H 280 13.63 74.35 6.72
C SER H 280 14.12 75.43 7.68
N TYR H 281 14.07 76.68 7.25
CA TYR H 281 14.56 77.80 8.04
C TYR H 281 13.38 78.58 8.63
N LYS H 282 13.51 78.93 9.91
CA LYS H 282 12.55 79.80 10.55
C LYS H 282 12.79 81.24 10.10
N ILE H 283 11.92 82.14 10.54
CA ILE H 283 12.06 83.57 10.27
C ILE H 283 11.61 84.32 11.51
N ILE H 284 12.51 85.10 12.10
CA ILE H 284 12.24 85.86 13.31
C ILE H 284 12.65 87.30 13.09
N VAL H 285 11.96 88.22 13.75
CA VAL H 285 12.18 89.64 13.60
C VAL H 285 12.53 90.24 14.96
N ASN H 286 13.34 91.30 14.93
CA ASN H 286 13.77 91.96 16.15
C ASN H 286 13.99 93.44 15.86
N ARG H 287 13.58 94.28 16.81
CA ARG H 287 13.79 95.72 16.68
C ARG H 287 15.19 96.16 17.05
N TRP H 288 16.00 95.25 17.63
CA TRP H 288 17.32 95.58 18.14
C TRP H 288 18.43 95.13 17.19
N MET H 289 18.19 95.19 15.89
CA MET H 289 19.15 94.75 14.90
C MET H 289 19.90 95.94 14.30
N PRO H 290 21.08 95.71 13.74
CA PRO H 290 21.82 96.81 13.10
C PRO H 290 21.22 97.28 11.79
N THR H 291 20.20 96.59 11.26
CA THR H 291 19.47 96.94 10.06
C THR H 291 20.23 96.64 8.78
N ASP H 292 21.45 96.11 8.86
CA ASP H 292 22.26 95.84 7.67
C ASP H 292 22.92 94.47 7.75
N ALA H 293 22.17 93.45 8.19
CA ALA H 293 22.72 92.11 8.25
C ALA H 293 21.60 91.13 8.62
N VAL H 294 21.79 89.88 8.22
CA VAL H 294 20.91 88.78 8.58
C VAL H 294 21.76 87.68 9.19
N TYR H 295 21.15 86.84 10.02
CA TYR H 295 21.87 85.85 10.80
C TYR H 295 21.38 84.45 10.47
N PHE H 296 22.32 83.54 10.23
CA PHE H 296 22.05 82.12 10.04
C PHE H 296 22.77 81.37 11.15
N PHE H 297 22.02 80.72 12.03
CA PHE H 297 22.62 80.00 13.15
C PHE H 297 21.71 78.85 13.55
N ARG H 298 22.13 78.11 14.59
CA ARG H 298 21.42 76.93 15.05
C ARG H 298 20.70 77.13 16.38
N SER H 299 21.01 78.20 17.11
CA SER H 299 20.48 78.53 18.43
C SER H 299 21.18 77.74 19.53
N ALA H 300 22.07 76.81 19.20
CA ALA H 300 22.82 76.06 20.19
C ALA H 300 24.31 76.36 20.18
N ASP H 301 24.87 76.69 19.02
CA ASP H 301 26.29 77.00 18.93
C ASP H 301 26.67 78.26 19.68
N TRP H 302 25.70 79.05 20.11
CA TRP H 302 25.94 80.30 20.82
C TRP H 302 25.48 80.17 22.27
N THR H 303 26.20 80.83 23.17
CA THR H 303 25.86 80.80 24.59
C THR H 303 26.22 82.14 25.22
N GLN H 304 25.58 82.42 26.35
CA GLN H 304 25.80 83.65 27.11
C GLN H 304 26.28 83.25 28.50
N MET H 305 27.60 83.24 28.70
CA MET H 305 28.17 82.88 29.98
C MET H 305 28.21 84.11 30.88
N VAL H 306 27.53 84.04 32.02
CA VAL H 306 27.45 85.13 32.99
C VAL H 306 28.45 84.88 34.10
N LEU H 307 29.06 85.95 34.60
CA LEU H 307 30.09 85.86 35.61
C LEU H 307 29.71 86.51 36.94
N ARG H 308 28.99 87.64 36.92
CA ARG H 308 28.61 88.32 38.14
C ARG H 308 27.49 87.64 38.89
N ALA H 309 26.59 86.95 38.20
CA ALA H 309 25.44 86.33 38.85
C ALA H 309 24.72 87.37 39.69
N PRO H 310 23.96 88.29 39.06
CA PRO H 310 23.30 89.36 39.82
C PRO H 310 22.65 88.88 41.11
N LYS H 311 22.97 89.54 42.22
CA LYS H 311 22.48 89.16 43.54
C LYS H 311 22.04 90.40 44.31
N ARG H 312 21.86 90.26 45.62
CA ARG H 312 21.36 91.37 46.44
C ARG H 312 22.41 92.47 46.53
N THR H 313 22.41 93.39 45.58
CA THR H 313 23.38 94.47 45.53
C THR H 313 22.85 95.67 46.30
N GLU H 314 23.61 96.13 47.29
CA GLU H 314 23.29 97.30 48.07
C GLU H 314 24.49 98.24 48.09
N LEU H 315 24.21 99.52 48.33
CA LEU H 315 25.25 100.55 48.33
C LEU H 315 25.03 101.46 49.53
N ALA H 316 25.92 102.45 49.67
CA ALA H 316 25.84 103.38 50.78
C ALA H 316 24.65 104.33 50.59
N LYS H 317 24.33 105.07 51.65
CA LYS H 317 23.30 106.10 51.63
C LYS H 317 23.89 107.49 51.78
N ASP H 318 24.66 107.74 52.84
CA ASP H 318 25.32 109.03 53.05
C ASP H 318 24.34 110.18 52.95
N GLY H 319 23.09 109.95 53.36
CA GLY H 319 22.10 111.00 53.34
C GLY H 319 20.70 110.41 53.32
N SER H 320 19.76 111.23 52.86
CA SER H 320 18.36 110.83 52.81
C SER H 320 18.03 109.96 51.60
N TYR H 321 18.91 109.88 50.62
CA TYR H 321 18.63 109.09 49.44
C TYR H 321 19.05 107.64 49.66
N GLU H 322 18.68 106.78 48.72
CA GLU H 322 18.98 105.35 48.78
C GLU H 322 19.57 104.95 47.42
N LYS H 323 20.89 104.86 47.35
CA LYS H 323 21.54 104.50 46.10
C LYS H 323 21.57 102.99 45.93
N TRP H 324 21.20 102.53 44.73
CA TRP H 324 21.18 101.12 44.41
C TRP H 324 21.69 100.93 43.00
N MET H 325 22.16 99.72 42.71
CA MET H 325 22.69 99.38 41.41
C MET H 325 22.50 97.89 41.14
N ILE H 326 22.64 97.52 39.87
CA ILE H 326 22.52 96.14 39.42
C ILE H 326 23.60 95.90 38.37
N GLU H 327 24.48 94.94 38.62
CA GLU H 327 25.59 94.65 37.74
C GLU H 327 25.41 93.30 37.08
N MET H 328 26.10 93.12 35.95
CA MET H 328 26.06 91.86 35.21
C MET H 328 27.16 91.88 34.18
N GLU H 329 27.97 90.81 34.16
CA GLU H 329 29.09 90.68 33.25
C GLU H 329 28.90 89.42 32.42
N VAL H 330 28.62 89.60 31.13
CA VAL H 330 28.29 88.51 30.23
C VAL H 330 29.27 88.52 29.07
N GLY H 331 29.52 87.33 28.53
CA GLY H 331 30.40 87.19 27.39
C GLY H 331 29.81 86.26 26.36
N LEU H 332 30.05 86.59 25.09
CA LEU H 332 29.52 85.82 23.98
C LEU H 332 30.59 84.90 23.40
N ARG H 333 30.15 83.74 22.92
CA ARG H 333 31.05 82.78 22.29
C ARG H 333 30.31 82.06 21.16
N HIS H 334 31.07 81.55 20.21
CA HIS H 334 30.53 80.82 19.06
C HIS H 334 31.24 79.48 18.95
N ARG H 335 30.46 78.41 18.79
CA ARG H 335 31.03 77.07 18.72
C ARG H 335 32.05 76.97 17.59
N ASN H 336 31.69 77.47 16.40
CA ASN H 336 32.58 77.43 15.26
C ASN H 336 32.29 78.60 14.32
N PRO H 337 33.30 79.38 13.92
CA PRO H 337 33.01 80.54 13.06
C PRO H 337 32.33 80.16 11.74
N TYR H 338 32.77 79.09 11.09
CA TYR H 338 32.21 78.69 9.81
C TYR H 338 30.85 78.00 9.95
N ALA H 339 30.25 78.02 11.14
CA ALA H 339 28.93 77.44 11.31
C ALA H 339 27.84 78.42 10.88
N SER H 340 27.86 79.62 11.47
CA SER H 340 26.87 80.65 11.14
C SER H 340 27.39 81.53 10.01
N GLY H 341 26.53 82.41 9.51
CA GLY H 341 26.91 83.32 8.45
C GLY H 341 25.99 84.52 8.44
N VAL H 342 26.48 85.61 7.88
CA VAL H 342 25.77 86.88 7.86
C VAL H 342 26.01 87.58 6.52
N LEU H 343 25.03 88.37 6.11
CA LEU H 343 25.12 89.20 4.91
C LEU H 343 25.46 90.63 5.29
N PHE H 344 26.01 91.37 4.32
CA PHE H 344 26.33 92.78 4.50
C PHE H 344 25.65 93.58 3.40
N THR H 345 24.52 94.19 3.73
CA THR H 345 23.85 95.09 2.81
C THR H 345 24.58 96.41 2.79
N ALA H 346 25.21 96.73 1.66
CA ALA H 346 26.04 97.92 1.53
C ALA H 346 26.31 98.13 0.04
N ALA H 347 27.23 99.04 -0.25
CA ALA H 347 27.61 99.36 -1.62
C ALA H 347 28.69 98.39 -2.10
N GLY H 348 28.95 98.45 -3.40
CA GLY H 348 29.90 97.54 -4.02
C GLY H 348 30.48 98.09 -5.30
N ASN I 3 122.79 -83.68 13.31
CA ASN I 3 122.69 -82.40 12.55
C ASN I 3 122.20 -81.25 13.44
N PRO I 4 121.10 -81.44 14.17
CA PRO I 4 120.62 -80.37 15.06
C PRO I 4 121.45 -80.32 16.35
N THR I 5 121.82 -79.10 16.75
CA THR I 5 122.67 -78.93 17.93
C THR I 5 122.28 -77.72 18.77
N LEU I 6 121.05 -77.21 18.67
CA LEU I 6 120.64 -76.04 19.44
C LEU I 6 119.27 -76.21 20.09
N PHE I 7 118.88 -77.43 20.45
CA PHE I 7 117.64 -77.68 21.18
C PHE I 7 116.44 -77.07 20.44
N VAL I 8 116.33 -77.42 19.16
CA VAL I 8 115.24 -76.89 18.35
C VAL I 8 114.01 -77.76 18.54
N SER I 9 112.86 -77.12 18.74
CA SER I 9 111.60 -77.80 18.99
C SER I 9 110.58 -77.57 17.89
N TYR I 10 110.84 -76.66 16.94
CA TYR I 10 109.83 -76.30 15.95
C TYR I 10 109.81 -77.27 14.79
N ASP I 11 110.94 -77.92 14.49
CA ASP I 11 111.07 -78.80 13.33
C ASP I 11 111.31 -80.25 13.75
N GLN I 12 110.53 -80.72 14.73
CA GLN I 12 110.67 -82.08 15.22
C GLN I 12 109.68 -83.01 14.52
N ASN I 13 110.05 -84.28 14.39
CA ASN I 13 109.22 -85.27 13.72
C ASN I 13 108.25 -85.89 14.72
N GLY I 14 106.98 -85.95 14.33
CA GLY I 14 105.97 -86.55 15.18
C GLY I 14 105.13 -85.52 15.91
N LYS I 15 104.83 -84.41 15.23
CA LYS I 15 104.07 -83.33 15.84
C LYS I 15 102.58 -83.66 15.86
N LYS I 16 101.84 -82.89 16.65
CA LYS I 16 100.39 -82.99 16.70
C LYS I 16 99.80 -82.12 15.61
N LEU I 17 98.47 -81.98 15.58
CA LEU I 17 97.79 -81.15 14.60
C LEU I 17 97.16 -79.89 15.19
N SER I 18 96.54 -79.99 16.37
CA SER I 18 95.96 -78.82 17.04
C SER I 18 94.92 -78.13 16.15
N PHE I 19 93.82 -78.84 15.92
CA PHE I 19 92.73 -78.29 15.12
C PHE I 19 91.91 -77.31 15.96
N ALA I 20 90.87 -76.76 15.33
CA ALA I 20 90.05 -75.74 15.98
C ALA I 20 89.01 -76.32 16.92
N ASN I 21 88.66 -77.60 16.76
CA ASN I 21 87.68 -78.33 17.57
C ASN I 21 86.25 -77.99 17.14
N TRP I 22 86.05 -77.12 16.17
CA TRP I 22 84.71 -76.80 15.69
C TRP I 22 84.74 -76.74 14.17
N ILE I 23 83.54 -76.67 13.58
CA ILE I 23 83.37 -76.62 12.14
C ILE I 23 82.48 -75.44 11.79
N SER I 24 82.78 -74.79 10.68
CA SER I 24 82.02 -73.64 10.22
C SER I 24 81.06 -74.03 9.10
N VAL I 25 79.94 -73.31 9.03
CA VAL I 25 78.94 -73.54 8.00
C VAL I 25 78.13 -72.27 7.85
N LEU I 26 77.91 -71.85 6.60
CA LEU I 26 77.22 -70.58 6.31
C LEU I 26 75.93 -70.78 5.55
N SER I 27 75.46 -72.01 5.39
CA SER I 27 74.24 -72.29 4.66
C SER I 27 73.08 -71.47 5.22
N PRO I 28 72.59 -70.48 4.48
CA PRO I 28 71.44 -69.70 4.98
C PRO I 28 70.16 -70.49 4.87
N GLN I 29 69.35 -70.41 5.93
CA GLN I 29 68.05 -71.07 5.97
C GLN I 29 67.00 -70.12 6.53
N ASP I 30 67.01 -68.87 6.06
CA ASP I 30 66.06 -67.89 6.55
C ASP I 30 64.64 -68.26 6.15
N THR I 31 64.41 -68.50 4.87
CA THR I 31 63.11 -68.93 4.38
C THR I 31 62.03 -67.91 4.71
N PRO I 32 62.08 -66.71 4.13
CA PRO I 32 61.01 -65.73 4.38
C PRO I 32 59.64 -66.23 3.96
N PHE I 33 59.53 -66.80 2.76
CA PHE I 33 58.23 -67.26 2.27
C PHE I 33 57.70 -68.46 3.05
N VAL I 34 58.53 -69.12 3.85
CA VAL I 34 58.08 -70.25 4.66
C VAL I 34 57.96 -69.80 6.11
N SER I 35 58.80 -68.85 6.52
CA SER I 35 58.69 -68.32 7.88
C SER I 35 57.37 -67.58 8.09
N MET I 36 56.71 -67.20 7.01
CA MET I 36 55.40 -66.56 7.07
C MET I 36 54.32 -67.62 7.26
N THR I 37 53.06 -67.23 7.04
CA THR I 37 51.90 -68.07 7.33
C THR I 37 52.15 -69.55 7.04
N GLY I 38 51.81 -70.39 8.01
CA GLY I 38 52.20 -71.79 8.01
C GLY I 38 51.48 -72.68 7.03
N LYS I 39 51.25 -73.93 7.44
CA LYS I 39 50.84 -75.01 6.56
C LYS I 39 49.39 -75.39 6.82
N GLU I 40 48.92 -76.36 6.02
CA GLU I 40 47.60 -76.97 6.21
C GLU I 40 47.71 -78.43 5.76
N SER I 41 47.56 -79.34 6.71
CA SER I 41 47.78 -80.76 6.43
C SER I 41 46.62 -81.32 5.60
N ILE I 42 46.93 -82.26 4.73
CA ILE I 42 45.94 -82.92 3.88
C ILE I 42 46.12 -84.43 3.99
N ASN I 43 45.32 -85.18 3.24
CA ASN I 43 45.35 -86.64 3.26
C ASN I 43 45.78 -87.23 1.93
N GLN I 44 45.25 -86.72 0.82
CA GLN I 44 45.59 -87.23 -0.50
C GLN I 44 46.69 -86.38 -1.13
N THR I 45 47.15 -86.80 -2.31
CA THR I 45 48.21 -86.11 -3.03
C THR I 45 47.69 -84.93 -3.84
N ILE I 46 46.42 -84.96 -4.22
CA ILE I 46 45.81 -83.90 -5.02
C ILE I 46 44.74 -83.21 -4.18
N PHE I 47 44.75 -81.89 -4.20
CA PHE I 47 43.73 -81.07 -3.58
C PHE I 47 43.17 -80.11 -4.62
N SER I 48 42.19 -79.31 -4.22
CA SER I 48 41.53 -78.41 -5.16
C SER I 48 40.79 -77.34 -4.37
N TRP I 49 40.51 -76.24 -5.05
CA TRP I 49 39.77 -75.13 -4.47
C TRP I 49 38.97 -74.46 -5.57
N GLN I 50 37.94 -73.72 -5.18
CA GLN I 50 37.06 -73.04 -6.10
C GLN I 50 37.37 -71.55 -6.16
N THR I 51 37.04 -70.95 -7.28
CA THR I 51 37.24 -69.51 -7.49
C THR I 51 36.03 -68.98 -8.25
N ASP I 52 35.27 -68.10 -7.60
CA ASP I 52 34.08 -67.51 -8.19
C ASP I 52 34.28 -66.01 -8.34
N ALA I 53 33.52 -65.43 -9.25
CA ALA I 53 33.62 -64.00 -9.53
C ALA I 53 32.29 -63.51 -10.08
N LEU I 54 31.94 -62.27 -9.75
CA LEU I 54 30.69 -61.68 -10.19
C LEU I 54 30.72 -61.46 -11.70
N ALA I 55 29.60 -60.97 -12.23
CA ALA I 55 29.45 -60.80 -13.67
C ALA I 55 29.93 -59.42 -14.10
N SER I 56 30.58 -59.37 -15.25
CA SER I 56 31.04 -58.12 -15.86
C SER I 56 30.20 -57.74 -17.07
N VAL I 57 28.90 -58.04 -17.03
CA VAL I 57 27.99 -57.75 -18.13
C VAL I 57 27.08 -56.60 -17.71
N ASP I 58 27.60 -55.72 -16.84
CA ASP I 58 26.81 -54.59 -16.34
C ASP I 58 26.05 -53.90 -17.46
N GLY I 59 26.80 -53.39 -18.44
CA GLY I 59 26.17 -52.80 -19.61
C GLY I 59 25.17 -51.71 -19.25
N ASN I 60 24.05 -51.71 -19.96
CA ASN I 60 23.00 -50.71 -19.78
C ASN I 60 21.63 -51.38 -19.70
N ASN I 61 21.53 -52.39 -18.86
CA ASN I 61 20.29 -53.15 -18.71
C ASN I 61 19.20 -52.24 -18.17
N ALA I 62 18.21 -51.92 -19.01
CA ALA I 62 17.10 -51.04 -18.65
C ALA I 62 15.81 -51.71 -19.12
N HIS I 63 15.20 -52.50 -18.24
CA HIS I 63 14.01 -53.24 -18.61
C HIS I 63 12.76 -52.37 -18.50
N VAL I 64 11.80 -52.62 -19.38
CA VAL I 64 10.54 -51.89 -19.39
C VAL I 64 9.65 -52.37 -18.27
N GLU I 65 8.57 -51.64 -17.99
CA GLU I 65 7.72 -51.92 -16.84
C GLU I 65 7.39 -53.40 -16.71
N GLY I 66 6.87 -54.00 -17.78
CA GLY I 66 6.41 -55.38 -17.72
C GLY I 66 7.15 -56.30 -18.67
N SER I 67 8.47 -56.11 -18.79
CA SER I 67 9.27 -56.94 -19.67
C SER I 67 9.22 -58.39 -19.22
N ARG I 68 9.49 -59.29 -20.17
CA ARG I 68 9.51 -60.71 -19.86
C ARG I 68 10.64 -61.03 -18.90
N ALA I 69 10.30 -61.77 -17.83
CA ALA I 69 11.31 -62.17 -16.87
C ALA I 69 12.14 -63.31 -17.45
N GLU I 70 13.30 -62.98 -18.00
CA GLU I 70 14.18 -63.96 -18.61
C GLU I 70 15.32 -64.31 -17.66
N ASP I 71 15.88 -65.50 -17.85
CA ASP I 71 16.96 -65.98 -16.99
C ASP I 71 18.21 -65.14 -17.22
N GLY I 72 18.85 -64.72 -16.13
CA GLY I 72 20.08 -63.97 -16.23
C GLY I 72 21.23 -64.83 -16.73
N GLU I 73 22.43 -64.25 -16.67
CA GLU I 73 23.64 -64.95 -17.12
C GLU I 73 24.17 -65.77 -15.95
N MET I 74 23.43 -66.83 -15.62
CA MET I 74 23.84 -67.76 -14.59
C MET I 74 25.00 -68.62 -15.10
N LYS I 75 26.16 -68.49 -14.44
CA LYS I 75 27.36 -69.20 -14.84
C LYS I 75 27.90 -70.01 -13.68
N PRO I 76 28.65 -71.06 -13.96
CA PRO I 76 29.21 -71.91 -12.89
C PRO I 76 30.49 -71.33 -12.35
N THR I 77 31.06 -72.03 -11.37
CA THR I 77 32.30 -71.62 -10.74
C THR I 77 33.48 -72.26 -11.45
N VAL I 78 34.68 -72.08 -10.91
CA VAL I 78 35.89 -72.68 -11.44
C VAL I 78 36.56 -73.49 -10.34
N ILE I 79 37.01 -74.69 -10.69
CA ILE I 79 37.61 -75.62 -9.74
C ILE I 79 39.08 -75.75 -10.13
N LYS I 80 39.94 -75.06 -9.37
CA LYS I 80 41.37 -75.13 -9.59
C LYS I 80 41.97 -76.26 -8.76
N SER I 81 43.06 -76.82 -9.27
CA SER I 81 43.71 -77.97 -8.64
C SER I 81 45.21 -77.75 -8.61
N ASN I 82 45.91 -78.67 -7.95
CA ASN I 82 47.36 -78.65 -7.88
C ASN I 82 47.82 -80.09 -7.69
N VAL I 83 49.11 -80.27 -7.40
CA VAL I 83 49.71 -81.59 -7.23
C VAL I 83 50.92 -81.45 -6.33
N THR I 84 51.26 -82.54 -5.64
CA THR I 84 52.39 -82.55 -4.75
C THR I 84 53.67 -82.94 -5.50
N GLN I 85 54.79 -82.86 -4.79
CA GLN I 85 56.09 -83.20 -5.34
C GLN I 85 56.85 -84.02 -4.31
N ILE I 86 57.63 -84.97 -4.79
CA ILE I 86 58.37 -85.90 -3.94
C ILE I 86 59.82 -85.43 -3.89
N LEU I 87 60.19 -84.81 -2.77
CA LEU I 87 61.56 -84.40 -2.53
C LEU I 87 62.30 -85.53 -1.84
N ARG I 88 63.43 -85.93 -2.40
CA ARG I 88 64.20 -87.05 -1.87
C ARG I 88 65.65 -86.64 -1.71
N LYS I 89 66.31 -87.20 -0.70
CA LYS I 89 67.72 -86.94 -0.44
C LYS I 89 68.38 -88.25 -0.03
N VAL I 90 69.49 -88.58 -0.67
CA VAL I 90 70.19 -89.83 -0.44
C VAL I 90 71.50 -89.54 0.28
N VAL I 91 71.88 -90.47 1.15
CA VAL I 91 73.11 -90.35 1.93
C VAL I 91 73.71 -91.75 2.06
N ARG I 92 74.98 -91.88 1.68
CA ARG I 92 75.69 -93.15 1.72
C ARG I 92 77.04 -92.94 2.39
N VAL I 93 77.39 -93.83 3.31
CA VAL I 93 78.67 -93.75 4.01
C VAL I 93 79.08 -95.16 4.41
N SER I 94 80.32 -95.52 4.06
CA SER I 94 80.83 -96.83 4.42
C SER I 94 81.12 -96.89 5.92
N ASP I 95 81.24 -98.12 6.43
CA ASP I 95 81.51 -98.28 7.86
C ASP I 95 82.84 -97.65 8.25
N THR I 96 83.78 -97.55 7.31
CA THR I 96 85.08 -96.96 7.63
C THR I 96 84.93 -95.53 8.12
N ALA I 97 84.10 -94.74 7.43
CA ALA I 97 83.93 -93.33 7.82
C ALA I 97 83.26 -93.21 9.17
N ASN I 98 82.31 -94.09 9.47
CA ASN I 98 81.55 -93.98 10.72
C ASN I 98 82.39 -94.44 11.91
N THR I 99 83.03 -95.60 11.80
CA THR I 99 83.81 -96.11 12.92
C THR I 99 85.03 -95.25 13.19
N THR I 100 85.68 -94.77 12.14
CA THR I 100 86.82 -93.88 12.32
C THR I 100 86.38 -92.60 13.03
N ALA I 101 87.37 -91.88 13.56
CA ALA I 101 87.12 -90.64 14.30
C ALA I 101 88.08 -89.58 13.77
N ASN I 102 87.55 -88.62 13.02
CA ASN I 102 88.36 -87.53 12.51
C ASN I 102 88.85 -86.65 13.65
N TYR I 103 89.95 -85.93 13.41
CA TYR I 103 90.59 -85.10 14.43
C TYR I 103 90.07 -83.67 14.43
N GLY I 104 89.03 -83.38 13.65
CA GLY I 104 88.49 -82.03 13.59
C GLY I 104 86.99 -81.98 13.49
N ARG I 105 86.35 -83.14 13.56
CA ARG I 105 84.90 -83.26 13.40
C ARG I 105 84.46 -84.54 14.09
N GLY I 106 83.16 -84.83 14.03
CA GLY I 106 82.62 -86.03 14.64
C GLY I 106 82.49 -87.17 13.66
N ARG I 107 81.31 -87.76 13.55
CA ARG I 107 81.05 -88.77 12.55
C ARG I 107 80.76 -88.12 11.20
N GLU I 108 80.82 -88.93 10.15
CA GLU I 108 80.55 -88.47 8.80
C GLU I 108 79.14 -88.78 8.33
N LEU I 109 78.26 -89.21 9.24
CA LEU I 109 76.88 -89.52 8.89
C LEU I 109 75.92 -88.46 9.41
N MET I 110 75.97 -88.15 10.71
CA MET I 110 75.11 -87.11 11.26
C MET I 110 75.45 -85.74 10.66
N TYR I 111 76.74 -85.44 10.49
CA TYR I 111 77.13 -84.22 9.80
C TYR I 111 76.48 -84.13 8.43
N GLN I 112 76.68 -85.17 7.61
CA GLN I 112 76.08 -85.18 6.28
C GLN I 112 74.56 -85.22 6.37
N LEU I 113 74.01 -85.87 7.40
CA LEU I 113 72.56 -85.92 7.55
C LEU I 113 71.99 -84.52 7.72
N GLU I 114 72.57 -83.73 8.63
CA GLU I 114 72.10 -82.36 8.82
C GLU I 114 72.37 -81.52 7.57
N LYS I 115 73.53 -81.74 6.94
CA LYS I 115 73.82 -81.05 5.69
C LYS I 115 72.70 -81.24 4.69
N LYS I 116 72.26 -82.49 4.48
CA LYS I 116 71.21 -82.75 3.51
C LYS I 116 69.85 -82.26 4.02
N GLY I 117 69.63 -82.32 5.33
CA GLY I 117 68.37 -81.84 5.88
C GLY I 117 68.20 -80.34 5.70
N LYS I 118 69.31 -79.61 5.59
CA LYS I 118 69.23 -78.19 5.28
C LYS I 118 69.23 -77.93 3.77
N GLU I 119 69.99 -78.73 3.02
CA GLU I 119 69.96 -78.62 1.57
C GLU I 119 68.56 -78.85 1.02
N ILE I 120 67.78 -79.72 1.66
CA ILE I 120 66.44 -80.02 1.15
C ILE I 120 65.53 -78.81 1.34
N LYS I 121 65.66 -78.11 2.47
CA LYS I 121 64.88 -76.90 2.67
C LYS I 121 65.30 -75.81 1.71
N ARG I 122 66.61 -75.68 1.46
CA ARG I 122 67.08 -74.74 0.46
C ARG I 122 66.46 -75.05 -0.91
N ASP I 123 66.45 -76.33 -1.29
CA ASP I 123 65.88 -76.72 -2.58
C ASP I 123 64.39 -76.43 -2.62
N LEU I 124 63.68 -76.69 -1.52
CA LEU I 124 62.24 -76.41 -1.47
C LEU I 124 61.98 -74.93 -1.68
N GLU I 125 62.70 -74.07 -0.95
CA GLU I 125 62.52 -72.64 -1.10
C GLU I 125 62.83 -72.20 -2.52
N LYS I 126 63.91 -72.71 -3.09
CA LYS I 126 64.26 -72.36 -4.47
C LYS I 126 63.18 -72.82 -5.44
N ILE I 127 62.50 -73.92 -5.14
CA ILE I 127 61.49 -74.45 -6.06
C ILE I 127 60.22 -73.61 -5.98
N LEU I 128 59.76 -73.31 -4.76
CA LEU I 128 58.50 -72.59 -4.61
C LEU I 128 58.49 -71.28 -5.38
N LEU I 129 59.65 -70.66 -5.57
CA LEU I 129 59.76 -69.41 -6.31
C LEU I 129 60.07 -69.61 -7.77
N SER I 130 60.08 -70.86 -8.25
CA SER I 130 60.36 -71.14 -9.65
C SER I 130 59.09 -70.91 -10.47
N GLY I 131 59.08 -71.38 -11.70
CA GLY I 131 57.93 -71.25 -12.57
C GLY I 131 57.55 -72.53 -13.27
N GLN I 132 57.78 -73.67 -12.62
CA GLN I 132 57.45 -74.95 -13.23
C GLN I 132 55.96 -75.03 -13.55
N ALA I 133 55.63 -75.72 -14.63
CA ALA I 133 54.30 -75.72 -15.20
C ALA I 133 53.45 -76.90 -14.75
N ARG I 134 53.67 -77.38 -13.52
CA ARG I 134 52.84 -78.44 -12.94
C ARG I 134 52.76 -79.65 -13.87
N THR I 135 53.92 -80.28 -14.08
CA THR I 135 53.98 -81.47 -14.91
C THR I 135 53.48 -82.68 -14.13
N ASP I 136 52.41 -83.29 -14.63
CA ASP I 136 51.80 -84.44 -13.98
C ASP I 136 51.43 -85.47 -15.04
N VAL I 137 50.74 -86.52 -14.60
CA VAL I 137 50.37 -87.62 -15.48
C VAL I 137 48.86 -87.70 -15.73
N LEU I 138 48.04 -87.16 -14.83
CA LEU I 138 46.59 -87.25 -14.98
C LEU I 138 46.12 -86.30 -16.07
N ALA I 139 44.81 -86.26 -16.29
CA ALA I 139 44.23 -85.49 -17.38
C ALA I 139 42.99 -84.72 -16.95
N ASP I 140 42.83 -84.47 -15.65
CA ASP I 140 41.75 -83.64 -15.13
C ASP I 140 40.38 -84.20 -15.55
N GLN I 141 40.09 -85.37 -15.01
CA GLN I 141 38.85 -86.11 -15.30
C GLN I 141 38.11 -86.48 -14.02
N TYR I 142 37.96 -85.51 -13.11
CA TYR I 142 37.47 -85.80 -11.77
C TYR I 142 35.94 -85.72 -11.69
N LEU I 143 35.36 -84.64 -12.22
CA LEU I 143 33.95 -84.38 -12.00
C LEU I 143 33.08 -85.23 -12.93
N THR I 144 33.43 -85.30 -14.21
CA THR I 144 32.71 -86.12 -15.17
C THR I 144 33.05 -87.58 -14.92
N ASN I 145 32.22 -88.28 -14.15
CA ASN I 145 32.51 -89.66 -13.79
C ASN I 145 32.51 -90.59 -15.00
N SER I 146 31.89 -90.18 -16.10
CA SER I 146 31.83 -91.03 -17.28
C SER I 146 33.17 -91.10 -18.03
N ALA I 147 34.22 -90.48 -17.50
CA ALA I 147 35.54 -90.52 -18.12
C ALA I 147 36.60 -90.39 -17.03
N ALA I 148 37.53 -91.34 -17.00
CA ALA I 148 38.57 -91.35 -15.99
C ALA I 148 39.73 -92.21 -16.49
N ASP I 149 40.90 -91.59 -16.67
CA ASP I 149 42.07 -92.27 -17.19
C ASP I 149 42.42 -93.49 -16.35
N PRO I 150 42.22 -94.71 -16.86
CA PRO I 150 42.59 -95.90 -16.09
C PRO I 150 43.94 -96.47 -16.50
N ALA I 151 44.57 -95.85 -17.51
CA ALA I 151 45.81 -96.39 -18.06
C ALA I 151 46.85 -96.65 -16.98
N VAL I 152 47.01 -95.70 -16.06
CA VAL I 152 48.02 -95.83 -15.01
C VAL I 152 47.66 -96.89 -13.97
N ALA I 153 46.51 -97.56 -14.12
CA ALA I 153 46.10 -98.55 -13.13
C ALA I 153 46.99 -99.78 -13.16
N GLY I 154 47.37 -100.24 -14.35
CA GLY I 154 48.18 -101.43 -14.48
C GLY I 154 49.67 -101.22 -14.46
N LEU I 155 50.12 -99.96 -14.47
CA LEU I 155 51.54 -99.66 -14.49
C LEU I 155 52.09 -99.70 -13.07
N ASN I 156 53.36 -99.33 -12.92
CA ASN I 156 54.05 -99.44 -11.64
C ASN I 156 54.91 -98.17 -11.48
N ASP I 157 55.92 -98.24 -10.60
CA ASP I 157 56.77 -97.09 -10.33
C ASP I 157 57.30 -96.44 -11.61
N THR I 158 57.23 -97.12 -12.75
CA THR I 158 57.63 -96.54 -14.02
C THR I 158 56.99 -95.18 -14.27
N HIS I 159 55.92 -94.83 -13.55
CA HIS I 159 55.28 -93.54 -13.72
C HIS I 159 56.29 -92.42 -13.63
N ALA I 160 55.96 -91.27 -14.22
CA ALA I 160 56.84 -90.13 -14.17
C ALA I 160 56.72 -89.42 -12.82
N ALA I 161 57.63 -88.48 -12.58
CA ALA I 161 57.63 -87.71 -11.36
C ALA I 161 56.48 -86.69 -11.38
N ARG I 162 56.38 -85.91 -10.31
CA ARG I 162 55.32 -84.91 -10.18
C ARG I 162 55.94 -83.58 -9.79
N LYS I 163 55.49 -82.52 -10.46
CA LYS I 163 55.95 -81.16 -10.20
C LYS I 163 54.77 -80.34 -9.71
N THR I 164 55.00 -79.57 -8.65
CA THR I 164 53.94 -78.79 -8.02
C THR I 164 53.60 -77.56 -8.87
N GLY I 165 52.58 -76.84 -8.43
CA GLY I 165 52.22 -75.59 -9.06
C GLY I 165 53.07 -74.45 -8.54
N ALA I 166 54.00 -73.99 -9.37
CA ALA I 166 54.91 -72.94 -8.94
C ALA I 166 54.15 -71.69 -8.56
N PHE I 167 54.87 -70.76 -7.92
CA PHE I 167 54.26 -69.50 -7.49
C PHE I 167 53.65 -68.76 -8.67
N GLN I 168 54.50 -68.39 -9.65
CA GLN I 168 54.02 -67.56 -10.75
C GLN I 168 53.07 -68.34 -11.66
N PHE I 169 53.24 -69.66 -11.75
CA PHE I 169 52.37 -70.45 -12.62
C PHE I 169 50.92 -70.38 -12.14
N LEU I 170 50.71 -70.55 -10.83
CA LEU I 170 49.36 -70.48 -10.28
C LEU I 170 48.70 -69.15 -10.58
N CYS I 171 49.50 -68.10 -10.76
CA CYS I 171 48.98 -66.80 -11.17
C CYS I 171 48.59 -66.85 -12.65
N ALA I 172 48.13 -65.71 -13.17
CA ALA I 172 47.67 -65.62 -14.56
C ALA I 172 48.88 -65.59 -15.49
N HIS I 173 49.45 -66.77 -15.71
CA HIS I 173 50.63 -66.88 -16.57
C HIS I 173 50.26 -66.60 -18.02
N GLY I 174 51.14 -65.90 -18.72
CA GLY I 174 50.96 -65.56 -20.11
C GLY I 174 51.32 -66.65 -21.10
N GLY I 175 51.66 -67.84 -20.63
CA GLY I 175 52.07 -68.92 -21.50
C GLY I 175 53.14 -69.76 -20.83
N LEU I 176 53.89 -70.48 -21.65
CA LEU I 176 54.93 -71.37 -21.16
C LEU I 176 56.08 -71.41 -22.15
N ALA I 177 57.22 -71.92 -21.67
CA ALA I 177 58.40 -72.18 -22.50
C ALA I 177 58.76 -73.66 -22.46
N GLY I 178 57.76 -74.53 -22.41
CA GLY I 178 57.98 -75.96 -22.28
C GLY I 178 57.92 -76.43 -20.85
N GLY I 179 58.83 -75.92 -20.01
CA GLY I 179 58.89 -76.31 -18.62
C GLY I 179 58.72 -75.15 -17.66
N VAL I 180 58.98 -73.93 -18.15
CA VAL I 180 58.91 -72.73 -17.33
C VAL I 180 57.99 -71.73 -17.99
N VAL I 181 57.49 -70.79 -17.17
CA VAL I 181 56.60 -69.77 -17.69
C VAL I 181 57.38 -68.77 -18.53
N ASP I 182 56.68 -68.08 -19.42
CA ASP I 182 57.29 -67.10 -20.32
C ASP I 182 57.67 -65.85 -19.52
N LYS I 183 58.93 -65.45 -19.61
CA LYS I 183 59.43 -64.27 -18.94
C LYS I 183 59.23 -63.00 -19.77
N THR I 184 58.48 -63.08 -20.87
CA THR I 184 58.27 -61.95 -21.76
C THR I 184 56.82 -61.70 -22.11
N LYS I 185 55.93 -62.65 -21.87
CA LYS I 185 54.54 -62.52 -22.26
C LYS I 185 53.69 -62.02 -21.10
N ASN I 186 52.72 -61.16 -21.41
CA ASN I 186 51.84 -60.60 -20.40
C ASN I 186 50.65 -61.52 -20.17
N GLY I 187 50.18 -61.55 -18.93
CA GLY I 187 49.06 -62.38 -18.56
C GLY I 187 47.77 -61.93 -19.23
N PRO I 188 46.77 -62.82 -19.24
CA PRO I 188 45.47 -62.45 -19.81
C PRO I 188 44.71 -61.47 -18.95
N ALA I 189 43.61 -60.94 -19.47
CA ALA I 189 42.76 -60.03 -18.71
C ALA I 189 41.73 -60.83 -17.92
N ASP I 190 41.68 -60.58 -16.62
CA ASP I 190 40.70 -61.24 -15.77
C ASP I 190 39.30 -60.95 -16.29
N PRO I 191 38.50 -61.97 -16.62
CA PRO I 191 37.15 -61.68 -17.16
C PRO I 191 36.29 -60.83 -16.24
N ASP I 192 36.64 -60.72 -14.95
CA ASP I 192 35.81 -59.96 -14.02
C ASP I 192 36.05 -58.47 -14.15
N THR I 193 37.31 -58.07 -14.27
CA THR I 193 37.68 -56.66 -14.39
C THR I 193 38.78 -56.52 -15.43
N GLY I 194 38.93 -55.31 -15.97
CA GLY I 194 39.93 -55.06 -16.98
C GLY I 194 41.34 -55.00 -16.42
N ALA I 195 41.75 -56.05 -15.72
CA ALA I 195 43.05 -56.11 -15.07
C ALA I 195 43.87 -57.28 -15.61
N VAL I 196 45.18 -57.09 -15.63
CA VAL I 196 46.11 -58.15 -16.01
C VAL I 196 47.12 -58.31 -14.89
N THR I 197 46.94 -59.38 -14.10
CA THR I 197 47.71 -59.56 -12.87
C THR I 197 49.20 -59.80 -13.11
N VAL I 198 49.59 -60.19 -14.32
CA VAL I 198 50.98 -60.46 -14.66
C VAL I 198 51.36 -59.61 -15.86
N LYS I 199 52.41 -58.82 -15.71
CA LYS I 199 52.89 -57.95 -16.77
C LYS I 199 54.41 -58.08 -16.88
N VAL I 200 54.96 -57.40 -17.89
CA VAL I 200 56.39 -57.34 -18.11
C VAL I 200 56.83 -55.90 -17.92
N ALA I 201 57.91 -55.71 -17.17
CA ALA I 201 58.38 -54.36 -16.88
C ALA I 201 58.89 -53.68 -18.14
N GLN I 202 58.55 -52.40 -18.28
CA GLN I 202 59.02 -51.63 -19.42
C GLN I 202 60.33 -50.91 -19.10
N ASN I 203 60.38 -50.18 -18.00
CA ASN I 203 61.59 -49.50 -17.54
C ASN I 203 62.09 -48.52 -18.61
N ALA I 204 61.16 -47.71 -19.12
CA ALA I 204 61.50 -46.77 -20.19
C ALA I 204 62.49 -45.72 -19.72
N SER I 205 62.46 -45.37 -18.43
CA SER I 205 63.37 -44.35 -17.93
C SER I 205 64.83 -44.77 -18.05
N ASN I 206 65.09 -46.07 -18.06
CA ASN I 206 66.44 -46.60 -18.14
C ASN I 206 66.77 -47.02 -19.56
N PRO I 207 68.05 -47.17 -19.90
CA PRO I 207 68.43 -47.61 -21.23
C PRO I 207 68.26 -49.11 -21.38
N THR I 208 68.55 -49.60 -22.60
CA THR I 208 68.45 -51.03 -22.86
C THR I 208 69.58 -51.81 -22.19
N THR I 209 70.70 -51.15 -21.86
CA THR I 209 71.82 -51.86 -21.26
C THR I 209 71.49 -52.33 -19.85
N ASN I 210 70.81 -51.50 -19.06
CA ASN I 210 70.47 -51.87 -17.70
C ASN I 210 69.24 -52.77 -17.68
N ILE I 211 69.15 -53.61 -16.66
CA ILE I 211 68.04 -54.54 -16.48
C ILE I 211 67.38 -54.20 -15.16
N GLY I 212 66.25 -53.52 -15.22
CA GLY I 212 65.53 -53.16 -14.02
C GLY I 212 64.09 -52.85 -14.32
N PHE I 213 63.47 -52.07 -13.43
CA PHE I 213 62.08 -51.67 -13.56
C PHE I 213 61.92 -50.26 -13.03
N ASP I 214 61.12 -49.45 -13.73
CA ASP I 214 60.87 -48.09 -13.32
C ASP I 214 59.71 -48.04 -12.34
N GLU I 215 59.65 -46.95 -11.56
CA GLU I 215 58.57 -46.77 -10.61
C GLU I 215 57.22 -46.85 -11.29
N ALA I 216 57.14 -46.43 -12.57
CA ALA I 216 55.89 -46.52 -13.30
C ALA I 216 55.39 -47.95 -13.40
N ASP I 217 56.29 -48.91 -13.60
CA ASP I 217 55.88 -50.30 -13.67
C ASP I 217 55.27 -50.76 -12.35
N ILE I 218 55.89 -50.40 -11.24
CA ILE I 218 55.37 -50.79 -9.93
C ILE I 218 54.00 -50.16 -9.70
N PHE I 219 53.87 -48.88 -10.03
CA PHE I 219 52.59 -48.20 -9.83
C PHE I 219 51.50 -48.81 -10.71
N ASP I 220 51.83 -49.17 -11.95
CA ASP I 220 50.82 -49.77 -12.83
C ASP I 220 50.44 -51.16 -12.36
N MET I 221 51.41 -51.92 -11.84
CA MET I 221 51.09 -53.24 -11.32
C MET I 221 50.20 -53.13 -10.09
N THR I 222 50.47 -52.15 -9.22
CA THR I 222 49.59 -51.93 -8.07
C THR I 222 48.21 -51.46 -8.52
N LEU I 223 48.14 -50.71 -9.62
CA LEU I 223 46.86 -50.36 -10.20
C LEU I 223 46.08 -51.60 -10.61
N GLN I 224 46.76 -52.51 -11.33
CA GLN I 224 46.11 -53.76 -11.70
C GLN I 224 45.68 -54.55 -10.47
N LEU I 225 46.51 -54.58 -9.43
CA LEU I 225 46.14 -55.28 -8.19
C LEU I 225 44.88 -54.67 -7.58
N TYR I 226 44.81 -53.34 -7.52
CA TYR I 226 43.66 -52.68 -6.92
C TYR I 226 42.41 -52.92 -7.75
N THR I 227 42.54 -52.93 -9.07
CA THR I 227 41.40 -53.24 -9.92
C THR I 227 40.96 -54.69 -9.75
N ALA I 228 41.90 -55.58 -9.41
CA ALA I 228 41.57 -56.98 -9.21
C ALA I 228 40.89 -57.23 -7.89
N GLY I 229 40.90 -56.26 -6.97
CA GLY I 229 40.29 -56.43 -5.67
C GLY I 229 41.21 -56.99 -4.61
N SER I 230 42.50 -57.11 -4.89
CA SER I 230 43.42 -57.68 -3.92
C SER I 230 43.67 -56.70 -2.77
N GLU I 231 44.25 -57.24 -1.70
CA GLU I 231 44.60 -56.47 -0.51
C GLU I 231 46.01 -56.85 -0.05
N ALA I 232 46.91 -57.01 -1.01
CA ALA I 232 48.27 -57.40 -0.71
C ALA I 232 49.02 -56.28 0.00
N ASP I 233 49.88 -56.66 0.94
CA ASP I 233 50.70 -55.70 1.67
C ASP I 233 52.14 -56.19 1.83
N ILE I 234 52.61 -57.03 0.91
CA ILE I 234 53.95 -57.60 0.98
C ILE I 234 54.56 -57.58 -0.42
N ILE I 235 55.86 -57.30 -0.48
CA ILE I 235 56.62 -57.34 -1.73
C ILE I 235 57.92 -58.07 -1.46
N MET I 236 58.36 -58.85 -2.44
CA MET I 236 59.59 -59.61 -2.35
C MET I 236 60.53 -59.17 -3.47
N ILE I 237 61.83 -59.25 -3.21
CA ILE I 237 62.84 -58.75 -4.14
C ILE I 237 64.14 -59.49 -3.87
N ASN I 238 64.92 -59.69 -4.92
CA ASN I 238 66.24 -60.30 -4.77
C ASN I 238 67.26 -59.23 -4.39
N PRO I 239 68.25 -59.57 -3.55
CA PRO I 239 69.22 -58.56 -3.13
C PRO I 239 69.85 -57.78 -4.27
N ALA I 240 69.90 -58.35 -5.48
CA ALA I 240 70.52 -57.66 -6.60
C ALA I 240 69.66 -56.54 -7.15
N HIS I 241 68.43 -56.34 -6.65
CA HIS I 241 67.54 -55.31 -7.14
C HIS I 241 67.15 -54.29 -6.07
N ALA I 242 67.59 -54.46 -4.83
CA ALA I 242 67.23 -53.51 -3.78
C ALA I 242 67.76 -52.12 -4.08
N LYS I 243 68.87 -52.02 -4.82
CA LYS I 243 69.41 -50.73 -5.18
C LYS I 243 68.37 -49.88 -5.90
N ILE I 244 67.47 -50.51 -6.64
CA ILE I 244 66.43 -49.79 -7.35
C ILE I 244 65.53 -49.03 -6.37
N PHE I 245 65.38 -49.54 -5.15
CA PHE I 245 64.61 -48.85 -4.12
C PHE I 245 65.51 -47.99 -3.24
N ALA I 246 66.75 -48.43 -3.01
CA ALA I 246 67.69 -47.64 -2.22
C ALA I 246 68.06 -46.35 -2.96
N GLY I 247 68.42 -46.47 -4.24
CA GLY I 247 68.67 -45.30 -5.06
C GLY I 247 67.43 -44.55 -5.48
N LEU I 248 66.25 -44.99 -5.04
CA LEU I 248 65.00 -44.34 -5.38
C LEU I 248 64.79 -43.03 -4.61
N GLN I 249 65.34 -42.91 -3.41
CA GLN I 249 65.21 -41.71 -2.59
C GLN I 249 66.37 -40.74 -2.78
N GLU I 250 67.14 -40.87 -3.86
CA GLU I 250 68.33 -40.06 -4.06
C GLU I 250 68.18 -39.03 -5.16
N ASN I 251 67.87 -39.43 -6.38
CA ASN I 251 67.65 -38.48 -7.47
C ASN I 251 67.13 -39.16 -8.73
N THR I 252 66.20 -38.52 -9.41
CA THR I 252 65.82 -38.91 -10.77
C THR I 252 66.40 -37.97 -11.80
N GLN I 253 66.10 -36.67 -11.69
CA GLN I 253 66.79 -35.65 -12.46
C GLN I 253 66.99 -34.37 -11.64
N GLY I 254 66.81 -34.43 -10.34
CA GLY I 254 66.78 -33.26 -9.49
C GLY I 254 65.46 -33.01 -8.80
N SER I 255 64.63 -34.03 -8.62
CA SER I 255 63.31 -33.90 -8.02
C SER I 255 63.20 -34.57 -6.65
N ARG I 256 64.19 -35.35 -6.24
CA ARG I 256 64.23 -35.96 -4.93
C ARG I 256 65.62 -35.81 -4.35
N LYS I 257 65.70 -35.56 -3.05
CA LYS I 257 66.98 -35.29 -2.41
C LYS I 257 66.93 -35.72 -0.96
N ARG I 258 68.00 -36.34 -0.50
CA ARG I 258 68.18 -36.66 0.91
C ARG I 258 68.89 -35.50 1.60
N ILE I 259 68.64 -35.37 2.90
CA ILE I 259 69.20 -34.28 3.69
C ILE I 259 69.51 -34.78 5.09
N PHE I 260 70.63 -34.31 5.65
CA PHE I 260 71.08 -34.70 6.97
C PHE I 260 71.64 -33.45 7.65
N GLU I 261 70.81 -32.80 8.47
CA GLU I 261 71.21 -31.55 9.09
C GLU I 261 72.41 -31.73 10.00
N ASN I 262 72.27 -32.55 11.05
CA ASN I 262 73.37 -32.75 12.00
C ASN I 262 73.50 -34.21 12.43
N THR I 263 72.93 -35.15 11.67
CA THR I 263 72.98 -36.55 12.05
C THR I 263 74.27 -37.20 11.58
N LYS I 264 74.71 -38.21 12.33
CA LYS I 264 75.88 -39.01 11.99
C LYS I 264 75.50 -40.38 11.46
N GLN I 265 74.27 -40.54 10.97
CA GLN I 265 73.77 -41.82 10.50
C GLN I 265 73.30 -41.67 9.06
N PHE I 266 73.78 -42.56 8.19
CA PHE I 266 73.36 -42.58 6.80
C PHE I 266 72.03 -43.32 6.67
N ILE I 267 71.33 -43.03 5.58
CA ILE I 267 70.02 -43.59 5.29
C ILE I 267 70.03 -44.03 3.84
N TYR I 268 70.16 -45.33 3.59
CA TYR I 268 70.14 -45.86 2.24
C TYR I 268 69.30 -47.14 2.14
N GLU I 269 68.29 -47.27 2.99
CA GLU I 269 67.43 -48.45 3.01
C GLU I 269 65.98 -48.02 2.87
N VAL I 270 65.17 -48.89 2.27
CA VAL I 270 63.76 -48.63 2.05
C VAL I 270 63.00 -49.91 2.36
N ASN I 271 62.12 -49.87 3.36
CA ASN I 271 61.37 -51.04 3.79
C ASN I 271 59.88 -50.75 3.90
N SER I 272 59.40 -49.68 3.27
CA SER I 272 57.97 -49.35 3.30
C SER I 272 57.67 -48.44 2.13
N ILE I 273 56.87 -48.94 1.18
CA ILE I 273 56.45 -48.16 0.03
C ILE I 273 54.93 -48.14 0.00
N THR I 274 54.38 -47.04 -0.50
CA THR I 274 52.94 -46.86 -0.60
C THR I 274 52.60 -46.27 -1.95
N ASP I 275 51.63 -46.85 -2.63
CA ASP I 275 51.23 -46.40 -3.95
C ASP I 275 50.24 -45.26 -3.85
N PRO I 276 50.04 -44.51 -4.93
CA PRO I 276 49.08 -43.38 -4.88
C PRO I 276 47.66 -43.81 -4.54
N LEU I 277 47.36 -45.10 -4.58
CA LEU I 277 46.01 -45.58 -4.30
C LEU I 277 45.76 -45.79 -2.81
N GLY I 278 46.80 -45.71 -1.98
CA GLY I 278 46.65 -45.88 -0.55
C GLY I 278 47.00 -47.26 -0.02
N GLN I 279 47.57 -48.12 -0.85
CA GLN I 279 47.96 -49.46 -0.43
C GLN I 279 49.37 -49.42 0.15
N SER I 280 49.52 -49.96 1.36
CA SER I 280 50.78 -49.91 2.09
C SER I 280 51.51 -51.24 1.89
N TYR I 281 52.58 -51.21 1.10
CA TYR I 281 53.38 -52.39 0.84
C TYR I 281 54.70 -52.32 1.63
N LYS I 282 55.23 -53.49 1.97
CA LYS I 282 56.51 -53.59 2.66
C LYS I 282 57.45 -54.46 1.84
N ILE I 283 58.74 -54.17 1.94
CA ILE I 283 59.76 -54.89 1.21
C ILE I 283 60.24 -56.07 2.04
N ILE I 284 60.61 -57.15 1.36
CA ILE I 284 61.12 -58.36 2.00
C ILE I 284 62.19 -58.94 1.09
N VAL I 285 63.42 -59.01 1.58
CA VAL I 285 64.53 -59.55 0.80
C VAL I 285 64.48 -61.07 0.84
N ASN I 286 64.84 -61.68 -0.29
CA ASN I 286 64.87 -63.13 -0.43
C ASN I 286 66.06 -63.52 -1.30
N ARG I 287 66.99 -64.29 -0.73
CA ARG I 287 68.16 -64.70 -1.49
C ARG I 287 67.78 -65.62 -2.64
N TRP I 288 66.93 -66.62 -2.38
CA TRP I 288 66.58 -67.62 -3.38
C TRP I 288 65.49 -67.14 -4.33
N MET I 289 65.11 -65.87 -4.25
CA MET I 289 64.20 -65.30 -5.24
C MET I 289 64.97 -65.01 -6.53
N PRO I 290 64.47 -65.46 -7.68
CA PRO I 290 65.20 -65.26 -8.92
C PRO I 290 65.43 -63.78 -9.20
N THR I 291 66.59 -63.49 -9.79
CA THR I 291 67.01 -62.13 -10.09
C THR I 291 66.48 -61.64 -11.43
N ASP I 292 65.38 -62.21 -11.92
CA ASP I 292 64.79 -61.82 -13.19
C ASP I 292 63.37 -61.31 -13.06
N ALA I 293 62.73 -61.50 -11.91
CA ALA I 293 61.35 -61.08 -11.73
C ALA I 293 61.13 -60.61 -10.30
N VAL I 294 59.93 -60.09 -10.04
CA VAL I 294 59.54 -59.55 -8.75
C VAL I 294 58.15 -60.05 -8.43
N TYR I 295 57.87 -60.27 -7.14
CA TYR I 295 56.61 -60.83 -6.69
C TYR I 295 55.88 -59.84 -5.79
N PHE I 296 54.60 -59.62 -6.08
CA PHE I 296 53.69 -58.87 -5.23
C PHE I 296 52.57 -59.81 -4.80
N PHE I 297 52.37 -59.95 -3.50
CA PHE I 297 51.45 -60.96 -2.99
C PHE I 297 51.09 -60.63 -1.54
N ARG I 298 50.30 -61.50 -0.94
CA ARG I 298 49.95 -61.45 0.47
C ARG I 298 50.37 -62.76 1.13
N SER I 299 50.51 -62.72 2.45
CA SER I 299 50.89 -63.94 3.17
C SER I 299 49.74 -64.95 3.19
N ALA I 300 48.56 -64.53 3.64
CA ALA I 300 47.45 -65.45 3.81
C ALA I 300 46.86 -65.93 2.49
N ASP I 301 47.04 -65.16 1.41
CA ASP I 301 46.54 -65.60 0.12
C ASP I 301 47.16 -66.92 -0.31
N TRP I 302 48.38 -67.19 0.16
CA TRP I 302 49.09 -68.42 -0.19
C TRP I 302 49.10 -69.38 1.00
N THR I 303 49.40 -70.64 0.72
CA THR I 303 49.40 -71.67 1.74
C THR I 303 50.18 -72.87 1.21
N GLN I 304 50.72 -73.65 2.15
CA GLN I 304 51.55 -74.82 1.83
C GLN I 304 50.83 -76.06 2.33
N MET I 305 50.36 -76.87 1.39
CA MET I 305 49.69 -78.14 1.72
C MET I 305 50.74 -79.22 1.86
N VAL I 306 50.81 -79.83 3.04
CA VAL I 306 51.76 -80.90 3.34
C VAL I 306 51.00 -82.21 3.44
N LEU I 307 51.64 -83.29 2.98
CA LEU I 307 51.07 -84.62 3.04
C LEU I 307 51.71 -85.52 4.08
N ARG I 308 53.04 -85.56 4.15
CA ARG I 308 53.76 -86.32 5.16
C ARG I 308 54.98 -85.52 5.56
N ALA I 309 55.10 -85.22 6.85
CA ALA I 309 56.21 -84.42 7.34
C ALA I 309 57.54 -85.12 7.03
N PRO I 310 58.64 -84.37 6.98
CA PRO I 310 59.93 -84.99 6.69
C PRO I 310 60.40 -85.93 7.79
N LYS I 311 60.64 -87.19 7.46
CA LYS I 311 61.00 -88.21 8.43
C LYS I 311 62.22 -88.97 7.93
N ARG I 312 63.17 -89.24 8.82
CA ARG I 312 64.30 -90.09 8.48
C ARG I 312 63.84 -91.52 8.23
N THR I 313 64.49 -92.19 7.28
CA THR I 313 64.17 -93.55 6.93
C THR I 313 65.43 -94.29 6.51
N GLU I 314 65.46 -95.59 6.79
CA GLU I 314 66.57 -96.44 6.41
C GLU I 314 66.13 -97.38 5.28
N LEU I 315 67.09 -97.78 4.46
CA LEU I 315 66.89 -98.72 3.38
C LEU I 315 67.80 -99.92 3.57
N ALA I 316 67.80 -100.82 2.58
CA ALA I 316 68.62 -102.02 2.64
C ALA I 316 70.08 -101.66 2.92
N LYS I 317 70.80 -102.62 3.47
CA LYS I 317 72.21 -102.43 3.82
C LYS I 317 73.10 -102.56 2.59
N ASP I 318 72.92 -103.64 1.82
CA ASP I 318 73.68 -103.95 0.61
C ASP I 318 75.10 -104.42 0.93
N GLY I 319 75.55 -104.29 2.17
CA GLY I 319 76.89 -104.69 2.54
C GLY I 319 77.83 -103.50 2.62
N SER I 320 78.09 -103.03 3.83
CA SER I 320 79.00 -101.93 4.12
C SER I 320 78.58 -100.61 3.50
N TYR I 321 77.42 -100.53 2.85
CA TYR I 321 76.99 -99.30 2.21
C TYR I 321 76.33 -98.35 3.21
N GLU I 322 75.38 -98.87 3.99
CA GLU I 322 74.68 -98.07 5.00
C GLU I 322 73.97 -96.87 4.38
N LYS I 323 73.02 -97.17 3.50
CA LYS I 323 72.29 -96.12 2.80
C LYS I 323 71.27 -95.46 3.74
N TRP I 324 70.96 -94.20 3.44
CA TRP I 324 70.00 -93.43 4.20
C TRP I 324 69.17 -92.58 3.25
N MET I 325 67.96 -92.24 3.68
CA MET I 325 67.02 -91.54 2.82
C MET I 325 66.21 -90.53 3.63
N ILE I 326 65.82 -89.45 2.95
CA ILE I 326 64.93 -88.44 3.52
C ILE I 326 63.94 -88.06 2.43
N GLU I 327 62.64 -88.15 2.75
CA GLU I 327 61.59 -87.80 1.81
C GLU I 327 60.62 -86.84 2.47
N MET I 328 60.05 -85.96 1.65
CA MET I 328 59.09 -84.97 2.12
C MET I 328 58.10 -84.68 1.00
N GLU I 329 56.81 -84.67 1.35
CA GLU I 329 55.74 -84.43 0.40
C GLU I 329 55.07 -83.11 0.76
N VAL I 330 55.07 -82.16 -0.17
CA VAL I 330 54.52 -80.84 0.05
C VAL I 330 53.68 -80.44 -1.16
N GLY I 331 52.84 -79.44 -0.95
CA GLY I 331 52.02 -78.89 -2.03
C GLY I 331 51.70 -77.45 -1.76
N LEU I 332 51.52 -76.69 -2.84
CA LEU I 332 51.24 -75.28 -2.79
C LEU I 332 49.76 -75.02 -3.07
N ARG I 333 49.27 -73.89 -2.55
CA ARG I 333 47.90 -73.49 -2.75
C ARG I 333 47.82 -71.97 -2.84
N HIS I 334 46.80 -71.50 -3.55
CA HIS I 334 46.59 -70.07 -3.73
C HIS I 334 45.08 -69.82 -3.79
N ARG I 335 44.62 -68.84 -3.01
CA ARG I 335 43.18 -68.55 -2.98
C ARG I 335 42.65 -68.22 -4.36
N ASN I 336 43.26 -67.22 -5.02
CA ASN I 336 42.81 -66.81 -6.34
C ASN I 336 44.02 -66.45 -7.20
N PRO I 337 44.06 -66.87 -8.46
CA PRO I 337 45.21 -66.51 -9.30
C PRO I 337 45.41 -65.01 -9.46
N TYR I 338 44.34 -64.25 -9.59
CA TYR I 338 44.43 -62.81 -9.81
C TYR I 338 44.55 -62.01 -8.52
N ALA I 339 44.79 -62.67 -7.39
CA ALA I 339 44.93 -61.96 -6.13
C ALA I 339 46.32 -61.38 -5.94
N SER I 340 47.36 -62.14 -6.29
CA SER I 340 48.74 -61.70 -6.19
C SER I 340 49.32 -61.50 -7.59
N GLY I 341 50.20 -60.52 -7.71
CA GLY I 341 50.76 -60.16 -9.01
C GLY I 341 52.24 -60.44 -9.13
N VAL I 342 52.75 -60.41 -10.36
CA VAL I 342 54.14 -60.70 -10.65
C VAL I 342 54.63 -59.76 -11.73
N LEU I 343 55.94 -59.48 -11.72
CA LEU I 343 56.56 -58.55 -12.66
C LEU I 343 57.89 -59.12 -13.11
N PHE I 344 58.07 -59.27 -14.42
CA PHE I 344 59.31 -59.75 -15.00
C PHE I 344 60.16 -58.58 -15.45
N THR I 345 61.44 -58.58 -15.07
CA THR I 345 62.35 -57.54 -15.52
C THR I 345 62.53 -57.62 -17.03
N ALA I 346 63.11 -56.56 -17.58
CA ALA I 346 63.36 -56.47 -19.02
C ALA I 346 64.14 -55.20 -19.30
N ALA I 347 64.57 -55.06 -20.55
CA ALA I 347 65.30 -53.87 -20.95
C ALA I 347 64.40 -52.64 -20.90
N GLY I 348 65.01 -51.48 -21.13
CA GLY I 348 64.32 -50.21 -21.07
C GLY I 348 63.69 -49.81 -22.39
N LYS I 349 63.75 -48.51 -22.67
CA LYS I 349 63.18 -47.96 -23.89
C LYS I 349 63.62 -48.74 -25.13
N ASN J 3 -74.61 60.51 9.45
CA ASN J 3 -73.17 60.50 9.09
C ASN J 3 -72.70 59.06 8.89
N PRO J 4 -71.48 58.88 8.37
CA PRO J 4 -70.97 57.51 8.17
C PRO J 4 -70.69 56.83 9.50
N THR J 5 -70.23 55.59 9.40
CA THR J 5 -70.03 54.73 10.57
C THR J 5 -68.57 54.42 10.87
N LEU J 6 -67.62 54.98 10.13
CA LEU J 6 -66.20 54.76 10.41
C LEU J 6 -65.56 56.06 10.88
N PHE J 7 -65.69 57.12 10.09
CA PHE J 7 -65.32 58.48 10.49
C PHE J 7 -63.96 58.49 11.21
N VAL J 8 -62.92 58.16 10.46
CA VAL J 8 -61.59 57.99 11.03
C VAL J 8 -60.89 59.35 11.14
N SER J 9 -61.02 60.00 12.29
CA SER J 9 -60.26 61.19 12.66
C SER J 9 -60.25 62.26 11.57
N TYR J 10 -61.41 62.62 11.04
CA TYR J 10 -61.46 63.53 9.89
C TYR J 10 -61.83 64.96 10.27
N ASP J 11 -62.98 65.17 10.91
CA ASP J 11 -63.43 66.51 11.29
C ASP J 11 -63.61 66.66 12.81
N GLN J 12 -62.80 65.98 13.62
CA GLN J 12 -62.96 66.01 15.07
C GLN J 12 -62.74 67.43 15.56
N ASN J 13 -63.79 68.07 16.05
CA ASN J 13 -63.70 69.41 16.60
C ASN J 13 -63.26 69.36 18.06
N GLY J 14 -62.86 70.52 18.58
CA GLY J 14 -62.38 70.62 19.94
C GLY J 14 -61.00 70.01 20.08
N LYS J 15 -60.05 70.50 19.28
CA LYS J 15 -58.71 69.93 19.26
C LYS J 15 -57.86 70.53 20.36
N LYS J 16 -56.56 70.19 20.34
CA LYS J 16 -55.61 70.65 21.35
C LYS J 16 -54.62 71.68 20.84
N LEU J 17 -54.56 71.91 19.52
CA LEU J 17 -53.74 72.90 18.84
C LEU J 17 -52.26 72.49 18.76
N SER J 18 -51.85 71.42 19.44
CA SER J 18 -50.51 70.84 19.31
C SER J 18 -49.44 71.92 19.11
N PHE J 19 -49.47 72.93 19.96
CA PHE J 19 -48.44 73.96 19.91
C PHE J 19 -47.11 73.41 20.38
N ALA J 20 -46.04 74.12 20.01
CA ALA J 20 -44.69 73.70 20.35
C ALA J 20 -44.31 74.18 21.75
N ASN J 21 -43.07 73.89 22.13
CA ASN J 21 -42.55 74.21 23.46
C ASN J 21 -41.28 75.06 23.35
N TRP J 22 -41.28 76.04 22.45
CA TRP J 22 -40.15 76.95 22.31
C TRP J 22 -40.57 78.13 21.48
N ILE J 23 -39.64 79.08 21.33
CA ILE J 23 -39.80 80.23 20.45
C ILE J 23 -38.46 80.52 19.81
N SER J 24 -38.50 80.90 18.54
CA SER J 24 -37.30 81.11 17.73
C SER J 24 -37.10 82.61 17.57
N VAL J 25 -36.15 83.15 18.34
CA VAL J 25 -35.79 84.56 18.24
C VAL J 25 -34.60 84.63 17.28
N LEU J 26 -34.90 84.80 16.00
CA LEU J 26 -33.87 84.84 14.98
C LEU J 26 -33.15 86.18 14.91
N SER J 27 -33.49 87.12 15.79
CA SER J 27 -32.78 88.39 15.83
C SER J 27 -31.28 88.14 16.00
N PRO J 28 -30.43 88.96 15.39
CA PRO J 28 -28.98 88.73 15.50
C PRO J 28 -28.49 89.04 16.91
N GLN J 29 -28.07 88.00 17.62
CA GLN J 29 -27.56 88.13 18.98
C GLN J 29 -26.07 87.84 19.08
N ASP J 30 -25.37 87.74 17.95
CA ASP J 30 -23.95 87.46 17.98
C ASP J 30 -23.21 88.53 18.78
N THR J 31 -22.64 88.13 19.91
CA THR J 31 -21.90 89.02 20.81
C THR J 31 -20.60 88.35 21.22
N PRO J 32 -19.71 88.08 20.27
CA PRO J 32 -18.45 87.44 20.63
C PRO J 32 -17.51 88.36 21.38
N PHE J 33 -17.57 89.68 21.09
CA PHE J 33 -16.70 90.62 21.79
C PHE J 33 -16.94 90.59 23.29
N VAL J 34 -18.21 90.56 23.70
CA VAL J 34 -18.52 90.54 25.12
C VAL J 34 -18.15 89.19 25.73
N SER J 35 -18.36 88.10 24.98
CA SER J 35 -17.99 86.78 25.47
C SER J 35 -16.48 86.63 25.61
N MET J 36 -15.70 87.41 24.87
CA MET J 36 -14.25 87.34 24.97
C MET J 36 -13.70 88.18 26.11
N THR J 37 -14.18 89.41 26.26
CA THR J 37 -13.68 90.29 27.30
C THR J 37 -13.98 89.72 28.68
N GLY J 38 -13.05 89.93 29.61
CA GLY J 38 -13.22 89.48 30.97
C GLY J 38 -14.18 90.36 31.75
N LYS J 39 -14.36 90.01 33.02
CA LYS J 39 -15.26 90.71 33.91
C LYS J 39 -14.56 90.98 35.24
N GLU J 40 -15.00 92.04 35.92
CA GLU J 40 -14.45 92.39 37.23
C GLU J 40 -15.40 93.35 37.92
N SER J 41 -15.69 93.08 39.19
CA SER J 41 -16.60 93.92 39.96
C SER J 41 -15.84 95.11 40.52
N ILE J 42 -16.32 96.31 40.23
CA ILE J 42 -15.69 97.55 40.68
C ILE J 42 -16.47 98.09 41.87
N ASN J 43 -15.76 98.82 42.74
CA ASN J 43 -16.36 99.35 43.95
C ASN J 43 -17.12 100.65 43.66
N GLN J 44 -16.42 101.65 43.14
CA GLN J 44 -17.00 102.96 42.89
C GLN J 44 -17.24 103.16 41.39
N THR J 45 -18.03 104.20 41.09
CA THR J 45 -18.36 104.49 39.69
C THR J 45 -17.13 104.93 38.91
N ILE J 46 -16.25 105.68 39.55
CA ILE J 46 -15.03 106.16 38.90
C ILE J 46 -13.92 105.15 39.16
N PHE J 47 -13.14 104.87 38.12
CA PHE J 47 -12.01 103.96 38.23
C PHE J 47 -10.91 104.45 37.31
N SER J 48 -9.82 103.69 37.24
CA SER J 48 -8.66 104.09 36.45
C SER J 48 -7.69 102.91 36.40
N TRP J 49 -6.61 103.10 35.66
CA TRP J 49 -5.60 102.07 35.49
C TRP J 49 -4.27 102.73 35.16
N GLN J 50 -3.20 102.22 35.77
CA GLN J 50 -1.88 102.79 35.54
C GLN J 50 -1.17 102.05 34.41
N THR J 51 -0.15 102.69 33.86
CA THR J 51 0.67 102.10 32.81
C THR J 51 1.95 102.91 32.70
N ASP J 52 3.06 102.22 32.40
CA ASP J 52 4.37 102.84 32.30
C ASP J 52 5.01 102.36 31.01
N ALA J 53 6.26 102.80 30.79
CA ALA J 53 6.98 102.42 29.59
C ALA J 53 8.48 102.46 29.89
N LEU J 54 9.19 101.44 29.42
CA LEU J 54 10.63 101.38 29.63
C LEU J 54 11.31 102.56 28.96
N ALA J 55 12.50 102.90 29.45
CA ALA J 55 13.27 104.00 28.91
C ALA J 55 13.96 103.57 27.61
N SER J 56 14.44 104.56 26.87
CA SER J 56 15.08 104.29 25.58
C SER J 56 16.34 103.46 25.78
N VAL J 57 16.59 102.57 24.81
CA VAL J 57 17.75 101.69 24.91
C VAL J 57 19.03 102.50 24.72
N ASP J 58 20.13 101.92 25.20
CA ASP J 58 21.47 102.52 25.08
C ASP J 58 22.44 101.39 24.73
N GLY J 59 22.79 101.30 23.45
CA GLY J 59 23.70 100.26 23.01
C GLY J 59 25.16 100.51 23.36
N ASN J 60 25.46 101.61 24.04
CA ASN J 60 26.82 101.97 24.42
C ASN J 60 26.99 101.91 25.94
N ASN J 61 26.40 100.88 26.56
CA ASN J 61 26.47 100.72 28.01
C ASN J 61 27.81 100.09 28.38
N ALA J 62 28.86 100.91 28.30
CA ALA J 62 30.23 100.51 28.65
C ALA J 62 30.59 101.20 29.96
N HIS J 63 30.23 100.58 31.07
CA HIS J 63 30.53 101.09 32.40
C HIS J 63 31.47 100.14 33.12
N VAL J 64 32.59 100.66 33.59
CA VAL J 64 33.57 99.87 34.33
C VAL J 64 33.13 99.77 35.79
N GLU J 65 33.70 98.82 36.52
CA GLU J 65 33.32 98.63 37.91
C GLU J 65 33.76 99.81 38.78
N GLY J 66 35.05 100.11 38.77
CA GLY J 66 35.56 101.21 39.56
C GLY J 66 35.20 102.56 38.99
N SER J 67 33.90 102.87 38.98
CA SER J 67 33.39 104.13 38.45
C SER J 67 32.26 104.63 39.33
N ARG J 68 31.98 105.92 39.20
CA ARG J 68 30.88 106.54 39.92
C ARG J 68 29.56 106.33 39.18
N ALA J 69 28.46 106.42 39.92
CA ALA J 69 27.13 106.23 39.37
C ALA J 69 26.51 107.58 39.03
N GLU J 70 25.43 107.53 38.25
CA GLU J 70 24.73 108.72 37.79
C GLU J 70 23.58 109.07 38.72
N ASP J 71 23.11 110.31 38.63
CA ASP J 71 21.98 110.76 39.43
C ASP J 71 20.77 109.87 39.19
N GLY J 72 20.49 109.54 37.92
CA GLY J 72 19.36 108.70 37.57
C GLY J 72 18.38 109.41 36.65
N GLU J 73 17.17 108.87 36.54
CA GLU J 73 16.13 109.44 35.70
C GLU J 73 14.83 109.55 36.49
N MET J 74 13.91 110.36 35.95
CA MET J 74 12.57 110.52 36.49
C MET J 74 11.61 109.77 35.59
N LYS J 75 11.10 108.64 36.06
CA LYS J 75 10.20 107.80 35.29
C LYS J 75 8.87 107.64 36.02
N PRO J 76 7.93 108.57 35.88
CA PRO J 76 6.63 108.43 36.56
C PRO J 76 5.81 107.35 35.88
N THR J 77 4.61 107.14 36.42
CA THR J 77 3.61 106.26 35.82
C THR J 77 2.54 107.09 35.15
N VAL J 78 1.90 106.50 34.14
CA VAL J 78 0.85 107.17 33.39
C VAL J 78 -0.49 106.79 34.02
N ILE J 79 -1.33 107.80 34.20
CA ILE J 79 -2.60 107.67 34.90
C ILE J 79 -3.73 108.02 33.96
N LYS J 80 -4.72 107.14 33.88
CA LYS J 80 -5.92 107.35 33.07
C LYS J 80 -7.15 107.30 33.98
N SER J 81 -8.33 107.27 33.35
CA SER J 81 -9.58 107.19 34.08
C SER J 81 -10.71 107.02 33.07
N ASN J 82 -11.81 106.45 33.56
CA ASN J 82 -12.99 106.25 32.71
C ASN J 82 -14.23 106.41 33.59
N VAL J 83 -15.39 106.09 33.04
CA VAL J 83 -16.66 106.19 33.73
C VAL J 83 -17.52 105.00 33.34
N THR J 84 -18.51 104.71 34.19
CA THR J 84 -19.47 103.64 33.94
C THR J 84 -20.78 104.25 33.44
N GLN J 85 -21.29 103.73 32.34
CA GLN J 85 -22.53 104.21 31.75
C GLN J 85 -23.73 103.49 32.38
N ILE J 86 -24.84 104.21 32.49
CA ILE J 86 -26.09 103.67 33.00
C ILE J 86 -27.01 103.38 31.84
N LEU J 87 -27.49 102.14 31.77
CA LEU J 87 -28.40 101.71 30.72
C LEU J 87 -29.42 100.76 31.34
N ARG J 88 -30.69 100.96 30.98
CA ARG J 88 -31.78 100.22 31.59
C ARG J 88 -32.94 100.10 30.60
N LYS J 89 -33.89 99.24 30.96
CA LYS J 89 -35.14 99.10 30.22
C LYS J 89 -36.27 98.84 31.21
N VAL J 90 -37.39 99.52 31.01
CA VAL J 90 -38.55 99.39 31.87
C VAL J 90 -39.59 98.53 31.17
N VAL J 91 -40.41 97.86 31.97
CA VAL J 91 -41.49 97.02 31.45
C VAL J 91 -42.61 96.97 32.49
N ARG J 92 -43.84 96.99 32.00
CA ARG J 92 -45.02 96.94 32.86
C ARG J 92 -46.02 95.96 32.27
N VAL J 93 -46.61 95.12 33.12
CA VAL J 93 -47.62 94.15 32.72
C VAL J 93 -48.72 94.14 33.77
N SER J 94 -49.69 93.24 33.58
CA SER J 94 -50.81 93.08 34.49
C SER J 94 -50.86 91.64 34.99
N ASP J 95 -51.37 91.47 36.21
CA ASP J 95 -51.45 90.14 36.80
C ASP J 95 -52.34 89.22 35.96
N THR J 96 -53.37 89.79 35.33
CA THR J 96 -54.26 88.97 34.51
C THR J 96 -53.55 88.32 33.33
N ALA J 97 -52.46 88.92 32.84
CA ALA J 97 -51.71 88.37 31.73
C ALA J 97 -50.50 87.55 32.17
N ASN J 98 -50.10 87.64 33.44
CA ASN J 98 -48.95 86.89 33.93
C ASN J 98 -49.32 85.50 34.40
N THR J 99 -50.56 85.30 34.85
CA THR J 99 -50.99 83.98 35.32
C THR J 99 -51.48 83.08 34.19
N THR J 100 -51.64 83.63 32.99
CA THR J 100 -52.16 82.84 31.88
C THR J 100 -51.15 81.77 31.47
N ALA J 101 -51.59 80.52 31.42
CA ALA J 101 -50.74 79.41 31.04
C ALA J 101 -50.62 79.40 29.51
N ASN J 102 -49.52 79.94 29.01
CA ASN J 102 -49.29 79.98 27.57
C ASN J 102 -48.81 78.62 27.07
N TYR J 103 -48.63 78.52 25.76
CA TYR J 103 -48.25 77.28 25.10
C TYR J 103 -46.80 77.26 24.66
N GLY J 104 -46.27 78.38 24.17
CA GLY J 104 -44.88 78.47 23.78
C GLY J 104 -44.16 79.63 24.43
N ARG J 105 -44.93 80.60 24.94
CA ARG J 105 -44.34 81.78 25.55
C ARG J 105 -43.75 81.48 26.92
N GLY J 106 -44.02 80.31 27.49
CA GLY J 106 -43.50 79.98 28.81
C GLY J 106 -44.22 80.76 29.89
N ARG J 107 -44.00 82.07 29.89
CA ARG J 107 -44.70 82.99 30.77
C ARG J 107 -44.88 84.31 30.04
N GLU J 108 -45.25 85.36 30.77
CA GLU J 108 -45.41 86.68 30.19
C GLU J 108 -44.42 87.69 30.74
N LEU J 109 -43.83 87.45 31.92
CA LEU J 109 -42.93 88.41 32.54
C LEU J 109 -41.47 88.00 32.38
N MET J 110 -41.10 86.85 32.95
CA MET J 110 -39.70 86.42 32.91
C MET J 110 -39.18 86.30 31.49
N TYR J 111 -40.01 85.82 30.56
CA TYR J 111 -39.59 85.74 29.17
C TYR J 111 -39.27 87.11 28.62
N GLN J 112 -40.14 88.09 28.86
CA GLN J 112 -39.87 89.47 28.45
C GLN J 112 -38.63 90.00 29.16
N LEU J 113 -38.41 89.59 30.41
CA LEU J 113 -37.24 90.05 31.14
C LEU J 113 -35.96 89.56 30.48
N GLU J 114 -35.91 88.27 30.12
CA GLU J 114 -34.75 87.75 29.40
C GLU J 114 -34.59 88.41 28.04
N LYS J 115 -35.70 88.67 27.35
CA LYS J 115 -35.64 89.40 26.08
C LYS J 115 -34.97 90.76 26.26
N LYS J 116 -35.42 91.53 27.25
CA LYS J 116 -34.83 92.84 27.50
C LYS J 116 -33.38 92.72 27.94
N GLY J 117 -33.04 91.66 28.67
CA GLY J 117 -31.65 91.46 29.07
C GLY J 117 -30.74 91.24 27.88
N LYS J 118 -31.15 90.39 26.95
CA LYS J 118 -30.37 90.18 25.74
C LYS J 118 -30.29 91.46 24.92
N GLU J 119 -31.40 92.21 24.83
CA GLU J 119 -31.37 93.47 24.11
C GLU J 119 -30.38 94.44 24.74
N ILE J 120 -30.34 94.51 26.07
CA ILE J 120 -29.41 95.40 26.74
C ILE J 120 -27.98 94.94 26.52
N LYS J 121 -27.76 93.62 26.50
CA LYS J 121 -26.42 93.09 26.22
C LYS J 121 -25.94 93.55 24.85
N ARG J 122 -26.78 93.37 23.83
CA ARG J 122 -26.37 93.77 22.49
C ARG J 122 -26.22 95.28 22.36
N ASP J 123 -27.10 96.05 23.02
CA ASP J 123 -26.98 97.51 22.97
C ASP J 123 -25.68 97.97 23.62
N LEU J 124 -25.29 97.32 24.71
CA LEU J 124 -24.02 97.66 25.35
C LEU J 124 -22.84 97.27 24.47
N GLU J 125 -22.92 96.12 23.81
CA GLU J 125 -21.85 95.75 22.89
C GLU J 125 -21.75 96.77 21.75
N LYS J 126 -22.88 97.36 21.35
CA LYS J 126 -22.84 98.37 20.30
C LYS J 126 -22.23 99.67 20.82
N ILE J 127 -22.64 100.10 22.02
CA ILE J 127 -22.16 101.38 22.54
C ILE J 127 -20.68 101.31 22.85
N LEU J 128 -20.19 100.14 23.26
CA LEU J 128 -18.77 99.99 23.60
C LEU J 128 -17.88 100.18 22.39
N LEU J 129 -18.38 99.91 21.18
CA LEU J 129 -17.59 100.06 19.96
C LEU J 129 -18.00 101.25 19.12
N SER J 130 -19.11 101.91 19.44
CA SER J 130 -19.53 103.08 18.66
C SER J 130 -18.47 104.17 18.67
N GLY J 131 -17.70 104.28 19.75
CA GLY J 131 -16.63 105.25 19.81
C GLY J 131 -17.00 106.57 20.47
N GLN J 132 -17.91 106.56 21.44
CA GLN J 132 -18.29 107.78 22.12
C GLN J 132 -17.25 108.16 23.17
N ALA J 133 -17.14 109.45 23.42
CA ALA J 133 -16.21 109.98 24.39
C ALA J 133 -16.91 110.19 25.73
N ARG J 134 -16.14 110.68 26.71
CA ARG J 134 -16.66 110.90 28.06
C ARG J 134 -17.27 112.30 28.14
N THR J 135 -18.59 112.35 28.22
CA THR J 135 -19.34 113.60 28.36
C THR J 135 -19.66 113.76 29.85
N ASP J 136 -18.69 114.31 30.59
CA ASP J 136 -18.81 114.46 32.03
C ASP J 136 -18.47 115.88 32.43
N VAL J 137 -19.05 116.32 33.56
CA VAL J 137 -18.79 117.67 34.06
C VAL J 137 -17.56 117.74 34.95
N LEU J 138 -17.08 116.61 35.44
CA LEU J 138 -15.98 116.58 36.39
C LEU J 138 -14.66 116.84 35.68
N ALA J 139 -13.79 117.62 36.32
CA ALA J 139 -12.46 117.88 35.79
C ALA J 139 -11.52 116.76 36.23
N ASP J 140 -10.24 116.89 35.92
CA ASP J 140 -9.24 115.87 36.25
C ASP J 140 -8.59 116.10 37.61
N GLN J 141 -9.22 116.88 38.49
CA GLN J 141 -8.64 117.21 39.79
C GLN J 141 -8.82 116.11 40.84
N TYR J 142 -9.13 114.87 40.43
CA TYR J 142 -9.35 113.80 41.39
C TYR J 142 -8.20 113.67 42.38
N LEU J 143 -6.97 113.79 41.89
CA LEU J 143 -5.78 113.47 42.67
C LEU J 143 -5.24 114.69 43.42
N THR J 144 -6.12 115.63 43.78
CA THR J 144 -5.74 116.80 44.56
C THR J 144 -5.82 116.56 46.07
N ASN J 145 -5.67 115.31 46.51
CA ASN J 145 -5.80 114.93 47.92
C ASN J 145 -7.25 114.99 48.38
N SER J 146 -8.20 114.96 47.45
CA SER J 146 -9.61 115.07 47.79
C SER J 146 -10.42 114.59 46.58
N ALA J 147 -11.72 114.82 46.63
CA ALA J 147 -12.64 114.50 45.55
C ALA J 147 -13.08 115.79 44.87
N ALA J 148 -13.59 115.67 43.65
CA ALA J 148 -13.98 116.85 42.88
C ALA J 148 -15.42 117.24 43.20
N ASP J 149 -15.72 117.43 44.48
CA ASP J 149 -17.06 117.87 44.88
C ASP J 149 -17.33 119.31 44.50
N PRO J 150 -16.39 120.26 44.70
CA PRO J 150 -16.69 121.66 44.38
C PRO J 150 -16.94 121.92 42.90
N ALA J 151 -16.82 120.92 42.04
CA ALA J 151 -17.11 121.08 40.62
C ALA J 151 -18.56 120.81 40.26
N VAL J 152 -19.31 120.14 41.14
CA VAL J 152 -20.74 119.91 40.94
C VAL J 152 -21.47 120.31 42.19
N ALA J 153 -20.88 121.23 42.97
CA ALA J 153 -21.46 121.63 44.24
C ALA J 153 -22.79 122.33 44.04
N GLY J 154 -22.85 123.25 43.06
CA GLY J 154 -24.09 123.99 42.81
C GLY J 154 -25.21 123.13 42.25
N LEU J 155 -24.93 121.91 41.83
CA LEU J 155 -25.92 121.00 41.28
C LEU J 155 -26.42 120.08 42.38
N ASN J 156 -27.73 119.88 42.44
CA ASN J 156 -28.36 119.00 43.41
C ASN J 156 -29.01 117.78 42.78
N ASP J 157 -29.68 117.93 41.64
CA ASP J 157 -30.28 116.82 40.93
C ASP J 157 -30.28 117.16 39.44
N THR J 158 -30.83 116.27 38.63
CA THR J 158 -30.91 116.41 37.18
C THR J 158 -29.54 116.40 36.51
N HIS J 159 -28.60 115.60 37.04
CA HIS J 159 -27.29 115.52 36.43
C HIS J 159 -27.40 115.12 34.96
N ALA J 160 -26.51 115.68 34.15
CA ALA J 160 -26.47 115.34 32.73
C ALA J 160 -26.16 113.87 32.55
N ALA J 161 -26.38 113.38 31.33
CA ALA J 161 -26.13 111.98 31.03
C ALA J 161 -24.66 111.64 31.31
N ARG J 162 -24.40 110.34 31.47
CA ARG J 162 -23.07 109.83 31.77
C ARG J 162 -22.66 108.87 30.68
N LYS J 163 -21.66 109.25 29.89
CA LYS J 163 -21.17 108.45 28.78
C LYS J 163 -19.77 107.96 29.10
N THR J 164 -19.59 106.63 29.04
CA THR J 164 -18.30 106.03 29.32
C THR J 164 -17.36 106.22 28.13
N GLY J 165 -16.07 105.97 28.37
CA GLY J 165 -15.10 106.00 27.29
C GLY J 165 -15.17 104.72 26.48
N ALA J 166 -15.34 104.86 25.18
CA ALA J 166 -15.52 103.72 24.29
C ALA J 166 -14.18 103.27 23.72
N PHE J 167 -14.25 102.33 22.78
CA PHE J 167 -13.03 101.79 22.16
C PHE J 167 -12.22 102.90 21.50
N GLN J 168 -12.86 103.70 20.65
CA GLN J 168 -12.14 104.73 19.92
C GLN J 168 -11.55 105.78 20.85
N PHE J 169 -12.22 106.07 21.97
CA PHE J 169 -11.74 107.09 22.89
C PHE J 169 -10.60 106.56 23.75
N LEU J 170 -10.75 105.35 24.30
CA LEU J 170 -9.72 104.79 25.17
C LEU J 170 -8.40 104.58 24.43
N CYS J 171 -8.43 104.42 23.11
CA CYS J 171 -7.22 104.29 22.33
C CYS J 171 -6.62 105.69 22.15
N ALA J 172 -5.62 105.80 21.27
CA ALA J 172 -5.02 107.09 20.99
C ALA J 172 -5.96 107.91 20.11
N HIS J 173 -6.94 108.58 20.72
CA HIS J 173 -7.94 109.31 19.96
C HIS J 173 -7.29 110.42 19.13
N GLY J 174 -6.42 111.20 19.73
CA GLY J 174 -5.75 112.30 19.05
C GLY J 174 -6.62 113.51 18.80
N GLY J 175 -7.91 113.45 19.07
CA GLY J 175 -8.78 114.58 18.85
C GLY J 175 -10.23 114.21 19.04
N LEU J 176 -11.09 115.22 18.91
CA LEU J 176 -12.52 115.03 19.06
C LEU J 176 -13.23 116.01 18.14
N ALA J 177 -14.50 115.71 17.83
CA ALA J 177 -15.31 116.56 16.98
C ALA J 177 -16.74 116.53 17.50
N GLY J 178 -17.10 117.52 18.31
CA GLY J 178 -18.45 117.66 18.81
C GLY J 178 -18.92 116.58 19.76
N GLY J 179 -18.06 115.60 20.08
CA GLY J 179 -18.46 114.53 20.97
C GLY J 179 -17.98 113.18 20.51
N VAL J 180 -17.71 113.04 19.21
CA VAL J 180 -17.24 111.80 18.62
C VAL J 180 -15.77 111.97 18.23
N VAL J 181 -15.05 110.85 18.22
CA VAL J 181 -13.65 110.88 17.82
C VAL J 181 -13.54 111.37 16.38
N ASP J 182 -12.42 112.02 16.07
CA ASP J 182 -12.19 112.54 14.74
C ASP J 182 -11.72 111.42 13.84
N LYS J 183 -12.40 111.24 12.70
CA LYS J 183 -12.10 110.17 11.77
C LYS J 183 -10.98 110.51 10.79
N THR J 184 -10.61 111.78 10.67
CA THR J 184 -9.58 112.23 9.76
C THR J 184 -8.30 112.68 10.47
N LYS J 185 -8.00 112.09 11.63
CA LYS J 185 -6.82 112.48 12.40
C LYS J 185 -6.11 111.24 12.91
N ASN J 186 -4.80 111.21 12.72
CA ASN J 186 -3.97 110.13 13.27
C ASN J 186 -3.57 110.48 14.71
N GLY J 187 -2.93 109.52 15.38
CA GLY J 187 -2.52 109.69 16.74
C GLY J 187 -1.10 110.23 16.87
N PRO J 188 -0.73 110.66 18.06
CA PRO J 188 0.65 111.13 18.27
C PRO J 188 1.62 109.98 18.43
N ALA J 189 2.90 110.29 18.20
CA ALA J 189 3.96 109.31 18.37
C ALA J 189 4.27 109.14 19.85
N ASP J 190 4.44 107.90 20.29
CA ASP J 190 4.69 107.62 21.68
C ASP J 190 6.07 108.15 22.08
N PRO J 191 6.20 108.81 23.23
CA PRO J 191 7.54 109.28 23.63
C PRO J 191 8.59 108.18 23.70
N ASP J 192 8.18 106.94 23.99
CA ASP J 192 9.14 105.86 24.10
C ASP J 192 9.58 105.36 22.73
N THR J 193 8.64 105.20 21.80
CA THR J 193 8.93 104.70 20.47
C THR J 193 8.07 105.43 19.46
N GLY J 194 8.59 105.55 18.23
CA GLY J 194 7.88 106.24 17.18
C GLY J 194 6.72 105.44 16.62
N ALA J 195 5.75 105.13 17.46
CA ALA J 195 4.59 104.34 17.07
C ALA J 195 3.33 105.18 17.10
N VAL J 196 2.42 104.90 16.17
CA VAL J 196 1.12 105.55 16.09
C VAL J 196 0.08 104.46 15.89
N THR J 197 -0.58 104.05 16.97
CA THR J 197 -1.55 102.96 16.86
C THR J 197 -2.76 103.36 16.04
N VAL J 198 -3.22 104.61 16.15
CA VAL J 198 -4.37 105.10 15.43
C VAL J 198 -3.89 105.91 14.23
N LYS J 199 -4.54 105.72 13.08
CA LYS J 199 -4.11 106.35 11.85
C LYS J 199 -5.26 106.27 10.85
N VAL J 200 -5.43 107.35 10.08
CA VAL J 200 -6.45 107.41 9.03
C VAL J 200 -5.80 107.01 7.72
N ALA J 201 -6.48 106.14 6.97
CA ALA J 201 -5.92 105.65 5.71
C ALA J 201 -5.81 106.77 4.68
N GLN J 202 -4.79 106.66 3.83
CA GLN J 202 -4.60 107.55 2.68
C GLN J 202 -4.31 106.66 1.47
N ASN J 203 -5.36 106.19 0.81
CA ASN J 203 -5.18 105.31 -0.34
C ASN J 203 -4.51 106.04 -1.49
N ALA J 204 -5.10 107.15 -1.92
CA ALA J 204 -4.59 107.97 -3.03
C ALA J 204 -4.50 107.18 -4.33
N SER J 205 -5.22 106.06 -4.42
CA SER J 205 -5.22 105.23 -5.63
C SER J 205 -6.61 104.85 -6.11
N ASN J 206 -7.62 104.86 -5.26
CA ASN J 206 -8.97 104.47 -5.62
C ASN J 206 -9.85 105.69 -5.80
N PRO J 207 -11.03 105.53 -6.41
CA PRO J 207 -11.92 106.68 -6.58
C PRO J 207 -12.35 107.27 -5.25
N THR J 208 -13.04 108.41 -5.30
CA THR J 208 -13.52 109.08 -4.09
C THR J 208 -14.82 108.49 -3.56
N THR J 209 -15.21 107.31 -4.05
CA THR J 209 -16.42 106.63 -3.60
C THR J 209 -16.13 105.16 -3.32
N ASN J 210 -14.90 104.84 -2.94
CA ASN J 210 -14.47 103.48 -2.64
C ASN J 210 -13.77 103.44 -1.29
N ILE J 211 -14.43 104.02 -0.28
CA ILE J 211 -13.85 104.15 1.05
C ILE J 211 -13.36 102.79 1.53
N GLY J 212 -12.07 102.70 1.83
CA GLY J 212 -11.49 101.45 2.28
C GLY J 212 -10.05 101.67 2.69
N PHE J 213 -9.40 100.57 3.07
CA PHE J 213 -8.02 100.57 3.52
C PHE J 213 -7.21 99.63 2.64
N ASP J 214 -6.16 100.15 2.02
CA ASP J 214 -5.34 99.36 1.12
C ASP J 214 -4.33 98.50 1.89
N GLU J 215 -3.60 97.68 1.14
CA GLU J 215 -2.62 96.78 1.75
C GLU J 215 -1.54 97.56 2.49
N ALA J 216 -1.11 98.69 1.92
CA ALA J 216 -0.05 99.48 2.54
C ALA J 216 -0.48 99.96 3.92
N ASP J 217 -1.75 100.34 4.07
CA ASP J 217 -2.24 100.80 5.37
C ASP J 217 -2.14 99.69 6.41
N ILE J 218 -2.59 98.48 6.07
CA ILE J 218 -2.55 97.37 7.01
C ILE J 218 -1.11 97.02 7.36
N PHE J 219 -0.23 97.01 6.36
CA PHE J 219 1.17 96.69 6.62
C PHE J 219 1.80 97.73 7.55
N ASP J 220 1.54 99.01 7.31
CA ASP J 220 2.12 100.05 8.16
C ASP J 220 1.53 99.98 9.57
N MET J 221 0.24 99.67 9.68
CA MET J 221 -0.37 99.53 11.00
C MET J 221 0.26 98.38 11.77
N THR J 222 0.47 97.24 11.11
CA THR J 222 1.12 96.11 11.78
C THR J 222 2.55 96.48 12.15
N LEU J 223 3.24 97.23 11.31
CA LEU J 223 4.60 97.67 11.63
C LEU J 223 4.62 98.53 12.87
N GLN J 224 3.71 99.51 12.95
CA GLN J 224 3.66 100.38 14.11
C GLN J 224 3.29 99.60 15.37
N LEU J 225 2.32 98.69 15.26
CA LEU J 225 1.93 97.90 16.42
C LEU J 225 3.09 97.03 16.90
N TYR J 226 3.83 96.42 15.98
CA TYR J 226 4.98 95.63 16.37
C TYR J 226 6.06 96.48 17.01
N THR J 227 6.31 97.67 16.47
CA THR J 227 7.26 98.57 17.10
C THR J 227 6.82 98.96 18.50
N ALA J 228 5.52 99.09 18.72
CA ALA J 228 4.99 99.43 20.04
C ALA J 228 4.95 98.24 20.99
N GLY J 229 5.37 97.06 20.54
CA GLY J 229 5.36 95.90 21.40
C GLY J 229 3.98 95.44 21.81
N SER J 230 2.94 95.82 21.07
CA SER J 230 1.56 95.47 21.40
C SER J 230 1.17 94.23 20.61
N GLU J 231 0.81 93.16 21.33
CA GLU J 231 0.39 91.93 20.68
C GLU J 231 -1.05 92.05 20.24
N ALA J 232 -1.29 91.83 18.94
CA ALA J 232 -2.63 91.88 18.38
C ALA J 232 -2.86 90.64 17.54
N ASP J 233 -4.04 90.04 17.68
CA ASP J 233 -4.36 88.82 16.94
C ASP J 233 -5.80 88.78 16.45
N ILE J 234 -6.55 89.88 16.51
CA ILE J 234 -7.93 89.93 16.09
C ILE J 234 -8.19 91.21 15.31
N ILE J 235 -9.07 91.12 14.33
CA ILE J 235 -9.43 92.24 13.46
C ILE J 235 -10.94 92.21 13.29
N MET J 236 -11.64 93.12 13.96
CA MET J 236 -13.09 93.21 13.86
C MET J 236 -13.47 94.20 12.77
N ILE J 237 -14.35 93.78 11.87
CA ILE J 237 -14.77 94.59 10.73
C ILE J 237 -16.27 94.46 10.56
N ASN J 238 -16.82 95.31 9.69
CA ASN J 238 -18.23 95.32 9.34
C ASN J 238 -18.48 94.49 8.09
N PRO J 239 -19.62 93.79 8.00
CA PRO J 239 -19.88 92.94 6.82
C PRO J 239 -19.74 93.69 5.50
N ALA J 240 -19.95 95.00 5.51
CA ALA J 240 -19.90 95.80 4.29
C ALA J 240 -18.48 96.08 3.82
N HIS J 241 -17.48 95.44 4.42
CA HIS J 241 -16.08 95.65 4.05
C HIS J 241 -15.26 94.37 3.95
N ALA J 242 -15.87 93.19 4.10
CA ALA J 242 -15.11 91.95 4.03
C ALA J 242 -14.47 91.74 2.66
N LYS J 243 -15.02 92.37 1.61
CA LYS J 243 -14.42 92.25 0.30
C LYS J 243 -12.95 92.64 0.31
N ILE J 244 -12.56 93.54 1.22
CA ILE J 244 -11.16 93.96 1.30
C ILE J 244 -10.27 92.77 1.64
N PHE J 245 -10.58 92.07 2.73
CA PHE J 245 -9.79 90.91 3.11
C PHE J 245 -9.95 89.77 2.10
N ALA J 246 -11.12 89.69 1.47
CA ALA J 246 -11.30 88.72 0.40
C ALA J 246 -10.27 88.92 -0.70
N GLY J 247 -10.19 90.14 -1.23
CA GLY J 247 -9.19 90.46 -2.24
C GLY J 247 -7.76 90.38 -1.73
N LEU J 248 -7.54 90.60 -0.43
CA LEU J 248 -6.20 90.53 0.12
C LEU J 248 -5.70 89.10 0.19
N GLN J 249 -6.49 88.20 0.78
CA GLN J 249 -6.08 86.81 0.89
C GLN J 249 -5.69 86.23 -0.46
N GLU J 250 -6.41 86.60 -1.52
CA GLU J 250 -6.05 86.15 -2.86
C GLU J 250 -4.76 86.78 -3.36
N ASN J 251 -4.29 87.85 -2.73
CA ASN J 251 -3.07 88.52 -3.15
C ASN J 251 -1.84 88.06 -2.38
N THR J 252 -2.01 87.51 -1.17
CA THR J 252 -0.92 86.98 -0.39
C THR J 252 -1.13 85.50 -0.08
N GLN J 253 -1.58 84.73 -1.07
CA GLN J 253 -1.91 83.32 -0.85
C GLN J 253 -0.70 82.54 -0.36
N GLY J 254 0.43 82.69 -1.05
CA GLY J 254 1.60 81.88 -0.74
C GLY J 254 2.13 82.10 0.66
N SER J 255 1.91 83.29 1.23
CA SER J 255 2.43 83.63 2.54
C SER J 255 1.40 83.49 3.65
N ARG J 256 0.13 83.26 3.31
CA ARG J 256 -0.91 83.16 4.32
C ARG J 256 -0.65 81.97 5.25
N LYS J 257 -0.45 82.25 6.53
CA LYS J 257 -0.20 81.20 7.51
C LYS J 257 -1.54 80.61 7.93
N ARG J 258 -1.94 79.54 7.27
CA ARG J 258 -3.22 78.89 7.56
C ARG J 258 -3.15 78.17 8.90
N ILE J 259 -4.01 78.59 9.83
CA ILE J 259 -4.08 78.01 11.16
C ILE J 259 -5.39 77.25 11.28
N PHE J 260 -5.34 76.09 11.93
CA PHE J 260 -6.49 75.21 12.06
C PHE J 260 -6.87 75.01 13.52
N GLU J 261 -8.04 74.42 13.73
CA GLU J 261 -8.59 74.16 15.05
C GLU J 261 -9.11 72.73 15.10
N ASN J 262 -8.47 71.89 15.91
CA ASN J 262 -8.93 70.52 16.07
C ASN J 262 -10.15 70.45 16.98
N THR J 263 -11.02 69.48 16.69
CA THR J 263 -12.22 69.28 17.50
C THR J 263 -12.54 67.81 17.74
N LYS J 264 -11.62 66.89 17.47
CA LYS J 264 -11.73 65.45 17.64
C LYS J 264 -12.62 64.83 16.56
N GLN J 265 -13.30 65.62 15.73
CA GLN J 265 -14.09 65.10 14.62
C GLN J 265 -13.96 65.94 13.36
N PHE J 266 -13.45 67.17 13.46
CA PHE J 266 -13.34 68.06 12.32
C PHE J 266 -12.18 69.02 12.57
N ILE J 267 -11.68 69.61 11.49
CA ILE J 267 -10.55 70.53 11.56
C ILE J 267 -10.99 71.80 10.84
N TYR J 268 -11.43 72.80 11.61
CA TYR J 268 -11.97 74.04 11.05
C TYR J 268 -10.83 75.03 10.87
N GLU J 269 -10.53 75.38 9.61
CA GLU J 269 -9.53 76.40 9.35
C GLU J 269 -10.09 77.77 9.69
N VAL J 270 -9.27 78.59 10.35
CA VAL J 270 -9.67 79.94 10.75
C VAL J 270 -9.32 80.91 9.63
N ASN J 271 -10.14 81.95 9.51
CA ASN J 271 -9.91 83.01 8.53
C ASN J 271 -8.95 84.03 9.11
N SER J 272 -7.67 83.68 9.05
CA SER J 272 -6.59 84.50 9.61
C SER J 272 -5.78 85.13 8.50
N ILE J 273 -5.46 86.40 8.66
CA ILE J 273 -4.62 87.15 7.74
C ILE J 273 -3.29 87.45 8.43
N THR J 274 -2.20 87.30 7.70
CA THR J 274 -0.86 87.53 8.22
C THR J 274 -0.20 88.71 7.50
N ASP J 275 0.66 89.39 8.22
CA ASP J 275 1.44 90.51 7.70
C ASP J 275 2.81 90.03 7.25
N PRO J 276 3.52 90.83 6.45
CA PRO J 276 4.89 90.44 6.07
C PRO J 276 5.79 90.23 7.26
N LEU J 277 5.47 90.80 8.42
CA LEU J 277 6.27 90.63 9.62
C LEU J 277 6.09 89.27 10.28
N GLY J 278 5.25 88.40 9.71
CA GLY J 278 5.08 87.06 10.22
C GLY J 278 3.96 86.88 11.23
N GLN J 279 3.36 87.97 11.70
CA GLN J 279 2.29 87.86 12.68
C GLN J 279 0.95 87.62 12.02
N SER J 280 0.12 86.78 12.63
CA SER J 280 -1.20 86.45 12.13
C SER J 280 -2.26 87.22 12.91
N TYR J 281 -3.43 87.38 12.28
CA TYR J 281 -4.54 88.10 12.88
C TYR J 281 -5.84 87.45 12.46
N LYS J 282 -6.71 87.16 13.42
CA LYS J 282 -8.03 86.64 13.08
C LYS J 282 -8.92 87.74 12.55
N ILE J 283 -9.94 87.33 11.79
CA ILE J 283 -10.88 88.25 11.15
C ILE J 283 -12.27 87.85 11.62
N ILE J 284 -12.90 88.72 12.41
CA ILE J 284 -14.24 88.49 12.93
C ILE J 284 -15.15 89.61 12.41
N VAL J 285 -16.41 89.28 12.16
CA VAL J 285 -17.38 90.24 11.66
C VAL J 285 -18.41 90.51 12.74
N ASN J 286 -18.89 91.74 12.79
CA ASN J 286 -19.87 92.16 13.78
C ASN J 286 -20.73 93.26 13.19
N ARG J 287 -22.05 93.16 13.41
CA ARG J 287 -22.95 94.20 12.96
C ARG J 287 -22.88 95.44 13.83
N TRP J 288 -22.26 95.34 15.00
CA TRP J 288 -22.20 96.42 15.96
C TRP J 288 -21.09 97.42 15.66
N MET J 289 -20.30 97.17 14.62
CA MET J 289 -19.23 98.08 14.25
C MET J 289 -19.81 99.34 13.61
N PRO J 290 -19.09 100.45 13.67
CA PRO J 290 -19.60 101.70 13.07
C PRO J 290 -19.66 101.67 11.55
N THR J 291 -19.10 100.63 10.91
CA THR J 291 -19.10 100.39 9.48
C THR J 291 -18.09 101.27 8.76
N ASP J 292 -17.38 102.15 9.45
CA ASP J 292 -16.42 103.06 8.82
C ASP J 292 -15.01 102.90 9.38
N ALA J 293 -14.75 101.85 10.15
CA ALA J 293 -13.43 101.67 10.74
C ALA J 293 -13.28 100.22 11.21
N VAL J 294 -12.03 99.85 11.51
CA VAL J 294 -11.70 98.54 12.02
C VAL J 294 -10.82 98.70 13.25
N TYR J 295 -10.77 97.66 14.07
CA TYR J 295 -10.04 97.69 15.34
C TYR J 295 -9.03 96.55 15.38
N PHE J 296 -7.79 96.89 15.72
CA PHE J 296 -6.72 95.92 15.90
C PHE J 296 -6.38 95.85 17.39
N PHE J 297 -6.68 94.72 18.01
CA PHE J 297 -6.51 94.57 19.46
C PHE J 297 -6.17 93.11 19.77
N ARG J 298 -6.14 92.80 21.07
CA ARG J 298 -5.75 91.49 21.56
C ARG J 298 -6.92 90.68 22.13
N SER J 299 -8.00 91.33 22.53
CA SER J 299 -9.20 90.74 23.12
C SER J 299 -8.97 90.33 24.57
N ALA J 300 -7.79 90.58 25.13
CA ALA J 300 -7.52 90.32 26.54
C ALA J 300 -7.04 91.54 27.31
N ASP J 301 -6.64 92.61 26.63
CA ASP J 301 -6.26 93.85 27.29
C ASP J 301 -7.46 94.71 27.63
N TRP J 302 -8.65 94.34 27.17
CA TRP J 302 -9.88 95.08 27.45
C TRP J 302 -10.76 94.27 28.40
N THR J 303 -11.35 94.97 29.36
CA THR J 303 -12.25 94.35 30.31
C THR J 303 -13.42 95.28 30.59
N GLN J 304 -14.50 94.71 31.11
CA GLN J 304 -15.75 95.44 31.35
C GLN J 304 -15.94 95.54 32.85
N MET J 305 -15.59 96.70 33.41
CA MET J 305 -15.72 96.93 34.84
C MET J 305 -17.20 97.07 35.20
N VAL J 306 -17.73 96.07 35.89
CA VAL J 306 -19.15 96.03 36.26
C VAL J 306 -19.32 96.61 37.65
N LEU J 307 -20.42 97.34 37.86
CA LEU J 307 -20.72 97.97 39.14
C LEU J 307 -22.11 97.64 39.65
N ARG J 308 -23.10 97.55 38.78
CA ARG J 308 -24.48 97.37 39.19
C ARG J 308 -24.92 95.91 39.26
N ALA J 309 -24.14 94.99 38.70
CA ALA J 309 -24.48 93.58 38.76
C ALA J 309 -25.89 93.33 38.22
N PRO J 310 -26.08 93.35 36.88
CA PRO J 310 -27.44 93.24 36.31
C PRO J 310 -28.36 92.31 37.07
N LYS J 311 -29.55 92.81 37.38
CA LYS J 311 -30.55 92.07 38.14
C LYS J 311 -31.94 92.50 37.69
N ARG J 312 -32.87 91.55 37.75
CA ARG J 312 -34.27 91.83 37.41
C ARG J 312 -34.94 92.43 38.64
N THR J 313 -34.82 93.74 38.79
CA THR J 313 -35.36 94.43 39.94
C THR J 313 -36.85 94.67 39.78
N GLU J 314 -37.52 94.87 40.91
CA GLU J 314 -38.95 95.12 40.96
C GLU J 314 -39.22 96.52 41.48
N LEU J 315 -40.42 97.03 41.19
CA LEU J 315 -40.83 98.37 41.61
C LEU J 315 -42.22 98.28 42.23
N ALA J 316 -42.75 99.44 42.61
CA ALA J 316 -44.06 99.52 43.23
C ALA J 316 -45.16 99.22 42.22
N LYS J 317 -46.38 99.07 42.73
CA LYS J 317 -47.54 98.69 41.94
C LYS J 317 -48.59 99.78 41.85
N ASP J 318 -49.07 100.28 42.99
CA ASP J 318 -50.12 101.28 43.02
C ASP J 318 -51.30 100.88 42.12
N GLY J 319 -51.55 99.58 42.04
CA GLY J 319 -52.63 99.08 41.21
C GLY J 319 -52.38 97.64 40.83
N SER J 320 -53.11 97.19 39.81
CA SER J 320 -52.97 95.82 39.32
C SER J 320 -51.78 95.66 38.39
N TYR J 321 -51.26 96.75 37.84
CA TYR J 321 -50.15 96.65 36.90
C TYR J 321 -48.85 96.36 37.64
N GLU J 322 -48.11 95.39 37.12
CA GLU J 322 -46.88 94.91 37.74
C GLU J 322 -45.71 95.38 36.88
N LYS J 323 -44.79 96.12 37.51
CA LYS J 323 -43.71 96.79 36.80
C LYS J 323 -42.38 96.32 37.36
N TRP J 324 -41.43 96.02 36.46
CA TRP J 324 -40.09 95.60 36.82
C TRP J 324 -39.09 96.43 36.03
N MET J 325 -37.81 96.25 36.37
CA MET J 325 -36.73 96.96 35.68
C MET J 325 -35.48 96.09 35.70
N ILE J 326 -34.52 96.48 34.87
CA ILE J 326 -33.23 95.81 34.80
C ILE J 326 -32.18 96.83 34.39
N GLU J 327 -31.22 97.08 35.28
CA GLU J 327 -30.23 98.13 35.09
C GLU J 327 -28.82 97.56 35.12
N MET J 328 -27.88 98.36 34.63
CA MET J 328 -26.48 97.97 34.57
C MET J 328 -25.61 99.22 34.60
N GLU J 329 -24.47 99.12 35.27
CA GLU J 329 -23.45 100.16 35.28
C GLU J 329 -22.12 99.50 34.94
N VAL J 330 -21.69 99.62 33.68
CA VAL J 330 -20.47 98.99 33.21
C VAL J 330 -19.63 100.03 32.46
N GLY J 331 -18.32 99.90 32.60
CA GLY J 331 -17.40 100.78 31.92
C GLY J 331 -16.30 99.98 31.24
N LEU J 332 -15.80 100.56 30.15
CA LEU J 332 -14.75 99.94 29.36
C LEU J 332 -13.38 100.41 29.83
N ARG J 333 -12.40 99.52 29.76
CA ARG J 333 -11.04 99.85 30.17
C ARG J 333 -10.06 99.32 29.13
N HIS J 334 -9.06 100.14 28.80
CA HIS J 334 -7.99 99.76 27.89
C HIS J 334 -6.69 99.71 28.67
N ARG J 335 -6.00 98.57 28.59
CA ARG J 335 -4.77 98.40 29.34
C ARG J 335 -3.76 99.50 29.03
N ASN J 336 -3.72 99.97 27.78
CA ASN J 336 -2.86 101.08 27.39
C ASN J 336 -3.38 101.64 26.09
N PRO J 337 -3.69 102.94 26.00
CA PRO J 337 -4.29 103.45 24.75
C PRO J 337 -3.47 103.12 23.51
N TYR J 338 -2.16 103.04 23.63
CA TYR J 338 -1.28 102.75 22.50
C TYR J 338 -1.06 101.25 22.31
N ALA J 339 -1.91 100.41 22.89
CA ALA J 339 -1.77 98.96 22.73
C ALA J 339 -2.63 98.41 21.61
N SER J 340 -3.72 99.08 21.25
CA SER J 340 -4.60 98.64 20.19
C SER J 340 -4.69 99.69 19.11
N GLY J 341 -4.84 99.25 17.86
CA GLY J 341 -4.86 100.15 16.73
C GLY J 341 -6.24 100.35 16.15
N VAL J 342 -6.48 101.54 15.61
CA VAL J 342 -7.74 101.89 14.98
C VAL J 342 -7.44 102.58 13.66
N LEU J 343 -8.11 102.14 12.59
CA LEU J 343 -7.86 102.63 11.25
C LEU J 343 -9.14 103.20 10.68
N PHE J 344 -9.16 104.52 10.47
CA PHE J 344 -10.30 105.18 9.85
C PHE J 344 -10.21 105.08 8.33
N THR J 345 -11.36 104.87 7.70
CA THR J 345 -11.41 104.73 6.25
C THR J 345 -11.77 106.06 5.61
N ALA J 346 -11.19 106.31 4.44
CA ALA J 346 -11.42 107.53 3.69
C ALA J 346 -10.79 107.37 2.31
N ALA J 347 -11.04 108.32 1.44
CA ALA J 347 -10.52 108.31 0.07
C ALA J 347 -9.42 109.35 -0.08
N GLY J 348 -8.74 109.28 -1.23
CA GLY J 348 -7.67 110.20 -1.54
C GLY J 348 -6.52 110.17 -0.56
N LEU K 6 76.42 40.87 14.54
CA LEU K 6 75.24 41.75 14.82
C LEU K 6 74.87 41.70 16.30
N PHE K 7 75.85 41.94 17.17
CA PHE K 7 75.66 41.86 18.61
C PHE K 7 75.09 40.49 19.00
N VAL K 8 75.83 39.46 18.58
CA VAL K 8 75.39 38.08 18.81
C VAL K 8 75.30 37.77 20.29
N SER K 9 76.03 38.51 21.13
CA SER K 9 76.03 38.30 22.57
C SER K 9 76.66 36.95 22.92
N TYR K 10 77.84 36.68 22.33
CA TYR K 10 78.59 35.47 22.58
C TYR K 10 79.76 35.70 23.54
N ASP K 11 79.57 36.56 24.53
CA ASP K 11 80.62 36.89 25.48
C ASP K 11 81.14 35.64 26.18
N GLN K 12 80.25 34.92 26.87
CA GLN K 12 80.61 33.70 27.57
C GLN K 12 81.71 33.98 28.60
N ASN K 13 81.50 35.04 29.38
CA ASN K 13 82.42 35.35 30.46
C ASN K 13 82.31 34.36 31.62
N GLY K 14 81.29 33.50 31.61
CA GLY K 14 81.11 32.53 32.66
C GLY K 14 82.21 31.49 32.68
N LYS K 15 82.35 30.72 31.60
CA LYS K 15 83.33 29.63 31.52
C LYS K 15 83.15 28.66 32.70
N LYS K 16 81.88 28.47 33.05
CA LYS K 16 81.56 27.70 34.25
C LYS K 16 81.68 26.20 34.00
N LEU K 17 80.82 25.66 33.14
CA LEU K 17 80.82 24.24 32.79
C LEU K 17 80.90 23.36 34.05
N SER K 18 79.89 23.49 34.89
CA SER K 18 79.81 22.71 36.11
C SER K 18 79.32 21.29 35.83
N PHE K 19 79.52 20.41 36.79
CA PHE K 19 79.05 19.03 36.72
C PHE K 19 78.52 18.62 38.08
N ALA K 20 77.56 17.70 38.09
CA ALA K 20 76.96 17.22 39.32
C ALA K 20 77.85 16.19 39.99
N ASN K 21 77.90 16.23 41.32
CA ASN K 21 78.74 15.32 42.09
C ASN K 21 77.93 14.08 42.46
N TRP K 22 78.55 13.20 43.25
CA TRP K 22 77.89 12.00 43.77
C TRP K 22 77.26 11.18 42.64
N ILE K 23 78.12 10.69 41.74
CA ILE K 23 77.67 9.81 40.67
C ILE K 23 76.88 8.61 41.19
N SER K 24 77.08 8.25 42.46
CA SER K 24 76.36 7.16 43.11
C SER K 24 76.58 5.84 42.37
N VAL K 25 77.85 5.43 42.33
CA VAL K 25 78.24 4.14 41.77
C VAL K 25 78.54 3.19 42.92
N LEU K 26 77.80 2.08 42.99
CA LEU K 26 78.00 1.09 44.04
C LEU K 26 78.20 -0.32 43.50
N SER K 27 78.32 -0.51 42.18
CA SER K 27 78.52 -1.83 41.60
C SER K 27 79.76 -2.49 42.20
N PRO K 28 79.62 -3.58 42.95
CA PRO K 28 80.80 -4.25 43.49
C PRO K 28 81.39 -5.26 42.52
N GLN K 29 82.68 -5.56 42.67
CA GLN K 29 83.36 -6.53 41.82
C GLN K 29 84.10 -7.55 42.69
N ASP K 30 83.42 -8.05 43.72
CA ASP K 30 84.03 -9.04 44.61
C ASP K 30 84.49 -10.27 43.82
N THR K 31 83.59 -10.84 43.01
CA THR K 31 83.91 -12.02 42.22
C THR K 31 84.34 -13.18 43.11
N PRO K 32 83.44 -13.73 43.92
CA PRO K 32 83.81 -14.86 44.78
C PRO K 32 84.30 -16.05 43.97
N PHE K 33 83.58 -16.37 42.89
CA PHE K 33 83.97 -17.50 42.05
C PHE K 33 85.37 -17.32 41.49
N VAL K 34 85.79 -16.08 41.22
CA VAL K 34 87.11 -15.84 40.67
C VAL K 34 88.18 -15.77 41.75
N SER K 35 87.80 -15.41 42.98
CA SER K 35 88.76 -15.22 44.06
C SER K 35 88.88 -16.42 44.98
N MET K 36 88.06 -17.46 44.78
CA MET K 36 88.06 -18.62 45.67
C MET K 36 88.40 -19.93 44.96
N THR K 37 88.67 -19.91 43.66
CA THR K 37 88.98 -21.15 42.95
C THR K 37 90.28 -21.76 43.45
N GLY K 38 91.36 -20.99 43.46
CA GLY K 38 92.65 -21.49 43.90
C GLY K 38 93.60 -21.74 42.75
N LYS K 39 94.90 -21.76 43.03
CA LYS K 39 95.91 -21.97 42.01
C LYS K 39 97.16 -22.54 42.66
N GLU K 40 98.00 -23.19 41.85
CA GLU K 40 99.23 -23.80 42.34
C GLU K 40 100.42 -23.15 41.64
N SER K 41 101.23 -22.44 42.42
CA SER K 41 102.36 -21.70 41.86
C SER K 41 103.68 -22.35 42.27
N ILE K 42 104.78 -21.73 41.87
CA ILE K 42 106.13 -22.19 42.16
C ILE K 42 106.82 -21.17 43.05
N ASN K 43 108.05 -21.49 43.45
CA ASN K 43 108.83 -20.61 44.32
C ASN K 43 110.27 -20.46 43.86
N GLN K 44 110.53 -20.54 42.56
CA GLN K 44 111.89 -20.39 42.05
C GLN K 44 111.82 -19.72 40.69
N THR K 45 112.93 -19.07 40.30
CA THR K 45 112.97 -18.31 39.07
C THR K 45 112.87 -19.18 37.82
N ILE K 46 113.20 -20.46 37.91
CA ILE K 46 113.19 -21.36 36.76
C ILE K 46 112.41 -22.61 37.11
N PHE K 47 111.72 -23.18 36.13
CA PHE K 47 110.94 -24.39 36.30
C PHE K 47 111.09 -25.26 35.07
N SER K 48 111.35 -26.55 35.28
CA SER K 48 111.56 -27.49 34.20
C SER K 48 110.64 -28.68 34.38
N TRP K 49 110.14 -29.21 33.26
CA TRP K 49 109.27 -30.37 33.27
C TRP K 49 109.88 -31.46 32.38
N GLN K 50 109.59 -32.70 32.72
CA GLN K 50 110.15 -33.86 32.05
C GLN K 50 109.11 -34.51 31.16
N THR K 51 109.54 -34.90 29.96
CA THR K 51 108.66 -35.52 28.99
C THR K 51 109.42 -36.61 28.24
N ASP K 52 108.75 -37.73 28.01
CA ASP K 52 109.33 -38.85 27.29
C ASP K 52 108.20 -39.63 26.62
N ALA K 53 108.55 -40.35 25.56
CA ALA K 53 107.57 -41.09 24.78
C ALA K 53 108.13 -42.46 24.44
N LEU K 54 107.24 -43.35 24.00
CA LEU K 54 107.62 -44.69 23.62
C LEU K 54 108.36 -44.70 22.29
N ALA K 55 109.17 -45.73 22.09
CA ALA K 55 109.85 -45.88 20.81
C ALA K 55 108.86 -46.17 19.70
N SER K 56 109.23 -45.79 18.48
CA SER K 56 108.34 -45.98 17.34
C SER K 56 108.16 -47.45 17.03
N VAL K 57 107.01 -47.78 16.44
CA VAL K 57 106.72 -49.16 16.08
C VAL K 57 107.56 -49.57 14.87
N ASP K 58 107.54 -50.87 14.59
CA ASP K 58 108.25 -51.42 13.44
C ASP K 58 107.59 -52.73 13.05
N GLY K 59 107.62 -53.02 11.75
CA GLY K 59 107.03 -54.23 11.24
C GLY K 59 108.07 -55.29 10.88
N ASN K 60 109.28 -55.14 11.42
CA ASN K 60 110.38 -56.08 11.19
C ASN K 60 110.65 -56.92 12.43
N ASN K 61 109.59 -57.25 13.16
CA ASN K 61 109.72 -57.97 14.41
C ASN K 61 109.95 -59.45 14.19
N ALA K 62 109.84 -60.25 15.25
CA ALA K 62 110.02 -61.71 15.17
C ALA K 62 111.48 -62.06 14.89
N HIS K 63 112.37 -61.56 15.74
CA HIS K 63 113.75 -62.03 15.73
C HIS K 63 113.78 -63.53 16.07
N VAL K 64 114.90 -64.16 15.77
CA VAL K 64 114.98 -65.62 15.83
C VAL K 64 115.18 -66.10 17.27
N GLU K 65 116.32 -65.74 17.88
CA GLU K 65 116.63 -66.28 19.20
C GLU K 65 117.43 -65.33 20.09
N GLY K 66 117.19 -64.01 19.99
CA GLY K 66 117.91 -63.10 20.87
C GLY K 66 119.20 -62.59 20.27
N SER K 67 120.31 -63.26 20.62
CA SER K 67 121.64 -62.91 20.11
C SER K 67 122.13 -61.59 20.69
N ARG K 68 122.04 -61.44 22.01
CA ARG K 68 122.72 -60.37 22.74
C ARG K 68 122.09 -59.00 22.44
N ALA K 69 120.76 -58.94 22.52
CA ALA K 69 120.03 -57.67 22.42
C ALA K 69 120.40 -56.93 21.15
N GLU K 70 120.08 -57.56 20.02
CA GLU K 70 120.41 -56.98 18.72
C GLU K 70 119.64 -55.69 18.46
N ASP K 71 118.53 -55.46 19.15
CA ASP K 71 117.72 -54.26 18.96
C ASP K 71 117.55 -53.46 20.25
N GLY K 72 118.43 -53.65 21.24
CA GLY K 72 118.35 -52.90 22.47
C GLY K 72 118.51 -51.41 22.24
N GLU K 73 117.42 -50.65 22.41
CA GLU K 73 117.38 -49.24 22.06
C GLU K 73 116.77 -48.42 23.19
N MET K 74 117.25 -48.64 24.42
CA MET K 74 116.78 -47.84 25.55
C MET K 74 116.92 -46.36 25.23
N LYS K 75 115.96 -45.54 25.66
CA LYS K 75 115.91 -44.14 25.28
C LYS K 75 115.74 -43.22 26.49
N PRO K 76 116.62 -42.26 26.70
CA PRO K 76 116.47 -41.33 27.83
C PRO K 76 115.43 -40.27 27.56
N THR K 77 114.86 -39.75 28.65
CA THR K 77 113.88 -38.69 28.55
C THR K 77 114.50 -37.40 28.00
N VAL K 78 113.65 -36.42 27.75
CA VAL K 78 114.05 -35.09 27.32
C VAL K 78 113.66 -34.09 28.41
N ILE K 79 114.52 -33.10 28.62
CA ILE K 79 114.32 -32.10 29.66
C ILE K 79 113.88 -30.80 29.01
N LYS K 80 112.77 -30.24 29.47
CA LYS K 80 112.22 -28.99 28.95
C LYS K 80 112.25 -27.96 30.07
N SER K 81 113.09 -26.94 29.92
CA SER K 81 113.22 -25.88 30.90
C SER K 81 112.65 -24.58 30.35
N ASN K 82 112.05 -23.78 31.22
CA ASN K 82 111.46 -22.50 30.85
C ASN K 82 111.73 -21.49 31.94
N VAL K 83 112.17 -20.30 31.53
CA VAL K 83 112.46 -19.22 32.46
C VAL K 83 111.25 -18.30 32.54
N THR K 84 111.13 -17.58 33.65
CA THR K 84 110.00 -16.69 33.87
C THR K 84 110.24 -15.36 33.16
N GLN K 85 109.29 -14.44 33.35
CA GLN K 85 109.37 -13.12 32.73
C GLN K 85 108.89 -12.09 33.75
N ILE K 86 109.53 -10.92 33.72
CA ILE K 86 109.24 -9.86 34.67
C ILE K 86 108.45 -8.77 33.96
N LEU K 87 107.48 -8.21 34.68
CA LEU K 87 106.62 -7.15 34.16
C LEU K 87 106.45 -6.09 35.24
N ARG K 88 106.86 -4.87 34.94
CA ARG K 88 106.83 -3.77 35.90
C ARG K 88 106.29 -2.53 35.23
N LYS K 89 105.40 -1.83 35.94
CA LYS K 89 104.79 -0.60 35.41
C LYS K 89 104.82 0.46 36.49
N VAL K 90 105.41 1.61 36.17
CA VAL K 90 105.44 2.76 37.07
C VAL K 90 104.70 3.90 36.40
N VAL K 91 104.63 5.03 37.09
CA VAL K 91 103.84 6.16 36.62
C VAL K 91 104.52 7.46 37.03
N ARG K 92 104.29 8.50 36.22
CA ARG K 92 104.77 9.84 36.50
C ARG K 92 103.57 10.71 36.85
N VAL K 93 103.81 11.72 37.68
CA VAL K 93 102.73 12.52 38.26
C VAL K 93 103.21 13.96 38.37
N SER K 94 102.43 14.88 37.79
CA SER K 94 102.76 16.29 37.74
C SER K 94 101.49 17.12 37.77
N ASP K 95 101.54 18.25 38.47
CA ASP K 95 100.47 19.23 38.55
C ASP K 95 99.28 18.76 39.37
N THR K 96 99.33 17.55 39.93
CA THR K 96 98.20 17.00 40.68
C THR K 96 98.32 17.20 42.19
N ALA K 97 99.02 18.25 42.63
CA ALA K 97 99.04 18.58 44.06
C ALA K 97 97.62 18.61 44.62
N ASN K 98 96.67 19.03 43.79
CA ASN K 98 95.25 18.92 44.08
C ASN K 98 94.86 19.75 45.31
N THR K 99 95.33 20.99 45.30
CA THR K 99 94.80 22.02 46.20
C THR K 99 93.60 22.68 45.52
N THR K 100 92.59 23.07 46.29
CA THR K 100 91.37 23.63 45.71
C THR K 100 90.76 22.64 44.72
N ALA K 101 90.25 21.55 45.28
CA ALA K 101 89.91 20.36 44.52
C ALA K 101 88.85 20.68 43.46
N ASN K 102 88.44 19.63 42.74
CA ASN K 102 87.66 19.72 41.50
C ASN K 102 88.51 20.06 40.29
N TYR K 103 89.83 19.88 40.39
CA TYR K 103 90.72 20.10 39.26
C TYR K 103 90.66 18.96 38.24
N GLY K 104 90.40 17.74 38.69
CA GLY K 104 90.36 16.59 37.79
C GLY K 104 89.08 16.45 36.99
N ARG K 105 87.93 16.80 37.58
CA ARG K 105 86.64 16.74 36.88
C ARG K 105 86.33 15.33 36.41
N GLY K 106 86.42 14.36 37.32
CA GLY K 106 86.11 12.98 37.01
C GLY K 106 87.12 11.99 37.56
N ARG K 107 88.38 12.40 37.65
CA ARG K 107 89.46 11.57 38.15
C ARG K 107 90.11 12.28 39.33
N GLU K 108 90.37 11.54 40.40
CA GLU K 108 91.00 12.11 41.60
C GLU K 108 92.31 11.38 41.88
N LEU K 109 93.38 11.80 41.21
CA LEU K 109 94.77 11.51 41.55
C LEU K 109 95.11 10.02 41.57
N MET K 110 94.17 9.14 41.27
CA MET K 110 94.41 7.70 41.39
C MET K 110 93.95 6.88 40.19
N TYR K 111 93.30 7.49 39.20
CA TYR K 111 92.81 6.70 38.08
C TYR K 111 93.94 6.07 37.28
N GLN K 112 95.12 6.71 37.25
CA GLN K 112 96.23 6.18 36.50
C GLN K 112 96.72 4.85 37.08
N LEU K 113 96.64 4.69 38.40
CA LEU K 113 97.09 3.45 39.01
C LEU K 113 96.23 2.28 38.55
N GLU K 114 94.90 2.42 38.58
CA GLU K 114 94.03 1.35 38.09
C GLU K 114 94.18 1.17 36.59
N LYS K 115 94.38 2.27 35.85
CA LYS K 115 94.65 2.15 34.42
C LYS K 115 95.84 1.25 34.17
N LYS K 116 96.93 1.45 34.91
CA LYS K 116 98.13 0.64 34.72
C LYS K 116 97.92 -0.78 35.22
N GLY K 117 97.15 -0.94 36.29
CA GLY K 117 96.85 -2.28 36.78
C GLY K 117 96.07 -3.10 35.78
N LYS K 118 95.21 -2.45 35.00
CA LYS K 118 94.50 -3.15 33.93
C LYS K 118 95.40 -3.34 32.71
N GLU K 119 96.24 -2.35 32.41
CA GLU K 119 97.11 -2.44 31.24
C GLU K 119 98.14 -3.55 31.39
N ILE K 120 98.65 -3.79 32.60
CA ILE K 120 99.65 -4.84 32.78
C ILE K 120 99.02 -6.20 32.53
N LYS K 121 97.78 -6.41 32.98
CA LYS K 121 97.09 -7.67 32.69
C LYS K 121 96.78 -7.78 31.20
N ARG K 122 96.41 -6.68 30.56
CA ARG K 122 96.23 -6.70 29.11
C ARG K 122 97.49 -7.17 28.42
N ASP K 123 98.63 -6.58 28.79
CA ASP K 123 99.90 -6.93 28.15
C ASP K 123 100.28 -8.37 28.43
N LEU K 124 100.00 -8.86 29.65
CA LEU K 124 100.27 -10.26 29.96
C LEU K 124 99.45 -11.18 29.07
N GLU K 125 98.15 -10.90 28.96
CA GLU K 125 97.29 -11.72 28.11
C GLU K 125 97.78 -11.68 26.66
N LYS K 126 98.27 -10.53 26.20
CA LYS K 126 98.74 -10.43 24.83
C LYS K 126 100.03 -11.24 24.64
N ILE K 127 100.93 -11.18 25.63
CA ILE K 127 102.24 -11.81 25.47
C ILE K 127 102.14 -13.31 25.60
N LEU K 128 101.27 -13.80 26.49
CA LEU K 128 101.14 -15.24 26.68
C LEU K 128 100.89 -15.94 25.36
N LEU K 129 99.98 -15.41 24.55
CA LEU K 129 99.71 -15.93 23.21
C LEU K 129 100.53 -15.20 22.17
N SER K 130 101.85 -15.30 22.27
CA SER K 130 102.76 -14.62 21.36
C SER K 130 103.77 -15.60 20.77
N GLY K 131 104.81 -15.09 20.14
CA GLY K 131 105.82 -15.93 19.53
C GLY K 131 107.21 -15.66 20.07
N GLN K 132 107.32 -14.79 21.07
CA GLN K 132 108.61 -14.51 21.68
C GLN K 132 109.14 -15.75 22.38
N ALA K 133 110.41 -16.07 22.12
CA ALA K 133 111.05 -17.24 22.68
C ALA K 133 111.91 -16.86 23.88
N ARG K 134 112.53 -17.86 24.50
CA ARG K 134 113.39 -17.62 25.64
C ARG K 134 114.60 -16.80 25.23
N THR K 135 115.12 -16.01 26.17
CA THR K 135 116.29 -15.18 25.91
C THR K 135 116.99 -14.92 27.23
N ASP K 136 118.18 -15.49 27.40
CA ASP K 136 118.99 -15.29 28.59
C ASP K 136 120.44 -15.61 28.23
N VAL K 137 121.30 -15.64 29.24
CA VAL K 137 122.70 -15.95 29.05
C VAL K 137 122.95 -17.39 29.47
N LEU K 138 122.05 -17.94 30.27
CA LEU K 138 122.13 -19.33 30.70
C LEU K 138 121.78 -20.27 29.56
N ALA K 139 122.62 -21.27 29.34
CA ALA K 139 122.45 -22.24 28.27
C ALA K 139 122.24 -23.66 28.77
N ASP K 140 123.16 -24.18 29.58
CA ASP K 140 123.11 -25.58 29.99
C ASP K 140 123.52 -25.78 31.44
N GLN K 141 123.22 -24.80 32.31
CA GLN K 141 123.59 -24.87 33.72
C GLN K 141 122.36 -25.03 34.60
N TYR K 142 121.31 -25.67 34.08
CA TYR K 142 120.06 -25.77 34.83
C TYR K 142 120.04 -27.01 35.72
N LEU K 143 120.50 -28.15 35.23
CA LEU K 143 120.50 -29.39 35.99
C LEU K 143 121.63 -29.44 37.01
N THR K 144 122.88 -29.44 36.54
CA THR K 144 124.01 -29.32 37.44
C THR K 144 124.29 -27.85 37.75
N ASN K 145 124.48 -27.54 39.03
CA ASN K 145 124.65 -26.16 39.47
C ASN K 145 125.82 -26.01 40.43
N SER K 146 126.81 -26.91 40.40
CA SER K 146 127.91 -26.85 41.36
C SER K 146 128.69 -25.54 41.25
N ALA K 147 128.57 -24.82 40.13
CA ALA K 147 129.30 -23.59 39.94
C ALA K 147 128.35 -22.40 39.85
N ALA K 148 127.12 -22.63 39.39
CA ALA K 148 126.10 -21.59 39.31
C ALA K 148 126.57 -20.41 38.46
N ASP K 149 127.05 -20.69 37.26
CA ASP K 149 127.46 -19.65 36.32
C ASP K 149 128.55 -18.77 36.93
N PRO K 150 129.76 -19.29 37.08
CA PRO K 150 130.84 -18.47 37.65
C PRO K 150 131.17 -17.27 36.78
N ALA K 151 130.97 -17.43 35.46
CA ALA K 151 131.19 -16.32 34.53
C ALA K 151 130.18 -15.20 34.72
N VAL K 152 129.02 -15.49 35.30
CA VAL K 152 127.99 -14.46 35.49
C VAL K 152 128.08 -13.84 36.88
N ALA K 153 128.64 -14.55 37.86
CA ALA K 153 128.78 -13.99 39.19
C ALA K 153 129.63 -12.72 39.15
N GLY K 154 129.51 -11.93 40.21
CA GLY K 154 130.23 -10.67 40.28
C GLY K 154 129.71 -9.65 39.29
N LEU K 155 128.43 -9.72 38.94
CA LEU K 155 127.82 -8.79 38.02
C LEU K 155 126.57 -8.19 38.66
N ASN K 156 126.21 -6.99 38.20
CA ASN K 156 125.12 -6.24 38.80
C ASN K 156 123.78 -6.63 38.19
N ASP K 157 122.73 -5.89 38.53
CA ASP K 157 121.40 -6.13 37.96
C ASP K 157 121.34 -5.70 36.51
N THR K 158 122.42 -5.12 35.99
CA THR K 158 122.46 -4.65 34.61
C THR K 158 122.19 -5.77 33.61
N HIS K 159 122.33 -7.03 34.02
CA HIS K 159 122.10 -8.15 33.12
C HIS K 159 120.76 -8.00 32.41
N ALA K 160 120.73 -8.39 31.15
CA ALA K 160 119.55 -8.21 30.31
C ALA K 160 118.32 -8.82 30.96
N ALA K 161 117.15 -8.40 30.47
CA ALA K 161 115.89 -8.87 31.00
C ALA K 161 115.71 -10.36 30.71
N ARG K 162 114.62 -10.91 31.25
CA ARG K 162 114.29 -12.32 31.10
C ARG K 162 112.97 -12.44 30.35
N LYS K 163 113.00 -13.12 29.20
CA LYS K 163 111.83 -13.35 28.38
C LYS K 163 111.50 -14.83 28.40
N THR K 164 110.26 -15.16 28.74
CA THR K 164 109.83 -16.54 28.85
C THR K 164 109.47 -17.10 27.47
N GLY K 165 109.10 -18.38 27.45
CA GLY K 165 108.66 -19.03 26.22
C GLY K 165 107.16 -18.86 26.02
N ALA K 166 106.79 -18.49 24.80
CA ALA K 166 105.42 -18.25 24.45
C ALA K 166 104.76 -19.52 23.94
N PHE K 167 103.47 -19.44 23.60
CA PHE K 167 102.74 -20.60 23.12
C PHE K 167 103.36 -21.16 21.84
N GLN K 168 103.76 -20.26 20.94
CA GLN K 168 104.29 -20.70 19.65
C GLN K 168 105.64 -21.37 19.79
N PHE K 169 106.31 -21.20 20.93
CA PHE K 169 107.60 -21.84 21.18
C PHE K 169 107.45 -23.21 21.82
N LEU K 170 106.43 -23.41 22.65
CA LEU K 170 106.19 -24.66 23.34
C LEU K 170 105.22 -25.57 22.59
N CYS K 171 104.98 -25.29 21.31
CA CYS K 171 104.06 -26.10 20.49
C CYS K 171 104.83 -26.85 19.40
N ALA K 172 106.02 -27.34 19.73
CA ALA K 172 106.86 -28.09 18.80
C ALA K 172 107.22 -27.23 17.59
N HIS K 173 107.88 -26.12 17.86
CA HIS K 173 108.33 -25.25 16.80
C HIS K 173 109.35 -25.99 15.92
N GLY K 174 109.65 -25.40 14.77
CA GLY K 174 110.54 -26.03 13.81
C GLY K 174 111.55 -25.10 13.20
N GLY K 175 111.84 -23.98 13.88
CA GLY K 175 112.82 -23.05 13.38
C GLY K 175 112.70 -21.66 13.98
N LEU K 176 113.83 -20.98 14.14
CA LEU K 176 113.85 -19.63 14.70
C LEU K 176 114.08 -18.58 13.62
N ALA K 177 115.16 -18.69 12.86
CA ALA K 177 115.49 -17.72 11.82
C ALA K 177 115.42 -16.30 12.38
N GLY K 178 116.08 -16.09 13.52
CA GLY K 178 116.03 -14.83 14.21
C GLY K 178 115.72 -14.99 15.69
N GLY K 179 115.23 -13.91 16.33
CA GLY K 179 114.94 -13.97 17.74
C GLY K 179 113.63 -14.61 18.10
N VAL K 180 112.71 -14.72 17.14
CA VAL K 180 111.40 -15.29 17.38
C VAL K 180 111.22 -16.52 16.48
N VAL K 181 110.08 -17.17 16.63
CA VAL K 181 109.79 -18.38 15.87
C VAL K 181 109.33 -18.00 14.46
N ASP K 182 109.72 -18.83 13.50
CA ASP K 182 109.40 -18.56 12.09
C ASP K 182 108.00 -19.07 11.77
N LYS K 183 107.21 -18.23 11.12
CA LYS K 183 105.83 -18.54 10.77
C LYS K 183 105.69 -19.06 9.35
N THR K 184 106.72 -19.71 8.81
CA THR K 184 106.70 -20.22 7.45
C THR K 184 107.25 -21.62 7.30
N LYS K 185 107.74 -22.25 8.37
CA LYS K 185 108.34 -23.58 8.30
C LYS K 185 107.45 -24.58 9.02
N ASN K 186 107.35 -25.78 8.48
CA ASN K 186 106.55 -26.83 9.10
C ASN K 186 107.27 -27.41 10.31
N GLY K 187 106.50 -27.84 11.30
CA GLY K 187 107.05 -28.37 12.52
C GLY K 187 107.72 -29.71 12.32
N PRO K 188 108.44 -30.17 13.34
CA PRO K 188 109.12 -31.46 13.23
C PRO K 188 108.14 -32.62 13.32
N ALA K 189 108.60 -33.77 12.81
CA ALA K 189 107.80 -34.98 12.83
C ALA K 189 107.91 -35.68 14.19
N ASP K 190 106.76 -35.98 14.77
CA ASP K 190 106.74 -36.65 16.06
C ASP K 190 107.35 -38.04 15.93
N PRO K 191 108.19 -38.47 16.88
CA PRO K 191 108.80 -39.81 16.75
C PRO K 191 107.79 -40.95 16.82
N ASP K 192 106.69 -40.78 17.55
CA ASP K 192 105.71 -41.85 17.67
C ASP K 192 104.94 -42.03 16.36
N THR K 193 104.28 -40.99 15.90
CA THR K 193 103.48 -41.02 14.69
C THR K 193 103.89 -39.86 13.77
N GLY K 194 103.41 -39.91 12.53
CA GLY K 194 103.77 -38.92 11.55
C GLY K 194 102.95 -37.65 11.65
N ALA K 195 102.98 -37.00 12.81
CA ALA K 195 102.21 -35.79 13.05
C ALA K 195 103.03 -34.56 12.72
N VAL K 196 102.45 -33.67 11.90
CA VAL K 196 103.08 -32.41 11.53
C VAL K 196 102.13 -31.31 12.00
N THR K 197 102.42 -30.72 13.15
CA THR K 197 101.52 -29.78 13.80
C THR K 197 101.51 -28.39 13.15
N VAL K 198 102.03 -28.23 11.94
CA VAL K 198 102.07 -26.94 11.27
C VAL K 198 101.78 -27.13 9.79
N LYS K 199 100.76 -26.43 9.28
CA LYS K 199 100.48 -26.35 7.86
C LYS K 199 100.09 -24.92 7.53
N VAL K 200 100.47 -24.46 6.34
CA VAL K 200 100.44 -23.03 6.08
C VAL K 200 99.18 -22.59 5.34
N ALA K 201 99.03 -22.96 4.06
CA ALA K 201 97.88 -22.47 3.30
C ALA K 201 97.19 -23.51 2.42
N GLN K 202 97.91 -24.49 1.88
CA GLN K 202 97.35 -25.42 0.89
C GLN K 202 96.40 -24.69 -0.07
N ASN K 203 96.94 -23.66 -0.72
CA ASN K 203 96.18 -22.81 -1.63
C ASN K 203 96.46 -23.11 -3.10
N ALA K 204 96.57 -24.39 -3.45
CA ALA K 204 96.84 -24.77 -4.83
C ALA K 204 95.82 -24.14 -5.78
N SER K 205 94.56 -24.55 -5.67
CA SER K 205 93.49 -23.96 -6.46
C SER K 205 92.72 -22.95 -5.61
N ASN K 206 93.42 -21.88 -5.27
CA ASN K 206 92.88 -20.84 -4.40
C ASN K 206 93.56 -19.53 -4.75
N PRO K 207 92.98 -18.39 -4.39
CA PRO K 207 93.62 -17.11 -4.68
C PRO K 207 94.89 -16.94 -3.86
N THR K 208 95.71 -15.99 -4.29
CA THR K 208 96.95 -15.64 -3.60
C THR K 208 96.88 -14.29 -2.93
N THR K 209 95.71 -13.64 -2.93
CA THR K 209 95.54 -12.34 -2.31
C THR K 209 94.55 -12.36 -1.15
N ASN K 210 93.59 -13.27 -1.14
CA ASN K 210 92.68 -13.45 -0.01
C ASN K 210 93.36 -14.39 0.97
N ILE K 211 94.10 -13.82 1.91
CA ILE K 211 94.87 -14.61 2.88
C ILE K 211 93.87 -15.45 3.68
N GLY K 212 94.06 -16.76 3.65
CA GLY K 212 93.18 -17.66 4.36
C GLY K 212 93.41 -19.10 3.90
N PHE K 213 93.01 -20.01 4.78
CA PHE K 213 93.19 -21.43 4.54
C PHE K 213 91.87 -22.10 4.16
N ASP K 214 91.97 -23.11 3.30
CA ASP K 214 90.80 -23.78 2.76
C ASP K 214 90.17 -24.71 3.80
N GLU K 215 89.07 -25.34 3.40
CA GLU K 215 88.32 -26.23 4.28
C GLU K 215 89.06 -27.53 4.59
N ALA K 216 90.11 -27.87 3.84
CA ALA K 216 90.87 -29.09 4.05
C ALA K 216 92.14 -28.86 4.86
N ASP K 217 92.18 -27.78 5.64
CA ASP K 217 93.36 -27.42 6.41
C ASP K 217 93.16 -27.58 7.91
N ILE K 218 91.92 -27.64 8.39
CA ILE K 218 91.67 -27.83 9.81
C ILE K 218 91.48 -29.30 10.14
N PHE K 219 90.77 -30.04 9.28
CA PHE K 219 90.63 -31.47 9.50
C PHE K 219 91.99 -32.15 9.52
N ASP K 220 92.91 -31.73 8.67
CA ASP K 220 94.27 -32.27 8.69
C ASP K 220 94.92 -32.00 10.04
N MET K 221 94.70 -30.81 10.61
CA MET K 221 95.29 -30.49 11.90
C MET K 221 94.71 -31.36 13.00
N THR K 222 93.38 -31.53 13.01
CA THR K 222 92.77 -32.38 14.02
C THR K 222 93.25 -33.82 13.88
N LEU K 223 93.45 -34.29 12.64
CA LEU K 223 94.01 -35.62 12.44
C LEU K 223 95.41 -35.71 13.01
N GLN K 224 96.28 -34.79 12.62
CA GLN K 224 97.68 -34.83 13.06
C GLN K 224 97.79 -34.72 14.58
N LEU K 225 96.82 -34.05 15.22
CA LEU K 225 96.80 -34.02 16.68
C LEU K 225 96.28 -35.33 17.24
N TYR K 226 95.29 -35.94 16.58
CA TYR K 226 94.74 -37.21 17.03
C TYR K 226 95.78 -38.32 16.96
N THR K 227 96.70 -38.25 16.01
CA THR K 227 97.76 -39.24 15.92
C THR K 227 98.68 -39.21 17.13
N ALA K 228 98.73 -38.09 17.84
CA ALA K 228 99.54 -37.96 19.03
C ALA K 228 98.73 -38.01 20.32
N GLY K 229 97.41 -37.84 20.25
CA GLY K 229 96.59 -37.87 21.44
C GLY K 229 96.59 -36.56 22.18
N SER K 230 96.35 -35.46 21.45
CA SER K 230 96.30 -34.15 22.08
C SER K 230 95.03 -34.00 22.92
N GLU K 231 93.91 -34.53 22.43
CA GLU K 231 92.63 -34.46 23.13
C GLU K 231 92.14 -33.02 23.32
N ALA K 232 92.62 -32.11 22.49
CA ALA K 232 92.22 -30.71 22.61
C ALA K 232 90.73 -30.55 22.32
N ASP K 233 90.15 -29.50 22.90
CA ASP K 233 88.75 -29.17 22.69
C ASP K 233 88.51 -27.69 22.50
N ILE K 234 89.56 -26.87 22.43
CA ILE K 234 89.45 -25.43 22.30
C ILE K 234 90.25 -24.98 21.09
N ILE K 235 89.68 -24.05 20.33
CA ILE K 235 90.33 -23.47 19.16
C ILE K 235 90.27 -21.95 19.31
N MET K 236 91.33 -21.38 19.86
CA MET K 236 91.42 -19.94 20.01
C MET K 236 91.85 -19.31 18.69
N ILE K 237 91.00 -18.46 18.13
CA ILE K 237 91.27 -17.80 16.87
C ILE K 237 90.67 -16.40 16.92
N ASN K 238 91.37 -15.46 16.32
CA ASN K 238 90.94 -14.08 16.38
C ASN K 238 89.74 -13.84 15.46
N PRO K 239 89.04 -12.72 15.63
CA PRO K 239 87.85 -12.48 14.79
C PRO K 239 88.15 -12.49 13.30
N ALA K 240 89.38 -12.15 12.91
CA ALA K 240 89.73 -12.07 11.50
C ALA K 240 89.50 -13.38 10.75
N HIS K 241 89.40 -14.51 11.45
CA HIS K 241 89.22 -15.80 10.83
C HIS K 241 87.90 -16.47 11.24
N ALA K 242 87.02 -15.76 11.92
CA ALA K 242 85.74 -16.34 12.33
C ALA K 242 84.80 -16.51 11.16
N LYS K 243 84.82 -15.57 10.20
CA LYS K 243 84.03 -15.72 9.00
C LYS K 243 84.44 -16.97 8.22
N ILE K 244 85.73 -17.32 8.27
CA ILE K 244 86.20 -18.51 7.55
C ILE K 244 85.54 -19.76 8.09
N PHE K 245 85.34 -19.83 9.40
CA PHE K 245 84.68 -21.00 9.99
C PHE K 245 83.17 -20.92 9.81
N ALA K 246 82.60 -19.71 9.88
CA ALA K 246 81.17 -19.56 9.64
C ALA K 246 80.79 -19.97 8.23
N GLY K 247 81.70 -19.80 7.27
CA GLY K 247 81.42 -20.15 5.89
C GLY K 247 81.56 -21.62 5.60
N LEU K 248 81.76 -22.43 6.64
CA LEU K 248 81.83 -23.88 6.44
C LEU K 248 80.48 -24.45 6.01
N GLN K 249 79.38 -23.81 6.42
CA GLN K 249 78.05 -24.26 6.01
C GLN K 249 77.70 -23.83 4.60
N GLU K 250 78.63 -23.23 3.87
CA GLU K 250 78.40 -22.80 2.49
C GLU K 250 79.62 -23.15 1.65
N ASN K 251 79.36 -23.50 0.40
CA ASN K 251 80.42 -23.86 -0.54
C ASN K 251 79.95 -23.51 -1.95
N THR K 252 80.92 -23.42 -2.87
CA THR K 252 80.59 -23.05 -4.24
C THR K 252 79.90 -24.21 -4.96
N GLN K 253 80.28 -25.44 -4.66
CA GLN K 253 79.64 -26.61 -5.26
C GLN K 253 78.19 -26.76 -4.86
N GLY K 254 77.72 -26.01 -3.86
CA GLY K 254 76.32 -26.01 -3.49
C GLY K 254 75.86 -27.22 -2.71
N SER K 255 76.76 -28.15 -2.38
CA SER K 255 76.35 -29.35 -1.65
C SER K 255 75.78 -29.00 -0.28
N ARG K 256 76.36 -28.00 0.38
CA ARG K 256 75.88 -27.53 1.67
C ARG K 256 75.15 -26.20 1.49
N LYS K 257 74.28 -25.89 2.45
CA LYS K 257 73.47 -24.69 2.35
C LYS K 257 72.85 -24.38 3.71
N ARG K 258 72.47 -23.12 3.88
CA ARG K 258 71.82 -22.63 5.10
C ARG K 258 70.42 -22.16 4.71
N ILE K 259 69.41 -22.87 5.19
CA ILE K 259 68.03 -22.60 4.82
C ILE K 259 67.43 -21.60 5.81
N PHE K 260 66.34 -20.96 5.39
CA PHE K 260 65.58 -20.06 6.25
C PHE K 260 64.11 -20.33 6.01
N GLU K 261 63.47 -21.04 6.94
CA GLU K 261 62.11 -21.53 6.76
C GLU K 261 61.12 -20.49 7.28
N ASN K 262 60.91 -19.45 6.50
CA ASN K 262 59.88 -18.45 6.77
C ASN K 262 60.10 -17.81 8.14
N THR K 263 61.33 -17.37 8.36
CA THR K 263 61.71 -16.70 9.60
C THR K 263 62.43 -15.41 9.27
N LYS K 264 62.25 -14.39 10.11
CA LYS K 264 62.93 -13.11 9.97
C LYS K 264 64.25 -13.07 10.74
N GLN K 265 64.83 -14.24 11.03
CA GLN K 265 66.08 -14.32 11.77
C GLN K 265 67.20 -14.75 10.84
N PHE K 266 68.40 -14.23 11.09
CA PHE K 266 69.58 -14.56 10.32
C PHE K 266 70.74 -14.74 11.27
N ILE K 267 71.45 -15.87 11.13
CA ILE K 267 72.58 -16.20 12.00
C ILE K 267 73.67 -16.80 11.13
N TYR K 268 74.87 -16.21 11.17
CA TYR K 268 75.99 -16.63 10.35
C TYR K 268 77.24 -16.85 11.20
N GLU K 269 77.11 -17.58 12.30
CA GLU K 269 78.23 -17.90 13.17
C GLU K 269 78.28 -19.40 13.44
N VAL K 270 79.44 -19.86 13.87
CA VAL K 270 79.64 -21.26 14.25
C VAL K 270 80.57 -21.26 15.46
N ASN K 271 80.06 -21.69 16.61
CA ASN K 271 80.82 -21.72 17.85
C ASN K 271 81.40 -23.09 18.16
N SER K 272 80.82 -24.16 17.64
CA SER K 272 81.30 -25.52 17.87
C SER K 272 81.50 -26.21 16.54
N ILE K 273 82.26 -27.31 16.56
CA ILE K 273 82.57 -28.06 15.36
C ILE K 273 82.99 -29.46 15.78
N THR K 274 82.77 -30.44 14.90
CA THR K 274 83.14 -31.82 15.14
C THR K 274 83.72 -32.41 13.87
N ASP K 275 84.74 -33.24 14.02
CA ASP K 275 85.46 -33.84 12.91
C ASP K 275 85.08 -35.30 12.74
N PRO K 276 85.40 -35.90 11.60
CA PRO K 276 85.07 -37.32 11.38
C PRO K 276 85.70 -38.25 12.40
N LEU K 277 86.65 -37.78 13.20
CA LEU K 277 87.30 -38.60 14.21
C LEU K 277 86.57 -38.54 15.56
N GLY K 278 85.37 -37.97 15.58
CA GLY K 278 84.58 -37.86 16.79
C GLY K 278 85.08 -36.86 17.80
N GLN K 279 86.27 -36.31 17.64
CA GLN K 279 86.80 -35.34 18.59
C GLN K 279 86.19 -33.98 18.32
N SER K 280 85.43 -33.48 19.29
CA SER K 280 84.77 -32.19 19.17
C SER K 280 85.75 -31.06 19.50
N TYR K 281 85.37 -29.85 19.11
CA TYR K 281 86.19 -28.68 19.33
C TYR K 281 85.30 -27.47 19.52
N LYS K 282 85.73 -26.55 20.37
CA LYS K 282 85.00 -25.32 20.66
C LYS K 282 85.86 -24.11 20.31
N ILE K 283 85.23 -23.10 19.73
CA ILE K 283 85.92 -21.91 19.23
C ILE K 283 85.83 -20.80 20.27
N ILE K 284 86.92 -20.07 20.43
CA ILE K 284 86.98 -18.92 21.34
C ILE K 284 87.69 -17.78 20.62
N VAL K 285 87.32 -16.55 20.97
CA VAL K 285 87.78 -15.36 20.27
C VAL K 285 88.88 -14.70 21.08
N ASN K 286 89.89 -14.17 20.38
CA ASN K 286 90.98 -13.43 20.99
C ASN K 286 91.41 -12.35 20.00
N ARG K 287 91.29 -11.09 20.39
CA ARG K 287 91.34 -10.01 19.42
C ARG K 287 92.76 -9.56 19.08
N TRP K 288 93.67 -9.52 20.05
CA TRP K 288 94.98 -8.91 19.83
C TRP K 288 95.93 -9.82 19.05
N MET K 289 95.54 -11.02 18.68
CA MET K 289 96.47 -11.91 18.02
C MET K 289 96.48 -11.65 16.51
N PRO K 290 97.54 -12.08 15.82
CA PRO K 290 97.68 -11.74 14.40
C PRO K 290 96.60 -12.34 13.51
N THR K 291 96.59 -11.95 12.24
CA THR K 291 95.70 -12.55 11.26
C THR K 291 96.30 -13.78 10.58
N ASP K 292 97.50 -14.19 10.98
CA ASP K 292 98.19 -15.34 10.42
C ASP K 292 98.68 -16.26 11.53
N ALA K 293 97.80 -16.51 12.49
CA ALA K 293 98.14 -17.37 13.62
C ALA K 293 96.88 -18.02 14.15
N VAL K 294 96.94 -19.33 14.41
CA VAL K 294 95.84 -20.10 14.95
C VAL K 294 96.39 -21.05 15.99
N TYR K 295 95.64 -21.23 17.07
CA TYR K 295 96.05 -22.09 18.18
C TYR K 295 94.98 -23.13 18.47
N PHE K 296 95.40 -24.22 19.10
CA PHE K 296 94.51 -25.27 19.57
C PHE K 296 94.80 -25.48 21.05
N PHE K 297 93.98 -24.89 21.90
CA PHE K 297 94.25 -24.78 23.33
C PHE K 297 93.62 -25.93 24.10
N ARG K 298 94.17 -26.17 25.28
CA ARG K 298 93.64 -27.19 26.19
C ARG K 298 94.10 -26.83 27.60
N SER K 299 93.15 -26.58 28.49
CA SER K 299 93.50 -26.06 29.81
C SER K 299 94.40 -27.04 30.56
N ALA K 300 94.08 -28.34 30.50
CA ALA K 300 94.83 -29.32 31.26
C ALA K 300 96.30 -29.36 30.86
N ASP K 301 96.64 -28.94 29.65
CA ASP K 301 98.02 -29.00 29.16
C ASP K 301 98.79 -27.71 29.38
N TRP K 302 98.11 -26.60 29.64
CA TRP K 302 98.75 -25.31 29.82
C TRP K 302 98.39 -24.74 31.18
N THR K 303 99.41 -24.35 31.94
CA THR K 303 99.21 -23.72 33.23
C THR K 303 99.94 -22.39 33.29
N GLN K 304 100.02 -21.78 34.47
CA GLN K 304 100.67 -20.48 34.63
C GLN K 304 101.49 -20.53 35.91
N MET K 305 102.81 -20.63 35.76
CA MET K 305 103.73 -20.66 36.89
C MET K 305 103.99 -19.23 37.36
N VAL K 306 103.62 -18.95 38.60
CA VAL K 306 103.70 -17.60 39.17
C VAL K 306 104.72 -17.61 40.30
N LEU K 307 105.50 -16.53 40.39
CA LEU K 307 106.48 -16.35 41.45
C LEU K 307 106.28 -15.07 42.24
N ARG K 308 105.82 -14.00 41.59
CA ARG K 308 105.62 -12.70 42.24
C ARG K 308 104.23 -12.20 41.85
N ALA K 309 103.25 -12.45 42.71
CA ALA K 309 101.90 -11.99 42.45
C ALA K 309 101.86 -10.47 42.45
N PRO K 310 100.88 -9.88 41.75
CA PRO K 310 100.81 -8.42 41.70
C PRO K 310 100.55 -7.82 43.08
N LYS K 311 101.14 -6.65 43.32
CA LYS K 311 100.94 -5.95 44.57
C LYS K 311 101.37 -4.50 44.40
N ARG K 312 100.66 -3.60 45.07
CA ARG K 312 101.01 -2.19 45.06
C ARG K 312 102.07 -1.92 46.12
N THR K 313 103.18 -1.30 45.73
CA THR K 313 104.30 -1.03 46.62
C THR K 313 104.71 0.43 46.48
N GLU K 314 104.58 1.18 47.57
CA GLU K 314 105.01 2.58 47.60
C GLU K 314 106.52 2.64 47.75
N LEU K 315 107.20 3.18 46.74
CA LEU K 315 108.62 3.44 46.82
C LEU K 315 108.87 4.77 47.50
N ALA K 316 110.12 5.02 47.90
CA ALA K 316 110.45 6.24 48.62
C ALA K 316 110.01 7.46 47.83
N LYS K 317 109.56 8.49 48.55
CA LYS K 317 109.05 9.70 47.90
C LYS K 317 110.20 10.60 47.46
N ASP K 318 111.02 11.04 48.41
CA ASP K 318 112.19 11.87 48.10
C ASP K 318 111.77 13.16 47.38
N GLY K 319 110.75 13.83 47.93
CA GLY K 319 110.26 15.06 47.35
C GLY K 319 108.76 15.05 47.16
N SER K 320 108.30 15.40 45.97
CA SER K 320 106.88 15.33 45.62
C SER K 320 106.61 14.31 44.52
N TYR K 321 107.52 13.37 44.29
CA TYR K 321 107.31 12.37 43.25
C TYR K 321 106.16 11.44 43.61
N GLU K 322 106.26 10.74 44.73
CA GLU K 322 105.20 9.85 45.19
C GLU K 322 104.95 8.75 44.15
N LYS K 323 105.96 7.92 43.94
CA LYS K 323 105.90 6.86 42.94
C LYS K 323 105.41 5.56 43.56
N TRP K 324 104.89 4.69 42.72
CA TRP K 324 104.53 3.33 43.09
C TRP K 324 105.34 2.35 42.24
N MET K 325 105.18 1.06 42.54
CA MET K 325 105.85 0.02 41.78
C MET K 325 104.98 -1.22 41.82
N ILE K 326 104.94 -1.94 40.70
CA ILE K 326 104.18 -3.17 40.57
C ILE K 326 105.14 -4.24 40.08
N GLU K 327 105.40 -5.24 40.93
CA GLU K 327 106.29 -6.34 40.59
C GLU K 327 105.45 -7.53 40.15
N MET K 328 105.78 -8.07 38.97
CA MET K 328 105.04 -9.18 38.39
C MET K 328 106.03 -10.12 37.72
N GLU K 329 105.93 -11.40 38.09
CA GLU K 329 106.76 -12.45 37.52
C GLU K 329 105.86 -13.65 37.24
N VAL K 330 105.65 -13.95 35.96
CA VAL K 330 104.77 -15.04 35.56
C VAL K 330 105.49 -15.90 34.53
N GLY K 331 105.24 -17.21 34.60
CA GLY K 331 105.74 -18.13 33.61
C GLY K 331 104.72 -19.22 33.35
N LEU K 332 104.84 -19.83 32.19
CA LEU K 332 103.89 -20.85 31.73
C LEU K 332 104.64 -22.08 31.26
N ARG K 333 104.02 -23.24 31.41
CA ARG K 333 104.60 -24.51 30.99
C ARG K 333 103.63 -25.23 30.08
N HIS K 334 104.13 -26.23 29.37
CA HIS K 334 103.32 -27.05 28.50
C HIS K 334 103.82 -28.49 28.58
N ARG K 335 102.91 -29.41 28.86
CA ARG K 335 103.30 -30.79 29.15
C ARG K 335 104.13 -31.38 28.01
N ASN K 336 103.53 -31.49 26.82
CA ASN K 336 104.21 -32.10 25.68
C ASN K 336 104.07 -31.17 24.48
N PRO K 337 105.18 -30.81 23.83
CA PRO K 337 105.09 -29.87 22.70
C PRO K 337 104.21 -30.36 21.57
N TYR K 338 103.93 -31.65 21.49
CA TYR K 338 103.04 -32.20 20.48
C TYR K 338 101.60 -32.27 20.95
N ALA K 339 101.33 -31.99 22.22
CA ALA K 339 99.96 -32.00 22.73
C ALA K 339 99.14 -30.82 22.27
N SER K 340 99.71 -29.91 21.49
CA SER K 340 98.98 -28.77 20.94
C SER K 340 99.34 -28.63 19.47
N GLY K 341 98.63 -27.74 18.79
CA GLY K 341 98.83 -27.55 17.37
C GLY K 341 98.61 -26.11 16.98
N VAL K 342 99.30 -25.69 15.93
CA VAL K 342 99.19 -24.34 15.38
C VAL K 342 99.04 -24.44 13.87
N LEU K 343 98.34 -23.46 13.31
CA LEU K 343 98.14 -23.40 11.86
C LEU K 343 98.36 -21.97 11.41
N PHE K 344 99.49 -21.72 10.75
CA PHE K 344 99.81 -20.40 10.24
C PHE K 344 99.22 -20.24 8.84
N THR K 345 99.53 -19.12 8.19
CA THR K 345 99.12 -18.88 6.82
C THR K 345 100.09 -17.89 6.18
N ALA K 346 100.39 -18.12 4.91
CA ALA K 346 101.36 -17.28 4.21
C ALA K 346 101.37 -17.69 2.74
N ALA K 347 102.02 -16.85 1.93
CA ALA K 347 102.19 -17.14 0.51
C ALA K 347 103.34 -16.29 -0.01
N GLY K 348 103.99 -16.77 -1.06
CA GLY K 348 105.11 -16.08 -1.65
C GLY K 348 106.20 -17.01 -2.15
N ASN L 3 -23.09 7.13 -23.58
CA ASN L 3 -22.01 7.63 -24.49
C ASN L 3 -20.94 8.43 -23.75
N PRO L 4 -21.35 9.30 -22.81
CA PRO L 4 -20.34 10.07 -22.06
C PRO L 4 -19.35 9.16 -21.34
N THR L 5 -18.08 9.25 -21.74
CA THR L 5 -17.01 8.47 -21.14
C THR L 5 -16.13 9.29 -20.20
N LEU L 6 -16.31 10.61 -20.17
CA LEU L 6 -15.52 11.48 -19.29
C LEU L 6 -16.38 12.69 -18.97
N PHE L 7 -16.92 12.72 -17.76
CA PHE L 7 -17.78 13.83 -17.35
C PHE L 7 -17.03 15.15 -17.43
N VAL L 8 -17.61 16.11 -18.13
CA VAL L 8 -17.00 17.41 -18.35
C VAL L 8 -17.70 18.50 -17.53
N SER L 9 -18.46 18.11 -16.51
CA SER L 9 -19.25 18.99 -15.66
C SER L 9 -20.47 19.55 -16.38
N TYR L 10 -20.67 19.21 -17.65
CA TYR L 10 -21.84 19.64 -18.41
C TYR L 10 -22.87 18.53 -18.58
N ASP L 11 -22.41 17.28 -18.73
CA ASP L 11 -23.31 16.14 -18.84
C ASP L 11 -24.07 15.87 -17.55
N GLN L 12 -23.74 16.56 -16.45
CA GLN L 12 -24.42 16.35 -15.19
C GLN L 12 -25.79 17.02 -15.22
N ASN L 13 -26.82 16.29 -14.79
CA ASN L 13 -28.14 16.85 -14.58
C ASN L 13 -28.39 17.07 -13.10
N GLY L 14 -29.36 17.93 -12.81
CA GLY L 14 -29.74 18.21 -11.44
C GLY L 14 -28.73 19.07 -10.70
N LYS L 15 -28.56 20.31 -11.15
CA LYS L 15 -27.67 21.25 -10.49
C LYS L 15 -28.42 22.03 -9.42
N LYS L 16 -27.72 22.97 -8.78
CA LYS L 16 -28.29 23.80 -7.73
C LYS L 16 -28.40 25.26 -8.12
N LEU L 17 -27.70 25.70 -9.17
CA LEU L 17 -27.68 27.04 -9.73
C LEU L 17 -26.88 28.02 -8.87
N SER L 18 -26.45 27.64 -7.66
CA SER L 18 -25.55 28.42 -6.81
C SER L 18 -25.86 29.93 -6.90
N PHE L 19 -27.12 30.26 -6.64
CA PHE L 19 -27.49 31.66 -6.56
C PHE L 19 -26.87 32.31 -5.34
N ALA L 20 -26.98 33.64 -5.27
CA ALA L 20 -26.47 34.42 -4.16
C ALA L 20 -27.58 34.71 -3.16
N ASN L 21 -27.16 34.99 -1.93
CA ASN L 21 -28.08 35.24 -0.82
C ASN L 21 -28.20 36.73 -0.52
N TRP L 22 -28.19 37.54 -1.57
CA TRP L 22 -28.38 38.98 -1.41
C TRP L 22 -28.94 39.53 -2.71
N ILE L 23 -29.25 40.83 -2.69
CA ILE L 23 -29.77 41.53 -3.87
C ILE L 23 -29.19 42.94 -3.85
N SER L 24 -28.99 43.51 -5.04
CA SER L 24 -28.35 44.80 -5.22
C SER L 24 -29.39 45.78 -5.75
N VAL L 25 -29.81 46.71 -4.90
CA VAL L 25 -30.76 47.76 -5.28
C VAL L 25 -29.91 48.96 -5.72
N LEU L 26 -29.64 49.03 -7.02
CA LEU L 26 -28.80 50.09 -7.57
C LEU L 26 -29.43 51.47 -7.48
N SER L 27 -30.73 51.57 -7.21
CA SER L 27 -31.37 52.87 -7.20
C SER L 27 -30.75 53.75 -6.11
N PRO L 28 -30.74 55.07 -6.31
CA PRO L 28 -30.16 55.97 -5.31
C PRO L 28 -31.03 56.06 -4.06
N GLN L 29 -30.51 55.57 -2.94
CA GLN L 29 -31.24 55.51 -1.68
C GLN L 29 -30.79 56.57 -0.68
N ASP L 30 -29.88 57.46 -1.07
CA ASP L 30 -29.40 58.49 -0.16
C ASP L 30 -30.50 59.48 0.15
N THR L 31 -30.65 59.82 1.44
CA THR L 31 -31.64 60.79 1.89
C THR L 31 -31.00 61.68 2.94
N PRO L 32 -30.17 62.65 2.51
CA PRO L 32 -29.49 63.50 3.50
C PRO L 32 -30.43 64.29 4.38
N PHE L 33 -31.44 64.95 3.78
CA PHE L 33 -32.32 65.82 4.55
C PHE L 33 -33.05 65.04 5.64
N VAL L 34 -33.60 63.89 5.29
CA VAL L 34 -34.33 63.08 6.26
C VAL L 34 -33.37 62.50 7.30
N SER L 35 -32.23 61.99 6.85
CA SER L 35 -31.27 61.38 7.78
C SER L 35 -30.69 62.40 8.75
N MET L 36 -30.70 63.69 8.39
CA MET L 36 -30.16 64.72 9.26
C MET L 36 -31.22 65.24 10.24
N THR L 37 -32.32 65.74 9.71
CA THR L 37 -33.37 66.30 10.55
C THR L 37 -33.99 65.22 11.44
N GLY L 38 -34.20 65.57 12.70
CA GLY L 38 -34.87 64.66 13.62
C GLY L 38 -36.37 64.62 13.39
N LYS L 39 -37.12 64.10 14.36
CA LYS L 39 -38.56 64.00 14.23
C LYS L 39 -39.19 63.88 15.61
N GLU L 40 -40.44 64.33 15.71
CA GLU L 40 -41.19 64.29 16.96
C GLU L 40 -42.64 63.96 16.65
N SER L 41 -43.19 63.01 17.41
CA SER L 41 -44.55 62.54 17.18
C SER L 41 -45.55 63.56 17.70
N ILE L 42 -46.66 63.74 16.96
CA ILE L 42 -47.73 64.62 17.35
C ILE L 42 -49.06 63.89 17.15
N ASN L 43 -50.06 64.26 17.95
CA ASN L 43 -51.37 63.63 17.84
C ASN L 43 -52.23 64.31 16.78
N GLN L 44 -52.20 65.64 16.73
CA GLN L 44 -53.07 66.38 15.83
C GLN L 44 -52.43 66.50 14.45
N THR L 45 -53.30 66.60 13.43
CA THR L 45 -52.83 66.68 12.06
C THR L 45 -52.14 68.02 11.79
N ILE L 46 -52.70 69.10 12.30
CA ILE L 46 -52.14 70.44 12.13
C ILE L 46 -51.26 70.75 13.32
N PHE L 47 -50.25 71.59 13.09
CA PHE L 47 -49.33 72.01 14.14
C PHE L 47 -48.95 73.46 13.87
N SER L 48 -48.04 73.98 14.69
CA SER L 48 -47.64 75.38 14.58
C SER L 48 -46.48 75.63 15.54
N TRP L 49 -45.89 76.81 15.40
CA TRP L 49 -44.76 77.21 16.24
C TRP L 49 -44.72 78.72 16.30
N GLN L 50 -44.24 79.26 17.41
CA GLN L 50 -44.17 80.70 17.62
C GLN L 50 -42.78 81.21 17.33
N THR L 51 -42.71 82.41 16.76
CA THR L 51 -41.45 83.08 16.48
C THR L 51 -41.56 84.53 16.91
N ASP L 52 -40.47 85.06 17.47
CA ASP L 52 -40.45 86.42 18.00
C ASP L 52 -39.16 87.09 17.54
N ALA L 53 -39.05 88.38 17.85
CA ALA L 53 -37.88 89.16 17.49
C ALA L 53 -37.69 90.26 18.52
N LEU L 54 -36.42 90.55 18.83
CA LEU L 54 -36.10 91.62 19.75
C LEU L 54 -36.48 92.97 19.15
N ALA L 55 -36.27 94.03 19.92
CA ALA L 55 -36.51 95.37 19.43
C ALA L 55 -35.20 95.98 18.95
N SER L 56 -35.31 97.10 18.24
CA SER L 56 -34.13 97.73 17.66
C SER L 56 -33.15 98.13 18.75
N VAL L 57 -31.86 98.15 18.39
CA VAL L 57 -30.82 98.54 19.32
C VAL L 57 -30.93 100.05 19.54
N ASP L 58 -30.33 100.55 20.63
CA ASP L 58 -30.40 101.96 20.97
C ASP L 58 -28.98 102.43 21.27
N GLY L 59 -28.37 103.13 20.32
CA GLY L 59 -27.02 103.62 20.48
C GLY L 59 -26.85 104.84 21.35
N ASN L 60 -27.94 105.31 21.97
CA ASN L 60 -27.90 106.45 22.89
C ASN L 60 -28.62 106.09 24.19
N ASN L 61 -28.38 104.89 24.69
CA ASN L 61 -29.08 104.38 25.88
C ASN L 61 -28.30 104.77 27.15
N ALA L 62 -28.19 106.07 27.37
CA ALA L 62 -27.49 106.62 28.53
C ALA L 62 -28.52 107.34 29.40
N HIS L 63 -29.05 106.63 30.39
CA HIS L 63 -30.03 107.19 31.31
C HIS L 63 -29.37 107.65 32.60
N VAL L 64 -29.96 108.66 33.22
CA VAL L 64 -29.46 109.22 34.47
C VAL L 64 -29.96 108.39 35.65
N GLU L 65 -29.40 108.63 36.82
CA GLU L 65 -29.81 107.89 38.03
C GLU L 65 -31.24 108.22 38.41
N GLY L 66 -31.52 109.49 38.68
CA GLY L 66 -32.84 109.90 39.12
C GLY L 66 -33.85 109.87 38.00
N SER L 67 -34.31 108.67 37.65
CA SER L 67 -35.21 108.47 36.53
C SER L 67 -36.66 108.42 37.00
N ARG L 68 -37.52 109.11 36.27
CA ARG L 68 -38.96 109.08 36.51
C ARG L 68 -39.52 107.89 35.74
N ALA L 69 -40.10 106.93 36.47
CA ALA L 69 -40.41 105.63 35.89
C ALA L 69 -41.02 105.78 34.50
N GLU L 70 -40.47 105.02 33.55
CA GLU L 70 -40.83 105.15 32.15
C GLU L 70 -42.04 104.28 31.82
N ASP L 71 -42.46 104.34 30.56
CA ASP L 71 -43.58 103.54 30.09
C ASP L 71 -43.13 102.19 29.57
N GLY L 72 -42.12 102.18 28.70
CA GLY L 72 -41.65 100.95 28.10
C GLY L 72 -42.26 100.72 26.73
N GLU L 73 -42.20 99.46 26.28
CA GLU L 73 -42.73 99.08 24.98
C GLU L 73 -43.24 97.66 25.05
N MET L 74 -44.00 97.27 24.02
CA MET L 74 -44.61 95.95 23.93
C MET L 74 -44.08 95.23 22.70
N LYS L 75 -44.13 93.90 22.75
CA LYS L 75 -43.74 93.06 21.62
C LYS L 75 -44.64 91.83 21.57
N PRO L 76 -45.55 91.74 20.62
CA PRO L 76 -46.34 90.52 20.46
C PRO L 76 -45.51 89.39 19.88
N THR L 77 -46.03 88.17 20.02
CA THR L 77 -45.42 86.98 19.45
C THR L 77 -46.08 86.63 18.13
N VAL L 78 -45.27 86.29 17.14
CA VAL L 78 -45.75 85.93 15.82
C VAL L 78 -45.92 84.42 15.76
N ILE L 79 -47.00 83.98 15.12
CA ILE L 79 -47.33 82.56 15.02
C ILE L 79 -47.19 82.11 13.58
N LYS L 80 -46.70 80.89 13.40
CA LYS L 80 -46.62 80.23 12.10
C LYS L 80 -47.51 78.99 12.16
N SER L 81 -47.51 78.22 11.08
CA SER L 81 -48.34 77.02 11.00
C SER L 81 -47.99 76.26 9.74
N ASN L 82 -48.49 75.02 9.68
CA ASN L 82 -48.29 74.15 8.52
C ASN L 82 -49.20 72.94 8.71
N VAL L 83 -49.39 72.21 7.61
CA VAL L 83 -50.29 71.06 7.58
C VAL L 83 -49.52 69.85 7.06
N THR L 84 -49.99 68.67 7.43
CA THR L 84 -49.37 67.42 7.02
C THR L 84 -49.97 66.92 5.71
N GLN L 85 -49.29 65.94 5.11
CA GLN L 85 -49.74 65.31 3.88
C GLN L 85 -49.85 63.81 4.10
N ILE L 86 -50.76 63.18 3.36
CA ILE L 86 -51.02 61.75 3.48
C ILE L 86 -50.49 61.06 2.23
N LEU L 87 -49.56 60.14 2.43
CA LEU L 87 -48.99 59.36 1.33
C LEU L 87 -49.03 57.89 1.73
N ARG L 88 -49.16 57.00 0.74
CA ARG L 88 -49.29 55.58 1.01
C ARG L 88 -48.79 54.78 -0.17
N LYS L 89 -48.44 53.52 0.11
CA LYS L 89 -47.99 52.57 -0.90
C LYS L 89 -48.65 51.23 -0.62
N VAL L 90 -49.57 50.82 -1.49
CA VAL L 90 -50.30 49.59 -1.31
C VAL L 90 -49.62 48.47 -2.06
N VAL L 91 -49.81 47.24 -1.58
CA VAL L 91 -49.21 46.07 -2.21
C VAL L 91 -50.11 44.88 -1.93
N ARG L 92 -50.19 43.97 -2.91
CA ARG L 92 -50.97 42.75 -2.75
C ARG L 92 -50.31 41.65 -3.57
N VAL L 93 -50.22 40.45 -2.99
CA VAL L 93 -49.62 39.30 -3.64
C VAL L 93 -50.49 38.08 -3.36
N SER L 94 -50.10 36.95 -3.94
CA SER L 94 -50.81 35.70 -3.75
C SER L 94 -50.04 34.80 -2.79
N ASP L 95 -50.79 34.09 -1.94
CA ASP L 95 -50.16 33.21 -0.96
C ASP L 95 -49.36 32.11 -1.66
N THR L 96 -49.79 31.70 -2.86
CA THR L 96 -49.05 30.67 -3.59
C THR L 96 -47.62 31.12 -3.87
N ALA L 97 -47.40 32.42 -3.98
CA ALA L 97 -46.04 32.94 -4.17
C ALA L 97 -45.34 33.20 -2.85
N ASN L 98 -46.09 33.49 -1.79
CA ASN L 98 -45.47 33.75 -0.49
C ASN L 98 -44.86 32.49 0.11
N THR L 99 -45.47 31.34 -0.14
CA THR L 99 -44.95 30.08 0.36
C THR L 99 -43.75 29.58 -0.44
N THR L 100 -43.53 30.09 -1.65
CA THR L 100 -42.37 29.70 -2.42
C THR L 100 -41.09 30.12 -1.71
N ALA L 101 -39.99 29.48 -2.10
CA ALA L 101 -38.68 29.73 -1.51
C ALA L 101 -37.82 30.51 -2.48
N ASN L 102 -37.41 31.70 -2.08
CA ASN L 102 -36.44 32.50 -2.82
C ASN L 102 -35.07 32.35 -2.18
N TYR L 103 -34.08 33.01 -2.76
CA TYR L 103 -32.69 32.85 -2.32
C TYR L 103 -32.28 33.94 -1.32
N GLY L 104 -32.47 35.21 -1.69
CA GLY L 104 -32.01 36.29 -0.85
C GLY L 104 -33.12 37.10 -0.21
N ARG L 105 -34.30 36.52 -0.11
CA ARG L 105 -35.45 37.25 0.43
C ARG L 105 -36.18 36.48 1.52
N GLY L 106 -36.25 35.15 1.43
CA GLY L 106 -37.01 34.37 2.39
C GLY L 106 -38.48 34.36 2.05
N ARG L 107 -39.07 35.55 1.92
CA ARG L 107 -40.46 35.69 1.51
C ARG L 107 -40.60 36.91 0.64
N GLU L 108 -41.69 36.95 -0.13
CA GLU L 108 -41.92 38.02 -1.08
C GLU L 108 -42.59 39.24 -0.44
N LEU L 109 -43.43 39.02 0.57
CA LEU L 109 -44.21 40.13 1.12
C LEU L 109 -43.31 41.16 1.79
N MET L 110 -42.49 40.72 2.74
CA MET L 110 -41.63 41.66 3.45
C MET L 110 -40.64 42.34 2.52
N TYR L 111 -40.16 41.65 1.49
CA TYR L 111 -39.24 42.26 0.55
C TYR L 111 -39.90 43.44 -0.16
N GLN L 112 -41.10 43.22 -0.72
CA GLN L 112 -41.82 44.31 -1.36
C GLN L 112 -42.17 45.40 -0.36
N LEU L 113 -42.46 45.03 0.89
CA LEU L 113 -42.82 46.03 1.89
C LEU L 113 -41.64 46.95 2.19
N GLU L 114 -40.46 46.39 2.38
CA GLU L 114 -39.28 47.22 2.63
C GLU L 114 -38.91 48.03 1.39
N LYS L 115 -39.08 47.45 0.20
CA LYS L 115 -38.83 48.21 -1.03
C LYS L 115 -39.75 49.41 -1.11
N LYS L 116 -41.04 49.22 -0.78
CA LYS L 116 -41.97 50.34 -0.76
C LYS L 116 -41.66 51.33 0.34
N GLY L 117 -41.12 50.86 1.46
CA GLY L 117 -40.68 51.78 2.50
C GLY L 117 -39.56 52.69 2.03
N LYS L 118 -38.57 52.12 1.35
CA LYS L 118 -37.49 52.93 0.78
C LYS L 118 -38.04 53.88 -0.29
N GLU L 119 -38.99 53.40 -1.09
CA GLU L 119 -39.62 54.27 -2.08
C GLU L 119 -40.32 55.44 -1.38
N ILE L 120 -40.96 55.18 -0.25
CA ILE L 120 -41.62 56.25 0.50
C ILE L 120 -40.59 57.24 1.02
N LYS L 121 -39.46 56.73 1.51
CA LYS L 121 -38.39 57.62 1.98
C LYS L 121 -37.96 58.57 0.86
N ARG L 122 -37.64 58.01 -0.31
CA ARG L 122 -37.16 58.87 -1.40
C ARG L 122 -38.26 59.79 -1.92
N ASP L 123 -39.51 59.32 -1.94
CA ASP L 123 -40.60 60.18 -2.39
C ASP L 123 -40.81 61.36 -1.44
N LEU L 124 -40.71 61.10 -0.13
CA LEU L 124 -40.82 62.20 0.83
C LEU L 124 -39.65 63.16 0.70
N GLU L 125 -38.44 62.63 0.47
CA GLU L 125 -37.30 63.49 0.22
C GLU L 125 -37.53 64.38 -0.99
N LYS L 126 -38.14 63.83 -2.04
CA LYS L 126 -38.45 64.62 -3.22
C LYS L 126 -39.52 65.68 -2.93
N ILE L 127 -40.56 65.30 -2.19
CA ILE L 127 -41.67 66.21 -1.94
C ILE L 127 -41.21 67.39 -1.09
N LEU L 128 -40.47 67.11 -0.01
CA LEU L 128 -40.05 68.17 0.90
C LEU L 128 -39.25 69.26 0.18
N LEU L 129 -38.66 68.96 -0.97
CA LEU L 129 -37.91 69.93 -1.74
C LEU L 129 -38.58 70.34 -3.03
N SER L 130 -39.72 69.73 -3.39
CA SER L 130 -40.42 70.10 -4.61
C SER L 130 -40.78 71.58 -4.64
N GLY L 131 -40.89 72.22 -3.47
CA GLY L 131 -41.25 73.62 -3.41
C GLY L 131 -42.73 73.90 -3.38
N GLN L 132 -43.57 72.86 -3.24
CA GLN L 132 -45.01 73.05 -3.24
C GLN L 132 -45.45 73.89 -2.04
N ALA L 133 -46.71 74.29 -2.08
CA ALA L 133 -47.33 75.04 -1.00
C ALA L 133 -48.29 74.14 -0.23
N ARG L 134 -48.80 74.64 0.89
CA ARG L 134 -49.75 73.90 1.71
C ARG L 134 -51.15 74.18 1.18
N THR L 135 -51.61 73.32 0.27
CA THR L 135 -52.95 73.43 -0.30
C THR L 135 -53.91 72.66 0.58
N ASP L 136 -54.90 73.37 1.14
CA ASP L 136 -55.83 72.76 2.07
C ASP L 136 -57.12 73.58 2.06
N VAL L 137 -58.22 72.92 2.42
CA VAL L 137 -59.52 73.57 2.39
C VAL L 137 -59.77 74.43 3.62
N LEU L 138 -59.13 74.15 4.74
CA LEU L 138 -59.34 74.92 5.95
C LEU L 138 -58.71 76.30 5.82
N ALA L 139 -59.34 77.30 6.41
CA ALA L 139 -58.85 78.66 6.38
C ALA L 139 -57.81 78.86 7.48
N ASP L 140 -57.46 80.11 7.76
CA ASP L 140 -56.44 80.45 8.75
C ASP L 140 -57.02 80.67 10.14
N GLN L 141 -58.16 80.06 10.44
CA GLN L 141 -58.83 80.22 11.73
C GLN L 141 -58.38 79.19 12.77
N TYR L 142 -57.13 78.73 12.70
CA TYR L 142 -56.68 77.67 13.59
C TYR L 142 -56.88 78.03 15.06
N LEU L 143 -56.59 79.28 15.45
CA LEU L 143 -56.69 79.68 16.85
C LEU L 143 -58.13 79.80 17.33
N THR L 144 -59.12 79.57 16.47
CA THR L 144 -60.52 79.62 16.90
C THR L 144 -60.90 78.44 17.78
N ASN L 145 -60.02 77.46 17.96
CA ASN L 145 -60.22 76.28 18.80
C ASN L 145 -61.20 75.31 18.16
N SER L 146 -61.53 75.48 16.88
CA SER L 146 -62.44 74.59 16.19
C SER L 146 -62.17 74.69 14.69
N ALA L 147 -63.01 74.06 13.89
CA ALA L 147 -62.86 74.01 12.44
C ALA L 147 -64.01 74.76 11.78
N ALA L 148 -63.94 74.84 10.45
CA ALA L 148 -64.99 75.49 9.66
C ALA L 148 -66.14 74.52 9.45
N ASP L 149 -66.92 74.33 10.51
CA ASP L 149 -68.08 73.45 10.43
C ASP L 149 -69.02 73.81 9.29
N PRO L 150 -69.48 75.06 9.16
CA PRO L 150 -70.41 75.38 8.07
C PRO L 150 -69.77 75.30 6.68
N ALA L 151 -68.50 74.91 6.59
CA ALA L 151 -67.83 74.71 5.30
C ALA L 151 -67.55 73.25 5.00
N VAL L 152 -67.39 72.40 6.01
CA VAL L 152 -67.06 70.99 5.81
C VAL L 152 -67.95 70.05 6.61
N ALA L 153 -68.70 70.55 7.59
CA ALA L 153 -69.52 69.66 8.41
C ALA L 153 -70.52 68.90 7.56
N GLY L 154 -71.11 69.54 6.55
CA GLY L 154 -72.08 68.88 5.69
C GLY L 154 -71.48 67.82 4.80
N LEU L 155 -70.16 67.77 4.69
CA LEU L 155 -69.46 66.78 3.88
C LEU L 155 -68.94 65.66 4.76
N ASN L 156 -68.64 64.53 4.12
CA ASN L 156 -68.20 63.34 4.82
C ASN L 156 -66.85 62.82 4.37
N ASP L 157 -66.56 62.85 3.06
CA ASP L 157 -65.31 62.33 2.53
C ASP L 157 -65.12 62.88 1.13
N THR L 158 -64.10 62.37 0.43
CA THR L 158 -63.83 62.66 -0.97
C THR L 158 -63.30 64.06 -1.19
N HIS L 159 -62.88 64.76 -0.13
CA HIS L 159 -62.30 66.09 -0.30
C HIS L 159 -60.96 66.00 -1.00
N ALA L 160 -60.54 67.11 -1.60
CA ALA L 160 -59.25 67.14 -2.28
C ALA L 160 -58.13 66.78 -1.32
N ALA L 161 -57.07 66.18 -1.87
CA ALA L 161 -55.95 65.75 -1.05
C ALA L 161 -55.36 66.95 -0.30
N ARG L 162 -54.56 66.62 0.72
CA ARG L 162 -53.94 67.63 1.57
C ARG L 162 -52.45 67.66 1.27
N LYS L 163 -51.95 68.83 0.90
CA LYS L 163 -50.55 69.02 0.50
C LYS L 163 -49.85 69.80 1.60
N THR L 164 -48.68 69.32 2.02
CA THR L 164 -47.90 69.99 3.04
C THR L 164 -47.04 71.09 2.43
N GLY L 165 -46.74 72.10 3.26
CA GLY L 165 -45.78 73.11 2.85
C GLY L 165 -44.43 72.50 2.53
N ALA L 166 -43.68 73.18 1.67
CA ALA L 166 -42.39 72.71 1.20
C ALA L 166 -41.28 73.61 1.76
N PHE L 167 -40.04 73.26 1.41
CA PHE L 167 -38.91 74.07 1.86
C PHE L 167 -39.01 75.49 1.33
N GLN L 168 -39.47 75.63 0.07
CA GLN L 168 -39.61 76.96 -0.52
C GLN L 168 -40.78 77.74 0.04
N PHE L 169 -41.73 77.07 0.69
CA PHE L 169 -42.91 77.72 1.24
C PHE L 169 -42.73 78.10 2.70
N LEU L 170 -42.10 77.22 3.49
CA LEU L 170 -41.82 77.54 4.88
C LEU L 170 -40.94 78.77 5.02
N CYS L 171 -40.17 79.10 4.00
CA CYS L 171 -39.33 80.29 4.01
C CYS L 171 -40.16 81.49 3.57
N ALA L 172 -39.50 82.64 3.40
CA ALA L 172 -40.18 83.86 2.98
C ALA L 172 -40.34 83.86 1.46
N HIS L 173 -41.24 83.00 1.00
CA HIS L 173 -41.49 82.89 -0.44
C HIS L 173 -41.88 84.25 -1.03
N GLY L 174 -42.79 84.95 -0.36
CA GLY L 174 -43.20 86.28 -0.78
C GLY L 174 -44.15 86.33 -1.94
N GLY L 175 -44.55 85.19 -2.51
CA GLY L 175 -45.47 85.21 -3.62
C GLY L 175 -45.89 83.80 -3.99
N LEU L 176 -46.83 83.73 -4.92
CA LEU L 176 -47.35 82.45 -5.40
C LEU L 176 -47.72 82.59 -6.86
N ALA L 177 -47.88 81.45 -7.53
CA ALA L 177 -48.22 81.42 -8.95
C ALA L 177 -48.91 80.10 -9.23
N GLY L 178 -50.24 80.17 -9.44
CA GLY L 178 -51.01 78.98 -9.77
C GLY L 178 -51.13 77.98 -8.63
N GLY L 179 -50.63 78.35 -7.45
CA GLY L 179 -50.69 77.45 -6.31
C GLY L 179 -49.32 77.13 -5.76
N VAL L 180 -48.34 77.05 -6.66
CA VAL L 180 -46.95 76.77 -6.29
C VAL L 180 -46.21 78.09 -6.10
N VAL L 181 -45.09 78.02 -5.37
CA VAL L 181 -44.32 79.22 -5.08
C VAL L 181 -43.80 79.82 -6.39
N ASP L 182 -43.95 81.13 -6.52
CA ASP L 182 -43.47 81.82 -7.72
C ASP L 182 -41.96 82.04 -7.60
N LYS L 183 -41.28 82.02 -8.75
CA LYS L 183 -39.83 82.07 -8.82
C LYS L 183 -39.33 83.33 -9.50
N THR L 184 -40.09 84.42 -9.42
CA THR L 184 -39.69 85.67 -10.06
C THR L 184 -40.03 86.89 -9.21
N LYS L 185 -40.12 86.75 -7.89
CA LYS L 185 -40.46 87.85 -7.00
C LYS L 185 -39.54 87.84 -5.79
N ASN L 186 -39.11 89.03 -5.39
CA ASN L 186 -38.25 89.17 -4.22
C ASN L 186 -39.09 89.19 -2.96
N GLY L 187 -38.69 88.40 -1.97
CA GLY L 187 -39.42 88.31 -0.72
C GLY L 187 -39.44 89.62 0.04
N PRO L 188 -40.33 89.73 1.02
CA PRO L 188 -40.41 90.97 1.80
C PRO L 188 -39.39 91.02 2.93
N ALA L 189 -39.07 92.25 3.33
CA ALA L 189 -38.14 92.47 4.42
C ALA L 189 -38.91 92.68 5.72
N ASP L 190 -38.31 92.22 6.82
CA ASP L 190 -38.93 92.37 8.12
C ASP L 190 -38.93 93.85 8.53
N PRO L 191 -40.00 94.36 9.13
CA PRO L 191 -40.02 95.78 9.48
C PRO L 191 -38.97 96.18 10.50
N ASP L 192 -38.53 95.25 11.34
CA ASP L 192 -37.52 95.53 12.35
C ASP L 192 -36.11 95.34 11.78
N THR L 193 -35.89 94.27 11.02
CA THR L 193 -34.61 93.98 10.40
C THR L 193 -34.73 94.07 8.89
N GLY L 194 -33.86 94.87 8.28
CA GLY L 194 -33.89 95.04 6.84
C GLY L 194 -33.17 93.93 6.10
N ALA L 195 -33.70 92.71 6.22
CA ALA L 195 -33.11 91.55 5.59
C ALA L 195 -34.12 90.90 4.64
N VAL L 196 -33.63 90.50 3.47
CA VAL L 196 -34.40 89.76 2.49
C VAL L 196 -33.59 88.54 2.09
N THR L 197 -34.19 87.36 2.22
CA THR L 197 -33.48 86.11 1.98
C THR L 197 -33.52 85.65 0.53
N VAL L 198 -34.68 85.67 -0.10
CA VAL L 198 -34.84 85.17 -1.46
C VAL L 198 -34.61 86.31 -2.43
N LYS L 199 -33.77 86.08 -3.44
CA LYS L 199 -33.50 87.08 -4.45
C LYS L 199 -33.06 86.35 -5.72
N VAL L 200 -33.72 86.68 -6.83
CA VAL L 200 -33.42 86.05 -8.11
C VAL L 200 -32.46 86.92 -8.89
N ALA L 201 -31.55 86.27 -9.63
CA ALA L 201 -30.58 86.99 -10.44
C ALA L 201 -31.21 87.45 -11.74
N GLN L 202 -31.01 88.72 -12.08
CA GLN L 202 -31.58 89.34 -13.27
C GLN L 202 -30.45 89.60 -14.26
N ASN L 203 -30.40 88.80 -15.31
CA ASN L 203 -29.38 88.94 -16.36
C ASN L 203 -29.85 89.91 -17.44
N ALA L 204 -30.27 91.11 -17.04
CA ALA L 204 -30.68 92.14 -17.98
C ALA L 204 -29.51 92.90 -18.58
N SER L 205 -28.30 92.69 -18.07
CA SER L 205 -27.10 93.35 -18.58
C SER L 205 -26.09 92.36 -19.15
N ASN L 206 -26.51 91.14 -19.44
CA ASN L 206 -25.64 90.09 -19.93
C ASN L 206 -26.06 89.67 -21.32
N PRO L 207 -25.17 89.04 -22.09
CA PRO L 207 -25.56 88.57 -23.42
C PRO L 207 -26.63 87.49 -23.35
N THR L 208 -27.26 87.24 -24.49
CA THR L 208 -28.27 86.19 -24.57
C THR L 208 -27.67 84.80 -24.31
N THR L 209 -26.36 84.63 -24.53
CA THR L 209 -25.74 83.34 -24.27
C THR L 209 -25.79 82.99 -22.79
N ASN L 210 -25.48 83.95 -21.92
CA ASN L 210 -25.55 83.72 -20.49
C ASN L 210 -27.00 83.52 -20.06
N ILE L 211 -27.25 82.47 -19.28
CA ILE L 211 -28.59 82.10 -18.85
C ILE L 211 -28.62 82.12 -17.33
N GLY L 212 -28.87 83.28 -16.75
CA GLY L 212 -29.06 83.40 -15.31
C GLY L 212 -27.89 82.87 -14.50
N PHE L 213 -28.05 82.95 -13.18
CA PHE L 213 -27.09 82.39 -12.23
C PHE L 213 -25.68 82.95 -12.48
N ASP L 214 -25.58 84.27 -12.33
CA ASP L 214 -24.34 84.99 -12.57
C ASP L 214 -23.28 84.74 -11.52
N GLU L 215 -23.49 83.78 -10.62
CA GLU L 215 -22.49 83.38 -9.62
C GLU L 215 -22.05 84.55 -8.74
N ALA L 216 -22.79 85.67 -8.80
CA ALA L 216 -22.50 86.82 -7.97
C ALA L 216 -23.53 87.05 -6.88
N ASP L 217 -24.74 86.50 -7.04
CA ASP L 217 -25.76 86.64 -6.02
C ASP L 217 -25.47 85.82 -4.77
N ILE L 218 -24.43 84.97 -4.79
CA ILE L 218 -24.11 84.16 -3.63
C ILE L 218 -23.60 85.03 -2.49
N PHE L 219 -22.78 86.04 -2.82
CA PHE L 219 -22.26 86.93 -1.78
C PHE L 219 -23.40 87.74 -1.16
N ASP L 220 -24.31 88.25 -1.99
CA ASP L 220 -25.45 88.99 -1.47
C ASP L 220 -26.34 88.08 -0.63
N MET L 221 -26.49 86.83 -1.05
CA MET L 221 -27.27 85.86 -0.27
C MET L 221 -26.66 85.68 1.11
N THR L 222 -25.34 85.46 1.18
CA THR L 222 -24.69 85.29 2.45
C THR L 222 -24.78 86.54 3.31
N LEU L 223 -24.64 87.72 2.69
CA LEU L 223 -24.75 88.96 3.44
C LEU L 223 -26.14 89.13 4.04
N GLN L 224 -27.18 88.81 3.26
CA GLN L 224 -28.54 88.93 3.77
C GLN L 224 -28.79 87.92 4.87
N LEU L 225 -28.30 86.69 4.71
CA LEU L 225 -28.43 85.69 5.76
C LEU L 225 -27.76 86.15 7.04
N TYR L 226 -26.60 86.79 6.93
CA TYR L 226 -25.91 87.30 8.12
C TYR L 226 -26.72 88.43 8.75
N THR L 227 -27.21 89.36 7.94
CA THR L 227 -27.99 90.46 8.49
C THR L 227 -29.25 89.97 9.19
N ALA L 228 -29.84 88.89 8.69
CA ALA L 228 -31.03 88.31 9.32
C ALA L 228 -30.71 87.55 10.60
N GLY L 229 -29.43 87.39 10.94
CA GLY L 229 -29.05 86.66 12.13
C GLY L 229 -29.05 85.16 11.99
N SER L 230 -29.29 84.64 10.79
CA SER L 230 -29.38 83.19 10.59
C SER L 230 -27.99 82.58 10.46
N GLU L 231 -27.87 81.34 10.94
CA GLU L 231 -26.66 80.54 10.82
C GLU L 231 -26.97 79.32 9.96
N ALA L 232 -26.32 79.23 8.81
CA ALA L 232 -26.50 78.10 7.91
C ALA L 232 -25.15 77.73 7.32
N ASP L 233 -24.89 76.42 7.23
CA ASP L 233 -23.63 75.93 6.69
C ASP L 233 -23.83 74.79 5.69
N ILE L 234 -25.03 74.65 5.11
CA ILE L 234 -25.30 73.63 4.12
C ILE L 234 -25.88 74.30 2.88
N ILE L 235 -25.52 73.76 1.72
CA ILE L 235 -26.06 74.24 0.45
C ILE L 235 -26.44 73.04 -0.39
N MET L 236 -27.72 72.67 -0.36
CA MET L 236 -28.23 71.53 -1.11
C MET L 236 -28.63 71.99 -2.51
N ILE L 237 -28.08 71.31 -3.52
CA ILE L 237 -28.25 71.70 -4.91
C ILE L 237 -28.42 70.44 -5.76
N ASN L 238 -28.61 70.65 -7.06
CA ASN L 238 -28.74 69.59 -8.05
C ASN L 238 -27.47 69.48 -8.88
N PRO L 239 -27.21 68.32 -9.50
CA PRO L 239 -25.97 68.16 -10.27
C PRO L 239 -25.75 69.23 -11.32
N ALA L 240 -26.83 69.85 -11.81
CA ALA L 240 -26.71 70.80 -12.91
C ALA L 240 -25.94 72.07 -12.53
N HIS L 241 -25.70 72.31 -11.24
CA HIS L 241 -25.02 73.52 -10.79
C HIS L 241 -23.69 73.23 -10.11
N ALA L 242 -23.31 71.97 -9.94
CA ALA L 242 -22.02 71.65 -9.32
C ALA L 242 -20.86 72.21 -10.14
N LYS L 243 -20.99 72.23 -11.46
CA LYS L 243 -19.94 72.80 -12.30
C LYS L 243 -19.72 74.27 -11.98
N ILE L 244 -20.80 75.05 -11.89
CA ILE L 244 -20.67 76.46 -11.60
C ILE L 244 -20.16 76.66 -10.18
N PHE L 245 -20.59 75.82 -9.25
CA PHE L 245 -20.09 75.92 -7.88
C PHE L 245 -18.58 75.69 -7.82
N ALA L 246 -18.09 74.69 -8.57
CA ALA L 246 -16.65 74.46 -8.60
C ALA L 246 -15.92 75.62 -9.27
N GLY L 247 -16.45 76.12 -10.37
CA GLY L 247 -15.85 77.27 -11.03
C GLY L 247 -15.79 78.49 -10.13
N LEU L 248 -16.78 78.66 -9.26
CA LEU L 248 -16.75 79.74 -8.28
C LEU L 248 -15.70 79.46 -7.22
N GLN L 249 -15.59 78.20 -6.77
CA GLN L 249 -14.56 77.84 -5.82
C GLN L 249 -13.17 78.11 -6.37
N GLU L 250 -12.95 77.86 -7.66
CA GLU L 250 -11.64 78.07 -8.25
C GLU L 250 -11.31 79.54 -8.41
N ASN L 251 -12.31 80.42 -8.44
CA ASN L 251 -12.09 81.85 -8.54
C ASN L 251 -11.80 82.51 -7.20
N THR L 252 -11.77 81.73 -6.11
CA THR L 252 -11.48 82.26 -4.79
C THR L 252 -10.55 81.33 -4.01
N GLN L 253 -9.58 80.73 -4.69
CA GLN L 253 -8.64 79.81 -4.06
C GLN L 253 -8.02 80.42 -2.81
N GLY L 254 -7.46 81.62 -2.95
CA GLY L 254 -6.77 82.26 -1.83
C GLY L 254 -7.63 82.51 -0.62
N SER L 255 -8.96 82.51 -0.77
CA SER L 255 -9.89 82.70 0.34
C SER L 255 -10.74 81.45 0.52
N ARG L 256 -10.09 80.29 0.50
CA ARG L 256 -10.75 79.00 0.66
C ARG L 256 -10.44 78.47 2.05
N LYS L 257 -11.44 78.47 2.92
CA LYS L 257 -11.28 77.96 4.28
C LYS L 257 -11.39 76.44 4.24
N ARG L 258 -10.24 75.79 4.11
CA ARG L 258 -10.21 74.33 4.11
C ARG L 258 -10.77 73.79 5.41
N ILE L 259 -11.39 72.62 5.34
CA ILE L 259 -11.95 71.95 6.50
C ILE L 259 -11.85 70.44 6.27
N PHE L 260 -11.30 69.73 7.25
CA PHE L 260 -11.03 68.31 7.13
C PHE L 260 -11.83 67.52 8.16
N GLU L 261 -11.74 66.19 8.03
CA GLU L 261 -12.48 65.26 8.89
C GLU L 261 -11.54 64.11 9.25
N ASN L 262 -11.04 64.14 10.49
CA ASN L 262 -10.14 63.09 10.95
C ASN L 262 -10.94 61.86 11.37
N THR L 263 -10.40 60.67 11.07
CA THR L 263 -11.09 59.42 11.38
C THR L 263 -10.16 58.36 11.98
N LYS L 264 -8.97 58.77 12.43
CA LYS L 264 -7.99 57.86 13.05
C LYS L 264 -7.33 56.96 11.99
N GLN L 265 -7.84 56.99 10.76
CA GLN L 265 -7.24 56.24 9.67
C GLN L 265 -7.09 57.03 8.38
N PHE L 266 -7.89 58.08 8.17
CA PHE L 266 -7.82 58.90 6.98
C PHE L 266 -8.29 60.31 7.34
N ILE L 267 -7.80 61.29 6.59
CA ILE L 267 -8.20 62.69 6.76
C ILE L 267 -8.96 63.08 5.51
N TYR L 268 -10.30 63.03 5.60
CA TYR L 268 -11.16 63.32 4.46
C TYR L 268 -11.47 64.81 4.44
N GLU L 269 -10.93 65.51 3.45
CA GLU L 269 -11.30 66.90 3.25
C GLU L 269 -12.75 67.00 2.80
N VAL L 270 -13.36 68.14 3.07
CA VAL L 270 -14.77 68.38 2.77
C VAL L 270 -14.88 69.41 1.66
N ASN L 271 -15.85 69.20 0.78
CA ASN L 271 -16.14 70.18 -0.25
C ASN L 271 -16.91 71.35 0.36
N SER L 272 -16.19 72.30 0.94
CA SER L 272 -16.79 73.45 1.58
C SER L 272 -16.39 74.73 0.86
N ILE L 273 -17.23 75.74 1.00
CA ILE L 273 -16.99 77.06 0.42
C ILE L 273 -17.28 78.11 1.49
N THR L 274 -16.56 79.22 1.39
CA THR L 274 -16.66 80.28 2.39
C THR L 274 -16.93 81.61 1.68
N ASP L 275 -17.67 82.46 2.36
CA ASP L 275 -17.99 83.80 1.89
C ASP L 275 -16.96 84.79 2.41
N PRO L 276 -16.97 86.02 1.90
CA PRO L 276 -16.00 87.01 2.40
C PRO L 276 -16.06 87.21 3.90
N LEU L 277 -17.21 86.97 4.53
CA LEU L 277 -17.35 87.11 5.97
C LEU L 277 -16.68 86.00 6.74
N GLY L 278 -16.25 84.93 6.06
CA GLY L 278 -15.68 83.77 6.72
C GLY L 278 -16.66 82.68 7.05
N GLN L 279 -17.95 82.88 6.76
CA GLN L 279 -18.96 81.87 7.03
C GLN L 279 -18.76 80.69 6.11
N SER L 280 -18.40 79.55 6.68
CA SER L 280 -18.17 78.34 5.90
C SER L 280 -19.49 77.72 5.47
N TYR L 281 -19.48 77.08 4.30
CA TYR L 281 -20.67 76.43 3.76
C TYR L 281 -20.27 75.08 3.17
N LYS L 282 -20.91 74.02 3.64
CA LYS L 282 -20.73 72.71 3.04
C LYS L 282 -21.67 72.54 1.85
N ILE L 283 -21.20 71.83 0.84
CA ILE L 283 -21.92 71.68 -0.42
C ILE L 283 -22.24 70.19 -0.60
N ILE L 284 -23.51 69.85 -0.51
CA ILE L 284 -24.01 68.51 -0.81
C ILE L 284 -24.99 68.60 -1.96
N VAL L 285 -25.07 67.53 -2.75
CA VAL L 285 -25.92 67.47 -3.93
C VAL L 285 -26.95 66.37 -3.72
N ASN L 286 -28.17 66.61 -4.22
CA ASN L 286 -29.27 65.66 -4.10
C ASN L 286 -29.89 65.45 -5.47
N ARG L 287 -30.29 64.21 -5.74
CA ARG L 287 -30.87 63.87 -7.04
C ARG L 287 -32.32 64.27 -7.18
N TRP L 288 -32.99 64.66 -6.10
CA TRP L 288 -34.41 64.96 -6.12
C TRP L 288 -34.71 66.45 -5.97
N MET L 289 -33.70 67.31 -6.13
CA MET L 289 -33.95 68.74 -6.11
C MET L 289 -34.76 69.14 -7.35
N PRO L 290 -35.50 70.25 -7.26
CA PRO L 290 -36.30 70.69 -8.41
C PRO L 290 -35.47 71.18 -9.58
N THR L 291 -34.15 71.34 -9.41
CA THR L 291 -33.18 71.68 -10.44
C THR L 291 -33.25 73.16 -10.82
N ASP L 292 -34.20 73.92 -10.31
CA ASP L 292 -34.34 75.34 -10.64
C ASP L 292 -34.34 76.18 -9.38
N ALA L 293 -33.56 75.77 -8.38
CA ALA L 293 -33.46 76.51 -7.13
C ALA L 293 -32.37 75.88 -6.28
N VAL L 294 -31.82 76.67 -5.36
CA VAL L 294 -30.80 76.23 -4.43
C VAL L 294 -31.24 76.59 -3.02
N TYR L 295 -30.81 75.80 -2.04
CA TYR L 295 -31.29 75.92 -0.67
C TYR L 295 -30.11 76.13 0.28
N PHE L 296 -30.32 77.01 1.26
CA PHE L 296 -29.35 77.27 2.31
C PHE L 296 -30.03 77.05 3.65
N PHE L 297 -29.43 76.22 4.50
CA PHE L 297 -30.02 75.92 5.81
C PHE L 297 -28.94 75.33 6.70
N ARG L 298 -29.34 74.96 7.93
CA ARG L 298 -28.42 74.40 8.91
C ARG L 298 -28.69 72.93 9.21
N SER L 299 -29.83 72.39 8.78
CA SER L 299 -30.22 71.00 8.95
C SER L 299 -30.61 70.69 10.39
N ALA L 300 -30.68 71.70 11.27
CA ALA L 300 -31.08 71.50 12.65
C ALA L 300 -32.33 72.27 13.03
N ASP L 301 -32.63 73.40 12.40
CA ASP L 301 -33.83 74.15 12.71
C ASP L 301 -35.09 73.49 12.17
N TRP L 302 -34.94 72.48 11.31
CA TRP L 302 -36.06 71.81 10.69
C TRP L 302 -36.41 70.53 11.44
N THR L 303 -37.69 70.16 11.38
CA THR L 303 -38.18 69.00 12.10
C THR L 303 -39.34 68.38 11.33
N GLN L 304 -39.46 67.07 11.43
CA GLN L 304 -40.48 66.31 10.72
C GLN L 304 -41.42 65.68 11.74
N MET L 305 -42.71 65.96 11.61
CA MET L 305 -43.72 65.39 12.48
C MET L 305 -44.10 63.99 11.99
N VAL L 306 -44.66 63.20 12.88
CA VAL L 306 -45.16 61.86 12.56
C VAL L 306 -46.51 61.69 13.24
N LEU L 307 -47.51 61.27 12.46
CA LEU L 307 -48.87 61.11 12.95
C LEU L 307 -49.34 59.67 12.94
N ARG L 308 -49.30 59.01 11.79
CA ARG L 308 -49.82 57.66 11.65
C ARG L 308 -48.81 56.59 12.07
N ALA L 309 -47.58 56.98 12.41
CA ALA L 309 -46.58 56.02 12.88
C ALA L 309 -46.42 54.90 11.86
N PRO L 310 -45.69 55.14 10.76
CA PRO L 310 -45.62 54.14 9.68
C PRO L 310 -45.42 52.72 10.19
N LYS L 311 -46.41 51.87 9.96
CA LYS L 311 -46.42 50.51 10.46
C LYS L 311 -47.05 49.60 9.42
N ARG L 312 -46.39 48.48 9.15
CA ARG L 312 -46.84 47.54 8.12
C ARG L 312 -48.19 46.99 8.56
N THR L 313 -49.26 47.61 8.09
CA THR L 313 -50.60 47.20 8.46
C THR L 313 -51.16 46.18 7.46
N GLU L 314 -52.09 45.37 7.94
CA GLU L 314 -52.75 44.36 7.14
C GLU L 314 -54.20 44.74 6.91
N LEU L 315 -54.74 44.33 5.77
CA LEU L 315 -56.10 44.66 5.36
C LEU L 315 -56.88 43.37 5.11
N ALA L 316 -58.12 43.54 4.67
CA ALA L 316 -58.99 42.40 4.39
C ALA L 316 -58.41 41.57 3.24
N LYS L 317 -58.75 40.27 3.25
CA LYS L 317 -58.24 39.36 2.24
C LYS L 317 -59.17 39.32 1.01
N ASP L 318 -60.42 38.92 1.21
CA ASP L 318 -61.40 38.80 0.13
C ASP L 318 -60.83 37.94 -1.00
N GLY L 319 -60.40 36.74 -0.64
CA GLY L 319 -59.86 35.80 -1.61
C GLY L 319 -58.62 35.08 -1.11
N SER L 320 -57.74 34.72 -2.04
CA SER L 320 -56.48 34.08 -1.70
C SER L 320 -55.30 35.03 -1.72
N TYR L 321 -55.52 36.29 -2.08
CA TYR L 321 -54.46 37.28 -2.11
C TYR L 321 -54.38 37.98 -0.76
N GLU L 322 -53.18 38.09 -0.22
CA GLU L 322 -52.95 38.79 1.04
C GLU L 322 -52.56 40.24 0.75
N LYS L 323 -53.30 41.18 1.32
CA LYS L 323 -53.13 42.59 1.05
C LYS L 323 -52.50 43.28 2.25
N TRP L 324 -51.50 44.12 1.99
CA TRP L 324 -50.84 44.93 3.00
C TRP L 324 -50.62 46.32 2.44
N MET L 325 -50.52 47.31 3.33
CA MET L 325 -50.24 48.68 2.96
C MET L 325 -49.38 49.34 4.03
N ILE L 326 -49.02 50.59 3.78
CA ILE L 326 -48.19 51.38 4.69
C ILE L 326 -48.50 52.85 4.48
N GLU L 327 -48.70 53.57 5.58
CA GLU L 327 -49.03 54.98 5.55
C GLU L 327 -48.06 55.76 6.42
N MET L 328 -48.04 57.08 6.23
CA MET L 328 -47.29 57.98 7.09
C MET L 328 -47.79 59.40 6.86
N GLU L 329 -48.15 60.07 7.95
CA GLU L 329 -48.55 61.48 7.91
C GLU L 329 -47.43 62.29 8.56
N VAL L 330 -46.75 63.10 7.75
CA VAL L 330 -45.61 63.88 8.22
C VAL L 330 -45.82 65.35 7.84
N GLY L 331 -45.14 66.21 8.57
CA GLY L 331 -45.21 67.64 8.33
C GLY L 331 -43.92 68.31 8.71
N LEU L 332 -43.56 69.34 7.95
CA LEU L 332 -42.31 70.05 8.16
C LEU L 332 -42.53 71.26 9.05
N ARG L 333 -41.51 71.57 9.86
CA ARG L 333 -41.55 72.70 10.77
C ARG L 333 -40.26 73.49 10.65
N HIS L 334 -40.39 74.82 10.68
CA HIS L 334 -39.26 75.73 10.52
C HIS L 334 -39.20 76.68 11.71
N ARG L 335 -38.03 76.75 12.35
CA ARG L 335 -37.87 77.64 13.49
C ARG L 335 -38.27 79.07 13.15
N ASN L 336 -37.90 79.54 11.97
CA ASN L 336 -38.19 80.90 11.55
C ASN L 336 -38.05 81.02 10.03
N PRO L 337 -38.98 81.70 9.35
CA PRO L 337 -38.90 81.74 7.89
C PRO L 337 -37.58 82.33 7.39
N TYR L 338 -37.09 83.39 8.03
CA TYR L 338 -35.87 84.05 7.60
C TYR L 338 -34.61 83.33 8.04
N ALA L 339 -34.70 82.09 8.54
CA ALA L 339 -33.51 81.38 8.96
C ALA L 339 -32.79 80.73 7.77
N SER L 340 -33.55 80.09 6.88
CA SER L 340 -32.99 79.43 5.72
C SER L 340 -32.89 80.40 4.56
N GLY L 341 -32.52 79.89 3.39
CA GLY L 341 -32.39 80.72 2.21
C GLY L 341 -32.70 79.95 0.95
N VAL L 342 -33.27 80.66 -0.02
CA VAL L 342 -33.65 80.10 -1.31
C VAL L 342 -33.28 81.09 -2.39
N LEU L 343 -32.65 80.59 -3.46
CA LEU L 343 -32.31 81.40 -4.62
C LEU L 343 -32.82 80.68 -5.87
N PHE L 344 -33.75 81.31 -6.56
CA PHE L 344 -34.39 80.71 -7.73
C PHE L 344 -33.71 81.21 -8.99
N THR L 345 -33.35 80.27 -9.87
CA THR L 345 -32.73 80.62 -11.14
C THR L 345 -33.76 81.21 -12.09
N ALA L 346 -33.27 81.90 -13.12
CA ALA L 346 -34.13 82.43 -14.16
C ALA L 346 -33.41 82.27 -15.50
N ALA L 347 -34.17 82.42 -16.58
CA ALA L 347 -33.66 82.29 -17.94
C ALA L 347 -34.20 83.41 -18.80
N GLY L 348 -33.60 83.56 -19.99
CA GLY L 348 -34.03 84.56 -20.94
C GLY L 348 -33.93 85.97 -20.40
N PRO M 4 14.10 25.79 -21.05
CA PRO M 4 14.30 24.76 -20.03
C PRO M 4 13.00 24.06 -19.62
N THR M 5 12.57 23.09 -20.44
CA THR M 5 11.34 22.36 -20.14
C THR M 5 11.47 21.58 -18.84
N LEU M 6 12.59 20.86 -18.68
CA LEU M 6 12.85 20.09 -17.47
C LEU M 6 14.03 20.73 -16.75
N PHE M 7 13.92 20.82 -15.42
CA PHE M 7 14.95 21.43 -14.60
C PHE M 7 15.65 20.36 -13.77
N VAL M 8 16.96 20.26 -13.92
CA VAL M 8 17.76 19.23 -13.26
C VAL M 8 18.99 19.90 -12.63
N SER M 9 19.83 19.07 -12.02
CA SER M 9 21.02 19.57 -11.36
C SER M 9 21.91 20.35 -12.32
N TYR M 10 21.99 19.90 -13.57
CA TYR M 10 22.84 20.59 -14.54
C TYR M 10 22.38 22.03 -14.78
N ASP M 11 21.09 22.31 -14.59
CA ASP M 11 20.57 23.66 -14.80
C ASP M 11 20.78 24.55 -13.58
N GLN M 12 21.00 23.97 -12.40
CA GLN M 12 21.21 24.77 -11.21
C GLN M 12 22.54 25.53 -11.29
N ASN M 13 22.51 26.79 -10.88
CA ASN M 13 23.68 27.66 -10.93
C ASN M 13 24.32 27.90 -9.58
N GLY M 14 23.52 28.16 -8.55
CA GLY M 14 24.05 28.40 -7.22
C GLY M 14 23.72 27.28 -6.25
N LYS M 15 24.75 26.56 -5.82
CA LYS M 15 24.56 25.42 -4.92
C LYS M 15 25.78 25.30 -4.01
N LYS M 16 25.68 24.38 -3.06
CA LYS M 16 26.76 24.14 -2.12
C LYS M 16 27.85 23.30 -2.79
N LEU M 17 28.85 22.92 -1.99
CA LEU M 17 29.97 22.13 -2.48
C LEU M 17 30.21 20.85 -1.69
N SER M 18 29.82 20.79 -0.42
CA SER M 18 29.94 19.58 0.38
C SER M 18 31.40 19.17 0.54
N PHE M 19 32.22 20.10 1.03
CA PHE M 19 33.61 19.78 1.33
C PHE M 19 33.70 19.01 2.64
N ALA M 20 34.54 17.99 2.66
CA ALA M 20 34.75 17.21 3.87
C ALA M 20 35.41 18.07 4.94
N ASN M 21 35.19 17.69 6.20
CA ASN M 21 35.73 18.41 7.34
C ASN M 21 37.09 17.89 7.80
N TRP M 22 37.83 17.21 6.92
CA TRP M 22 39.12 16.64 7.27
C TRP M 22 40.14 16.98 6.18
N ILE M 23 41.41 16.76 6.52
CA ILE M 23 42.53 16.96 5.60
C ILE M 23 43.53 15.85 5.86
N SER M 24 44.38 15.58 4.86
CA SER M 24 45.36 14.51 4.94
C SER M 24 46.42 14.89 5.96
N VAL M 25 46.15 14.55 7.23
CA VAL M 25 47.09 14.76 8.32
C VAL M 25 47.05 13.52 9.21
N LEU M 26 48.20 13.18 9.81
CA LEU M 26 48.36 11.97 10.60
C LEU M 26 48.52 12.38 12.07
N SER M 27 47.48 12.11 12.88
CA SER M 27 47.50 12.52 14.28
C SER M 27 46.72 11.53 15.14
N PRO M 28 47.34 10.44 15.58
CA PRO M 28 46.67 9.53 16.54
C PRO M 28 46.60 10.17 17.92
N GLN M 29 45.53 9.87 18.64
CA GLN M 29 45.29 10.47 19.96
C GLN M 29 45.29 9.39 21.03
N ASP M 30 46.12 8.36 20.87
CA ASP M 30 46.23 7.32 21.88
C ASP M 30 47.16 7.74 23.01
N THR M 31 48.46 7.84 22.71
CA THR M 31 49.47 8.30 23.66
C THR M 31 49.29 7.66 25.03
N PRO M 32 49.55 6.36 25.16
CA PRO M 32 49.38 5.72 26.48
C PRO M 32 50.44 6.13 27.49
N PHE M 33 51.65 6.44 27.03
CA PHE M 33 52.71 6.84 27.93
C PHE M 33 52.72 8.34 28.17
N VAL M 34 51.60 9.02 27.87
CA VAL M 34 51.50 10.45 28.12
C VAL M 34 51.64 10.76 29.60
N SER M 35 51.44 9.77 30.47
CA SER M 35 51.51 9.98 31.91
C SER M 35 52.92 10.25 32.42
N MET M 36 53.94 10.10 31.59
CA MET M 36 55.32 10.31 32.00
C MET M 36 56.04 11.23 31.02
N THR M 37 56.15 12.51 31.38
CA THR M 37 56.85 13.48 30.54
C THR M 37 58.32 13.14 30.36
N GLY M 38 59.10 13.06 31.45
CA GLY M 38 60.53 12.86 31.36
C GLY M 38 61.28 14.16 31.50
N LYS M 39 62.08 14.29 32.57
CA LYS M 39 62.77 15.52 32.88
C LYS M 39 64.20 15.53 32.34
N GLU M 40 64.62 16.70 31.89
CA GLU M 40 66.01 16.96 31.51
C GLU M 40 66.38 18.36 32.03
N SER M 41 67.68 18.61 32.17
CA SER M 41 68.15 19.87 32.73
C SER M 41 69.53 20.19 32.17
N ILE M 42 69.58 21.03 31.14
CA ILE M 42 70.83 21.53 30.59
C ILE M 42 70.91 23.03 30.84
N ASN M 43 72.12 23.53 31.07
CA ASN M 43 72.30 24.91 31.50
C ASN M 43 72.82 25.83 30.40
N GLN M 44 73.82 25.41 29.63
CA GLN M 44 74.47 26.27 28.66
C GLN M 44 74.35 25.68 27.26
N THR M 45 74.92 26.39 26.28
CA THR M 45 74.78 26.01 24.88
C THR M 45 75.91 25.11 24.40
N ILE M 46 77.15 25.37 24.85
CA ILE M 46 78.32 24.64 24.38
C ILE M 46 78.62 23.55 25.41
N PHE M 47 78.25 22.31 25.07
CA PHE M 47 78.41 21.18 25.96
C PHE M 47 79.76 20.51 25.71
N SER M 48 79.99 19.39 26.39
CA SER M 48 81.24 18.64 26.27
C SER M 48 81.11 17.24 26.84
N TRP M 49 82.23 16.52 26.85
CA TRP M 49 82.26 15.15 27.33
C TRP M 49 83.70 14.78 27.65
N GLN M 50 83.88 13.54 28.12
CA GLN M 50 85.19 13.00 28.41
C GLN M 50 85.27 11.55 27.92
N THR M 51 86.49 11.12 27.59
CA THR M 51 86.73 9.79 27.07
C THR M 51 87.82 9.11 27.87
N ASP M 52 87.90 7.79 27.72
CA ASP M 52 88.95 6.99 28.31
C ASP M 52 89.93 6.55 27.23
N ALA M 53 91.16 6.30 27.64
CA ALA M 53 92.23 5.94 26.70
C ALA M 53 93.28 5.14 27.45
N LEU M 54 93.39 3.87 27.13
CA LEU M 54 94.38 3.01 27.77
C LEU M 54 95.74 3.19 27.08
N ALA M 55 96.77 2.63 27.70
CA ALA M 55 98.13 2.72 27.17
C ALA M 55 98.41 1.56 26.22
N SER M 56 99.39 1.77 25.35
CA SER M 56 99.75 0.74 24.37
C SER M 56 100.47 -0.41 25.06
N VAL M 57 100.06 -1.64 24.75
CA VAL M 57 100.72 -2.80 25.32
C VAL M 57 102.17 -2.82 24.89
N ASP M 58 103.07 -3.15 25.82
CA ASP M 58 104.51 -3.16 25.58
C ASP M 58 104.97 -4.61 25.56
N GLY M 59 105.22 -5.14 24.36
CA GLY M 59 105.76 -6.48 24.23
C GLY M 59 107.27 -6.57 24.30
N ASN M 60 107.97 -5.44 24.40
CA ASN M 60 109.42 -5.42 24.51
C ASN M 60 109.87 -4.89 25.86
N ASN M 61 109.17 -5.26 26.94
CA ASN M 61 109.49 -4.78 28.28
C ASN M 61 110.79 -5.45 28.75
N ALA M 62 111.90 -4.93 28.24
CA ALA M 62 113.23 -5.42 28.58
C ALA M 62 113.74 -4.60 29.76
N HIS M 63 113.20 -4.87 30.94
CA HIS M 63 113.55 -4.13 32.13
C HIS M 63 115.04 -4.32 32.45
N VAL M 64 115.59 -3.36 33.19
CA VAL M 64 116.99 -3.40 33.58
C VAL M 64 117.08 -3.50 35.10
N GLU M 65 116.01 -3.97 35.74
CA GLU M 65 116.01 -4.18 37.18
C GLU M 65 116.44 -2.92 37.93
N GLY M 66 115.62 -1.87 37.86
CA GLY M 66 115.96 -0.61 38.49
C GLY M 66 115.85 0.57 37.56
N SER M 67 115.02 0.45 36.52
CA SER M 67 114.77 1.57 35.63
C SER M 67 114.20 2.77 36.38
N ARG M 68 113.18 2.55 37.22
CA ARG M 68 112.63 3.57 38.11
C ARG M 68 112.14 4.79 37.33
N ALA M 69 111.11 4.53 36.51
CA ALA M 69 110.36 5.58 35.81
C ALA M 69 111.26 6.35 34.83
N GLU M 70 111.93 5.59 33.98
CA GLU M 70 112.68 6.20 32.89
C GLU M 70 111.76 6.57 31.73
N ASP M 71 110.46 6.27 31.82
CA ASP M 71 109.54 6.34 30.69
C ASP M 71 108.91 7.72 30.55
N GLY M 72 108.39 8.28 31.63
CA GLY M 72 107.66 9.53 31.55
C GLY M 72 106.47 9.43 30.61
N GLU M 73 105.49 8.60 30.98
CA GLU M 73 104.33 8.32 30.14
C GLU M 73 103.04 8.61 30.89
N MET M 74 102.98 9.77 31.53
CA MET M 74 101.74 10.19 32.17
C MET M 74 100.55 10.05 31.23
N LYS M 75 100.66 10.62 30.02
CA LYS M 75 99.62 10.48 29.00
C LYS M 75 98.29 11.02 29.51
N PRO M 76 98.14 12.34 29.64
CA PRO M 76 96.88 12.92 30.10
C PRO M 76 95.71 12.51 29.21
N THR M 77 94.52 12.84 29.68
CA THR M 77 93.30 12.55 28.94
C THR M 77 93.23 13.39 27.67
N VAL M 78 92.16 13.19 26.91
CA VAL M 78 91.91 13.91 25.67
C VAL M 78 90.48 14.42 25.70
N ILE M 79 90.28 15.56 25.03
CA ILE M 79 88.99 16.24 25.03
C ILE M 79 88.69 16.77 23.64
N LYS M 80 87.41 16.74 23.28
CA LYS M 80 86.94 17.31 22.02
C LYS M 80 85.47 17.65 22.18
N SER M 81 85.07 18.81 21.68
CA SER M 81 83.68 19.25 21.78
C SER M 81 83.34 20.10 20.57
N ASN M 82 82.05 20.20 20.29
CA ASN M 82 81.57 20.97 19.15
C ASN M 82 80.06 21.09 19.24
N VAL M 83 79.53 22.19 18.73
CA VAL M 83 78.10 22.44 18.67
C VAL M 83 77.77 23.02 17.30
N THR M 84 77.05 22.25 16.50
CA THR M 84 76.60 22.75 15.20
C THR M 84 75.58 23.87 15.42
N GLN M 85 75.46 24.73 14.42
CA GLN M 85 74.51 25.83 14.52
C GLN M 85 73.08 25.31 14.36
N ILE M 86 72.12 26.17 14.69
CA ILE M 86 70.73 25.76 14.87
C ILE M 86 69.90 26.17 13.66
N LEU M 87 68.66 25.70 13.63
CA LEU M 87 67.67 26.01 12.61
C LEU M 87 66.44 26.63 13.27
N ARG M 88 65.50 27.09 12.45
CA ARG M 88 64.30 27.74 12.95
C ARG M 88 63.24 27.73 11.86
N LYS M 89 62.00 28.03 12.25
CA LYS M 89 60.88 28.06 11.31
C LYS M 89 59.91 29.17 11.72
N VAL M 90 59.36 29.84 10.71
CA VAL M 90 58.44 30.96 10.93
C VAL M 90 57.22 30.80 10.03
N VAL M 91 56.26 31.70 10.21
CA VAL M 91 55.03 31.71 9.41
C VAL M 91 54.41 33.10 9.51
N ARG M 92 53.57 33.44 8.54
CA ARG M 92 52.88 34.73 8.57
C ARG M 92 51.60 34.62 7.75
N VAL M 93 50.54 35.22 8.28
CA VAL M 93 49.25 35.32 7.58
C VAL M 93 48.62 36.66 7.96
N SER M 94 48.14 37.39 6.96
CA SER M 94 47.70 38.76 7.17
C SER M 94 46.33 38.85 7.84
N ASP M 95 45.29 38.31 7.18
CA ASP M 95 43.93 38.47 7.67
C ASP M 95 43.13 37.16 7.73
N THR M 96 43.58 36.09 7.08
CA THR M 96 42.77 34.86 7.05
C THR M 96 42.48 34.36 8.46
N ALA M 97 43.53 34.10 9.24
CA ALA M 97 43.35 33.54 10.57
C ALA M 97 42.68 34.52 11.54
N ASN M 98 42.59 35.80 11.17
CA ASN M 98 41.99 36.80 12.05
C ASN M 98 40.56 37.15 11.64
N THR M 99 40.24 37.04 10.35
CA THR M 99 38.91 37.35 9.86
C THR M 99 38.13 36.11 9.44
N THR M 100 38.70 35.30 8.55
CA THR M 100 38.01 34.11 8.10
C THR M 100 38.19 32.96 9.10
N ALA M 101 37.11 32.19 9.28
CA ALA M 101 37.13 31.03 10.17
C ALA M 101 36.00 30.10 9.76
N ASN M 102 36.36 28.96 9.20
CA ASN M 102 35.36 27.98 8.78
C ASN M 102 34.99 27.09 9.97
N TYR M 103 34.07 26.16 9.76
CA TYR M 103 33.64 25.30 10.86
C TYR M 103 34.58 24.09 11.01
N GLY M 104 34.94 23.47 9.89
CA GLY M 104 35.90 22.39 9.90
C GLY M 104 37.33 22.83 10.18
N ARG M 105 37.59 24.13 10.19
CA ARG M 105 38.90 24.68 10.52
C ARG M 105 38.68 25.83 11.48
N GLY M 106 38.95 25.60 12.77
CA GLY M 106 38.71 26.64 13.76
C GLY M 106 39.64 27.82 13.62
N ARG M 107 40.91 27.57 13.34
CA ARG M 107 41.89 28.63 13.15
C ARG M 107 42.92 28.16 12.14
N GLU M 108 43.26 29.04 11.19
CA GLU M 108 44.26 28.71 10.19
C GLU M 108 45.67 28.77 10.74
N LEU M 109 45.93 29.68 11.68
CA LEU M 109 47.24 29.73 12.30
C LEU M 109 47.55 28.44 13.04
N MET M 110 46.53 27.80 13.61
CA MET M 110 46.76 26.54 14.29
C MET M 110 47.18 25.45 13.30
N TYR M 111 46.48 25.34 12.17
CA TYR M 111 46.87 24.39 11.14
C TYR M 111 48.31 24.64 10.69
N GLN M 112 48.61 25.90 10.35
CA GLN M 112 49.96 26.21 9.90
C GLN M 112 51.00 25.93 10.97
N LEU M 113 50.65 26.15 12.24
CA LEU M 113 51.61 25.95 13.33
C LEU M 113 51.89 24.46 13.54
N GLU M 114 50.85 23.63 13.45
CA GLU M 114 51.07 22.19 13.52
C GLU M 114 51.91 21.71 12.34
N LYS M 115 51.61 22.22 11.14
CA LYS M 115 52.41 21.89 9.98
C LYS M 115 53.87 22.26 10.19
N LYS M 116 54.12 23.44 10.75
CA LYS M 116 55.48 23.89 10.97
C LYS M 116 56.16 23.10 12.07
N GLY M 117 55.40 22.64 13.07
CA GLY M 117 55.98 21.78 14.08
C GLY M 117 56.45 20.46 13.49
N LYS M 118 55.61 19.84 12.67
CA LYS M 118 56.03 18.63 11.97
C LYS M 118 57.25 18.91 11.10
N GLU M 119 57.24 20.05 10.40
CA GLU M 119 58.36 20.37 9.50
C GLU M 119 59.66 20.54 10.28
N ILE M 120 59.61 21.21 11.43
CA ILE M 120 60.83 21.42 12.20
C ILE M 120 61.29 20.13 12.85
N LYS M 121 60.37 19.25 13.23
CA LYS M 121 60.77 17.95 13.75
C LYS M 121 61.50 17.15 12.68
N ARG M 122 60.94 17.11 11.47
CA ARG M 122 61.61 16.44 10.35
C ARG M 122 62.94 17.08 10.04
N ASP M 123 63.02 18.42 10.12
CA ASP M 123 64.26 19.11 9.83
C ASP M 123 65.34 18.76 10.86
N LEU M 124 64.95 18.67 12.13
CA LEU M 124 65.89 18.25 13.16
C LEU M 124 66.37 16.83 12.90
N GLU M 125 65.45 15.93 12.57
CA GLU M 125 65.85 14.57 12.26
C GLU M 125 66.86 14.55 11.11
N LYS M 126 66.61 15.35 10.06
CA LYS M 126 67.54 15.41 8.94
C LYS M 126 68.91 15.94 9.36
N ILE M 127 68.92 17.06 10.09
CA ILE M 127 70.19 17.70 10.42
C ILE M 127 70.98 16.86 11.39
N LEU M 128 70.32 16.02 12.18
CA LEU M 128 71.03 15.14 13.09
C LEU M 128 71.66 13.96 12.36
N LEU M 129 71.17 13.63 11.16
CA LEU M 129 71.74 12.58 10.34
C LEU M 129 72.52 13.11 9.16
N SER M 130 72.74 14.42 9.08
CA SER M 130 73.41 15.02 7.93
C SER M 130 74.91 14.77 8.02
N GLY M 131 75.63 15.23 6.98
CA GLY M 131 77.04 14.96 6.87
C GLY M 131 77.86 16.11 6.31
N GLN M 132 77.32 17.32 6.36
CA GLN M 132 78.01 18.47 5.78
C GLN M 132 79.25 18.83 6.61
N ALA M 133 79.93 19.89 6.18
CA ALA M 133 81.13 20.38 6.83
C ALA M 133 80.81 21.59 7.71
N ARG M 134 81.74 21.92 8.60
CA ARG M 134 81.57 23.11 9.43
C ARG M 134 81.84 24.38 8.63
N THR M 135 81.72 25.52 9.31
CA THR M 135 81.81 26.83 8.68
C THR M 135 82.80 27.71 9.42
N ASP M 136 84.01 27.19 9.65
CA ASP M 136 85.07 27.91 10.36
C ASP M 136 84.63 28.24 11.78
N VAL M 137 84.57 27.18 12.59
CA VAL M 137 84.14 27.26 13.99
C VAL M 137 84.76 28.47 14.66
N LEU M 138 84.01 29.07 15.60
CA LEU M 138 84.38 30.34 16.20
C LEU M 138 85.47 30.21 17.26
N ALA M 139 86.16 29.07 17.29
CA ALA M 139 87.28 28.90 18.21
C ALA M 139 88.19 30.13 18.15
N ASP M 140 88.66 30.54 19.33
CA ASP M 140 89.40 31.79 19.46
C ASP M 140 90.70 31.58 20.23
N GLN M 141 91.49 30.58 19.82
CA GLN M 141 92.71 30.22 20.53
C GLN M 141 92.39 29.77 21.95
N TYR M 142 91.64 28.67 22.04
CA TYR M 142 91.26 28.07 23.32
C TYR M 142 92.52 27.75 24.11
N LEU M 143 92.37 27.32 25.36
CA LEU M 143 93.44 27.39 26.36
C LEU M 143 93.70 28.85 26.73
N THR M 144 92.73 29.41 27.44
CA THR M 144 92.69 30.83 27.80
C THR M 144 92.41 31.71 26.59
N ASN M 145 91.28 31.47 25.92
CA ASN M 145 90.78 32.33 24.86
C ASN M 145 89.91 33.47 25.37
N SER M 146 90.03 33.82 26.66
CA SER M 146 89.23 34.89 27.22
C SER M 146 89.28 36.14 26.34
N ALA M 147 90.43 36.41 25.74
CA ALA M 147 90.59 37.56 24.84
C ALA M 147 89.92 37.21 23.51
N ALA M 148 88.59 37.29 23.51
CA ALA M 148 87.80 36.91 22.35
C ALA M 148 87.59 38.12 21.43
N ASP M 149 86.77 37.90 20.40
CA ASP M 149 86.49 38.92 19.39
C ASP M 149 84.98 38.97 19.16
N PRO M 150 84.25 39.69 20.02
CA PRO M 150 82.79 39.74 19.88
C PRO M 150 82.38 40.48 18.61
N ALA M 151 81.07 40.45 18.36
CA ALA M 151 80.50 41.04 17.16
C ALA M 151 81.12 40.42 15.91
N VAL M 152 80.92 39.10 15.77
CA VAL M 152 81.54 38.35 14.68
C VAL M 152 80.80 38.52 13.36
N ALA M 153 79.48 38.64 13.39
CA ALA M 153 78.74 38.96 12.17
C ALA M 153 78.74 40.47 11.95
N GLY M 154 78.76 40.85 10.68
CA GLY M 154 78.79 42.24 10.29
C GLY M 154 80.12 42.76 9.81
N LEU M 155 80.98 41.90 9.26
CA LEU M 155 82.29 42.28 8.75
C LEU M 155 82.19 42.60 7.27
N ASN M 156 83.33 42.83 6.64
CA ASN M 156 83.38 43.12 5.21
C ASN M 156 82.93 41.89 4.43
N ASP M 157 82.83 42.01 3.11
CA ASP M 157 82.38 40.92 2.26
C ASP M 157 83.50 39.97 1.89
N THR M 158 84.68 40.08 2.51
CA THR M 158 85.79 39.19 2.21
C THR M 158 85.59 37.81 2.83
N HIS M 159 84.73 37.68 3.84
CA HIS M 159 84.54 36.42 4.52
C HIS M 159 83.74 35.45 3.64
N ALA M 160 83.55 34.24 4.15
CA ALA M 160 82.88 33.16 3.42
C ALA M 160 81.48 32.95 3.96
N ALA M 161 80.78 31.96 3.40
CA ALA M 161 79.40 31.71 3.73
C ALA M 161 79.25 31.27 5.18
N ARG M 162 78.05 31.47 5.73
CA ARG M 162 77.70 31.08 7.08
C ARG M 162 76.90 29.78 7.13
N LYS M 163 77.07 28.91 6.14
CA LYS M 163 76.28 27.68 6.09
C LYS M 163 76.41 26.89 7.39
N THR M 164 75.32 26.29 7.83
CA THR M 164 75.31 25.58 9.09
C THR M 164 76.01 24.23 8.98
N GLY M 165 76.81 23.90 9.99
CA GLY M 165 77.58 22.67 9.96
C GLY M 165 76.75 21.46 10.33
N ALA M 166 77.34 20.29 10.09
CA ALA M 166 76.74 19.00 10.41
C ALA M 166 77.46 18.37 11.60
N PHE M 167 76.99 17.18 11.99
CA PHE M 167 77.56 16.48 13.14
C PHE M 167 78.66 15.50 12.73
N GLN M 168 78.85 15.26 11.43
CA GLN M 168 79.69 14.15 11.00
C GLN M 168 81.10 14.22 11.58
N PHE M 169 81.58 15.40 11.97
CA PHE M 169 82.89 15.50 12.59
C PHE M 169 82.94 14.79 13.92
N LEU M 170 81.80 14.32 14.44
CA LEU M 170 81.73 13.67 15.73
C LEU M 170 81.79 12.16 15.64
N CYS M 171 81.58 11.58 14.46
CA CYS M 171 81.60 10.14 14.26
C CYS M 171 82.84 9.68 13.50
N ALA M 172 83.99 10.27 13.83
CA ALA M 172 85.26 9.93 13.19
C ALA M 172 85.19 10.22 11.68
N HIS M 173 85.06 11.50 11.36
CA HIS M 173 85.05 11.93 9.97
C HIS M 173 86.16 11.28 9.17
N GLY M 174 87.40 11.39 9.65
CA GLY M 174 88.52 10.67 9.10
C GLY M 174 89.14 11.28 7.86
N GLY M 175 88.39 12.04 7.08
CA GLY M 175 88.95 12.63 5.88
C GLY M 175 88.02 13.61 5.19
N LEU M 176 88.57 14.77 4.82
CA LEU M 176 87.82 15.82 4.17
C LEU M 176 88.47 16.15 2.84
N ALA M 177 87.68 16.19 1.77
CA ALA M 177 88.15 16.59 0.45
C ALA M 177 87.80 18.06 0.26
N GLY M 178 88.65 18.92 0.81
CA GLY M 178 88.39 20.35 0.78
C GLY M 178 87.43 20.80 1.86
N GLY M 179 86.28 21.33 1.45
CA GLY M 179 85.30 21.83 2.39
C GLY M 179 84.17 20.87 2.67
N VAL M 180 84.36 19.58 2.43
CA VAL M 180 83.32 18.58 2.63
C VAL M 180 83.95 17.29 3.12
N VAL M 181 83.20 16.54 3.92
CA VAL M 181 83.68 15.24 4.38
C VAL M 181 83.86 14.31 3.19
N ASP M 182 85.00 13.61 3.18
CA ASP M 182 85.33 12.72 2.08
C ASP M 182 84.61 11.39 2.27
N LYS M 183 83.68 11.08 1.36
CA LYS M 183 82.97 9.80 1.40
C LYS M 183 83.80 8.64 0.88
N THR M 184 84.94 8.91 0.23
CA THR M 184 85.77 7.87 -0.36
C THR M 184 87.10 7.72 0.37
N LYS M 185 87.11 7.91 1.70
CA LYS M 185 88.32 7.79 2.48
C LYS M 185 87.98 7.13 3.81
N ASN M 186 88.80 6.16 4.21
CA ASN M 186 88.51 5.37 5.40
C ASN M 186 88.92 6.10 6.66
N GLY M 187 88.20 5.85 7.74
CA GLY M 187 88.48 6.47 9.02
C GLY M 187 89.88 6.18 9.50
N PRO M 188 90.33 6.94 10.50
CA PRO M 188 91.70 6.76 11.00
C PRO M 188 91.82 5.54 11.90
N ALA M 189 93.05 5.13 12.21
CA ALA M 189 93.29 4.00 13.09
C ALA M 189 93.67 4.48 14.48
N ASP M 190 93.04 3.88 15.48
CA ASP M 190 93.38 4.19 16.87
C ASP M 190 94.79 3.66 17.18
N PRO M 191 95.73 4.53 17.55
CA PRO M 191 97.10 4.03 17.78
C PRO M 191 97.18 2.93 18.83
N ASP M 192 96.22 2.87 19.75
CA ASP M 192 96.24 1.84 20.78
C ASP M 192 95.65 0.54 20.26
N THR M 193 94.44 0.59 19.73
CA THR M 193 93.73 -0.60 19.26
C THR M 193 93.90 -0.85 17.77
N GLY M 194 94.11 0.19 16.98
CA GLY M 194 94.27 0.03 15.55
C GLY M 194 93.00 -0.20 14.78
N ALA M 195 91.84 -0.11 15.44
CA ALA M 195 90.58 -0.36 14.76
C ALA M 195 90.20 0.85 13.90
N VAL M 196 89.39 0.57 12.87
CA VAL M 196 88.89 1.59 11.97
C VAL M 196 87.38 1.39 11.84
N THR M 197 86.60 2.41 12.21
CA THR M 197 85.15 2.32 12.17
C THR M 197 84.60 2.72 10.81
N VAL M 198 85.08 3.81 10.24
CA VAL M 198 84.58 4.30 8.96
C VAL M 198 85.29 3.55 7.85
N LYS M 199 84.51 3.00 6.91
CA LYS M 199 85.04 2.24 5.80
C LYS M 199 84.27 2.62 4.54
N VAL M 200 84.75 2.11 3.41
CA VAL M 200 84.11 2.30 2.12
C VAL M 200 83.93 0.93 1.48
N ALA M 201 82.70 0.59 1.12
CA ALA M 201 82.40 -0.71 0.53
C ALA M 201 83.26 -0.94 -0.70
N GLN M 202 84.06 -2.00 -0.68
CA GLN M 202 84.95 -2.34 -1.79
C GLN M 202 84.23 -3.27 -2.78
N ASN M 203 83.25 -2.69 -3.47
CA ASN M 203 82.49 -3.41 -4.49
C ASN M 203 83.41 -3.72 -5.67
N ALA M 204 83.83 -4.98 -5.79
CA ALA M 204 84.69 -5.41 -6.88
C ALA M 204 84.10 -6.56 -7.68
N SER M 205 83.14 -7.31 -7.12
CA SER M 205 82.53 -8.41 -7.85
C SER M 205 81.47 -7.90 -8.83
N ASN M 206 80.56 -7.06 -8.35
CA ASN M 206 79.50 -6.56 -9.19
C ASN M 206 80.05 -5.54 -10.19
N PRO M 207 79.38 -5.34 -11.32
CA PRO M 207 79.84 -4.34 -12.30
C PRO M 207 79.79 -2.94 -11.74
N THR M 208 80.18 -1.96 -12.55
CA THR M 208 80.27 -0.57 -12.11
C THR M 208 78.91 0.08 -11.91
N THR M 209 77.81 -0.62 -12.23
CA THR M 209 76.49 -0.05 -12.04
C THR M 209 75.96 -0.26 -10.62
N ASN M 210 76.30 -1.38 -9.99
CA ASN M 210 75.87 -1.61 -8.61
C ASN M 210 76.71 -0.75 -7.68
N ILE M 211 76.03 0.01 -6.82
CA ILE M 211 76.72 0.92 -5.92
C ILE M 211 77.63 0.15 -4.98
N GLY M 212 77.20 -1.02 -4.52
CA GLY M 212 78.02 -1.83 -3.64
C GLY M 212 77.27 -2.34 -2.43
N PHE M 213 77.89 -2.23 -1.26
CA PHE M 213 77.32 -2.67 0.01
C PHE M 213 77.01 -4.17 -0.04
N ASP M 214 78.07 -4.95 -0.22
CA ASP M 214 77.96 -6.41 -0.21
C ASP M 214 78.09 -6.94 1.23
N GLU M 215 77.79 -8.22 1.39
CA GLU M 215 77.80 -8.82 2.71
C GLU M 215 79.20 -8.82 3.33
N ALA M 216 80.23 -8.85 2.49
CA ALA M 216 81.60 -8.92 3.01
C ALA M 216 81.98 -7.71 3.84
N ASP M 217 81.18 -6.64 3.82
CA ASP M 217 81.51 -5.42 4.53
C ASP M 217 80.90 -5.35 5.93
N ILE M 218 79.70 -5.90 6.11
CA ILE M 218 79.07 -5.85 7.43
C ILE M 218 79.86 -6.65 8.43
N PHE M 219 80.40 -7.79 8.01
CA PHE M 219 81.22 -8.60 8.90
C PHE M 219 82.51 -7.89 9.27
N ASP M 220 83.15 -7.21 8.32
CA ASP M 220 84.34 -6.45 8.64
C ASP M 220 84.02 -5.32 9.61
N MET M 221 82.88 -4.64 9.40
CA MET M 221 82.47 -3.60 10.33
C MET M 221 82.26 -4.16 11.73
N THR M 222 81.57 -5.30 11.84
CA THR M 222 81.34 -5.88 13.16
C THR M 222 82.65 -6.32 13.80
N LEU M 223 83.57 -6.86 13.00
CA LEU M 223 84.88 -7.25 13.53
C LEU M 223 85.61 -6.04 14.09
N GLN M 224 85.61 -4.93 13.37
CA GLN M 224 86.33 -3.75 13.82
C GLN M 224 85.67 -3.15 15.05
N LEU M 225 84.34 -3.16 15.11
CA LEU M 225 83.64 -2.70 16.31
C LEU M 225 83.98 -3.57 17.50
N TYR M 226 84.03 -4.90 17.30
CA TYR M 226 84.39 -5.81 18.38
C TYR M 226 85.81 -5.53 18.87
N THR M 227 86.74 -5.34 17.94
CA THR M 227 88.09 -4.97 18.33
C THR M 227 88.14 -3.65 19.10
N ALA M 228 87.31 -2.67 18.71
CA ALA M 228 87.26 -1.41 19.44
C ALA M 228 86.59 -1.56 20.80
N GLY M 229 85.88 -2.65 21.03
CA GLY M 229 85.18 -2.87 22.28
C GLY M 229 83.76 -2.33 22.32
N SER M 230 83.21 -1.94 21.18
CA SER M 230 81.87 -1.38 21.13
C SER M 230 80.84 -2.41 21.57
N GLU M 231 79.59 -1.97 21.69
CA GLU M 231 78.46 -2.80 22.05
C GLU M 231 77.27 -2.52 21.14
N ALA M 232 77.56 -2.21 19.88
CA ALA M 232 76.51 -1.85 18.94
C ALA M 232 75.64 -3.06 18.61
N ASP M 233 74.31 -2.86 18.65
CA ASP M 233 73.37 -3.91 18.30
C ASP M 233 72.21 -3.38 17.46
N ILE M 234 72.29 -2.16 16.95
CA ILE M 234 71.22 -1.58 16.15
C ILE M 234 71.80 -1.05 14.85
N ILE M 235 71.01 -1.15 13.77
CA ILE M 235 71.41 -0.70 12.45
C ILE M 235 70.22 0.01 11.82
N MET M 236 70.49 1.16 11.19
CA MET M 236 69.48 1.94 10.50
C MET M 236 69.97 2.29 9.10
N ILE M 237 69.11 2.04 8.11
CA ILE M 237 69.48 2.24 6.71
C ILE M 237 68.22 2.66 5.95
N ASN M 238 68.42 3.41 4.86
CA ASN M 238 67.32 3.82 4.01
C ASN M 238 66.62 2.58 3.43
N PRO M 239 65.29 2.61 3.33
CA PRO M 239 64.58 1.42 2.82
C PRO M 239 65.00 1.01 1.43
N ALA M 240 65.43 1.96 0.59
CA ALA M 240 65.85 1.64 -0.77
C ALA M 240 67.05 0.72 -0.80
N HIS M 241 67.75 0.52 0.32
CA HIS M 241 68.87 -0.39 0.41
C HIS M 241 68.56 -1.57 1.33
N ALA M 242 67.27 -1.89 1.52
CA ALA M 242 66.86 -3.02 2.35
C ALA M 242 66.65 -4.30 1.55
N LYS M 243 66.49 -4.19 0.22
CA LYS M 243 66.32 -5.39 -0.59
C LYS M 243 67.57 -6.27 -0.53
N ILE M 244 68.73 -5.67 -0.27
CA ILE M 244 69.95 -6.47 -0.11
C ILE M 244 69.85 -7.34 1.13
N PHE M 245 69.43 -6.76 2.26
CA PHE M 245 69.18 -7.55 3.45
C PHE M 245 68.12 -8.62 3.19
N ALA M 246 67.11 -8.28 2.41
CA ALA M 246 66.08 -9.25 2.07
C ALA M 246 66.67 -10.45 1.34
N GLY M 247 67.30 -10.19 0.18
CA GLY M 247 67.92 -11.26 -0.59
C GLY M 247 69.06 -11.97 0.10
N LEU M 248 69.59 -11.40 1.19
CA LEU M 248 70.67 -12.04 1.93
C LEU M 248 70.35 -13.49 2.27
N GLN M 249 69.07 -13.85 2.41
CA GLN M 249 68.68 -15.20 2.79
C GLN M 249 68.75 -16.18 1.63
N GLU M 250 69.15 -15.75 0.45
CA GLU M 250 69.32 -16.64 -0.69
C GLU M 250 70.50 -16.14 -1.52
N ASN M 251 71.24 -17.08 -2.10
CA ASN M 251 72.44 -16.75 -2.85
C ASN M 251 72.36 -17.37 -4.24
N THR M 252 73.03 -16.74 -5.19
CA THR M 252 73.09 -17.29 -6.55
C THR M 252 73.59 -18.72 -6.52
N GLN M 253 74.54 -19.03 -5.65
CA GLN M 253 75.02 -20.38 -5.49
C GLN M 253 73.94 -21.25 -4.85
N GLY M 254 74.25 -22.54 -4.73
CA GLY M 254 73.36 -23.46 -4.05
C GLY M 254 73.61 -23.52 -2.55
N SER M 255 74.15 -22.43 -2.01
CA SER M 255 74.54 -22.37 -0.60
C SER M 255 73.52 -21.67 0.28
N ARG M 256 72.49 -21.07 -0.28
CA ARG M 256 71.48 -20.37 0.51
C ARG M 256 70.15 -20.44 -0.24
N LYS M 257 69.15 -21.05 0.38
CA LYS M 257 67.86 -21.25 -0.27
C LYS M 257 66.74 -21.12 0.75
N ARG M 258 65.56 -20.75 0.25
CA ARG M 258 64.34 -20.69 1.04
C ARG M 258 63.51 -21.94 0.80
N ILE M 259 62.55 -22.19 1.70
CA ILE M 259 61.66 -23.33 1.59
C ILE M 259 60.30 -22.94 2.11
N PHE M 260 59.28 -23.70 1.71
CA PHE M 260 57.90 -23.51 2.19
C PHE M 260 57.26 -24.88 2.25
N GLU M 261 57.21 -25.47 3.45
CA GLU M 261 56.66 -26.81 3.65
C GLU M 261 55.17 -26.66 3.94
N ASN M 262 54.37 -26.65 2.87
CA ASN M 262 52.92 -26.52 2.97
C ASN M 262 52.54 -25.35 3.87
N THR M 263 52.99 -24.17 3.47
CA THR M 263 52.75 -22.94 4.22
C THR M 263 52.14 -21.89 3.30
N LYS M 264 51.13 -21.19 3.80
CA LYS M 264 50.42 -20.18 3.05
C LYS M 264 50.93 -18.76 3.33
N GLN M 265 52.07 -18.64 4.03
CA GLN M 265 52.60 -17.35 4.42
C GLN M 265 53.92 -17.10 3.70
N PHE M 266 54.01 -15.96 3.03
CA PHE M 266 55.21 -15.55 2.32
C PHE M 266 55.88 -14.42 3.09
N ILE M 267 57.18 -14.56 3.32
CA ILE M 267 57.96 -13.58 4.07
C ILE M 267 59.26 -13.33 3.32
N TYR M 268 59.57 -12.05 3.11
CA TYR M 268 60.80 -11.66 2.43
C TYR M 268 61.46 -10.50 3.18
N GLU M 269 61.55 -10.63 4.51
CA GLU M 269 62.08 -9.58 5.35
C GLU M 269 63.18 -10.16 6.24
N VAL M 270 64.17 -9.31 6.52
CA VAL M 270 65.27 -9.65 7.42
C VAL M 270 65.56 -8.42 8.27
N ASN M 271 65.40 -8.54 9.58
CA ASN M 271 65.61 -7.43 10.50
C ASN M 271 66.44 -7.83 11.71
N SER M 272 67.40 -8.74 11.53
CA SER M 272 68.24 -9.20 12.63
C SER M 272 69.45 -9.95 12.10
N ILE M 273 70.63 -9.66 12.66
CA ILE M 273 71.86 -10.28 12.23
C ILE M 273 72.63 -10.75 13.46
N THR M 274 73.35 -11.86 13.30
CA THR M 274 74.20 -12.41 14.34
C THR M 274 75.58 -12.64 13.73
N ASP M 275 76.48 -11.69 13.95
CA ASP M 275 77.82 -11.72 13.36
C ASP M 275 78.53 -13.01 13.77
N PRO M 276 79.66 -13.34 13.12
CA PRO M 276 80.36 -14.58 13.48
C PRO M 276 80.77 -14.66 14.94
N LEU M 277 80.75 -13.54 15.67
CA LEU M 277 81.11 -13.52 17.09
C LEU M 277 79.89 -13.60 18.00
N GLY M 278 78.72 -13.94 17.45
CA GLY M 278 77.52 -14.08 18.24
C GLY M 278 76.88 -12.78 18.67
N GLN M 279 77.42 -11.63 18.26
CA GLN M 279 76.84 -10.35 18.64
C GLN M 279 75.55 -10.13 17.87
N SER M 280 74.50 -9.73 18.59
CA SER M 280 73.20 -9.52 17.99
C SER M 280 73.10 -8.10 17.42
N TYR M 281 72.40 -7.99 16.29
CA TYR M 281 72.26 -6.72 15.59
C TYR M 281 70.83 -6.61 15.09
N LYS M 282 70.16 -5.53 15.47
CA LYS M 282 68.76 -5.31 15.11
C LYS M 282 68.68 -4.22 14.05
N ILE M 283 67.96 -4.50 12.97
CA ILE M 283 67.83 -3.57 11.86
C ILE M 283 66.52 -2.83 11.97
N ILE M 284 66.54 -1.54 11.62
CA ILE M 284 65.34 -0.70 11.61
C ILE M 284 65.46 0.25 10.42
N VAL M 285 64.31 0.74 9.96
CA VAL M 285 64.24 1.59 8.78
C VAL M 285 63.63 2.92 9.17
N ASN M 286 64.23 4.01 8.68
CA ASN M 286 63.73 5.35 8.92
C ASN M 286 63.39 6.00 7.58
N ARG M 287 62.22 6.63 7.52
CA ARG M 287 61.67 7.13 6.26
C ARG M 287 62.37 8.37 5.72
N TRP M 288 63.27 8.98 6.50
CA TRP M 288 63.90 10.24 6.11
C TRP M 288 65.42 10.12 6.15
N MET M 289 65.96 9.04 5.57
CA MET M 289 67.39 8.74 5.58
C MET M 289 68.08 9.34 4.35
N PRO M 290 69.42 9.42 4.37
CA PRO M 290 70.15 9.98 3.25
C PRO M 290 70.45 9.00 2.12
N THR M 291 70.00 7.75 2.23
CA THR M 291 70.14 6.73 1.18
C THR M 291 71.54 6.75 0.56
N ASP M 292 72.58 6.94 1.37
CA ASP M 292 73.95 6.87 0.89
C ASP M 292 74.89 6.12 1.82
N ALA M 293 74.45 5.69 3.00
CA ALA M 293 75.33 5.02 3.94
C ALA M 293 74.52 4.44 5.09
N VAL M 294 75.13 3.52 5.82
CA VAL M 294 74.54 2.89 6.98
C VAL M 294 75.14 3.51 8.23
N TYR M 295 74.32 3.65 9.26
CA TYR M 295 74.73 4.24 10.53
C TYR M 295 74.61 3.20 11.64
N PHE M 296 75.72 2.52 11.93
CA PHE M 296 75.77 1.61 13.07
C PHE M 296 75.79 2.43 14.35
N PHE M 297 74.66 2.48 15.06
CA PHE M 297 74.52 3.30 16.25
C PHE M 297 73.97 2.46 17.39
N ARG M 298 74.06 3.02 18.59
CA ARG M 298 73.53 2.41 19.80
C ARG M 298 72.46 3.32 20.39
N SER M 299 71.72 2.80 21.37
CA SER M 299 70.71 3.59 22.04
C SER M 299 71.33 4.86 22.62
N ALA M 300 72.55 4.76 23.14
CA ALA M 300 73.20 5.91 23.75
C ALA M 300 73.53 7.01 22.74
N ASP M 301 73.73 6.66 21.47
CA ASP M 301 74.05 7.67 20.47
C ASP M 301 72.79 8.38 19.99
N TRP M 302 71.76 7.62 19.63
CA TRP M 302 70.52 8.23 19.15
C TRP M 302 69.65 8.67 20.33
N THR M 303 69.82 9.94 20.72
CA THR M 303 69.01 10.53 21.79
C THR M 303 69.03 12.04 21.55
N GLN M 304 67.94 12.53 20.96
CA GLN M 304 67.86 13.94 20.56
C GLN M 304 68.00 14.84 21.79
N MET M 305 69.08 15.61 21.84
CA MET M 305 69.35 16.52 22.95
C MET M 305 68.69 17.86 22.65
N VAL M 306 67.75 18.26 23.50
CA VAL M 306 66.99 19.49 23.33
C VAL M 306 67.38 20.45 24.44
N LEU M 307 68.12 21.50 24.08
CA LEU M 307 68.46 22.54 25.05
C LEU M 307 67.29 23.48 25.28
N ARG M 308 66.90 24.23 24.25
CA ARG M 308 65.88 25.27 24.37
C ARG M 308 64.60 24.77 23.70
N ALA M 309 63.56 24.60 24.50
CA ALA M 309 62.24 24.31 23.97
C ALA M 309 61.67 25.56 23.29
N PRO M 310 60.60 25.42 22.52
CA PRO M 310 60.05 26.59 21.80
C PRO M 310 59.74 27.73 22.75
N LYS M 311 60.49 28.82 22.61
CA LYS M 311 60.35 30.02 23.42
C LYS M 311 60.65 31.24 22.56
N ARG M 312 60.73 32.41 23.21
CA ARG M 312 61.02 33.66 22.52
C ARG M 312 62.03 34.45 23.32
N THR M 313 62.86 35.22 22.61
CA THR M 313 63.82 36.13 23.23
C THR M 313 63.51 37.53 22.73
N GLU M 314 64.39 38.48 23.05
CA GLU M 314 64.21 39.86 22.62
C GLU M 314 65.05 40.11 21.36
N LEU M 315 64.34 40.40 20.27
CA LEU M 315 64.97 40.70 18.99
C LEU M 315 64.50 42.07 18.51
N ALA M 316 64.88 42.44 17.29
CA ALA M 316 64.62 43.76 16.74
C ALA M 316 63.13 44.03 16.56
N LYS M 317 62.80 45.21 16.04
CA LYS M 317 61.41 45.58 15.80
C LYS M 317 60.73 44.57 14.87
N ASP M 318 59.60 44.00 15.34
CA ASP M 318 58.83 43.07 14.53
C ASP M 318 57.37 43.51 14.39
N GLY M 319 56.97 44.58 15.05
CA GLY M 319 55.66 45.18 14.84
C GLY M 319 54.50 44.22 15.07
N SER M 320 53.49 44.30 14.20
CA SER M 320 52.34 43.42 14.24
C SER M 320 51.98 42.89 12.86
N TYR M 321 52.98 42.47 12.08
CA TYR M 321 52.73 41.96 10.73
C TYR M 321 52.10 40.58 10.75
N GLU M 322 51.67 40.09 11.92
CA GLU M 322 51.10 38.77 12.08
C GLU M 322 52.14 37.68 11.82
N LYS M 323 53.27 37.79 12.52
CA LYS M 323 54.29 36.77 12.47
C LYS M 323 54.11 35.79 13.63
N TRP M 324 54.69 34.60 13.46
CA TRP M 324 54.71 33.60 14.51
C TRP M 324 55.90 32.69 14.26
N MET M 325 56.64 32.38 15.33
CA MET M 325 57.87 31.63 15.20
C MET M 325 58.09 30.80 16.45
N ILE M 326 58.59 29.57 16.25
CA ILE M 326 59.01 28.69 17.33
C ILE M 326 60.45 28.27 17.04
N GLU M 327 61.30 28.41 18.05
CA GLU M 327 62.73 28.16 17.91
C GLU M 327 63.12 26.94 18.73
N MET M 328 64.39 26.57 18.60
CA MET M 328 64.95 25.40 19.27
C MET M 328 66.45 25.40 18.99
N GLU M 329 67.18 24.58 19.76
CA GLU M 329 68.63 24.50 19.62
C GLU M 329 69.02 23.03 19.52
N VAL M 330 69.55 22.63 18.37
CA VAL M 330 69.90 21.24 18.14
C VAL M 330 71.12 20.87 18.98
N GLY M 331 71.17 19.62 19.42
CA GLY M 331 72.29 19.12 20.19
C GLY M 331 72.48 17.63 20.06
N LEU M 332 73.72 17.19 19.90
CA LEU M 332 74.03 15.77 19.81
C LEU M 332 75.29 15.49 20.62
N ARG M 333 75.21 14.49 21.50
CA ARG M 333 76.33 14.05 22.30
C ARG M 333 76.66 12.60 21.95
N HIS M 334 77.89 12.37 21.52
CA HIS M 334 78.38 11.03 21.18
C HIS M 334 79.51 10.71 22.14
N ARG M 335 79.29 9.73 23.02
CA ARG M 335 80.22 9.48 24.12
C ARG M 335 81.63 9.22 23.59
N ASN M 336 81.75 8.47 22.49
CA ASN M 336 83.05 8.12 21.96
C ASN M 336 82.90 7.78 20.48
N PRO M 337 83.57 8.50 19.58
CA PRO M 337 83.40 8.17 18.15
C PRO M 337 83.71 6.72 17.83
N TYR M 338 84.73 6.14 18.48
CA TYR M 338 85.08 4.76 18.24
C TYR M 338 84.05 3.78 18.79
N ALA M 339 83.05 4.26 19.52
CA ALA M 339 82.03 3.36 20.06
C ALA M 339 80.99 2.99 19.01
N SER M 340 80.86 3.78 17.95
CA SER M 340 79.90 3.52 16.88
C SER M 340 80.56 3.80 15.55
N GLY M 341 80.20 3.00 14.54
CA GLY M 341 80.81 3.08 13.23
C GLY M 341 79.80 3.43 12.15
N VAL M 342 80.35 3.70 10.97
CA VAL M 342 79.56 4.07 9.79
C VAL M 342 80.18 3.41 8.57
N LEU M 343 79.33 3.00 7.62
CA LEU M 343 79.76 2.30 6.43
C LEU M 343 79.30 3.08 5.21
N PHE M 344 80.24 3.68 4.48
CA PHE M 344 79.92 4.41 3.27
C PHE M 344 79.86 3.46 2.07
N THR M 345 79.03 3.83 1.10
CA THR M 345 78.87 3.04 -0.12
C THR M 345 79.65 3.66 -1.27
N ALA M 346 80.20 2.78 -2.12
CA ALA M 346 80.95 3.21 -3.28
C ALA M 346 81.16 2.01 -4.19
N ALA M 347 81.02 2.26 -5.49
CA ALA M 347 81.17 1.21 -6.48
C ALA M 347 82.63 1.06 -6.88
N GLY M 348 82.92 0.04 -7.69
CA GLY M 348 84.27 -0.23 -8.14
C GLY M 348 84.31 -0.98 -9.46
N ASN N 3 56.60 30.62 -5.20
CA ASN N 3 57.11 30.71 -3.80
C ASN N 3 56.05 31.32 -2.89
N PRO N 4 55.06 30.52 -2.49
CA PRO N 4 54.01 31.05 -1.61
C PRO N 4 54.55 31.53 -0.27
N THR N 5 54.50 32.83 -0.03
CA THR N 5 54.89 33.41 1.24
C THR N 5 53.91 34.45 1.77
N LEU N 6 53.05 35.01 0.92
CA LEU N 6 52.12 36.05 1.36
C LEU N 6 50.89 35.44 2.04
N PHE N 7 50.25 34.47 1.38
CA PHE N 7 49.06 33.81 1.91
C PHE N 7 47.96 34.83 2.20
N VAL N 8 47.91 35.88 1.38
CA VAL N 8 46.99 37.01 1.65
C VAL N 8 45.70 36.70 0.89
N SER N 9 44.85 35.89 1.53
CA SER N 9 43.48 35.68 1.08
C SER N 9 43.38 35.29 -0.39
N TYR N 10 44.47 34.86 -0.98
CA TYR N 10 44.48 34.43 -2.38
C TYR N 10 45.08 33.05 -2.57
N ASP N 11 46.09 32.69 -1.77
CA ASP N 11 46.67 31.35 -1.83
C ASP N 11 45.75 30.28 -1.25
N GLN N 12 44.56 30.65 -0.80
CA GLN N 12 43.69 29.74 -0.09
C GLN N 12 42.96 28.80 -1.05
N ASN N 13 42.61 27.63 -0.54
CA ASN N 13 41.77 26.67 -1.26
C ASN N 13 40.81 26.05 -0.27
N GLY N 14 39.52 26.08 -0.63
CA GLY N 14 38.47 25.57 0.24
C GLY N 14 37.58 26.66 0.79
N LYS N 15 37.42 27.73 0.01
CA LYS N 15 36.63 28.86 0.45
C LYS N 15 35.14 28.47 0.54
N LYS N 16 34.38 29.30 1.26
CA LYS N 16 32.97 29.02 1.51
C LYS N 16 32.02 29.84 0.66
N LEU N 17 32.47 30.97 0.11
CA LEU N 17 31.77 31.82 -0.84
C LEU N 17 30.68 32.66 -0.19
N SER N 18 30.36 32.46 1.08
CA SER N 18 29.49 33.33 1.87
C SER N 18 28.34 33.91 1.03
N PHE N 19 27.51 33.02 0.50
CA PHE N 19 26.32 33.46 -0.20
C PHE N 19 25.28 33.99 0.79
N ALA N 20 24.18 34.49 0.24
CA ALA N 20 23.04 34.94 1.03
C ALA N 20 22.04 33.80 1.18
N ASN N 21 20.98 34.06 1.93
CA ASN N 21 19.94 33.09 2.20
C ASN N 21 18.59 33.58 1.69
N TRP N 22 18.58 34.20 0.52
CA TRP N 22 17.35 34.68 -0.10
C TRP N 22 17.56 34.81 -1.59
N ILE N 23 16.47 35.07 -2.30
CA ILE N 23 16.48 35.29 -3.73
C ILE N 23 15.54 36.44 -4.04
N SER N 24 15.98 37.36 -4.91
CA SER N 24 15.25 38.57 -5.22
C SER N 24 14.35 38.31 -6.43
N VAL N 25 13.05 38.23 -6.19
CA VAL N 25 12.07 38.11 -7.27
C VAL N 25 11.61 39.52 -7.59
N LEU N 26 12.35 40.20 -8.46
CA LEU N 26 12.07 41.58 -8.79
C LEU N 26 10.90 41.74 -9.75
N SER N 27 10.42 40.65 -10.35
CA SER N 27 9.30 40.74 -11.26
C SER N 27 8.11 41.43 -10.59
N PRO N 28 7.24 42.08 -11.35
CA PRO N 28 6.10 42.78 -10.75
C PRO N 28 5.06 41.79 -10.25
N GLN N 29 4.99 41.64 -8.92
CA GLN N 29 4.04 40.76 -8.28
C GLN N 29 2.86 41.52 -7.68
N ASP N 30 2.77 42.82 -7.93
CA ASP N 30 1.67 43.62 -7.42
C ASP N 30 0.33 43.09 -7.90
N THR N 31 -0.58 42.85 -6.97
CA THR N 31 -1.92 42.34 -7.28
C THR N 31 -2.93 43.05 -6.39
N PRO N 32 -3.11 44.37 -6.59
CA PRO N 32 -4.06 45.10 -5.74
C PRO N 32 -5.51 44.69 -5.96
N PHE N 33 -5.90 44.44 -7.21
CA PHE N 33 -7.27 44.05 -7.50
C PHE N 33 -7.65 42.79 -6.72
N VAL N 34 -6.81 41.76 -6.77
CA VAL N 34 -7.11 40.53 -6.07
C VAL N 34 -7.11 40.76 -4.56
N SER N 35 -6.12 41.51 -4.06
CA SER N 35 -6.04 41.75 -2.62
C SER N 35 -7.27 42.49 -2.11
N MET N 36 -7.88 43.33 -2.95
CA MET N 36 -9.08 44.05 -2.55
C MET N 36 -10.34 43.24 -2.78
N THR N 37 -10.47 42.63 -3.96
CA THR N 37 -11.64 41.80 -4.23
C THR N 37 -11.63 40.56 -3.33
N GLY N 38 -12.74 40.35 -2.63
CA GLY N 38 -12.83 39.26 -1.69
C GLY N 38 -12.89 37.89 -2.34
N LYS N 39 -13.03 36.85 -1.52
CA LYS N 39 -13.15 35.48 -1.99
C LYS N 39 -14.35 34.84 -1.34
N GLU N 40 -14.99 33.92 -2.05
CA GLU N 40 -16.16 33.21 -1.54
C GLU N 40 -16.15 31.79 -2.09
N SER N 41 -16.31 30.82 -1.21
CA SER N 41 -16.37 29.42 -1.62
C SER N 41 -17.69 29.17 -2.34
N ILE N 42 -17.62 28.45 -3.46
CA ILE N 42 -18.79 28.11 -4.26
C ILE N 42 -18.71 26.63 -4.62
N ASN N 43 -19.88 26.02 -4.81
CA ASN N 43 -19.97 24.59 -5.11
C ASN N 43 -20.04 24.34 -6.61
N GLN N 44 -21.03 24.92 -7.27
CA GLN N 44 -21.23 24.69 -8.70
C GLN N 44 -20.31 25.59 -9.51
N THR N 45 -19.89 25.09 -10.68
CA THR N 45 -18.97 25.83 -11.54
C THR N 45 -19.67 26.96 -12.29
N ILE N 46 -20.98 26.84 -12.54
CA ILE N 46 -21.77 27.93 -13.08
C ILE N 46 -22.59 28.51 -11.93
N PHE N 47 -22.67 29.84 -11.89
CA PHE N 47 -23.37 30.53 -10.81
C PHE N 47 -24.18 31.68 -11.40
N SER N 48 -24.78 32.47 -10.51
CA SER N 48 -25.66 33.55 -10.93
C SER N 48 -26.07 34.34 -9.69
N TRP N 49 -26.62 35.53 -9.92
CA TRP N 49 -27.13 36.36 -8.84
C TRP N 49 -28.28 37.19 -9.38
N GLN N 50 -29.16 37.59 -8.46
CA GLN N 50 -30.38 38.33 -8.81
C GLN N 50 -30.27 39.73 -8.24
N THR N 51 -30.33 40.73 -9.12
CA THR N 51 -30.39 42.13 -8.73
C THR N 51 -31.81 42.65 -8.92
N ASP N 52 -32.03 43.91 -8.56
CA ASP N 52 -33.36 44.50 -8.61
C ASP N 52 -33.22 46.01 -8.64
N ALA N 53 -34.36 46.69 -8.76
CA ALA N 53 -34.39 48.14 -8.78
C ALA N 53 -35.71 48.61 -8.20
N LEU N 54 -35.70 49.78 -7.57
CA LEU N 54 -36.90 50.32 -6.97
C LEU N 54 -37.87 50.79 -8.06
N ALA N 55 -38.96 51.40 -7.65
CA ALA N 55 -39.95 51.94 -8.56
C ALA N 55 -39.61 53.39 -8.90
N SER N 56 -40.45 53.98 -9.77
CA SER N 56 -40.24 55.36 -10.19
C SER N 56 -40.81 56.32 -9.16
N VAL N 57 -40.08 57.41 -8.91
CA VAL N 57 -40.51 58.37 -7.90
C VAL N 57 -41.59 59.28 -8.46
N ASP N 58 -42.36 59.88 -7.54
CA ASP N 58 -43.37 60.87 -7.90
C ASP N 58 -43.69 61.71 -6.68
N GLY N 59 -43.61 63.03 -6.83
CA GLY N 59 -43.92 63.94 -5.74
C GLY N 59 -45.38 64.33 -5.72
N ASN N 60 -46.25 63.43 -6.20
CA ASN N 60 -47.69 63.67 -6.21
C ASN N 60 -48.44 62.57 -5.49
N ASN N 61 -47.75 61.75 -4.70
CA ASN N 61 -48.38 60.68 -3.93
C ASN N 61 -48.98 61.28 -2.66
N ALA N 62 -49.99 62.12 -2.86
CA ALA N 62 -50.72 62.79 -1.79
C ALA N 62 -52.17 62.35 -1.89
N HIS N 63 -52.53 61.31 -1.13
CA HIS N 63 -53.86 60.71 -1.20
C HIS N 63 -54.76 61.34 -0.15
N VAL N 64 -56.07 61.22 -0.37
CA VAL N 64 -57.06 61.76 0.55
C VAL N 64 -57.12 60.83 1.77
N GLU N 65 -57.74 61.30 2.84
CA GLU N 65 -57.73 60.54 4.09
C GLU N 65 -58.54 59.25 3.95
N GLY N 66 -59.84 59.36 3.73
CA GLY N 66 -60.70 58.20 3.62
C GLY N 66 -60.77 57.64 2.21
N SER N 67 -59.69 57.01 1.77
CA SER N 67 -59.61 56.46 0.42
C SER N 67 -59.62 54.94 0.46
N ARG N 68 -60.27 54.33 -0.52
CA ARG N 68 -60.29 52.88 -0.66
C ARG N 68 -58.98 52.46 -1.31
N ALA N 69 -58.19 51.67 -0.59
CA ALA N 69 -56.85 51.32 -1.05
C ALA N 69 -56.89 50.69 -2.44
N GLU N 70 -55.95 51.10 -3.28
CA GLU N 70 -55.82 50.56 -4.63
C GLU N 70 -54.78 49.45 -4.67
N ASP N 71 -54.60 48.87 -5.86
CA ASP N 71 -53.73 47.70 -6.00
C ASP N 71 -52.26 48.07 -5.86
N GLY N 72 -51.79 49.00 -6.67
CA GLY N 72 -50.40 49.42 -6.64
C GLY N 72 -49.58 48.93 -7.82
N GLU N 73 -48.26 48.85 -7.64
CA GLU N 73 -47.35 48.45 -8.70
C GLU N 73 -46.10 47.83 -8.10
N MET N 74 -45.50 46.90 -8.82
CA MET N 74 -44.31 46.19 -8.36
C MET N 74 -43.39 45.91 -9.53
N LYS N 75 -42.11 45.74 -9.22
CA LYS N 75 -41.07 45.51 -10.22
C LYS N 75 -40.46 44.13 -10.03
N PRO N 76 -40.49 43.24 -11.03
CA PRO N 76 -39.75 41.98 -10.91
C PRO N 76 -38.25 42.23 -10.78
N THR N 77 -37.52 41.17 -10.49
CA THR N 77 -36.08 41.26 -10.31
C THR N 77 -35.37 41.06 -11.65
N VAL N 78 -34.04 41.10 -11.60
CA VAL N 78 -33.19 40.87 -12.76
C VAL N 78 -32.08 39.90 -12.35
N ILE N 79 -31.76 38.97 -13.24
CA ILE N 79 -30.77 37.94 -12.96
C ILE N 79 -29.65 38.04 -13.98
N LYS N 80 -28.43 37.75 -13.52
CA LYS N 80 -27.25 37.66 -14.35
C LYS N 80 -26.55 36.33 -14.09
N SER N 81 -25.43 36.11 -14.75
CA SER N 81 -24.71 34.86 -14.60
C SER N 81 -23.29 35.02 -15.15
N ASN N 82 -22.47 34.01 -14.89
CA ASN N 82 -21.10 33.97 -15.39
C ASN N 82 -20.54 32.58 -15.12
N VAL N 83 -19.48 32.24 -15.83
CA VAL N 83 -18.87 30.92 -15.77
C VAL N 83 -17.45 31.04 -15.23
N THR N 84 -16.99 29.97 -14.58
CA THR N 84 -15.67 29.93 -14.00
C THR N 84 -14.65 29.49 -15.04
N GLN N 85 -13.45 30.07 -14.95
CA GLN N 85 -12.34 29.73 -15.84
C GLN N 85 -11.29 28.94 -15.07
N ILE N 86 -10.62 28.05 -15.78
CA ILE N 86 -9.54 27.26 -15.22
C ILE N 86 -8.21 27.82 -15.73
N LEU N 87 -7.20 27.74 -14.87
CA LEU N 87 -5.86 28.19 -15.21
C LEU N 87 -4.85 27.48 -14.31
N ARG N 88 -3.80 26.94 -14.91
CA ARG N 88 -2.86 26.10 -14.17
C ARG N 88 -1.49 26.16 -14.83
N LYS N 89 -0.45 26.04 -14.01
CA LYS N 89 0.93 25.94 -14.48
C LYS N 89 1.53 24.67 -13.91
N VAL N 90 1.97 23.79 -14.80
CA VAL N 90 2.53 22.50 -14.40
C VAL N 90 4.03 22.66 -14.16
N VAL N 91 4.56 21.79 -13.30
CA VAL N 91 5.98 21.83 -12.94
C VAL N 91 6.44 20.42 -12.62
N ARG N 92 7.56 20.02 -13.22
CA ARG N 92 8.14 18.70 -13.01
C ARG N 92 9.65 18.79 -13.01
N VAL N 93 10.29 18.13 -12.04
CA VAL N 93 11.73 18.11 -11.90
C VAL N 93 12.16 16.73 -11.42
N SER N 94 13.47 16.49 -11.46
CA SER N 94 14.01 15.19 -11.12
C SER N 94 13.97 14.96 -9.61
N ASP N 95 13.83 13.70 -9.22
CA ASP N 95 13.81 13.37 -7.80
C ASP N 95 15.14 13.72 -7.14
N THR N 96 16.25 13.52 -7.84
CA THR N 96 17.55 13.81 -7.27
C THR N 96 17.72 15.31 -7.01
N ALA N 97 16.91 16.13 -7.68
CA ALA N 97 17.02 17.57 -7.51
C ALA N 97 16.60 18.00 -6.10
N ASN N 98 15.46 17.50 -5.62
CA ASN N 98 15.00 17.87 -4.30
C ASN N 98 15.93 17.36 -3.21
N THR N 99 16.75 16.36 -3.52
CA THR N 99 17.76 15.89 -2.57
C THR N 99 18.99 16.78 -2.55
N THR N 100 19.15 17.67 -3.53
CA THR N 100 20.29 18.57 -3.57
C THR N 100 20.21 19.57 -2.42
N ALA N 101 21.22 20.42 -2.33
CA ALA N 101 21.30 21.46 -1.31
C ALA N 101 21.70 22.78 -1.95
N ASN N 102 20.93 23.82 -1.66
CA ASN N 102 21.19 25.14 -2.21
C ASN N 102 21.19 26.19 -1.10
N TYR N 103 21.35 27.46 -1.46
CA TYR N 103 21.45 28.53 -0.48
C TYR N 103 20.13 29.26 -0.28
N GLY N 104 19.57 29.81 -1.35
CA GLY N 104 18.36 30.60 -1.27
C GLY N 104 17.09 29.88 -1.69
N ARG N 105 17.12 28.56 -1.78
CA ARG N 105 15.95 27.79 -2.21
C ARG N 105 15.46 26.81 -1.17
N GLY N 106 16.37 26.08 -0.52
CA GLY N 106 15.98 25.03 0.40
C GLY N 106 15.62 23.76 -0.35
N ARG N 107 14.57 23.84 -1.17
CA ARG N 107 14.18 22.75 -2.05
C ARG N 107 13.72 23.34 -3.36
N GLU N 108 14.31 22.87 -4.46
CA GLU N 108 14.00 23.46 -5.77
C GLU N 108 12.52 23.27 -6.12
N LEU N 109 11.97 22.10 -5.78
CA LEU N 109 10.59 21.80 -6.17
C LEU N 109 9.61 22.80 -5.56
N MET N 110 9.67 22.95 -4.23
CA MET N 110 8.72 23.84 -3.55
C MET N 110 8.92 25.28 -3.98
N TYR N 111 10.17 25.69 -4.21
CA TYR N 111 10.44 27.06 -4.65
C TYR N 111 9.81 27.31 -6.00
N GLN N 112 10.04 26.41 -6.96
CA GLN N 112 9.40 26.55 -8.27
C GLN N 112 7.89 26.53 -8.15
N LEU N 113 7.36 25.72 -7.23
CA LEU N 113 5.91 25.66 -7.05
C LEU N 113 5.36 27.00 -6.59
N GLU N 114 5.97 27.61 -5.58
CA GLU N 114 5.48 28.90 -5.10
C GLU N 114 5.68 29.98 -6.14
N LYS N 115 6.77 29.91 -6.91
CA LYS N 115 6.99 30.88 -7.97
C LYS N 115 5.91 30.78 -9.03
N LYS N 116 5.58 29.55 -9.45
CA LYS N 116 4.50 29.38 -10.40
C LYS N 116 3.14 29.74 -9.81
N GLY N 117 3.00 29.63 -8.49
CA GLY N 117 1.80 30.14 -7.86
C GLY N 117 1.67 31.65 -7.99
N LYS N 118 2.76 32.37 -7.75
CA LYS N 118 2.75 33.80 -8.00
C LYS N 118 2.47 34.10 -9.46
N GLU N 119 3.04 33.29 -10.36
CA GLU N 119 2.82 33.50 -11.78
C GLU N 119 1.35 33.32 -12.15
N ILE N 120 0.71 32.29 -11.61
CA ILE N 120 -0.71 32.08 -11.90
C ILE N 120 -1.56 33.17 -11.25
N LYS N 121 -1.11 33.71 -10.12
CA LYS N 121 -1.80 34.85 -9.51
C LYS N 121 -1.80 36.04 -10.46
N ARG N 122 -0.61 36.42 -10.95
CA ARG N 122 -0.55 37.57 -11.84
C ARG N 122 -1.24 37.29 -13.18
N ASP N 123 -1.18 36.05 -13.67
CA ASP N 123 -1.89 35.71 -14.90
C ASP N 123 -3.40 35.81 -14.70
N LEU N 124 -3.89 35.41 -13.52
CA LEU N 124 -5.31 35.55 -13.22
C LEU N 124 -5.70 37.02 -13.17
N GLU N 125 -4.87 37.85 -12.52
CA GLU N 125 -5.16 39.28 -12.48
C GLU N 125 -5.21 39.87 -13.90
N LYS N 126 -4.29 39.44 -14.76
CA LYS N 126 -4.30 39.92 -16.14
C LYS N 126 -5.56 39.45 -16.87
N ILE N 127 -5.94 38.18 -16.69
CA ILE N 127 -7.10 37.63 -17.38
C ILE N 127 -8.37 38.34 -16.95
N LEU N 128 -8.47 38.68 -15.66
CA LEU N 128 -9.70 39.27 -15.14
C LEU N 128 -10.03 40.57 -15.86
N LEU N 129 -9.01 41.34 -16.23
CA LEU N 129 -9.19 42.62 -16.91
C LEU N 129 -8.85 42.55 -18.39
N SER N 130 -8.56 41.36 -18.92
CA SER N 130 -8.23 41.23 -20.34
C SER N 130 -9.40 41.56 -21.25
N GLY N 131 -10.60 41.77 -20.70
CA GLY N 131 -11.74 42.15 -21.51
C GLY N 131 -12.46 41.00 -22.17
N GLN N 132 -12.07 39.75 -21.89
CA GLN N 132 -12.72 38.61 -22.51
C GLN N 132 -14.16 38.50 -22.03
N ALA N 133 -15.09 38.38 -22.98
CA ALA N 133 -16.49 38.18 -22.63
C ALA N 133 -16.77 36.70 -22.45
N ARG N 134 -17.89 36.42 -21.76
CA ARG N 134 -18.27 35.04 -21.50
C ARG N 134 -18.51 34.31 -22.81
N THR N 135 -17.64 33.34 -23.13
CA THR N 135 -17.70 32.59 -24.38
C THR N 135 -17.73 31.10 -24.03
N ASP N 136 -18.89 30.47 -24.17
CA ASP N 136 -19.06 29.06 -23.88
C ASP N 136 -19.99 28.44 -24.92
N VAL N 137 -19.82 27.13 -25.12
CA VAL N 137 -20.67 26.41 -26.06
C VAL N 137 -22.11 26.37 -25.57
N LEU N 138 -22.34 26.60 -24.28
CA LEU N 138 -23.68 26.59 -23.73
C LEU N 138 -24.42 27.88 -24.10
N ALA N 139 -25.74 27.78 -24.15
CA ALA N 139 -26.60 28.94 -24.37
C ALA N 139 -26.98 29.54 -23.01
N ASP N 140 -27.97 30.42 -23.00
CA ASP N 140 -28.47 31.03 -21.78
C ASP N 140 -29.31 30.06 -20.94
N GLN N 141 -29.31 28.77 -21.27
CA GLN N 141 -30.07 27.74 -20.58
C GLN N 141 -29.46 27.35 -19.23
N TYR N 142 -28.47 28.09 -18.73
CA TYR N 142 -27.86 27.78 -17.44
C TYR N 142 -28.91 27.52 -16.37
N LEU N 143 -29.90 28.41 -16.28
CA LEU N 143 -30.90 28.35 -15.22
C LEU N 143 -31.96 27.30 -15.53
N THR N 144 -31.50 26.07 -15.73
CA THR N 144 -32.39 24.96 -16.02
C THR N 144 -32.06 23.69 -15.25
N ASN N 145 -30.88 23.60 -14.62
CA ASN N 145 -30.41 22.41 -13.90
C ASN N 145 -30.05 21.27 -14.85
N SER N 146 -30.11 21.49 -16.16
CA SER N 146 -29.74 20.48 -17.14
C SER N 146 -29.18 21.18 -18.37
N ALA N 147 -28.06 20.66 -18.87
CA ALA N 147 -27.38 21.28 -19.99
C ALA N 147 -28.02 20.86 -21.31
N ALA N 148 -27.40 21.29 -22.41
CA ALA N 148 -27.88 20.96 -23.76
C ALA N 148 -27.58 19.49 -24.05
N ASP N 149 -28.49 18.64 -23.57
CA ASP N 149 -28.32 17.19 -23.73
C ASP N 149 -28.06 16.77 -25.17
N PRO N 150 -28.89 17.13 -26.15
CA PRO N 150 -28.64 16.69 -27.52
C PRO N 150 -27.44 17.36 -28.19
N ALA N 151 -26.69 18.19 -27.47
CA ALA N 151 -25.58 18.94 -28.05
C ALA N 151 -24.22 18.60 -27.46
N VAL N 152 -24.17 18.23 -26.18
CA VAL N 152 -22.88 18.00 -25.51
C VAL N 152 -22.87 16.61 -24.88
N ALA N 153 -23.71 15.71 -25.37
CA ALA N 153 -23.78 14.37 -24.80
C ALA N 153 -22.68 13.48 -25.37
N GLY N 154 -22.70 13.25 -26.68
CA GLY N 154 -21.71 12.36 -27.29
C GLY N 154 -20.29 12.80 -27.08
N LEU N 155 -20.06 14.08 -26.81
CA LEU N 155 -18.72 14.61 -26.58
C LEU N 155 -18.38 14.47 -25.10
N ASN N 156 -17.27 13.79 -24.83
CA ASN N 156 -16.77 13.65 -23.46
C ASN N 156 -15.72 14.68 -23.10
N ASP N 157 -14.91 15.10 -24.07
CA ASP N 157 -13.89 16.11 -23.87
C ASP N 157 -13.84 16.99 -25.12
N THR N 158 -12.80 17.80 -25.23
CA THR N 158 -12.54 18.70 -26.35
C THR N 158 -13.43 19.93 -26.30
N HIS N 159 -14.33 20.06 -25.32
CA HIS N 159 -15.13 21.26 -25.19
C HIS N 159 -14.22 22.46 -25.02
N ALA N 160 -14.49 23.53 -25.78
CA ALA N 160 -13.70 24.74 -25.67
C ALA N 160 -13.60 25.16 -24.22
N ALA N 161 -12.46 25.77 -23.87
CA ALA N 161 -12.24 26.17 -22.49
C ALA N 161 -13.31 27.16 -22.04
N ARG N 162 -13.42 27.35 -20.74
CA ARG N 162 -14.42 28.23 -20.15
C ARG N 162 -13.82 29.62 -20.03
N LYS N 163 -14.16 30.50 -20.96
CA LYS N 163 -13.75 31.90 -20.91
C LYS N 163 -14.72 32.65 -20.02
N THR N 164 -14.29 33.00 -18.81
CA THR N 164 -15.15 33.70 -17.88
C THR N 164 -15.37 35.14 -18.34
N GLY N 165 -16.38 35.78 -17.75
CA GLY N 165 -16.67 37.16 -18.07
C GLY N 165 -15.65 38.09 -17.44
N ALA N 166 -15.17 39.05 -18.21
CA ALA N 166 -14.16 39.97 -17.74
C ALA N 166 -14.79 41.25 -17.20
N PHE N 167 -13.96 42.10 -16.62
CA PHE N 167 -14.44 43.37 -16.07
C PHE N 167 -15.24 44.16 -17.11
N GLN N 168 -14.91 44.00 -18.40
CA GLN N 168 -15.60 44.73 -19.45
C GLN N 168 -16.95 44.13 -19.81
N PHE N 169 -17.15 42.84 -19.53
CA PHE N 169 -18.40 42.19 -19.89
C PHE N 169 -19.45 42.33 -18.79
N LEU N 170 -19.06 42.15 -17.54
CA LEU N 170 -20.03 42.20 -16.44
C LEU N 170 -20.73 43.55 -16.39
N CYS N 171 -20.08 44.61 -16.85
CA CYS N 171 -20.69 45.93 -16.89
C CYS N 171 -21.57 46.04 -18.13
N ALA N 172 -21.99 47.25 -18.46
CA ALA N 172 -22.83 47.46 -19.63
C ALA N 172 -22.02 47.27 -20.91
N HIS N 173 -21.92 46.02 -21.36
CA HIS N 173 -21.11 45.71 -22.54
C HIS N 173 -21.54 46.55 -23.73
N GLY N 174 -22.83 46.56 -24.04
CA GLY N 174 -23.33 47.24 -25.22
C GLY N 174 -23.04 46.55 -26.53
N GLY N 175 -22.31 45.45 -26.51
CA GLY N 175 -21.98 44.75 -27.73
C GLY N 175 -20.81 43.81 -27.52
N LEU N 176 -20.58 42.98 -28.54
CA LEU N 176 -19.51 41.99 -28.51
C LEU N 176 -18.97 41.81 -29.92
N ALA N 177 -17.74 41.29 -30.01
CA ALA N 177 -17.11 41.07 -31.31
C ALA N 177 -16.12 39.91 -31.16
N GLY N 178 -16.56 38.72 -31.59
CA GLY N 178 -15.67 37.57 -31.64
C GLY N 178 -15.21 37.07 -30.28
N GLY N 179 -15.81 37.58 -29.21
CA GLY N 179 -15.49 37.18 -27.85
C GLY N 179 -15.01 38.33 -26.97
N VAL N 180 -14.55 39.41 -27.58
CA VAL N 180 -14.08 40.58 -26.84
C VAL N 180 -15.11 41.68 -26.98
N VAL N 181 -15.23 42.49 -25.93
CA VAL N 181 -16.24 43.56 -25.92
C VAL N 181 -15.84 44.64 -26.89
N ASP N 182 -16.84 45.31 -27.47
CA ASP N 182 -16.58 46.41 -28.38
C ASP N 182 -16.18 47.66 -27.60
N LYS N 183 -15.21 48.40 -28.16
CA LYS N 183 -14.75 49.64 -27.57
C LYS N 183 -15.29 50.88 -28.27
N THR N 184 -15.73 50.73 -29.52
CA THR N 184 -16.26 51.85 -30.30
C THR N 184 -17.77 52.00 -30.16
N LYS N 185 -18.41 51.24 -29.28
CA LYS N 185 -19.86 51.28 -29.11
C LYS N 185 -20.19 51.33 -27.63
N ASN N 186 -21.07 52.25 -27.27
CA ASN N 186 -21.54 52.38 -25.89
C ASN N 186 -22.71 51.44 -25.64
N GLY N 187 -23.16 51.42 -24.39
CA GLY N 187 -24.26 50.56 -23.99
C GLY N 187 -25.57 51.32 -23.91
N PRO N 188 -26.64 50.58 -23.69
CA PRO N 188 -27.96 51.20 -23.59
C PRO N 188 -28.25 51.68 -22.17
N ALA N 189 -29.29 52.50 -22.06
CA ALA N 189 -29.69 53.03 -20.76
C ALA N 189 -30.58 52.01 -20.03
N ASP N 190 -30.63 52.15 -18.71
CA ASP N 190 -31.42 51.23 -17.91
C ASP N 190 -32.88 51.69 -17.86
N PRO N 191 -33.84 50.76 -17.91
CA PRO N 191 -35.25 51.18 -17.90
C PRO N 191 -35.63 52.02 -16.70
N ASP N 192 -34.97 51.83 -15.55
CA ASP N 192 -35.34 52.58 -14.36
C ASP N 192 -34.70 53.96 -14.33
N THR N 193 -33.45 54.07 -14.79
CA THR N 193 -32.73 55.33 -14.82
C THR N 193 -32.16 55.55 -16.20
N GLY N 194 -32.33 56.77 -16.71
CA GLY N 194 -31.87 57.10 -18.04
C GLY N 194 -30.40 57.44 -18.07
N ALA N 195 -29.58 56.53 -17.54
CA ALA N 195 -28.14 56.73 -17.44
C ALA N 195 -27.41 55.64 -18.19
N VAL N 196 -26.20 55.96 -18.66
CA VAL N 196 -25.32 55.00 -19.30
C VAL N 196 -23.95 55.12 -18.67
N THR N 197 -23.43 54.00 -18.16
CA THR N 197 -22.18 54.01 -17.41
C THR N 197 -20.96 53.84 -18.30
N VAL N 198 -21.09 53.10 -19.40
CA VAL N 198 -20.02 52.92 -20.35
C VAL N 198 -20.15 54.02 -21.41
N LYS N 199 -19.01 54.49 -21.90
CA LYS N 199 -18.99 55.57 -22.87
C LYS N 199 -17.68 55.51 -23.63
N VAL N 200 -17.72 56.02 -24.85
CA VAL N 200 -16.53 56.12 -25.71
C VAL N 200 -16.17 57.59 -25.82
N ALA N 201 -14.89 57.90 -25.62
CA ALA N 201 -14.45 59.29 -25.67
C ALA N 201 -14.84 59.93 -27.00
N GLN N 202 -15.32 61.16 -26.92
CA GLN N 202 -15.79 61.88 -28.09
C GLN N 202 -14.94 63.10 -28.36
N ASN N 203 -14.72 63.93 -27.33
CA ASN N 203 -13.91 65.14 -27.39
C ASN N 203 -14.06 65.83 -28.75
N ALA N 204 -15.30 66.00 -29.20
CA ALA N 204 -15.58 66.54 -30.54
C ALA N 204 -15.37 68.05 -30.56
N SER N 205 -14.13 68.44 -30.25
CA SER N 205 -13.74 69.85 -30.23
C SER N 205 -12.47 70.14 -31.02
N ASN N 206 -11.63 69.15 -31.27
CA ASN N 206 -10.41 69.31 -32.06
C ASN N 206 -10.50 68.52 -33.35
N PRO N 207 -9.65 68.81 -34.32
CA PRO N 207 -9.70 68.08 -35.60
C PRO N 207 -9.47 66.58 -35.40
N THR N 208 -9.79 65.83 -36.46
CA THR N 208 -9.61 64.38 -36.40
C THR N 208 -8.15 64.01 -36.17
N THR N 209 -7.22 64.80 -36.70
CA THR N 209 -5.80 64.51 -36.51
C THR N 209 -5.40 64.66 -35.05
N ASN N 210 -6.04 65.58 -34.34
CA ASN N 210 -5.69 65.86 -32.95
C ASN N 210 -5.84 64.60 -32.11
N ILE N 211 -4.72 64.12 -31.58
CA ILE N 211 -4.70 62.95 -30.71
C ILE N 211 -4.78 63.45 -29.27
N GLY N 212 -6.00 63.47 -28.72
CA GLY N 212 -6.22 63.90 -27.36
C GLY N 212 -7.23 63.02 -26.65
N PHE N 213 -6.84 62.45 -25.52
CA PHE N 213 -7.71 61.52 -24.81
C PHE N 213 -9.00 62.20 -24.39
N ASP N 214 -8.92 63.13 -23.43
CA ASP N 214 -10.07 63.85 -22.93
C ASP N 214 -9.56 64.93 -21.98
N GLU N 215 -10.39 65.94 -21.77
CA GLU N 215 -10.08 67.01 -20.82
C GLU N 215 -11.15 67.15 -19.74
N ALA N 216 -12.43 67.00 -20.09
CA ALA N 216 -13.51 67.15 -19.13
C ALA N 216 -14.58 66.07 -19.34
N ASP N 217 -14.21 64.93 -19.90
CA ASP N 217 -15.14 63.83 -20.08
C ASP N 217 -15.24 62.94 -18.84
N ILE N 218 -14.21 62.94 -17.99
CA ILE N 218 -14.27 62.17 -16.75
C ILE N 218 -15.38 62.71 -15.85
N PHE N 219 -15.55 64.04 -15.84
CA PHE N 219 -16.60 64.64 -15.03
C PHE N 219 -17.98 64.18 -15.50
N ASP N 220 -18.17 64.09 -16.82
CA ASP N 220 -19.45 63.61 -17.35
C ASP N 220 -19.70 62.17 -16.94
N MET N 221 -18.66 61.34 -16.95
CA MET N 221 -18.83 59.95 -16.53
C MET N 221 -19.16 59.85 -15.06
N THR N 222 -18.52 60.69 -14.23
CA THR N 222 -18.84 60.70 -12.81
C THR N 222 -20.28 61.16 -12.59
N LEU N 223 -20.74 62.14 -13.38
CA LEU N 223 -22.12 62.58 -13.28
C LEU N 223 -23.07 61.44 -13.64
N GLN N 224 -22.76 60.71 -14.71
CA GLN N 224 -23.59 59.58 -15.09
C GLN N 224 -23.63 58.53 -13.98
N LEU N 225 -22.47 58.20 -13.42
CA LEU N 225 -22.42 57.22 -12.34
C LEU N 225 -23.27 57.68 -11.15
N TYR N 226 -23.12 58.94 -10.76
CA TYR N 226 -23.90 59.45 -9.64
C TYR N 226 -25.39 59.40 -9.93
N THR N 227 -25.78 59.69 -11.18
CA THR N 227 -27.19 59.61 -11.55
C THR N 227 -27.69 58.17 -11.51
N ALA N 228 -26.84 57.21 -11.84
CA ALA N 228 -27.22 55.81 -11.79
C ALA N 228 -27.42 55.29 -10.37
N GLY N 229 -27.14 56.10 -9.35
CA GLY N 229 -27.29 55.66 -7.99
C GLY N 229 -26.17 54.80 -7.48
N SER N 230 -25.12 54.59 -8.28
CA SER N 230 -23.97 53.82 -7.85
C SER N 230 -22.92 54.74 -7.25
N GLU N 231 -22.19 54.22 -6.27
CA GLU N 231 -21.13 54.95 -5.61
C GLU N 231 -19.79 54.35 -5.99
N ALA N 232 -18.80 55.22 -6.18
CA ALA N 232 -17.46 54.79 -6.59
C ALA N 232 -16.43 55.83 -6.21
N ASP N 233 -15.27 55.37 -5.70
CA ASP N 233 -14.23 56.29 -5.27
C ASP N 233 -12.84 55.83 -5.72
N ILE N 234 -12.77 54.91 -6.69
CA ILE N 234 -11.51 54.36 -7.16
C ILE N 234 -11.53 54.32 -8.68
N ILE N 235 -10.37 54.55 -9.28
CA ILE N 235 -10.22 54.59 -10.74
C ILE N 235 -8.92 53.90 -11.09
N MET N 236 -9.01 52.71 -11.68
CA MET N 236 -7.84 51.98 -12.15
C MET N 236 -7.51 52.37 -13.58
N ILE N 237 -6.25 52.70 -13.83
CA ILE N 237 -5.78 53.13 -15.13
C ILE N 237 -4.40 52.54 -15.38
N ASN N 238 -3.85 52.86 -16.55
CA ASN N 238 -2.54 52.42 -16.98
C ASN N 238 -1.56 53.59 -17.02
N PRO N 239 -0.25 53.34 -16.94
CA PRO N 239 0.71 54.44 -17.04
C PRO N 239 0.60 55.23 -18.33
N ALA N 240 0.12 54.61 -19.41
CA ALA N 240 0.03 55.29 -20.69
C ALA N 240 -0.95 56.45 -20.69
N HIS N 241 -1.86 56.51 -19.72
CA HIS N 241 -2.83 57.59 -19.63
C HIS N 241 -2.67 58.42 -18.36
N ALA N 242 -1.71 58.10 -17.50
CA ALA N 242 -1.55 58.84 -16.25
C ALA N 242 -1.19 60.29 -16.50
N LYS N 243 -0.47 60.58 -17.59
CA LYS N 243 -0.07 61.95 -17.86
C LYS N 243 -1.29 62.86 -18.02
N ILE N 244 -2.36 62.36 -18.63
CA ILE N 244 -3.55 63.19 -18.83
C ILE N 244 -4.18 63.53 -17.49
N PHE N 245 -4.31 62.54 -16.61
CA PHE N 245 -4.87 62.80 -15.29
C PHE N 245 -3.99 63.77 -14.50
N ALA N 246 -2.68 63.62 -14.61
CA ALA N 246 -1.76 64.54 -13.93
C ALA N 246 -1.95 65.96 -14.43
N GLY N 247 -1.98 66.13 -15.76
CA GLY N 247 -2.18 67.45 -16.33
C GLY N 247 -3.53 68.05 -15.98
N LEU N 248 -4.56 67.20 -15.84
CA LEU N 248 -5.87 67.71 -15.48
C LEU N 248 -5.92 68.13 -14.02
N GLN N 249 -5.19 67.42 -13.15
CA GLN N 249 -5.12 67.79 -11.74
C GLN N 249 -4.72 69.26 -11.58
N GLU N 250 -3.84 69.75 -12.46
CA GLU N 250 -3.42 71.15 -12.39
C GLU N 250 -4.56 72.11 -12.74
N ASN N 251 -5.59 71.63 -13.42
CA ASN N 251 -6.69 72.51 -13.84
C ASN N 251 -7.73 72.71 -12.75
N THR N 252 -7.75 71.86 -11.72
CA THR N 252 -8.76 71.95 -10.67
C THR N 252 -8.13 71.89 -9.28
N GLN N 253 -6.89 72.40 -9.14
CA GLN N 253 -6.27 72.46 -7.82
C GLN N 253 -7.16 73.19 -6.83
N GLY N 254 -7.77 74.30 -7.26
CA GLY N 254 -8.66 75.04 -6.40
C GLY N 254 -9.79 74.21 -5.83
N SER N 255 -10.12 73.10 -6.47
CA SER N 255 -11.18 72.20 -6.00
C SER N 255 -10.67 70.82 -5.65
N ARG N 256 -9.35 70.59 -5.71
CA ARG N 256 -8.80 69.28 -5.37
C ARG N 256 -8.86 69.09 -3.86
N LYS N 257 -9.96 68.51 -3.39
CA LYS N 257 -10.12 68.21 -1.97
C LYS N 257 -9.17 67.07 -1.61
N ARG N 258 -8.02 67.42 -1.04
CA ARG N 258 -6.98 66.44 -0.76
C ARG N 258 -7.40 65.50 0.36
N ILE N 259 -6.82 64.30 0.34
CA ILE N 259 -7.06 63.30 1.38
C ILE N 259 -5.71 62.72 1.78
N PHE N 260 -5.50 62.59 3.08
CA PHE N 260 -4.26 62.06 3.63
C PHE N 260 -4.55 60.77 4.39
N GLU N 261 -3.49 60.13 4.88
CA GLU N 261 -3.61 58.90 5.65
C GLU N 261 -2.80 59.04 6.93
N ASN N 262 -3.28 58.40 7.99
CA ASN N 262 -2.66 58.47 9.30
C ASN N 262 -1.89 57.19 9.58
N THR N 263 -0.66 57.34 10.08
CA THR N 263 0.22 56.20 10.33
C THR N 263 0.89 56.24 11.70
N LYS N 264 0.67 57.31 12.48
CA LYS N 264 1.26 57.45 13.81
C LYS N 264 2.75 57.80 13.72
N GLN N 265 3.31 57.81 12.51
CA GLN N 265 4.68 58.27 12.31
C GLN N 265 4.83 59.10 11.05
N PHE N 266 3.85 59.09 10.15
CA PHE N 266 3.92 59.83 8.90
C PHE N 266 2.50 60.07 8.41
N ILE N 267 2.38 61.00 7.46
CA ILE N 267 1.10 61.33 6.86
C ILE N 267 1.31 61.49 5.36
N TYR N 268 0.76 60.57 4.57
CA TYR N 268 0.95 60.56 3.13
C TYR N 268 -0.32 61.04 2.45
N GLU N 269 -0.15 61.77 1.36
CA GLU N 269 -1.27 62.21 0.53
C GLU N 269 -1.53 61.20 -0.58
N VAL N 270 -2.76 61.20 -1.07
CA VAL N 270 -3.20 60.26 -2.09
C VAL N 270 -3.46 61.00 -3.38
N ASN N 271 -3.10 60.36 -4.50
CA ASN N 271 -3.30 60.92 -5.84
C ASN N 271 -4.77 60.74 -6.23
N SER N 272 -5.62 61.55 -5.61
CA SER N 272 -7.06 61.45 -5.78
C SER N 272 -7.58 62.65 -6.55
N ILE N 273 -7.99 62.43 -7.81
CA ILE N 273 -8.69 63.46 -8.56
C ILE N 273 -10.14 63.52 -8.11
N THR N 274 -10.76 64.68 -8.30
CA THR N 274 -12.12 64.91 -7.86
C THR N 274 -12.92 65.61 -8.94
N ASP N 275 -14.24 65.58 -8.78
CA ASP N 275 -15.19 66.17 -9.72
C ASP N 275 -15.96 67.28 -9.02
N PRO N 276 -16.63 68.16 -9.79
CA PRO N 276 -17.40 69.23 -9.14
C PRO N 276 -18.45 68.72 -8.17
N LEU N 277 -18.86 67.46 -8.29
CA LEU N 277 -19.90 66.92 -7.43
C LEU N 277 -19.38 66.54 -6.04
N GLY N 278 -18.11 66.79 -5.76
CA GLY N 278 -17.54 66.50 -4.45
C GLY N 278 -16.99 65.10 -4.29
N GLN N 279 -17.00 64.29 -5.34
CA GLN N 279 -16.50 62.92 -5.24
C GLN N 279 -14.98 62.91 -5.28
N SER N 280 -14.36 62.18 -4.35
CA SER N 280 -12.92 62.03 -4.29
C SER N 280 -12.57 60.64 -4.81
N TYR N 281 -12.00 60.59 -6.02
CA TYR N 281 -11.71 59.34 -6.71
C TYR N 281 -10.24 58.98 -6.52
N LYS N 282 -9.99 57.84 -5.87
CA LYS N 282 -8.64 57.31 -5.80
C LYS N 282 -8.17 56.86 -7.17
N ILE N 283 -6.86 56.90 -7.38
CA ILE N 283 -6.24 56.53 -8.65
C ILE N 283 -5.24 55.41 -8.38
N ILE N 284 -5.25 54.40 -9.24
CA ILE N 284 -4.33 53.27 -9.15
C ILE N 284 -3.74 53.03 -10.53
N VAL N 285 -2.44 52.72 -10.56
CA VAL N 285 -1.73 52.43 -11.80
C VAL N 285 -1.36 50.96 -11.79
N ASN N 286 -1.68 50.25 -12.88
CA ASN N 286 -1.43 48.83 -12.98
C ASN N 286 -0.85 48.51 -14.34
N ARG N 287 -0.03 47.45 -14.39
CA ARG N 287 0.56 46.98 -15.64
C ARG N 287 -0.32 45.98 -16.37
N TRP N 288 -1.39 45.50 -15.75
CA TRP N 288 -2.24 44.45 -16.30
C TRP N 288 -3.54 45.00 -16.86
N MET N 289 -3.50 46.17 -17.49
CA MET N 289 -4.67 46.78 -18.10
C MET N 289 -4.71 46.49 -19.58
N PRO N 290 -5.87 46.65 -20.24
CA PRO N 290 -5.95 46.37 -21.68
C PRO N 290 -5.13 47.33 -22.54
N THR N 291 -4.56 48.39 -21.97
CA THR N 291 -3.72 49.37 -22.64
C THR N 291 -4.54 50.36 -23.46
N ASP N 292 -5.87 50.24 -23.50
CA ASP N 292 -6.70 51.13 -24.29
C ASP N 292 -7.98 51.54 -23.58
N ALA N 293 -8.09 51.29 -22.28
CA ALA N 293 -9.31 51.60 -21.54
C ALA N 293 -8.99 51.87 -20.09
N VAL N 294 -9.90 52.56 -19.41
CA VAL N 294 -9.81 52.80 -17.98
C VAL N 294 -11.10 52.30 -17.34
N TYR N 295 -11.03 52.02 -16.04
CA TYR N 295 -12.15 51.46 -15.29
C TYR N 295 -12.54 52.38 -14.15
N PHE N 296 -13.83 52.52 -13.92
CA PHE N 296 -14.39 53.28 -12.82
C PHE N 296 -15.25 52.36 -11.98
N PHE N 297 -14.78 52.03 -10.78
CA PHE N 297 -15.48 51.09 -9.92
C PHE N 297 -15.28 51.47 -8.46
N ARG N 298 -15.77 50.62 -7.57
CA ARG N 298 -15.76 50.88 -6.14
C ARG N 298 -14.90 49.90 -5.34
N SER N 299 -14.47 48.80 -5.95
CA SER N 299 -13.59 47.80 -5.35
C SER N 299 -14.27 46.99 -4.26
N ALA N 300 -15.55 47.22 -3.99
CA ALA N 300 -16.29 46.46 -2.99
C ALA N 300 -17.41 45.59 -3.58
N ASP N 301 -18.01 46.01 -4.69
CA ASP N 301 -19.05 45.21 -5.31
C ASP N 301 -18.49 44.04 -6.11
N TRP N 302 -17.18 44.03 -6.37
CA TRP N 302 -16.55 43.00 -7.17
C TRP N 302 -15.99 41.90 -6.28
N THR N 303 -16.11 40.66 -6.74
CA THR N 303 -15.66 39.51 -5.99
C THR N 303 -15.41 38.35 -6.94
N GLN N 304 -14.41 37.53 -6.60
CA GLN N 304 -14.07 36.33 -7.35
C GLN N 304 -14.27 35.13 -6.46
N MET N 305 -15.05 34.16 -6.93
CA MET N 305 -15.44 32.99 -6.16
C MET N 305 -14.54 31.82 -6.54
N VAL N 306 -13.94 31.18 -5.54
CA VAL N 306 -13.04 30.05 -5.74
C VAL N 306 -13.82 28.76 -5.65
N LEU N 307 -13.51 27.82 -6.55
CA LEU N 307 -14.19 26.53 -6.59
C LEU N 307 -13.26 25.34 -6.38
N ARG N 308 -11.98 25.46 -6.73
CA ARG N 308 -11.06 24.33 -6.65
C ARG N 308 -10.34 24.21 -5.32
N ALA N 309 -10.16 25.32 -4.61
CA ALA N 309 -9.41 25.29 -3.35
C ALA N 309 -8.01 24.76 -3.63
N PRO N 310 -7.18 25.52 -4.35
CA PRO N 310 -5.84 25.02 -4.72
C PRO N 310 -5.07 24.43 -3.54
N LYS N 311 -4.56 23.22 -3.72
CA LYS N 311 -3.79 22.52 -2.69
C LYS N 311 -2.65 21.76 -3.34
N ARG N 312 -1.79 21.19 -2.50
CA ARG N 312 -0.65 20.42 -2.98
C ARG N 312 -1.16 19.12 -3.59
N THR N 313 -1.23 19.07 -4.93
CA THR N 313 -1.72 17.90 -5.62
C THR N 313 -0.57 17.03 -6.11
N GLU N 314 -0.80 15.73 -6.15
CA GLU N 314 0.20 14.76 -6.58
C GLU N 314 -0.21 14.15 -7.92
N LEU N 315 0.80 13.86 -8.75
CA LEU N 315 0.56 13.26 -10.06
C LEU N 315 1.45 12.05 -10.27
N ALA N 316 1.41 11.48 -11.47
CA ALA N 316 2.16 10.28 -11.79
C ALA N 316 3.64 10.60 -11.97
N LYS N 317 4.47 9.56 -11.81
CA LYS N 317 5.90 9.69 -12.00
C LYS N 317 6.31 9.32 -13.43
N ASP N 318 5.97 8.10 -13.85
CA ASP N 318 6.34 7.61 -15.18
C ASP N 318 7.84 7.69 -15.40
N GLY N 319 8.61 7.51 -14.33
CA GLY N 319 10.05 7.63 -14.41
C GLY N 319 10.62 8.05 -13.07
N SER N 320 11.83 8.62 -13.12
CA SER N 320 12.48 9.08 -11.90
C SER N 320 11.94 10.43 -11.45
N TYR N 321 11.58 11.30 -12.38
CA TYR N 321 11.13 12.64 -12.04
C TYR N 321 9.81 12.58 -11.26
N GLU N 322 9.37 13.75 -10.83
CA GLU N 322 8.13 13.88 -10.07
C GLU N 322 7.27 14.95 -10.72
N LYS N 323 5.96 14.71 -10.75
CA LYS N 323 5.01 15.60 -11.41
C LYS N 323 4.17 16.34 -10.36
N TRP N 324 4.07 17.65 -10.54
CA TRP N 324 3.23 18.49 -9.69
C TRP N 324 2.56 19.54 -10.57
N MET N 325 1.57 20.21 -10.01
CA MET N 325 0.84 21.26 -10.71
C MET N 325 -0.07 21.95 -9.68
N ILE N 326 -0.78 22.97 -10.14
CA ILE N 326 -1.71 23.73 -9.30
C ILE N 326 -2.84 24.20 -10.18
N GLU N 327 -4.08 24.01 -9.73
CA GLU N 327 -5.24 24.16 -10.61
C GLU N 327 -6.27 25.11 -10.04
N MET N 328 -5.84 26.31 -9.63
CA MET N 328 -6.77 27.32 -9.16
C MET N 328 -7.77 27.67 -10.26
N GLU N 329 -9.04 27.68 -9.90
CA GLU N 329 -10.13 28.06 -10.81
C GLU N 329 -11.12 28.92 -10.05
N VAL N 330 -11.48 30.06 -10.63
CA VAL N 330 -12.37 31.02 -9.97
C VAL N 330 -13.38 31.54 -11.00
N GLY N 331 -14.22 32.45 -10.53
CA GLY N 331 -15.19 33.10 -11.38
C GLY N 331 -15.55 34.46 -10.85
N LEU N 332 -15.58 35.44 -11.75
CA LEU N 332 -15.81 36.82 -11.37
C LEU N 332 -17.30 37.11 -11.25
N ARG N 333 -17.62 38.10 -10.42
CA ARG N 333 -18.99 38.49 -10.15
C ARG N 333 -19.06 39.97 -9.81
N HIS N 334 -20.14 40.62 -10.22
CA HIS N 334 -20.39 42.02 -9.90
C HIS N 334 -21.85 42.17 -9.48
N ARG N 335 -22.07 42.79 -8.33
CA ARG N 335 -23.44 42.95 -7.82
C ARG N 335 -24.33 43.61 -8.87
N ASN N 336 -23.85 44.68 -9.47
CA ASN N 336 -24.62 45.49 -10.40
C ASN N 336 -23.84 45.71 -11.67
N PRO N 337 -24.43 45.42 -12.84
CA PRO N 337 -23.73 45.77 -14.09
C PRO N 337 -23.61 47.26 -14.31
N TYR N 338 -24.66 48.03 -13.98
CA TYR N 338 -24.68 49.47 -14.18
C TYR N 338 -24.09 50.24 -13.01
N ALA N 339 -23.32 49.58 -12.13
CA ALA N 339 -22.66 50.29 -11.05
C ALA N 339 -21.32 50.86 -11.50
N SER N 340 -20.45 49.99 -12.00
CA SER N 340 -19.15 50.41 -12.50
C SER N 340 -19.26 50.87 -13.95
N GLY N 341 -18.23 51.60 -14.40
CA GLY N 341 -18.21 52.11 -15.74
C GLY N 341 -16.85 51.89 -16.38
N VAL N 342 -16.84 51.94 -17.71
CA VAL N 342 -15.64 51.73 -18.50
C VAL N 342 -15.56 52.81 -19.58
N LEU N 343 -14.35 53.28 -19.83
CA LEU N 343 -14.10 54.30 -20.84
C LEU N 343 -12.93 53.87 -21.72
N PHE N 344 -13.07 54.12 -23.02
CA PHE N 344 -12.08 53.72 -24.01
C PHE N 344 -11.52 54.96 -24.69
N THR N 345 -10.22 54.93 -24.98
CA THR N 345 -9.59 56.05 -25.66
C THR N 345 -10.04 56.13 -27.12
N ALA N 346 -9.92 57.32 -27.69
CA ALA N 346 -10.26 57.56 -29.08
C ALA N 346 -9.74 58.94 -29.45
N ALA N 347 -9.76 59.23 -30.75
CA ALA N 347 -9.29 60.50 -31.28
C ALA N 347 -10.40 61.17 -32.08
N GLY N 348 -10.28 62.49 -32.24
CA GLY N 348 -11.25 63.26 -32.99
C GLY N 348 -12.56 63.45 -32.26
N PRO O 4 -4.68 -48.79 -23.35
CA PRO O 4 -5.82 -49.21 -22.53
C PRO O 4 -5.52 -50.46 -21.69
N THR O 5 -5.00 -51.49 -22.34
CA THR O 5 -4.67 -52.72 -21.64
C THR O 5 -3.42 -52.54 -20.77
N LEU O 6 -3.28 -53.41 -19.79
CA LEU O 6 -2.15 -53.43 -18.87
C LEU O 6 -1.74 -52.01 -18.48
N PHE O 7 -2.68 -51.34 -17.80
CA PHE O 7 -2.50 -49.94 -17.39
C PHE O 7 -1.10 -49.68 -16.84
N VAL O 8 -0.44 -48.68 -17.41
CA VAL O 8 0.87 -48.23 -16.96
C VAL O 8 0.82 -46.71 -16.78
N SER O 9 1.99 -46.13 -16.47
CA SER O 9 2.07 -44.70 -16.26
C SER O 9 1.72 -43.94 -17.54
N TYR O 10 2.21 -44.42 -18.69
CA TYR O 10 1.94 -43.74 -19.95
C TYR O 10 0.45 -43.62 -20.20
N ASP O 11 -0.35 -44.54 -19.67
CA ASP O 11 -1.80 -44.47 -19.81
C ASP O 11 -2.47 -43.61 -18.75
N GLN O 12 -1.77 -43.35 -17.64
CA GLN O 12 -2.34 -42.59 -16.53
C GLN O 12 -2.39 -41.11 -16.90
N ASN O 13 -3.59 -40.57 -17.07
CA ASN O 13 -3.73 -39.15 -17.40
C ASN O 13 -3.49 -38.29 -16.16
N GLY O 14 -4.27 -38.52 -15.11
CA GLY O 14 -4.10 -37.75 -13.89
C GLY O 14 -2.79 -38.10 -13.20
N LYS O 15 -1.99 -37.07 -12.95
CA LYS O 15 -0.69 -37.23 -12.32
C LYS O 15 -0.50 -36.19 -11.23
N LYS O 16 0.00 -36.65 -10.08
CA LYS O 16 0.36 -35.76 -8.98
C LYS O 16 1.87 -35.57 -9.03
N LEU O 17 2.30 -34.44 -9.57
CA LEU O 17 3.70 -34.24 -9.90
C LEU O 17 4.58 -34.32 -8.65
N SER O 18 5.89 -34.39 -8.89
CA SER O 18 6.89 -34.41 -7.84
C SER O 18 7.86 -33.24 -7.98
N PHE O 19 7.35 -32.09 -8.44
CA PHE O 19 8.18 -30.92 -8.58
C PHE O 19 8.83 -30.57 -7.26
N ALA O 20 10.02 -29.97 -7.33
CA ALA O 20 10.77 -29.60 -6.15
C ALA O 20 10.32 -28.23 -5.65
N ASN O 21 10.29 -28.10 -4.32
CA ASN O 21 9.85 -26.86 -3.69
C ASN O 21 10.99 -25.89 -3.43
N TRP O 22 12.08 -25.98 -4.18
CA TRP O 22 13.24 -25.13 -3.99
C TRP O 22 13.80 -24.73 -5.35
N ILE O 23 14.73 -23.77 -5.32
CA ILE O 23 15.38 -23.25 -6.52
C ILE O 23 16.89 -23.24 -6.29
N SER O 24 17.64 -23.41 -7.37
CA SER O 24 19.09 -23.44 -7.32
C SER O 24 19.65 -22.10 -7.76
N VAL O 25 20.41 -21.46 -6.87
CA VAL O 25 21.07 -20.19 -7.15
C VAL O 25 22.51 -20.29 -6.66
N LEU O 26 23.46 -19.91 -7.51
CA LEU O 26 24.88 -19.95 -7.18
C LEU O 26 25.58 -18.63 -7.44
N SER O 27 24.89 -17.63 -7.96
CA SER O 27 25.52 -16.36 -8.29
C SER O 27 26.21 -15.78 -7.07
N PRO O 28 27.50 -15.45 -7.14
CA PRO O 28 28.20 -14.94 -5.95
C PRO O 28 27.69 -13.57 -5.55
N GLN O 29 27.72 -13.33 -4.24
CA GLN O 29 27.24 -12.07 -3.68
C GLN O 29 28.19 -11.56 -2.59
N ASP O 30 29.48 -11.84 -2.72
CA ASP O 30 30.44 -11.45 -1.68
C ASP O 30 30.41 -9.94 -1.45
N THR O 31 30.76 -9.17 -2.47
CA THR O 31 30.85 -7.73 -2.34
C THR O 31 31.74 -7.37 -1.16
N PRO O 32 33.02 -7.74 -1.20
CA PRO O 32 33.90 -7.46 -0.05
C PRO O 32 34.33 -6.01 0.04
N PHE O 33 34.52 -5.38 -1.12
CA PHE O 33 34.97 -3.99 -1.15
C PHE O 33 34.03 -3.09 -0.35
N VAL O 34 32.74 -3.13 -0.69
CA VAL O 34 31.78 -2.25 -0.03
C VAL O 34 31.75 -2.49 1.47
N SER O 35 32.09 -3.69 1.91
CA SER O 35 32.04 -4.03 3.34
C SER O 35 33.27 -3.54 4.10
N MET O 36 34.17 -2.80 3.45
CA MET O 36 35.36 -2.30 4.12
C MET O 36 35.69 -0.87 3.70
N THR O 37 34.71 -0.13 3.17
CA THR O 37 34.92 1.24 2.71
C THR O 37 34.30 2.26 3.65
N GLY O 38 33.03 2.08 4.00
CA GLY O 38 32.32 3.06 4.83
C GLY O 38 31.22 3.73 4.06
N LYS O 39 30.25 4.31 4.77
CA LYS O 39 29.12 4.98 4.14
C LYS O 39 28.83 6.29 4.86
N GLU O 40 28.51 7.31 4.07
CA GLU O 40 28.16 8.62 4.61
C GLU O 40 27.24 9.31 3.61
N SER O 41 26.23 10.00 4.14
CA SER O 41 25.24 10.66 3.31
C SER O 41 25.66 12.10 3.02
N ILE O 42 25.13 12.62 1.93
CA ILE O 42 25.40 14.01 1.52
C ILE O 42 24.16 14.57 0.85
N ASN O 43 24.20 15.86 0.51
CA ASN O 43 23.06 16.50 -0.13
C ASN O 43 23.46 17.23 -1.40
N GLN O 44 24.38 16.67 -2.19
CA GLN O 44 24.84 17.29 -3.42
C GLN O 44 25.18 16.21 -4.43
N THR O 45 25.04 16.56 -5.70
CA THR O 45 25.39 15.67 -6.80
C THR O 45 26.89 15.62 -7.06
N ILE O 46 27.64 16.60 -6.57
CA ILE O 46 29.08 16.66 -6.77
C ILE O 46 29.73 17.01 -5.44
N PHE O 47 30.82 16.34 -5.12
CA PHE O 47 31.53 16.51 -3.86
C PHE O 47 33.02 16.62 -4.12
N SER O 48 33.76 16.95 -3.06
CA SER O 48 35.20 17.13 -3.17
C SER O 48 35.79 17.16 -1.76
N TRP O 49 37.11 17.01 -1.70
CA TRP O 49 37.83 17.02 -0.43
C TRP O 49 39.12 17.83 -0.62
N GLN O 50 39.87 17.95 0.47
CA GLN O 50 41.11 18.71 0.49
C GLN O 50 42.29 17.76 0.64
N THR O 51 43.43 18.17 0.12
CA THR O 51 44.64 17.35 0.13
C THR O 51 45.86 18.22 0.39
N ASP O 52 46.67 17.82 1.36
CA ASP O 52 47.92 18.51 1.67
C ASP O 52 49.03 17.46 1.78
N ALA O 53 50.25 17.87 1.48
CA ALA O 53 51.39 16.98 1.47
C ALA O 53 52.08 16.97 2.83
N LEU O 54 52.89 15.94 3.05
CA LEU O 54 53.66 15.80 4.27
C LEU O 54 54.83 16.79 4.25
N ALA O 55 55.75 16.61 5.19
CA ALA O 55 56.91 17.49 5.26
C ALA O 55 57.59 17.59 3.89
N SER O 56 58.03 18.80 3.57
CA SER O 56 58.62 19.08 2.27
C SER O 56 60.13 18.85 2.34
N VAL O 57 60.79 18.87 1.18
CA VAL O 57 62.23 18.65 1.12
C VAL O 57 62.94 19.93 1.50
N ASP O 58 63.62 19.92 2.65
CA ASP O 58 64.26 21.11 3.18
C ASP O 58 65.73 21.13 2.77
N GLY O 59 66.48 22.09 3.29
CA GLY O 59 67.90 22.21 3.06
C GLY O 59 68.27 23.53 2.41
N ASN O 60 69.54 23.91 2.58
CA ASN O 60 70.13 25.11 2.00
C ASN O 60 69.58 26.40 2.59
N ASN O 61 68.65 26.32 3.54
CA ASN O 61 68.09 27.52 4.17
C ASN O 61 68.83 27.87 5.46
N ALA O 62 70.15 28.00 5.36
CA ALA O 62 70.96 28.36 6.52
C ALA O 62 70.70 29.81 6.92
N HIS O 63 70.60 30.06 8.22
CA HIS O 63 70.35 31.39 8.73
C HIS O 63 71.10 31.60 10.04
N VAL O 64 71.54 32.85 10.25
CA VAL O 64 72.18 33.21 11.50
C VAL O 64 71.13 33.36 12.59
N GLU O 65 71.59 33.63 13.81
CA GLU O 65 70.67 33.87 14.93
C GLU O 65 69.61 34.90 14.56
N GLY O 66 70.04 36.13 14.27
CA GLY O 66 69.12 37.21 13.96
C GLY O 66 68.89 37.41 12.47
N SER O 67 68.56 36.34 11.75
CA SER O 67 68.36 36.46 10.31
C SER O 67 67.14 37.30 9.97
N ARG O 68 66.03 37.08 10.66
CA ARG O 68 64.78 37.83 10.42
C ARG O 68 64.37 37.72 8.95
N ALA O 69 64.33 36.48 8.48
CA ALA O 69 63.99 36.21 7.08
C ALA O 69 62.56 36.63 6.77
N GLU O 70 62.20 36.61 5.50
CA GLU O 70 60.85 36.99 5.07
C GLU O 70 59.87 35.84 5.35
N ASP O 71 59.52 35.71 6.63
CA ASP O 71 58.48 34.82 7.14
C ASP O 71 58.54 33.42 6.56
N GLY O 72 59.71 32.96 6.13
CA GLY O 72 59.85 31.64 5.56
C GLY O 72 58.92 31.40 4.39
N GLU O 73 58.67 30.14 4.05
CA GLU O 73 57.77 29.76 2.97
C GLU O 73 56.61 28.96 3.52
N MET O 74 55.78 28.46 2.61
CA MET O 74 54.63 27.65 2.96
C MET O 74 54.04 27.09 1.67
N LYS O 75 53.06 26.21 1.82
CA LYS O 75 52.45 25.53 0.69
C LYS O 75 50.93 25.54 0.83
N PRO O 76 50.20 25.78 -0.25
CA PRO O 76 48.73 25.69 -0.20
C PRO O 76 48.29 24.24 -0.24
N THR O 77 46.98 24.05 -0.18
CA THR O 77 46.39 22.71 -0.26
C THR O 77 46.00 22.39 -1.70
N VAL O 78 45.28 21.29 -1.88
CA VAL O 78 44.83 20.85 -3.19
C VAL O 78 43.41 20.33 -3.07
N ILE O 79 42.62 20.55 -4.12
CA ILE O 79 41.22 20.14 -4.17
C ILE O 79 41.09 18.99 -5.17
N LYS O 80 40.32 17.98 -4.80
CA LYS O 80 40.08 16.82 -5.63
C LYS O 80 38.59 16.48 -5.56
N SER O 81 37.90 16.60 -6.69
CA SER O 81 36.46 16.42 -6.74
C SER O 81 36.11 15.16 -7.53
N ASN O 82 34.87 14.70 -7.32
CA ASN O 82 34.33 13.55 -8.03
C ASN O 82 32.88 13.85 -8.36
N VAL O 83 32.16 12.82 -8.83
CA VAL O 83 30.77 12.96 -9.25
C VAL O 83 30.05 11.66 -8.97
N THR O 84 28.73 11.75 -8.81
CA THR O 84 27.91 10.59 -8.52
C THR O 84 27.47 9.92 -9.83
N GLN O 85 26.80 8.78 -9.68
CA GLN O 85 26.26 8.04 -10.82
C GLN O 85 24.88 7.52 -10.47
N ILE O 86 24.03 7.43 -11.48
CA ILE O 86 22.64 7.01 -11.31
C ILE O 86 22.53 5.55 -11.71
N LEU O 87 21.96 4.74 -10.82
CA LEU O 87 21.70 3.33 -11.08
C LEU O 87 20.19 3.13 -11.07
N ARG O 88 19.68 2.43 -12.08
CA ARG O 88 18.25 2.23 -12.22
C ARG O 88 17.97 0.78 -12.60
N LYS O 89 16.95 0.21 -11.99
CA LYS O 89 16.47 -1.13 -12.31
C LYS O 89 14.96 -1.12 -12.22
N VAL O 90 14.30 -1.61 -13.27
CA VAL O 90 12.85 -1.53 -13.38
C VAL O 90 12.27 -2.93 -13.47
N VAL O 91 11.04 -3.07 -13.01
CA VAL O 91 10.31 -4.34 -13.06
C VAL O 91 8.84 -4.03 -13.25
N ARG O 92 8.21 -4.74 -14.19
CA ARG O 92 6.81 -4.52 -14.54
C ARG O 92 6.11 -5.88 -14.59
N VAL O 93 5.17 -6.09 -13.68
CA VAL O 93 4.48 -7.37 -13.55
C VAL O 93 2.99 -7.12 -13.42
N SER O 94 2.19 -8.06 -13.92
CA SER O 94 0.75 -7.95 -13.86
C SER O 94 0.22 -8.46 -12.53
N ASP O 95 -1.05 -8.14 -12.25
CA ASP O 95 -1.66 -8.57 -11.01
C ASP O 95 -2.01 -10.05 -11.05
N THR O 96 -2.40 -10.56 -12.22
CA THR O 96 -2.69 -11.99 -12.33
C THR O 96 -1.48 -12.82 -11.96
N ALA O 97 -0.31 -12.48 -12.49
CA ALA O 97 0.91 -13.17 -12.11
C ALA O 97 1.31 -12.85 -10.68
N ASN O 98 0.99 -11.66 -10.20
CA ASN O 98 1.31 -11.30 -8.83
C ASN O 98 0.53 -12.16 -7.84
N THR O 99 -0.65 -12.62 -8.23
CA THR O 99 -1.47 -13.48 -7.37
C THR O 99 -1.19 -14.96 -7.59
N THR O 100 -0.74 -15.33 -8.79
CA THR O 100 -0.53 -16.73 -9.12
C THR O 100 0.49 -17.36 -8.18
N ALA O 101 0.25 -18.61 -7.82
CA ALA O 101 1.15 -19.39 -6.97
C ALA O 101 1.91 -20.41 -7.79
N ASN O 102 3.18 -20.62 -7.43
CA ASN O 102 4.04 -21.58 -8.11
C ASN O 102 4.86 -22.33 -7.07
N TYR O 103 5.86 -23.07 -7.55
CA TYR O 103 6.77 -23.83 -6.71
C TYR O 103 7.95 -22.96 -6.31
N GLY O 104 8.31 -22.99 -5.03
CA GLY O 104 9.49 -22.30 -4.55
C GLY O 104 9.49 -20.81 -4.77
N ARG O 105 8.32 -20.18 -4.86
CA ARG O 105 8.23 -18.74 -5.09
C ARG O 105 7.21 -18.18 -4.11
N GLY O 106 7.01 -16.87 -4.17
CA GLY O 106 6.01 -16.21 -3.35
C GLY O 106 4.88 -15.65 -4.20
N ARG O 107 4.74 -14.32 -4.21
CA ARG O 107 3.76 -13.65 -5.04
C ARG O 107 4.33 -13.19 -6.39
N GLU O 108 5.48 -13.72 -6.77
CA GLU O 108 6.09 -13.47 -8.08
C GLU O 108 6.57 -12.04 -8.27
N LEU O 109 6.51 -11.21 -7.23
CA LEU O 109 6.94 -9.82 -7.33
C LEU O 109 8.17 -9.54 -6.47
N MET O 110 8.11 -9.84 -5.18
CA MET O 110 9.27 -9.61 -4.33
C MET O 110 10.48 -10.41 -4.80
N TYR O 111 10.23 -11.54 -5.46
CA TYR O 111 11.33 -12.32 -6.03
C TYR O 111 12.12 -11.48 -7.01
N GLN O 112 11.45 -10.87 -7.98
CA GLN O 112 12.14 -10.02 -8.96
C GLN O 112 12.75 -8.80 -8.28
N LEU O 113 12.08 -8.27 -7.26
CA LEU O 113 12.63 -7.11 -6.55
C LEU O 113 13.98 -7.44 -5.94
N GLU O 114 14.06 -8.58 -5.23
CA GLU O 114 15.33 -8.96 -4.61
C GLU O 114 16.37 -9.34 -5.66
N LYS O 115 15.93 -10.00 -6.74
CA LYS O 115 16.86 -10.32 -7.82
C LYS O 115 17.53 -9.06 -8.36
N LYS O 116 16.74 -8.03 -8.63
CA LYS O 116 17.30 -6.78 -9.14
C LYS O 116 18.13 -6.07 -8.07
N GLY O 117 17.68 -6.12 -6.81
CA GLY O 117 18.42 -5.48 -5.75
C GLY O 117 19.79 -6.10 -5.53
N LYS O 118 19.94 -7.37 -5.90
CA LYS O 118 21.24 -8.03 -5.82
C LYS O 118 22.07 -7.80 -7.08
N GLU O 119 21.44 -7.86 -8.25
CA GLU O 119 22.17 -7.59 -9.48
C GLU O 119 22.73 -6.17 -9.50
N ILE O 120 21.98 -5.22 -8.94
CA ILE O 120 22.46 -3.84 -8.90
C ILE O 120 23.66 -3.72 -7.96
N LYS O 121 23.65 -4.47 -6.86
CA LYS O 121 24.81 -4.49 -5.98
C LYS O 121 26.03 -5.04 -6.70
N ARG O 122 25.85 -6.15 -7.43
CA ARG O 122 26.95 -6.71 -8.21
C ARG O 122 27.49 -5.70 -9.21
N ASP O 123 26.59 -5.02 -9.92
CA ASP O 123 27.01 -4.03 -10.90
C ASP O 123 27.76 -2.88 -10.24
N LEU O 124 27.26 -2.40 -9.10
CA LEU O 124 27.93 -1.33 -8.37
C LEU O 124 29.34 -1.76 -7.96
N GLU O 125 29.48 -2.98 -7.46
CA GLU O 125 30.79 -3.45 -7.02
C GLU O 125 31.75 -3.54 -8.21
N LYS O 126 31.29 -4.09 -9.32
CA LYS O 126 32.16 -4.19 -10.50
C LYS O 126 32.53 -2.81 -11.01
N ILE O 127 31.60 -1.85 -10.94
CA ILE O 127 31.87 -0.50 -11.42
C ILE O 127 32.94 0.16 -10.55
N LEU O 128 32.77 0.10 -9.23
CA LEU O 128 33.76 0.70 -8.34
C LEU O 128 35.12 0.04 -8.51
N LEU O 129 35.14 -1.28 -8.66
CA LEU O 129 36.40 -1.99 -8.88
C LEU O 129 36.92 -1.83 -10.31
N SER O 130 36.14 -1.23 -11.20
CA SER O 130 36.56 -1.04 -12.58
C SER O 130 37.53 0.14 -12.66
N GLY O 131 37.85 0.54 -13.89
CA GLY O 131 38.74 1.67 -14.11
C GLY O 131 38.04 2.82 -14.82
N GLN O 132 36.77 3.01 -14.52
CA GLN O 132 36.00 4.06 -15.17
C GLN O 132 36.60 5.44 -14.88
N ALA O 133 36.32 6.38 -15.77
CA ALA O 133 36.75 7.76 -15.61
C ALA O 133 35.53 8.68 -15.64
N ARG O 134 35.70 9.87 -15.08
CA ARG O 134 34.61 10.84 -15.04
C ARG O 134 34.24 11.26 -16.46
N THR O 135 32.96 11.08 -16.80
CA THR O 135 32.42 11.51 -18.08
C THR O 135 31.24 12.43 -17.83
N ASP O 136 31.35 13.65 -18.33
CA ASP O 136 30.34 14.68 -18.09
C ASP O 136 30.59 15.82 -19.06
N VAL O 137 29.78 16.87 -18.96
CA VAL O 137 29.90 18.02 -19.85
C VAL O 137 30.79 19.11 -19.24
N LEU O 138 31.11 19.03 -17.96
CA LEU O 138 31.88 20.07 -17.29
C LEU O 138 33.37 19.90 -17.57
N ALA O 139 34.07 21.02 -17.60
CA ALA O 139 35.51 21.06 -17.81
C ALA O 139 36.25 21.67 -16.64
N ASP O 140 35.76 22.80 -16.11
CA ASP O 140 36.36 23.42 -14.95
C ASP O 140 35.34 23.91 -13.92
N GLN O 141 34.04 23.76 -14.18
CA GLN O 141 33.00 24.22 -13.28
C GLN O 141 32.51 23.12 -12.34
N TYR O 142 33.38 22.15 -12.03
CA TYR O 142 32.97 21.04 -11.18
C TYR O 142 32.50 21.52 -9.81
N LEU O 143 32.98 22.67 -9.37
CA LEU O 143 32.65 23.16 -8.03
C LEU O 143 31.33 23.94 -8.02
N THR O 144 31.25 25.00 -8.81
CA THR O 144 30.03 25.79 -8.91
C THR O 144 29.80 26.16 -10.37
N ASN O 145 28.54 26.37 -10.73
CA ASN O 145 28.16 26.64 -12.11
C ASN O 145 27.90 28.14 -12.25
N SER O 146 28.88 28.85 -12.82
CA SER O 146 28.70 30.25 -13.13
C SER O 146 27.71 30.41 -14.29
N ALA O 147 27.88 29.61 -15.34
CA ALA O 147 26.96 29.57 -16.46
C ALA O 147 26.28 28.22 -16.63
N ALA O 148 26.75 27.17 -15.97
CA ALA O 148 26.20 25.83 -16.07
C ALA O 148 26.39 25.24 -17.47
N ASP O 149 27.32 25.78 -18.24
CA ASP O 149 27.54 25.33 -19.60
C ASP O 149 26.24 25.45 -20.38
N PRO O 150 25.86 26.66 -20.79
CA PRO O 150 24.56 26.83 -21.47
C PRO O 150 24.36 25.91 -22.67
N ALA O 151 25.42 25.28 -23.17
CA ALA O 151 25.27 24.34 -24.28
C ALA O 151 24.53 23.07 -23.88
N VAL O 152 24.33 22.83 -22.59
CA VAL O 152 23.67 21.61 -22.12
C VAL O 152 22.46 21.96 -21.27
N ALA O 153 22.42 23.19 -20.75
CA ALA O 153 21.35 23.57 -19.82
C ALA O 153 20.00 23.59 -20.53
N GLY O 154 19.86 24.42 -21.57
CA GLY O 154 18.60 24.50 -22.27
C GLY O 154 18.31 23.27 -23.12
N LEU O 155 19.33 22.47 -23.41
CA LEU O 155 19.13 21.30 -24.25
C LEU O 155 18.23 20.28 -23.56
N ASN O 156 18.50 20.00 -22.28
CA ASN O 156 17.69 19.19 -21.37
C ASN O 156 17.44 17.77 -21.86
N ASP O 157 17.97 17.39 -23.03
CA ASP O 157 17.81 16.03 -23.52
C ASP O 157 19.14 15.46 -23.99
N THR O 158 20.05 16.33 -24.40
CA THR O 158 21.36 15.92 -24.90
C THR O 158 22.34 15.72 -23.73
N HIS O 159 21.94 14.86 -22.81
CA HIS O 159 22.72 14.58 -21.61
C HIS O 159 23.36 13.21 -21.70
N ALA O 160 24.67 13.17 -21.52
CA ALA O 160 25.41 11.92 -21.66
C ALA O 160 25.39 11.11 -20.37
N ALA O 161 25.82 9.86 -20.48
CA ALA O 161 25.83 8.94 -19.33
C ALA O 161 26.83 9.43 -18.29
N ARG O 162 26.34 9.76 -17.11
CA ARG O 162 27.22 10.21 -16.03
C ARG O 162 28.03 9.04 -15.48
N LYS O 163 29.15 9.37 -14.84
CA LYS O 163 30.06 8.37 -14.30
C LYS O 163 30.38 8.66 -12.84
N THR O 164 31.34 7.92 -12.27
CA THR O 164 31.64 8.00 -10.85
C THR O 164 33.09 8.35 -10.52
N GLY O 165 34.01 8.21 -11.46
CA GLY O 165 35.42 8.40 -11.15
C GLY O 165 35.94 7.26 -10.30
N ALA O 166 36.04 6.07 -10.90
CA ALA O 166 36.25 4.84 -10.15
C ALA O 166 37.67 4.75 -9.61
N PHE O 167 38.02 3.58 -9.09
CA PHE O 167 39.29 3.37 -8.41
C PHE O 167 40.46 3.93 -9.20
N GLN O 168 40.72 3.37 -10.38
CA GLN O 168 41.97 3.68 -11.10
C GLN O 168 42.08 5.17 -11.41
N PHE O 169 40.96 5.88 -11.50
CA PHE O 169 41.00 7.29 -11.86
C PHE O 169 41.47 8.18 -10.71
N LEU O 170 41.44 7.68 -9.48
CA LEU O 170 41.79 8.48 -8.32
C LEU O 170 43.23 8.30 -7.86
N CYS O 171 43.89 7.21 -8.24
CA CYS O 171 45.23 6.92 -7.76
C CYS O 171 46.30 7.60 -8.61
N ALA O 172 46.17 8.92 -8.79
CA ALA O 172 47.12 9.69 -9.59
C ALA O 172 47.28 9.09 -10.99
N HIS O 173 46.19 9.11 -11.73
CA HIS O 173 46.19 8.53 -13.07
C HIS O 173 47.22 9.21 -13.96
N GLY O 174 47.79 8.43 -14.87
CA GLY O 174 48.82 8.93 -15.76
C GLY O 174 48.29 9.25 -17.15
N GLY O 175 47.00 9.46 -17.27
CA GLY O 175 46.39 9.80 -18.54
C GLY O 175 45.01 9.19 -18.65
N LEU O 176 44.48 9.21 -19.86
CA LEU O 176 43.14 8.67 -20.12
C LEU O 176 43.08 8.19 -21.56
N ALA O 177 42.53 6.99 -21.76
CA ALA O 177 42.33 6.42 -23.08
C ALA O 177 40.92 6.66 -23.61
N GLY O 178 40.31 7.78 -23.21
CA GLY O 178 38.94 8.07 -23.60
C GLY O 178 37.97 7.82 -22.45
N GLY O 179 37.14 6.79 -22.59
CA GLY O 179 36.17 6.48 -21.55
C GLY O 179 36.75 5.71 -20.37
N VAL O 180 37.95 5.14 -20.52
CA VAL O 180 38.58 4.36 -19.46
C VAL O 180 40.05 4.75 -19.39
N VAL O 181 40.63 4.54 -18.21
CA VAL O 181 42.03 4.91 -17.98
C VAL O 181 42.95 3.98 -18.76
N ASP O 182 44.10 4.51 -19.14
CA ASP O 182 45.08 3.75 -19.93
C ASP O 182 45.80 2.76 -19.02
N LYS O 183 45.78 1.48 -19.40
CA LYS O 183 46.43 0.42 -18.64
C LYS O 183 47.85 0.15 -19.14
N THR O 184 48.44 1.11 -19.86
CA THR O 184 49.82 0.98 -20.33
C THR O 184 50.62 2.25 -20.06
N LYS O 185 50.15 3.10 -19.15
CA LYS O 185 50.80 4.38 -18.88
C LYS O 185 51.04 4.49 -17.37
N ASN O 186 52.23 4.98 -17.02
CA ASN O 186 52.62 5.15 -15.63
C ASN O 186 52.14 6.50 -15.11
N GLY O 187 51.65 6.50 -13.87
CA GLY O 187 51.20 7.72 -13.25
C GLY O 187 52.34 8.67 -12.97
N PRO O 188 52.03 9.93 -12.67
CA PRO O 188 53.08 10.90 -12.35
C PRO O 188 53.69 10.66 -10.98
N ALA O 189 54.65 11.49 -10.61
CA ALA O 189 55.34 11.36 -9.33
C ALA O 189 54.73 12.31 -8.30
N ASP O 190 54.92 11.97 -7.02
CA ASP O 190 54.41 12.78 -5.93
C ASP O 190 55.25 14.04 -5.78
N PRO O 191 54.65 15.23 -5.74
CA PRO O 191 55.47 16.45 -5.66
C PRO O 191 56.27 16.56 -4.38
N ASP O 192 55.86 15.88 -3.31
CA ASP O 192 56.59 15.95 -2.06
C ASP O 192 57.75 14.94 -2.02
N THR O 193 57.43 13.66 -2.27
CA THR O 193 58.41 12.59 -2.16
C THR O 193 58.84 12.05 -3.51
N GLY O 194 58.15 12.41 -4.60
CA GLY O 194 58.47 11.86 -5.89
C GLY O 194 58.07 10.42 -6.09
N ALA O 195 57.27 9.86 -5.17
CA ALA O 195 56.86 8.47 -5.27
C ALA O 195 55.90 8.28 -6.44
N VAL O 196 55.65 7.01 -6.77
CA VAL O 196 54.77 6.63 -7.87
C VAL O 196 53.88 5.50 -7.39
N THR O 197 52.64 5.48 -7.87
CA THR O 197 51.66 4.47 -7.46
C THR O 197 51.01 3.72 -8.62
N VAL O 198 51.09 4.23 -9.84
CA VAL O 198 50.50 3.59 -11.01
C VAL O 198 51.67 3.22 -11.93
N LYS O 199 52.11 1.98 -11.84
CA LYS O 199 53.28 1.50 -12.56
C LYS O 199 52.89 0.39 -13.52
N VAL O 200 53.71 0.23 -14.56
CA VAL O 200 53.54 -0.84 -15.54
C VAL O 200 54.54 -1.92 -15.19
N ALA O 201 54.03 -3.11 -14.86
CA ALA O 201 54.90 -4.21 -14.45
C ALA O 201 55.95 -4.49 -15.50
N GLN O 202 57.20 -4.64 -15.05
CA GLN O 202 58.31 -4.96 -15.94
C GLN O 202 58.27 -6.43 -16.37
N ASN O 203 58.05 -7.34 -15.43
CA ASN O 203 57.88 -8.76 -15.73
C ASN O 203 59.10 -9.31 -16.48
N ALA O 204 60.25 -9.25 -15.82
CA ALA O 204 61.49 -9.73 -16.44
C ALA O 204 61.57 -11.26 -16.42
N SER O 205 61.11 -11.89 -15.35
CA SER O 205 61.26 -13.34 -15.20
C SER O 205 60.07 -14.09 -15.77
N ASN O 206 59.73 -13.84 -17.02
CA ASN O 206 58.62 -14.53 -17.70
C ASN O 206 58.80 -14.36 -19.20
N PRO O 207 58.36 -15.33 -20.00
CA PRO O 207 58.48 -15.20 -21.46
C PRO O 207 57.50 -14.19 -22.03
N THR O 208 57.59 -13.93 -23.33
CA THR O 208 56.76 -12.93 -23.98
C THR O 208 55.46 -13.51 -24.53
N THR O 209 54.74 -14.23 -23.68
CA THR O 209 53.42 -14.74 -24.01
C THR O 209 52.40 -14.48 -22.91
N ASN O 210 52.82 -14.58 -21.65
CA ASN O 210 51.91 -14.33 -20.54
C ASN O 210 51.99 -12.86 -20.12
N ILE O 211 50.88 -12.37 -19.56
CA ILE O 211 50.77 -10.99 -19.11
C ILE O 211 50.57 -11.04 -17.61
N GLY O 212 51.61 -10.67 -16.86
CA GLY O 212 51.54 -10.73 -15.41
C GLY O 212 52.60 -9.86 -14.79
N PHE O 213 52.53 -9.74 -13.48
CA PHE O 213 53.46 -8.93 -12.72
C PHE O 213 54.61 -9.81 -12.22
N ASP O 214 55.52 -9.23 -11.45
CA ASP O 214 56.68 -9.95 -10.95
C ASP O 214 57.03 -9.41 -9.57
N GLU O 215 57.82 -10.20 -8.83
CA GLU O 215 58.21 -9.81 -7.48
C GLU O 215 58.95 -8.47 -7.49
N ALA O 216 59.66 -8.19 -8.56
CA ALA O 216 60.35 -6.90 -8.71
C ALA O 216 59.39 -5.75 -8.97
N ASP O 217 58.09 -6.03 -9.06
CA ASP O 217 57.08 -5.00 -9.26
C ASP O 217 56.13 -4.86 -8.08
N ILE O 218 56.22 -5.76 -7.10
CA ILE O 218 55.41 -5.67 -5.90
C ILE O 218 56.17 -5.04 -4.75
N PHE O 219 57.42 -5.46 -4.52
CA PHE O 219 58.22 -4.86 -3.47
C PHE O 219 58.46 -3.38 -3.73
N ASP O 220 58.68 -3.02 -5.00
CA ASP O 220 58.89 -1.61 -5.34
C ASP O 220 57.63 -0.80 -5.10
N MET O 221 56.46 -1.37 -5.41
CA MET O 221 55.21 -0.66 -5.14
C MET O 221 55.05 -0.41 -3.64
N THR O 222 55.35 -1.42 -2.81
CA THR O 222 55.29 -1.22 -1.38
C THR O 222 56.29 -0.19 -0.90
N LEU O 223 57.48 -0.16 -1.52
CA LEU O 223 58.47 0.85 -1.15
C LEU O 223 57.97 2.25 -1.47
N GLN O 224 57.40 2.44 -2.66
CA GLN O 224 56.86 3.74 -3.02
C GLN O 224 55.71 4.12 -2.08
N LEU O 225 54.86 3.17 -1.73
CA LEU O 225 53.79 3.45 -0.78
C LEU O 225 54.35 3.89 0.57
N TYR O 226 55.35 3.17 1.08
CA TYR O 226 55.97 3.55 2.34
C TYR O 226 56.56 4.95 2.26
N THR O 227 57.22 5.27 1.15
CA THR O 227 57.74 6.63 0.98
C THR O 227 56.62 7.65 0.96
N ALA O 228 55.44 7.25 0.49
CA ALA O 228 54.28 8.13 0.48
C ALA O 228 53.46 8.07 1.76
N GLY O 229 53.79 7.16 2.67
CA GLY O 229 53.08 7.06 3.94
C GLY O 229 51.67 6.54 3.78
N SER O 230 51.54 5.26 3.45
CA SER O 230 50.24 4.65 3.18
C SER O 230 49.68 3.88 4.38
N GLU O 231 50.49 3.04 5.01
CA GLU O 231 50.02 2.17 6.10
C GLU O 231 48.93 1.23 5.64
N ALA O 232 48.92 0.91 4.35
CA ALA O 232 47.92 -0.01 3.81
C ALA O 232 48.28 -1.46 4.12
N ASP O 233 47.26 -2.31 4.12
CA ASP O 233 47.47 -3.73 4.39
C ASP O 233 46.61 -4.64 3.52
N ILE O 234 45.94 -4.11 2.50
CA ILE O 234 44.99 -4.90 1.70
C ILE O 234 45.45 -4.90 0.26
N ILE O 235 45.25 -6.04 -0.41
CA ILE O 235 45.66 -6.24 -1.79
C ILE O 235 44.62 -7.10 -2.49
N MET O 236 44.22 -6.69 -3.69
CA MET O 236 43.33 -7.49 -4.51
C MET O 236 44.14 -8.55 -5.27
N ILE O 237 43.45 -9.60 -5.72
CA ILE O 237 44.12 -10.76 -6.30
C ILE O 237 43.76 -10.91 -7.76
N ASN O 238 42.60 -10.43 -8.17
CA ASN O 238 42.17 -10.63 -9.56
C ASN O 238 42.19 -12.12 -9.88
N PRO O 239 41.17 -12.88 -9.43
CA PRO O 239 41.22 -14.35 -9.51
C PRO O 239 41.83 -14.90 -10.79
N ALA O 240 41.54 -14.26 -11.93
CA ALA O 240 42.16 -14.67 -13.18
C ALA O 240 43.68 -14.59 -13.13
N HIS O 241 44.22 -13.83 -12.17
CA HIS O 241 45.65 -13.64 -12.03
C HIS O 241 46.16 -14.17 -10.69
N ALA O 242 45.37 -14.99 -9.99
CA ALA O 242 45.77 -15.51 -8.69
C ALA O 242 46.76 -16.65 -8.80
N LYS O 243 46.75 -17.41 -9.90
CA LYS O 243 47.74 -18.46 -10.07
C LYS O 243 49.16 -17.90 -10.18
N ILE O 244 49.27 -16.60 -10.42
CA ILE O 244 50.58 -15.98 -10.64
C ILE O 244 51.42 -16.06 -9.36
N PHE O 245 50.84 -15.69 -8.22
CA PHE O 245 51.61 -15.61 -6.99
C PHE O 245 52.37 -16.90 -6.71
N ALA O 246 51.79 -18.05 -7.09
CA ALA O 246 52.44 -19.33 -6.86
C ALA O 246 53.28 -19.74 -8.06
N GLY O 247 52.74 -19.58 -9.27
CA GLY O 247 53.39 -20.10 -10.46
C GLY O 247 54.55 -19.28 -10.98
N LEU O 248 54.77 -18.09 -10.44
CA LEU O 248 55.97 -17.33 -10.80
C LEU O 248 57.23 -18.08 -10.40
N GLN O 249 57.15 -18.87 -9.32
CA GLN O 249 58.26 -19.68 -8.83
C GLN O 249 58.53 -20.86 -9.74
N GLU O 250 59.13 -20.62 -10.90
CA GLU O 250 59.47 -21.69 -11.85
C GLU O 250 60.71 -21.22 -12.61
N ASN O 251 61.47 -22.18 -13.14
CA ASN O 251 62.69 -21.92 -13.89
C ASN O 251 63.69 -21.08 -13.08
N THR O 252 63.62 -21.17 -11.76
CA THR O 252 64.51 -20.43 -10.89
C THR O 252 65.86 -21.15 -10.77
N GLN O 253 66.88 -20.42 -10.35
CA GLN O 253 68.21 -20.98 -10.17
C GLN O 253 68.41 -21.50 -8.75
N GLY O 254 67.44 -22.29 -8.27
CA GLY O 254 67.54 -22.91 -6.97
C GLY O 254 67.46 -21.95 -5.81
N SER O 255 66.78 -20.81 -5.97
CA SER O 255 66.65 -19.83 -4.91
C SER O 255 65.54 -20.18 -3.92
N ARG O 256 64.31 -20.29 -4.40
CA ARG O 256 63.19 -20.73 -3.58
C ARG O 256 62.79 -22.15 -3.97
N LYS O 257 62.23 -22.87 -3.00
CA LYS O 257 61.85 -24.25 -3.22
C LYS O 257 60.64 -24.58 -2.35
N ARG O 258 60.10 -25.78 -2.55
CA ARG O 258 58.98 -26.27 -1.75
C ARG O 258 59.24 -27.74 -1.46
N ILE O 259 59.13 -28.11 -0.18
CA ILE O 259 59.50 -29.45 0.28
C ILE O 259 58.27 -30.16 0.80
N PHE O 260 58.37 -31.49 0.86
CA PHE O 260 57.31 -32.32 1.40
C PHE O 260 57.95 -33.49 2.12
N GLU O 261 57.90 -33.48 3.45
CA GLU O 261 58.52 -34.51 4.28
C GLU O 261 57.50 -35.64 4.48
N ASN O 262 57.28 -36.40 3.40
CA ASN O 262 56.30 -37.48 3.39
C ASN O 262 54.93 -36.96 3.86
N THR O 263 54.50 -35.86 3.25
CA THR O 263 53.22 -35.25 3.53
C THR O 263 52.25 -35.55 2.40
N LYS O 264 51.00 -35.84 2.76
CA LYS O 264 50.01 -36.29 1.80
C LYS O 264 49.11 -35.16 1.31
N GLN O 265 49.39 -33.92 1.68
CA GLN O 265 48.63 -32.77 1.23
C GLN O 265 49.49 -31.87 0.36
N PHE O 266 48.83 -31.14 -0.53
CA PHE O 266 49.48 -30.22 -1.46
C PHE O 266 48.81 -28.86 -1.36
N ILE O 267 49.64 -27.82 -1.31
CA ILE O 267 49.15 -26.45 -1.15
C ILE O 267 49.81 -25.58 -2.21
N TYR O 268 49.00 -24.75 -2.87
CA TYR O 268 49.45 -23.86 -3.92
C TYR O 268 48.86 -22.48 -3.72
N GLU O 269 48.82 -22.02 -2.47
CA GLU O 269 48.18 -20.77 -2.10
C GLU O 269 49.15 -19.89 -1.34
N VAL O 270 48.95 -18.57 -1.46
CA VAL O 270 49.69 -17.58 -0.70
C VAL O 270 48.72 -16.48 -0.30
N ASN O 271 48.52 -16.28 0.99
CA ASN O 271 47.54 -15.32 1.50
C ASN O 271 48.10 -14.48 2.63
N SER O 272 49.41 -14.22 2.60
CA SER O 272 50.05 -13.38 3.59
C SER O 272 51.42 -12.97 3.07
N ILE O 273 51.65 -11.65 3.00
CA ILE O 273 52.88 -11.11 2.47
C ILE O 273 53.39 -10.02 3.39
N THR O 274 54.72 -9.94 3.51
CA THR O 274 55.37 -8.90 4.30
C THR O 274 56.67 -8.52 3.63
N ASP O 275 56.78 -7.28 3.21
CA ASP O 275 57.96 -6.78 2.53
C ASP O 275 59.05 -6.47 3.54
N PRO O 276 60.27 -6.19 3.09
CA PRO O 276 61.36 -5.92 4.04
C PRO O 276 61.05 -4.79 5.01
N LEU O 277 60.07 -3.94 4.69
CA LEU O 277 59.63 -2.88 5.59
C LEU O 277 58.40 -3.29 6.41
N GLY O 278 58.29 -4.59 6.71
CA GLY O 278 57.14 -5.09 7.44
C GLY O 278 55.88 -5.06 6.60
N GLN O 279 54.90 -4.26 7.01
CA GLN O 279 53.66 -4.06 6.27
C GLN O 279 53.03 -5.40 5.90
N SER O 280 52.67 -6.15 6.94
CA SER O 280 52.03 -7.45 6.75
C SER O 280 50.72 -7.28 5.97
N TYR O 281 50.68 -7.80 4.76
CA TYR O 281 49.53 -7.64 3.86
C TYR O 281 48.62 -8.85 3.94
N LYS O 282 47.33 -8.61 3.67
CA LYS O 282 46.33 -9.66 3.56
C LYS O 282 45.69 -9.60 2.18
N ILE O 283 45.57 -10.76 1.56
CA ILE O 283 45.00 -10.88 0.22
C ILE O 283 43.52 -11.22 0.32
N ILE O 284 42.74 -10.68 -0.61
CA ILE O 284 41.30 -10.94 -0.69
C ILE O 284 40.97 -11.35 -2.10
N VAL O 285 39.89 -12.12 -2.26
CA VAL O 285 39.46 -12.61 -3.55
C VAL O 285 38.18 -11.87 -3.93
N ASN O 286 38.23 -11.15 -5.05
CA ASN O 286 37.07 -10.42 -5.57
C ASN O 286 36.86 -10.84 -7.01
N ARG O 287 35.64 -11.30 -7.31
CA ARG O 287 35.36 -11.88 -8.62
C ARG O 287 35.16 -10.85 -9.71
N TRP O 288 34.74 -9.62 -9.37
CA TRP O 288 34.38 -8.61 -10.35
C TRP O 288 35.53 -7.64 -10.62
N MET O 289 36.76 -8.11 -10.58
CA MET O 289 37.92 -7.27 -10.86
C MET O 289 38.31 -7.37 -12.33
N PRO O 290 39.06 -6.38 -12.84
CA PRO O 290 39.51 -6.44 -14.23
C PRO O 290 40.52 -7.56 -14.46
N THR O 291 41.07 -7.65 -15.68
CA THR O 291 42.04 -8.67 -16.02
C THR O 291 43.47 -8.15 -16.09
N ASP O 292 43.66 -6.83 -16.07
CA ASP O 292 44.98 -6.22 -16.18
C ASP O 292 45.15 -5.14 -15.11
N ALA O 293 44.80 -5.47 -13.87
CA ALA O 293 44.87 -4.48 -12.81
C ALA O 293 44.98 -5.18 -11.47
N VAL O 294 45.69 -4.53 -10.55
CA VAL O 294 45.80 -4.97 -9.16
C VAL O 294 45.70 -3.73 -8.29
N TYR O 295 44.99 -3.85 -7.17
CA TYR O 295 44.70 -2.71 -6.30
C TYR O 295 45.29 -2.94 -4.92
N PHE O 296 46.23 -2.10 -4.54
CA PHE O 296 46.73 -2.03 -3.18
C PHE O 296 46.05 -0.86 -2.49
N PHE O 297 45.29 -1.15 -1.44
CA PHE O 297 44.45 -0.14 -0.82
C PHE O 297 44.28 -0.48 0.66
N ARG O 298 43.45 0.33 1.34
CA ARG O 298 43.20 0.19 2.76
C ARG O 298 41.76 0.55 3.04
N SER O 299 41.24 0.07 4.18
CA SER O 299 39.83 0.26 4.49
C SER O 299 39.47 1.74 4.55
N ALA O 300 40.03 2.47 5.52
CA ALA O 300 39.65 3.86 5.73
C ALA O 300 39.98 4.75 4.54
N ASP O 301 40.93 4.35 3.70
CA ASP O 301 41.36 5.21 2.59
C ASP O 301 40.23 5.46 1.59
N TRP O 302 39.20 4.62 1.57
CA TRP O 302 38.12 4.73 0.62
C TRP O 302 36.78 4.86 1.34
N THR O 303 35.83 5.48 0.65
CA THR O 303 34.51 5.73 1.21
C THR O 303 33.48 5.65 0.10
N GLN O 304 32.23 5.42 0.48
CA GLN O 304 31.11 5.29 -0.45
C GLN O 304 30.07 6.33 -0.10
N MET O 305 29.97 7.38 -0.92
CA MET O 305 29.00 8.44 -0.68
C MET O 305 27.70 8.12 -1.39
N VAL O 306 26.59 8.33 -0.68
CA VAL O 306 25.26 8.00 -1.17
C VAL O 306 24.39 9.23 -1.05
N LEU O 307 23.79 9.65 -2.16
CA LEU O 307 22.85 10.77 -2.17
C LEU O 307 21.41 10.29 -2.06
N ARG O 308 21.09 9.18 -2.71
CA ARG O 308 19.77 8.54 -2.60
C ARG O 308 20.00 7.07 -2.31
N ALA O 309 19.74 6.66 -1.06
CA ALA O 309 19.84 5.26 -0.71
C ALA O 309 18.80 4.46 -1.48
N PRO O 310 19.00 3.14 -1.59
CA PRO O 310 18.04 2.31 -2.34
C PRO O 310 16.62 2.47 -1.83
N LYS O 311 15.73 2.96 -2.70
CA LYS O 311 14.35 3.25 -2.33
C LYS O 311 13.43 2.70 -3.42
N ARG O 312 12.66 1.68 -3.07
CA ARG O 312 11.64 1.17 -3.98
C ARG O 312 10.38 2.01 -3.85
N THR O 313 9.60 2.07 -4.95
CA THR O 313 8.41 2.92 -4.97
C THR O 313 7.47 2.50 -6.08
N GLU O 314 6.17 2.74 -5.88
CA GLU O 314 5.17 2.47 -6.90
C GLU O 314 5.30 3.47 -8.04
N LEU O 315 5.28 2.97 -9.26
CA LEU O 315 5.40 3.80 -10.45
C LEU O 315 4.03 4.02 -11.06
N ALA O 316 3.99 4.64 -12.25
CA ALA O 316 2.72 4.88 -12.92
C ALA O 316 2.01 3.57 -13.18
N LYS O 317 0.78 3.46 -12.68
CA LYS O 317 0.02 2.23 -12.85
C LYS O 317 -0.47 2.10 -14.28
N ASP O 318 -1.28 3.05 -14.74
CA ASP O 318 -1.71 3.12 -16.14
C ASP O 318 -2.19 1.77 -16.66
N GLY O 319 -2.94 1.06 -15.82
CA GLY O 319 -3.53 -0.21 -16.20
C GLY O 319 -3.40 -1.20 -15.07
N SER O 320 -3.62 -2.47 -15.41
CA SER O 320 -3.52 -3.56 -14.44
C SER O 320 -2.13 -4.20 -14.45
N TYR O 321 -1.10 -3.37 -14.32
CA TYR O 321 0.27 -3.86 -14.20
C TYR O 321 0.99 -3.01 -13.16
N GLU O 322 1.65 -3.69 -12.22
CA GLU O 322 2.32 -3.01 -11.11
C GLU O 322 3.79 -2.83 -11.45
N LYS O 323 4.27 -1.59 -11.39
CA LYS O 323 5.61 -1.23 -11.80
C LYS O 323 6.40 -0.73 -10.59
N TRP O 324 7.70 -1.00 -10.60
CA TRP O 324 8.58 -0.64 -9.50
C TRP O 324 9.89 -0.08 -10.04
N MET O 325 10.76 0.33 -9.12
CA MET O 325 12.03 0.95 -9.46
C MET O 325 12.99 0.79 -8.29
N ILE O 326 14.28 0.69 -8.60
CA ILE O 326 15.33 0.63 -7.59
C ILE O 326 16.39 1.63 -7.99
N GLU O 327 16.38 2.80 -7.37
CA GLU O 327 17.32 3.87 -7.67
C GLU O 327 18.38 3.93 -6.57
N MET O 328 19.62 4.19 -6.99
CA MET O 328 20.74 4.28 -6.04
C MET O 328 21.72 5.30 -6.57
N GLU O 329 21.79 6.45 -5.90
CA GLU O 329 22.71 7.53 -6.27
C GLU O 329 23.89 7.47 -5.31
N VAL O 330 25.06 7.07 -5.84
CA VAL O 330 26.23 6.81 -5.02
C VAL O 330 27.38 7.65 -5.55
N GLY O 331 28.54 7.51 -4.89
CA GLY O 331 29.72 8.24 -5.26
C GLY O 331 30.96 7.74 -4.55
N LEU O 332 32.05 7.60 -5.28
CA LEU O 332 33.31 7.11 -4.74
C LEU O 332 34.15 8.27 -4.22
N ARG O 333 34.88 8.01 -3.14
CA ARG O 333 35.75 9.01 -2.53
C ARG O 333 37.01 8.34 -2.01
N HIS O 334 38.16 8.91 -2.36
CA HIS O 334 39.46 8.41 -1.96
C HIS O 334 40.22 9.51 -1.23
N ARG O 335 40.73 9.19 -0.04
CA ARG O 335 41.33 10.21 0.81
C ARG O 335 42.51 10.88 0.11
N ASN O 336 43.57 10.11 -0.19
CA ASN O 336 44.75 10.67 -0.82
C ASN O 336 45.14 9.77 -2.00
N PRO O 337 45.39 10.35 -3.19
CA PRO O 337 45.72 9.50 -4.34
C PRO O 337 46.87 8.55 -4.09
N TYR O 338 47.95 9.03 -3.48
CA TYR O 338 49.15 8.23 -3.27
C TYR O 338 49.05 7.29 -2.07
N ALA O 339 47.85 7.15 -1.49
CA ALA O 339 47.66 6.18 -0.42
C ALA O 339 47.53 4.77 -0.98
N SER O 340 46.57 4.57 -1.86
CA SER O 340 46.41 3.28 -2.52
C SER O 340 47.43 3.12 -3.64
N GLY O 341 47.51 1.92 -4.17
CA GLY O 341 48.44 1.62 -5.24
C GLY O 341 47.78 0.79 -6.32
N VAL O 342 48.15 1.09 -7.57
CA VAL O 342 47.61 0.40 -8.74
C VAL O 342 48.77 -0.13 -9.57
N LEU O 343 48.66 -1.39 -9.99
CA LEU O 343 49.72 -2.04 -10.76
C LEU O 343 49.08 -2.70 -11.98
N PHE O 344 49.49 -2.28 -13.18
CA PHE O 344 49.00 -2.85 -14.41
C PHE O 344 49.83 -4.08 -14.77
N THR O 345 49.50 -4.69 -15.90
CA THR O 345 50.14 -5.92 -16.34
C THR O 345 50.68 -5.74 -17.75
N ALA O 346 51.79 -6.43 -18.03
CA ALA O 346 52.42 -6.44 -19.34
C ALA O 346 53.07 -7.79 -19.55
N ALA O 347 53.57 -8.02 -20.76
CA ALA O 347 54.19 -9.30 -21.09
C ALA O 347 55.66 -9.27 -20.72
N GLY O 348 56.34 -10.40 -20.87
CA GLY O 348 57.75 -10.49 -20.54
C GLY O 348 58.64 -9.88 -21.60
N LYS O 349 59.94 -10.14 -21.51
CA LYS O 349 60.89 -9.71 -22.52
C LYS O 349 62.24 -10.39 -22.32
N ASN P 3 51.38 100.34 44.61
CA ASN P 3 50.40 99.53 45.39
C ASN P 3 48.97 99.97 45.07
N PRO P 4 48.49 99.65 43.87
CA PRO P 4 47.10 99.95 43.52
C PRO P 4 46.13 99.17 44.41
N THR P 5 44.98 99.78 44.68
CA THR P 5 43.95 99.14 45.50
C THR P 5 42.79 98.59 44.69
N LEU P 6 42.85 98.62 43.36
CA LEU P 6 41.77 98.10 42.53
C LEU P 6 41.98 96.66 42.08
N PHE P 7 43.15 96.34 41.52
CA PHE P 7 43.52 94.95 41.24
C PHE P 7 42.41 94.24 40.46
N VAL P 8 42.17 94.73 39.23
CA VAL P 8 41.00 94.32 38.47
C VAL P 8 41.38 93.46 37.27
N SER P 9 41.43 92.14 37.48
CA SER P 9 41.42 91.17 36.38
C SER P 9 42.61 91.30 35.45
N TYR P 10 43.55 92.18 35.75
CA TYR P 10 44.69 92.40 34.87
C TYR P 10 46.02 92.29 35.58
N ASP P 11 46.08 92.63 36.86
CA ASP P 11 47.31 92.49 37.64
C ASP P 11 47.48 91.09 38.21
N GLN P 12 46.55 90.18 37.95
CA GLN P 12 46.63 88.83 38.51
C GLN P 12 47.70 88.02 37.80
N ASN P 13 48.47 87.26 38.57
CA ASN P 13 49.48 86.35 38.04
C ASN P 13 49.09 84.93 38.42
N GLY P 14 48.83 84.10 37.41
CA GLY P 14 48.34 82.76 37.64
C GLY P 14 46.84 82.65 37.45
N LYS P 15 46.43 82.10 36.32
CA LYS P 15 45.01 81.95 35.99
C LYS P 15 44.78 80.57 35.38
N LYS P 16 43.51 80.14 35.43
CA LYS P 16 43.12 78.86 34.85
C LYS P 16 42.52 79.00 33.46
N LEU P 17 42.00 80.18 33.12
CA LEU P 17 41.46 80.56 31.81
C LEU P 17 40.09 79.93 31.54
N SER P 18 39.60 79.03 32.37
CA SER P 18 38.27 78.44 32.22
C SER P 18 38.01 78.02 30.78
N PHE P 19 38.79 77.06 30.31
CA PHE P 19 38.65 76.57 28.95
C PHE P 19 37.31 75.88 28.76
N ALA P 20 37.01 75.56 27.50
CA ALA P 20 35.78 74.88 27.13
C ALA P 20 35.95 73.38 27.30
N ASN P 21 34.81 72.69 27.42
CA ASN P 21 34.78 71.25 27.65
C ASN P 21 34.12 70.48 26.51
N TRP P 22 34.39 70.86 25.26
CA TRP P 22 33.82 70.15 24.13
C TRP P 22 34.80 70.23 22.96
N ILE P 23 34.42 69.58 21.86
CA ILE P 23 35.20 69.56 20.63
C ILE P 23 34.23 69.74 19.47
N SER P 24 34.46 70.78 18.67
CA SER P 24 33.58 71.12 17.55
C SER P 24 34.23 70.69 16.25
N VAL P 25 34.03 69.43 15.88
CA VAL P 25 34.46 68.91 14.57
C VAL P 25 33.28 69.17 13.63
N LEU P 26 33.21 70.39 13.11
CA LEU P 26 32.08 70.81 12.30
C LEU P 26 32.20 70.38 10.84
N SER P 27 33.29 69.75 10.46
CA SER P 27 33.43 69.27 9.10
C SER P 27 32.22 68.42 8.72
N PRO P 28 31.85 68.39 7.44
CA PRO P 28 30.67 67.60 7.04
C PRO P 28 30.83 66.13 7.40
N GLN P 29 29.93 65.65 8.27
CA GLN P 29 29.94 64.24 8.70
C GLN P 29 28.73 63.47 8.19
N ASP P 30 27.91 64.07 7.35
CA ASP P 30 26.70 63.41 6.88
C ASP P 30 27.05 62.07 6.22
N THR P 31 26.28 61.05 6.56
CA THR P 31 26.42 59.72 5.97
C THR P 31 25.02 59.12 5.86
N PRO P 32 24.16 59.73 5.05
CA PRO P 32 22.78 59.22 4.97
C PRO P 32 22.68 57.82 4.40
N PHE P 33 23.48 57.50 3.38
CA PHE P 33 23.38 56.19 2.76
C PHE P 33 23.72 55.07 3.74
N VAL P 34 24.78 55.25 4.53
CA VAL P 34 25.20 54.21 5.45
C VAL P 34 24.28 54.16 6.66
N SER P 35 24.00 55.31 7.26
CA SER P 35 23.10 55.34 8.41
C SER P 35 21.72 54.81 8.06
N MET P 36 21.34 54.90 6.78
CA MET P 36 20.06 54.40 6.31
C MET P 36 20.14 52.95 5.85
N THR P 37 21.23 52.58 5.18
CA THR P 37 21.42 51.21 4.73
C THR P 37 21.97 50.37 5.87
N GLY P 38 21.41 49.18 6.06
CA GLY P 38 21.86 48.30 7.10
C GLY P 38 23.28 47.81 6.84
N LYS P 39 23.74 46.97 7.76
CA LYS P 39 25.05 46.35 7.66
C LYS P 39 24.93 44.88 8.03
N GLU P 40 25.95 44.11 7.68
CA GLU P 40 25.89 42.66 7.85
C GLU P 40 27.29 42.09 7.90
N SER P 41 27.51 41.16 8.82
CA SER P 41 28.82 40.51 8.94
C SER P 41 28.95 39.40 7.91
N ILE P 42 30.09 39.37 7.23
CA ILE P 42 30.40 38.34 6.25
C ILE P 42 31.66 37.61 6.72
N ASN P 43 31.81 36.36 6.28
CA ASN P 43 32.93 35.53 6.69
C ASN P 43 34.06 35.52 5.66
N GLN P 44 33.75 35.31 4.39
CA GLN P 44 34.75 35.28 3.35
C GLN P 44 34.88 36.65 2.67
N THR P 45 36.00 36.85 1.99
CA THR P 45 36.25 38.12 1.32
C THR P 45 35.45 38.25 0.03
N ILE P 46 34.77 37.19 -0.41
CA ILE P 46 33.99 37.19 -1.64
C ILE P 46 32.60 36.66 -1.31
N PHE P 47 31.57 37.35 -1.80
CA PHE P 47 30.19 36.95 -1.60
C PHE P 47 29.42 37.09 -2.91
N SER P 48 28.21 36.57 -2.91
CA SER P 48 27.36 36.64 -4.09
C SER P 48 25.90 36.54 -3.63
N TRP P 49 24.99 36.91 -4.53
CA TRP P 49 23.56 36.84 -4.25
C TRP P 49 22.83 36.45 -5.52
N GLN P 50 21.80 35.64 -5.37
CA GLN P 50 21.03 35.14 -6.51
C GLN P 50 19.86 36.07 -6.81
N THR P 51 19.49 36.13 -8.08
CA THR P 51 18.34 36.88 -8.53
C THR P 51 17.66 36.12 -9.66
N ASP P 52 16.33 36.10 -9.63
CA ASP P 52 15.55 35.35 -10.60
C ASP P 52 14.35 36.17 -11.01
N ALA P 53 13.79 35.83 -12.17
CA ALA P 53 12.64 36.50 -12.73
C ALA P 53 11.56 35.49 -13.07
N LEU P 54 10.31 35.96 -13.09
CA LEU P 54 9.18 35.12 -13.43
C LEU P 54 9.15 34.85 -14.94
N ALA P 55 8.23 34.01 -15.37
CA ALA P 55 8.08 33.68 -16.77
C ALA P 55 7.07 34.60 -17.44
N SER P 56 6.97 34.48 -18.76
CA SER P 56 6.08 35.34 -19.52
C SER P 56 4.64 35.15 -19.08
N VAL P 57 3.93 36.28 -18.93
CA VAL P 57 2.51 36.21 -18.56
C VAL P 57 1.72 35.54 -19.69
N ASP P 58 0.49 35.15 -19.36
CA ASP P 58 -0.39 34.45 -20.31
C ASP P 58 -1.81 34.95 -20.07
N GLY P 59 -2.30 35.80 -20.97
CA GLY P 59 -3.65 36.28 -20.89
C GLY P 59 -4.64 35.38 -21.60
N ASN P 60 -4.18 34.17 -21.95
CA ASN P 60 -5.03 33.17 -22.59
C ASN P 60 -4.90 31.81 -21.92
N ASN P 61 -4.52 31.78 -20.64
CA ASN P 61 -4.35 30.54 -19.90
C ASN P 61 -5.72 29.99 -19.51
N ALA P 62 -6.34 29.31 -20.47
CA ALA P 62 -7.67 28.72 -20.30
C ALA P 62 -7.57 27.24 -20.68
N HIS P 63 -7.46 26.37 -19.67
CA HIS P 63 -7.37 24.95 -19.90
C HIS P 63 -8.73 24.28 -19.73
N VAL P 64 -8.94 23.23 -20.51
CA VAL P 64 -10.23 22.53 -20.54
C VAL P 64 -10.28 21.50 -19.43
N GLU P 65 -11.47 20.97 -19.17
CA GLU P 65 -11.65 19.98 -18.11
C GLU P 65 -11.12 18.62 -18.57
N GLY P 66 -10.39 17.95 -17.68
CA GLY P 66 -9.85 16.64 -17.99
C GLY P 66 -8.90 16.67 -19.16
N SER P 67 -7.79 17.39 -19.00
CA SER P 67 -6.80 17.55 -20.05
C SER P 67 -5.47 16.97 -19.58
N ARG P 68 -4.60 16.69 -20.54
CA ARG P 68 -3.28 16.18 -20.22
C ARG P 68 -2.36 17.32 -19.80
N ALA P 69 -1.58 17.09 -18.77
CA ALA P 69 -0.68 18.12 -18.25
C ALA P 69 0.53 18.26 -19.15
N GLU P 70 1.06 19.48 -19.20
CA GLU P 70 2.24 19.78 -19.98
C GLU P 70 3.46 19.91 -19.08
N ASP P 71 4.63 20.00 -19.70
CA ASP P 71 5.88 20.10 -18.93
C ASP P 71 5.99 21.47 -18.26
N GLY P 72 5.92 22.53 -19.04
CA GLY P 72 6.03 23.88 -18.52
C GLY P 72 7.36 24.52 -18.84
N GLU P 73 7.63 25.60 -18.11
CA GLU P 73 8.85 26.39 -18.30
C GLU P 73 9.36 26.82 -16.94
N MET P 74 10.69 26.86 -16.80
CA MET P 74 11.33 27.22 -15.54
C MET P 74 12.57 28.04 -15.84
N LYS P 75 12.66 29.23 -15.24
CA LYS P 75 13.84 30.05 -15.40
C LYS P 75 14.85 29.74 -14.30
N PRO P 76 16.14 29.70 -14.62
CA PRO P 76 17.16 29.45 -13.61
C PRO P 76 17.48 30.71 -12.82
N THR P 77 18.45 30.58 -11.92
CA THR P 77 18.88 31.68 -11.06
C THR P 77 20.14 32.33 -11.60
N VAL P 78 20.15 33.66 -11.62
CA VAL P 78 21.30 34.42 -12.04
C VAL P 78 22.07 34.87 -10.80
N ILE P 79 23.38 35.02 -10.94
CA ILE P 79 24.26 35.32 -9.83
C ILE P 79 25.01 36.63 -10.11
N LYS P 80 25.23 37.39 -9.06
CA LYS P 80 26.08 38.58 -9.09
C LYS P 80 27.05 38.50 -7.92
N SER P 81 28.12 39.30 -7.99
CA SER P 81 29.18 39.21 -7.00
C SER P 81 29.86 40.56 -6.86
N ASN P 82 30.54 40.74 -5.73
CA ASN P 82 31.32 41.94 -5.47
C ASN P 82 32.40 41.60 -4.45
N VAL P 83 33.46 42.39 -4.46
CA VAL P 83 34.60 42.20 -3.57
C VAL P 83 34.62 43.34 -2.56
N THR P 84 35.32 43.12 -1.45
CA THR P 84 35.44 44.14 -0.42
C THR P 84 36.57 45.11 -0.75
N GLN P 85 36.60 46.21 -0.02
CA GLN P 85 37.64 47.24 -0.16
C GLN P 85 38.25 47.47 1.21
N ILE P 86 39.53 47.12 1.36
CA ILE P 86 40.22 47.26 2.62
C ILE P 86 40.57 48.72 2.85
N LEU P 87 40.17 49.25 4.00
CA LEU P 87 40.45 50.63 4.39
C LEU P 87 41.15 50.65 5.73
N ARG P 88 42.17 51.50 5.84
CA ARG P 88 42.90 51.64 7.10
C ARG P 88 43.39 53.07 7.21
N LYS P 89 43.90 53.41 8.40
CA LYS P 89 44.41 54.74 8.66
C LYS P 89 45.40 54.67 9.81
N VAL P 90 46.35 55.60 9.79
CA VAL P 90 47.41 55.67 10.80
C VAL P 90 47.16 56.86 11.70
N VAL P 91 47.33 56.64 13.01
CA VAL P 91 47.09 57.69 13.99
C VAL P 91 48.32 57.85 14.88
N ARG P 92 49.49 57.57 14.33
CA ARG P 92 50.74 57.69 15.08
C ARG P 92 50.81 59.05 15.77
N VAL P 93 51.61 59.11 16.84
CA VAL P 93 51.66 60.26 17.73
C VAL P 93 52.64 61.28 17.15
N SER P 94 52.36 62.55 17.39
CA SER P 94 53.15 63.67 16.90
C SER P 94 54.06 64.24 17.99
N ASP P 95 54.32 63.46 19.03
CA ASP P 95 55.23 63.78 20.13
C ASP P 95 54.68 64.85 21.06
N THR P 96 53.52 65.43 20.77
CA THR P 96 52.92 66.47 21.61
C THR P 96 51.71 65.95 22.39
N ALA P 97 51.38 64.66 22.24
CA ALA P 97 50.19 64.08 22.86
C ALA P 97 50.52 62.91 23.78
N ASN P 98 51.45 62.04 23.37
CA ASN P 98 51.67 60.79 24.09
C ASN P 98 51.96 61.03 25.57
N THR P 99 52.87 61.94 25.88
CA THR P 99 53.27 62.19 27.26
C THR P 99 52.50 63.35 27.89
N THR P 100 51.18 63.31 27.78
CA THR P 100 50.33 64.34 28.36
C THR P 100 48.96 63.76 28.66
N ALA P 101 48.20 64.50 29.47
CA ALA P 101 46.80 64.21 29.75
C ALA P 101 46.04 65.53 29.74
N ASN P 102 45.23 65.76 28.71
CA ASN P 102 44.54 67.02 28.53
C ASN P 102 43.12 66.93 29.11
N TYR P 103 42.36 68.00 28.93
CA TYR P 103 41.07 68.16 29.58
C TYR P 103 39.91 67.83 28.65
N GLY P 104 39.89 68.43 27.46
CA GLY P 104 38.82 68.18 26.50
C GLY P 104 39.34 67.71 25.16
N ARG P 105 40.66 67.70 25.01
CA ARG P 105 41.33 67.19 23.81
C ARG P 105 41.44 65.67 23.80
N GLY P 106 40.78 64.97 24.72
CA GLY P 106 40.94 63.54 24.84
C GLY P 106 42.07 63.18 25.78
N ARG P 107 42.11 61.91 26.18
CA ARG P 107 43.13 61.48 27.12
C ARG P 107 44.52 61.67 26.52
N GLU P 108 44.86 60.85 25.54
CA GLU P 108 46.04 61.08 24.71
C GLU P 108 45.76 60.92 23.22
N LEU P 109 44.93 59.95 22.85
CA LEU P 109 44.73 59.62 21.45
C LEU P 109 43.27 59.40 21.04
N MET P 110 42.34 59.23 21.98
CA MET P 110 40.96 58.96 21.61
C MET P 110 40.41 60.05 20.69
N TYR P 111 40.85 61.29 20.88
CA TYR P 111 40.44 62.37 19.99
C TYR P 111 40.87 62.07 18.56
N GLN P 112 42.17 61.83 18.36
CA GLN P 112 42.65 61.50 17.01
C GLN P 112 42.06 60.18 16.51
N LEU P 113 41.83 59.23 17.42
CA LEU P 113 41.24 57.96 17.00
C LEU P 113 39.85 58.18 16.40
N GLU P 114 38.99 58.92 17.10
CA GLU P 114 37.66 59.19 16.58
C GLU P 114 37.71 60.07 15.34
N LYS P 115 38.68 60.99 15.28
CA LYS P 115 38.84 61.80 14.07
C LYS P 115 39.12 60.92 12.86
N LYS P 116 40.07 60.00 13.00
CA LYS P 116 40.38 59.11 11.88
C LYS P 116 39.25 58.13 11.61
N GLY P 117 38.47 57.78 12.62
CA GLY P 117 37.29 56.98 12.39
C GLY P 117 36.28 57.70 11.52
N LYS P 118 36.00 58.96 11.85
CA LYS P 118 35.12 59.77 11.01
C LYS P 118 35.69 59.89 9.60
N GLU P 119 37.01 60.06 9.49
CA GLU P 119 37.63 60.16 8.17
C GLU P 119 37.40 58.89 7.36
N ILE P 120 37.62 57.73 7.98
CA ILE P 120 37.38 56.46 7.29
C ILE P 120 35.92 56.35 6.89
N LYS P 121 35.01 56.76 7.78
CA LYS P 121 33.59 56.66 7.48
C LYS P 121 33.21 57.49 6.27
N ARG P 122 33.63 58.77 6.25
CA ARG P 122 33.25 59.64 5.15
C ARG P 122 33.96 59.23 3.86
N ASP P 123 35.18 58.71 3.97
CA ASP P 123 35.86 58.22 2.77
C ASP P 123 35.13 57.01 2.19
N LEU P 124 34.65 56.11 3.05
CA LEU P 124 33.86 54.98 2.56
C LEU P 124 32.57 55.47 1.92
N GLU P 125 31.88 56.39 2.58
CA GLU P 125 30.65 56.94 2.00
C GLU P 125 30.90 57.52 0.62
N LYS P 126 32.04 58.21 0.46
CA LYS P 126 32.34 58.85 -0.82
C LYS P 126 32.69 57.81 -1.88
N ILE P 127 33.52 56.82 -1.53
CA ILE P 127 34.01 55.86 -2.52
C ILE P 127 32.89 54.94 -2.97
N LEU P 128 31.99 54.57 -2.06
CA LEU P 128 30.91 53.67 -2.42
C LEU P 128 29.99 54.30 -3.47
N LEU P 129 29.83 55.61 -3.44
CA LEU P 129 28.96 56.32 -4.38
C LEU P 129 29.73 57.03 -5.47
N SER P 130 31.04 56.84 -5.55
CA SER P 130 31.85 57.54 -6.54
C SER P 130 31.59 57.00 -7.95
N GLY P 131 31.26 55.72 -8.05
CA GLY P 131 31.05 55.08 -9.34
C GLY P 131 32.22 54.27 -9.86
N GLN P 132 33.16 53.89 -9.00
CA GLN P 132 34.29 53.08 -9.43
C GLN P 132 33.83 51.71 -9.88
N ALA P 133 34.77 50.93 -10.41
CA ALA P 133 34.51 49.60 -10.93
C ALA P 133 35.11 48.53 -10.02
N ARG P 134 34.55 47.33 -10.12
CA ARG P 134 35.06 46.17 -9.40
C ARG P 134 36.39 45.77 -10.02
N THR P 135 37.50 46.16 -9.39
CA THR P 135 38.84 45.91 -9.90
C THR P 135 39.53 44.94 -8.96
N ASP P 136 39.55 43.66 -9.33
CA ASP P 136 40.22 42.62 -8.56
C ASP P 136 41.11 41.82 -9.49
N VAL P 137 42.25 41.38 -8.96
CA VAL P 137 43.19 40.59 -9.75
C VAL P 137 42.56 39.28 -10.22
N LEU P 138 41.49 38.85 -9.57
CA LEU P 138 40.79 37.63 -9.99
C LEU P 138 39.97 37.90 -11.25
N ALA P 139 39.70 36.83 -11.99
CA ALA P 139 38.88 36.90 -13.19
C ALA P 139 37.40 36.78 -12.81
N ASP P 140 36.54 36.62 -13.82
CA ASP P 140 35.12 36.42 -13.56
C ASP P 140 34.80 35.06 -12.96
N GLN P 141 35.82 34.24 -12.68
CA GLN P 141 35.65 32.91 -12.09
C GLN P 141 35.84 32.91 -10.58
N TYR P 142 35.36 33.95 -9.88
CA TYR P 142 35.47 34.01 -8.43
C TYR P 142 35.04 32.69 -7.78
N LEU P 143 34.14 31.96 -8.42
CA LEU P 143 33.57 30.74 -7.86
C LEU P 143 34.42 29.50 -8.13
N THR P 144 35.70 29.69 -8.46
CA THR P 144 36.59 28.57 -8.79
C THR P 144 37.37 28.08 -7.58
N ASN P 145 37.42 28.84 -6.49
CA ASN P 145 38.07 28.42 -5.25
C ASN P 145 39.54 28.06 -5.46
N SER P 146 40.11 28.45 -6.60
CA SER P 146 41.51 28.17 -6.87
C SER P 146 41.99 29.11 -7.98
N ALA P 147 42.87 30.04 -7.64
CA ALA P 147 43.42 30.94 -8.64
C ALA P 147 44.76 30.40 -9.16
N ALA P 148 45.32 31.11 -10.14
CA ALA P 148 46.61 30.75 -10.69
C ALA P 148 47.73 31.19 -9.75
N ASP P 149 48.15 30.30 -8.86
CA ASP P 149 49.19 30.56 -7.87
C ASP P 149 50.38 31.30 -8.49
N PRO P 150 51.00 30.78 -9.55
CA PRO P 150 52.19 31.44 -10.10
C PRO P 150 51.91 32.82 -10.67
N ALA P 151 50.63 33.21 -10.72
CA ALA P 151 50.24 34.53 -11.19
C ALA P 151 49.67 35.42 -10.10
N VAL P 152 49.22 34.86 -8.98
CA VAL P 152 48.64 35.63 -7.89
C VAL P 152 49.35 35.40 -6.57
N ALA P 153 50.03 34.26 -6.40
CA ALA P 153 50.69 33.97 -5.14
C ALA P 153 52.08 34.58 -5.09
N GLY P 154 52.85 34.42 -6.16
CA GLY P 154 54.23 34.87 -6.18
C GLY P 154 54.41 36.37 -6.30
N LEU P 155 53.31 37.12 -6.28
CA LEU P 155 53.37 38.58 -6.36
C LEU P 155 53.85 39.12 -5.01
N ASN P 156 55.15 38.98 -4.77
CA ASN P 156 55.75 39.47 -3.55
C ASN P 156 55.86 40.99 -3.50
N ASP P 157 55.70 41.66 -4.64
CA ASP P 157 55.77 43.11 -4.73
C ASP P 157 54.82 43.55 -5.83
N THR P 158 54.48 44.84 -5.84
CA THR P 158 53.60 45.42 -6.85
C THR P 158 52.29 44.63 -6.95
N HIS P 159 51.73 44.29 -5.79
CA HIS P 159 50.47 43.58 -5.75
C HIS P 159 49.32 44.55 -5.95
N ALA P 160 48.37 44.16 -6.81
CA ALA P 160 47.26 45.05 -7.14
C ALA P 160 46.34 45.24 -5.95
N ALA P 161 45.88 46.47 -5.78
CA ALA P 161 44.92 46.78 -4.73
C ALA P 161 43.57 46.11 -5.02
N ARG P 162 42.64 46.25 -4.09
CA ARG P 162 41.31 45.67 -4.19
C ARG P 162 40.28 46.79 -4.15
N LYS P 163 39.61 47.03 -5.26
CA LYS P 163 38.55 48.02 -5.36
C LYS P 163 37.21 47.32 -5.45
N THR P 164 36.27 47.71 -4.58
CA THR P 164 34.95 47.13 -4.56
C THR P 164 34.06 47.81 -5.60
N GLY P 165 32.91 47.19 -5.86
CA GLY P 165 31.96 47.75 -6.80
C GLY P 165 31.23 48.95 -6.23
N ALA P 166 31.02 49.95 -7.07
CA ALA P 166 30.37 51.19 -6.69
C ALA P 166 28.88 51.12 -6.97
N PHE P 167 28.17 52.19 -6.60
CA PHE P 167 26.73 52.24 -6.81
C PHE P 167 26.39 52.07 -8.29
N GLN P 168 27.13 52.75 -9.16
CA GLN P 168 26.88 52.62 -10.60
C GLN P 168 27.20 51.22 -11.10
N PHE P 169 28.16 50.54 -10.48
CA PHE P 169 28.62 49.26 -10.99
C PHE P 169 27.60 48.16 -10.76
N LEU P 170 27.12 48.00 -9.51
CA LEU P 170 26.17 46.94 -9.21
C LEU P 170 24.88 47.08 -10.01
N CYS P 171 24.61 48.27 -10.55
CA CYS P 171 23.49 48.45 -11.45
C CYS P 171 23.89 47.97 -12.85
N ALA P 172 22.96 48.08 -13.80
CA ALA P 172 23.19 47.61 -15.16
C ALA P 172 24.05 48.62 -15.91
N HIS P 173 25.33 48.66 -15.54
CA HIS P 173 26.27 49.58 -16.19
C HIS P 173 26.29 49.36 -17.70
N GLY P 174 26.48 48.11 -18.12
CA GLY P 174 26.46 47.77 -19.53
C GLY P 174 27.76 47.97 -20.27
N GLY P 175 28.70 48.72 -19.71
CA GLY P 175 29.95 48.98 -20.41
C GLY P 175 30.98 49.61 -19.48
N LEU P 176 32.11 49.93 -20.08
CA LEU P 176 33.22 50.53 -19.35
C LEU P 176 33.92 51.53 -20.26
N ALA P 177 34.66 52.45 -19.64
CA ALA P 177 35.39 53.46 -20.39
C ALA P 177 36.56 53.96 -19.54
N GLY P 178 37.75 53.93 -20.12
CA GLY P 178 38.93 54.38 -19.39
C GLY P 178 39.16 53.62 -18.10
N GLY P 179 38.84 52.32 -18.10
CA GLY P 179 39.02 51.50 -16.92
C GLY P 179 38.01 51.72 -15.81
N VAL P 180 36.99 52.55 -16.04
CA VAL P 180 35.96 52.82 -15.05
C VAL P 180 34.60 52.80 -15.75
N VAL P 181 33.55 52.70 -14.94
CA VAL P 181 32.19 52.61 -15.49
C VAL P 181 31.90 53.83 -16.36
N ASP P 182 31.42 53.56 -17.58
CA ASP P 182 31.11 54.64 -18.50
C ASP P 182 29.85 55.38 -18.06
N LYS P 183 29.73 56.62 -18.53
CA LYS P 183 28.60 57.49 -18.21
C LYS P 183 27.94 58.06 -19.46
N THR P 184 28.11 57.39 -20.60
CA THR P 184 27.51 57.87 -21.84
C THR P 184 26.80 56.74 -22.60
N LYS P 185 26.65 55.56 -21.99
CA LYS P 185 26.01 54.42 -22.62
C LYS P 185 24.81 54.00 -21.80
N ASN P 186 23.69 53.75 -22.47
CA ASN P 186 22.54 53.16 -21.80
C ASN P 186 22.81 51.70 -21.47
N GLY P 187 22.15 51.22 -20.43
CA GLY P 187 22.36 49.86 -19.98
C GLY P 187 21.55 48.87 -20.79
N PRO P 188 21.84 47.58 -20.56
CA PRO P 188 21.06 46.54 -21.23
C PRO P 188 19.66 46.42 -20.65
N ALA P 189 18.70 46.18 -21.55
CA ALA P 189 17.33 45.98 -21.14
C ALA P 189 17.18 44.64 -20.42
N ASP P 190 16.04 44.46 -19.76
CA ASP P 190 15.84 43.24 -19.00
C ASP P 190 15.54 42.08 -19.95
N PRO P 191 16.04 40.88 -19.67
CA PRO P 191 15.65 39.72 -20.49
C PRO P 191 14.16 39.45 -20.47
N ASP P 192 13.46 39.80 -19.38
CA ASP P 192 12.02 39.60 -19.28
C ASP P 192 11.24 40.88 -19.53
N THR P 193 11.72 42.01 -19.03
CA THR P 193 11.05 43.30 -19.19
C THR P 193 11.74 44.13 -20.27
N GLY P 194 10.97 45.01 -20.89
CA GLY P 194 11.52 45.92 -21.88
C GLY P 194 11.94 47.23 -21.28
N ALA P 195 12.44 47.20 -20.04
CA ALA P 195 12.84 48.39 -19.32
C ALA P 195 14.34 48.38 -19.05
N VAL P 196 14.93 49.57 -19.05
CA VAL P 196 16.34 49.76 -18.75
C VAL P 196 16.46 50.78 -17.63
N THR P 197 17.16 50.40 -16.56
CA THR P 197 17.32 51.28 -15.40
C THR P 197 18.49 52.25 -15.55
N VAL P 198 19.47 51.92 -16.39
CA VAL P 198 20.62 52.79 -16.65
C VAL P 198 20.46 53.40 -18.02
N LYS P 199 20.51 54.73 -18.08
CA LYS P 199 20.35 55.43 -19.35
C LYS P 199 20.93 56.84 -19.20
N VAL P 200 21.63 57.30 -20.23
CA VAL P 200 22.19 58.64 -20.23
C VAL P 200 21.08 59.66 -20.49
N ALA P 201 21.10 60.75 -19.74
CA ALA P 201 20.14 61.82 -19.96
C ALA P 201 20.43 62.55 -21.27
N GLN P 202 19.40 63.21 -21.79
CA GLN P 202 19.52 64.00 -23.01
C GLN P 202 19.11 65.44 -22.71
N ASN P 203 19.92 66.39 -23.16
CA ASN P 203 19.62 67.81 -22.99
C ASN P 203 20.04 68.61 -24.21
N ALA P 204 20.12 67.96 -25.38
CA ALA P 204 20.53 68.65 -26.60
C ALA P 204 19.60 69.82 -26.89
N SER P 205 18.31 69.54 -27.02
CA SER P 205 17.34 70.61 -27.26
C SER P 205 17.45 71.70 -26.19
N ASN P 206 17.65 71.29 -24.93
CA ASN P 206 17.91 72.25 -23.87
C ASN P 206 19.22 72.96 -24.12
N PRO P 207 19.41 74.14 -23.52
CA PRO P 207 20.64 74.92 -23.80
C PRO P 207 21.87 74.10 -23.48
N THR P 208 22.85 74.16 -24.40
CA THR P 208 24.10 73.43 -24.21
C THR P 208 24.80 73.86 -22.92
N THR P 209 24.53 75.07 -22.45
CA THR P 209 25.13 75.53 -21.19
C THR P 209 24.55 74.79 -19.99
N ASN P 210 23.33 74.27 -20.10
CA ASN P 210 22.73 73.48 -19.04
C ASN P 210 23.05 72.01 -19.26
N ILE P 211 23.99 71.49 -18.49
CA ILE P 211 24.47 70.12 -18.62
C ILE P 211 23.73 69.28 -17.59
N GLY P 212 22.76 68.51 -18.05
CA GLY P 212 22.01 67.61 -17.20
C GLY P 212 20.53 67.68 -17.48
N PHE P 213 19.81 66.66 -17.01
CA PHE P 213 18.37 66.60 -17.16
C PHE P 213 17.72 67.87 -16.62
N ASP P 214 16.59 68.24 -17.22
CA ASP P 214 15.79 69.37 -16.75
C ASP P 214 14.42 68.94 -16.23
N GLU P 215 13.61 68.29 -17.08
CA GLU P 215 12.27 67.89 -16.67
C GLU P 215 11.84 66.50 -17.12
N ALA P 216 12.44 65.91 -18.15
CA ALA P 216 11.89 64.72 -18.78
C ALA P 216 12.64 63.43 -18.44
N ASP P 217 13.96 63.49 -18.27
CA ASP P 217 14.71 62.27 -18.01
C ASP P 217 14.24 61.60 -16.74
N ILE P 218 13.89 62.39 -15.72
CA ILE P 218 13.41 61.82 -14.47
C ILE P 218 12.10 61.07 -14.67
N PHE P 219 11.20 61.62 -15.48
CA PHE P 219 9.92 60.96 -15.70
C PHE P 219 10.09 59.66 -16.47
N ASP P 220 10.93 59.68 -17.51
CA ASP P 220 11.20 58.44 -18.25
C ASP P 220 11.86 57.41 -17.37
N MET P 221 12.79 57.84 -16.52
CA MET P 221 13.43 56.92 -15.59
C MET P 221 12.41 56.31 -14.64
N THR P 222 11.50 57.12 -14.10
CA THR P 222 10.48 56.58 -13.21
C THR P 222 9.59 55.59 -13.94
N LEU P 223 9.22 55.90 -15.18
CA LEU P 223 8.35 54.99 -15.94
C LEU P 223 9.06 53.66 -16.16
N GLN P 224 10.32 53.70 -16.61
CA GLN P 224 11.07 52.47 -16.81
C GLN P 224 11.21 51.69 -15.52
N LEU P 225 11.46 52.37 -14.40
CA LEU P 225 11.63 51.69 -13.13
C LEU P 225 10.34 51.01 -12.69
N TYR P 226 9.22 51.72 -12.78
CA TYR P 226 7.94 51.10 -12.42
C TYR P 226 7.62 49.91 -13.32
N THR P 227 7.84 50.05 -14.63
CA THR P 227 7.61 48.94 -15.53
C THR P 227 8.56 47.78 -15.27
N ALA P 228 9.70 48.05 -14.64
CA ALA P 228 10.64 47.01 -14.24
C ALA P 228 10.25 46.34 -12.93
N GLY P 229 9.06 46.63 -12.39
CA GLY P 229 8.64 46.05 -11.15
C GLY P 229 9.52 46.38 -9.97
N SER P 230 10.27 47.48 -10.04
CA SER P 230 11.17 47.86 -8.97
C SER P 230 10.51 48.89 -8.07
N GLU P 231 11.01 48.96 -6.83
CA GLU P 231 10.55 49.91 -5.84
C GLU P 231 11.65 50.92 -5.55
N ALA P 232 11.24 52.17 -5.29
CA ALA P 232 12.19 53.22 -4.98
C ALA P 232 11.44 54.41 -4.43
N ASP P 233 11.92 54.98 -3.33
CA ASP P 233 11.24 56.11 -2.68
C ASP P 233 12.22 57.21 -2.31
N ILE P 234 13.46 57.17 -2.80
CA ILE P 234 14.48 58.15 -2.43
C ILE P 234 15.25 58.54 -3.68
N ILE P 235 15.73 59.78 -3.70
CA ILE P 235 16.53 60.30 -4.81
C ILE P 235 17.75 60.99 -4.20
N MET P 236 18.91 60.37 -4.34
CA MET P 236 20.17 60.92 -3.85
C MET P 236 20.86 61.69 -4.96
N ILE P 237 21.16 62.95 -4.71
CA ILE P 237 21.72 63.86 -5.70
C ILE P 237 22.84 64.67 -5.07
N ASN P 238 23.47 65.50 -5.88
CA ASN P 238 24.51 66.44 -5.47
C ASN P 238 23.92 67.84 -5.33
N PRO P 239 24.36 68.63 -4.34
CA PRO P 239 23.81 69.98 -4.20
C PRO P 239 23.94 70.82 -5.46
N ALA P 240 24.92 70.53 -6.30
CA ALA P 240 25.11 71.27 -7.54
C ALA P 240 23.97 71.04 -8.53
N HIS P 241 23.18 69.98 -8.36
CA HIS P 241 22.06 69.70 -9.23
C HIS P 241 20.71 70.00 -8.59
N ALA P 242 20.68 70.39 -7.31
CA ALA P 242 19.42 70.68 -6.65
C ALA P 242 18.66 71.81 -7.35
N LYS P 243 19.35 72.65 -8.11
CA LYS P 243 18.70 73.75 -8.79
C LYS P 243 17.69 73.26 -9.81
N ILE P 244 17.94 72.10 -10.42
CA ILE P 244 16.98 71.53 -11.37
C ILE P 244 15.67 71.21 -10.66
N PHE P 245 15.75 70.47 -9.55
CA PHE P 245 14.55 70.20 -8.76
C PHE P 245 13.89 71.48 -8.29
N ALA P 246 14.70 72.50 -7.94
CA ALA P 246 14.13 73.77 -7.51
C ALA P 246 13.27 74.38 -8.61
N GLY P 247 13.84 74.49 -9.81
CA GLY P 247 13.08 75.04 -10.92
C GLY P 247 11.90 74.18 -11.32
N LEU P 248 11.98 72.87 -11.08
CA LEU P 248 10.90 71.98 -11.49
C LEU P 248 9.73 72.03 -10.54
N GLN P 249 10.00 72.06 -9.23
CA GLN P 249 8.93 72.01 -8.24
C GLN P 249 7.87 73.07 -8.51
N GLU P 250 8.28 74.26 -8.97
CA GLU P 250 7.32 75.32 -9.23
C GLU P 250 6.44 75.03 -10.44
N ASN P 251 6.81 74.05 -11.26
CA ASN P 251 6.08 73.76 -12.50
C ASN P 251 5.03 72.67 -12.33
N THR P 252 5.08 71.89 -11.24
CA THR P 252 4.17 70.77 -11.04
C THR P 252 3.44 70.87 -9.71
N GLN P 253 3.05 72.08 -9.32
CA GLN P 253 2.44 72.30 -8.02
C GLN P 253 1.19 71.45 -7.82
N GLY P 254 0.47 71.14 -8.91
CA GLY P 254 -0.79 70.44 -8.77
C GLY P 254 -0.66 68.96 -8.48
N SER P 255 0.47 68.35 -8.85
CA SER P 255 0.66 66.92 -8.68
C SER P 255 1.50 66.58 -7.46
N ARG P 256 2.12 67.56 -6.81
CA ARG P 256 2.96 67.30 -5.64
C ARG P 256 2.10 66.78 -4.49
N LYS P 257 2.28 65.50 -4.16
CA LYS P 257 1.58 64.89 -3.03
C LYS P 257 2.35 65.20 -1.76
N ARG P 258 2.02 66.33 -1.15
CA ARG P 258 2.69 66.76 0.07
C ARG P 258 2.42 65.79 1.20
N ILE P 259 3.47 65.18 1.73
CA ILE P 259 3.38 64.28 2.87
C ILE P 259 4.00 64.98 4.07
N PHE P 260 3.52 64.60 5.27
CA PHE P 260 3.94 65.23 6.51
C PHE P 260 4.45 64.16 7.47
N GLU P 261 5.11 64.62 8.53
CA GLU P 261 5.66 63.75 9.55
C GLU P 261 5.29 64.29 10.92
N ASN P 262 4.57 63.49 11.71
CA ASN P 262 4.18 63.88 13.04
C ASN P 262 5.30 63.60 14.04
N THR P 263 5.39 64.46 15.05
CA THR P 263 6.37 64.30 16.10
C THR P 263 5.79 64.53 17.49
N LYS P 264 4.49 64.78 17.61
CA LYS P 264 3.84 65.05 18.89
C LYS P 264 4.18 66.45 19.38
N GLN P 265 5.07 67.15 18.65
CA GLN P 265 5.39 68.54 18.97
C GLN P 265 5.47 69.44 17.76
N PHE P 266 5.57 68.92 16.54
CA PHE P 266 5.63 69.73 15.33
C PHE P 266 5.19 68.88 14.16
N ILE P 267 5.20 69.48 12.97
CA ILE P 267 4.87 68.78 11.73
C ILE P 267 5.95 69.06 10.71
N TYR P 268 6.84 68.09 10.50
CA TYR P 268 7.95 68.24 9.56
C TYR P 268 7.53 67.67 8.20
N GLU P 269 7.35 68.56 7.22
CA GLU P 269 7.09 68.14 5.87
C GLU P 269 8.36 67.54 5.26
N VAL P 270 8.17 66.76 4.20
CA VAL P 270 9.28 66.12 3.49
C VAL P 270 9.35 66.70 2.08
N ASN P 271 10.59 66.93 1.62
CA ASN P 271 10.83 67.43 0.27
C ASN P 271 10.80 66.25 -0.69
N SER P 272 9.59 65.76 -0.94
CA SER P 272 9.38 64.60 -1.80
C SER P 272 8.84 65.06 -3.15
N ILE P 273 9.32 64.42 -4.22
CA ILE P 273 8.84 64.67 -5.57
C ILE P 273 8.13 63.42 -6.06
N THR P 274 6.92 63.59 -6.57
CA THR P 274 6.10 62.49 -7.06
C THR P 274 5.92 62.61 -8.57
N ASP P 275 5.75 61.48 -9.22
CA ASP P 275 5.59 61.38 -10.65
C ASP P 275 4.14 61.08 -11.00
N PRO P 276 3.72 61.32 -12.24
CA PRO P 276 2.33 61.05 -12.62
C PRO P 276 1.88 59.63 -12.32
N LEU P 277 2.81 58.70 -12.12
CA LEU P 277 2.46 57.33 -11.77
C LEU P 277 2.09 57.19 -10.29
N GLY P 278 2.12 58.27 -9.52
CA GLY P 278 1.74 58.23 -8.12
C GLY P 278 2.84 57.84 -7.16
N GLN P 279 3.99 57.39 -7.67
CA GLN P 279 5.09 56.99 -6.81
C GLN P 279 5.77 58.22 -6.23
N SER P 280 5.97 58.24 -4.93
CA SER P 280 6.57 59.36 -4.22
C SER P 280 8.05 59.10 -4.02
N TYR P 281 8.89 60.06 -4.39
CA TYR P 281 10.33 59.96 -4.28
C TYR P 281 10.84 61.07 -3.39
N LYS P 282 11.57 60.70 -2.34
CA LYS P 282 12.12 61.69 -1.44
C LYS P 282 13.41 62.27 -2.01
N ILE P 283 13.68 63.53 -1.68
CA ILE P 283 14.83 64.26 -2.19
C ILE P 283 15.83 64.43 -1.07
N ILE P 284 17.05 63.94 -1.29
CA ILE P 284 18.12 64.02 -0.31
C ILE P 284 19.37 64.55 -1.02
N VAL P 285 20.07 65.45 -0.34
CA VAL P 285 21.26 66.10 -0.90
C VAL P 285 22.48 65.60 -0.15
N ASN P 286 23.48 65.14 -0.90
CA ASN P 286 24.71 64.62 -0.33
C ASN P 286 25.90 65.28 -1.01
N ARG P 287 26.90 65.64 -0.21
CA ARG P 287 28.08 66.33 -0.74
C ARG P 287 29.07 65.37 -1.41
N TRP P 288 29.01 64.09 -1.09
CA TRP P 288 29.99 63.13 -1.58
C TRP P 288 29.56 62.44 -2.87
N MET P 289 28.67 63.05 -3.64
CA MET P 289 28.22 62.46 -4.89
C MET P 289 29.22 62.78 -6.01
N PRO P 290 29.17 62.02 -7.10
CA PRO P 290 30.14 62.25 -8.20
C PRO P 290 29.94 63.56 -8.93
N THR P 291 28.84 64.28 -8.69
CA THR P 291 28.51 65.56 -9.31
C THR P 291 27.98 65.40 -10.72
N ASP P 292 27.93 64.18 -11.27
CA ASP P 292 27.45 63.95 -12.63
C ASP P 292 26.56 62.72 -12.69
N ALA P 293 25.70 62.55 -11.69
CA ALA P 293 24.80 61.42 -11.66
C ALA P 293 23.77 61.61 -10.57
N VAL P 294 22.61 60.98 -10.76
CA VAL P 294 21.54 60.97 -9.78
C VAL P 294 21.06 59.53 -9.62
N TYR P 295 20.77 59.14 -8.38
CA TYR P 295 20.45 57.76 -8.06
C TYR P 295 18.99 57.64 -7.62
N PHE P 296 18.32 56.62 -8.13
CA PHE P 296 16.99 56.23 -7.69
C PHE P 296 17.08 54.85 -7.08
N PHE P 297 16.73 54.73 -5.79
CA PHE P 297 16.80 53.45 -5.10
C PHE P 297 15.72 53.42 -4.03
N ARG P 298 15.75 52.38 -3.19
CA ARG P 298 14.71 52.13 -2.22
C ARG P 298 15.21 52.08 -0.77
N SER P 299 16.51 51.95 -0.55
CA SER P 299 17.16 51.98 0.75
C SER P 299 17.03 50.66 1.49
N ALA P 300 16.39 49.65 0.92
CA ALA P 300 16.26 48.34 1.55
C ALA P 300 16.88 47.21 0.75
N ASP P 301 16.98 47.34 -0.57
CA ASP P 301 17.66 46.33 -1.39
C ASP P 301 19.18 46.43 -1.29
N TRP P 302 19.70 47.33 -0.45
CA TRP P 302 21.13 47.52 -0.30
C TRP P 302 21.57 47.12 1.11
N THR P 303 22.80 46.64 1.20
CA THR P 303 23.40 46.28 2.48
C THR P 303 24.90 46.50 2.39
N GLN P 304 25.53 46.62 3.56
CA GLN P 304 26.97 46.81 3.67
C GLN P 304 27.55 45.59 4.35
N MET P 305 28.19 44.71 3.57
CA MET P 305 28.73 43.45 4.08
C MET P 305 30.08 43.74 4.74
N VAL P 306 30.14 43.53 6.05
CA VAL P 306 31.34 43.80 6.84
C VAL P 306 32.05 42.48 7.13
N LEU P 307 33.38 42.52 7.13
CA LEU P 307 34.19 41.34 7.38
C LEU P 307 35.09 41.49 8.60
N ARG P 308 35.79 42.62 8.71
CA ARG P 308 36.78 42.83 9.76
C ARG P 308 36.18 43.31 11.08
N ALA P 309 34.97 43.86 11.07
CA ALA P 309 34.38 44.39 12.30
C ALA P 309 35.34 45.40 12.92
N PRO P 310 35.43 46.62 12.36
CA PRO P 310 36.46 47.57 12.80
C PRO P 310 36.70 47.62 14.30
N LYS P 311 37.95 47.47 14.70
CA LYS P 311 38.35 47.56 16.09
C LYS P 311 39.76 48.12 16.15
N ARG P 312 39.97 49.06 17.07
CA ARG P 312 41.27 49.71 17.21
C ARG P 312 42.36 48.68 17.43
N THR P 313 43.36 48.67 16.56
CA THR P 313 44.45 47.70 16.61
C THR P 313 45.73 48.41 17.03
N GLU P 314 46.50 47.75 17.90
CA GLU P 314 47.72 48.32 18.45
C GLU P 314 48.94 47.75 17.72
N LEU P 315 50.02 48.54 17.71
CA LEU P 315 51.28 48.11 17.12
C LEU P 315 52.39 48.20 18.16
N ALA P 316 53.62 47.86 17.76
CA ALA P 316 54.74 47.90 18.68
C ALA P 316 54.96 49.32 19.20
N LYS P 317 55.45 49.41 20.43
CA LYS P 317 55.78 50.70 21.05
C LYS P 317 57.26 51.04 20.94
N ASP P 318 57.98 50.37 20.04
CA ASP P 318 59.39 50.68 19.84
C ASP P 318 59.56 52.14 19.47
N GLY P 319 60.72 52.70 19.80
CA GLY P 319 60.99 54.10 19.51
C GLY P 319 60.20 55.07 20.34
N SER P 320 59.57 54.61 21.42
CA SER P 320 58.83 55.48 22.34
C SER P 320 57.67 56.18 21.61
N TYR P 321 56.93 55.40 20.82
CA TYR P 321 55.80 55.93 20.08
C TYR P 321 54.86 54.79 19.71
N GLU P 322 53.56 55.06 19.75
CA GLU P 322 52.54 54.07 19.41
C GLU P 322 52.04 54.36 18.00
N LYS P 323 52.21 53.39 17.10
CA LYS P 323 51.73 53.53 15.73
C LYS P 323 50.41 52.80 15.56
N TRP P 324 49.39 53.33 16.23
CA TRP P 324 48.06 52.74 16.17
C TRP P 324 47.49 52.87 14.76
N MET P 325 46.67 51.89 14.39
CA MET P 325 45.93 51.91 13.14
C MET P 325 44.68 51.05 13.30
N ILE P 326 43.72 51.28 12.41
CA ILE P 326 42.45 50.56 12.44
C ILE P 326 42.09 50.19 11.00
N GLU P 327 41.88 48.91 10.75
CA GLU P 327 41.54 48.40 9.43
C GLU P 327 40.03 48.21 9.31
N MET P 328 39.56 48.16 8.08
CA MET P 328 38.15 47.95 7.80
C MET P 328 38.00 47.54 6.35
N GLU P 329 37.44 46.35 6.13
CA GLU P 329 37.20 45.83 4.78
C GLU P 329 35.74 45.41 4.68
N VAL P 330 34.98 46.07 3.80
CA VAL P 330 33.57 45.81 3.61
C VAL P 330 33.26 45.84 2.12
N GLY P 331 32.05 45.39 1.79
CA GLY P 331 31.63 45.33 0.40
C GLY P 331 30.17 45.66 0.20
N LEU P 332 29.85 46.34 -0.89
CA LEU P 332 28.48 46.72 -1.19
C LEU P 332 27.73 45.56 -1.85
N ARG P 333 26.45 45.47 -1.55
CA ARG P 333 25.58 44.45 -2.13
C ARG P 333 24.28 45.07 -2.57
N HIS P 334 23.67 44.46 -3.58
CA HIS P 334 22.41 44.94 -4.15
C HIS P 334 21.53 43.73 -4.43
N ARG P 335 20.34 43.70 -3.81
CA ARG P 335 19.48 42.53 -3.94
C ARG P 335 19.12 42.25 -5.38
N ASN P 336 19.22 43.25 -6.26
CA ASN P 336 18.97 43.04 -7.67
C ASN P 336 19.53 44.21 -8.48
N PRO P 337 20.28 43.95 -9.56
CA PRO P 337 20.84 45.07 -10.33
C PRO P 337 19.77 45.99 -10.91
N TYR P 338 18.72 45.42 -11.51
CA TYR P 338 17.70 46.20 -12.18
C TYR P 338 16.67 46.79 -11.24
N ALA P 339 16.92 46.78 -9.92
CA ALA P 339 16.00 47.40 -8.99
C ALA P 339 16.14 48.91 -9.00
N SER P 340 17.33 49.40 -8.71
CA SER P 340 17.60 50.83 -8.69
C SER P 340 17.87 51.34 -10.09
N GLY P 341 18.02 52.66 -10.21
CA GLY P 341 18.28 53.28 -11.49
C GLY P 341 19.05 54.56 -11.30
N VAL P 342 19.83 54.93 -12.32
CA VAL P 342 20.71 56.09 -12.27
C VAL P 342 20.68 56.79 -13.61
N LEU P 343 21.04 58.07 -13.60
CA LEU P 343 21.21 58.87 -14.80
C LEU P 343 22.66 59.34 -14.88
N PHE P 344 22.99 59.95 -16.02
CA PHE P 344 24.31 60.54 -16.22
C PHE P 344 24.13 61.86 -16.95
N THR P 345 24.96 62.83 -16.58
CA THR P 345 24.88 64.17 -17.14
C THR P 345 25.81 64.28 -18.35
N ALA P 346 25.32 64.95 -19.39
CA ALA P 346 26.08 65.11 -20.62
C ALA P 346 25.57 66.36 -21.34
N ALA P 347 26.26 66.71 -22.41
CA ALA P 347 25.92 67.87 -23.23
C ALA P 347 25.23 67.45 -24.51
N GLY P 348 24.74 68.44 -25.25
CA GLY P 348 24.06 68.19 -26.51
C GLY P 348 25.00 67.69 -27.59
N ASN Q 3 46.72 -105.45 -13.13
CA ASN Q 3 47.57 -106.23 -12.19
C ASN Q 3 48.79 -105.40 -11.78
N PRO Q 4 48.65 -104.60 -10.73
CA PRO Q 4 49.78 -103.79 -10.27
C PRO Q 4 50.67 -104.53 -9.28
N THR Q 5 51.98 -104.37 -9.48
CA THR Q 5 52.94 -105.01 -8.60
C THR Q 5 53.08 -104.28 -7.27
N LEU Q 6 52.92 -102.96 -7.25
CA LEU Q 6 53.02 -102.17 -6.03
C LEU Q 6 51.92 -101.12 -6.07
N PHE Q 7 51.12 -101.07 -5.00
CA PHE Q 7 50.00 -100.13 -4.93
C PHE Q 7 50.52 -98.71 -4.83
N VAL Q 8 49.86 -97.81 -5.56
CA VAL Q 8 50.23 -96.39 -5.58
C VAL Q 8 48.94 -95.56 -5.62
N SER Q 9 49.12 -94.24 -5.55
CA SER Q 9 47.97 -93.34 -5.58
C SER Q 9 47.22 -93.43 -6.90
N TYR Q 10 47.94 -93.66 -7.99
CA TYR Q 10 47.32 -93.76 -9.31
C TYR Q 10 46.49 -95.03 -9.48
N ASP Q 11 46.53 -95.95 -8.52
CA ASP Q 11 45.79 -97.20 -8.62
C ASP Q 11 44.61 -97.28 -7.67
N GLN Q 12 44.41 -96.29 -6.80
CA GLN Q 12 43.31 -96.30 -5.85
C GLN Q 12 41.99 -96.26 -6.59
N ASN Q 13 41.16 -97.29 -6.43
CA ASN Q 13 39.82 -97.27 -6.97
C ASN Q 13 38.88 -96.37 -6.16
N GLY Q 14 39.24 -96.03 -4.94
CA GLY Q 14 38.47 -95.13 -4.11
C GLY Q 14 39.21 -93.81 -3.94
N LYS Q 15 38.51 -92.72 -4.24
CA LYS Q 15 39.09 -91.38 -4.25
C LYS Q 15 38.56 -90.62 -3.04
N LYS Q 16 39.31 -90.70 -1.93
CA LYS Q 16 39.00 -89.93 -0.73
C LYS Q 16 39.65 -88.54 -0.82
N LEU Q 17 39.31 -87.85 -1.90
CA LEU Q 17 39.97 -86.60 -2.23
C LEU Q 17 39.71 -85.55 -1.15
N SER Q 18 40.59 -84.55 -1.11
CA SER Q 18 40.41 -83.39 -0.27
C SER Q 18 39.75 -82.27 -1.07
N PHE Q 19 39.26 -81.27 -0.36
CA PHE Q 19 38.55 -80.17 -1.01
C PHE Q 19 38.45 -79.01 -0.03
N ALA Q 20 38.81 -77.81 -0.50
CA ALA Q 20 38.77 -76.63 0.35
C ALA Q 20 37.35 -76.35 0.81
N ASN Q 21 37.20 -76.03 2.10
CA ASN Q 21 35.90 -75.74 2.69
C ASN Q 21 35.49 -74.28 2.52
N TRP Q 22 36.04 -73.59 1.52
CA TRP Q 22 35.72 -72.20 1.27
C TRP Q 22 35.81 -71.93 -0.22
N ILE Q 23 35.52 -70.69 -0.61
CA ILE Q 23 35.68 -70.23 -1.98
C ILE Q 23 36.38 -68.88 -1.95
N SER Q 24 37.18 -68.61 -2.97
CA SER Q 24 37.95 -67.37 -3.06
C SER Q 24 37.23 -66.45 -4.04
N VAL Q 25 36.54 -65.44 -3.51
CA VAL Q 25 35.89 -64.41 -4.31
C VAL Q 25 36.51 -63.07 -3.94
N LEU Q 26 36.74 -62.23 -4.94
CA LEU Q 26 37.46 -60.99 -4.76
C LEU Q 26 36.89 -59.81 -5.52
N SER Q 27 35.71 -59.95 -6.12
CA SER Q 27 35.11 -58.85 -6.85
C SER Q 27 34.78 -57.71 -5.88
N PRO Q 28 35.31 -56.51 -6.08
CA PRO Q 28 35.04 -55.41 -5.15
C PRO Q 28 33.70 -54.76 -5.41
N GLN Q 29 33.07 -54.31 -4.33
CA GLN Q 29 31.74 -53.70 -4.38
C GLN Q 29 31.67 -52.50 -3.45
N ASP Q 30 32.71 -51.64 -3.49
CA ASP Q 30 32.77 -50.50 -2.57
C ASP Q 30 31.55 -49.59 -2.73
N THR Q 31 31.37 -49.02 -3.92
CA THR Q 31 30.25 -48.12 -4.19
C THR Q 31 30.26 -46.93 -3.24
N PRO Q 32 31.22 -46.01 -3.37
CA PRO Q 32 31.26 -44.85 -2.46
C PRO Q 32 30.26 -43.76 -2.84
N PHE Q 33 30.00 -43.61 -4.14
CA PHE Q 33 29.09 -42.56 -4.60
C PHE Q 33 27.71 -42.71 -3.98
N VAL Q 34 27.16 -43.93 -4.02
CA VAL Q 34 25.83 -44.16 -3.45
C VAL Q 34 25.85 -43.92 -1.96
N SER Q 35 26.99 -44.15 -1.30
CA SER Q 35 27.08 -43.94 0.14
C SER Q 35 27.15 -42.46 0.48
N MET Q 36 27.75 -41.65 -0.38
CA MET Q 36 27.97 -40.24 -0.06
C MET Q 36 26.84 -39.34 -0.54
N THR Q 37 26.16 -39.70 -1.63
CA THR Q 37 25.12 -38.83 -2.18
C THR Q 37 23.90 -38.79 -1.25
N GLY Q 38 23.28 -39.95 -1.02
CA GLY Q 38 22.06 -40.00 -0.24
C GLY Q 38 20.89 -40.49 -1.08
N LYS Q 39 19.67 -40.33 -0.58
CA LYS Q 39 18.48 -40.76 -1.32
C LYS Q 39 17.27 -40.04 -0.76
N GLU Q 40 16.16 -40.17 -1.49
CA GLU Q 40 14.91 -39.51 -1.12
C GLU Q 40 13.78 -40.12 -1.92
N SER Q 41 12.67 -40.42 -1.25
CA SER Q 41 11.55 -41.08 -1.92
C SER Q 41 10.73 -40.07 -2.72
N ILE Q 42 10.05 -40.56 -3.75
CA ILE Q 42 9.19 -39.76 -4.61
C ILE Q 42 7.91 -40.54 -4.88
N ASN Q 43 7.03 -39.96 -5.69
CA ASN Q 43 5.74 -40.57 -5.99
C ASN Q 43 5.41 -40.51 -7.48
N GLN Q 44 6.44 -40.38 -8.32
CA GLN Q 44 6.25 -40.33 -9.77
C GLN Q 44 7.49 -40.89 -10.45
N THR Q 45 7.36 -41.16 -11.74
CA THR Q 45 8.47 -41.66 -12.55
C THR Q 45 9.26 -40.54 -13.21
N ILE Q 46 8.62 -39.40 -13.49
CA ILE Q 46 9.26 -38.26 -14.13
C ILE Q 46 9.09 -37.06 -13.23
N PHE Q 47 10.20 -36.56 -12.68
CA PHE Q 47 10.20 -35.42 -11.78
C PHE Q 47 11.04 -34.31 -12.40
N SER Q 48 11.12 -33.19 -11.71
CA SER Q 48 11.90 -32.05 -12.19
C SER Q 48 12.01 -31.04 -11.06
N TRP Q 49 12.91 -30.07 -11.27
CA TRP Q 49 13.13 -29.00 -10.32
C TRP Q 49 13.35 -27.70 -11.08
N GLN Q 50 13.42 -26.60 -10.34
CA GLN Q 50 13.61 -25.28 -10.91
C GLN Q 50 15.03 -24.79 -10.65
N THR Q 51 15.53 -23.98 -11.57
CA THR Q 51 16.84 -23.34 -11.42
C THR Q 51 16.73 -21.89 -11.87
N ASP Q 52 17.48 -21.01 -11.21
CA ASP Q 52 17.47 -19.59 -11.54
C ASP Q 52 18.90 -19.09 -11.54
N ALA Q 53 19.12 -18.00 -12.27
CA ALA Q 53 20.43 -17.39 -12.38
C ALA Q 53 20.26 -15.89 -12.58
N LEU Q 54 21.05 -15.11 -11.84
CA LEU Q 54 20.95 -13.66 -11.94
C LEU Q 54 21.41 -13.21 -13.33
N ALA Q 55 20.78 -12.16 -13.84
CA ALA Q 55 21.16 -11.62 -15.13
C ALA Q 55 22.61 -11.18 -15.10
N SER Q 56 23.26 -11.24 -16.26
CA SER Q 56 24.67 -10.87 -16.35
C SER Q 56 24.87 -9.43 -15.91
N VAL Q 57 25.94 -9.21 -15.15
CA VAL Q 57 26.23 -7.86 -14.68
C VAL Q 57 26.35 -6.91 -15.87
N ASP Q 58 25.99 -5.65 -15.64
CA ASP Q 58 25.97 -4.66 -16.72
C ASP Q 58 27.32 -3.98 -16.88
N GLY Q 59 27.81 -3.35 -15.82
CA GLY Q 59 29.05 -2.62 -15.88
C GLY Q 59 28.87 -1.20 -16.36
N ASN Q 60 27.97 -1.00 -17.33
CA ASN Q 60 27.62 0.32 -17.84
C ASN Q 60 26.23 0.73 -17.38
N ASN Q 61 25.85 0.37 -16.15
CA ASN Q 61 24.52 0.66 -15.64
C ASN Q 61 24.38 2.14 -15.30
N ALA Q 62 24.28 2.98 -16.32
CA ALA Q 62 24.06 4.41 -16.16
C ALA Q 62 22.69 4.78 -16.73
N HIS Q 63 22.06 5.76 -16.10
CA HIS Q 63 20.78 6.26 -16.58
C HIS Q 63 20.78 7.78 -16.45
N VAL Q 64 20.25 8.45 -17.46
CA VAL Q 64 20.27 9.91 -17.47
C VAL Q 64 19.31 10.45 -16.42
N GLU Q 65 19.71 11.57 -15.81
CA GLU Q 65 18.89 12.18 -14.78
C GLU Q 65 17.58 12.69 -15.35
N GLY Q 66 16.51 12.54 -14.57
CA GLY Q 66 15.20 13.00 -15.01
C GLY Q 66 14.69 12.32 -16.27
N SER Q 67 15.17 11.11 -16.54
CA SER Q 67 14.74 10.37 -17.72
C SER Q 67 13.65 9.36 -17.35
N ARG Q 68 12.94 8.90 -18.39
CA ARG Q 68 11.89 7.92 -18.19
C ARG Q 68 12.47 6.58 -17.77
N ALA Q 69 11.67 5.81 -17.05
CA ALA Q 69 12.09 4.50 -16.56
C ALA Q 69 11.76 3.46 -17.61
N GLU Q 70 12.75 2.64 -17.97
CA GLU Q 70 12.56 1.64 -19.00
C GLU Q 70 11.52 0.62 -18.54
N ASP Q 71 11.09 -0.23 -19.48
CA ASP Q 71 10.10 -1.24 -19.15
C ASP Q 71 10.67 -2.32 -18.24
N GLY Q 72 11.99 -2.52 -18.27
CA GLY Q 72 12.62 -3.49 -17.40
C GLY Q 72 12.51 -4.91 -17.93
N GLU Q 73 13.61 -5.64 -17.90
CA GLU Q 73 13.63 -7.01 -18.41
C GLU Q 73 13.60 -8.00 -17.27
N MET Q 74 12.82 -9.07 -17.44
CA MET Q 74 12.78 -10.20 -16.52
C MET Q 74 13.26 -11.44 -17.26
N LYS Q 75 13.50 -12.50 -16.48
CA LYS Q 75 14.00 -13.74 -17.05
C LYS Q 75 13.40 -14.93 -16.31
N PRO Q 76 12.59 -15.75 -16.96
CA PRO Q 76 11.98 -16.90 -16.27
C PRO Q 76 13.04 -17.86 -15.77
N THR Q 77 12.60 -18.82 -14.95
CA THR Q 77 13.49 -19.85 -14.45
C THR Q 77 13.67 -20.94 -15.52
N VAL Q 78 14.44 -21.96 -15.18
CA VAL Q 78 14.71 -23.08 -16.07
C VAL Q 78 14.34 -24.37 -15.35
N ILE Q 79 13.81 -25.33 -16.11
CA ILE Q 79 13.31 -26.59 -15.56
C ILE Q 79 14.10 -27.73 -16.17
N LYS Q 80 14.86 -28.43 -15.33
CA LYS Q 80 15.60 -29.62 -15.74
C LYS Q 80 14.95 -30.84 -15.10
N SER Q 81 14.35 -31.69 -15.93
CA SER Q 81 13.66 -32.87 -15.49
C SER Q 81 14.54 -34.10 -15.68
N ASN Q 82 14.06 -35.24 -15.17
CA ASN Q 82 14.78 -36.50 -15.28
C ASN Q 82 13.78 -37.64 -15.19
N VAL Q 83 14.14 -38.75 -15.80
CA VAL Q 83 13.31 -39.95 -15.81
C VAL Q 83 14.06 -41.08 -15.12
N THR Q 84 13.30 -41.95 -14.47
CA THR Q 84 13.89 -43.05 -13.73
C THR Q 84 14.20 -44.22 -14.65
N GLN Q 85 15.01 -45.16 -14.14
CA GLN Q 85 15.38 -46.37 -14.85
C GLN Q 85 15.10 -47.57 -13.98
N ILE Q 86 14.80 -48.69 -14.62
CA ILE Q 86 14.48 -49.94 -13.93
C ILE Q 86 15.67 -50.86 -14.01
N LEU Q 87 15.81 -51.72 -12.99
CA LEU Q 87 16.90 -52.69 -12.91
C LEU Q 87 16.30 -54.04 -12.56
N ARG Q 88 16.69 -55.07 -13.31
CA ARG Q 88 16.11 -56.40 -13.17
C ARG Q 88 17.21 -57.44 -13.29
N LYS Q 89 17.42 -58.21 -12.22
CA LYS Q 89 18.36 -59.32 -12.20
C LYS Q 89 17.60 -60.58 -11.81
N VAL Q 90 17.49 -61.51 -12.75
CA VAL Q 90 16.71 -62.72 -12.56
C VAL Q 90 17.66 -63.92 -12.54
N VAL Q 91 17.20 -64.99 -11.88
CA VAL Q 91 17.98 -66.22 -11.77
C VAL Q 91 17.01 -67.39 -11.77
N ARG Q 92 17.48 -68.54 -12.24
CA ARG Q 92 16.63 -69.74 -12.34
C ARG Q 92 17.50 -70.97 -12.15
N VAL Q 93 17.13 -71.81 -11.19
CA VAL Q 93 17.80 -73.09 -10.96
C VAL Q 93 16.73 -74.13 -10.61
N SER Q 94 16.93 -75.35 -11.11
CA SER Q 94 15.98 -76.42 -10.86
C SER Q 94 15.98 -76.79 -9.38
N ASP Q 95 14.87 -77.42 -8.96
CA ASP Q 95 14.79 -77.86 -7.56
C ASP Q 95 15.86 -78.88 -7.23
N THR Q 96 16.29 -79.66 -8.22
CA THR Q 96 17.37 -80.62 -7.99
C THR Q 96 18.62 -79.90 -7.48
N ALA Q 97 19.05 -78.85 -8.18
CA ALA Q 97 20.21 -78.10 -7.75
C ALA Q 97 19.99 -77.45 -6.38
N ASN Q 98 18.78 -76.94 -6.14
CA ASN Q 98 18.48 -76.31 -4.87
C ASN Q 98 18.58 -77.29 -3.72
N THR Q 99 18.24 -78.56 -3.94
CA THR Q 99 18.27 -79.56 -2.89
C THR Q 99 19.66 -80.14 -2.66
N THR Q 100 20.49 -80.17 -3.69
CA THR Q 100 21.85 -80.69 -3.51
C THR Q 100 22.62 -79.85 -2.52
N ALA Q 101 23.73 -80.40 -2.03
CA ALA Q 101 24.59 -79.74 -1.06
C ALA Q 101 26.01 -79.77 -1.62
N ASN Q 102 26.37 -78.74 -2.38
CA ASN Q 102 27.70 -78.67 -2.97
C ASN Q 102 28.75 -78.51 -1.89
N TYR Q 103 30.00 -78.68 -2.28
CA TYR Q 103 31.14 -78.59 -1.38
C TYR Q 103 31.65 -77.15 -1.38
N GLY Q 104 31.34 -76.41 -0.32
CA GLY Q 104 31.72 -75.02 -0.24
C GLY Q 104 30.51 -74.11 -0.15
N ARG Q 105 29.44 -74.48 -0.86
CA ARG Q 105 28.18 -73.77 -0.79
C ARG Q 105 27.23 -74.46 0.19
N GLY Q 106 26.34 -73.67 0.78
CA GLY Q 106 25.30 -74.21 1.62
C GLY Q 106 24.04 -74.46 0.82
N ARG Q 107 23.73 -73.55 -0.09
CA ARG Q 107 22.53 -73.65 -0.91
C ARG Q 107 22.73 -72.82 -2.15
N GLU Q 108 22.64 -73.45 -3.32
CA GLU Q 108 22.90 -72.75 -4.58
C GLU Q 108 21.94 -71.58 -4.80
N LEU Q 109 20.67 -71.75 -4.48
CA LEU Q 109 19.68 -70.71 -4.75
C LEU Q 109 20.05 -69.40 -4.07
N MET Q 110 20.20 -69.43 -2.74
CA MET Q 110 20.52 -68.21 -2.01
C MET Q 110 21.88 -67.65 -2.41
N TYR Q 111 22.83 -68.53 -2.72
CA TYR Q 111 24.15 -68.08 -3.13
C TYR Q 111 24.06 -67.23 -4.39
N GLN Q 112 23.42 -67.77 -5.44
CA GLN Q 112 23.27 -67.00 -6.66
C GLN Q 112 22.38 -65.79 -6.46
N LEU Q 113 21.41 -65.87 -5.55
CA LEU Q 113 20.55 -64.72 -5.26
C LEU Q 113 21.38 -63.56 -4.70
N GLU Q 114 22.25 -63.86 -3.74
CA GLU Q 114 23.11 -62.82 -3.19
C GLU Q 114 24.09 -62.30 -4.25
N LYS Q 115 24.63 -63.21 -5.06
CA LYS Q 115 25.52 -62.77 -6.14
C LYS Q 115 24.81 -61.77 -7.04
N LYS Q 116 23.57 -62.04 -7.41
CA LYS Q 116 22.84 -61.12 -8.28
C LYS Q 116 22.45 -59.84 -7.54
N GLY Q 117 22.16 -59.94 -6.25
CA GLY Q 117 21.83 -58.75 -5.48
C GLY Q 117 23.01 -57.83 -5.30
N LYS Q 118 24.22 -58.36 -5.41
CA LYS Q 118 25.41 -57.52 -5.41
C LYS Q 118 25.75 -57.02 -6.81
N GLU Q 119 25.53 -57.86 -7.83
CA GLU Q 119 25.77 -57.44 -9.20
C GLU Q 119 24.86 -56.30 -9.61
N ILE Q 120 23.62 -56.29 -9.12
CA ILE Q 120 22.72 -55.20 -9.46
C ILE Q 120 23.23 -53.88 -8.89
N LYS Q 121 23.79 -53.91 -7.68
CA LYS Q 121 24.34 -52.70 -7.10
C LYS Q 121 25.59 -52.25 -7.84
N ARG Q 122 26.43 -53.21 -8.26
CA ARG Q 122 27.58 -52.85 -9.08
C ARG Q 122 27.13 -52.18 -10.38
N ASP Q 123 26.10 -52.74 -11.02
CA ASP Q 123 25.59 -52.13 -12.24
C ASP Q 123 25.04 -50.73 -11.99
N LEU Q 124 24.32 -50.56 -10.87
CA LEU Q 124 23.82 -49.24 -10.51
C LEU Q 124 24.97 -48.25 -10.40
N GLU Q 125 26.02 -48.62 -9.68
CA GLU Q 125 27.16 -47.72 -9.52
C GLU Q 125 27.81 -47.43 -10.86
N LYS Q 126 27.85 -48.41 -11.75
CA LYS Q 126 28.44 -48.20 -13.07
C LYS Q 126 27.59 -47.29 -13.94
N ILE Q 127 26.27 -47.27 -13.73
CA ILE Q 127 25.40 -46.48 -14.57
C ILE Q 127 25.45 -45.01 -14.20
N LEU Q 128 25.42 -44.69 -12.90
CA LEU Q 128 25.37 -43.30 -12.46
C LEU Q 128 26.58 -42.51 -12.92
N LEU Q 129 27.65 -43.17 -13.35
CA LEU Q 129 28.85 -42.50 -13.82
C LEU Q 129 29.12 -42.72 -15.30
N SER Q 130 28.31 -43.55 -15.97
CA SER Q 130 28.56 -43.87 -17.38
C SER Q 130 28.29 -42.69 -18.30
N GLY Q 131 27.59 -41.66 -17.83
CA GLY Q 131 27.32 -40.51 -18.67
C GLY Q 131 26.27 -40.72 -19.73
N GLN Q 132 25.36 -41.67 -19.53
CA GLN Q 132 24.32 -41.91 -20.52
C GLN Q 132 23.39 -40.71 -20.62
N ALA Q 133 22.52 -40.75 -21.62
CA ALA Q 133 21.62 -39.65 -21.93
C ALA Q 133 20.19 -40.02 -21.58
N ARG Q 134 19.40 -39.00 -21.23
CA ARG Q 134 17.98 -39.21 -20.96
C ARG Q 134 17.30 -39.78 -22.20
N THR Q 135 16.45 -40.79 -21.98
CA THR Q 135 15.77 -41.48 -23.07
C THR Q 135 14.32 -41.69 -22.69
N ASP Q 136 13.41 -41.18 -23.52
CA ASP Q 136 11.98 -41.34 -23.29
C ASP Q 136 11.27 -41.30 -24.64
N VAL Q 137 10.03 -41.75 -24.64
CA VAL Q 137 9.21 -41.82 -25.84
C VAL Q 137 8.18 -40.70 -25.88
N LEU Q 138 8.44 -39.60 -25.18
CA LEU Q 138 7.50 -38.49 -25.05
C LEU Q 138 7.95 -37.25 -25.79
N ALA Q 139 9.27 -36.99 -25.84
CA ALA Q 139 9.83 -35.86 -26.60
C ALA Q 139 9.28 -34.53 -26.06
N ASP Q 140 9.64 -34.26 -24.81
CA ASP Q 140 9.35 -33.03 -24.06
C ASP Q 140 7.89 -32.92 -23.66
N GLN Q 141 7.09 -33.95 -23.92
CA GLN Q 141 5.68 -33.96 -23.54
C GLN Q 141 5.45 -34.68 -22.22
N TYR Q 142 6.44 -34.63 -21.34
CA TYR Q 142 6.32 -35.26 -20.03
C TYR Q 142 4.98 -34.93 -19.39
N LEU Q 143 4.55 -33.68 -19.50
CA LEU Q 143 3.30 -33.22 -18.91
C LEU Q 143 2.38 -32.77 -20.04
N THR Q 144 1.74 -33.75 -20.68
CA THR Q 144 0.70 -33.50 -21.68
C THR Q 144 -0.60 -34.21 -21.36
N ASN Q 145 -0.54 -35.46 -20.90
CA ASN Q 145 -1.72 -36.23 -20.53
C ASN Q 145 -2.79 -36.16 -21.62
N SER Q 146 -2.37 -36.01 -22.87
CA SER Q 146 -3.26 -35.86 -24.02
C SER Q 146 -2.65 -36.49 -25.27
N ALA Q 147 -2.16 -37.71 -25.13
CA ALA Q 147 -1.63 -38.43 -26.29
C ALA Q 147 -2.61 -38.37 -27.46
N ALA Q 148 -2.14 -37.83 -28.58
CA ALA Q 148 -3.01 -37.63 -29.73
C ALA Q 148 -3.68 -38.94 -30.16
N ASP Q 149 -2.95 -40.04 -30.08
CA ASP Q 149 -3.45 -41.33 -30.52
C ASP Q 149 -2.81 -42.41 -29.67
N PRO Q 150 -3.26 -43.66 -29.81
CA PRO Q 150 -2.61 -44.75 -29.06
C PRO Q 150 -1.14 -44.96 -29.41
N ALA Q 151 -0.58 -44.19 -30.34
CA ALA Q 151 0.84 -44.29 -30.66
C ALA Q 151 1.74 -44.01 -29.46
N VAL Q 152 1.22 -43.37 -28.41
CA VAL Q 152 1.99 -43.10 -27.20
C VAL Q 152 1.51 -44.01 -26.09
N ALA Q 153 0.21 -43.96 -25.80
CA ALA Q 153 -0.40 -44.76 -24.76
C ALA Q 153 -1.08 -45.98 -25.37
N GLY Q 154 -1.14 -47.07 -24.60
CA GLY Q 154 -1.78 -48.29 -25.02
C GLY Q 154 -0.84 -49.35 -25.55
N LEU Q 155 0.40 -48.99 -25.85
CA LEU Q 155 1.39 -49.98 -26.28
C LEU Q 155 1.69 -50.91 -25.12
N ASN Q 156 1.57 -52.21 -25.37
CA ASN Q 156 1.67 -53.20 -24.29
C ASN Q 156 3.09 -53.29 -23.77
N ASP Q 157 4.03 -53.74 -24.61
CA ASP Q 157 5.43 -53.86 -24.25
C ASP Q 157 6.37 -53.29 -25.29
N THR Q 158 5.86 -52.82 -26.43
CA THR Q 158 6.71 -52.25 -27.48
C THR Q 158 7.35 -50.94 -27.09
N HIS Q 159 7.07 -50.43 -25.89
CA HIS Q 159 7.69 -49.18 -25.46
C HIS Q 159 9.20 -49.34 -25.35
N ALA Q 160 9.92 -48.34 -25.80
CA ALA Q 160 11.38 -48.37 -25.73
C ALA Q 160 11.84 -48.26 -24.28
N ALA Q 161 13.14 -48.46 -24.09
CA ALA Q 161 13.73 -48.40 -22.76
C ALA Q 161 13.94 -46.94 -22.35
N ARG Q 162 13.70 -46.65 -21.07
CA ARG Q 162 13.90 -45.32 -20.53
C ARG Q 162 15.26 -45.25 -19.84
N LYS Q 163 15.96 -44.14 -20.02
CA LYS Q 163 17.30 -43.96 -19.48
C LYS Q 163 17.33 -42.72 -18.60
N THR Q 164 18.04 -42.80 -17.49
CA THR Q 164 18.13 -41.69 -16.55
C THR Q 164 19.15 -40.67 -17.04
N GLY Q 165 19.19 -39.53 -16.33
CA GLY Q 165 20.18 -38.52 -16.59
C GLY Q 165 21.45 -38.78 -15.80
N ALA Q 166 22.52 -39.17 -16.48
CA ALA Q 166 23.76 -39.50 -15.81
C ALA Q 166 24.48 -38.21 -15.39
N PHE Q 167 25.67 -38.40 -14.83
CA PHE Q 167 26.48 -37.26 -14.40
C PHE Q 167 26.72 -36.29 -15.55
N GLN Q 168 27.27 -36.80 -16.65
CA GLN Q 168 27.61 -35.93 -17.77
C GLN Q 168 26.38 -35.30 -18.41
N PHE Q 169 25.20 -35.88 -18.20
CA PHE Q 169 23.99 -35.33 -18.79
C PHE Q 169 23.40 -34.24 -17.91
N LEU Q 170 23.31 -34.49 -16.60
CA LEU Q 170 22.76 -33.49 -15.70
C LEU Q 170 23.60 -32.23 -15.66
N CYS Q 171 24.91 -32.36 -15.93
CA CYS Q 171 25.78 -31.21 -15.97
C CYS Q 171 25.66 -30.50 -17.33
N ALA Q 172 26.55 -29.55 -17.58
CA ALA Q 172 26.57 -28.82 -18.85
C ALA Q 172 27.06 -29.77 -19.93
N HIS Q 173 26.13 -30.59 -20.44
CA HIS Q 173 26.47 -31.63 -21.39
C HIS Q 173 27.27 -31.07 -22.57
N GLY Q 174 26.79 -29.96 -23.14
CA GLY Q 174 27.48 -29.34 -24.24
C GLY Q 174 27.66 -30.25 -25.44
N GLY Q 175 26.55 -30.72 -26.02
CA GLY Q 175 26.60 -31.55 -27.19
C GLY Q 175 26.55 -33.04 -26.90
N LEU Q 176 25.69 -33.75 -27.62
CA LEU Q 176 25.52 -35.19 -27.45
C LEU Q 176 26.16 -35.93 -28.62
N ALA Q 177 26.50 -37.20 -28.36
CA ALA Q 177 27.07 -38.08 -29.36
C ALA Q 177 26.32 -39.40 -29.43
N GLY Q 178 25.00 -39.35 -29.29
CA GLY Q 178 24.18 -40.54 -29.31
C GLY Q 178 23.65 -40.91 -27.94
N GLY Q 179 24.18 -41.97 -27.36
CA GLY Q 179 23.74 -42.42 -26.04
C GLY Q 179 24.51 -41.79 -24.91
N VAL Q 180 25.77 -41.41 -25.16
CA VAL Q 180 26.64 -40.84 -24.14
C VAL Q 180 27.11 -39.47 -24.61
N VAL Q 181 27.50 -38.64 -23.64
CA VAL Q 181 27.96 -37.29 -23.96
C VAL Q 181 29.29 -37.36 -24.70
N ASP Q 182 29.55 -36.33 -25.50
CA ASP Q 182 30.76 -36.28 -26.30
C ASP Q 182 31.96 -35.84 -25.45
N LYS Q 183 33.12 -36.42 -25.71
CA LYS Q 183 34.35 -36.12 -24.99
C LYS Q 183 35.26 -35.17 -25.77
N THR Q 184 34.68 -34.34 -26.65
CA THR Q 184 35.47 -33.46 -27.49
C THR Q 184 34.89 -32.05 -27.57
N LYS Q 185 33.89 -31.73 -26.75
CA LYS Q 185 33.20 -30.45 -26.82
C LYS Q 185 33.37 -29.70 -25.51
N ASN Q 186 33.91 -28.48 -25.60
CA ASN Q 186 33.95 -27.61 -24.44
C ASN Q 186 32.54 -27.18 -24.08
N GLY Q 187 32.21 -27.27 -22.80
CA GLY Q 187 30.88 -26.99 -22.34
C GLY Q 187 30.43 -25.59 -22.69
N PRO Q 188 29.12 -25.35 -22.61
CA PRO Q 188 28.60 -24.00 -22.84
C PRO Q 188 28.89 -23.09 -21.65
N ALA Q 189 28.84 -21.79 -21.92
CA ALA Q 189 29.10 -20.80 -20.89
C ALA Q 189 27.80 -20.40 -20.21
N ASP Q 190 27.86 -20.27 -18.90
CA ASP Q 190 26.69 -19.86 -18.14
C ASP Q 190 26.27 -18.45 -18.57
N PRO Q 191 24.97 -18.18 -18.69
CA PRO Q 191 24.56 -16.82 -19.10
C PRO Q 191 24.87 -15.77 -18.06
N ASP Q 192 24.99 -16.14 -16.79
CA ASP Q 192 25.28 -15.16 -15.75
C ASP Q 192 26.73 -14.71 -15.81
N THR Q 193 27.66 -15.63 -15.64
CA THR Q 193 29.09 -15.35 -15.61
C THR Q 193 29.78 -16.12 -16.73
N GLY Q 194 31.04 -15.79 -16.96
CA GLY Q 194 31.82 -16.47 -17.98
C GLY Q 194 32.38 -17.79 -17.50
N ALA Q 195 31.52 -18.61 -16.89
CA ALA Q 195 31.94 -19.91 -16.37
C ALA Q 195 31.78 -20.98 -17.44
N VAL Q 196 32.74 -21.91 -17.46
CA VAL Q 196 32.72 -23.04 -18.38
C VAL Q 196 33.23 -24.25 -17.61
N THR Q 197 32.30 -25.12 -17.21
CA THR Q 197 32.65 -26.29 -16.40
C THR Q 197 33.26 -27.40 -17.25
N VAL Q 198 32.50 -27.92 -18.21
CA VAL Q 198 32.97 -29.03 -19.04
C VAL Q 198 34.05 -28.50 -19.98
N LYS Q 199 35.27 -29.02 -19.83
CA LYS Q 199 36.39 -28.60 -20.65
C LYS Q 199 37.20 -29.83 -21.05
N VAL Q 200 38.18 -29.59 -21.92
CA VAL Q 200 39.08 -30.63 -22.41
C VAL Q 200 40.49 -30.06 -22.41
N ALA Q 201 41.43 -30.79 -21.84
CA ALA Q 201 42.82 -30.35 -21.80
C ALA Q 201 43.39 -30.24 -23.21
N GLN Q 202 44.52 -29.56 -23.33
CA GLN Q 202 45.13 -29.34 -24.63
C GLN Q 202 46.11 -30.43 -25.02
N ASN Q 203 46.64 -31.19 -24.06
CA ASN Q 203 47.70 -32.16 -24.33
C ASN Q 203 48.94 -31.46 -24.87
N ALA Q 204 49.18 -30.26 -24.35
CA ALA Q 204 50.33 -29.45 -24.76
C ALA Q 204 51.54 -29.70 -23.86
N SER Q 205 51.37 -29.53 -22.54
CA SER Q 205 52.47 -29.75 -21.62
C SER Q 205 52.87 -31.22 -21.60
N ASN Q 206 51.95 -32.09 -21.21
CA ASN Q 206 52.22 -33.52 -21.21
C ASN Q 206 52.47 -33.99 -22.65
N PRO Q 207 53.29 -35.03 -22.83
CA PRO Q 207 53.59 -35.51 -24.19
C PRO Q 207 52.40 -36.15 -24.87
N THR Q 208 52.60 -36.62 -26.10
CA THR Q 208 51.52 -37.28 -26.83
C THR Q 208 51.24 -38.68 -26.28
N THR Q 209 52.27 -39.36 -25.77
CA THR Q 209 52.07 -40.68 -25.18
C THR Q 209 51.05 -40.61 -24.05
N ASN Q 210 51.24 -39.68 -23.12
CA ASN Q 210 50.25 -39.45 -22.08
C ASN Q 210 49.09 -38.64 -22.65
N ILE Q 211 47.88 -38.94 -22.17
CA ILE Q 211 46.69 -38.21 -22.56
C ILE Q 211 45.97 -37.57 -21.38
N GLY Q 212 46.44 -37.77 -20.16
CA GLY Q 212 45.79 -37.20 -19.00
C GLY Q 212 45.82 -35.69 -18.99
N PHE Q 213 45.49 -35.14 -17.83
CA PHE Q 213 45.39 -33.70 -17.63
C PHE Q 213 46.66 -33.18 -16.95
N ASP Q 214 46.69 -31.89 -16.65
CA ASP Q 214 47.81 -31.25 -15.97
C ASP Q 214 47.29 -30.30 -14.91
N GLU Q 215 48.22 -29.61 -14.24
CA GLU Q 215 47.84 -28.69 -13.17
C GLU Q 215 47.09 -27.47 -13.72
N ALA Q 216 47.50 -26.99 -14.89
CA ALA Q 216 46.86 -25.82 -15.48
C ALA Q 216 45.36 -26.05 -15.65
N ASP Q 217 44.98 -27.23 -16.14
CA ASP Q 217 43.57 -27.53 -16.35
C ASP Q 217 42.85 -27.66 -15.01
N ILE Q 218 43.47 -28.33 -14.05
CA ILE Q 218 42.83 -28.52 -12.74
C ILE Q 218 42.55 -27.17 -12.10
N PHE Q 219 43.48 -26.22 -12.25
CA PHE Q 219 43.30 -24.92 -11.62
C PHE Q 219 42.36 -24.03 -12.41
N ASP Q 220 42.36 -24.12 -13.74
CA ASP Q 220 41.37 -23.40 -14.52
C ASP Q 220 39.97 -23.87 -14.18
N MET Q 221 39.81 -25.18 -13.93
CA MET Q 221 38.50 -25.69 -13.54
C MET Q 221 38.03 -25.04 -12.24
N THR Q 222 38.93 -24.97 -11.24
CA THR Q 222 38.58 -24.34 -9.98
C THR Q 222 38.29 -22.86 -10.16
N LEU Q 223 39.05 -22.17 -11.01
CA LEU Q 223 38.77 -20.77 -11.29
C LEU Q 223 37.36 -20.60 -11.85
N GLN Q 224 37.00 -21.44 -12.83
CA GLN Q 224 35.66 -21.36 -13.42
C GLN Q 224 34.59 -21.65 -12.38
N LEU Q 225 34.83 -22.66 -11.53
CA LEU Q 225 33.85 -22.97 -10.49
C LEU Q 225 33.67 -21.80 -9.53
N TYR Q 226 34.77 -21.19 -9.10
CA TYR Q 226 34.68 -20.06 -8.18
C TYR Q 226 33.98 -18.89 -8.84
N THR Q 227 34.22 -18.67 -10.13
CA THR Q 227 33.55 -17.60 -10.85
C THR Q 227 32.04 -17.86 -10.93
N ALA Q 228 31.67 -19.14 -11.12
CA ALA Q 228 30.25 -19.49 -11.12
C ALA Q 228 29.67 -19.44 -9.72
N GLY Q 229 30.46 -19.79 -8.71
CA GLY Q 229 29.98 -19.82 -7.34
C GLY Q 229 29.64 -21.23 -6.90
N SER Q 230 30.43 -22.20 -7.35
CA SER Q 230 30.24 -23.59 -6.98
C SER Q 230 31.04 -23.90 -5.71
N GLU Q 231 30.44 -24.67 -4.82
CA GLU Q 231 31.03 -24.98 -3.52
C GLU Q 231 31.59 -26.40 -3.46
N ALA Q 232 31.98 -26.95 -4.62
CA ALA Q 232 32.46 -28.32 -4.65
C ALA Q 232 33.71 -28.47 -3.78
N ASP Q 233 33.84 -29.64 -3.16
CA ASP Q 233 34.98 -29.92 -2.29
C ASP Q 233 35.46 -31.36 -2.43
N ILE Q 234 35.01 -32.10 -3.44
CA ILE Q 234 35.36 -33.50 -3.61
C ILE Q 234 35.85 -33.71 -5.04
N ILE Q 235 36.79 -34.63 -5.20
CA ILE Q 235 37.36 -34.96 -6.51
C ILE Q 235 37.38 -36.48 -6.61
N MET Q 236 36.39 -37.05 -7.28
CA MET Q 236 36.39 -38.48 -7.56
C MET Q 236 37.25 -38.74 -8.78
N ILE Q 237 38.24 -39.62 -8.63
CA ILE Q 237 39.22 -39.89 -9.66
C ILE Q 237 39.31 -41.38 -9.92
N ASN Q 238 39.48 -41.73 -11.18
CA ASN Q 238 39.71 -43.13 -11.52
C ASN Q 238 41.13 -43.52 -11.12
N PRO Q 239 41.32 -44.73 -10.58
CA PRO Q 239 42.66 -45.10 -10.10
C PRO Q 239 43.73 -45.06 -11.18
N ALA Q 240 43.36 -44.95 -12.45
CA ALA Q 240 44.33 -44.90 -13.53
C ALA Q 240 44.90 -43.51 -13.76
N HIS Q 241 44.51 -42.52 -12.95
CA HIS Q 241 44.99 -41.15 -13.11
C HIS Q 241 45.79 -40.63 -11.93
N ALA Q 242 45.83 -41.37 -10.81
CA ALA Q 242 46.57 -40.90 -9.65
C ALA Q 242 48.06 -40.80 -9.92
N LYS Q 243 48.56 -41.48 -10.95
CA LYS Q 243 50.00 -41.43 -11.25
C LYS Q 243 50.45 -40.01 -11.52
N ILE Q 244 49.88 -39.37 -12.54
CA ILE Q 244 50.22 -37.98 -12.82
C ILE Q 244 49.78 -37.08 -11.67
N PHE Q 245 48.66 -37.41 -11.04
CA PHE Q 245 48.15 -36.60 -9.94
C PHE Q 245 49.16 -36.49 -8.82
N ALA Q 246 49.97 -37.53 -8.60
CA ALA Q 246 51.01 -37.47 -7.59
C ALA Q 246 52.32 -36.94 -8.16
N GLY Q 247 52.66 -37.31 -9.40
CA GLY Q 247 53.91 -36.85 -9.99
C GLY Q 247 53.96 -35.35 -10.20
N LEU Q 248 52.81 -34.70 -10.42
CA LEU Q 248 52.80 -33.25 -10.61
C LEU Q 248 53.23 -32.52 -9.35
N GLN Q 249 53.20 -33.19 -8.20
CA GLN Q 249 53.71 -32.59 -6.97
C GLN Q 249 55.17 -32.23 -7.05
N GLU Q 250 55.91 -32.81 -8.00
CA GLU Q 250 57.34 -32.61 -8.11
C GLU Q 250 57.72 -32.69 -9.58
N ASN Q 251 59.02 -32.84 -9.86
CA ASN Q 251 59.63 -32.85 -11.17
C ASN Q 251 59.76 -31.44 -11.73
N THR Q 252 59.26 -30.43 -11.02
CA THR Q 252 59.44 -29.04 -11.42
C THR Q 252 60.83 -28.59 -11.00
N GLN Q 253 61.55 -27.93 -11.90
CA GLN Q 253 62.94 -27.58 -11.65
C GLN Q 253 63.04 -26.68 -10.43
N GLY Q 254 63.56 -27.22 -9.33
CA GLY Q 254 63.80 -26.43 -8.12
C GLY Q 254 62.58 -26.10 -7.29
N SER Q 255 61.46 -25.74 -7.92
CA SER Q 255 60.31 -25.24 -7.18
C SER Q 255 59.81 -26.28 -6.17
N ARG Q 256 59.51 -27.49 -6.64
CA ARG Q 256 58.93 -28.53 -5.80
C ARG Q 256 59.78 -29.78 -5.84
N LYS Q 257 59.79 -30.50 -4.72
CA LYS Q 257 60.53 -31.75 -4.60
C LYS Q 257 60.21 -32.35 -3.24
N ARG Q 258 60.68 -33.58 -3.03
CA ARG Q 258 60.49 -34.30 -1.78
C ARG Q 258 61.81 -34.31 -1.00
N ILE Q 259 61.73 -34.72 0.27
CA ILE Q 259 62.89 -34.80 1.15
C ILE Q 259 62.73 -36.02 2.04
N PHE Q 260 63.86 -36.55 2.49
CA PHE Q 260 63.91 -37.75 3.32
C PHE Q 260 64.89 -37.57 4.47
N GLU Q 261 64.67 -36.51 5.25
CA GLU Q 261 65.55 -36.18 6.37
C GLU Q 261 65.90 -37.42 7.19
N ASN Q 262 64.91 -38.03 7.85
CA ASN Q 262 65.13 -39.23 8.65
C ASN Q 262 63.92 -40.13 8.50
N THR Q 263 64.02 -41.08 7.56
CA THR Q 263 62.94 -42.03 7.33
C THR Q 263 63.35 -43.11 6.33
N LYS Q 264 62.73 -44.28 6.43
CA LYS Q 264 62.92 -45.36 5.47
C LYS Q 264 61.69 -45.57 4.60
N GLN Q 265 60.78 -44.61 4.59
CA GLN Q 265 59.50 -44.74 3.90
C GLN Q 265 59.47 -43.81 2.70
N PHE Q 266 59.24 -44.39 1.52
CA PHE Q 266 58.94 -43.60 0.34
C PHE Q 266 57.43 -43.51 0.17
N ILE Q 267 56.99 -42.38 -0.38
CA ILE Q 267 55.56 -42.13 -0.55
C ILE Q 267 55.36 -41.38 -1.86
N TYR Q 268 54.36 -41.81 -2.63
CA TYR Q 268 54.03 -41.20 -3.91
C TYR Q 268 52.53 -40.92 -3.98
N GLU Q 269 51.95 -40.56 -2.84
CA GLU Q 269 50.50 -40.40 -2.71
C GLU Q 269 50.14 -38.96 -2.43
N VAL Q 270 48.95 -38.58 -2.87
CA VAL Q 270 48.35 -37.28 -2.58
C VAL Q 270 46.90 -37.52 -2.23
N ASN Q 271 46.47 -37.03 -1.06
CA ASN Q 271 45.12 -37.24 -0.58
C ASN Q 271 44.31 -35.97 -0.49
N SER Q 272 44.93 -34.80 -0.51
CA SER Q 272 44.24 -33.52 -0.48
C SER Q 272 44.93 -32.56 -1.43
N ILE Q 273 44.34 -31.38 -1.59
CA ILE Q 273 44.86 -30.36 -2.49
C ILE Q 273 44.20 -29.04 -2.11
N THR Q 274 44.95 -27.96 -2.28
CA THR Q 274 44.46 -26.63 -1.94
C THR Q 274 44.87 -25.68 -3.05
N ASP Q 275 43.89 -25.10 -3.72
CA ASP Q 275 44.15 -24.19 -4.82
C ASP Q 275 44.47 -22.80 -4.28
N PRO Q 276 45.12 -21.96 -5.09
CA PRO Q 276 45.43 -20.59 -4.64
C PRO Q 276 44.21 -19.81 -4.21
N LEU Q 277 43.00 -20.25 -4.56
CA LEU Q 277 41.79 -19.56 -4.14
C LEU Q 277 41.34 -19.98 -2.75
N GLY Q 278 41.94 -21.02 -2.18
CA GLY Q 278 41.61 -21.46 -0.84
C GLY Q 278 40.52 -22.49 -0.74
N GLN Q 279 40.24 -23.22 -1.82
CA GLN Q 279 39.20 -24.25 -1.84
C GLN Q 279 39.88 -25.60 -1.67
N SER Q 280 39.74 -26.19 -0.48
CA SER Q 280 40.34 -27.47 -0.19
C SER Q 280 39.49 -28.59 -0.77
N TYR Q 281 40.10 -29.45 -1.59
CA TYR Q 281 39.43 -30.59 -2.20
C TYR Q 281 40.02 -31.88 -1.66
N LYS Q 282 39.15 -32.86 -1.41
CA LYS Q 282 39.57 -34.19 -1.02
C LYS Q 282 39.54 -35.12 -2.23
N ILE Q 283 40.40 -36.13 -2.20
CA ILE Q 283 40.54 -37.08 -3.30
C ILE Q 283 39.84 -38.38 -2.90
N ILE Q 284 39.13 -38.97 -3.86
CA ILE Q 284 38.42 -40.22 -3.66
C ILE Q 284 38.59 -41.09 -4.89
N VAL Q 285 39.11 -42.30 -4.71
CA VAL Q 285 39.32 -43.23 -5.82
C VAL Q 285 38.05 -44.05 -6.00
N ASN Q 286 37.52 -44.05 -7.22
CA ASN Q 286 36.33 -44.82 -7.56
C ASN Q 286 36.67 -45.72 -8.74
N ARG Q 287 36.62 -47.03 -8.51
CA ARG Q 287 36.95 -47.99 -9.55
C ARG Q 287 35.92 -48.03 -10.67
N TRP Q 288 34.74 -47.45 -10.46
CA TRP Q 288 33.64 -47.57 -11.40
C TRP Q 288 33.44 -46.32 -12.25
N MET Q 289 34.35 -45.37 -12.20
CA MET Q 289 34.25 -44.22 -13.07
C MET Q 289 34.84 -44.55 -14.45
N PRO Q 290 34.49 -43.77 -15.47
CA PRO Q 290 35.13 -43.96 -16.77
C PRO Q 290 36.62 -43.68 -16.70
N THR Q 291 37.35 -44.22 -17.66
CA THR Q 291 38.80 -44.09 -17.71
C THR Q 291 39.23 -42.82 -18.45
N ASP Q 292 38.28 -41.96 -18.83
CA ASP Q 292 38.58 -40.74 -19.57
C ASP Q 292 37.71 -39.60 -19.05
N ALA Q 293 37.61 -39.49 -17.72
CA ALA Q 293 36.77 -38.45 -17.14
C ALA Q 293 37.05 -38.32 -15.66
N VAL Q 294 36.87 -37.11 -15.14
CA VAL Q 294 37.03 -36.81 -13.72
C VAL Q 294 35.92 -35.85 -13.31
N TYR Q 295 35.38 -36.04 -12.13
CA TYR Q 295 34.20 -35.31 -11.66
C TYR Q 295 34.56 -34.44 -10.47
N PHE Q 296 34.26 -33.15 -10.57
CA PHE Q 296 34.40 -32.21 -9.47
C PHE Q 296 32.99 -31.82 -9.03
N PHE Q 297 32.60 -32.20 -7.82
CA PHE Q 297 31.23 -32.02 -7.38
C PHE Q 297 31.21 -31.94 -5.85
N ARG Q 298 30.00 -32.01 -5.28
CA ARG Q 298 29.80 -31.92 -3.85
C ARG Q 298 28.87 -33.03 -3.40
N SER Q 299 28.91 -33.31 -2.10
CA SER Q 299 28.13 -34.41 -1.53
C SER Q 299 26.67 -34.07 -1.33
N ALA Q 300 26.28 -32.79 -1.42
CA ALA Q 300 24.92 -32.37 -1.14
C ALA Q 300 24.12 -32.08 -2.39
N ASP Q 301 24.77 -31.78 -3.51
CA ASP Q 301 24.06 -31.47 -4.75
C ASP Q 301 23.52 -32.69 -5.46
N TRP Q 302 23.66 -33.89 -4.88
CA TRP Q 302 23.17 -35.11 -5.49
C TRP Q 302 22.27 -35.87 -4.53
N THR Q 303 21.33 -36.62 -5.10
CA THR Q 303 20.41 -37.43 -4.32
C THR Q 303 19.96 -38.60 -5.17
N GLN Q 304 19.86 -39.77 -4.56
CA GLN Q 304 19.42 -40.99 -5.24
C GLN Q 304 17.91 -41.08 -5.11
N MET Q 305 17.21 -40.40 -6.00
CA MET Q 305 15.75 -40.44 -6.00
C MET Q 305 15.27 -41.85 -6.28
N VAL Q 306 14.38 -42.35 -5.43
CA VAL Q 306 13.92 -43.74 -5.47
C VAL Q 306 12.39 -43.74 -5.53
N LEU Q 307 11.85 -44.63 -6.36
CA LEU Q 307 10.41 -44.86 -6.43
C LEU Q 307 10.01 -46.25 -5.95
N ARG Q 308 10.79 -47.27 -6.29
CA ARG Q 308 10.57 -48.64 -5.82
C ARG Q 308 11.87 -49.15 -5.25
N ALA Q 309 11.95 -49.19 -3.92
CA ALA Q 309 13.18 -49.60 -3.25
C ALA Q 309 13.51 -51.04 -3.61
N PRO Q 310 14.75 -51.47 -3.42
CA PRO Q 310 15.10 -52.87 -3.72
C PRO Q 310 14.23 -53.86 -2.98
N LYS Q 311 13.49 -54.67 -3.72
CA LYS Q 311 12.60 -55.67 -3.14
C LYS Q 311 12.75 -56.97 -3.91
N ARG Q 312 12.97 -58.05 -3.19
CA ARG Q 312 13.04 -59.37 -3.79
C ARG Q 312 11.62 -59.90 -4.03
N THR Q 313 11.52 -60.89 -4.91
CA THR Q 313 10.22 -61.40 -5.31
C THR Q 313 10.37 -62.84 -5.77
N GLU Q 314 9.35 -63.65 -5.51
CA GLU Q 314 9.29 -65.04 -5.92
C GLU Q 314 8.25 -65.16 -7.02
N LEU Q 315 8.69 -65.45 -8.23
CA LEU Q 315 7.80 -65.58 -9.37
C LEU Q 315 7.16 -66.96 -9.39
N ALA Q 316 6.30 -67.19 -10.38
CA ALA Q 316 5.64 -68.47 -10.53
C ALA Q 316 6.67 -69.58 -10.76
N LYS Q 317 6.23 -70.82 -10.56
CA LYS Q 317 7.09 -71.98 -10.73
C LYS Q 317 6.90 -72.63 -12.10
N ASP Q 318 5.65 -72.95 -12.43
CA ASP Q 318 5.31 -73.59 -13.71
C ASP Q 318 6.04 -74.92 -13.87
N GLY Q 319 6.37 -75.56 -12.75
CA GLY Q 319 7.13 -76.78 -12.77
C GLY Q 319 8.11 -76.85 -11.61
N SER Q 320 9.36 -77.22 -11.90
CA SER Q 320 10.43 -77.22 -10.92
C SER Q 320 11.48 -76.15 -11.23
N TYR Q 321 11.04 -75.01 -11.76
CA TYR Q 321 11.97 -73.98 -12.20
C TYR Q 321 12.40 -73.09 -11.03
N GLU Q 322 11.43 -72.61 -10.24
CA GLU Q 322 11.70 -71.78 -9.07
C GLU Q 322 12.47 -70.51 -9.47
N LYS Q 323 11.80 -69.66 -10.22
CA LYS Q 323 12.37 -68.41 -10.69
C LYS Q 323 12.11 -67.30 -9.68
N TRP Q 324 13.10 -66.45 -9.47
CA TRP Q 324 13.00 -65.31 -8.57
C TRP Q 324 13.33 -64.04 -9.33
N MET Q 325 13.14 -62.90 -8.68
CA MET Q 325 13.33 -61.61 -9.33
C MET Q 325 13.68 -60.56 -8.30
N ILE Q 326 14.36 -59.52 -8.75
CA ILE Q 326 14.66 -58.34 -7.94
C ILE Q 326 14.37 -57.12 -8.79
N GLU Q 327 13.67 -56.14 -8.22
CA GLU Q 327 13.24 -54.96 -8.95
C GLU Q 327 13.76 -53.70 -8.25
N MET Q 328 14.13 -52.71 -9.05
CA MET Q 328 14.60 -51.44 -8.54
C MET Q 328 14.23 -50.34 -9.53
N GLU Q 329 13.82 -49.20 -9.00
CA GLU Q 329 13.42 -48.05 -9.82
C GLU Q 329 13.90 -46.79 -9.13
N VAL Q 330 15.02 -46.24 -9.60
CA VAL Q 330 15.63 -45.06 -9.02
C VAL Q 330 15.86 -44.03 -10.13
N GLY Q 331 16.47 -42.91 -9.75
CA GLY Q 331 16.81 -41.88 -10.71
C GLY Q 331 18.08 -41.15 -10.33
N LEU Q 332 18.13 -39.85 -10.61
CA LEU Q 332 19.29 -39.04 -10.25
C LEU Q 332 18.93 -37.58 -10.44
N ARG Q 333 19.42 -36.74 -9.53
CA ARG Q 333 19.12 -35.32 -9.51
C ARG Q 333 20.41 -34.52 -9.33
N HIS Q 334 20.40 -33.31 -9.88
CA HIS Q 334 21.52 -32.38 -9.75
C HIS Q 334 20.95 -30.98 -9.63
N ARG Q 335 21.24 -30.31 -8.51
CA ARG Q 335 20.57 -29.05 -8.20
C ARG Q 335 20.78 -28.01 -9.30
N ASN Q 336 21.96 -27.99 -9.91
CA ASN Q 336 22.24 -27.03 -10.98
C ASN Q 336 23.38 -27.54 -11.85
N PRO Q 337 23.20 -27.58 -13.17
CA PRO Q 337 24.25 -28.14 -14.04
C PRO Q 337 25.59 -27.44 -13.86
N TYR Q 338 25.60 -26.17 -13.52
CA TYR Q 338 26.83 -25.42 -13.28
C TYR Q 338 27.32 -25.53 -11.85
N ALA Q 339 26.70 -26.38 -11.03
CA ALA Q 339 27.14 -26.57 -9.65
C ALA Q 339 28.29 -27.56 -9.53
N SER Q 340 28.71 -28.18 -10.62
CA SER Q 340 29.79 -29.16 -10.57
C SER Q 340 30.61 -29.04 -11.84
N GLY Q 341 31.83 -29.59 -11.78
CA GLY Q 341 32.76 -29.50 -12.88
C GLY Q 341 33.20 -30.86 -13.35
N VAL Q 342 33.54 -30.93 -14.64
CA VAL Q 342 34.00 -32.14 -15.29
C VAL Q 342 35.18 -31.78 -16.18
N LEU Q 343 36.12 -32.72 -16.30
CA LEU Q 343 37.34 -32.52 -17.09
C LEU Q 343 37.61 -33.78 -17.90
N PHE Q 344 37.61 -33.65 -19.21
CA PHE Q 344 37.91 -34.75 -20.11
C PHE Q 344 39.36 -34.71 -20.58
N THR Q 345 39.84 -35.86 -21.02
CA THR Q 345 41.22 -36.01 -21.47
C THR Q 345 41.37 -35.56 -22.91
N ALA Q 346 42.62 -35.51 -23.37
CA ALA Q 346 42.94 -35.08 -24.73
C ALA Q 346 44.19 -35.78 -25.20
N ALA Q 347 44.13 -36.39 -26.38
CA ALA Q 347 45.28 -37.08 -26.95
C ALA Q 347 45.99 -36.22 -28.00
N GLY Q 348 45.26 -35.77 -29.01
CA GLY Q 348 45.82 -34.94 -30.06
C GLY Q 348 45.00 -33.70 -30.32
#